data_8OPL
#
_entry.id   8OPL
#
loop_
_entity.id
_entity.type
_entity.pdbx_description
1 polymer 'Genome polyprotein (Fragment)'
2 polymer "RNA (5'-R(P*UP*UP*UP*UP*U)-3')"
#
loop_
_entity_poly.entity_id
_entity_poly.type
_entity_poly.pdbx_seq_one_letter_code
_entity_poly.pdbx_strand_id
1 'polypeptide(L)'
;GNDTIDAGGSTKKDAKQEQGSIQPNLNKEKEKDVNVGTSGTHCVPRIKAITSKMRMPKSKGATVLNLEHLLEYAPQQIDI
SNTRATQSQFDTWYEAVQLAYDIGETEMPTVMNGLMVWCIENGTSPNINGVWVMMCGDEQVEYPLKPIVENAKPTLRQIM
AHFSDVAEAYIEMRNKKEPYMPRYGLVRNLRDGSLARYAFDFYEVTSRTPVRAREAHIQMKAAALKSAQSRLFGLDGGIS
TQEENTERHTTEDVSPSMHTLLGVKNM
;
Aa,Ab,Ac,Ad,Ae,Af,Ag,Ah,Ai,As,At,Au,Av,Aw,Ax,Ay,Az,Ba,Bk,Bl,Bm,Bn,Bo,Bp,Bq,Br,Bs
2 'polyribonucleotide' UUUUU Aj,Ak,Al,Am,An,Ao,Ap,Aq,Ar,Bb,Bc,Bd,Be,Bf,Bg,Bh,Bi,Bj,Bt,Bu,Bv,Bw,Bx,By,Bz,Ca,Cb
#
loop_
_chem_comp.id
_chem_comp.type
_chem_comp.name
_chem_comp.formula
U RNA linking URIDINE-5'-MONOPHOSPHATE 'C9 H13 N2 O9 P'
#
# COMPACT_ATOMS: atom_id res chain seq x y z
N VAL A 44 18.48 13.83 74.02
CA VAL A 44 19.07 14.34 72.80
C VAL A 44 18.03 15.07 71.96
N PRO A 45 18.46 16.11 71.24
CA PRO A 45 17.51 16.89 70.45
C PRO A 45 16.92 16.08 69.31
N ARG A 46 15.71 16.47 68.89
CA ARG A 46 15.01 15.82 67.81
C ARG A 46 15.20 16.59 66.51
N ILE A 47 15.33 15.87 65.40
CA ILE A 47 15.59 16.46 64.10
C ILE A 47 14.27 16.81 63.44
N LYS A 48 14.17 18.04 62.92
CA LYS A 48 12.99 18.47 62.19
C LYS A 48 12.92 17.77 60.84
N ALA A 49 11.69 17.51 60.39
CA ALA A 49 11.49 16.82 59.11
C ALA A 49 12.00 17.66 57.96
N ILE A 50 11.45 18.86 57.79
CA ILE A 50 11.88 19.79 56.74
C ILE A 50 12.49 21.00 57.45
N THR A 51 13.82 21.06 57.46
CA THR A 51 14.54 22.12 58.14
C THR A 51 14.98 23.19 57.13
N SER A 52 15.59 24.24 57.66
CA SER A 52 16.13 25.30 56.82
C SER A 52 17.53 24.97 56.28
N LYS A 53 18.17 23.92 56.80
CA LYS A 53 19.48 23.53 56.28
C LYS A 53 19.39 23.07 54.83
N MET A 54 18.28 22.40 54.52
CA MET A 54 18.06 21.95 53.17
C MET A 54 17.76 23.14 52.28
N ARG A 55 18.05 22.99 51.00
CA ARG A 55 17.81 24.07 50.05
C ARG A 55 16.37 24.26 49.66
N MET A 56 15.92 25.49 49.75
CA MET A 56 14.56 25.82 49.38
C MET A 56 14.54 26.67 48.11
N PRO A 57 13.47 26.64 47.33
CA PRO A 57 13.37 27.52 46.16
C PRO A 57 13.28 28.97 46.62
N LYS A 58 14.17 29.80 46.10
CA LYS A 58 14.28 31.20 46.50
C LYS A 58 14.13 32.09 45.28
N SER A 59 13.43 33.22 45.46
CA SER A 59 13.29 34.23 44.44
C SER A 59 13.61 35.60 45.03
N LYS A 60 14.54 36.32 44.38
CA LYS A 60 14.97 37.63 44.84
C LYS A 60 15.47 37.59 46.28
N GLY A 61 16.25 36.57 46.60
CA GLY A 61 16.80 36.45 47.94
C GLY A 61 15.78 36.25 49.02
N ALA A 62 14.80 35.37 48.77
CA ALA A 62 13.77 35.07 49.76
C ALA A 62 13.13 33.74 49.39
N THR A 63 13.04 32.85 50.38
CA THR A 63 12.41 31.55 50.15
C THR A 63 10.94 31.75 49.79
N VAL A 64 10.48 30.97 48.81
CA VAL A 64 9.13 31.08 48.30
C VAL A 64 8.17 30.11 48.98
N LEU A 65 8.61 29.43 50.04
CA LEU A 65 7.79 28.48 50.75
C LEU A 65 7.66 28.90 52.21
N ASN A 66 6.51 28.58 52.80
CA ASN A 66 6.24 28.83 54.22
C ASN A 66 6.51 27.54 54.97
N LEU A 67 7.64 27.48 55.67
CA LEU A 67 8.09 26.23 56.28
C LEU A 67 7.13 25.75 57.37
N GLU A 68 6.65 26.67 58.20
CA GLU A 68 5.77 26.28 59.30
C GLU A 68 4.45 25.72 58.79
N HIS A 69 3.80 26.44 57.88
CA HIS A 69 2.54 25.97 57.33
C HIS A 69 2.72 24.65 56.60
N LEU A 70 3.80 24.53 55.82
CA LEU A 70 4.07 23.28 55.10
C LEU A 70 4.25 22.12 56.06
N LEU A 71 4.99 22.33 57.15
CA LEU A 71 5.14 21.30 58.16
C LEU A 71 3.79 20.96 58.80
N GLU A 72 2.87 21.92 58.84
CA GLU A 72 1.53 21.66 59.37
C GLU A 72 0.52 21.33 58.28
N TYR A 73 0.91 21.31 57.01
CA TYR A 73 0.00 21.06 55.90
C TYR A 73 -0.06 19.57 55.62
N ALA A 74 -1.18 18.93 55.96
CA ALA A 74 -1.37 17.50 55.76
C ALA A 74 -2.74 17.23 55.14
N PRO A 75 -2.94 17.59 53.88
CA PRO A 75 -4.22 17.31 53.24
C PRO A 75 -4.37 15.82 52.93
N GLN A 76 -5.62 15.38 52.88
CA GLN A 76 -5.91 14.02 52.42
C GLN A 76 -5.58 13.90 50.94
N GLN A 77 -4.99 12.77 50.56
CA GLN A 77 -4.51 12.60 49.19
C GLN A 77 -5.65 12.61 48.19
N ILE A 78 -6.79 12.01 48.54
CA ILE A 78 -7.93 12.00 47.63
C ILE A 78 -8.57 13.37 47.49
N ASP A 79 -8.29 14.30 48.42
CA ASP A 79 -8.86 15.63 48.36
C ASP A 79 -8.14 16.55 47.39
N ILE A 80 -6.92 16.21 46.96
CA ILE A 80 -6.12 17.08 46.12
C ILE A 80 -5.75 16.41 44.81
N SER A 81 -6.30 15.24 44.52
CA SER A 81 -6.05 14.56 43.26
C SER A 81 -7.00 15.09 42.18
N ASN A 82 -6.52 15.09 40.94
CA ASN A 82 -7.29 15.55 39.81
C ASN A 82 -8.00 14.41 39.07
N THR A 83 -7.93 13.19 39.59
CA THR A 83 -8.72 12.07 39.08
C THR A 83 -10.08 11.99 39.75
N ARG A 84 -10.40 12.92 40.62
CA ARG A 84 -11.67 12.98 41.32
C ARG A 84 -12.23 14.38 41.16
N ALA A 85 -13.55 14.48 40.96
CA ALA A 85 -14.17 15.78 40.81
C ALA A 85 -14.03 16.59 42.11
N THR A 86 -13.91 17.90 41.96
CA THR A 86 -13.77 18.77 43.12
C THR A 86 -15.08 18.81 43.89
N GLN A 87 -14.99 19.29 45.14
CA GLN A 87 -16.18 19.35 45.98
C GLN A 87 -17.23 20.28 45.38
N SER A 88 -16.80 21.38 44.78
CA SER A 88 -17.75 22.28 44.12
C SER A 88 -18.45 21.60 42.96
N GLN A 89 -17.71 20.85 42.15
CA GLN A 89 -18.31 20.12 41.03
C GLN A 89 -19.28 19.06 41.52
N PHE A 90 -18.92 18.37 42.61
CA PHE A 90 -19.81 17.36 43.18
C PHE A 90 -21.09 18.00 43.71
N ASP A 91 -20.98 19.14 44.39
CA ASP A 91 -22.18 19.83 44.86
C ASP A 91 -23.05 20.29 43.70
N THR A 92 -22.43 20.80 42.63
CA THR A 92 -23.20 21.21 41.46
C THR A 92 -23.95 20.04 40.87
N TRP A 93 -23.27 18.89 40.72
CA TRP A 93 -23.93 17.71 40.16
C TRP A 93 -25.06 17.22 41.06
N TYR A 94 -24.83 17.18 42.37
CA TYR A 94 -25.85 16.73 43.30
C TYR A 94 -27.07 17.64 43.28
N GLU A 95 -26.85 18.96 43.26
CA GLU A 95 -27.96 19.90 43.21
C GLU A 95 -28.72 19.79 41.88
N ALA A 96 -28.00 19.62 40.78
CA ALA A 96 -28.67 19.48 39.48
C ALA A 96 -29.51 18.22 39.42
N VAL A 97 -28.99 17.10 39.96
CA VAL A 97 -29.77 15.86 39.97
C VAL A 97 -30.99 16.01 40.87
N GLN A 98 -30.87 16.67 42.07
CA GLN A 98 -32.01 16.95 42.94
C GLN A 98 -33.08 17.75 42.20
N LEU A 99 -32.62 18.77 41.50
CA LEU A 99 -33.56 19.62 40.78
C LEU A 99 -34.28 18.84 39.68
N ALA A 100 -33.54 18.02 38.93
CA ALA A 100 -34.14 17.30 37.82
C ALA A 100 -35.10 16.21 38.31
N TYR A 101 -34.77 15.53 39.40
CA TYR A 101 -35.60 14.45 39.89
C TYR A 101 -36.79 14.94 40.71
N ASP A 102 -36.81 16.21 41.11
CA ASP A 102 -37.87 16.78 41.93
C ASP A 102 -38.07 15.97 43.21
N ILE A 103 -36.94 15.66 43.85
CA ILE A 103 -36.91 14.84 45.06
C ILE A 103 -36.39 15.69 46.21
N GLY A 104 -37.01 15.55 47.37
CA GLY A 104 -36.59 16.31 48.53
C GLY A 104 -35.26 15.84 49.08
N GLU A 105 -34.70 16.65 49.98
CA GLU A 105 -33.38 16.38 50.55
C GLU A 105 -33.39 15.19 51.50
N THR A 106 -34.56 14.66 51.85
CA THR A 106 -34.62 13.52 52.75
C THR A 106 -34.68 12.19 52.01
N GLU A 107 -35.37 12.13 50.87
CA GLU A 107 -35.42 10.93 50.05
C GLU A 107 -34.27 10.85 49.05
N MET A 108 -33.50 11.92 48.90
CA MET A 108 -32.40 11.92 47.93
C MET A 108 -31.30 10.91 48.26
N PRO A 109 -30.84 10.77 49.52
CA PRO A 109 -29.79 9.77 49.79
C PRO A 109 -30.18 8.33 49.44
N THR A 110 -31.45 7.97 49.53
CA THR A 110 -31.87 6.63 49.12
C THR A 110 -31.66 6.45 47.61
N VAL A 111 -32.03 7.45 46.84
CA VAL A 111 -31.81 7.41 45.39
C VAL A 111 -30.31 7.36 45.10
N MET A 112 -29.51 8.07 45.91
CA MET A 112 -28.06 8.01 45.74
C MET A 112 -27.51 6.62 46.02
N ASN A 113 -28.05 5.94 47.05
CA ASN A 113 -27.65 4.56 47.33
C ASN A 113 -27.96 3.67 46.13
N GLY A 114 -29.18 3.77 45.62
CA GLY A 114 -29.55 2.97 44.46
C GLY A 114 -28.66 3.24 43.26
N LEU A 115 -28.37 4.51 43.01
CA LEU A 115 -27.52 4.88 41.88
C LEU A 115 -26.11 4.36 42.05
N MET A 116 -25.58 4.42 43.27
CA MET A 116 -24.24 3.89 43.53
C MET A 116 -24.18 2.39 43.27
N VAL A 117 -25.19 1.65 43.72
CA VAL A 117 -25.19 0.20 43.48
C VAL A 117 -25.32 -0.09 41.99
N TRP A 118 -26.19 0.64 41.30
CA TRP A 118 -26.35 0.45 39.86
C TRP A 118 -25.05 0.75 39.12
N CYS A 119 -24.33 1.79 39.54
CA CYS A 119 -23.08 2.14 38.89
C CYS A 119 -21.97 1.14 39.20
N ILE A 120 -22.00 0.54 40.40
CA ILE A 120 -21.11 -0.57 40.68
C ILE A 120 -21.34 -1.69 39.68
N GLU A 121 -22.61 -1.99 39.41
CA GLU A 121 -22.91 -3.10 38.52
C GLU A 121 -22.58 -2.78 37.05
N ASN A 122 -22.96 -1.60 36.58
CA ASN A 122 -23.02 -1.34 35.14
C ASN A 122 -22.03 -0.29 34.66
N GLY A 123 -21.21 0.27 35.53
CA GLY A 123 -20.20 1.22 35.09
C GLY A 123 -20.69 2.64 35.01
N THR A 124 -19.77 3.54 34.70
CA THR A 124 -20.00 4.98 34.67
C THR A 124 -19.47 5.59 33.38
N SER A 125 -19.72 4.93 32.26
CA SER A 125 -19.27 5.44 30.97
C SER A 125 -20.07 6.69 30.58
N PRO A 126 -19.46 7.61 29.86
CA PRO A 126 -20.21 8.78 29.37
C PRO A 126 -21.33 8.43 28.41
N ASN A 127 -21.29 7.25 27.80
CA ASN A 127 -22.26 6.84 26.80
C ASN A 127 -23.45 6.10 27.38
N ILE A 128 -23.48 5.84 28.69
CA ILE A 128 -24.64 5.19 29.28
C ILE A 128 -25.86 6.08 29.13
N ASN A 129 -27.00 5.47 28.80
CA ASN A 129 -28.21 6.21 28.53
C ASN A 129 -29.40 5.33 28.89
N GLY A 130 -30.59 5.89 28.74
CA GLY A 130 -31.81 5.19 29.09
C GLY A 130 -32.19 5.47 30.53
N VAL A 131 -32.38 4.40 31.30
CA VAL A 131 -32.73 4.52 32.71
C VAL A 131 -31.86 3.58 33.53
N TRP A 132 -31.73 3.91 34.81
CA TRP A 132 -31.21 2.99 35.80
C TRP A 132 -32.34 2.57 36.73
N VAL A 133 -32.12 1.51 37.49
CA VAL A 133 -33.20 0.87 38.23
C VAL A 133 -32.84 0.76 39.70
N MET A 134 -33.83 0.98 40.55
CA MET A 134 -33.77 0.73 41.97
C MET A 134 -34.73 -0.41 42.31
N MET A 135 -34.34 -1.26 43.25
CA MET A 135 -35.14 -2.41 43.65
C MET A 135 -35.85 -2.06 44.96
N CYS A 136 -37.06 -1.51 44.84
CA CYS A 136 -37.90 -1.20 45.99
C CYS A 136 -38.63 -2.48 46.38
N GLY A 137 -38.04 -3.21 47.32
CA GLY A 137 -38.56 -4.52 47.67
C GLY A 137 -38.48 -5.48 46.50
N ASP A 138 -39.63 -5.93 46.00
CA ASP A 138 -39.70 -6.76 44.82
C ASP A 138 -40.07 -5.98 43.57
N GLU A 139 -40.24 -4.67 43.67
CA GLU A 139 -40.63 -3.84 42.54
C GLU A 139 -39.43 -3.09 41.98
N GLN A 140 -39.51 -2.75 40.70
CA GLN A 140 -38.43 -2.10 39.98
C GLN A 140 -38.86 -0.68 39.64
N VAL A 141 -38.09 0.30 40.11
CA VAL A 141 -38.35 1.72 39.87
C VAL A 141 -37.30 2.24 38.91
N GLU A 142 -37.74 2.90 37.85
CA GLU A 142 -36.83 3.37 36.80
C GLU A 142 -36.62 4.88 36.93
N TYR A 143 -35.36 5.29 36.94
CA TYR A 143 -34.95 6.68 37.02
C TYR A 143 -34.19 7.05 35.74
N PRO A 144 -34.51 8.17 35.11
CA PRO A 144 -33.78 8.56 33.91
C PRO A 144 -32.31 8.82 34.21
N LEU A 145 -31.45 8.41 33.28
CA LEU A 145 -30.01 8.59 33.42
C LEU A 145 -29.51 9.91 32.86
N LYS A 146 -30.34 10.64 32.12
CA LYS A 146 -29.89 11.90 31.52
C LYS A 146 -29.44 12.93 32.55
N PRO A 147 -30.19 13.21 33.62
CA PRO A 147 -29.67 14.15 34.63
C PRO A 147 -28.39 13.70 35.29
N ILE A 148 -28.22 12.39 35.46
CA ILE A 148 -27.02 11.87 36.12
C ILE A 148 -25.78 12.12 35.28
N VAL A 149 -25.89 11.94 33.96
CA VAL A 149 -24.73 12.00 33.08
C VAL A 149 -24.47 13.41 32.56
N GLU A 150 -25.52 14.18 32.25
CA GLU A 150 -25.31 15.48 31.64
C GLU A 150 -24.80 16.52 32.62
N ASN A 151 -24.97 16.31 33.92
CA ASN A 151 -24.55 17.27 34.93
C ASN A 151 -23.27 16.87 35.64
N ALA A 152 -22.67 15.75 35.27
CA ALA A 152 -21.46 15.26 35.94
C ALA A 152 -20.25 15.87 35.26
N LYS A 153 -19.53 16.72 35.99
CA LYS A 153 -18.35 17.38 35.47
C LYS A 153 -17.15 17.10 36.36
N PRO A 154 -15.96 16.85 35.78
CA PRO A 154 -15.68 16.80 34.34
C PRO A 154 -16.24 15.54 33.68
N THR A 155 -16.28 14.42 34.41
CA THR A 155 -16.87 13.19 33.89
C THR A 155 -17.73 12.56 34.98
N LEU A 156 -18.54 11.58 34.57
CA LEU A 156 -19.33 10.84 35.56
C LEU A 156 -18.45 9.94 36.41
N ARG A 157 -17.36 9.43 35.85
CA ARG A 157 -16.43 8.61 36.63
C ARG A 157 -15.79 9.41 37.75
N GLN A 158 -15.41 10.66 37.47
CA GLN A 158 -14.82 11.51 38.51
C GLN A 158 -15.84 11.84 39.59
N ILE A 159 -17.11 12.01 39.22
CA ILE A 159 -18.15 12.26 40.20
C ILE A 159 -18.36 11.03 41.08
N MET A 160 -18.49 9.86 40.46
CA MET A 160 -18.73 8.63 41.21
C MET A 160 -17.52 8.17 41.99
N ALA A 161 -16.32 8.70 41.69
CA ALA A 161 -15.14 8.42 42.50
C ALA A 161 -15.34 8.82 43.96
N HIS A 162 -16.23 9.77 44.23
CA HIS A 162 -16.55 10.12 45.61
C HIS A 162 -17.23 8.98 46.35
N PHE A 163 -17.80 8.01 45.62
CA PHE A 163 -18.50 6.88 46.20
C PHE A 163 -17.64 5.63 46.30
N SER A 164 -16.34 5.74 46.03
CA SER A 164 -15.52 4.54 45.84
C SER A 164 -15.38 3.74 47.14
N ASP A 165 -15.08 4.40 48.28
CA ASP A 165 -14.93 3.69 49.56
C ASP A 165 -16.23 3.03 49.98
N VAL A 166 -17.36 3.74 49.80
CA VAL A 166 -18.65 3.16 50.15
C VAL A 166 -18.97 1.98 49.23
N ALA A 167 -18.62 2.09 47.95
CA ALA A 167 -18.86 1.00 47.02
C ALA A 167 -18.06 -0.24 47.41
N GLU A 168 -16.80 -0.05 47.79
CA GLU A 168 -15.97 -1.17 48.22
C GLU A 168 -16.54 -1.82 49.47
N ALA A 169 -16.95 -1.00 50.44
CA ALA A 169 -17.55 -1.53 51.66
C ALA A 169 -18.84 -2.28 51.37
N TYR A 170 -19.66 -1.75 50.47
CA TYR A 170 -20.92 -2.40 50.11
C TYR A 170 -20.67 -3.74 49.43
N ILE A 171 -19.68 -3.81 48.55
CA ILE A 171 -19.36 -5.07 47.88
C ILE A 171 -18.89 -6.10 48.89
N GLU A 172 -18.06 -5.70 49.85
CA GLU A 172 -17.63 -6.63 50.89
C GLU A 172 -18.80 -7.12 51.73
N MET A 173 -19.69 -6.18 52.09
CA MET A 173 -20.86 -6.55 52.87
C MET A 173 -21.76 -7.54 52.13
N ARG A 174 -22.01 -7.29 50.84
CA ARG A 174 -22.83 -8.21 50.06
C ARG A 174 -22.15 -9.57 49.92
N ASN A 175 -20.83 -9.58 49.76
CA ASN A 175 -20.11 -10.85 49.67
C ASN A 175 -20.09 -11.61 50.98
N LYS A 176 -20.34 -10.93 52.11
CA LYS A 176 -20.44 -11.65 53.38
C LYS A 176 -21.63 -12.61 53.42
N LYS A 177 -22.68 -12.36 52.62
CA LYS A 177 -23.87 -13.18 52.66
C LYS A 177 -24.10 -14.04 51.42
N GLU A 178 -23.46 -13.73 50.35
CA GLU A 178 -23.64 -14.52 49.12
C GLU A 178 -22.53 -14.18 48.14
N PRO A 179 -22.28 -15.03 47.09
CA PRO A 179 -21.32 -14.67 46.04
C PRO A 179 -21.78 -13.44 45.28
N TYR A 180 -21.00 -12.37 45.37
CA TYR A 180 -21.37 -11.07 44.80
C TYR A 180 -20.14 -10.49 44.09
N MET A 181 -20.02 -10.77 42.80
CA MET A 181 -19.02 -10.13 41.97
C MET A 181 -19.70 -9.13 41.06
N PRO A 182 -19.30 -7.85 41.09
CA PRO A 182 -19.95 -6.86 40.22
C PRO A 182 -19.84 -7.24 38.76
N ARG A 183 -20.87 -6.88 37.99
CA ARG A 183 -20.91 -7.26 36.57
C ARG A 183 -19.69 -6.74 35.82
N TYR A 184 -19.09 -5.65 36.30
CA TYR A 184 -17.84 -5.19 35.71
C TYR A 184 -16.75 -6.24 35.84
N GLY A 185 -16.64 -6.86 37.02
CA GLY A 185 -15.65 -7.91 37.22
C GLY A 185 -15.98 -9.19 36.49
N LEU A 186 -17.25 -9.41 36.15
CA LEU A 186 -17.61 -10.55 35.33
C LEU A 186 -17.26 -10.31 33.86
N VAL A 187 -17.41 -9.07 33.39
CA VAL A 187 -16.99 -8.74 32.03
C VAL A 187 -15.47 -8.80 31.90
N ARG A 188 -14.75 -8.37 32.93
CA ARG A 188 -13.30 -8.43 32.91
C ARG A 188 -12.76 -9.83 33.13
N ASN A 189 -13.62 -10.80 33.43
CA ASN A 189 -13.23 -12.19 33.67
C ASN A 189 -12.21 -12.30 34.79
N LEU A 190 -12.44 -11.57 35.87
CA LEU A 190 -11.59 -11.67 37.05
C LEU A 190 -11.89 -12.97 37.78
N ARG A 191 -10.89 -13.83 37.90
CA ARG A 191 -11.07 -15.18 38.43
C ARG A 191 -10.87 -15.28 39.93
N ASP A 192 -10.63 -14.17 40.62
CA ASP A 192 -10.46 -14.17 42.07
C ASP A 192 -11.67 -13.50 42.70
N GLY A 193 -12.34 -14.23 43.60
CA GLY A 193 -13.50 -13.67 44.28
C GLY A 193 -13.15 -12.74 45.42
N SER A 194 -11.96 -12.88 45.98
CA SER A 194 -11.55 -12.00 47.07
C SER A 194 -11.19 -10.60 46.58
N LEU A 195 -11.05 -10.42 45.27
CA LEU A 195 -10.80 -9.11 44.68
C LEU A 195 -12.06 -8.44 44.16
N ALA A 196 -13.24 -8.97 44.49
CA ALA A 196 -14.49 -8.39 44.00
C ALA A 196 -14.70 -6.97 44.50
N ARG A 197 -14.13 -6.63 45.66
CA ARG A 197 -14.35 -5.31 46.25
C ARG A 197 -13.68 -4.19 45.47
N TYR A 198 -12.81 -4.49 44.51
CA TYR A 198 -12.17 -3.48 43.68
C TYR A 198 -12.61 -3.57 42.22
N ALA A 199 -13.54 -4.43 41.89
CA ALA A 199 -13.88 -4.73 40.49
C ALA A 199 -15.04 -3.86 40.00
N PHE A 200 -14.86 -2.55 40.07
CA PHE A 200 -15.75 -1.61 39.42
C PHE A 200 -14.91 -0.50 38.79
N ASP A 201 -15.48 0.14 37.76
CA ASP A 201 -14.67 1.01 36.92
C ASP A 201 -14.45 2.40 37.50
N PHE A 202 -15.17 2.78 38.55
CA PHE A 202 -14.92 4.07 39.19
C PHE A 202 -14.18 3.92 40.51
N TYR A 203 -13.53 2.78 40.73
CA TYR A 203 -12.73 2.59 41.93
C TYR A 203 -11.51 3.49 41.90
N GLU A 204 -11.24 4.14 43.04
CA GLU A 204 -10.13 5.08 43.16
C GLU A 204 -8.99 4.41 43.93
N VAL A 205 -7.84 4.30 43.28
CA VAL A 205 -6.66 3.71 43.90
C VAL A 205 -6.04 4.71 44.86
N THR A 206 -5.77 4.28 46.08
CA THR A 206 -5.19 5.13 47.11
C THR A 206 -3.90 4.50 47.62
N SER A 207 -3.27 5.16 48.59
CA SER A 207 -2.07 4.63 49.21
C SER A 207 -2.35 3.42 50.08
N ARG A 208 -3.61 3.19 50.45
CA ARG A 208 -3.99 2.05 51.26
C ARG A 208 -4.47 0.86 50.45
N THR A 209 -4.58 1.01 49.13
CA THR A 209 -4.95 -0.11 48.28
C THR A 209 -3.86 -1.16 48.29
N PRO A 210 -4.17 -2.43 48.50
CA PRO A 210 -3.14 -3.47 48.48
C PRO A 210 -2.50 -3.58 47.11
N VAL A 211 -1.22 -3.97 47.12
CA VAL A 211 -0.44 -4.02 45.89
C VAL A 211 -1.06 -4.99 44.89
N ARG A 212 -1.52 -6.14 45.37
CA ARG A 212 -2.19 -7.09 44.48
C ARG A 212 -3.47 -6.51 43.91
N ALA A 213 -4.26 -5.81 44.74
CA ALA A 213 -5.47 -5.17 44.27
C ALA A 213 -5.15 -4.09 43.25
N ARG A 214 -4.08 -3.32 43.49
CA ARG A 214 -3.68 -2.28 42.54
C ARG A 214 -3.30 -2.90 41.20
N GLU A 215 -2.53 -3.99 41.22
CA GLU A 215 -2.16 -4.68 39.99
C GLU A 215 -3.39 -5.19 39.26
N ALA A 216 -4.33 -5.80 39.98
CA ALA A 216 -5.53 -6.32 39.35
C ALA A 216 -6.36 -5.20 38.73
N HIS A 217 -6.51 -4.08 39.45
CA HIS A 217 -7.28 -2.96 38.93
C HIS A 217 -6.63 -2.36 37.68
N ILE A 218 -5.31 -2.22 37.69
CA ILE A 218 -4.63 -1.66 36.52
C ILE A 218 -4.75 -2.59 35.33
N GLN A 219 -4.62 -3.91 35.56
CA GLN A 219 -4.80 -4.86 34.47
C GLN A 219 -6.23 -4.81 33.93
N MET A 220 -7.22 -4.69 34.81
CA MET A 220 -8.61 -4.60 34.34
C MET A 220 -8.83 -3.33 33.53
N LYS A 221 -8.26 -2.20 33.98
CA LYS A 221 -8.40 -0.97 33.22
C LYS A 221 -7.75 -1.07 31.85
N ALA A 222 -6.55 -1.68 31.79
CA ALA A 222 -5.88 -1.85 30.51
C ALA A 222 -6.67 -2.76 29.57
N ALA A 223 -7.23 -3.85 30.11
CA ALA A 223 -8.04 -4.74 29.30
C ALA A 223 -9.31 -4.07 28.80
N ALA A 224 -9.94 -3.25 29.65
CA ALA A 224 -11.19 -2.60 29.25
C ALA A 224 -10.95 -1.51 28.23
N LEU A 225 -9.91 -0.71 28.40
CA LEU A 225 -9.66 0.40 27.47
C LEU A 225 -9.13 -0.08 26.13
N LYS A 226 -8.34 -1.16 26.13
CA LYS A 226 -7.77 -1.74 24.90
C LYS A 226 -6.92 -0.68 24.23
N SER A 227 -7.09 -0.41 22.94
CA SER A 227 -6.32 0.60 22.22
C SER A 227 -7.23 1.70 21.69
N ALA A 228 -8.19 2.13 22.50
CA ALA A 228 -9.12 3.16 22.08
C ALA A 228 -8.41 4.50 21.95
N GLN A 229 -8.60 5.15 20.80
CA GLN A 229 -7.99 6.44 20.52
C GLN A 229 -9.07 7.50 20.43
N SER A 230 -8.83 8.59 21.15
CA SER A 230 -9.77 9.67 21.19
C SER A 230 -9.71 10.57 20.00
N ARG A 231 -10.88 10.90 19.50
CA ARG A 231 -10.99 11.86 18.40
C ARG A 231 -11.49 13.18 18.96
N LEU A 232 -10.77 14.34 18.71
CA LEU A 232 -11.13 15.65 19.22
C LEU A 232 -12.36 16.23 18.55
N PHE A 233 -12.68 15.80 17.33
CA PHE A 233 -13.75 16.41 16.55
C PHE A 233 -14.62 15.32 15.94
N GLY A 234 -15.89 15.66 15.75
CA GLY A 234 -16.79 14.90 14.92
C GLY A 234 -16.95 15.55 13.56
N LEU A 235 -18.04 15.19 12.87
CA LEU A 235 -18.34 15.84 11.61
C LEU A 235 -18.72 17.29 11.85
N ASP A 236 -18.13 18.20 11.07
CA ASP A 236 -18.37 19.62 11.25
C ASP A 236 -19.82 19.96 10.92
N GLY A 237 -20.43 20.81 11.74
CA GLY A 237 -21.82 21.17 11.57
C GLY A 237 -22.11 22.13 10.44
N GLY A 238 -21.10 22.78 9.89
CA GLY A 238 -21.30 23.59 8.69
C GLY A 238 -21.52 22.71 7.49
N ILE A 239 -22.75 22.68 6.99
CA ILE A 239 -23.11 21.72 5.94
C ILE A 239 -22.90 22.31 4.56
N SER A 240 -23.34 23.54 4.33
CA SER A 240 -23.26 24.13 3.01
C SER A 240 -21.82 24.29 2.58
N THR A 241 -21.51 23.79 1.37
CA THR A 241 -20.19 23.96 0.77
C THR A 241 -20.21 24.82 -0.49
N GLN A 242 -21.35 24.91 -1.16
CA GLN A 242 -21.47 25.72 -2.37
C GLN A 242 -21.68 27.19 -2.00
N GLU A 243 -21.68 28.05 -3.00
CA GLU A 243 -21.97 29.47 -2.83
C GLU A 243 -23.38 29.77 -3.29
N GLU A 244 -24.04 30.69 -2.60
CA GLU A 244 -25.41 31.05 -2.94
C GLU A 244 -25.48 31.69 -4.32
N ASN A 245 -26.49 31.30 -5.09
CA ASN A 245 -26.70 31.84 -6.42
C ASN A 245 -27.50 33.14 -6.30
N THR A 246 -26.84 34.27 -6.53
CA THR A 246 -27.48 35.58 -6.44
C THR A 246 -27.89 36.13 -7.79
N GLU A 247 -27.72 35.38 -8.86
CA GLU A 247 -27.99 35.88 -10.20
C GLU A 247 -29.48 36.01 -10.46
N ARG A 248 -29.85 37.06 -11.16
CA ARG A 248 -31.24 37.31 -11.53
C ARG A 248 -31.68 36.30 -12.59
N HIS A 249 -32.99 36.28 -12.85
CA HIS A 249 -33.56 35.44 -13.89
C HIS A 249 -34.78 36.15 -14.45
N THR A 250 -34.69 36.58 -15.70
CA THR A 250 -35.74 37.34 -16.36
C THR A 250 -36.31 36.54 -17.53
N THR A 251 -37.45 37.00 -18.04
CA THR A 251 -38.08 36.35 -19.19
C THR A 251 -37.32 36.57 -20.48
N GLU A 252 -36.32 37.47 -20.49
CA GLU A 252 -35.48 37.65 -21.66
C GLU A 252 -34.38 36.60 -21.75
N ASP A 253 -34.13 35.85 -20.69
CA ASP A 253 -33.07 34.85 -20.71
C ASP A 253 -33.39 33.74 -21.70
N VAL A 254 -32.38 33.32 -22.45
CA VAL A 254 -32.57 32.23 -23.40
C VAL A 254 -32.84 30.91 -22.69
N SER A 255 -32.33 30.75 -21.48
CA SER A 255 -32.51 29.55 -20.69
C SER A 255 -32.38 29.90 -19.22
N PRO A 256 -32.80 29.01 -18.32
CA PRO A 256 -32.65 29.30 -16.88
C PRO A 256 -31.21 29.47 -16.43
N SER A 257 -30.23 29.00 -17.21
CA SER A 257 -28.84 29.08 -16.81
C SER A 257 -28.00 30.02 -17.66
N MET A 258 -28.50 30.47 -18.81
CA MET A 258 -27.76 31.36 -19.70
C MET A 258 -28.60 32.59 -20.00
N HIS A 259 -28.02 33.77 -19.81
CA HIS A 259 -28.74 35.00 -20.14
C HIS A 259 -28.89 35.16 -21.65
N THR A 260 -27.81 34.98 -22.40
CA THR A 260 -27.81 35.11 -23.85
C THR A 260 -26.84 34.11 -24.44
N LEU A 261 -26.69 34.18 -25.76
CA LEU A 261 -25.75 33.36 -26.54
C LEU A 261 -24.89 34.27 -27.41
N LEU A 262 -24.30 35.29 -26.78
CA LEU A 262 -23.76 36.44 -27.51
C LEU A 262 -22.72 36.02 -28.55
N GLY A 263 -21.68 35.31 -28.16
CA GLY A 263 -20.64 35.03 -29.13
C GLY A 263 -20.94 33.93 -30.11
N VAL A 264 -22.12 33.34 -30.03
CA VAL A 264 -22.43 32.21 -30.88
C VAL A 264 -22.66 32.57 -32.33
N LYS A 265 -22.01 31.84 -33.21
CA LYS A 265 -22.20 32.02 -34.65
C LYS A 265 -22.96 30.82 -35.21
N ASN A 266 -23.99 31.08 -36.01
CA ASN A 266 -24.80 30.02 -36.60
C ASN A 266 -24.00 29.20 -37.62
N MET A 267 -23.07 29.83 -38.38
CA MET A 267 -22.25 29.12 -39.35
C MET A 267 -20.82 29.64 -39.34
N VAL B 44 -7.06 31.08 53.07
CA VAL B 44 -6.42 31.75 51.94
C VAL B 44 -7.46 32.44 51.08
N PRO B 45 -7.08 33.57 50.46
CA PRO B 45 -8.03 34.31 49.64
C PRO B 45 -8.43 33.54 48.39
N ARG B 46 -9.63 33.85 47.90
CA ARG B 46 -10.17 33.21 46.70
C ARG B 46 -9.94 34.11 45.49
N ILE B 47 -9.65 33.48 44.35
CA ILE B 47 -9.33 34.20 43.12
C ILE B 47 -10.62 34.49 42.37
N LYS B 48 -10.79 35.73 41.92
CA LYS B 48 -11.94 36.10 41.12
C LYS B 48 -11.82 35.51 39.72
N ALA B 49 -12.97 35.16 39.14
CA ALA B 49 -12.99 34.56 37.81
C ALA B 49 -12.47 35.54 36.76
N ILE B 50 -13.12 36.69 36.63
CA ILE B 50 -12.71 37.73 35.70
C ILE B 50 -12.28 38.93 36.54
N THR B 51 -10.97 39.13 36.68
CA THR B 51 -10.42 40.19 37.50
C THR B 51 -10.02 41.37 36.62
N SER B 52 -9.56 42.44 37.28
CA SER B 52 -9.06 43.61 36.57
C SER B 52 -7.60 43.46 36.15
N LYS B 53 -6.90 42.44 36.64
CA LYS B 53 -5.51 42.23 36.24
C LYS B 53 -5.43 41.88 34.76
N MET B 54 -6.43 41.12 34.29
CA MET B 54 -6.49 40.76 32.89
C MET B 54 -6.83 41.98 32.06
N ARG B 55 -6.41 41.96 30.81
CA ARG B 55 -6.68 43.09 29.92
C ARG B 55 -8.09 43.17 29.42
N MET B 56 -8.67 44.33 29.55
CA MET B 56 -10.02 44.56 29.06
C MET B 56 -10.01 45.50 27.86
N PRO B 57 -11.01 45.42 26.99
CA PRO B 57 -11.09 46.39 25.88
C PRO B 57 -11.38 47.78 26.42
N LYS B 58 -10.53 48.73 26.05
CA LYS B 58 -10.60 50.10 26.56
C LYS B 58 -10.74 51.07 25.40
N SER B 59 -11.56 52.10 25.59
CA SER B 59 -11.72 53.17 24.62
C SER B 59 -11.59 54.51 25.34
N LYS B 60 -10.69 55.37 24.84
CA LYS B 60 -10.45 56.69 25.42
C LYS B 60 -10.07 56.58 26.90
N GLY B 61 -9.22 55.61 27.22
CA GLY B 61 -8.78 55.44 28.60
C GLY B 61 -9.88 55.06 29.55
N ALA B 62 -10.73 54.11 29.16
CA ALA B 62 -11.80 53.64 30.01
C ALA B 62 -12.27 52.28 29.51
N THR B 63 -12.35 51.31 30.40
CA THR B 63 -12.81 49.99 30.03
C THR B 63 -14.26 50.05 29.54
N VAL B 64 -14.54 49.32 28.47
CA VAL B 64 -15.86 49.34 27.84
C VAL B 64 -16.76 48.22 28.35
N LEU B 65 -16.34 47.51 29.39
CA LEU B 65 -17.13 46.43 29.97
C LEU B 65 -17.43 46.72 31.43
N ASN B 66 -18.59 46.24 31.88
CA ASN B 66 -19.00 46.35 33.28
C ASN B 66 -18.67 45.04 33.96
N LEU B 67 -17.60 45.04 34.76
CA LEU B 67 -17.08 43.78 35.32
C LEU B 67 -18.07 43.13 36.28
N GLU B 68 -18.73 43.94 37.12
CA GLU B 68 -19.65 43.37 38.11
C GLU B 68 -20.85 42.73 37.43
N HIS B 69 -21.50 43.46 36.52
CA HIS B 69 -22.65 42.91 35.81
C HIS B 69 -22.26 41.67 35.01
N LEU B 70 -21.10 41.71 34.34
CA LEU B 70 -20.66 40.57 33.56
C LEU B 70 -20.44 39.35 34.44
N LEU B 71 -19.83 39.56 35.62
CA LEU B 71 -19.66 38.46 36.56
C LEU B 71 -21.01 37.94 37.04
N GLU B 72 -22.03 38.80 37.06
CA GLU B 72 -23.38 38.38 37.44
C GLU B 72 -24.25 38.03 36.24
N TYR B 73 -23.74 38.15 35.01
CA TYR B 73 -24.53 37.90 33.80
C TYR B 73 -24.40 36.44 33.41
N ALA B 74 -25.48 35.67 33.60
CA ALA B 74 -25.50 34.24 33.29
C ALA B 74 -26.77 33.90 32.53
N PRO B 75 -26.89 34.34 31.28
CA PRO B 75 -28.08 33.98 30.49
C PRO B 75 -28.05 32.52 30.07
N GLN B 76 -29.23 31.96 29.87
CA GLN B 76 -29.33 30.63 29.29
C GLN B 76 -28.86 30.66 27.84
N GLN B 77 -28.12 29.62 27.43
CA GLN B 77 -27.51 29.61 26.12
C GLN B 77 -28.55 29.59 25.01
N ILE B 78 -29.66 28.86 25.21
CA ILE B 78 -30.70 28.80 24.19
C ILE B 78 -31.46 30.11 24.09
N ASP B 79 -31.36 30.98 25.10
CA ASP B 79 -32.06 32.25 25.08
C ASP B 79 -31.36 33.32 24.26
N ILE B 80 -30.08 33.13 23.93
CA ILE B 80 -29.30 34.14 23.22
C ILE B 80 -28.75 33.61 21.91
N SER B 81 -29.15 32.42 21.48
CA SER B 81 -28.72 31.87 20.21
C SER B 81 -29.62 32.39 19.09
N ASN B 82 -29.03 32.53 17.90
CA ASN B 82 -29.75 33.01 16.74
C ASN B 82 -30.26 31.87 15.86
N THR B 83 -30.11 30.62 16.29
CA THR B 83 -30.73 29.48 15.63
C THR B 83 -32.13 29.21 16.15
N ARG B 84 -32.62 30.03 17.07
CA ARG B 84 -33.95 29.91 17.63
C ARG B 84 -34.64 31.27 17.53
N ALA B 85 -35.93 31.25 17.20
CA ALA B 85 -36.68 32.48 17.09
C ALA B 85 -36.73 33.20 18.45
N THR B 86 -36.72 34.53 18.39
CA THR B 86 -36.79 35.31 19.62
C THR B 86 -38.16 35.16 20.27
N GLN B 87 -38.23 35.54 21.54
CA GLN B 87 -39.49 35.42 22.28
C GLN B 87 -40.58 36.28 21.64
N SER B 88 -40.21 37.47 21.16
CA SER B 88 -41.19 38.32 20.48
C SER B 88 -41.71 37.67 19.21
N GLN B 89 -40.82 37.07 18.43
CA GLN B 89 -41.24 36.38 17.21
C GLN B 89 -42.14 35.19 17.54
N PHE B 90 -41.80 34.44 18.60
CA PHE B 90 -42.64 33.32 19.01
C PHE B 90 -44.02 33.78 19.45
N ASP B 91 -44.08 34.88 20.22
CA ASP B 91 -45.38 35.40 20.63
C ASP B 91 -46.19 35.87 19.43
N THR B 92 -45.53 36.52 18.45
CA THR B 92 -46.24 36.95 17.25
C THR B 92 -46.81 35.75 16.49
N TRP B 93 -46.00 34.70 16.34
CA TRP B 93 -46.48 33.50 15.64
C TRP B 93 -47.63 32.84 16.38
N TYR B 94 -47.52 32.73 17.71
CA TYR B 94 -48.57 32.10 18.50
C TYR B 94 -49.87 32.88 18.42
N GLU B 95 -49.78 34.22 18.53
CA GLU B 95 -50.97 35.04 18.43
C GLU B 95 -51.59 34.96 17.04
N ALA B 96 -50.76 34.95 15.99
CA ALA B 96 -51.30 34.85 14.64
C ALA B 96 -52.00 33.52 14.40
N VAL B 97 -51.42 32.43 14.91
CA VAL B 97 -52.06 31.12 14.76
C VAL B 97 -53.36 31.07 15.54
N GLN B 98 -53.42 31.65 16.79
CA GLN B 98 -54.65 31.74 17.56
C GLN B 98 -55.73 32.49 16.79
N LEU B 99 -55.31 33.60 16.20
CA LEU B 99 -56.27 34.41 15.46
C LEU B 99 -56.81 33.66 14.24
N ALA B 100 -55.93 32.97 13.51
CA ALA B 100 -56.35 32.29 12.30
C ALA B 100 -57.22 31.08 12.61
N TYR B 101 -56.92 30.35 13.68
CA TYR B 101 -57.68 29.15 14.02
C TYR B 101 -58.97 29.46 14.75
N ASP B 102 -59.16 30.69 15.23
CA ASP B 102 -60.36 31.08 15.98
C ASP B 102 -60.57 30.16 17.19
N ILE B 103 -59.48 29.91 17.91
CA ILE B 103 -59.48 29.00 19.05
C ILE B 103 -59.15 29.81 20.30
N GLY B 104 -59.86 29.52 21.38
CA GLY B 104 -59.62 30.22 22.64
C GLY B 104 -58.30 29.84 23.26
N GLU B 105 -57.91 30.62 24.27
CA GLU B 105 -56.63 30.43 24.94
C GLU B 105 -56.60 29.19 25.81
N THR B 106 -57.73 28.51 26.00
CA THR B 106 -57.75 27.30 26.82
C THR B 106 -57.60 26.04 25.98
N GLU B 107 -58.18 26.01 24.78
CA GLU B 107 -58.02 24.87 23.88
C GLU B 107 -56.79 24.98 22.99
N MET B 108 -56.13 26.13 22.98
CA MET B 108 -54.96 26.31 22.13
C MET B 108 -53.79 25.39 22.50
N PRO B 109 -53.43 25.20 23.77
CA PRO B 109 -52.32 24.29 24.08
C PRO B 109 -52.51 22.87 23.59
N THR B 110 -53.74 22.37 23.54
CA THR B 110 -53.98 21.04 22.99
C THR B 110 -53.63 20.98 21.50
N VAL B 111 -54.03 22.01 20.76
CA VAL B 111 -53.67 22.10 19.35
C VAL B 111 -52.16 22.23 19.20
N MET B 112 -51.52 22.93 20.13
CA MET B 112 -50.05 23.04 20.10
C MET B 112 -49.39 21.68 20.34
N ASN B 113 -49.94 20.88 21.26
CA ASN B 113 -49.44 19.52 21.47
C ASN B 113 -49.53 18.70 20.20
N GLY B 114 -50.71 18.73 19.57
CA GLY B 114 -50.88 17.99 18.34
C GLY B 114 -49.93 18.44 17.24
N LEU B 115 -49.75 19.76 17.11
CA LEU B 115 -48.85 20.29 16.09
C LEU B 115 -47.41 19.90 16.36
N MET B 116 -47.01 19.91 17.64
CA MET B 116 -45.65 19.50 17.98
C MET B 116 -45.40 18.04 17.62
N VAL B 117 -46.37 17.17 17.93
CA VAL B 117 -46.20 15.76 17.59
C VAL B 117 -46.16 15.57 16.07
N TRP B 118 -47.05 16.25 15.34
CA TRP B 118 -47.05 16.17 13.89
C TRP B 118 -45.74 16.66 13.30
N CYS B 119 -45.16 17.72 13.87
CA CYS B 119 -43.90 18.24 13.36
C CYS B 119 -42.73 17.34 13.71
N ILE B 120 -42.80 16.64 14.86
CA ILE B 120 -41.83 15.60 15.14
C ILE B 120 -41.85 14.55 14.05
N GLU B 121 -43.05 14.15 13.63
CA GLU B 121 -43.16 13.08 12.64
C GLU B 121 -42.74 13.55 11.25
N ASN B 122 -43.19 14.73 10.82
CA ASN B 122 -43.15 15.10 9.41
C ASN B 122 -42.24 16.26 9.09
N GLY B 123 -41.55 16.84 10.07
CA GLY B 123 -40.62 17.91 9.80
C GLY B 123 -41.26 19.28 9.79
N THR B 124 -40.39 20.28 9.62
CA THR B 124 -40.77 21.69 9.67
C THR B 124 -40.20 22.45 8.48
N SER B 125 -40.27 21.86 7.29
CA SER B 125 -39.78 22.51 6.11
C SER B 125 -40.66 23.70 5.72
N PRO B 126 -40.08 24.75 5.13
CA PRO B 126 -40.90 25.87 4.66
C PRO B 126 -41.89 25.49 3.57
N ASN B 127 -41.68 24.37 2.89
CA ASN B 127 -42.50 23.95 1.77
C ASN B 127 -43.67 23.05 2.18
N ILE B 128 -43.78 22.69 3.47
CA ILE B 128 -44.91 21.88 3.88
C ILE B 128 -46.20 22.66 3.68
N ASN B 129 -47.23 21.96 3.19
CA ASN B 129 -48.49 22.60 2.87
C ASN B 129 -49.61 21.59 3.05
N GLY B 130 -50.83 22.04 2.83
CA GLY B 130 -52.00 21.20 3.01
C GLY B 130 -52.54 21.32 4.42
N VAL B 131 -52.68 20.19 5.10
CA VAL B 131 -53.17 20.15 6.47
C VAL B 131 -52.28 19.25 7.30
N TRP B 132 -52.29 19.48 8.60
CA TRP B 132 -51.77 18.54 9.57
C TRP B 132 -52.93 17.94 10.35
N VAL B 133 -52.66 16.85 11.06
CA VAL B 133 -53.73 16.05 11.64
C VAL B 133 -53.50 15.86 13.13
N MET B 134 -54.58 15.92 13.89
CA MET B 134 -54.62 15.56 15.30
C MET B 134 -55.49 14.30 15.46
N MET B 135 -55.09 13.43 16.37
CA MET B 135 -55.80 12.18 16.61
C MET B 135 -56.66 12.35 17.87
N CYS B 136 -57.90 12.79 17.66
CA CYS B 136 -58.86 12.92 18.75
C CYS B 136 -59.49 11.55 18.98
N GLY B 137 -58.91 10.80 19.92
CA GLY B 137 -59.32 9.43 20.12
C GLY B 137 -59.04 8.58 18.90
N ASP B 138 -60.08 8.06 18.27
CA ASP B 138 -59.97 7.31 17.03
C ASP B 138 -60.30 8.15 15.80
N GLU B 139 -60.62 9.43 15.98
CA GLU B 139 -60.99 10.31 14.88
C GLU B 139 -59.81 11.21 14.49
N GLN B 140 -59.83 11.64 13.24
CA GLN B 140 -58.77 12.46 12.67
C GLN B 140 -59.31 13.85 12.39
N VAL B 141 -58.68 14.86 13.01
CA VAL B 141 -59.08 16.25 12.84
C VAL B 141 -57.99 16.95 12.02
N GLU B 142 -58.41 17.66 10.97
CA GLU B 142 -57.47 18.29 10.05
C GLU B 142 -57.43 19.80 10.32
N TYR B 143 -56.23 20.32 10.47
CA TYR B 143 -55.97 21.73 10.68
C TYR B 143 -55.15 22.28 9.52
N PRO B 144 -55.53 23.41 8.93
CA PRO B 144 -54.73 23.97 7.83
C PRO B 144 -53.33 24.34 8.29
N LEU B 145 -52.35 24.09 7.43
CA LEU B 145 -50.96 24.40 7.72
C LEU B 145 -50.55 25.80 7.31
N LYS B 146 -51.38 26.51 6.54
CA LYS B 146 -51.02 27.85 6.07
C LYS B 146 -50.76 28.82 7.22
N PRO B 147 -51.64 28.96 8.23
CA PRO B 147 -51.31 29.86 9.35
C PRO B 147 -50.05 29.48 10.09
N ILE B 148 -49.75 28.18 10.17
CA ILE B 148 -48.58 27.73 10.92
C ILE B 148 -47.30 28.17 10.21
N VAL B 149 -47.27 28.09 8.89
CA VAL B 149 -46.05 28.33 8.13
C VAL B 149 -45.90 29.80 7.75
N GLU B 150 -46.99 30.47 7.38
CA GLU B 150 -46.86 31.84 6.89
C GLU B 150 -46.55 32.84 7.98
N ASN B 151 -46.82 32.51 9.25
CA ASN B 151 -46.59 33.42 10.36
C ASN B 151 -45.34 33.10 11.15
N ALA B 152 -44.59 32.07 10.77
CA ALA B 152 -43.40 31.64 11.51
C ALA B 152 -42.20 32.43 11.00
N LYS B 153 -41.65 33.28 11.85
CA LYS B 153 -40.50 34.09 11.49
C LYS B 153 -39.36 33.86 12.48
N PRO B 154 -38.12 33.78 12.00
CA PRO B 154 -37.70 33.87 10.59
C PRO B 154 -38.06 32.62 9.79
N THR B 155 -38.05 31.44 10.43
CA THR B 155 -38.46 30.20 9.77
C THR B 155 -39.34 29.40 10.73
N LEU B 156 -40.01 28.40 10.19
CA LEU B 156 -40.80 27.50 11.02
C LEU B 156 -39.91 26.63 11.90
N ARG B 157 -38.72 26.26 11.41
CA ARG B 157 -37.79 25.48 12.22
C ARG B 157 -37.34 26.26 13.45
N GLN B 158 -37.07 27.55 13.29
CA GLN B 158 -36.67 28.37 14.44
C GLN B 158 -37.81 28.52 15.44
N ILE B 159 -39.04 28.60 14.96
CA ILE B 159 -40.19 28.66 15.85
C ILE B 159 -40.35 27.34 16.62
N MET B 160 -40.30 26.22 15.90
CA MET B 160 -40.48 24.92 16.55
C MET B 160 -39.30 24.52 17.40
N ALA B 161 -38.14 25.19 17.26
CA ALA B 161 -37.02 24.95 18.15
C ALA B 161 -37.38 25.21 19.61
N HIS B 162 -38.39 26.05 19.86
CA HIS B 162 -38.86 26.26 21.23
C HIS B 162 -39.49 25.00 21.81
N PHE B 163 -39.88 24.05 20.97
CA PHE B 163 -40.51 22.81 21.39
C PHE B 163 -39.54 21.65 21.49
N SER B 164 -38.24 21.89 21.36
CA SER B 164 -37.28 20.80 21.17
C SER B 164 -37.17 19.92 22.40
N ASP B 165 -37.04 20.52 23.62
CA ASP B 165 -36.94 19.72 24.85
C ASP B 165 -38.20 18.91 25.10
N VAL B 166 -39.37 19.52 24.86
CA VAL B 166 -40.62 18.79 25.04
C VAL B 166 -40.74 17.67 24.01
N ALA B 167 -40.29 17.90 22.79
CA ALA B 167 -40.32 16.87 21.76
C ALA B 167 -39.44 15.70 22.14
N GLU B 168 -38.24 15.97 22.64
CA GLU B 168 -37.35 14.90 23.08
C GLU B 168 -37.96 14.11 24.23
N ALA B 169 -38.53 14.81 25.20
CA ALA B 169 -39.17 14.12 26.33
C ALA B 169 -40.35 13.27 25.85
N TYR B 170 -41.14 13.79 24.92
CA TYR B 170 -42.28 13.05 24.39
C TYR B 170 -41.84 11.81 23.65
N ILE B 171 -40.76 11.90 22.86
CA ILE B 171 -40.27 10.73 22.14
C ILE B 171 -39.78 9.68 23.12
N GLU B 172 -39.09 10.08 24.18
CA GLU B 172 -38.65 9.11 25.18
C GLU B 172 -39.84 8.45 25.87
N MET B 173 -40.85 9.27 26.21
CA MET B 173 -42.04 8.72 26.85
C MET B 173 -42.76 7.72 25.96
N ARG B 174 -42.92 8.04 24.67
CA ARG B 174 -43.56 7.10 23.76
C ARG B 174 -42.74 5.84 23.58
N ASN B 175 -41.42 5.96 23.55
CA ASN B 175 -40.56 4.79 23.44
C ASN B 175 -40.58 3.93 24.70
N LYS B 176 -41.00 4.50 25.84
CA LYS B 176 -41.14 3.67 27.04
C LYS B 176 -42.22 2.60 26.89
N LYS B 177 -43.21 2.80 26.01
CA LYS B 177 -44.32 1.87 25.89
C LYS B 177 -44.33 1.10 24.57
N GLU B 178 -43.64 1.55 23.59
CA GLU B 178 -43.62 0.85 22.31
C GLU B 178 -42.48 1.38 21.45
N PRO B 179 -42.05 0.64 20.38
CA PRO B 179 -41.04 1.16 19.44
C PRO B 179 -41.56 2.40 18.74
N TYR B 180 -40.89 3.53 18.98
CA TYR B 180 -41.35 4.83 18.47
C TYR B 180 -40.13 5.59 17.93
N MET B 181 -39.87 5.42 16.63
CA MET B 181 -38.87 6.22 15.94
C MET B 181 -39.58 7.22 15.06
N PRO B 182 -39.31 8.53 15.21
CA PRO B 182 -39.99 9.50 14.35
C PRO B 182 -39.70 9.25 12.89
N ARG B 183 -40.69 9.58 12.04
CA ARG B 183 -40.57 9.32 10.62
C ARG B 183 -39.35 10.00 10.02
N TYR B 184 -38.91 11.11 10.63
CA TYR B 184 -37.66 11.74 10.20
C TYR B 184 -36.48 10.79 10.36
N GLY B 185 -36.41 10.09 11.50
CA GLY B 185 -35.35 9.13 11.72
C GLY B 185 -35.47 7.88 10.87
N LEU B 186 -36.68 7.57 10.40
CA LEU B 186 -36.85 6.46 9.46
C LEU B 186 -36.39 6.86 8.06
N VAL B 187 -36.63 8.11 7.66
CA VAL B 187 -36.13 8.58 6.38
C VAL B 187 -34.61 8.68 6.39
N ARG B 188 -34.03 9.10 7.51
CA ARG B 188 -32.58 9.19 7.63
C ARG B 188 -31.91 7.83 7.80
N ASN B 189 -32.70 6.76 7.95
CA ASN B 189 -32.18 5.39 8.12
C ASN B 189 -31.26 5.30 9.33
N LEU B 190 -31.66 5.92 10.43
CA LEU B 190 -30.92 5.80 11.67
C LEU B 190 -31.15 4.43 12.29
N ARG B 191 -30.07 3.66 12.44
CA ARG B 191 -30.16 2.27 12.84
C ARG B 191 -30.09 2.06 14.35
N ASP B 192 -30.02 3.13 15.13
CA ASP B 192 -29.98 3.03 16.59
C ASP B 192 -31.30 3.54 17.15
N GLY B 193 -31.97 2.68 17.93
CA GLY B 193 -33.24 3.06 18.53
C GLY B 193 -33.10 3.93 19.76
N SER B 194 -31.95 3.86 20.42
CA SER B 194 -31.72 4.69 21.60
C SER B 194 -31.48 6.15 21.24
N LEU B 195 -31.25 6.45 19.98
CA LEU B 195 -31.08 7.82 19.51
C LEU B 195 -32.34 8.40 18.91
N ALA B 196 -33.49 7.74 19.10
CA ALA B 196 -34.75 8.23 18.52
C ALA B 196 -35.15 9.57 19.10
N ARG B 197 -34.72 9.87 20.33
CA ARG B 197 -35.13 11.11 20.99
C ARG B 197 -34.53 12.35 20.36
N TYR B 198 -33.54 12.21 19.47
CA TYR B 198 -32.94 13.34 18.77
C TYR B 198 -33.23 13.34 17.28
N ALA B 199 -34.04 12.41 16.80
CA ALA B 199 -34.21 12.20 15.35
C ALA B 199 -35.41 12.97 14.82
N PHE B 200 -35.36 14.29 14.99
CA PHE B 200 -36.30 15.19 14.33
C PHE B 200 -35.53 16.42 13.87
N ASP B 201 -36.07 17.09 12.83
CA ASP B 201 -35.28 18.09 12.13
C ASP B 201 -35.25 19.45 12.83
N PHE B 202 -36.10 19.68 13.84
CA PHE B 202 -36.05 20.93 14.59
C PHE B 202 -35.41 20.74 15.96
N TYR B 203 -34.68 19.66 16.16
CA TYR B 203 -33.97 19.45 17.42
C TYR B 203 -32.85 20.47 17.57
N GLU B 204 -32.74 21.05 18.76
CA GLU B 204 -31.75 22.07 19.06
C GLU B 204 -30.63 21.47 19.88
N VAL B 205 -29.42 21.52 19.34
CA VAL B 205 -28.25 21.00 20.03
C VAL B 205 -27.82 21.98 21.11
N THR B 206 -27.62 21.49 22.32
CA THR B 206 -27.22 22.29 23.46
C THR B 206 -25.92 21.74 24.05
N SER B 207 -25.46 22.39 25.12
CA SER B 207 -24.27 21.94 25.81
C SER B 207 -24.49 20.64 26.57
N ARG B 208 -25.75 20.26 26.79
CA ARG B 208 -26.08 19.03 27.48
C ARG B 208 -26.36 17.87 26.54
N THR B 209 -26.36 18.11 25.23
CA THR B 209 -26.55 17.03 24.28
C THR B 209 -25.35 16.08 24.31
N PRO B 210 -25.56 14.78 24.41
CA PRO B 210 -24.42 13.85 24.42
C PRO B 210 -23.65 13.92 23.11
N VAL B 211 -22.34 13.65 23.22
CA VAL B 211 -21.44 13.78 22.06
C VAL B 211 -21.88 12.83 20.94
N ARG B 212 -22.26 11.61 21.29
CA ARG B 212 -22.74 10.67 20.28
C ARG B 212 -24.03 11.17 19.63
N ALA B 213 -24.95 11.71 20.43
CA ALA B 213 -26.17 12.28 19.89
C ALA B 213 -25.87 13.46 18.98
N ARG B 214 -24.93 14.31 19.38
CA ARG B 214 -24.55 15.45 18.55
C ARG B 214 -23.98 14.99 17.21
N GLU B 215 -23.12 13.98 17.24
CA GLU B 215 -22.57 13.43 16.00
C GLU B 215 -23.67 12.86 15.12
N ALA B 216 -24.59 12.09 15.70
CA ALA B 216 -25.68 11.52 14.92
C ALA B 216 -26.56 12.60 14.30
N HIS B 217 -26.89 13.64 15.08
CA HIS B 217 -27.72 14.71 14.56
C HIS B 217 -27.03 15.47 13.44
N ILE B 218 -25.73 15.73 13.58
CA ILE B 218 -25.02 16.46 12.52
C ILE B 218 -24.93 15.61 11.26
N GLN B 219 -24.69 14.31 11.41
CA GLN B 219 -24.68 13.43 10.24
C GLN B 219 -26.04 13.38 9.57
N MET B 220 -27.12 13.33 10.36
CA MET B 220 -28.46 13.33 9.77
C MET B 220 -28.74 14.63 9.04
N LYS B 221 -28.33 15.76 9.61
CA LYS B 221 -28.54 17.04 8.93
C LYS B 221 -27.76 17.10 7.62
N ALA B 222 -26.51 16.63 7.64
CA ALA B 222 -25.70 16.63 6.41
C ALA B 222 -26.31 15.72 5.35
N ALA B 223 -26.80 14.55 5.75
CA ALA B 223 -27.43 13.64 4.80
C ALA B 223 -28.72 14.22 4.24
N ALA B 224 -29.50 14.91 5.08
CA ALA B 224 -30.77 15.46 4.61
C ALA B 224 -30.57 16.65 3.69
N LEU B 225 -29.62 17.53 4.01
CA LEU B 225 -29.42 18.73 3.20
C LEU B 225 -28.72 18.41 1.88
N LYS B 226 -27.82 17.42 1.88
CA LYS B 226 -27.10 16.99 0.68
C LYS B 226 -26.29 18.19 0.17
N SER B 227 -26.38 18.54 -1.10
CA SER B 227 -25.66 19.67 -1.68
C SER B 227 -26.63 20.71 -2.22
N ALA B 228 -27.70 20.98 -1.47
CA ALA B 228 -28.70 21.95 -1.90
C ALA B 228 -28.12 23.36 -1.87
N GLN B 229 -28.26 24.08 -2.99
CA GLN B 229 -27.77 25.44 -3.12
C GLN B 229 -28.95 26.39 -3.24
N SER B 230 -28.88 27.43 -2.42
CA SER B 230 -29.93 28.41 -2.40
C SER B 230 -29.87 29.41 -3.51
N ARG B 231 -31.00 29.67 -4.10
CA ARG B 231 -31.12 30.69 -5.14
C ARG B 231 -31.80 31.90 -4.53
N LEU B 232 -31.20 33.14 -4.63
CA LEU B 232 -31.73 34.37 -4.06
C LEU B 232 -32.95 34.89 -4.81
N PHE B 233 -33.10 34.52 -6.08
CA PHE B 233 -34.16 35.08 -6.92
C PHE B 233 -34.86 33.97 -7.69
N GLY B 234 -36.14 34.20 -7.98
CA GLY B 234 -36.87 33.42 -8.94
C GLY B 234 -36.98 34.16 -10.25
N LEU B 235 -37.97 33.75 -11.06
CA LEU B 235 -38.22 34.46 -12.30
C LEU B 235 -38.77 35.85 -12.00
N ASP B 236 -38.20 36.87 -12.64
CA ASP B 236 -38.61 38.24 -12.40
C ASP B 236 -40.06 38.46 -12.85
N GLY B 237 -40.82 39.19 -12.02
CA GLY B 237 -42.22 39.42 -12.30
C GLY B 237 -42.51 40.44 -13.38
N GLY B 238 -41.51 41.21 -13.80
CA GLY B 238 -41.69 42.10 -14.94
C GLY B 238 -41.72 41.30 -16.22
N ILE B 239 -42.89 41.18 -16.84
CA ILE B 239 -43.05 40.28 -17.98
C ILE B 239 -42.78 40.99 -19.29
N SER B 240 -43.32 42.19 -19.47
CA SER B 240 -43.19 42.90 -20.73
C SER B 240 -41.74 43.24 -21.02
N THR B 241 -41.27 42.87 -22.22
CA THR B 241 -39.94 43.20 -22.67
C THR B 241 -39.93 44.15 -23.86
N GLN B 242 -41.01 44.19 -24.64
CA GLN B 242 -41.11 45.08 -25.79
C GLN B 242 -41.50 46.49 -25.33
N GLU B 243 -41.51 47.42 -26.27
CA GLU B 243 -41.95 48.79 -26.03
C GLU B 243 -43.34 48.97 -26.60
N GLU B 244 -44.14 49.78 -25.91
CA GLU B 244 -45.52 50.02 -26.36
C GLU B 244 -45.52 50.76 -27.69
N ASN B 245 -46.41 50.33 -28.59
CA ASN B 245 -46.57 50.96 -29.90
C ASN B 245 -47.51 52.16 -29.75
N THR B 246 -46.95 53.36 -29.84
CA THR B 246 -47.72 54.60 -29.72
C THR B 246 -48.07 55.21 -31.06
N GLU B 247 -47.72 54.56 -32.16
CA GLU B 247 -47.93 55.14 -33.48
C GLU B 247 -49.40 55.14 -33.86
N ARG B 248 -49.82 56.21 -34.52
CA ARG B 248 -51.17 56.34 -35.02
C ARG B 248 -51.42 55.39 -36.18
N HIS B 249 -52.69 55.27 -36.56
CA HIS B 249 -53.08 54.45 -37.71
C HIS B 249 -54.30 55.09 -38.34
N THR B 250 -54.15 55.63 -39.55
CA THR B 250 -55.22 56.32 -40.24
C THR B 250 -55.59 55.57 -41.51
N THR B 251 -56.72 55.95 -42.10
CA THR B 251 -57.18 55.34 -43.34
C THR B 251 -56.33 55.75 -44.54
N GLU B 252 -55.44 56.72 -44.39
CA GLU B 252 -54.52 57.08 -45.45
C GLU B 252 -53.31 56.16 -45.51
N ASP B 253 -53.08 55.35 -44.49
CA ASP B 253 -51.92 54.46 -44.47
C ASP B 253 -52.04 53.41 -45.56
N VAL B 254 -50.93 53.14 -46.24
CA VAL B 254 -50.91 52.13 -47.29
C VAL B 254 -51.11 50.74 -46.69
N SER B 255 -50.69 50.53 -45.45
CA SER B 255 -50.82 49.25 -44.77
C SER B 255 -50.86 49.50 -43.28
N PRO B 256 -51.26 48.51 -42.48
CA PRO B 256 -51.27 48.70 -41.03
C PRO B 256 -49.89 48.97 -40.43
N SER B 257 -48.81 48.66 -41.14
CA SER B 257 -47.47 48.83 -40.60
C SER B 257 -46.66 49.92 -41.30
N MET B 258 -47.11 50.41 -42.45
CA MET B 258 -46.39 51.44 -43.21
C MET B 258 -47.33 52.59 -43.50
N HIS B 259 -46.89 53.81 -43.18
CA HIS B 259 -47.70 54.99 -43.48
C HIS B 259 -47.73 55.25 -44.99
N THR B 260 -46.57 55.23 -45.63
CA THR B 260 -46.46 55.48 -47.06
C THR B 260 -45.34 54.62 -47.63
N LEU B 261 -45.08 54.81 -48.92
CA LEU B 261 -44.00 54.16 -49.67
C LEU B 261 -43.17 55.22 -50.38
N LEU B 262 -42.75 56.24 -49.63
CA LEU B 262 -42.26 57.48 -50.22
C LEU B 262 -41.10 57.25 -51.19
N GLY B 263 -40.03 56.62 -50.73
CA GLY B 263 -38.88 56.51 -51.62
C GLY B 263 -38.97 55.48 -52.71
N VAL B 264 -40.09 54.77 -52.79
CA VAL B 264 -40.21 53.68 -53.74
C VAL B 264 -40.34 54.13 -55.17
N LYS B 265 -39.54 53.54 -56.03
CA LYS B 265 -39.63 53.83 -57.47
C LYS B 265 -40.20 52.61 -58.18
N ASN B 266 -41.18 52.82 -59.05
CA ASN B 266 -41.81 51.74 -59.79
C ASN B 266 -40.85 51.09 -60.79
N MET B 267 -39.93 51.86 -61.40
CA MET B 267 -38.96 51.31 -62.34
C MET B 267 -37.59 51.96 -62.17
N VAL C 44 31.96 38.51 37.12
CA VAL C 44 32.19 38.50 35.68
C VAL C 44 31.19 39.41 34.97
N PRO C 45 31.62 40.03 33.86
CA PRO C 45 30.72 40.95 33.16
C PRO C 45 29.54 40.22 32.53
N ARG C 46 28.46 40.96 32.34
CA ARG C 46 27.24 40.43 31.76
C ARG C 46 27.16 40.80 30.28
N ILE C 47 26.66 39.88 29.46
CA ILE C 47 26.60 40.07 28.02
C ILE C 47 25.31 40.76 27.65
N LYS C 48 25.40 41.80 26.83
CA LYS C 48 24.21 42.49 26.36
C LYS C 48 23.45 41.63 25.34
N ALA C 49 22.13 41.77 25.36
CA ALA C 49 21.29 40.99 24.46
C ALA C 49 21.57 41.32 23.00
N ILE C 50 21.38 42.58 22.62
CA ILE C 50 21.66 43.06 21.27
C ILE C 50 22.82 44.03 21.37
N THR C 51 24.01 43.59 21.00
CA THR C 51 25.21 44.39 21.10
C THR C 51 25.56 45.00 19.74
N SER C 52 26.60 45.82 19.71
CA SER C 52 27.09 46.39 18.47
C SER C 52 28.03 45.45 17.72
N LYS C 53 28.47 44.35 18.33
CA LYS C 53 29.32 43.40 17.64
C LYS C 53 28.58 42.74 16.48
N MET C 54 27.30 42.50 16.71
CA MET C 54 26.47 41.91 15.67
C MET C 54 26.24 42.92 14.57
N ARG C 55 25.98 42.42 13.37
CA ARG C 55 25.75 43.31 12.24
C ARG C 55 24.40 43.96 12.22
N MET C 56 24.41 45.26 12.03
CA MET C 56 23.16 46.01 11.95
C MET C 56 22.95 46.53 10.54
N PRO C 57 21.70 46.77 10.13
CA PRO C 57 21.45 47.37 8.81
C PRO C 57 21.98 48.80 8.79
N LYS C 58 22.83 49.10 7.82
CA LYS C 58 23.48 50.40 7.72
C LYS C 58 23.18 51.03 6.37
N SER C 59 22.97 52.35 6.37
CA SER C 59 22.77 53.12 5.16
C SER C 59 23.68 54.33 5.18
N LYS C 60 24.47 54.50 4.13
CA LYS C 60 25.42 55.61 4.00
C LYS C 60 26.37 55.67 5.20
N GLY C 61 26.87 54.51 5.61
CA GLY C 61 27.81 54.46 6.71
C GLY C 61 27.23 54.88 8.04
N ALA C 62 26.02 54.41 8.35
CA ALA C 62 25.37 54.73 9.62
C ALA C 62 24.28 53.71 9.88
N THR C 63 24.29 53.13 11.07
CA THR C 63 23.27 52.17 11.44
C THR C 63 21.89 52.83 11.45
N VAL C 64 20.90 52.11 10.92
CA VAL C 64 19.55 52.65 10.78
C VAL C 64 18.66 52.26 11.95
N LEU C 65 19.23 51.68 13.01
CA LEU C 65 18.47 51.29 14.19
C LEU C 65 19.02 52.01 15.42
N ASN C 66 18.12 52.28 16.37
CA ASN C 66 18.48 52.88 17.64
C ASN C 66 18.59 51.75 18.67
N LEU C 67 19.83 51.41 19.01
CA LEU C 67 20.07 50.23 19.84
C LEU C 67 19.48 50.37 21.24
N GLU C 68 19.63 51.56 21.85
CA GLU C 68 19.13 51.76 23.21
C GLU C 68 17.61 51.66 23.26
N HIS C 69 16.92 52.39 22.39
CA HIS C 69 15.47 52.33 22.36
C HIS C 69 14.97 50.93 22.06
N LEU C 70 15.61 50.25 21.11
CA LEU C 70 15.21 48.89 20.77
C LEU C 70 15.38 47.96 21.95
N LEU C 71 16.49 48.08 22.68
CA LEU C 71 16.67 47.29 23.90
C LEU C 71 15.61 47.62 24.94
N GLU C 72 15.10 48.86 24.92
CA GLU C 72 14.03 49.24 25.84
C GLU C 72 12.64 49.12 25.22
N TYR C 73 12.53 48.70 23.96
CA TYR C 73 11.24 48.62 23.27
C TYR C 73 10.64 47.23 23.50
N ALA C 74 9.59 47.16 24.31
CA ALA C 74 8.92 45.90 24.64
C ALA C 74 7.40 46.07 24.53
N PRO C 75 6.88 46.23 23.31
CA PRO C 75 5.44 46.33 23.15
C PRO C 75 4.75 45.00 23.38
N GLN C 76 3.49 45.06 23.80
CA GLN C 76 2.67 43.87 23.89
C GLN C 76 2.38 43.34 22.49
N GLN C 77 2.43 42.02 22.33
CA GLN C 77 2.31 41.41 21.01
C GLN C 77 0.94 41.67 20.40
N ILE C 78 -0.12 41.63 21.21
CA ILE C 78 -1.45 41.88 20.69
C ILE C 78 -1.66 43.34 20.31
N ASP C 79 -0.80 44.24 20.78
CA ASP C 79 -0.93 45.66 20.47
C ASP C 79 -0.36 46.03 19.11
N ILE C 80 0.46 45.17 18.50
CA ILE C 80 1.11 45.47 17.24
C ILE C 80 0.77 44.46 16.15
N SER C 81 -0.18 43.57 16.40
CA SER C 81 -0.62 42.61 15.40
C SER C 81 -1.68 43.24 14.51
N ASN C 82 -1.71 42.80 13.25
CA ASN C 82 -2.66 43.31 12.28
C ASN C 82 -3.89 42.41 12.16
N THR C 83 -4.02 41.38 12.99
CA THR C 83 -5.22 40.58 13.09
C THR C 83 -6.22 41.16 14.08
N ARG C 84 -5.89 42.29 14.68
CA ARG C 84 -6.76 42.97 15.63
C ARG C 84 -6.88 44.42 15.21
N ALA C 85 -8.09 44.98 15.34
CA ALA C 85 -8.31 46.37 14.97
C ALA C 85 -7.47 47.29 15.86
N THR C 86 -7.02 48.39 15.27
CA THR C 86 -6.22 49.35 16.02
C THR C 86 -7.09 50.05 17.07
N GLN C 87 -6.42 50.68 18.03
CA GLN C 87 -7.14 51.37 19.10
C GLN C 87 -8.01 52.49 18.55
N SER C 88 -7.52 53.20 17.54
CA SER C 88 -8.32 54.25 16.91
C SER C 88 -9.57 53.68 16.25
N GLN C 89 -9.43 52.55 15.54
CA GLN C 89 -10.58 51.92 14.92
C GLN C 89 -11.58 51.42 15.96
N PHE C 90 -11.07 50.88 17.07
CA PHE C 90 -11.95 50.43 18.14
C PHE C 90 -12.70 51.60 18.77
N ASP C 91 -12.02 52.72 18.99
CA ASP C 91 -12.70 53.90 19.53
C ASP C 91 -13.75 54.42 18.56
N THR C 92 -13.44 54.43 17.27
CA THR C 92 -14.41 54.87 16.28
C THR C 92 -15.65 53.98 16.30
N TRP C 93 -15.44 52.66 16.34
CA TRP C 93 -16.57 51.74 16.38
C TRP C 93 -17.40 51.91 17.65
N TYR C 94 -16.73 52.05 18.80
CA TYR C 94 -17.44 52.21 20.06
C TYR C 94 -18.25 53.50 20.08
N GLU C 95 -17.66 54.60 19.60
CA GLU C 95 -18.38 55.86 19.55
C GLU C 95 -19.56 55.80 18.58
N ALA C 96 -19.39 55.14 17.44
CA ALA C 96 -20.48 55.04 16.48
C ALA C 96 -21.62 54.21 17.05
N VAL C 97 -21.31 53.11 17.74
CA VAL C 97 -22.35 52.29 18.35
C VAL C 97 -23.06 53.06 19.45
N GLN C 98 -22.32 53.86 20.29
CA GLN C 98 -22.94 54.71 21.31
C GLN C 98 -23.90 55.71 20.68
N LEU C 99 -23.45 56.31 19.59
CA LEU C 99 -24.29 57.29 18.92
C LEU C 99 -25.55 56.66 18.36
N ALA C 100 -25.42 55.48 17.74
CA ALA C 100 -26.57 54.85 17.11
C ALA C 100 -27.56 54.33 18.14
N TYR C 101 -27.07 53.80 19.26
CA TYR C 101 -27.95 53.25 20.28
C TYR C 101 -28.56 54.30 21.19
N ASP C 102 -28.05 55.54 21.16
CA ASP C 102 -28.53 56.62 22.01
C ASP C 102 -28.47 56.22 23.49
N ILE C 103 -27.34 55.64 23.87
CA ILE C 103 -27.13 55.11 25.22
C ILE C 103 -25.99 55.91 25.86
N GLY C 104 -26.16 56.25 27.13
CA GLY C 104 -25.15 57.00 27.83
C GLY C 104 -23.91 56.17 28.12
N GLU C 105 -22.86 56.86 28.53
CA GLU C 105 -21.57 56.22 28.79
C GLU C 105 -21.59 55.33 30.03
N THR C 106 -22.65 55.38 30.83
CA THR C 106 -22.72 54.55 32.03
C THR C 106 -23.43 53.23 31.78
N GLU C 107 -24.47 53.23 30.94
CA GLU C 107 -25.17 52.00 30.59
C GLU C 107 -24.55 51.28 29.39
N MET C 108 -23.59 51.92 28.71
CA MET C 108 -22.98 51.30 27.54
C MET C 108 -22.19 50.04 27.86
N PRO C 109 -21.37 49.98 28.93
CA PRO C 109 -20.65 48.72 29.20
C PRO C 109 -21.54 47.51 29.44
N THR C 110 -22.74 47.69 29.98
CA THR C 110 -23.66 46.57 30.12
C THR C 110 -24.08 46.02 28.76
N VAL C 111 -24.39 46.92 27.83
CA VAL C 111 -24.72 46.52 26.47
C VAL C 111 -23.53 45.84 25.82
N MET C 112 -22.32 46.32 26.13
CA MET C 112 -21.11 45.68 25.61
C MET C 112 -20.94 44.27 26.15
N ASN C 113 -21.24 44.07 27.44
CA ASN C 113 -21.22 42.73 28.02
C ASN C 113 -22.17 41.80 27.29
N GLY C 114 -23.41 42.26 27.11
CA GLY C 114 -24.39 41.45 26.40
C GLY C 114 -23.97 41.12 25.00
N LEU C 115 -23.41 42.12 24.28
CA LEU C 115 -22.97 41.89 22.91
C LEU C 115 -21.80 40.91 22.86
N MET C 116 -20.88 41.00 23.81
CA MET C 116 -19.77 40.05 23.85
C MET C 116 -20.25 38.63 24.07
N VAL C 117 -21.20 38.44 24.98
CA VAL C 117 -21.74 37.10 25.21
C VAL C 117 -22.47 36.58 23.98
N TRP C 118 -23.28 37.44 23.35
CA TRP C 118 -23.99 37.05 22.14
C TRP C 118 -23.02 36.68 21.02
N CYS C 119 -21.91 37.42 20.90
CA CYS C 119 -20.95 37.12 19.85
C CYS C 119 -20.16 35.86 20.16
N ILE C 120 -19.93 35.57 21.44
CA ILE C 120 -19.37 34.26 21.81
C ILE C 120 -20.27 33.15 21.30
N GLU C 121 -21.58 33.32 21.50
CA GLU C 121 -22.50 32.25 21.11
C GLU C 121 -22.64 32.14 19.59
N ASN C 122 -22.79 33.25 18.89
CA ASN C 122 -23.29 33.23 17.52
C ASN C 122 -22.28 33.70 16.48
N GLY C 123 -21.07 34.05 16.87
CA GLY C 123 -20.05 34.44 15.91
C GLY C 123 -20.10 35.90 15.53
N THR C 124 -19.12 36.28 14.72
CA THR C 124 -18.91 37.67 14.30
C THR C 124 -18.73 37.76 12.80
N SER C 125 -19.55 37.04 12.04
CA SER C 125 -19.47 37.08 10.60
C SER C 125 -19.94 38.44 10.06
N PRO C 126 -19.38 38.90 8.94
CA PRO C 126 -19.86 40.14 8.34
C PRO C 126 -21.30 40.07 7.87
N ASN C 127 -21.84 38.87 7.68
CA ASN C 127 -23.19 38.67 7.15
C ASN C 127 -24.25 38.58 8.23
N ILE C 128 -23.88 38.63 9.51
CA ILE C 128 -24.89 38.59 10.56
C ILE C 128 -25.75 39.84 10.47
N ASN C 129 -27.05 39.65 10.66
CA ASN C 129 -28.01 40.74 10.51
C ASN C 129 -29.19 40.49 11.43
N GLY C 130 -30.12 41.42 11.44
CA GLY C 130 -31.28 41.32 12.31
C GLY C 130 -31.02 42.00 13.64
N VAL C 131 -31.22 41.27 14.72
CA VAL C 131 -30.99 41.79 16.07
C VAL C 131 -30.21 40.77 16.87
N TRP C 132 -29.52 41.26 17.90
CA TRP C 132 -28.98 40.41 18.95
C TRP C 132 -29.78 40.67 20.22
N VAL C 133 -29.63 39.77 21.20
CA VAL C 133 -30.50 39.75 22.35
C VAL C 133 -29.68 39.80 23.64
N MET C 134 -30.19 40.56 24.61
CA MET C 134 -29.70 40.58 25.98
C MET C 134 -30.76 39.99 26.90
N MET C 135 -30.32 39.26 27.91
CA MET C 135 -31.23 38.61 28.85
C MET C 135 -31.29 39.45 30.12
N CYS C 136 -32.24 40.38 30.16
CA CYS C 136 -32.47 41.22 31.34
C CYS C 136 -33.35 40.42 32.29
N GLY C 137 -32.71 39.72 33.22
CA GLY C 137 -33.42 38.81 34.08
C GLY C 137 -34.07 37.69 33.29
N ASP C 138 -35.40 37.63 33.30
CA ASP C 138 -36.14 36.67 32.50
C ASP C 138 -36.68 37.27 31.21
N GLU C 139 -36.41 38.54 30.94
CA GLU C 139 -36.91 39.22 29.75
C GLU C 139 -35.83 39.31 28.68
N GLN C 140 -36.27 39.40 27.44
CA GLN C 140 -35.37 39.44 26.28
C GLN C 140 -35.45 40.82 25.64
N VAL C 141 -34.30 41.50 25.57
CA VAL C 141 -34.20 42.82 24.97
C VAL C 141 -33.46 42.69 23.65
N GLU C 142 -34.03 43.26 22.59
CA GLU C 142 -33.48 43.14 21.25
C GLU C 142 -32.79 44.43 20.85
N TYR C 143 -31.55 44.32 20.39
CA TYR C 143 -30.75 45.43 19.91
C TYR C 143 -30.43 45.22 18.44
N PRO C 144 -30.60 46.23 17.59
CA PRO C 144 -30.27 46.07 16.17
C PRO C 144 -28.79 45.79 15.98
N LEU C 145 -28.49 44.91 15.02
CA LEU C 145 -27.12 44.53 14.71
C LEU C 145 -26.48 45.43 13.66
N LYS C 146 -27.27 46.26 12.97
CA LYS C 146 -26.71 47.11 11.92
C LYS C 146 -25.62 48.06 12.42
N PRO C 147 -25.81 48.82 13.50
CA PRO C 147 -24.71 49.67 13.99
C PRO C 147 -23.48 48.88 14.38
N ILE C 148 -23.66 47.67 14.90
CA ILE C 148 -22.52 46.87 15.35
C ILE C 148 -21.66 46.46 14.16
N VAL C 149 -22.28 46.08 13.06
CA VAL C 149 -21.54 45.52 11.93
C VAL C 149 -21.09 46.59 10.95
N GLU C 150 -21.90 47.62 10.70
CA GLU C 150 -21.55 48.59 9.68
C GLU C 150 -20.43 49.54 10.11
N ASN C 151 -20.17 49.66 11.41
CA ASN C 151 -19.15 50.56 11.92
C ASN C 151 -17.88 49.85 12.35
N ALA C 152 -17.81 48.52 12.20
CA ALA C 152 -16.66 47.75 12.63
C ALA C 152 -15.65 47.70 11.50
N LYS C 153 -14.49 48.33 11.71
CA LYS C 153 -13.44 48.37 10.71
C LYS C 153 -12.14 47.83 11.30
N PRO C 154 -11.38 47.04 10.53
CA PRO C 154 -11.67 46.60 9.16
C PRO C 154 -12.78 45.54 9.10
N THR C 155 -12.90 44.70 10.11
CA THR C 155 -13.97 43.71 10.19
C THR C 155 -14.52 43.69 11.61
N LEU C 156 -15.67 43.04 11.76
CA LEU C 156 -16.24 42.86 13.10
C LEU C 156 -15.42 41.89 13.92
N ARG C 157 -14.82 40.89 13.28
CA ARG C 157 -13.96 39.95 14.01
C ARG C 157 -12.75 40.65 14.60
N GLN C 158 -12.14 41.57 13.85
CA GLN C 158 -10.99 42.31 14.37
C GLN C 158 -11.40 43.22 15.53
N ILE C 159 -12.60 43.78 15.47
CA ILE C 159 -13.09 44.60 16.58
C ILE C 159 -13.33 43.74 17.82
N MET C 160 -14.02 42.62 17.65
CA MET C 160 -14.33 41.75 18.78
C MET C 160 -13.11 41.02 19.32
N ALA C 161 -12.00 40.98 18.55
CA ALA C 161 -10.76 40.43 19.07
C ALA C 161 -10.28 41.15 20.33
N HIS C 162 -10.68 42.41 20.51
CA HIS C 162 -10.36 43.12 21.75
C HIS C 162 -11.04 42.50 22.96
N PHE C 163 -12.08 41.70 22.74
CA PHE C 163 -12.84 41.08 23.81
C PHE C 163 -12.42 39.62 24.07
N SER C 164 -11.33 39.17 23.45
CA SER C 164 -11.04 37.73 23.42
C SER C 164 -10.68 37.21 24.82
N ASP C 165 -9.81 37.92 25.58
CA ASP C 165 -9.42 37.47 26.91
C ASP C 165 -10.63 37.46 27.85
N VAL C 166 -11.48 38.50 27.78
CA VAL C 166 -12.66 38.54 28.62
C VAL C 166 -13.63 37.43 28.24
N ALA C 167 -13.75 37.13 26.95
CA ALA C 167 -14.62 36.06 26.50
C ALA C 167 -14.15 34.71 27.03
N GLU C 168 -12.84 34.46 26.97
CA GLU C 168 -12.29 33.22 27.50
C GLU C 168 -12.53 33.11 28.99
N ALA C 169 -12.30 34.20 29.73
CA ALA C 169 -12.54 34.18 31.17
C ALA C 169 -14.01 33.94 31.48
N TYR C 170 -14.91 34.57 30.71
CA TYR C 170 -16.34 34.39 30.93
C TYR C 170 -16.76 32.96 30.66
N ILE C 171 -16.23 32.34 29.60
CA ILE C 171 -16.58 30.95 29.31
C ILE C 171 -16.09 30.04 30.43
N GLU C 172 -14.90 30.26 30.96
CA GLU C 172 -14.42 29.46 32.08
C GLU C 172 -15.30 29.65 33.31
N MET C 173 -15.67 30.91 33.58
CA MET C 173 -16.53 31.18 34.73
C MET C 173 -17.89 30.48 34.60
N ARG C 174 -18.50 30.55 33.41
CA ARG C 174 -19.77 29.88 33.21
C ARG C 174 -19.64 28.37 33.32
N ASN C 175 -18.53 27.81 32.82
CA ASN C 175 -18.31 26.38 32.94
C ASN C 175 -18.04 25.96 34.38
N LYS C 176 -17.65 26.88 35.26
CA LYS C 176 -17.51 26.51 36.66
C LYS C 176 -18.82 26.12 37.32
N LYS C 177 -19.96 26.58 36.79
CA LYS C 177 -21.26 26.32 37.41
C LYS C 177 -22.15 25.38 36.61
N GLU C 178 -21.88 25.20 35.36
CA GLU C 178 -22.71 24.33 34.54
C GLU C 178 -21.99 24.01 33.23
N PRO C 179 -22.41 22.94 32.48
CA PRO C 179 -21.83 22.68 31.15
C PRO C 179 -22.16 23.82 30.20
N TYR C 180 -21.10 24.50 29.74
CA TYR C 180 -21.25 25.70 28.91
C TYR C 180 -20.25 25.62 27.76
N MET C 181 -20.69 25.07 26.64
CA MET C 181 -19.91 25.09 25.41
C MET C 181 -20.56 26.09 24.45
N PRO C 182 -19.81 27.09 23.98
CA PRO C 182 -20.40 28.06 23.05
C PRO C 182 -20.94 27.38 21.81
N ARG C 183 -22.02 27.96 21.27
CA ARG C 183 -22.68 27.36 20.10
C ARG C 183 -21.72 27.21 18.93
N TYR C 184 -20.69 28.06 18.86
CA TYR C 184 -19.65 27.87 17.85
C TYR C 184 -18.96 26.53 18.01
N GLY C 185 -18.62 26.16 19.24
CA GLY C 185 -17.99 24.87 19.49
C GLY C 185 -18.93 23.70 19.32
N LEU C 186 -20.24 23.92 19.41
CA LEU C 186 -21.21 22.88 19.11
C LEU C 186 -21.35 22.67 17.61
N VAL C 187 -21.28 23.75 16.83
CA VAL C 187 -21.30 23.62 15.38
C VAL C 187 -20.03 22.95 14.88
N ARG C 188 -18.90 23.27 15.49
CA ARG C 188 -17.63 22.65 15.09
C ARG C 188 -17.49 21.22 15.60
N ASN C 189 -18.44 20.74 16.40
CA ASN C 189 -18.43 19.38 16.93
C ASN C 189 -17.14 19.10 17.72
N LEU C 190 -16.74 20.07 18.54
CA LEU C 190 -15.59 19.88 19.42
C LEU C 190 -15.99 18.97 20.58
N ARG C 191 -15.32 17.83 20.69
CA ARG C 191 -15.69 16.78 21.63
C ARG C 191 -15.01 16.91 22.98
N ASP C 192 -14.21 17.95 23.20
CA ASP C 192 -13.53 18.18 24.47
C ASP C 192 -14.16 19.37 25.17
N GLY C 193 -14.65 19.15 26.40
CA GLY C 193 -15.27 20.23 27.14
C GLY C 193 -14.28 21.16 27.80
N SER C 194 -13.05 20.69 28.04
CA SER C 194 -12.03 21.53 28.65
C SER C 194 -11.48 22.55 27.66
N LEU C 195 -11.77 22.41 26.38
CA LEU C 195 -11.37 23.38 25.37
C LEU C 195 -12.47 24.36 25.02
N ALA C 196 -13.55 24.41 25.80
CA ALA C 196 -14.66 25.32 25.50
C ALA C 196 -14.24 26.78 25.58
N ARG C 197 -13.22 27.09 26.38
CA ARG C 197 -12.80 28.47 26.56
C ARG C 197 -12.17 29.09 25.31
N TYR C 198 -11.84 28.29 24.30
CA TYR C 198 -11.27 28.79 23.07
C TYR C 198 -12.20 28.60 21.87
N ALA C 199 -13.42 28.10 22.10
CA ALA C 199 -14.30 27.69 21.00
C ALA C 199 -15.24 28.83 20.60
N PHE C 200 -14.65 29.95 20.20
CA PHE C 200 -15.41 31.02 19.56
C PHE C 200 -14.57 31.57 18.40
N ASP C 201 -15.24 32.16 17.42
CA ASP C 201 -14.57 32.47 16.16
C ASP C 201 -13.75 33.76 16.20
N PHE C 202 -13.90 34.59 17.23
CA PHE C 202 -13.06 35.78 17.35
C PHE C 202 -11.96 35.62 18.41
N TYR C 203 -11.65 34.38 18.79
CA TYR C 203 -10.57 34.14 19.73
C TYR C 203 -9.24 34.48 19.09
N GLU C 204 -8.39 35.17 19.84
CA GLU C 204 -7.08 35.61 19.37
C GLU C 204 -6.00 34.73 19.97
N VAL C 205 -5.25 34.05 19.10
CA VAL C 205 -4.17 33.18 19.54
C VAL C 205 -2.97 34.05 19.93
N THR C 206 -2.42 33.79 21.11
CA THR C 206 -1.27 34.53 21.64
C THR C 206 -0.15 33.56 21.96
N SER C 207 0.95 34.11 22.46
CA SER C 207 2.08 33.29 22.86
C SER C 207 1.80 32.48 24.11
N ARG C 208 0.74 32.82 24.85
CA ARG C 208 0.36 32.11 26.06
C ARG C 208 -0.71 31.06 25.81
N THR C 209 -1.24 30.98 24.60
CA THR C 209 -2.22 29.95 24.27
C THR C 209 -1.55 28.57 24.31
N PRO C 210 -2.15 27.60 25.00
CA PRO C 210 -1.55 26.25 25.03
C PRO C 210 -1.51 25.63 23.63
N VAL C 211 -0.49 24.79 23.42
CA VAL C 211 -0.26 24.21 22.11
C VAL C 211 -1.47 23.39 21.66
N ARG C 212 -2.05 22.61 22.58
CA ARG C 212 -3.24 21.84 22.25
C ARG C 212 -4.41 22.75 21.90
N ALA C 213 -4.58 23.84 22.64
CA ALA C 213 -5.63 24.79 22.33
C ALA C 213 -5.40 25.45 20.98
N ARG C 214 -4.14 25.77 20.67
CA ARG C 214 -3.83 26.37 19.37
C ARG C 214 -4.15 25.40 18.24
N GLU C 215 -3.79 24.13 18.41
CA GLU C 215 -4.12 23.14 17.39
C GLU C 215 -5.63 23.00 17.21
N ALA C 216 -6.37 22.94 18.32
CA ALA C 216 -7.82 22.81 18.22
C ALA C 216 -8.44 24.03 17.54
N HIS C 217 -7.97 25.23 17.88
CA HIS C 217 -8.51 26.43 17.26
C HIS C 217 -8.20 26.49 15.77
N ILE C 218 -6.99 26.09 15.38
CA ILE C 218 -6.65 26.12 13.95
C ILE C 218 -7.47 25.08 13.19
N GLN C 219 -7.66 23.90 13.78
CA GLN C 219 -8.50 22.90 13.12
C GLN C 219 -9.94 23.38 13.00
N MET C 220 -10.47 24.05 14.03
CA MET C 220 -11.82 24.58 13.95
C MET C 220 -11.95 25.64 12.87
N LYS C 221 -10.95 26.53 12.77
CA LYS C 221 -10.97 27.56 11.73
C LYS C 221 -10.92 26.93 10.34
N ALA C 222 -10.06 25.92 10.15
CA ALA C 222 -9.98 25.25 8.86
C ALA C 222 -11.29 24.55 8.51
N ALA C 223 -11.92 23.90 9.49
CA ALA C 223 -13.20 23.24 9.24
C ALA C 223 -14.29 24.24 8.91
N ALA C 224 -14.31 25.39 9.60
CA ALA C 224 -15.35 26.37 9.37
C ALA C 224 -15.19 27.08 8.04
N LEU C 225 -13.96 27.42 7.66
CA LEU C 225 -13.75 28.15 6.41
C LEU C 225 -13.91 27.25 5.19
N LYS C 226 -13.54 25.97 5.31
CA LYS C 226 -13.64 24.98 4.23
C LYS C 226 -12.81 25.48 3.05
N SER C 227 -13.36 25.54 1.84
CA SER C 227 -12.64 26.00 0.66
C SER C 227 -13.31 27.24 0.08
N ALA C 228 -13.73 28.16 0.94
CA ALA C 228 -14.39 29.37 0.49
C ALA C 228 -13.41 30.28 -0.24
N GLN C 229 -13.80 30.70 -1.45
CA GLN C 229 -12.98 31.58 -2.27
C GLN C 229 -13.66 32.94 -2.39
N SER C 230 -12.85 33.96 -2.14
CA SER C 230 -13.35 35.31 -2.18
C SER C 230 -13.45 35.87 -3.56
N ARG C 231 -14.57 36.51 -3.82
CA ARG C 231 -14.78 37.20 -5.09
C ARG C 231 -14.61 38.70 -4.86
N LEU C 232 -13.73 39.42 -5.64
CA LEU C 232 -13.47 40.85 -5.48
C LEU C 232 -14.62 41.71 -5.95
N PHE C 233 -15.47 41.20 -6.84
CA PHE C 233 -16.52 42.01 -7.45
C PHE C 233 -17.84 41.25 -7.44
N GLY C 234 -18.93 42.01 -7.38
CA GLY C 234 -20.24 41.51 -7.66
C GLY C 234 -20.70 41.89 -9.06
N LEU C 235 -22.00 41.85 -9.28
CA LEU C 235 -22.53 42.30 -10.56
C LEU C 235 -22.35 43.81 -10.69
N ASP C 236 -21.83 44.24 -11.83
CA ASP C 236 -21.56 45.66 -12.05
C ASP C 236 -22.87 46.45 -12.08
N GLY C 237 -22.84 47.63 -11.44
CA GLY C 237 -24.03 48.45 -11.32
C GLY C 237 -24.41 49.20 -12.58
N GLY C 238 -23.51 49.29 -13.56
CA GLY C 238 -23.87 49.86 -14.84
C GLY C 238 -24.78 48.92 -15.60
N ILE C 239 -26.06 49.26 -15.72
CA ILE C 239 -27.04 48.33 -16.28
C ILE C 239 -27.17 48.51 -17.78
N SER C 240 -27.28 49.75 -18.25
CA SER C 240 -27.51 50.00 -19.68
C SER C 240 -26.34 49.50 -20.51
N THR C 241 -26.65 48.69 -21.53
CA THR C 241 -25.66 48.22 -22.47
C THR C 241 -25.87 48.75 -23.88
N GLN C 242 -27.10 49.14 -24.24
CA GLN C 242 -27.39 49.69 -25.54
C GLN C 242 -27.01 51.17 -25.60
N GLU C 243 -27.11 51.74 -26.79
CA GLU C 243 -26.88 53.16 -27.01
C GLU C 243 -28.20 53.89 -27.14
N GLU C 244 -28.25 55.11 -26.63
CA GLU C 244 -29.49 55.89 -26.68
C GLU C 244 -29.84 56.23 -28.12
N ASN C 245 -31.13 56.11 -28.43
CA ASN C 245 -31.65 56.44 -29.76
C ASN C 245 -31.92 57.93 -29.83
N THR C 246 -31.08 58.65 -30.58
CA THR C 246 -31.22 60.09 -30.73
C THR C 246 -31.91 60.48 -32.02
N GLU C 247 -32.37 59.52 -32.81
CA GLU C 247 -32.94 59.82 -34.11
C GLU C 247 -34.32 60.46 -33.98
N ARG C 248 -34.58 61.42 -34.86
CA ARG C 248 -35.87 62.10 -34.90
C ARG C 248 -36.94 61.16 -35.43
N HIS C 249 -38.20 61.60 -35.31
CA HIS C 249 -39.33 60.85 -35.85
C HIS C 249 -40.40 61.86 -36.26
N THR C 250 -40.64 61.97 -37.56
CA THR C 250 -41.58 62.93 -38.10
C THR C 250 -42.74 62.19 -38.77
N THR C 251 -43.81 62.95 -39.08
CA THR C 251 -44.96 62.38 -39.75
C THR C 251 -44.69 62.04 -41.21
N GLU C 252 -43.56 62.46 -41.76
CA GLU C 252 -43.17 62.06 -43.11
C GLU C 252 -42.55 60.68 -43.16
N ASP C 253 -42.17 60.11 -42.02
CA ASP C 253 -41.54 58.80 -42.01
C ASP C 253 -42.52 57.72 -42.47
N VAL C 254 -42.02 56.81 -43.30
CA VAL C 254 -42.85 55.72 -43.79
C VAL C 254 -43.23 54.77 -42.64
N SER C 255 -42.39 54.67 -41.62
CA SER C 255 -42.63 53.81 -40.49
C SER C 255 -41.88 54.36 -39.30
N PRO C 256 -42.18 53.90 -38.08
CA PRO C 256 -41.45 54.39 -36.90
C PRO C 256 -39.95 54.07 -36.93
N SER C 257 -39.52 53.12 -37.76
CA SER C 257 -38.11 52.72 -37.78
C SER C 257 -37.40 53.08 -39.09
N MET C 258 -38.13 53.46 -40.13
CA MET C 258 -37.53 53.80 -41.42
C MET C 258 -38.02 55.17 -41.85
N HIS C 259 -37.08 56.06 -42.20
CA HIS C 259 -37.46 57.38 -42.70
C HIS C 259 -38.10 57.28 -44.08
N THR C 260 -37.46 56.55 -44.99
CA THR C 260 -37.95 56.39 -46.35
C THR C 260 -37.62 54.99 -46.85
N LEU C 261 -37.93 54.73 -48.11
CA LEU C 261 -37.64 53.50 -48.82
C LEU C 261 -36.92 53.82 -50.12
N LEU C 262 -35.86 54.63 -50.03
CA LEU C 262 -35.31 55.31 -51.21
C LEU C 262 -34.89 54.32 -52.29
N GLY C 263 -34.04 53.36 -51.98
CA GLY C 263 -33.56 52.51 -53.06
C GLY C 263 -34.51 51.44 -53.54
N VAL C 264 -35.69 51.39 -52.97
CA VAL C 264 -36.61 50.32 -53.30
C VAL C 264 -37.23 50.45 -54.67
N LYS C 265 -37.20 49.36 -55.42
CA LYS C 265 -37.83 49.32 -56.75
C LYS C 265 -39.06 48.43 -56.67
N ASN C 266 -40.19 48.90 -57.20
CA ASN C 266 -41.43 48.14 -57.20
C ASN C 266 -41.33 46.90 -58.09
N MET C 267 -40.61 46.96 -59.22
CA MET C 267 -40.45 45.80 -60.10
C MET C 267 -39.03 45.72 -60.64
N VAL D 44 96.96 -33.17 40.75
CA VAL D 44 96.16 -33.67 39.64
C VAL D 44 95.44 -32.50 38.95
N PRO D 45 95.25 -32.62 37.64
CA PRO D 45 94.60 -31.53 36.90
C PRO D 45 93.14 -31.36 37.30
N ARG D 46 92.65 -30.14 37.12
CA ARG D 46 91.27 -29.79 37.45
C ARG D 46 90.42 -29.83 36.19
N ILE D 47 89.18 -30.29 36.34
CA ILE D 47 88.27 -30.45 35.22
C ILE D 47 87.49 -29.15 35.01
N LYS D 48 87.45 -28.69 33.76
CA LYS D 48 86.67 -27.51 33.43
C LYS D 48 85.18 -27.80 33.49
N ALA D 49 84.41 -26.78 33.89
CA ALA D 49 82.97 -26.94 34.02
C ALA D 49 82.32 -27.24 32.67
N ILE D 50 82.48 -26.32 31.72
CA ILE D 50 81.96 -26.50 30.36
C ILE D 50 83.16 -26.60 29.42
N THR D 51 83.48 -27.82 29.01
CA THR D 51 84.63 -28.07 28.16
C THR D 51 84.20 -28.20 26.70
N SER D 52 85.18 -28.37 25.82
CA SER D 52 84.91 -28.60 24.40
C SER D 52 84.61 -30.06 24.09
N LYS D 53 84.84 -30.97 25.04
CA LYS D 53 84.52 -32.37 24.80
C LYS D 53 83.02 -32.58 24.64
N MET D 54 82.26 -31.80 25.39
CA MET D 54 80.82 -31.87 25.30
C MET D 54 80.36 -31.27 23.99
N ARG D 55 79.21 -31.70 23.52
CA ARG D 55 78.68 -31.19 22.26
C ARG D 55 78.09 -29.82 22.34
N MET D 56 78.50 -28.96 21.43
CA MET D 56 77.99 -27.61 21.36
C MET D 56 77.14 -27.42 20.12
N PRO D 57 76.19 -26.49 20.14
CA PRO D 57 75.42 -26.21 18.91
C PRO D 57 76.33 -25.58 17.85
N LYS D 58 76.35 -26.19 16.67
CA LYS D 58 77.23 -25.76 15.59
C LYS D 58 76.41 -25.43 14.35
N SER D 59 76.83 -24.38 13.66
CA SER D 59 76.22 -23.99 12.39
C SER D 59 77.31 -23.78 11.36
N LYS D 60 77.18 -24.45 10.22
CA LYS D 60 78.16 -24.37 9.12
C LYS D 60 79.57 -24.71 9.61
N GLY D 61 79.66 -25.76 10.41
CA GLY D 61 80.97 -26.21 10.90
C GLY D 61 81.65 -25.21 11.81
N ALA D 62 80.90 -24.63 12.75
CA ALA D 62 81.46 -23.68 13.69
C ALA D 62 80.52 -23.55 14.88
N THR D 63 81.07 -23.70 16.08
CA THR D 63 80.27 -23.56 17.29
C THR D 63 79.69 -22.16 17.39
N VAL D 64 78.42 -22.09 17.80
CA VAL D 64 77.71 -20.83 17.87
C VAL D 64 77.76 -20.20 19.25
N LEU D 65 78.58 -20.76 20.15
CA LEU D 65 78.73 -20.24 21.50
C LEU D 65 80.17 -19.85 21.77
N ASN D 66 80.34 -18.82 22.60
CA ASN D 66 81.65 -18.37 23.04
C ASN D 66 81.93 -18.99 24.40
N LEU D 67 82.80 -20.02 24.41
CA LEU D 67 83.00 -20.80 25.63
C LEU D 67 83.61 -19.97 26.75
N GLU D 68 84.60 -19.12 26.43
CA GLU D 68 85.27 -18.34 27.46
C GLU D 68 84.32 -17.34 28.11
N HIS D 69 83.60 -16.56 27.29
CA HIS D 69 82.65 -15.59 27.82
C HIS D 69 81.55 -16.29 28.62
N LEU D 70 81.05 -17.42 28.12
CA LEU D 70 80.01 -18.14 28.83
C LEU D 70 80.51 -18.64 30.19
N LEU D 71 81.73 -19.15 30.23
CA LEU D 71 82.31 -19.55 31.51
C LEU D 71 82.49 -18.35 32.43
N GLU D 72 82.66 -17.16 31.87
CA GLU D 72 82.75 -15.94 32.68
C GLU D 72 81.42 -15.21 32.81
N TYR D 73 80.35 -15.70 32.19
CA TYR D 73 79.05 -15.02 32.22
C TYR D 73 78.26 -15.51 33.42
N ALA D 74 78.10 -14.64 34.42
CA ALA D 74 77.37 -14.98 35.65
C ALA D 74 76.42 -13.84 36.01
N PRO D 75 75.36 -13.65 35.24
CA PRO D 75 74.38 -12.61 35.58
C PRO D 75 73.55 -13.00 36.79
N GLN D 76 73.07 -11.98 37.49
CA GLN D 76 72.11 -12.22 38.56
C GLN D 76 70.78 -12.70 37.97
N GLN D 77 70.17 -13.68 38.65
CA GLN D 77 68.97 -14.31 38.10
C GLN D 77 67.81 -13.32 38.00
N ILE D 78 67.68 -12.43 38.98
CA ILE D 78 66.60 -11.45 38.94
C ILE D 78 66.82 -10.40 37.86
N ASP D 79 68.05 -10.27 37.36
CA ASP D 79 68.35 -9.27 36.33
C ASP D 79 67.96 -9.72 34.93
N ILE D 80 67.71 -11.02 34.72
CA ILE D 80 67.43 -11.54 33.40
C ILE D 80 66.07 -12.24 33.33
N SER D 81 65.27 -12.14 34.40
CA SER D 81 63.94 -12.72 34.41
C SER D 81 62.94 -11.76 33.77
N ASN D 82 61.92 -12.32 33.14
CA ASN D 82 60.88 -11.53 32.48
C ASN D 82 59.66 -11.32 33.36
N THR D 83 59.70 -11.77 34.62
CA THR D 83 58.67 -11.46 35.60
C THR D 83 58.95 -10.15 36.33
N ARG D 84 60.02 -9.45 35.96
CA ARG D 84 60.39 -8.18 36.56
C ARG D 84 60.63 -7.19 35.43
N ALA D 85 60.20 -5.95 35.63
CA ALA D 85 60.39 -4.92 34.61
C ALA D 85 61.88 -4.67 34.40
N THR D 86 62.24 -4.36 33.16
CA THR D 86 63.63 -4.08 32.84
C THR D 86 64.07 -2.77 33.49
N GLN D 87 65.38 -2.58 33.55
CA GLN D 87 65.92 -1.37 34.18
C GLN D 87 65.47 -0.12 33.41
N SER D 88 65.42 -0.20 32.08
CA SER D 88 64.93 0.93 31.30
C SER D 88 63.48 1.25 31.62
N GLN D 89 62.64 0.22 31.73
CA GLN D 89 61.23 0.44 32.07
C GLN D 89 61.10 1.03 33.47
N PHE D 90 61.91 0.55 34.41
CA PHE D 90 61.88 1.09 35.77
C PHE D 90 62.30 2.57 35.79
N ASP D 91 63.35 2.91 35.04
CA ASP D 91 63.77 4.31 34.96
C ASP D 91 62.69 5.17 34.34
N THR D 92 62.04 4.67 33.29
CA THR D 92 60.96 5.42 32.67
C THR D 92 59.82 5.67 33.66
N TRP D 93 59.43 4.63 34.41
CA TRP D 93 58.37 4.79 35.38
C TRP D 93 58.76 5.77 36.48
N TYR D 94 59.99 5.65 36.99
CA TYR D 94 60.45 6.54 38.05
C TYR D 94 60.49 7.99 37.59
N GLU D 95 60.99 8.24 36.37
CA GLU D 95 61.03 9.59 35.84
C GLU D 95 59.63 10.14 35.62
N ALA D 96 58.71 9.31 35.12
CA ALA D 96 57.35 9.78 34.89
C ALA D 96 56.66 10.13 36.20
N VAL D 97 56.86 9.32 37.24
CA VAL D 97 56.27 9.61 38.54
C VAL D 97 56.87 10.88 39.13
N GLN D 98 58.22 11.10 38.99
CA GLN D 98 58.86 12.34 39.42
C GLN D 98 58.25 13.55 38.73
N LEU D 99 58.07 13.40 37.42
CA LEU D 99 57.51 14.51 36.66
C LEU D 99 56.08 14.82 37.09
N ALA D 100 55.27 13.78 37.30
CA ALA D 100 53.87 14.00 37.64
C ALA D 100 53.71 14.57 39.04
N TYR D 101 54.54 14.11 39.98
CA TYR D 101 54.43 14.58 41.36
C TYR D 101 55.08 15.94 41.60
N ASP D 102 55.89 16.42 40.66
CA ASP D 102 56.61 17.68 40.80
C ASP D 102 57.45 17.70 42.08
N ILE D 103 58.17 16.60 42.30
CA ILE D 103 58.97 16.40 43.50
C ILE D 103 60.43 16.30 43.08
N GLY D 104 61.31 16.95 43.84
CA GLY D 104 62.72 16.91 43.54
C GLY D 104 63.33 15.55 43.80
N GLU D 105 64.56 15.39 43.30
CA GLU D 105 65.27 14.13 43.41
C GLU D 105 65.71 13.80 44.82
N THR D 106 65.59 14.75 45.76
CA THR D 106 65.99 14.49 47.14
C THR D 106 64.82 14.03 48.01
N GLU D 107 63.62 14.55 47.78
CA GLU D 107 62.45 14.11 48.50
C GLU D 107 61.75 12.92 47.85
N MET D 108 62.16 12.55 46.65
CA MET D 108 61.52 11.44 45.95
C MET D 108 61.70 10.09 46.65
N PRO D 109 62.89 9.73 47.16
CA PRO D 109 63.01 8.42 47.85
C PRO D 109 62.10 8.27 49.06
N THR D 110 61.77 9.34 49.77
CA THR D 110 60.83 9.24 50.88
C THR D 110 59.44 8.85 50.37
N VAL D 111 59.01 9.47 49.27
CA VAL D 111 57.74 9.11 48.66
C VAL D 111 57.78 7.67 48.17
N MET D 112 58.94 7.24 47.67
CA MET D 112 59.08 5.84 47.25
C MET D 112 58.96 4.89 48.42
N ASN D 113 59.54 5.24 49.57
CA ASN D 113 59.39 4.44 50.78
C ASN D 113 57.92 4.30 51.15
N GLY D 114 57.21 5.43 51.20
CA GLY D 114 55.79 5.40 51.52
C GLY D 114 55.00 4.55 50.55
N LEU D 115 55.28 4.69 49.25
CA LEU D 115 54.56 3.92 48.24
C LEU D 115 54.85 2.44 48.37
N MET D 116 56.10 2.07 48.67
CA MET D 116 56.43 0.67 48.86
C MET D 116 55.68 0.07 50.04
N VAL D 117 55.61 0.80 51.15
CA VAL D 117 54.87 0.30 52.31
C VAL D 117 53.38 0.17 52.00
N TRP D 118 52.81 1.19 51.32
CA TRP D 118 51.41 1.14 50.94
C TRP D 118 51.13 -0.04 50.02
N CYS D 119 52.04 -0.33 49.09
CA CYS D 119 51.84 -1.44 48.16
C CYS D 119 52.02 -2.78 48.85
N ILE D 120 52.88 -2.85 49.87
CA ILE D 120 52.94 -4.05 50.70
C ILE D 120 51.57 -4.29 51.34
N GLU D 121 50.95 -3.24 51.84
CA GLU D 121 49.67 -3.42 52.53
C GLU D 121 48.53 -3.75 51.56
N ASN D 122 48.44 -3.03 50.44
CA ASN D 122 47.22 -3.01 49.65
C ASN D 122 47.35 -3.62 48.27
N GLY D 123 48.53 -4.12 47.90
CA GLY D 123 48.69 -4.78 46.62
C GLY D 123 49.02 -3.83 45.48
N THR D 124 49.26 -4.44 44.32
CA THR D 124 49.69 -3.72 43.12
C THR D 124 48.85 -4.13 41.92
N SER D 125 47.54 -4.21 42.10
CA SER D 125 46.65 -4.58 41.02
C SER D 125 46.57 -3.44 39.99
N PRO D 126 46.37 -3.76 38.71
CA PRO D 126 46.19 -2.71 37.71
C PRO D 126 44.94 -1.87 37.93
N ASN D 127 43.98 -2.36 38.71
CA ASN D 127 42.71 -1.68 38.93
C ASN D 127 42.71 -0.77 40.14
N ILE D 128 43.81 -0.71 40.90
CA ILE D 128 43.86 0.20 42.04
C ILE D 128 43.77 1.64 41.53
N ASN D 129 43.00 2.46 42.25
CA ASN D 129 42.76 3.83 41.83
C ASN D 129 42.52 4.67 43.08
N GLY D 130 42.32 5.96 42.87
CA GLY D 130 42.13 6.89 43.96
C GLY D 130 43.45 7.47 44.41
N VAL D 131 43.74 7.37 45.70
CA VAL D 131 44.98 7.86 46.27
C VAL D 131 45.58 6.79 47.17
N TRP D 132 46.89 6.89 47.37
CA TRP D 132 47.58 6.18 48.44
C TRP D 132 48.02 7.19 49.48
N VAL D 133 48.39 6.68 50.67
CA VAL D 133 48.59 7.55 51.82
C VAL D 133 49.96 7.29 52.42
N MET D 134 50.61 8.38 52.85
CA MET D 134 51.83 8.37 53.63
C MET D 134 51.52 8.91 55.03
N MET D 135 52.15 8.33 56.04
CA MET D 135 51.94 8.72 57.42
C MET D 135 53.08 9.63 57.86
N CYS D 136 52.90 10.93 57.67
CA CYS D 136 53.88 11.94 58.10
C CYS D 136 53.63 12.20 59.57
N GLY D 137 54.35 11.49 60.43
CA GLY D 137 54.09 11.56 61.85
C GLY D 137 52.70 11.05 62.18
N ASP D 138 51.84 11.94 62.69
CA ASP D 138 50.45 11.60 62.96
C ASP D 138 49.51 12.11 61.87
N GLU D 139 50.04 12.73 60.82
CA GLU D 139 49.22 13.27 59.75
C GLU D 139 49.23 12.35 58.54
N GLN D 140 48.17 12.43 57.75
CA GLN D 140 47.98 11.57 56.58
C GLN D 140 48.09 12.43 55.31
N VAL D 141 49.04 12.09 54.45
CA VAL D 141 49.27 12.79 53.19
C VAL D 141 48.81 11.90 52.05
N GLU D 142 47.99 12.44 51.16
CA GLU D 142 47.40 11.68 50.08
C GLU D 142 48.11 12.00 48.76
N TYR D 143 48.53 10.95 48.06
CA TYR D 143 49.17 11.06 46.77
C TYR D 143 48.32 10.36 45.72
N PRO D 144 48.08 10.99 44.57
CA PRO D 144 47.28 10.33 43.54
C PRO D 144 47.96 9.06 43.02
N LEU D 145 47.16 8.04 42.76
CA LEU D 145 47.67 6.76 42.26
C LEU D 145 47.74 6.70 40.75
N LYS D 146 47.14 7.66 40.04
CA LYS D 146 47.15 7.62 38.57
C LYS D 146 48.55 7.63 37.98
N PRO D 147 49.46 8.53 38.38
CA PRO D 147 50.82 8.46 37.82
C PRO D 147 51.54 7.16 38.13
N ILE D 148 51.26 6.56 39.29
CA ILE D 148 51.93 5.32 39.68
C ILE D 148 51.53 4.18 38.77
N VAL D 149 50.25 4.10 38.41
CA VAL D 149 49.73 2.96 37.69
C VAL D 149 49.81 3.15 36.18
N GLU D 150 49.58 4.37 35.68
CA GLU D 150 49.52 4.56 34.23
C GLU D 150 50.90 4.54 33.58
N ASN D 151 51.97 4.73 34.36
CA ASN D 151 53.32 4.76 33.81
C ASN D 151 54.11 3.49 34.08
N ALA D 152 53.50 2.51 34.75
CA ALA D 152 54.19 1.27 35.10
C ALA D 152 54.05 0.28 33.95
N LYS D 153 55.18 -0.03 33.32
CA LYS D 153 55.20 -0.96 32.20
C LYS D 153 56.17 -2.10 32.48
N PRO D 154 55.81 -3.34 32.12
CA PRO D 154 54.54 -3.75 31.51
C PRO D 154 53.38 -3.72 32.49
N THR D 155 53.62 -3.99 33.77
CA THR D 155 52.59 -3.92 34.80
C THR D 155 53.16 -3.23 36.03
N LEU D 156 52.28 -2.84 36.94
CA LEU D 156 52.73 -2.27 38.20
C LEU D 156 53.38 -3.32 39.08
N ARG D 157 52.92 -4.57 39.00
CA ARG D 157 53.54 -5.63 39.78
C ARG D 157 54.99 -5.86 39.35
N GLN D 158 55.25 -5.82 38.04
CA GLN D 158 56.62 -5.99 37.56
C GLN D 158 57.51 -4.83 38.00
N ILE D 159 56.96 -3.61 38.05
CA ILE D 159 57.72 -2.47 38.53
C ILE D 159 58.03 -2.61 40.01
N MET D 160 57.02 -2.94 40.82
CA MET D 160 57.21 -3.07 42.25
C MET D 160 58.02 -4.30 42.64
N ALA D 161 58.19 -5.26 41.73
CA ALA D 161 59.09 -6.38 41.98
C ALA D 161 60.51 -5.93 42.28
N HIS D 162 60.91 -4.75 41.80
CA HIS D 162 62.22 -4.21 42.15
C HIS D 162 62.33 -3.89 43.63
N PHE D 163 61.21 -3.76 44.33
CA PHE D 163 61.17 -3.44 45.74
C PHE D 163 61.01 -4.66 46.64
N SER D 164 61.09 -5.86 46.08
CA SER D 164 60.67 -7.06 46.81
C SER D 164 61.59 -7.36 47.99
N ASP D 165 62.93 -7.30 47.80
CA ASP D 165 63.86 -7.57 48.89
C ASP D 165 63.73 -6.54 50.00
N VAL D 166 63.57 -5.26 49.64
CA VAL D 166 63.40 -4.22 50.64
C VAL D 166 62.08 -4.41 51.37
N ALA D 167 61.03 -4.80 50.66
CA ALA D 167 59.74 -5.04 51.30
C ALA D 167 59.83 -6.17 52.32
N GLU D 168 60.51 -7.27 51.95
CA GLU D 168 60.68 -8.38 52.88
C GLU D 168 61.48 -7.95 54.10
N ALA D 169 62.56 -7.20 53.90
CA ALA D 169 63.35 -6.71 55.03
C ALA D 169 62.53 -5.79 55.93
N TYR D 170 61.72 -4.92 55.32
CA TYR D 170 60.89 -4.01 56.09
C TYR D 170 59.85 -4.75 56.91
N ILE D 171 59.24 -5.78 56.32
CA ILE D 171 58.25 -6.56 57.07
C ILE D 171 58.91 -7.27 58.25
N GLU D 172 60.09 -7.82 58.05
CA GLU D 172 60.81 -8.46 59.17
C GLU D 172 61.14 -7.44 60.26
N MET D 173 61.61 -6.26 59.84
CA MET D 173 61.94 -5.22 60.81
C MET D 173 60.72 -4.79 61.61
N ARG D 174 59.58 -4.59 60.94
CA ARG D 174 58.37 -4.20 61.65
C ARG D 174 57.89 -5.32 62.58
N ASN D 175 58.04 -6.57 62.17
CA ASN D 175 57.66 -7.67 63.03
C ASN D 175 58.59 -7.84 64.21
N LYS D 176 59.80 -7.28 64.15
CA LYS D 176 60.67 -7.31 65.32
C LYS D 176 60.10 -6.53 66.51
N LYS D 177 59.24 -5.54 66.26
CA LYS D 177 58.73 -4.69 67.33
C LYS D 177 57.25 -4.89 67.63
N GLU D 178 56.52 -5.47 66.75
CA GLU D 178 55.09 -5.69 66.98
C GLU D 178 54.56 -6.69 65.97
N PRO D 179 53.36 -7.31 66.22
CA PRO D 179 52.73 -8.19 65.22
C PRO D 179 52.37 -7.40 63.96
N TYR D 180 53.01 -7.77 62.85
CA TYR D 180 52.88 -7.03 61.59
C TYR D 180 52.71 -8.03 60.45
N MET D 181 51.46 -8.36 60.13
CA MET D 181 51.15 -9.15 58.97
C MET D 181 50.54 -8.24 57.91
N PRO D 182 51.10 -8.18 56.71
CA PRO D 182 50.53 -7.31 55.67
C PRO D 182 49.09 -7.69 55.38
N ARG D 183 48.29 -6.67 55.03
CA ARG D 183 46.86 -6.89 54.79
C ARG D 183 46.63 -7.91 53.70
N TYR D 184 47.58 -8.06 52.78
CA TYR D 184 47.49 -9.13 51.79
C TYR D 184 47.47 -10.50 52.44
N GLY D 185 48.34 -10.71 53.43
CA GLY D 185 48.36 -11.97 54.16
C GLY D 185 47.17 -12.17 55.06
N LEU D 186 46.51 -11.08 55.47
CA LEU D 186 45.27 -11.20 56.22
C LEU D 186 44.10 -11.58 55.33
N VAL D 187 44.09 -11.07 54.09
CA VAL D 187 43.06 -11.47 53.14
C VAL D 187 43.25 -12.91 52.72
N ARG D 188 44.50 -13.35 52.56
CA ARG D 188 44.77 -14.73 52.20
C ARG D 188 44.59 -15.70 53.36
N ASN D 189 44.33 -15.19 54.57
CA ASN D 189 44.13 -16.02 55.75
C ASN D 189 45.34 -16.92 56.02
N LEU D 190 46.53 -16.35 55.89
CA LEU D 190 47.75 -17.07 56.22
C LEU D 190 47.88 -17.17 57.74
N ARG D 191 47.90 -18.39 58.26
CA ARG D 191 47.86 -18.63 59.69
C ARG D 191 49.24 -18.71 60.34
N ASP D 192 50.30 -18.50 59.59
CA ASP D 192 51.66 -18.53 60.12
C ASP D 192 52.21 -17.12 60.14
N GLY D 193 52.63 -16.66 61.33
CA GLY D 193 53.18 -15.31 61.44
C GLY D 193 54.63 -15.22 61.01
N SER D 194 55.36 -16.33 61.02
CA SER D 194 56.75 -16.33 60.58
C SER D 194 56.88 -16.22 59.07
N LEU D 195 55.78 -16.40 58.33
CA LEU D 195 55.77 -16.25 56.89
C LEU D 195 55.26 -14.89 56.45
N ALA D 196 55.12 -13.93 57.37
CA ALA D 196 54.60 -12.62 57.01
C ALA D 196 55.52 -11.88 56.04
N ARG D 197 56.82 -12.19 56.06
CA ARG D 197 57.78 -11.50 55.22
C ARG D 197 57.60 -11.79 53.73
N TYR D 198 56.81 -12.79 53.37
CA TYR D 198 56.56 -13.12 51.98
C TYR D 198 55.11 -12.88 51.56
N ALA D 199 54.30 -12.33 52.46
CA ALA D 199 52.85 -12.25 52.23
C ALA D 199 52.46 -10.90 51.60
N PHE D 200 53.03 -10.63 50.44
CA PHE D 200 52.58 -9.52 49.61
C PHE D 200 52.58 -9.98 48.15
N ASP D 201 51.76 -9.33 47.33
CA ASP D 201 51.47 -9.87 46.01
C ASP D 201 52.55 -9.55 44.97
N PHE D 202 53.48 -8.65 45.26
CA PHE D 202 54.58 -8.38 44.35
C PHE D 202 55.89 -9.00 44.81
N TYR D 203 55.83 -9.98 45.70
CA TYR D 203 57.02 -10.69 46.13
C TYR D 203 57.59 -11.53 44.99
N GLU D 204 58.90 -11.45 44.82
CA GLU D 204 59.58 -12.16 43.75
C GLU D 204 60.29 -13.39 44.32
N VAL D 205 59.91 -14.56 43.83
CA VAL D 205 60.52 -15.81 44.28
C VAL D 205 61.89 -15.95 43.61
N THR D 206 62.91 -16.24 44.42
CA THR D 206 64.27 -16.41 43.94
C THR D 206 64.79 -17.79 44.34
N SER D 207 66.05 -18.06 43.98
CA SER D 207 66.68 -19.32 44.35
C SER D 207 66.98 -19.38 45.84
N ARG D 208 66.96 -18.26 46.54
CA ARG D 208 67.21 -18.22 47.97
C ARG D 208 65.93 -18.24 48.80
N THR D 209 64.77 -18.22 48.17
CA THR D 209 63.51 -18.32 48.90
C THR D 209 63.38 -19.71 49.51
N PRO D 210 63.06 -19.82 50.80
CA PRO D 210 62.89 -21.15 51.41
C PRO D 210 61.75 -21.91 50.76
N VAL D 211 61.89 -23.24 50.75
CA VAL D 211 60.93 -24.10 50.08
C VAL D 211 59.54 -23.93 50.68
N ARG D 212 59.46 -23.86 52.01
CA ARG D 212 58.17 -23.62 52.66
C ARG D 212 57.59 -22.28 52.28
N ALA D 213 58.42 -21.24 52.23
CA ALA D 213 57.94 -19.92 51.81
C ALA D 213 57.49 -19.95 50.36
N ARG D 214 58.20 -20.66 49.50
CA ARG D 214 57.79 -20.77 48.10
C ARG D 214 56.45 -21.46 47.98
N GLU D 215 56.25 -22.54 48.73
CA GLU D 215 54.96 -23.23 48.71
C GLU D 215 53.84 -22.32 49.20
N ALA D 216 54.08 -21.60 50.29
CA ALA D 216 53.06 -20.70 50.83
C ALA D 216 52.72 -19.59 49.83
N HIS D 217 53.74 -19.02 49.19
CA HIS D 217 53.50 -17.96 48.22
C HIS D 217 52.72 -18.47 47.01
N ILE D 218 53.06 -19.66 46.52
CA ILE D 218 52.35 -20.20 45.37
C ILE D 218 50.91 -20.52 45.73
N GLN D 219 50.67 -21.06 46.92
CA GLN D 219 49.31 -21.32 47.36
C GLN D 219 48.51 -20.02 47.50
N MET D 220 49.14 -18.97 48.03
CA MET D 220 48.46 -17.68 48.14
C MET D 220 48.11 -17.11 46.77
N LYS D 221 49.04 -17.22 45.81
CA LYS D 221 48.77 -16.74 44.46
C LYS D 221 47.63 -17.51 43.82
N ALA D 222 47.61 -18.84 43.99
CA ALA D 222 46.54 -19.64 43.43
C ALA D 222 45.20 -19.30 44.06
N ALA D 223 45.18 -19.09 45.37
CA ALA D 223 43.94 -18.71 46.06
C ALA D 223 43.45 -17.34 45.62
N ALA D 224 44.37 -16.39 45.42
CA ALA D 224 43.98 -15.05 45.05
C ALA D 224 43.49 -14.98 43.61
N LEU D 225 44.16 -15.68 42.70
CA LEU D 225 43.76 -15.60 41.29
C LEU D 225 42.48 -16.39 41.01
N LYS D 226 42.27 -17.49 41.72
CA LYS D 226 41.08 -18.34 41.58
C LYS D 226 41.04 -18.83 40.13
N SER D 227 39.91 -18.69 39.42
CA SER D 227 39.79 -19.13 38.05
C SER D 227 39.50 -17.95 37.13
N ALA D 228 40.18 -16.84 37.35
CA ALA D 228 39.97 -15.65 36.54
C ALA D 228 40.48 -15.87 35.13
N GLN D 229 39.63 -15.58 34.14
CA GLN D 229 39.96 -15.73 32.73
C GLN D 229 40.02 -14.35 32.08
N SER D 230 41.12 -14.16 31.36
CA SER D 230 41.33 -12.89 30.70
C SER D 230 40.59 -12.75 29.42
N ARG D 231 40.00 -11.60 29.25
CA ARG D 231 39.31 -11.26 28.00
C ARG D 231 40.19 -10.30 27.22
N LEU D 232 40.53 -10.59 25.91
CA LEU D 232 41.39 -9.75 25.08
C LEU D 232 40.71 -8.47 24.64
N PHE D 233 39.38 -8.43 24.60
CA PHE D 233 38.66 -7.29 24.06
C PHE D 233 37.52 -6.89 24.99
N GLY D 234 37.19 -5.61 24.97
CA GLY D 234 35.97 -5.10 25.54
C GLY D 234 34.93 -4.84 24.47
N LEU D 235 33.95 -4.03 24.81
CA LEU D 235 32.96 -3.62 23.82
C LEU D 235 33.62 -2.75 22.76
N ASP D 236 33.37 -3.08 21.49
CA ASP D 236 33.97 -2.33 20.39
C ASP D 236 33.48 -0.90 20.36
N GLY D 237 34.40 0.04 20.12
CA GLY D 237 34.08 1.45 20.13
C GLY D 237 33.33 1.95 18.92
N GLY D 238 33.26 1.16 17.85
CA GLY D 238 32.43 1.52 16.72
C GLY D 238 30.98 1.33 17.04
N ILE D 239 30.25 2.42 17.22
CA ILE D 239 28.88 2.33 17.72
C ILE D 239 27.87 2.21 16.59
N SER D 240 28.01 3.02 15.55
CA SER D 240 27.03 3.05 14.47
C SER D 240 27.01 1.70 13.75
N THR D 241 25.80 1.13 13.60
CA THR D 241 25.61 -0.10 12.85
C THR D 241 24.77 0.10 11.60
N GLN D 242 23.93 1.14 11.55
CA GLN D 242 23.11 1.42 10.39
C GLN D 242 23.93 2.15 9.33
N GLU D 243 23.31 2.35 8.17
CA GLU D 243 23.92 3.12 7.08
C GLU D 243 23.29 4.51 7.03
N GLU D 244 24.11 5.50 6.69
CA GLU D 244 23.62 6.87 6.63
C GLU D 244 22.59 7.03 5.53
N ASN D 245 21.53 7.77 5.83
CA ASN D 245 20.46 8.05 4.87
C ASN D 245 20.88 9.24 4.02
N THR D 246 21.20 8.99 2.76
CA THR D 246 21.61 10.04 1.83
C THR D 246 20.50 10.50 0.92
N GLU D 247 19.29 9.98 1.10
CA GLU D 247 18.19 10.28 0.19
C GLU D 247 17.68 11.71 0.39
N ARG D 248 17.34 12.36 -0.72
CA ARG D 248 16.79 13.69 -0.69
C ARG D 248 15.37 13.68 -0.12
N HIS D 249 14.84 14.87 0.15
CA HIS D 249 13.47 15.02 0.62
C HIS D 249 12.95 16.36 0.10
N THR D 250 11.99 16.31 -0.81
CA THR D 250 11.43 17.49 -1.43
C THR D 250 9.96 17.64 -1.05
N THR D 251 9.41 18.83 -1.35
CA THR D 251 8.00 19.08 -1.07
C THR D 251 7.07 18.33 -2.01
N GLU D 252 7.60 17.71 -3.07
CA GLU D 252 6.79 16.87 -3.94
C GLU D 252 6.57 15.47 -3.38
N ASP D 253 7.31 15.08 -2.35
CA ASP D 253 7.17 13.75 -1.79
C ASP D 253 5.81 13.58 -1.13
N VAL D 254 5.19 12.42 -1.35
CA VAL D 254 3.90 12.14 -0.75
C VAL D 254 4.02 12.01 0.77
N SER D 255 5.18 11.59 1.25
CA SER D 255 5.42 11.42 2.68
C SER D 255 6.91 11.55 2.93
N PRO D 256 7.33 11.72 4.19
CA PRO D 256 8.76 11.80 4.47
C PRO D 256 9.54 10.55 4.12
N SER D 257 8.88 9.41 3.93
CA SER D 257 9.58 8.16 3.64
C SER D 257 9.33 7.63 2.24
N MET D 258 8.33 8.14 1.52
CA MET D 258 8.01 7.68 0.18
C MET D 258 7.98 8.86 -0.78
N HIS D 259 8.70 8.74 -1.89
CA HIS D 259 8.68 9.80 -2.90
C HIS D 259 7.34 9.86 -3.61
N THR D 260 6.82 8.71 -4.05
CA THR D 260 5.56 8.64 -4.76
C THR D 260 4.87 7.33 -4.39
N LEU D 261 3.73 7.10 -5.03
CA LEU D 261 2.94 5.87 -4.91
C LEU D 261 2.66 5.29 -6.29
N LEU D 262 3.72 5.16 -7.09
CA LEU D 262 3.58 4.97 -8.53
C LEU D 262 2.71 3.76 -8.89
N GLY D 263 3.05 2.59 -8.39
CA GLY D 263 2.29 1.42 -8.83
C GLY D 263 0.93 1.24 -8.19
N VAL D 264 0.54 2.16 -7.32
CA VAL D 264 -0.71 1.98 -6.60
C VAL D 264 -1.94 2.19 -7.44
N LYS D 265 -2.85 1.25 -7.34
CA LYS D 265 -4.15 1.37 -8.04
C LYS D 265 -5.24 1.61 -7.02
N ASN D 266 -6.09 2.60 -7.27
CA ASN D 266 -7.19 2.94 -6.36
C ASN D 266 -8.24 1.82 -6.30
N MET D 267 -8.50 1.10 -7.41
CA MET D 267 -9.46 0.00 -7.42
C MET D 267 -8.96 -1.16 -8.26
N VAL E 44 44.12 -4.51 93.93
CA VAL E 44 44.65 -4.15 92.61
C VAL E 44 43.60 -3.37 91.82
N PRO E 45 44.05 -2.44 90.99
CA PRO E 45 43.11 -1.62 90.22
C PRO E 45 42.34 -2.44 89.20
N ARG E 46 41.15 -1.96 88.87
CA ARG E 46 40.27 -2.61 87.91
C ARG E 46 40.41 -1.95 86.54
N ILE E 47 40.36 -2.76 85.50
CA ILE E 47 40.55 -2.29 84.13
C ILE E 47 39.22 -1.84 83.56
N LYS E 48 39.19 -0.66 82.95
CA LYS E 48 37.99 -0.16 82.31
C LYS E 48 37.73 -0.94 81.02
N ALA E 49 36.43 -1.11 80.70
CA ALA E 49 36.05 -1.86 79.51
C ALA E 49 36.52 -1.15 78.25
N ILE E 50 36.08 0.08 78.04
CA ILE E 50 36.49 0.89 76.90
C ILE E 50 37.28 2.07 77.44
N THR E 51 38.61 1.99 77.33
CA THR E 51 39.49 3.02 77.85
C THR E 51 39.93 3.96 76.73
N SER E 52 40.70 4.97 77.11
CA SER E 52 41.26 5.91 76.14
C SER E 52 42.55 5.40 75.51
N LYS E 53 43.14 4.33 76.05
CA LYS E 53 44.35 3.77 75.46
C LYS E 53 44.07 3.22 74.07
N MET E 54 42.87 2.65 73.90
CA MET E 54 42.48 2.13 72.61
C MET E 54 42.21 3.28 71.67
N ARG E 55 42.36 3.01 70.38
CA ARG E 55 42.14 4.04 69.37
C ARG E 55 40.69 4.35 69.11
N MET E 56 40.37 5.63 69.13
CA MET E 56 39.03 6.06 68.86
C MET E 56 38.97 6.82 67.53
N PRO E 57 37.82 6.84 66.86
CA PRO E 57 37.70 7.65 65.64
C PRO E 57 37.79 9.14 65.98
N LYS E 58 38.71 9.82 65.32
CA LYS E 58 38.99 11.23 65.59
C LYS E 58 38.81 12.06 64.32
N SER E 59 38.26 13.25 64.48
CA SER E 59 38.10 14.20 63.38
C SER E 59 38.62 15.56 63.84
N LYS E 60 39.54 16.13 63.06
CA LYS E 60 40.15 17.43 63.36
C LYS E 60 40.77 17.45 64.76
N GLY E 61 41.47 16.37 65.09
CA GLY E 61 42.15 16.28 66.38
C GLY E 61 41.21 16.27 67.56
N ALA E 62 40.14 15.48 67.48
CA ALA E 62 39.17 15.37 68.56
C ALA E 62 38.38 14.09 68.37
N THR E 63 38.30 13.27 69.43
CA THR E 63 37.53 12.03 69.36
C THR E 63 36.05 12.35 69.12
N VAL E 64 35.43 11.55 68.24
CA VAL E 64 34.05 11.78 67.85
C VAL E 64 33.07 10.96 68.69
N LEU E 65 33.55 10.31 69.75
CA LEU E 65 32.70 9.51 70.62
C LEU E 65 32.76 10.04 72.04
N ASN E 66 31.64 9.89 72.75
CA ASN E 66 31.54 10.26 74.16
C ASN E 66 31.76 9.00 74.98
N LEU E 67 32.94 8.88 75.59
CA LEU E 67 33.32 7.62 76.25
C LEU E 67 32.42 7.34 77.45
N GLU E 68 32.12 8.35 78.26
CA GLU E 68 31.32 8.14 79.46
C GLU E 68 29.91 7.68 79.11
N HIS E 69 29.25 8.41 78.20
CA HIS E 69 27.89 8.03 77.80
C HIS E 69 27.88 6.65 77.16
N LEU E 70 28.87 6.36 76.31
CA LEU E 70 28.93 5.05 75.67
C LEU E 70 29.10 3.94 76.70
N LEU E 71 29.95 4.15 77.70
CA LEU E 71 30.09 3.18 78.77
C LEU E 71 28.79 3.04 79.56
N GLU E 72 27.98 4.08 79.61
CA GLU E 72 26.67 4.00 80.26
C GLU E 72 25.53 3.69 79.30
N TYR E 73 25.80 3.56 78.00
CA TYR E 73 24.76 3.33 77.00
C TYR E 73 24.54 1.83 76.85
N ALA E 74 23.39 1.34 77.33
CA ALA E 74 23.05 -0.08 77.27
C ALA E 74 21.61 -0.25 76.80
N PRO E 75 21.33 0.05 75.55
CA PRO E 75 19.97 -0.15 75.04
C PRO E 75 19.65 -1.63 74.86
N GLN E 76 18.36 -1.94 74.96
CA GLN E 76 17.90 -3.28 74.63
C GLN E 76 18.06 -3.54 73.14
N GLN E 77 18.50 -4.76 72.81
CA GLN E 77 18.84 -5.07 71.41
C GLN E 77 17.61 -5.00 70.52
N ILE E 78 16.46 -5.46 71.02
CA ILE E 78 15.24 -5.43 70.22
C ILE E 78 14.73 -4.00 70.03
N ASP E 79 15.18 -3.05 70.85
CA ASP E 79 14.74 -1.67 70.73
C ASP E 79 15.45 -0.90 69.64
N ILE E 80 16.58 -1.39 69.14
CA ILE E 80 17.38 -0.68 68.15
C ILE E 80 17.55 -1.46 66.86
N SER E 81 16.86 -2.60 66.72
CA SER E 81 16.92 -3.38 65.51
C SER E 81 15.94 -2.84 64.48
N ASN E 82 16.29 -2.98 63.21
CA ASN E 82 15.45 -2.51 62.10
C ASN E 82 14.57 -3.61 61.53
N THR E 83 14.58 -4.80 62.13
CA THR E 83 13.63 -5.86 61.79
C THR E 83 12.35 -5.76 62.57
N ARG E 84 12.20 -4.73 63.40
CA ARG E 84 11.02 -4.50 64.20
C ARG E 84 10.58 -3.06 63.99
N ALA E 85 9.27 -2.85 63.89
CA ALA E 85 8.76 -1.49 63.71
C ALA E 85 9.11 -0.63 64.91
N THR E 86 9.35 0.66 64.64
CA THR E 86 9.67 1.59 65.71
C THR E 86 8.45 1.81 66.60
N GLN E 87 8.71 2.37 67.79
CA GLN E 87 7.62 2.62 68.73
C GLN E 87 6.61 3.60 68.15
N SER E 88 7.08 4.61 67.42
CA SER E 88 6.17 5.56 66.79
C SER E 88 5.30 4.86 65.74
N GLN E 89 5.88 3.99 64.94
CA GLN E 89 5.11 3.26 63.94
C GLN E 89 4.09 2.33 64.60
N PHE E 90 4.48 1.68 65.70
CA PHE E 90 3.56 0.82 66.43
C PHE E 90 2.40 1.63 67.01
N ASP E 91 2.69 2.80 67.58
CA ASP E 91 1.62 3.64 68.11
C ASP E 91 0.69 4.11 67.00
N THR E 92 1.25 4.47 65.85
CA THR E 92 0.42 4.88 64.72
C THR E 92 -0.50 3.74 64.28
N TRP E 93 0.04 2.53 64.17
CA TRP E 93 -0.77 1.38 63.77
C TRP E 93 -1.86 1.09 64.79
N TYR E 94 -1.51 1.11 66.08
CA TYR E 94 -2.48 0.83 67.13
C TYR E 94 -3.60 1.87 67.15
N GLU E 95 -3.25 3.15 67.00
CA GLU E 95 -4.26 4.20 66.97
C GLU E 95 -5.15 4.07 65.74
N ALA E 96 -4.57 3.74 64.59
CA ALA E 96 -5.36 3.59 63.37
C ALA E 96 -6.33 2.42 63.49
N VAL E 97 -5.88 1.30 64.06
CA VAL E 97 -6.76 0.15 64.25
C VAL E 97 -7.87 0.48 65.23
N GLN E 98 -7.57 1.22 66.36
CA GLN E 98 -8.59 1.67 67.30
C GLN E 98 -9.64 2.52 66.60
N LEU E 99 -9.14 3.44 65.78
CA LEU E 99 -10.08 4.33 65.09
C LEU E 99 -10.97 3.55 64.12
N ALA E 100 -10.39 2.60 63.38
CA ALA E 100 -11.16 1.88 62.38
C ALA E 100 -12.17 0.93 63.03
N TYR E 101 -11.79 0.30 64.14
CA TYR E 101 -12.68 -0.65 64.80
C TYR E 101 -13.74 0.02 65.67
N ASP E 102 -13.58 1.31 65.97
CA ASP E 102 -14.51 2.04 66.83
C ASP E 102 -14.65 1.35 68.19
N ILE E 103 -13.51 0.96 68.75
CA ILE E 103 -13.44 0.23 70.01
C ILE E 103 -12.73 1.10 71.04
N GLY E 104 -13.25 1.12 72.26
CA GLY E 104 -12.65 1.91 73.32
C GLY E 104 -11.32 1.33 73.77
N GLU E 105 -10.60 2.15 74.55
CA GLU E 105 -9.28 1.78 75.02
C GLU E 105 -9.29 0.67 76.06
N THR E 106 -10.48 0.29 76.56
CA THR E 106 -10.56 -0.77 77.55
C THR E 106 -10.82 -2.15 76.92
N GLU E 107 -11.62 -2.20 75.85
CA GLU E 107 -11.86 -3.44 75.15
C GLU E 107 -10.83 -3.72 74.06
N MET E 108 -9.97 -2.74 73.75
CA MET E 108 -8.98 -2.93 72.70
C MET E 108 -7.96 -4.02 73.00
N PRO E 109 -7.39 -4.13 74.22
CA PRO E 109 -6.42 -5.21 74.48
C PRO E 109 -6.98 -6.61 74.28
N THR E 110 -8.27 -6.83 74.51
CA THR E 110 -8.85 -8.15 74.24
C THR E 110 -8.81 -8.46 72.75
N VAL E 111 -9.16 -7.48 71.92
CA VAL E 111 -9.07 -7.64 70.47
C VAL E 111 -7.63 -7.86 70.05
N MET E 112 -6.69 -7.20 70.74
CA MET E 112 -5.28 -7.42 70.45
C MET E 112 -4.85 -8.84 70.79
N ASN E 113 -5.34 -9.38 71.91
CA ASN E 113 -5.05 -10.76 72.26
C ASN E 113 -5.56 -11.71 71.17
N GLY E 114 -6.81 -11.52 70.76
CA GLY E 114 -7.36 -12.35 69.71
C GLY E 114 -6.57 -12.26 68.41
N LEU E 115 -6.18 -11.04 68.03
CA LEU E 115 -5.42 -10.86 66.81
C LEU E 115 -4.05 -11.50 66.90
N MET E 116 -3.40 -11.41 68.06
CA MET E 116 -2.11 -12.05 68.24
C MET E 116 -2.21 -13.57 68.09
N VAL E 117 -3.24 -14.17 68.69
CA VAL E 117 -3.41 -15.61 68.56
C VAL E 117 -3.71 -15.99 67.11
N TRP E 118 -4.57 -15.24 66.45
CA TRP E 118 -4.88 -15.50 65.05
C TRP E 118 -3.64 -15.39 64.18
N CYS E 119 -2.78 -14.42 64.45
CA CYS E 119 -1.57 -14.24 63.66
C CYS E 119 -0.55 -15.32 63.96
N ILE E 120 -0.51 -15.82 65.19
CA ILE E 120 0.29 -17.00 65.49
C ILE E 120 -0.15 -18.17 64.60
N GLU E 121 -1.46 -18.35 64.47
CA GLU E 121 -1.94 -19.49 63.69
C GLU E 121 -1.73 -19.30 62.19
N ASN E 122 -2.04 -18.12 61.66
CA ASN E 122 -2.21 -17.96 60.22
C ASN E 122 -1.19 -17.05 59.56
N GLY E 123 -0.22 -16.53 60.31
CA GLY E 123 0.83 -15.72 59.71
C GLY E 123 0.46 -14.26 59.56
N THR E 124 1.44 -13.49 59.11
CA THR E 124 1.35 -12.03 58.98
C THR E 124 1.81 -11.58 57.60
N SER E 125 1.39 -12.29 56.55
CA SER E 125 1.75 -11.91 55.20
C SER E 125 1.05 -10.62 54.78
N PRO E 126 1.68 -9.82 53.93
CA PRO E 126 1.01 -8.61 53.43
C PRO E 126 -0.23 -8.91 52.60
N ASN E 127 -0.37 -10.14 52.09
CA ASN E 127 -1.46 -10.51 51.21
C ASN E 127 -2.67 -11.08 51.96
N ILE E 128 -2.59 -11.23 53.28
CA ILE E 128 -3.74 -11.73 54.02
C ILE E 128 -4.88 -10.73 53.91
N ASN E 129 -6.09 -11.23 53.72
CA ASN E 129 -7.26 -10.39 53.51
C ASN E 129 -8.49 -11.12 54.05
N GLY E 130 -9.62 -10.44 53.96
CA GLY E 130 -10.86 -10.99 54.47
C GLY E 130 -11.08 -10.58 55.91
N VAL E 131 -11.29 -11.55 56.78
CA VAL E 131 -11.50 -11.30 58.20
C VAL E 131 -10.65 -12.27 59.01
N TRP E 132 -10.36 -11.87 60.24
CA TRP E 132 -9.83 -12.77 61.25
C TRP E 132 -10.92 -12.99 62.30
N VAL E 133 -10.72 -14.02 63.13
CA VAL E 133 -11.79 -14.49 64.01
C VAL E 133 -11.29 -14.54 65.45
N MET E 134 -12.18 -14.14 66.36
CA MET E 134 -12.01 -14.32 67.79
C MET E 134 -13.04 -15.31 68.30
N MET E 135 -12.63 -16.13 69.27
CA MET E 135 -13.50 -17.16 69.83
C MET E 135 -14.05 -16.65 71.16
N CYS E 136 -15.20 -15.99 71.10
CA CYS E 136 -15.89 -15.51 72.29
C CYS E 136 -16.71 -16.68 72.85
N GLY E 137 -16.10 -17.40 73.79
CA GLY E 137 -16.71 -18.62 74.29
C GLY E 137 -16.83 -19.66 73.20
N ASP E 138 -18.07 -20.01 72.85
CA ASP E 138 -18.33 -20.92 71.74
C ASP E 138 -18.74 -20.20 70.46
N GLU E 139 -18.78 -18.87 70.48
CA GLU E 139 -19.18 -18.09 69.32
C GLU E 139 -17.97 -17.51 68.60
N GLN E 140 -18.16 -17.26 67.31
CA GLN E 140 -17.09 -16.77 66.45
C GLN E 140 -17.40 -15.33 66.03
N VAL E 141 -16.50 -14.42 66.36
CA VAL E 141 -16.65 -13.00 66.04
C VAL E 141 -15.64 -12.66 64.93
N GLU E 142 -16.11 -12.03 63.87
CA GLU E 142 -15.28 -11.72 62.71
C GLU E 142 -14.91 -10.25 62.71
N TYR E 143 -13.61 -9.97 62.58
CA TYR E 143 -13.08 -8.63 62.50
C TYR E 143 -12.41 -8.43 61.14
N PRO E 144 -12.68 -7.33 60.45
CA PRO E 144 -12.03 -7.10 59.16
C PRO E 144 -10.51 -6.98 59.31
N LEU E 145 -9.80 -7.54 58.34
CA LEU E 145 -8.34 -7.51 58.34
C LEU E 145 -7.78 -6.28 57.64
N LYS E 146 -8.59 -5.52 56.91
CA LYS E 146 -8.09 -4.37 56.18
C LYS E 146 -7.44 -3.32 57.09
N PRO E 147 -8.05 -2.88 58.20
CA PRO E 147 -7.35 -1.93 59.06
C PRO E 147 -6.05 -2.47 59.64
N ILE E 148 -5.99 -3.78 59.89
CA ILE E 148 -4.80 -4.37 60.49
C ILE E 148 -3.63 -4.31 59.52
N VAL E 149 -3.88 -4.57 58.24
CA VAL E 149 -2.80 -4.69 57.27
C VAL E 149 -2.46 -3.35 56.62
N GLU E 150 -3.46 -2.51 56.34
CA GLU E 150 -3.18 -1.28 55.60
C GLU E 150 -2.48 -0.23 56.45
N ASN E 151 -2.55 -0.33 57.78
CA ASN E 151 -1.94 0.65 58.67
C ASN E 151 -0.65 0.17 59.29
N ALA E 152 -0.18 -1.03 58.96
CA ALA E 152 1.02 -1.60 59.54
C ALA E 152 2.22 -1.16 58.72
N LYS E 153 3.09 -0.34 59.32
CA LYS E 153 4.27 0.15 58.64
C LYS E 153 5.52 -0.19 59.45
N PRO E 154 6.60 -0.60 58.79
CA PRO E 154 6.74 -0.78 57.33
C PRO E 154 6.01 -2.03 56.82
N THR E 155 5.92 -3.07 57.63
CA THR E 155 5.17 -4.28 57.28
C THR E 155 4.37 -4.74 58.48
N LEU E 156 3.43 -5.65 58.23
CA LEU E 156 2.68 -6.23 59.34
C LEU E 156 3.53 -7.15 60.17
N ARG E 157 4.51 -7.82 59.56
CA ARG E 157 5.42 -8.67 60.33
C ARG E 157 6.25 -7.86 61.32
N GLN E 158 6.72 -6.68 60.90
CA GLN E 158 7.47 -5.83 61.80
C GLN E 158 6.61 -5.31 62.95
N ILE E 159 5.34 -5.04 62.68
CA ILE E 159 4.42 -4.62 63.73
C ILE E 159 4.18 -5.75 64.71
N MET E 160 3.87 -6.95 64.20
CA MET E 160 3.58 -8.09 65.07
C MET E 160 4.83 -8.61 65.78
N ALA E 161 6.03 -8.23 65.33
CA ALA E 161 7.25 -8.59 66.05
C ALA E 161 7.23 -8.07 67.48
N HIS E 162 6.47 -7.00 67.76
CA HIS E 162 6.32 -6.53 69.13
C HIS E 162 5.60 -7.53 70.01
N PHE E 163 4.89 -8.49 69.41
CA PHE E 163 4.13 -9.49 70.14
C PHE E 163 4.87 -10.82 70.27
N SER E 164 6.15 -10.87 69.87
CA SER E 164 6.82 -12.16 69.71
C SER E 164 7.01 -12.87 71.05
N ASP E 165 7.48 -12.17 72.11
CA ASP E 165 7.68 -12.80 73.41
C ASP E 165 6.37 -13.29 73.99
N VAL E 166 5.30 -12.48 73.87
CA VAL E 166 4.00 -12.90 74.37
C VAL E 166 3.47 -14.09 73.59
N ALA E 167 3.71 -14.11 72.26
CA ALA E 167 3.28 -15.24 71.45
C ALA E 167 3.99 -16.52 71.87
N GLU E 168 5.29 -16.44 72.11
CA GLU E 168 6.05 -17.62 72.55
C GLU E 168 5.54 -18.11 73.91
N ALA E 169 5.30 -17.18 74.84
CA ALA E 169 4.78 -17.56 76.15
C ALA E 169 3.40 -18.19 76.04
N TYR E 170 2.54 -17.64 75.17
CA TYR E 170 1.21 -18.18 74.98
C TYR E 170 1.26 -19.59 74.38
N ILE E 171 2.15 -19.82 73.41
CA ILE E 171 2.27 -21.15 72.83
C ILE E 171 2.74 -22.14 73.88
N GLU E 172 3.69 -21.77 74.73
CA GLU E 172 4.13 -22.67 75.79
C GLU E 172 2.99 -22.96 76.77
N MET E 173 2.24 -21.92 77.13
CA MET E 173 1.12 -22.11 78.04
C MET E 173 0.08 -23.05 77.46
N ARG E 174 -0.28 -22.87 76.19
CA ARG E 174 -1.25 -23.75 75.56
C ARG E 174 -0.73 -25.18 75.46
N ASN E 175 0.57 -25.35 75.19
CA ASN E 175 1.15 -26.67 75.13
C ASN E 175 1.22 -27.33 76.50
N LYS E 176 1.15 -26.56 77.59
CA LYS E 176 1.09 -27.17 78.91
C LYS E 176 -0.16 -28.00 79.13
N LYS E 177 -1.26 -27.71 78.41
CA LYS E 177 -2.52 -28.39 78.62
C LYS E 177 -2.94 -29.31 77.48
N GLU E 178 -2.39 -29.14 76.34
CA GLU E 178 -2.76 -29.99 75.20
C GLU E 178 -1.72 -29.83 74.10
N PRO E 179 -1.66 -30.78 73.10
CA PRO E 179 -0.77 -30.60 71.94
C PRO E 179 -1.18 -29.38 71.12
N TYR E 180 -0.29 -28.40 71.06
CA TYR E 180 -0.59 -27.11 70.43
C TYR E 180 0.62 -26.71 69.57
N MET E 181 0.57 -27.09 68.30
CA MET E 181 1.55 -26.63 67.33
C MET E 181 0.88 -25.61 66.42
N PRO E 182 1.41 -24.39 66.31
CA PRO E 182 0.78 -23.40 65.43
C PRO E 182 0.72 -23.89 64.00
N ARG E 183 -0.35 -23.48 63.29
CA ARG E 183 -0.56 -23.95 61.92
C ARG E 183 0.63 -23.62 61.02
N TYR E 184 1.38 -22.56 61.36
CA TYR E 184 2.60 -22.27 60.62
C TYR E 184 3.60 -23.42 60.74
N GLY E 185 3.76 -23.97 61.95
CA GLY E 185 4.65 -25.10 62.15
C GLY E 185 4.13 -26.39 61.55
N LEU E 186 2.82 -26.50 61.34
CA LEU E 186 2.26 -27.64 60.65
C LEU E 186 2.50 -27.55 59.14
N VAL E 187 2.43 -26.34 58.59
CA VAL E 187 2.74 -26.15 57.18
C VAL E 187 4.22 -26.38 56.93
N ARG E 188 5.08 -25.94 57.85
CA ARG E 188 6.51 -26.16 57.70
C ARG E 188 6.93 -27.60 57.99
N ASN E 189 6.01 -28.44 58.44
CA ASN E 189 6.29 -29.85 58.74
C ASN E 189 7.40 -29.99 59.78
N LEU E 190 7.35 -29.16 60.82
CA LEU E 190 8.29 -29.27 61.92
C LEU E 190 7.94 -30.47 62.78
N ARG E 191 8.86 -31.42 62.88
CA ARG E 191 8.60 -32.70 63.51
C ARG E 191 8.92 -32.72 64.99
N ASP E 192 9.34 -31.60 65.57
CA ASP E 192 9.65 -31.51 66.99
C ASP E 192 8.58 -30.67 67.69
N GLY E 193 7.93 -31.26 68.69
CA GLY E 193 6.90 -30.54 69.41
C GLY E 193 7.44 -29.58 70.45
N SER E 194 8.67 -29.79 70.92
CA SER E 194 9.27 -28.89 71.89
C SER E 194 9.71 -27.58 71.26
N LEU E 195 9.74 -27.50 69.93
CA LEU E 195 10.06 -26.27 69.23
C LEU E 195 8.82 -25.51 68.75
N ALA E 196 7.64 -25.88 69.24
CA ALA E 196 6.41 -25.22 68.81
C ALA E 196 6.38 -23.76 69.22
N ARG E 197 7.09 -23.40 70.29
CA ARG E 197 7.07 -22.03 70.79
C ARG E 197 7.75 -21.03 69.86
N TYR E 198 8.49 -21.49 68.86
CA TYR E 198 9.15 -20.62 67.90
C TYR E 198 8.57 -20.75 66.49
N ALA E 199 7.52 -21.54 66.32
CA ALA E 199 7.02 -21.90 64.98
C ALA E 199 5.92 -20.96 64.54
N PHE E 200 6.23 -19.67 64.48
CA PHE E 200 5.37 -18.69 63.84
C PHE E 200 6.25 -17.72 63.04
N ASP E 201 5.65 -17.10 62.03
CA ASP E 201 6.47 -16.37 61.05
C ASP E 201 6.87 -14.98 61.50
N PHE E 202 6.29 -14.44 62.57
CA PHE E 202 6.73 -13.15 63.09
C PHE E 202 7.58 -13.29 64.35
N TYR E 203 8.13 -14.47 64.60
CA TYR E 203 9.02 -14.65 65.74
C TYR E 203 10.31 -13.89 65.53
N GLU E 204 10.76 -13.20 66.57
CA GLU E 204 11.96 -12.37 66.52
C GLU E 204 13.09 -13.10 67.24
N VAL E 205 14.15 -13.38 66.50
CA VAL E 205 15.32 -14.05 67.06
C VAL E 205 16.13 -13.03 67.87
N THR E 206 16.48 -13.41 69.10
CA THR E 206 17.23 -12.56 70.00
C THR E 206 18.50 -13.29 70.45
N SER E 207 19.28 -12.62 71.31
CA SER E 207 20.48 -13.23 71.84
C SER E 207 20.17 -14.34 72.84
N ARG E 208 18.94 -14.41 73.33
CA ARG E 208 18.52 -15.44 74.27
C ARG E 208 17.85 -16.63 73.59
N THR E 209 17.64 -16.57 72.28
CA THR E 209 17.07 -17.70 71.56
C THR E 209 18.06 -18.86 71.55
N PRO E 210 17.64 -20.07 71.90
CA PRO E 210 18.55 -21.21 71.87
C PRO E 210 19.06 -21.48 70.46
N VAL E 211 20.28 -22.00 70.38
CA VAL E 211 20.94 -22.22 69.09
C VAL E 211 20.12 -23.18 68.23
N ARG E 212 19.60 -24.25 68.84
CA ARG E 212 18.76 -25.18 68.10
C ARG E 212 17.49 -24.50 67.60
N ALA E 213 16.86 -23.68 68.44
CA ALA E 213 15.68 -22.94 68.02
C ALA E 213 16.00 -21.98 66.90
N ARG E 214 17.16 -21.31 66.98
CA ARG E 214 17.56 -20.40 65.91
C ARG E 214 17.76 -21.13 64.61
N GLU E 215 18.41 -22.30 64.65
CA GLU E 215 18.59 -23.10 63.45
C GLU E 215 17.25 -23.53 62.86
N ALA E 216 16.34 -24.00 63.71
CA ALA E 216 15.03 -24.43 63.23
C ALA E 216 14.26 -23.27 62.61
N HIS E 217 14.30 -22.10 63.24
CA HIS E 217 13.58 -20.94 62.71
C HIS E 217 14.17 -20.50 61.37
N ILE E 218 15.49 -20.51 61.24
CA ILE E 218 16.10 -20.10 59.98
C ILE E 218 15.78 -21.10 58.88
N GLN E 219 15.81 -22.40 59.20
CA GLN E 219 15.42 -23.40 58.21
C GLN E 219 13.96 -23.24 57.80
N MET E 220 13.08 -22.96 58.74
CA MET E 220 11.67 -22.74 58.40
C MET E 220 11.49 -21.52 57.51
N LYS E 221 12.20 -20.44 57.81
CA LYS E 221 12.12 -19.24 56.97
C LYS E 221 12.63 -19.52 55.57
N ALA E 222 13.74 -20.25 55.45
CA ALA E 222 14.28 -20.57 54.13
C ALA E 222 13.31 -21.46 53.35
N ALA E 223 12.70 -22.44 54.02
CA ALA E 223 11.74 -23.31 53.35
C ALA E 223 10.49 -22.54 52.92
N ALA E 224 10.03 -21.60 53.74
CA ALA E 224 8.82 -20.86 53.42
C ALA E 224 9.05 -19.86 52.29
N LEU E 225 10.19 -19.18 52.30
CA LEU E 225 10.45 -18.16 51.28
C LEU E 225 10.79 -18.79 49.93
N LYS E 226 11.48 -19.93 49.95
CA LYS E 226 11.87 -20.66 48.73
C LYS E 226 12.75 -19.74 47.90
N SER E 227 12.49 -19.55 46.62
CA SER E 227 13.27 -18.68 45.75
C SER E 227 12.43 -17.54 45.21
N ALA E 228 11.60 -16.95 46.08
CA ALA E 228 10.74 -15.86 45.66
C ALA E 228 11.56 -14.61 45.36
N GLN E 229 11.33 -14.03 44.18
CA GLN E 229 12.03 -12.83 43.74
C GLN E 229 11.04 -11.68 43.67
N SER E 230 11.46 -10.58 44.28
CA SER E 230 10.63 -9.39 44.31
C SER E 230 10.67 -8.59 43.06
N ARG E 231 9.51 -8.18 42.63
CA ARG E 231 9.38 -7.29 41.48
C ARG E 231 9.07 -5.89 41.97
N LEU E 232 9.86 -4.84 41.57
CA LEU E 232 9.68 -3.46 42.01
C LEU E 232 8.45 -2.80 41.40
N PHE E 233 7.98 -3.28 40.25
CA PHE E 233 6.91 -2.62 39.52
C PHE E 233 5.87 -3.64 39.08
N GLY E 234 4.63 -3.19 38.97
CA GLY E 234 3.59 -3.91 38.29
C GLY E 234 3.36 -3.35 36.91
N LEU E 235 2.19 -3.64 36.35
CA LEU E 235 1.82 -3.05 35.07
C LEU E 235 1.61 -1.55 35.23
N ASP E 236 2.22 -0.78 34.33
CA ASP E 236 2.12 0.67 34.42
C ASP E 236 0.69 1.14 34.18
N GLY E 237 0.25 2.11 34.98
CA GLY E 237 -1.11 2.60 34.92
C GLY E 237 -1.42 3.50 33.75
N GLY E 238 -0.39 4.00 33.04
CA GLY E 238 -0.63 4.74 31.82
C GLY E 238 -1.06 3.81 30.71
N ILE E 239 -2.32 3.87 30.34
CA ILE E 239 -2.87 2.88 29.40
C ILE E 239 -2.74 3.34 27.96
N SER E 240 -3.08 4.60 27.68
CA SER E 240 -3.08 5.09 26.31
C SER E 240 -1.67 5.06 25.73
N THR E 241 -1.53 4.45 24.55
CA THR E 241 -0.26 4.43 23.83
C THR E 241 -0.32 5.20 22.51
N GLN E 242 -1.51 5.37 21.93
CA GLN E 242 -1.66 6.11 20.69
C GLN E 242 -1.70 7.61 20.97
N GLU E 243 -1.71 8.38 19.90
CA GLU E 243 -1.83 9.84 19.97
C GLU E 243 -3.25 10.24 19.62
N GLU E 244 -3.74 11.29 20.29
CA GLU E 244 -5.10 11.75 20.04
C GLU E 244 -5.23 12.29 18.63
N ASN E 245 -6.34 11.96 17.99
CA ASN E 245 -6.64 12.44 16.63
C ASN E 245 -7.29 13.81 16.73
N THR E 246 -6.55 14.85 16.35
CA THR E 246 -7.04 16.22 16.39
C THR E 246 -7.53 16.71 15.04
N GLU E 247 -7.53 15.87 14.02
CA GLU E 247 -7.88 16.30 12.68
C GLU E 247 -9.37 16.57 12.55
N ARG E 248 -9.71 17.61 11.81
CA ARG E 248 -11.09 17.96 11.53
C ARG E 248 -11.74 16.94 10.61
N HIS E 249 -13.06 17.05 10.46
CA HIS E 249 -13.81 16.18 9.55
C HIS E 249 -14.99 16.99 9.03
N THR E 250 -14.98 17.32 7.75
CA THR E 250 -16.02 18.12 7.14
C THR E 250 -16.77 17.31 6.10
N THR E 251 -17.91 17.86 5.65
CA THR E 251 -18.70 17.19 4.62
C THR E 251 -18.05 17.25 3.24
N GLU E 252 -16.98 18.02 3.08
CA GLU E 252 -16.23 18.04 1.83
C GLU E 252 -15.25 16.88 1.72
N ASP E 253 -14.99 16.18 2.82
CA ASP E 253 -14.03 15.08 2.78
C ASP E 253 -14.56 13.93 1.92
N VAL E 254 -13.66 13.36 1.12
CA VAL E 254 -14.05 12.24 0.26
C VAL E 254 -14.38 11.01 1.11
N SER E 255 -13.77 10.89 2.29
CA SER E 255 -13.99 9.76 3.16
C SER E 255 -13.69 10.21 4.58
N PRO E 256 -14.10 9.43 5.59
CA PRO E 256 -13.78 9.81 6.98
C PRO E 256 -12.29 9.85 7.29
N SER E 257 -11.45 9.23 6.47
CA SER E 257 -10.02 9.17 6.73
C SER E 257 -9.18 9.97 5.74
N MET E 258 -9.74 10.39 4.61
CA MET E 258 -9.02 11.13 3.59
C MET E 258 -9.76 12.41 3.27
N HIS E 259 -9.05 13.54 3.31
CA HIS E 259 -9.68 14.82 2.95
C HIS E 259 -9.95 14.89 1.45
N THR E 260 -8.97 14.53 0.63
CA THR E 260 -9.10 14.57 -0.82
C THR E 260 -8.29 13.42 -1.42
N LEU E 261 -8.27 13.38 -2.75
CA LEU E 261 -7.49 12.43 -3.54
C LEU E 261 -6.63 13.18 -4.55
N LEU E 262 -5.89 14.18 -4.06
CA LEU E 262 -5.31 15.20 -4.93
C LEU E 262 -4.42 14.61 -6.02
N GLY E 263 -3.43 13.82 -5.65
CA GLY E 263 -2.52 13.36 -6.70
C GLY E 263 -3.01 12.24 -7.56
N VAL E 264 -4.23 11.79 -7.33
CA VAL E 264 -4.73 10.63 -8.05
C VAL E 264 -5.06 10.91 -9.50
N LYS E 265 -4.57 10.05 -10.38
CA LYS E 265 -4.89 10.16 -11.81
C LYS E 265 -5.80 9.01 -12.20
N ASN E 266 -6.88 9.32 -12.91
CA ASN E 266 -7.84 8.31 -13.35
C ASN E 266 -7.22 7.34 -14.37
N MET E 267 -6.32 7.82 -15.25
CA MET E 267 -5.66 6.96 -16.23
C MET E 267 -4.19 7.32 -16.40
N VAL F 44 56.33 16.00 54.12
CA VAL F 44 56.42 15.87 52.68
C VAL F 44 55.45 16.83 51.99
N PRO F 45 55.82 17.31 50.81
CA PRO F 45 54.96 18.27 50.11
C PRO F 45 53.65 17.63 49.65
N ARG F 46 52.63 18.47 49.51
CA ARG F 46 51.31 18.03 49.07
C ARG F 46 51.15 18.30 47.59
N ILE F 47 50.48 17.37 46.89
CA ILE F 47 50.30 17.46 45.45
C ILE F 47 49.04 18.26 45.15
N LYS F 48 49.16 19.22 44.23
CA LYS F 48 48.00 20.00 43.81
C LYS F 48 47.08 19.16 42.95
N ALA F 49 45.78 19.44 43.06
CA ALA F 49 44.78 18.69 42.32
C ALA F 49 44.95 18.88 40.81
N ILE F 50 44.85 20.13 40.35
CA ILE F 50 45.05 20.48 38.95
C ILE F 50 46.29 21.33 38.86
N THR F 51 47.40 20.74 38.43
CA THR F 51 48.68 21.42 38.35
C THR F 51 48.94 21.89 36.92
N SER F 52 50.06 22.58 36.74
CA SER F 52 50.48 23.01 35.41
C SER F 52 51.24 21.94 34.65
N LYS F 53 51.63 20.85 35.33
CA LYS F 53 52.32 19.76 34.64
C LYS F 53 51.40 19.10 33.61
N MET F 54 50.12 19.02 33.96
CA MET F 54 49.16 18.45 33.06
C MET F 54 48.92 19.39 31.90
N ARG F 55 48.51 18.85 30.78
CA ARG F 55 48.26 19.66 29.60
C ARG F 55 46.97 20.45 29.65
N MET F 56 47.08 21.73 29.35
CA MET F 56 45.92 22.59 29.33
C MET F 56 45.63 23.03 27.89
N PRO F 57 44.37 23.36 27.59
CA PRO F 57 44.06 23.91 26.26
C PRO F 57 44.71 25.26 26.08
N LYS F 58 45.49 25.41 25.01
CA LYS F 58 46.26 26.62 24.75
C LYS F 58 45.89 27.19 23.38
N SER F 59 45.81 28.51 23.30
CA SER F 59 45.57 29.21 22.05
C SER F 59 46.59 30.32 21.90
N LYS F 60 47.30 30.33 20.77
CA LYS F 60 48.33 31.33 20.47
C LYS F 60 49.39 31.37 21.57
N GLY F 61 49.81 30.19 22.02
CA GLY F 61 50.84 30.11 23.04
C GLY F 61 50.43 30.69 24.37
N ALA F 62 49.22 30.38 24.83
CA ALA F 62 48.74 30.85 26.12
C ALA F 62 47.58 29.97 26.55
N THR F 63 47.65 29.48 27.78
CA THR F 63 46.57 28.65 28.32
C THR F 63 45.27 29.46 28.40
N VAL F 64 44.18 28.81 28.02
CA VAL F 64 42.87 29.46 27.95
C VAL F 64 42.07 29.27 29.24
N LEU F 65 42.68 28.71 30.27
CA LEU F 65 42.01 28.48 31.55
C LEU F 65 42.73 29.22 32.66
N ASN F 66 41.96 29.65 33.65
CA ASN F 66 42.49 30.30 34.85
C ASN F 66 42.60 29.24 35.94
N LEU F 67 43.83 28.78 36.21
CA LEU F 67 44.03 27.65 37.11
C LEU F 67 43.59 27.96 38.53
N GLU F 68 43.92 29.16 39.02
CA GLU F 68 43.58 29.51 40.40
C GLU F 68 42.06 29.57 40.61
N HIS F 69 41.37 30.31 39.73
CA HIS F 69 39.92 30.41 39.84
C HIS F 69 39.26 29.04 39.70
N LEU F 70 39.74 28.23 38.75
CA LEU F 70 39.18 26.90 38.55
C LEU F 70 39.36 26.04 39.79
N LEU F 71 40.54 26.10 40.40
CA LEU F 71 40.76 25.38 41.66
C LEU F 71 39.85 25.90 42.76
N GLU F 72 39.46 27.17 42.70
CA GLU F 72 38.52 27.73 43.66
C GLU F 72 37.07 27.71 43.19
N TYR F 73 36.80 27.22 41.99
CA TYR F 73 35.46 27.23 41.42
C TYR F 73 34.76 25.93 41.80
N ALA F 74 33.78 26.02 42.71
CA ALA F 74 33.03 24.86 43.19
C ALA F 74 31.53 25.17 43.21
N PRO F 75 30.91 25.31 42.03
CA PRO F 75 29.47 25.55 42.00
C PRO F 75 28.68 24.30 42.39
N GLN F 76 27.48 24.54 42.91
CA GLN F 76 26.55 23.44 43.16
C GLN F 76 26.09 22.85 41.83
N GLN F 77 25.99 21.52 41.80
CA GLN F 77 25.69 20.85 40.54
C GLN F 77 24.30 21.19 40.03
N ILE F 78 23.33 21.33 40.94
CA ILE F 78 21.97 21.68 40.52
C ILE F 78 21.88 23.12 40.04
N ASP F 79 22.86 23.96 40.37
CA ASP F 79 22.84 25.35 39.96
C ASP F 79 23.31 25.57 38.52
N ILE F 80 23.97 24.58 37.91
CA ILE F 80 24.54 24.73 36.58
C ILE F 80 23.99 23.69 35.61
N SER F 81 22.99 22.92 36.02
CA SER F 81 22.37 21.95 35.14
C SER F 81 21.29 22.62 34.29
N ASN F 82 21.10 22.10 33.09
CA ASN F 82 20.10 22.63 32.16
C ASN F 82 18.79 21.86 32.21
N THR F 83 18.65 20.91 33.13
CA THR F 83 17.38 20.24 33.40
C THR F 83 16.55 20.99 34.43
N ARG F 84 17.04 22.13 34.91
CA ARG F 84 16.34 22.96 35.88
C ARG F 84 16.32 24.39 35.35
N ALA F 85 15.19 25.07 35.54
CA ALA F 85 15.07 26.45 35.09
C ALA F 85 16.07 27.33 35.82
N THR F 86 16.58 28.33 35.12
CA THR F 86 17.53 29.26 35.71
C THR F 86 16.84 30.12 36.77
N GLN F 87 17.65 30.74 37.61
CA GLN F 87 17.11 31.57 38.68
C GLN F 87 16.31 32.73 38.12
N SER F 88 16.76 33.32 37.02
CA SER F 88 16.01 34.40 36.39
C SER F 88 14.66 33.92 35.88
N GLN F 89 14.62 32.74 35.26
CA GLN F 89 13.35 32.18 34.79
C GLN F 89 12.43 31.87 35.95
N PHE F 90 12.98 31.35 37.06
CA PHE F 90 12.17 31.08 38.23
C PHE F 90 11.59 32.36 38.83
N ASP F 91 12.40 33.42 38.91
CA ASP F 91 11.89 34.69 39.40
C ASP F 91 10.82 35.25 38.50
N THR F 92 11.00 35.14 37.18
CA THR F 92 9.98 35.61 36.25
C THR F 92 8.67 34.85 36.45
N TRP F 93 8.75 33.52 36.58
CA TRP F 93 7.54 32.73 36.79
C TRP F 93 6.87 33.09 38.12
N TYR F 94 7.65 33.23 39.18
CA TYR F 94 7.09 33.56 40.49
C TYR F 94 6.42 34.92 40.47
N GLU F 95 7.05 35.91 39.86
CA GLU F 95 6.46 37.23 39.77
C GLU F 95 5.19 37.22 38.92
N ALA F 96 5.19 36.48 37.82
CA ALA F 96 4.01 36.42 36.97
C ALA F 96 2.84 35.75 37.70
N VAL F 97 3.12 34.68 38.45
CA VAL F 97 2.06 34.02 39.22
C VAL F 97 1.53 34.94 40.31
N GLN F 98 2.43 35.71 41.03
CA GLN F 98 2.00 36.70 42.01
C GLN F 98 1.08 37.73 41.39
N LEU F 99 1.49 38.21 40.23
CA LEU F 99 0.69 39.23 39.56
C LEU F 99 -0.68 38.69 39.16
N ALA F 100 -0.73 37.47 38.63
CA ALA F 100 -1.99 36.90 38.15
C ALA F 100 -2.93 36.58 39.31
N TYR F 101 -2.37 36.08 40.42
CA TYR F 101 -3.21 35.69 41.55
C TYR F 101 -3.62 36.86 42.43
N ASP F 102 -3.00 38.04 42.26
CA ASP F 102 -3.29 39.22 43.06
C ASP F 102 -3.12 38.92 44.55
N ILE F 103 -2.02 38.24 44.88
CA ILE F 103 -1.73 37.80 46.23
C ILE F 103 -0.47 38.51 46.71
N GLY F 104 -0.49 38.97 47.95
CA GLY F 104 0.66 39.65 48.51
C GLY F 104 1.83 38.72 48.75
N GLU F 105 2.99 39.32 49.00
CA GLU F 105 4.22 38.57 49.21
C GLU F 105 4.25 37.78 50.51
N THR F 106 3.27 37.99 51.39
CA THR F 106 3.24 37.26 52.65
C THR F 106 2.38 36.00 52.57
N GLU F 107 1.27 36.06 51.83
CA GLU F 107 0.42 34.88 51.64
C GLU F 107 0.85 34.03 50.46
N MET F 108 1.79 34.51 49.65
CA MET F 108 2.23 33.76 48.48
C MET F 108 2.92 32.44 48.83
N PRO F 109 3.83 32.36 49.81
CA PRO F 109 4.45 31.06 50.13
C PRO F 109 3.47 29.98 50.53
N THR F 110 2.35 30.32 51.16
CA THR F 110 1.34 29.30 51.48
C THR F 110 0.75 28.71 50.21
N VAL F 111 0.43 29.57 49.23
CA VAL F 111 -0.06 29.11 47.95
C VAL F 111 1.00 28.27 47.26
N MET F 112 2.27 28.64 47.41
CA MET F 112 3.35 27.84 46.84
C MET F 112 3.43 26.47 47.48
N ASN F 113 3.24 26.39 48.80
CA ASN F 113 3.20 25.09 49.49
C ASN F 113 2.07 24.23 48.92
N GLY F 114 0.88 24.79 48.81
CA GLY F 114 -0.24 24.05 48.26
C GLY F 114 0.02 23.58 46.85
N LEU F 115 0.59 24.45 46.00
CA LEU F 115 0.88 24.08 44.63
C LEU F 115 1.93 22.99 44.55
N MET F 116 2.94 23.05 45.42
CA MET F 116 3.97 22.00 45.43
C MET F 116 3.36 20.66 45.80
N VAL F 117 2.49 20.62 46.80
CA VAL F 117 1.86 19.37 47.18
C VAL F 117 0.96 18.84 46.06
N TRP F 118 0.18 19.73 45.45
CA TRP F 118 -0.68 19.34 44.34
C TRP F 118 0.14 18.79 43.18
N CYS F 119 1.29 19.39 42.89
CA CYS F 119 2.12 18.93 41.79
C CYS F 119 2.82 17.62 42.12
N ILE F 120 3.13 17.39 43.40
CA ILE F 120 3.60 16.07 43.83
C ILE F 120 2.54 15.03 43.49
N GLU F 121 1.28 15.34 43.77
CA GLU F 121 0.23 14.36 43.56
C GLU F 121 -0.07 14.14 42.08
N ASN F 122 -0.18 15.22 41.31
CA ASN F 122 -0.80 15.15 39.99
C ASN F 122 0.14 15.44 38.83
N GLY F 123 1.41 15.69 39.09
CA GLY F 123 2.37 15.90 38.02
C GLY F 123 2.43 17.33 37.52
N THR F 124 3.36 17.55 36.60
CA THR F 124 3.66 18.87 36.05
C THR F 124 3.71 18.84 34.54
N SER F 125 2.75 18.16 33.93
CA SER F 125 2.70 18.08 32.47
C SER F 125 2.31 19.44 31.87
N PRO F 126 2.79 19.76 30.67
CA PRO F 126 2.38 21.01 30.03
C PRO F 126 0.90 21.05 29.69
N ASN F 127 0.23 19.90 29.64
CA ASN F 127 -1.17 19.82 29.26
C ASN F 127 -2.13 19.91 30.43
N ILE F 128 -1.64 20.00 31.67
CA ILE F 128 -2.53 20.14 32.80
C ILE F 128 -3.27 21.46 32.69
N ASN F 129 -4.57 21.44 33.01
CA ASN F 129 -5.42 22.61 32.86
C ASN F 129 -6.53 22.54 33.90
N GLY F 130 -7.37 23.56 33.91
CA GLY F 130 -8.43 23.64 34.89
C GLY F 130 -7.98 24.38 36.13
N VAL F 131 -8.14 23.76 37.28
CA VAL F 131 -7.74 24.34 38.56
C VAL F 131 -6.98 23.30 39.36
N TRP F 132 -6.16 23.78 40.28
CA TRP F 132 -5.60 22.98 41.35
C TRP F 132 -6.25 23.39 42.66
N VAL F 133 -6.09 22.56 43.68
CA VAL F 133 -6.85 22.72 44.92
C VAL F 133 -5.90 22.77 46.12
N MET F 134 -6.24 23.64 47.06
CA MET F 134 -5.62 23.70 48.38
C MET F 134 -6.64 23.30 49.43
N MET F 135 -6.18 22.59 50.45
CA MET F 135 -7.06 22.11 51.52
C MET F 135 -6.91 23.04 52.72
N CYS F 136 -7.75 24.07 52.77
CA CYS F 136 -7.79 25.00 53.89
C CYS F 136 -8.64 24.37 54.98
N GLY F 137 -7.99 23.68 55.90
CA GLY F 137 -8.71 22.90 56.90
C GLY F 137 -9.53 21.81 56.25
N ASP F 138 -10.84 21.89 56.38
CA ASP F 138 -11.76 20.96 55.73
C ASP F 138 -12.36 21.51 54.45
N GLU F 139 -11.99 22.74 54.06
CA GLU F 139 -12.53 23.37 52.86
C GLU F 139 -11.55 23.27 51.71
N GLN F 140 -12.10 23.32 50.50
CA GLN F 140 -11.33 23.19 49.28
C GLN F 140 -11.33 24.52 48.54
N VAL F 141 -10.13 25.07 48.30
CA VAL F 141 -9.96 26.33 47.60
C VAL F 141 -9.37 26.03 46.23
N GLU F 142 -9.98 26.58 45.18
CA GLU F 142 -9.57 26.31 43.81
C GLU F 142 -8.80 27.49 43.25
N TYR F 143 -7.63 27.21 42.69
CA TYR F 143 -6.77 28.20 42.05
C TYR F 143 -6.62 27.86 40.59
N PRO F 144 -6.77 28.82 39.68
CA PRO F 144 -6.60 28.52 38.26
C PRO F 144 -5.17 28.07 37.94
N LEU F 145 -5.06 27.11 37.05
CA LEU F 145 -3.77 26.57 36.65
C LEU F 145 -3.15 27.32 35.47
N LYS F 146 -3.91 28.18 34.80
CA LYS F 146 -3.38 28.88 33.63
C LYS F 146 -2.16 29.75 33.96
N PRO F 147 -2.17 30.60 34.99
CA PRO F 147 -0.96 31.36 35.30
C PRO F 147 0.23 30.48 35.65
N ILE F 148 -0.01 29.33 36.28
CA ILE F 148 1.08 28.45 36.68
C ILE F 148 1.78 27.87 35.47
N VAL F 149 1.02 27.48 34.44
CA VAL F 149 1.58 26.76 33.31
C VAL F 149 2.05 27.71 32.21
N GLU F 150 1.32 28.80 31.96
CA GLU F 150 1.66 29.66 30.83
C GLU F 150 2.91 30.51 31.09
N ASN F 151 3.29 30.69 32.35
CA ASN F 151 4.44 31.52 32.69
C ASN F 151 5.67 30.71 33.06
N ALA F 152 5.60 29.38 33.01
CA ALA F 152 6.71 28.52 33.40
C ALA F 152 7.59 28.28 32.19
N LYS F 153 8.82 28.81 32.24
CA LYS F 153 9.77 28.66 31.15
C LYS F 153 11.06 28.04 31.66
N PRO F 154 11.66 27.12 30.90
CA PRO F 154 11.20 26.62 29.59
C PRO F 154 10.00 25.68 29.72
N THR F 155 9.90 24.93 30.81
CA THR F 155 8.75 24.06 31.06
C THR F 155 8.34 24.19 32.50
N LEU F 156 7.14 23.69 32.82
CA LEU F 156 6.70 23.67 34.21
C LEU F 156 7.49 22.67 35.04
N ARG F 157 7.93 21.57 34.42
CA ARG F 157 8.75 20.60 35.14
C ARG F 157 10.08 21.21 35.57
N GLN F 158 10.71 22.01 34.70
CA GLN F 158 11.96 22.66 35.06
C GLN F 158 11.76 23.68 36.16
N ILE F 159 10.62 24.36 36.17
CA ILE F 159 10.32 25.31 37.24
C ILE F 159 10.12 24.56 38.57
N MET F 160 9.31 23.51 38.55
CA MET F 160 9.03 22.76 39.78
C MET F 160 10.22 21.95 40.25
N ALA F 161 11.23 21.74 39.40
CA ALA F 161 12.46 21.10 39.85
C ALA F 161 13.12 21.85 40.99
N HIS F 162 12.87 23.16 41.11
CA HIS F 162 13.38 23.91 42.25
C HIS F 162 12.76 23.45 43.57
N PHE F 163 11.63 22.75 43.51
CA PHE F 163 10.92 22.28 44.70
C PHE F 163 11.22 20.83 45.02
N SER F 164 12.19 20.21 44.34
CA SER F 164 12.35 18.76 44.41
C SER F 164 12.78 18.30 45.80
N ASP F 165 13.79 18.96 46.42
CA ASP F 165 14.25 18.57 47.76
C ASP F 165 13.16 18.75 48.80
N VAL F 166 12.40 19.86 48.71
CA VAL F 166 11.32 20.09 49.65
C VAL F 166 10.21 19.06 49.44
N ALA F 167 9.94 18.69 48.19
CA ALA F 167 8.92 17.68 47.91
C ALA F 167 9.32 16.34 48.50
N GLU F 168 10.59 15.95 48.35
CA GLU F 168 11.06 14.69 48.92
C GLU F 168 10.95 14.71 50.44
N ALA F 169 11.36 15.82 51.06
CA ALA F 169 11.26 15.93 52.51
C ALA F 169 9.81 15.87 52.98
N TYR F 170 8.90 16.53 52.24
CA TYR F 170 7.49 16.52 52.60
C TYR F 170 6.90 15.12 52.48
N ILE F 171 7.26 14.38 51.43
CA ILE F 171 6.76 13.02 51.28
C ILE F 171 7.26 12.14 52.43
N GLU F 172 8.52 12.28 52.82
CA GLU F 172 9.02 11.51 53.96
C GLU F 172 8.28 11.87 55.24
N MET F 173 8.06 13.18 55.45
CA MET F 173 7.34 13.61 56.64
C MET F 173 5.93 13.06 56.69
N ARG F 174 5.22 13.11 55.56
CA ARG F 174 3.86 12.56 55.53
C ARG F 174 3.87 11.07 55.74
N ASN F 175 4.86 10.35 55.20
CA ASN F 175 4.95 8.92 55.41
C ASN F 175 5.31 8.57 56.85
N LYS F 176 5.88 9.50 57.61
CA LYS F 176 6.12 9.24 59.02
C LYS F 176 4.84 9.02 59.82
N LYS F 177 3.71 9.56 59.37
CA LYS F 177 2.46 9.48 60.11
C LYS F 177 1.40 8.59 59.47
N GLU F 178 1.52 8.29 58.22
CA GLU F 178 0.54 7.45 57.55
C GLU F 178 1.10 6.98 56.21
N PRO F 179 0.51 5.90 55.59
CA PRO F 179 0.92 5.50 54.24
C PRO F 179 0.63 6.59 53.23
N TYR F 180 1.69 7.12 52.63
CA TYR F 180 1.59 8.27 51.72
C TYR F 180 2.46 8.01 50.49
N MET F 181 1.85 7.43 49.47
CA MET F 181 2.51 7.28 48.18
C MET F 181 1.88 8.27 47.20
N PRO F 182 2.67 9.14 46.58
CA PRO F 182 2.09 10.11 45.64
C PRO F 182 1.37 9.41 44.51
N ARG F 183 0.31 10.06 44.02
CA ARG F 183 -0.52 9.44 42.97
C ARG F 183 0.30 9.12 41.74
N TYR F 184 1.40 9.84 41.50
CA TYR F 184 2.31 9.48 40.42
C TYR F 184 2.88 8.09 40.63
N GLY F 185 3.29 7.77 41.85
CA GLY F 185 3.82 6.44 42.14
C GLY F 185 2.76 5.37 42.15
N LEU F 186 1.49 5.73 42.34
CA LEU F 186 0.40 4.78 42.21
C LEU F 186 0.10 4.47 40.75
N VAL F 187 0.20 5.49 39.89
CA VAL F 187 0.02 5.26 38.46
C VAL F 187 1.17 4.43 37.89
N ARG F 188 2.39 4.67 38.37
CA ARG F 188 3.54 3.90 37.93
C ARG F 188 3.58 2.49 38.53
N ASN F 189 2.68 2.18 39.45
CA ASN F 189 2.62 0.86 40.08
C ASN F 189 3.93 0.51 40.77
N LEU F 190 4.50 1.48 41.47
CA LEU F 190 5.70 1.24 42.26
C LEU F 190 5.34 0.46 43.52
N ARG F 191 5.90 -0.73 43.66
CA ARG F 191 5.52 -1.66 44.71
C ARG F 191 6.34 -1.52 45.99
N ASP F 192 7.26 -0.55 46.04
CA ASP F 192 8.06 -0.31 47.23
C ASP F 192 7.62 0.98 47.88
N GLY F 193 7.23 0.90 49.16
CA GLY F 193 6.81 2.09 49.86
C GLY F 193 7.94 2.95 50.36
N SER F 194 9.13 2.37 50.53
CA SER F 194 10.28 3.15 50.97
C SER F 194 10.84 4.04 49.86
N LEU F 195 10.40 3.84 48.63
CA LEU F 195 10.80 4.69 47.52
C LEU F 195 9.78 5.75 47.18
N ALA F 196 8.79 5.98 48.06
CA ALA F 196 7.74 6.96 47.79
C ALA F 196 8.31 8.37 47.71
N ARG F 197 9.43 8.64 48.38
CA ARG F 197 9.99 9.98 48.42
C ARG F 197 10.56 10.43 47.08
N TYR F 198 10.71 9.52 46.11
CA TYR F 198 11.21 9.88 44.78
C TYR F 198 10.15 9.70 43.70
N ALA F 199 8.92 9.35 44.06
CA ALA F 199 7.90 8.97 43.09
C ALA F 199 7.04 10.16 42.69
N PHE F 200 7.69 11.19 42.14
CA PHE F 200 6.99 12.28 41.49
C PHE F 200 7.76 12.66 40.24
N ASP F 201 7.06 13.26 39.27
CA ASP F 201 7.63 13.39 37.94
C ASP F 201 8.57 14.59 37.79
N PHE F 202 8.62 15.50 38.77
CA PHE F 202 9.56 16.60 38.72
C PHE F 202 10.73 16.40 39.68
N TYR F 203 10.95 15.16 40.12
CA TYR F 203 12.09 14.88 40.98
C TYR F 203 13.40 15.03 40.20
N GLU F 204 14.37 15.68 40.83
CA GLU F 204 15.66 15.95 40.20
C GLU F 204 16.70 15.01 40.78
N VAL F 205 17.29 14.20 39.90
CA VAL F 205 18.33 13.25 40.31
C VAL F 205 19.64 14.01 40.53
N THR F 206 20.27 13.78 41.66
CA THR F 206 21.52 14.43 42.02
C THR F 206 22.59 13.37 42.32
N SER F 207 23.77 13.84 42.68
CA SER F 207 24.85 12.94 43.04
C SER F 207 24.61 12.25 44.38
N ARG F 208 23.67 12.76 45.18
CA ARG F 208 23.34 12.16 46.47
C ARG F 208 22.15 11.22 46.40
N THR F 209 21.51 11.11 45.24
CA THR F 209 20.40 10.17 45.09
C THR F 209 20.92 8.73 45.17
N PRO F 210 20.32 7.88 45.99
CA PRO F 210 20.77 6.49 46.07
C PRO F 210 20.63 5.77 44.74
N VAL F 211 21.53 4.81 44.51
CA VAL F 211 21.57 4.11 43.22
C VAL F 211 20.26 3.39 42.96
N ARG F 212 19.70 2.76 43.98
CA ARG F 212 18.40 2.09 43.82
C ARG F 212 17.30 3.09 43.50
N ALA F 213 17.30 4.25 44.17
CA ALA F 213 16.32 5.28 43.88
C ALA F 213 16.50 5.81 42.46
N ARG F 214 17.74 5.98 42.02
CA ARG F 214 17.99 6.44 40.66
C ARG F 214 17.47 5.45 39.64
N GLU F 215 17.71 4.15 39.87
CA GLU F 215 17.20 3.12 38.97
C GLU F 215 15.67 3.14 38.94
N ALA F 216 15.03 3.24 40.10
CA ALA F 216 13.57 3.26 40.15
C ALA F 216 13.02 4.48 39.42
N HIS F 217 13.63 5.64 39.62
CA HIS F 217 13.15 6.85 38.97
C HIS F 217 13.31 6.76 37.45
N ILE F 218 14.44 6.22 36.98
CA ILE F 218 14.65 6.12 35.54
C ILE F 218 13.66 5.11 34.93
N GLN F 219 13.41 4.00 35.63
CA GLN F 219 12.42 3.06 35.14
C GLN F 219 11.02 3.67 35.10
N MET F 220 10.67 4.46 36.12
CA MET F 220 9.36 5.13 36.12
C MET F 220 9.26 6.12 34.98
N LYS F 221 10.32 6.89 34.71
CA LYS F 221 10.30 7.83 33.61
C LYS F 221 10.15 7.11 32.27
N ALA F 222 10.87 6.00 32.09
CA ALA F 222 10.77 5.24 30.85
C ALA F 222 9.37 4.66 30.67
N ALA F 223 8.78 4.14 31.75
CA ALA F 223 7.43 3.60 31.67
C ALA F 223 6.41 4.69 31.37
N ALA F 224 6.58 5.87 31.96
CA ALA F 224 5.61 6.95 31.75
C ALA F 224 5.71 7.53 30.35
N LEU F 225 6.92 7.72 29.84
CA LEU F 225 7.08 8.33 28.52
C LEU F 225 6.72 7.37 27.40
N LYS F 226 6.98 6.07 27.59
CA LYS F 226 6.66 5.03 26.60
C LYS F 226 7.43 5.36 25.32
N SER F 227 6.78 5.38 24.16
CA SER F 227 7.41 5.69 22.89
C SER F 227 6.82 6.94 22.26
N ALA F 228 6.58 7.96 23.09
CA ALA F 228 5.99 9.20 22.60
C ALA F 228 6.98 9.94 21.71
N GLN F 229 6.53 10.33 20.52
CA GLN F 229 7.34 11.06 19.56
C GLN F 229 6.80 12.46 19.40
N SER F 230 7.71 13.41 19.50
CA SER F 230 7.36 14.80 19.38
C SER F 230 7.16 15.27 17.98
N ARG F 231 6.11 16.00 17.76
CA ARG F 231 5.84 16.61 16.48
C ARG F 231 6.17 18.10 16.57
N LEU F 232 7.04 18.67 15.66
CA LEU F 232 7.46 20.07 15.68
C LEU F 232 6.35 21.02 15.25
N PHE F 233 5.37 20.54 14.48
CA PHE F 233 4.36 21.40 13.90
C PHE F 233 2.97 20.79 14.09
N GLY F 234 1.98 21.66 14.19
CA GLY F 234 0.60 21.28 14.06
C GLY F 234 0.06 21.60 12.68
N LEU F 235 -1.26 21.69 12.58
CA LEU F 235 -1.88 22.11 11.33
C LEU F 235 -1.56 23.57 11.06
N ASP F 236 -1.11 23.86 9.84
CA ASP F 236 -0.73 25.22 9.49
C ASP F 236 -1.93 26.15 9.52
N GLY F 237 -1.74 27.35 10.06
CA GLY F 237 -2.83 28.30 10.21
C GLY F 237 -3.25 29.00 8.94
N GLY F 238 -2.45 28.91 7.88
CA GLY F 238 -2.89 29.44 6.60
C GLY F 238 -3.94 28.55 5.98
N ILE F 239 -5.18 29.02 5.96
CA ILE F 239 -6.29 28.16 5.56
C ILE F 239 -6.56 28.24 4.07
N SER F 240 -6.58 29.45 3.51
CA SER F 240 -6.93 29.61 2.11
C SER F 240 -5.90 28.93 1.21
N THR F 241 -6.39 28.10 0.30
CA THR F 241 -5.54 27.46 -0.70
C THR F 241 -5.84 27.91 -2.12
N GLN F 242 -7.05 28.40 -2.39
CA GLN F 242 -7.41 28.89 -3.71
C GLN F 242 -6.89 30.31 -3.92
N GLU F 243 -7.06 30.80 -5.14
CA GLU F 243 -6.70 32.18 -5.49
C GLU F 243 -7.96 33.03 -5.56
N GLU F 244 -7.84 34.28 -5.14
CA GLU F 244 -8.99 35.17 -5.14
C GLU F 244 -9.46 35.45 -6.57
N ASN F 245 -10.77 35.45 -6.75
CA ASN F 245 -11.38 35.72 -8.05
C ASN F 245 -11.51 37.23 -8.22
N THR F 246 -10.68 37.81 -9.09
CA THR F 246 -10.68 39.24 -9.34
C THR F 246 -11.46 39.61 -10.60
N GLU F 247 -12.08 38.64 -11.26
CA GLU F 247 -12.75 38.92 -12.53
C GLU F 247 -14.03 39.71 -12.33
N ARG F 248 -14.29 40.63 -13.25
CA ARG F 248 -15.50 41.43 -13.24
C ARG F 248 -16.71 40.57 -13.59
N HIS F 249 -17.89 41.14 -13.40
CA HIS F 249 -19.15 40.48 -13.77
C HIS F 249 -20.14 41.56 -14.16
N THR F 250 -20.49 41.61 -15.44
CA THR F 250 -21.40 42.62 -15.97
C THR F 250 -22.67 41.96 -16.48
N THR F 251 -23.68 42.80 -16.75
CA THR F 251 -24.96 42.31 -17.26
C THR F 251 -24.86 41.85 -18.71
N GLU F 252 -23.74 42.10 -19.38
CA GLU F 252 -23.53 41.58 -20.73
C GLU F 252 -23.05 40.13 -20.73
N ASP F 253 -22.62 39.61 -19.59
CA ASP F 253 -22.13 38.24 -19.53
C ASP F 253 -23.24 37.25 -19.81
N VAL F 254 -22.92 36.22 -20.61
CA VAL F 254 -23.89 35.19 -20.93
C VAL F 254 -24.25 34.38 -19.69
N SER F 255 -23.33 34.26 -18.75
CA SER F 255 -23.54 33.51 -17.52
C SER F 255 -22.63 34.07 -16.45
N PRO F 256 -22.86 33.73 -15.18
CA PRO F 256 -21.96 34.22 -14.12
C PRO F 256 -20.53 33.73 -14.25
N SER F 257 -20.26 32.68 -15.03
CA SER F 257 -18.92 32.15 -15.16
C SER F 257 -18.30 32.35 -16.53
N MET F 258 -19.08 32.72 -17.54
CA MET F 258 -18.59 32.91 -18.90
C MET F 258 -18.98 34.29 -19.39
N HIS F 259 -17.99 35.05 -19.90
CA HIS F 259 -18.29 36.36 -20.46
C HIS F 259 -19.06 36.23 -21.78
N THR F 260 -18.58 35.38 -22.67
CA THR F 260 -19.23 35.18 -23.97
C THR F 260 -19.07 33.72 -24.38
N LEU F 261 -19.54 33.41 -25.58
CA LEU F 261 -19.42 32.10 -26.21
C LEU F 261 -18.81 32.24 -27.59
N LEU F 262 -17.68 32.95 -27.66
CA LEU F 262 -17.17 33.48 -28.93
C LEU F 262 -16.96 32.39 -29.96
N GLY F 263 -16.19 31.37 -29.66
CA GLY F 263 -15.90 30.40 -30.71
C GLY F 263 -16.98 29.40 -31.01
N VAL F 264 -18.11 29.51 -30.33
CA VAL F 264 -19.17 28.52 -30.50
C VAL F 264 -19.89 28.62 -31.82
N LYS F 265 -20.03 27.49 -32.48
CA LYS F 265 -20.79 27.42 -33.73
C LYS F 265 -22.09 26.67 -33.49
N ASN F 266 -23.21 27.22 -33.95
CA ASN F 266 -24.52 26.59 -33.77
C ASN F 266 -24.63 25.28 -34.57
N MET F 267 -24.02 25.19 -35.76
CA MET F 267 -24.05 23.97 -36.55
C MET F 267 -22.71 23.70 -37.21
N VAL G 44 58.81 21.97 8.16
CA VAL G 44 58.34 21.53 6.86
C VAL G 44 57.51 22.63 6.21
N PRO G 45 57.57 22.70 4.87
CA PRO G 45 56.84 23.75 4.17
C PRO G 45 55.34 23.59 4.29
N ARG G 46 54.62 24.70 4.18
CA ARG G 46 53.17 24.74 4.28
C ARG G 46 52.56 24.75 2.87
N ILE G 47 51.45 24.05 2.72
CA ILE G 47 50.79 23.91 1.42
C ILE G 47 49.81 25.06 1.23
N LYS G 48 49.87 25.70 0.07
CA LYS G 48 48.94 26.77 -0.25
C LYS G 48 47.55 26.20 -0.53
N ALA G 49 46.53 26.98 -0.17
CA ALA G 49 45.15 26.54 -0.34
C ALA G 49 44.82 26.35 -1.81
N ILE G 50 44.93 27.41 -2.60
CA ILE G 50 44.70 27.38 -4.04
C ILE G 50 46.03 27.66 -4.72
N THR G 51 46.67 26.61 -5.22
CA THR G 51 47.97 26.71 -5.85
C THR G 51 47.83 26.75 -7.36
N SER G 52 48.96 26.91 -8.06
CA SER G 52 48.98 26.88 -9.50
C SER G 52 49.06 25.46 -10.06
N LYS G 53 49.32 24.46 -9.22
CA LYS G 53 49.35 23.08 -9.69
C LYS G 53 47.98 22.64 -10.18
N MET G 54 46.94 23.12 -9.48
CA MET G 54 45.59 22.81 -9.88
C MET G 54 45.25 23.53 -11.16
N ARG G 55 44.31 22.97 -11.90
CA ARG G 55 43.90 23.58 -13.17
C ARG G 55 43.02 24.79 -13.03
N MET G 56 43.40 25.84 -13.72
CA MET G 56 42.63 27.07 -13.71
C MET G 56 41.97 27.30 -15.06
N PRO G 57 40.85 28.02 -15.12
CA PRO G 57 40.27 28.37 -16.42
C PRO G 57 41.18 29.31 -17.18
N LYS G 58 41.53 28.93 -18.41
CA LYS G 58 42.47 29.67 -19.23
C LYS G 58 41.82 30.05 -20.55
N SER G 59 42.11 31.26 -21.02
CA SER G 59 41.66 31.74 -22.32
C SER G 59 42.84 32.32 -23.08
N LYS G 60 43.05 31.83 -24.30
CA LYS G 60 44.16 32.28 -25.15
C LYS G 60 45.50 32.12 -24.45
N GLY G 61 45.68 30.98 -23.78
CA GLY G 61 46.94 30.72 -23.10
C GLY G 61 47.24 31.65 -21.95
N ALA G 62 46.24 31.93 -21.12
CA ALA G 62 46.41 32.80 -19.96
C ALA G 62 45.29 32.54 -18.98
N THR G 63 45.65 32.30 -17.73
CA THR G 63 44.65 32.08 -16.69
C THR G 63 43.76 33.32 -16.53
N VAL G 64 42.47 33.09 -16.38
CA VAL G 64 41.50 34.17 -16.29
C VAL G 64 41.19 34.55 -14.85
N LEU G 65 41.94 34.01 -13.89
CA LEU G 65 41.74 34.31 -12.48
C LEU G 65 43.00 34.92 -11.89
N ASN G 66 42.81 35.80 -10.90
CA ASN G 66 43.90 36.42 -10.16
C ASN G 66 44.08 35.64 -8.87
N LEU G 67 45.12 34.81 -8.81
CA LEU G 67 45.28 33.88 -7.69
C LEU G 67 45.51 34.61 -6.37
N GLU G 68 46.32 35.66 -6.38
CA GLU G 68 46.64 36.38 -5.15
C GLU G 68 45.40 37.06 -4.58
N HIS G 69 44.68 37.81 -5.41
CA HIS G 69 43.47 38.48 -4.95
C HIS G 69 42.43 37.49 -4.49
N LEU G 70 42.26 36.38 -5.23
CA LEU G 70 41.30 35.36 -4.83
C LEU G 70 41.65 34.75 -3.48
N LEU G 71 42.94 34.48 -3.26
CA LEU G 71 43.37 33.99 -1.96
C LEU G 71 43.12 35.02 -0.87
N GLU G 72 43.14 36.31 -1.23
CA GLU G 72 42.83 37.36 -0.26
C GLU G 72 41.37 37.81 -0.30
N TYR G 73 40.55 37.24 -1.17
CA TYR G 73 39.15 37.65 -1.33
C TYR G 73 38.28 36.83 -0.38
N ALA G 74 37.78 37.47 0.68
CA ALA G 74 36.94 36.81 1.67
C ALA G 74 35.72 37.67 1.99
N PRO G 75 34.79 37.79 1.05
CA PRO G 75 33.57 38.56 1.32
C PRO G 75 32.65 37.83 2.28
N GLN G 76 31.85 38.60 3.01
CA GLN G 76 30.79 38.02 3.82
C GLN G 76 29.73 37.41 2.93
N GLN G 77 29.23 36.24 3.33
CA GLN G 77 28.31 35.50 2.48
C GLN G 77 27.00 36.25 2.28
N ILE G 78 26.51 36.93 3.32
CA ILE G 78 25.27 37.68 3.20
C ILE G 78 25.44 38.92 2.34
N ASP G 79 26.68 39.36 2.10
CA ASP G 79 26.92 40.55 1.30
C ASP G 79 26.89 40.28 -0.20
N ILE G 80 26.96 39.01 -0.63
CA ILE G 80 27.01 38.67 -2.04
C ILE G 80 25.88 37.75 -2.45
N SER G 81 24.91 37.52 -1.57
CA SER G 81 23.74 36.71 -1.90
C SER G 81 22.68 37.57 -2.59
N ASN G 82 21.93 36.94 -3.48
CA ASN G 82 20.87 37.63 -4.22
C ASN G 82 19.50 37.45 -3.58
N THR G 83 19.43 36.82 -2.40
CA THR G 83 18.21 36.77 -1.61
C THR G 83 18.07 37.96 -0.69
N ARG G 84 19.01 38.89 -0.73
CA ARG G 84 19.00 40.10 0.07
C ARG G 84 19.21 41.29 -0.85
N ALA G 85 18.49 42.37 -0.58
CA ALA G 85 18.63 43.57 -1.40
C ALA G 85 20.05 44.13 -1.27
N THR G 86 20.54 44.70 -2.37
CA THR G 86 21.86 45.29 -2.37
C THR G 86 21.91 46.53 -1.48
N GLN G 87 23.12 46.95 -1.13
CA GLN G 87 23.27 48.11 -0.26
C GLN G 87 22.70 49.37 -0.93
N SER G 88 22.89 49.50 -2.25
CA SER G 88 22.31 50.64 -2.96
C SER G 88 20.80 50.63 -2.90
N GLN G 89 20.18 49.46 -3.08
CA GLN G 89 18.73 49.35 -3.00
C GLN G 89 18.24 49.66 -1.59
N PHE G 90 18.97 49.19 -0.58
CA PHE G 90 18.59 49.49 0.80
C PHE G 90 18.68 50.98 1.09
N ASP G 91 19.74 51.65 0.62
CA ASP G 91 19.86 53.08 0.81
C ASP G 91 18.75 53.83 0.10
N THR G 92 18.40 53.39 -1.12
CA THR G 92 17.31 54.03 -1.83
C THR G 92 15.99 53.90 -1.07
N TRP G 93 15.71 52.69 -0.55
CA TRP G 93 14.49 52.48 0.21
C TRP G 93 14.47 53.32 1.48
N TYR G 94 15.60 53.36 2.20
CA TYR G 94 15.67 54.12 3.44
C TYR G 94 15.48 55.61 3.18
N GLU G 95 16.12 56.14 2.13
CA GLU G 95 15.96 57.55 1.80
C GLU G 95 14.53 57.86 1.38
N ALA G 96 13.91 56.97 0.60
CA ALA G 96 12.53 57.20 0.17
C ALA G 96 11.57 57.20 1.35
N VAL G 97 11.76 56.27 2.30
CA VAL G 97 10.91 56.24 3.47
C VAL G 97 11.12 57.48 4.33
N GLN G 98 12.40 57.97 4.50
CA GLN G 98 12.67 59.22 5.21
C GLN G 98 11.95 60.39 4.56
N LEU G 99 12.03 60.43 3.24
CA LEU G 99 11.38 61.53 2.54
C LEU G 99 9.87 61.48 2.71
N ALA G 100 9.27 60.30 2.61
CA ALA G 100 7.82 60.20 2.69
C ALA G 100 7.31 60.48 4.10
N TYR G 101 8.04 60.05 5.12
CA TYR G 101 7.60 60.23 6.50
C TYR G 101 7.91 61.63 7.03
N ASP G 102 8.75 62.40 6.34
CA ASP G 102 9.14 63.74 6.79
C ASP G 102 9.73 63.70 8.20
N ILE G 103 10.62 62.73 8.41
CA ILE G 103 11.23 62.49 9.71
C ILE G 103 12.73 62.74 9.58
N GLY G 104 13.30 63.39 10.58
CA GLY G 104 14.73 63.67 10.56
C GLY G 104 15.57 62.43 10.76
N GLU G 105 16.86 62.58 10.49
CA GLU G 105 17.79 61.46 10.57
C GLU G 105 18.05 61.00 12.00
N THR G 106 17.58 61.73 13.01
CA THR G 106 17.78 61.33 14.39
C THR G 106 16.62 60.52 14.95
N GLU G 107 15.39 60.85 14.55
CA GLU G 107 14.22 60.08 14.97
C GLU G 107 13.92 58.91 14.05
N MET G 108 14.60 58.83 12.90
CA MET G 108 14.33 57.75 11.96
C MET G 108 14.68 56.36 12.50
N PRO G 109 15.81 56.14 13.19
CA PRO G 109 16.09 54.78 13.71
C PRO G 109 15.05 54.27 14.68
N THR G 110 14.38 55.13 15.45
CA THR G 110 13.31 54.67 16.33
C THR G 110 12.14 54.11 15.51
N VAL G 111 11.77 54.82 14.44
CA VAL G 111 10.73 54.34 13.54
C VAL G 111 11.16 53.04 12.88
N MET G 112 12.45 52.91 12.58
CA MET G 112 12.96 51.66 12.01
C MET G 112 12.85 50.52 13.01
N ASN G 113 13.14 50.77 14.29
CA ASN G 113 12.96 49.77 15.32
C ASN G 113 11.51 49.30 15.38
N GLY G 114 10.58 50.27 15.42
CA GLY G 114 9.17 49.91 15.46
C GLY G 114 8.75 49.11 14.25
N LEU G 115 9.20 49.51 13.06
CA LEU G 115 8.85 48.81 11.84
C LEU G 115 9.42 47.39 11.83
N MET G 116 10.66 47.23 12.33
CA MET G 116 11.24 45.89 12.38
C MET G 116 10.44 44.98 13.30
N VAL G 117 10.02 45.49 14.47
CA VAL G 117 9.23 44.67 15.38
C VAL G 117 7.87 44.32 14.76
N TRP G 118 7.23 45.31 14.13
CA TRP G 118 5.95 45.07 13.48
C TRP G 118 6.09 44.03 12.37
N CYS G 119 7.18 44.07 11.62
CA CYS G 119 7.38 43.12 10.53
C CYS G 119 7.72 41.73 11.06
N ILE G 120 8.40 41.65 12.21
CA ILE G 120 8.57 40.37 12.89
C ILE G 120 7.20 39.77 13.19
N GLU G 121 6.29 40.60 13.69
CA GLU G 121 4.98 40.07 14.08
C GLU G 121 4.12 39.71 12.88
N ASN G 122 4.07 40.57 11.87
CA ASN G 122 3.02 40.49 10.86
C ASN G 122 3.51 40.16 9.46
N GLY G 123 4.82 39.94 9.27
CA GLY G 123 5.33 39.55 7.97
C GLY G 123 5.63 40.72 7.06
N THR G 124 6.19 40.37 5.90
CA THR G 124 6.64 41.34 4.91
C THR G 124 6.13 41.00 3.52
N SER G 125 4.85 40.64 3.43
CA SER G 125 4.25 40.31 2.14
C SER G 125 4.11 41.56 1.29
N PRO G 126 4.20 41.42 -0.04
CA PRO G 126 3.97 42.58 -0.91
C PRO G 126 2.56 43.13 -0.83
N ASN G 127 1.60 42.34 -0.33
CA ASN G 127 0.21 42.73 -0.29
C ASN G 127 -0.19 43.41 1.01
N ILE G 128 0.71 43.54 1.98
CA ILE G 128 0.38 44.24 3.21
C ILE G 128 0.07 45.70 2.89
N ASN G 129 -0.95 46.24 3.54
CA ASN G 129 -1.41 47.59 3.26
C ASN G 129 -2.03 48.16 4.53
N GLY G 130 -2.46 49.41 4.44
CA GLY G 130 -3.03 50.08 5.59
C GLY G 130 -1.96 50.83 6.37
N VAL G 131 -1.87 50.55 7.67
CA VAL G 131 -0.89 51.17 8.53
C VAL G 131 -0.23 50.10 9.39
N TRP G 132 0.97 50.40 9.85
CA TRP G 132 1.61 49.66 10.93
C TRP G 132 1.65 50.54 12.17
N VAL G 133 1.91 49.93 13.32
CA VAL G 133 1.73 50.60 14.60
C VAL G 133 3.01 50.52 15.41
N MET G 134 3.32 51.62 16.10
CA MET G 134 4.35 51.70 17.11
C MET G 134 3.71 51.94 18.47
N MET G 135 4.28 51.33 19.50
CA MET G 135 3.75 51.43 20.85
C MET G 135 4.60 52.45 21.62
N CYS G 136 4.19 53.71 21.57
CA CYS G 136 4.84 54.79 22.31
C CYS G 136 4.28 54.77 23.72
N GLY G 137 4.98 54.06 24.61
CA GLY G 137 4.47 53.84 25.95
C GLY G 137 3.20 53.04 25.93
N ASP G 138 2.10 53.65 26.38
CA ASP G 138 0.79 53.03 26.32
C ASP G 138 -0.04 53.51 25.13
N GLU G 139 0.51 54.40 24.30
CA GLU G 139 -0.22 54.95 23.16
C GLU G 139 0.20 54.26 21.87
N GLN G 140 -0.71 54.27 20.91
CA GLN G 140 -0.51 53.60 19.62
C GLN G 140 -0.37 54.67 18.53
N VAL G 141 0.75 54.65 17.82
CA VAL G 141 1.03 55.59 16.74
C VAL G 141 0.97 54.82 15.43
N GLU G 142 0.21 55.35 14.47
CA GLU G 142 0.00 54.68 13.20
C GLU G 142 0.83 55.33 12.11
N TYR G 143 1.58 54.52 11.36
CA TYR G 143 2.40 54.96 10.26
C TYR G 143 1.90 54.30 8.98
N PRO G 144 1.72 55.05 7.90
CA PRO G 144 1.27 54.43 6.64
C PRO G 144 2.29 53.42 6.12
N LEU G 145 1.77 52.33 5.58
CA LEU G 145 2.61 51.27 5.03
C LEU G 145 2.95 51.47 3.56
N LYS G 146 2.29 52.40 2.88
CA LYS G 146 2.55 52.61 1.45
C LYS G 146 4.00 52.98 1.15
N PRO G 147 4.62 53.96 1.84
CA PRO G 147 6.04 54.24 1.55
C PRO G 147 6.94 53.05 1.83
N ILE G 148 6.61 52.23 2.82
CA ILE G 148 7.46 51.09 3.18
C ILE G 148 7.46 50.06 2.06
N VAL G 149 6.31 49.81 1.46
CA VAL G 149 6.18 48.72 0.49
C VAL G 149 6.47 49.18 -0.93
N GLU G 150 6.07 50.40 -1.30
CA GLU G 150 6.22 50.83 -2.69
C GLU G 150 7.66 51.16 -3.06
N ASN G 151 8.51 51.42 -2.07
CA ASN G 151 9.90 51.78 -2.33
C ASN G 151 10.88 50.65 -2.06
N ALA G 152 10.40 49.48 -1.67
CA ALA G 152 11.26 48.35 -1.34
C ALA G 152 11.53 47.56 -2.62
N LYS G 153 12.80 47.56 -3.06
CA LYS G 153 13.19 46.85 -4.25
C LYS G 153 14.33 45.89 -3.94
N PRO G 154 14.30 44.68 -4.52
CA PRO G 154 13.28 44.15 -5.42
C PRO G 154 11.98 43.80 -4.69
N THR G 155 12.05 43.36 -3.44
CA THR G 155 10.88 43.08 -2.63
C THR G 155 11.09 43.65 -1.24
N LEU G 156 9.99 43.71 -0.47
CA LEU G 156 10.09 44.14 0.92
C LEU G 156 10.79 43.09 1.77
N ARG G 157 10.63 41.81 1.44
CA ARG G 157 11.33 40.76 2.17
C ARG G 157 12.84 40.88 2.02
N GLN G 158 13.30 41.19 0.80
CA GLN G 158 14.74 41.36 0.59
C GLN G 158 15.28 42.57 1.34
N ILE G 159 14.47 43.63 1.43
CA ILE G 159 14.88 44.81 2.20
C ILE G 159 14.96 44.48 3.68
N MET G 160 13.92 43.83 4.22
CA MET G 160 13.89 43.51 5.64
C MET G 160 14.87 42.41 6.02
N ALA G 161 15.40 41.66 5.04
CA ALA G 161 16.45 40.70 5.32
C ALA G 161 17.67 41.34 5.95
N HIS G 162 17.89 42.64 5.72
CA HIS G 162 18.97 43.35 6.38
C HIS G 162 18.76 43.44 7.89
N PHE G 163 17.54 43.23 8.36
CA PHE G 163 17.19 43.31 9.77
C PHE G 163 17.14 41.95 10.44
N SER G 164 17.57 40.88 9.76
CA SER G 164 17.30 39.52 10.24
C SER G 164 18.05 39.21 11.53
N ASP G 165 19.37 39.55 11.62
CA ASP G 165 20.14 39.28 12.83
C ASP G 165 19.60 40.07 14.02
N VAL G 166 19.24 41.34 13.79
CA VAL G 166 18.69 42.15 14.87
C VAL G 166 17.34 41.61 15.30
N ALA G 167 16.52 41.14 14.35
CA ALA G 167 15.23 40.57 14.68
C ALA G 167 15.39 39.32 15.53
N GLU G 168 16.33 38.45 15.17
CA GLU G 168 16.59 37.25 15.96
C GLU G 168 17.04 37.60 17.37
N ALA G 169 17.97 38.57 17.48
CA ALA G 169 18.43 38.99 18.80
C ALA G 169 17.30 39.58 19.63
N TYR G 170 16.44 40.38 18.99
CA TYR G 170 15.31 40.99 19.70
C TYR G 170 14.33 39.93 20.18
N ILE G 171 14.05 38.92 19.36
CA ILE G 171 13.15 37.86 19.79
C ILE G 171 13.73 37.09 20.98
N GLU G 172 15.02 36.81 20.95
CA GLU G 172 15.66 36.15 22.10
C GLU G 172 15.58 37.01 23.35
N MET G 173 15.84 38.31 23.19
CA MET G 173 15.79 39.22 24.33
C MET G 173 14.38 39.28 24.92
N ARG G 174 13.35 39.37 24.07
CA ARG G 174 11.99 39.40 24.58
C ARG G 174 11.61 38.08 25.24
N ASN G 175 12.08 36.96 24.71
CA ASN G 175 11.81 35.67 25.32
C ASN G 175 12.55 35.49 26.64
N LYS G 176 13.60 36.27 26.89
CA LYS G 176 14.25 36.21 28.20
C LYS G 176 13.34 36.67 29.33
N LYS G 177 12.34 37.50 29.05
CA LYS G 177 11.48 38.05 30.09
C LYS G 177 10.05 37.53 30.07
N GLU G 178 9.62 36.98 28.99
CA GLU G 178 8.26 36.47 28.91
C GLU G 178 8.12 35.57 27.68
N PRO G 179 7.05 34.70 27.61
CA PRO G 179 6.81 33.91 26.40
C PRO G 179 6.51 34.81 25.21
N TYR G 180 7.39 34.76 24.21
CA TYR G 180 7.32 35.66 23.06
C TYR G 180 7.56 34.85 21.79
N MET G 181 6.48 34.35 21.20
CA MET G 181 6.54 33.73 19.89
C MET G 181 5.94 34.66 18.86
N PRO G 182 6.68 35.03 17.81
CA PRO G 182 6.11 35.93 16.81
C PRO G 182 4.85 35.35 16.18
N ARG G 183 3.93 36.25 15.83
CA ARG G 183 2.64 35.82 15.29
C ARG G 183 2.81 34.96 14.04
N TYR G 184 3.92 35.15 13.30
CA TYR G 184 4.22 34.26 12.18
C TYR G 184 4.39 32.82 12.66
N GLY G 185 5.10 32.61 13.76
CA GLY G 185 5.26 31.28 14.30
C GLY G 185 4.01 30.71 14.93
N LEU G 186 3.07 31.57 15.34
CA LEU G 186 1.78 31.11 15.80
C LEU G 186 0.90 30.66 14.64
N VAL G 187 0.98 31.37 13.52
CA VAL G 187 0.23 30.95 12.33
C VAL G 187 0.79 29.65 11.78
N ARG G 188 2.11 29.49 11.81
CA ARG G 188 2.74 28.26 11.34
C ARG G 188 2.57 27.10 12.30
N ASN G 189 2.01 27.34 13.49
CA ASN G 189 1.79 26.30 14.49
C ASN G 189 3.09 25.61 14.89
N LEU G 190 4.15 26.40 15.07
CA LEU G 190 5.42 25.89 15.53
C LEU G 190 5.31 25.56 17.03
N ARG G 191 5.51 24.29 17.37
CA ARG G 191 5.27 23.81 18.73
C ARG G 191 6.51 23.88 19.62
N ASP G 192 7.62 24.40 19.13
CA ASP G 192 8.84 24.54 19.91
C ASP G 192 9.07 26.01 20.22
N GLY G 193 9.16 26.34 21.51
CA GLY G 193 9.40 27.72 21.91
C GLY G 193 10.84 28.15 21.78
N SER G 194 11.78 27.20 21.80
CA SER G 194 13.18 27.54 21.65
C SER G 194 13.55 27.91 20.21
N LEU G 195 12.66 27.66 19.27
CA LEU G 195 12.85 28.05 17.88
C LEU G 195 12.14 29.35 17.52
N ALA G 196 11.65 30.09 18.51
CA ALA G 196 10.94 31.33 18.23
C ALA G 196 11.83 32.37 17.57
N ARG G 197 13.13 32.31 17.80
CA ARG G 197 14.05 33.31 17.26
C ARG G 197 14.20 33.23 15.75
N TYR G 198 13.71 32.17 15.10
CA TYR G 198 13.78 32.04 13.66
C TYR G 198 12.40 32.08 13.01
N ALA G 199 11.35 32.30 13.78
CA ALA G 199 9.98 32.16 13.29
C ALA G 199 9.42 33.49 12.78
N PHE G 200 10.10 34.05 11.79
CA PHE G 200 9.58 35.19 11.04
C PHE G 200 9.92 34.98 9.56
N ASP G 201 9.12 35.59 8.69
CA ASP G 201 9.20 35.24 7.27
C ASP G 201 10.33 35.92 6.52
N PHE G 202 10.99 36.93 7.10
CA PHE G 202 12.15 37.54 6.47
C PHE G 202 13.46 37.09 7.09
N TYR G 203 13.45 35.99 7.83
CA TYR G 203 14.68 35.45 8.39
C TYR G 203 15.60 34.94 7.29
N GLU G 204 16.87 35.27 7.39
CA GLU G 204 17.86 34.90 6.39
C GLU G 204 18.71 33.75 6.93
N VAL G 205 18.68 32.62 6.23
CA VAL G 205 19.45 31.45 6.62
C VAL G 205 20.90 31.67 6.23
N THR G 206 21.82 31.44 7.16
CA THR G 206 23.24 31.61 6.96
C THR G 206 23.97 30.32 7.27
N SER G 207 25.29 30.35 7.13
CA SER G 207 26.11 29.19 7.46
C SER G 207 26.17 28.92 8.95
N ARG G 208 25.79 29.90 9.77
CA ARG G 208 25.78 29.74 11.22
C ARG G 208 24.42 29.35 11.77
N THR G 209 23.40 29.26 10.93
CA THR G 209 22.09 28.81 11.38
C THR G 209 22.15 27.33 11.77
N PRO G 210 21.66 26.96 12.94
CA PRO G 210 21.67 25.54 13.33
C PRO G 210 20.85 24.69 12.38
N VAL G 211 21.27 23.44 12.22
CA VAL G 211 20.64 22.53 11.26
C VAL G 211 19.16 22.35 11.60
N ARG G 212 18.85 22.18 12.88
CA ARG G 212 17.45 22.05 13.29
C ARG G 212 16.66 23.31 12.97
N ALA G 213 17.25 24.48 13.23
CA ALA G 213 16.58 25.74 12.90
C ALA G 213 16.38 25.88 11.39
N ARG G 214 17.38 25.46 10.61
CA ARG G 214 17.24 25.51 9.15
C ARG G 214 16.11 24.61 8.68
N GLU G 215 16.02 23.40 9.23
CA GLU G 215 14.94 22.50 8.87
C GLU G 215 13.58 23.09 9.24
N ALA G 216 13.47 23.66 10.45
CA ALA G 216 12.21 24.24 10.87
C ALA G 216 11.81 25.41 9.98
N HIS G 217 12.78 26.27 9.63
CA HIS G 217 12.48 27.41 8.78
C HIS G 217 12.05 26.98 7.39
N ILE G 218 12.71 25.96 6.83
CA ILE G 218 12.34 25.50 5.50
C ILE G 218 10.95 24.86 5.51
N GLN G 219 10.64 24.10 6.56
CA GLN G 219 9.31 23.53 6.68
C GLN G 219 8.25 24.62 6.82
N MET G 220 8.54 25.66 7.60
CA MET G 220 7.59 26.76 7.74
C MET G 220 7.37 27.48 6.42
N LYS G 221 8.45 27.71 5.66
CA LYS G 221 8.31 28.35 4.35
C LYS G 221 7.48 27.49 3.40
N ALA G 222 7.72 26.18 3.39
CA ALA G 222 6.95 25.29 2.53
C ALA G 222 5.49 25.27 2.92
N ALA G 223 5.20 25.25 4.23
CA ALA G 223 3.81 25.27 4.69
C ALA G 223 3.12 26.58 4.34
N ALA G 224 3.84 27.70 4.46
CA ALA G 224 3.24 29.00 4.20
C ALA G 224 2.98 29.22 2.71
N LEU G 225 3.93 28.81 1.87
CA LEU G 225 3.78 29.04 0.43
C LEU G 225 2.76 28.10 -0.19
N LYS G 226 2.68 26.87 0.30
CA LYS G 226 1.73 25.85 -0.18
C LYS G 226 2.03 25.61 -1.65
N SER G 227 1.05 25.65 -2.55
CA SER G 227 1.24 25.43 -3.97
C SER G 227 0.87 26.67 -4.77
N ALA G 228 1.26 27.84 -4.27
CA ALA G 228 0.93 29.09 -4.94
C ALA G 228 1.71 29.20 -6.25
N GLN G 229 0.99 29.49 -7.34
CA GLN G 229 1.58 29.64 -8.66
C GLN G 229 1.46 31.10 -9.10
N SER G 230 2.60 31.60 -9.56
CA SER G 230 2.64 32.98 -10.00
C SER G 230 2.11 33.19 -11.37
N ARG G 231 1.32 34.23 -11.51
CA ARG G 231 0.80 34.63 -12.81
C ARG G 231 1.57 35.86 -13.27
N LEU G 232 2.18 35.86 -14.52
CA LEU G 232 2.96 36.96 -15.05
C LEU G 232 2.12 38.16 -15.44
N PHE G 233 0.84 37.96 -15.74
CA PHE G 233 -0.01 39.02 -16.26
C PHE G 233 -1.34 39.04 -15.53
N GLY G 234 -1.93 40.22 -15.44
CA GLY G 234 -3.31 40.39 -15.07
C GLY G 234 -4.18 40.62 -16.28
N LEU G 235 -5.36 41.18 -16.04
CA LEU G 235 -6.23 41.55 -17.15
C LEU G 235 -5.61 42.69 -17.93
N ASP G 236 -5.56 42.55 -19.26
CA ASP G 236 -4.95 43.55 -20.11
C ASP G 236 -5.73 44.86 -20.06
N GLY G 237 -5.01 45.98 -19.99
CA GLY G 237 -5.62 47.28 -19.85
C GLY G 237 -6.24 47.83 -21.12
N GLY G 238 -5.95 47.24 -22.27
CA GLY G 238 -6.64 47.62 -23.49
C GLY G 238 -8.06 47.11 -23.48
N ILE G 239 -9.03 48.00 -23.32
CA ILE G 239 -10.41 47.58 -23.11
C ILE G 239 -11.16 47.47 -24.42
N SER G 240 -11.03 48.46 -25.30
CA SER G 240 -11.79 48.47 -26.55
C SER G 240 -11.40 47.28 -27.43
N THR G 241 -12.42 46.53 -27.88
CA THR G 241 -12.22 45.43 -28.81
C THR G 241 -12.86 45.68 -30.16
N GLN G 242 -13.88 46.54 -30.24
CA GLN G 242 -14.54 46.84 -31.50
C GLN G 242 -13.73 47.88 -32.27
N GLU G 243 -14.16 48.17 -33.49
CA GLU G 243 -13.57 49.19 -34.33
C GLU G 243 -14.45 50.43 -34.32
N GLU G 244 -13.81 51.60 -34.37
CA GLU G 244 -14.57 52.85 -34.34
C GLU G 244 -15.41 52.99 -35.60
N ASN G 245 -16.64 53.46 -35.41
CA ASN G 245 -17.57 53.69 -36.53
C ASN G 245 -17.28 55.07 -37.11
N THR G 246 -16.70 55.10 -38.31
CA THR G 246 -16.37 56.34 -39.00
C THR G 246 -17.39 56.73 -40.05
N GLU G 247 -18.48 55.97 -40.18
CA GLU G 247 -19.44 56.22 -41.24
C GLU G 247 -20.27 57.47 -40.96
N ARG G 248 -20.55 58.22 -42.02
CA ARG G 248 -21.37 59.41 -41.94
C ARG G 248 -22.83 59.03 -41.66
N HIS G 249 -23.63 60.05 -41.35
CA HIS G 249 -25.07 59.86 -41.14
C HIS G 249 -25.77 61.14 -41.58
N THR G 250 -26.53 61.07 -42.66
CA THR G 250 -27.21 62.22 -43.22
C THR G 250 -28.72 62.03 -43.13
N THR G 251 -29.46 63.12 -43.37
CA THR G 251 -30.91 63.06 -43.35
C THR G 251 -31.49 62.32 -44.55
N GLU G 252 -30.67 61.99 -45.54
CA GLU G 252 -31.13 61.18 -46.65
C GLU G 252 -31.14 59.69 -46.34
N ASP G 253 -30.51 59.27 -45.24
CA ASP G 253 -30.46 57.86 -44.89
C ASP G 253 -31.83 57.34 -44.55
N VAL G 254 -32.15 56.14 -45.03
CA VAL G 254 -33.44 55.53 -44.74
C VAL G 254 -33.54 55.18 -43.26
N SER G 255 -32.42 54.90 -42.61
CA SER G 255 -32.40 54.54 -41.21
C SER G 255 -31.04 54.90 -40.65
N PRO G 256 -30.88 54.93 -39.32
CA PRO G 256 -29.56 55.23 -38.75
C PRO G 256 -28.48 54.22 -39.10
N SER G 257 -28.84 53.03 -39.56
CA SER G 257 -27.86 51.99 -39.86
C SER G 257 -27.75 51.66 -41.34
N MET G 258 -28.70 52.10 -42.17
CA MET G 258 -28.69 51.81 -43.60
C MET G 258 -28.81 53.11 -44.38
N HIS G 259 -27.90 53.31 -45.34
CA HIS G 259 -27.98 54.50 -46.18
C HIS G 259 -29.16 54.43 -47.13
N THR G 260 -29.33 53.30 -47.81
CA THR G 260 -30.42 53.11 -48.76
C THR G 260 -30.87 51.65 -48.71
N LEU G 261 -31.81 51.32 -49.59
CA LEU G 261 -32.33 49.97 -49.79
C LEU G 261 -32.24 49.59 -51.26
N LEU G 262 -31.06 49.78 -51.84
CA LEU G 262 -30.91 49.81 -53.30
C LEU G 262 -31.43 48.55 -53.96
N GLY G 263 -30.94 47.38 -53.57
CA GLY G 263 -31.35 46.19 -54.30
C GLY G 263 -32.72 45.66 -53.98
N VAL G 264 -33.43 46.32 -53.08
CA VAL G 264 -34.73 45.81 -52.64
C VAL G 264 -35.81 45.91 -53.69
N LYS G 265 -36.52 44.82 -53.89
CA LYS G 265 -37.67 44.81 -54.81
C LYS G 265 -38.94 44.68 -54.00
N ASN G 266 -39.93 45.51 -54.30
CA ASN G 266 -41.21 45.49 -53.58
C ASN G 266 -41.99 44.20 -53.88
N MET G 267 -41.91 43.64 -55.09
CA MET G 267 -42.59 42.40 -55.43
C MET G 267 -41.72 41.51 -56.31
N VAL H 44 78.53 -5.24 24.30
CA VAL H 44 77.88 -5.72 23.09
C VAL H 44 77.12 -4.59 22.42
N PRO H 45 77.05 -4.62 21.08
CA PRO H 45 76.36 -3.54 20.36
C PRO H 45 74.86 -3.55 20.64
N ARG H 46 74.26 -2.37 20.50
CA ARG H 46 72.84 -2.19 20.72
C ARG H 46 72.10 -2.20 19.38
N ILE H 47 70.91 -2.80 19.37
CA ILE H 47 70.13 -2.95 18.16
C ILE H 47 69.25 -1.73 17.97
N LYS H 48 69.26 -1.18 16.75
CA LYS H 48 68.40 -0.04 16.44
C LYS H 48 66.95 -0.48 16.33
N ALA H 49 66.05 0.42 16.72
CA ALA H 49 64.62 0.11 16.71
C ALA H 49 64.13 -0.14 15.28
N ILE H 50 64.28 0.86 14.41
CA ILE H 50 63.90 0.74 13.01
C ILE H 50 65.19 0.83 12.19
N THR H 51 65.66 -0.32 11.72
CA THR H 51 66.90 -0.39 10.98
C THR H 51 66.61 -0.44 9.47
N SER H 52 67.69 -0.45 8.68
CA SER H 52 67.57 -0.58 7.24
C SER H 52 67.45 -2.04 6.78
N LYS H 53 67.69 -3.00 7.68
CA LYS H 53 67.55 -4.40 7.32
C LYS H 53 66.09 -4.73 7.00
N MET H 54 65.19 -4.10 7.74
CA MET H 54 63.77 -4.29 7.50
C MET H 54 63.38 -3.63 6.20
N ARG H 55 62.32 -4.14 5.59
CA ARG H 55 61.87 -3.58 4.32
C ARG H 55 61.12 -2.28 4.44
N MET H 56 61.53 -1.33 3.64
CA MET H 56 60.89 -0.03 3.62
C MET H 56 60.13 0.17 2.31
N PRO H 57 59.08 0.99 2.30
CA PRO H 57 58.41 1.31 1.03
C PRO H 57 59.34 2.10 0.12
N LYS H 58 59.52 1.60 -1.10
CA LYS H 58 60.45 2.18 -2.06
C LYS H 58 59.71 2.53 -3.34
N SER H 59 60.08 3.67 -3.93
CA SER H 59 59.55 4.11 -5.21
C SER H 59 60.70 4.50 -6.12
N LYS H 60 60.75 3.91 -7.31
CA LYS H 60 61.80 4.18 -8.30
C LYS H 60 63.19 3.93 -7.70
N GLY H 61 63.32 2.83 -6.96
CA GLY H 61 64.61 2.49 -6.38
C GLY H 61 65.10 3.47 -5.35
N ALA H 62 64.22 3.90 -4.45
CA ALA H 62 64.59 4.82 -3.39
C ALA H 62 63.55 4.74 -2.29
N THR H 63 63.99 4.57 -1.06
CA THR H 63 63.08 4.52 0.07
C THR H 63 62.35 5.85 0.22
N VAL H 64 61.06 5.78 0.50
CA VAL H 64 60.21 6.95 0.59
C VAL H 64 60.08 7.46 2.02
N LEU H 65 60.86 6.91 2.95
CA LEU H 65 60.82 7.34 4.34
C LEU H 65 62.20 7.85 4.77
N ASN H 66 62.19 8.82 5.68
CA ASN H 66 63.40 9.36 6.28
C ASN H 66 63.62 8.66 7.61
N LEU H 67 64.58 7.73 7.64
CA LEU H 67 64.75 6.88 8.81
C LEU H 67 65.17 7.67 10.04
N GLU H 68 66.09 8.63 9.88
CA GLU H 68 66.58 9.39 11.02
C GLU H 68 65.47 10.23 11.64
N HIS H 69 64.76 10.99 10.81
CA HIS H 69 63.67 11.82 11.33
C HIS H 69 62.60 10.97 11.96
N LEU H 70 62.26 9.84 11.33
CA LEU H 70 61.23 8.96 11.89
C LEU H 70 61.66 8.42 13.24
N LEU H 71 62.92 8.01 13.37
CA LEU H 71 63.43 7.58 14.67
C LEU H 71 63.39 8.71 15.69
N GLU H 72 63.49 9.96 15.24
CA GLU H 72 63.39 11.10 16.13
C GLU H 72 61.98 11.70 16.19
N TYR H 73 61.02 11.16 15.44
CA TYR H 73 59.67 11.69 15.38
C TYR H 73 58.82 11.04 16.46
N ALA H 74 58.48 11.80 17.50
CA ALA H 74 57.68 11.31 18.62
C ALA H 74 56.59 12.31 18.97
N PRO H 75 55.59 12.47 18.11
CA PRO H 75 54.49 13.38 18.44
C PRO H 75 53.59 12.81 19.52
N GLN H 76 52.94 13.70 20.25
CA GLN H 76 51.93 13.29 21.20
C GLN H 76 50.72 12.73 20.46
N GLN H 77 50.15 11.66 21.00
CA GLN H 77 49.08 10.96 20.29
C GLN H 77 47.84 11.83 20.16
N ILE H 78 47.52 12.63 21.17
CA ILE H 78 46.35 13.49 21.10
C ILE H 78 46.56 14.65 20.13
N ASP H 79 47.81 14.94 19.75
CA ASP H 79 48.09 16.03 18.85
C ASP H 79 47.88 15.66 17.38
N ILE H 80 47.79 14.38 17.05
CA ILE H 80 47.67 13.92 15.67
C ILE H 80 46.41 13.11 15.44
N SER H 81 45.51 13.04 16.41
CA SER H 81 44.26 12.33 16.25
C SER H 81 43.22 13.25 15.60
N ASN H 82 42.32 12.64 14.82
CA ASN H 82 41.28 13.37 14.14
C ASN H 82 39.96 13.39 14.91
N THR H 83 39.95 12.86 16.13
CA THR H 83 38.81 12.98 17.03
C THR H 83 38.88 14.26 17.86
N ARG H 84 39.90 15.08 17.66
CA ARG H 84 40.08 16.33 18.36
C ARG H 84 40.31 17.42 17.34
N ALA H 85 39.73 18.60 17.58
CA ALA H 85 39.91 19.71 16.66
C ALA H 85 41.38 20.12 16.61
N THR H 86 41.81 20.57 15.43
CA THR H 86 43.19 21.01 15.28
C THR H 86 43.43 22.29 16.05
N GLN H 87 44.71 22.61 16.26
CA GLN H 87 45.05 23.81 17.01
C GLN H 87 44.55 25.06 16.30
N SER H 88 44.62 25.08 14.97
CA SER H 88 44.09 26.22 14.23
C SER H 88 42.59 26.38 14.42
N GLN H 89 41.85 25.26 14.38
CA GLN H 89 40.41 25.32 14.60
C GLN H 89 40.09 25.78 16.02
N PHE H 90 40.86 25.31 17.01
CA PHE H 90 40.65 25.74 18.38
C PHE H 90 40.92 27.22 18.54
N ASP H 91 41.99 27.74 17.93
CA ASP H 91 42.26 29.17 17.99
C ASP H 91 41.16 29.97 17.32
N THR H 92 40.66 29.50 16.18
CA THR H 92 39.56 30.19 15.51
C THR H 92 38.33 30.25 16.40
N TRP H 93 37.98 29.12 17.03
CA TRP H 93 36.82 29.09 17.92
C TRP H 93 37.01 30.02 19.12
N TYR H 94 38.19 29.98 19.73
CA TYR H 94 38.46 30.83 20.89
C TYR H 94 38.40 32.30 20.53
N GLU H 95 38.98 32.68 19.40
CA GLU H 95 38.93 34.07 18.96
C GLU H 95 37.50 34.50 18.65
N ALA H 96 36.72 33.64 18.00
CA ALA H 96 35.34 33.99 17.67
C ALA H 96 34.50 34.15 18.94
N VAL H 97 34.70 33.28 19.94
CA VAL H 97 33.96 33.42 21.19
C VAL H 97 34.37 34.69 21.91
N GLN H 98 35.70 35.05 21.93
CA GLN H 98 36.17 36.31 22.51
C GLN H 98 35.50 37.50 21.85
N LEU H 99 35.45 37.45 20.53
CA LEU H 99 34.85 38.56 19.78
C LEU H 99 33.36 38.69 20.09
N ALA H 100 32.65 37.56 20.15
CA ALA H 100 31.21 37.61 20.36
C ALA H 100 30.87 38.05 21.79
N TYR H 101 31.65 37.61 22.77
CA TYR H 101 31.36 37.94 24.16
C TYR H 101 31.85 39.33 24.56
N ASP H 102 32.69 39.96 23.73
CA ASP H 102 33.26 41.28 24.03
C ASP H 102 33.98 41.27 25.38
N ILE H 103 34.78 40.24 25.59
CA ILE H 103 35.50 40.03 26.84
C ILE H 103 36.99 40.10 26.56
N GLY H 104 37.72 40.77 27.45
CA GLY H 104 39.15 40.89 27.29
C GLY H 104 39.87 39.59 27.51
N GLU H 105 41.15 39.58 27.13
CA GLU H 105 41.98 38.38 27.20
C GLU H 105 42.33 38.00 28.64
N THR H 106 42.02 38.85 29.62
CA THR H 106 42.32 38.52 31.01
C THR H 106 41.14 37.88 31.72
N GLU H 107 39.92 38.31 31.42
CA GLU H 107 38.73 37.68 32.00
C GLU H 107 38.22 36.50 31.20
N MET H 108 38.77 36.26 30.00
CA MET H 108 38.32 35.15 29.18
C MET H 108 38.58 33.78 29.81
N PRO H 109 39.74 33.49 30.40
CA PRO H 109 39.94 32.16 30.99
C PRO H 109 38.94 31.81 32.09
N THR H 110 38.45 32.79 32.85
CA THR H 110 37.42 32.51 33.85
C THR H 110 36.13 32.03 33.19
N VAL H 111 35.74 32.69 32.11
CA VAL H 111 34.57 32.26 31.35
C VAL H 111 34.80 30.88 30.76
N MET H 112 36.04 30.60 30.34
CA MET H 112 36.37 29.26 29.84
C MET H 112 36.25 28.20 30.93
N ASN H 113 36.68 28.53 32.15
CA ASN H 113 36.50 27.61 33.27
C ASN H 113 35.03 27.31 33.51
N GLY H 114 34.21 28.36 33.55
CA GLY H 114 32.78 28.16 33.73
C GLY H 114 32.16 27.32 32.63
N LEU H 115 32.55 27.60 31.39
CA LEU H 115 32.01 26.84 30.25
C LEU H 115 32.43 25.39 30.31
N MET H 116 33.68 25.12 30.70
CA MET H 116 34.15 23.74 30.82
C MET H 116 33.35 22.98 31.88
N VAL H 117 33.10 23.62 33.03
CA VAL H 117 32.33 22.95 34.07
C VAL H 117 30.89 22.71 33.60
N TRP H 118 30.28 23.70 32.96
CA TRP H 118 28.93 23.55 32.44
C TRP H 118 28.85 22.43 31.41
N CYS H 119 29.87 22.31 30.56
CA CYS H 119 29.87 21.26 29.54
C CYS H 119 30.13 19.89 30.15
N ILE H 120 30.90 19.82 31.24
CA ILE H 120 31.00 18.58 31.99
C ILE H 120 29.62 18.14 32.47
N GLU H 121 28.85 19.10 32.98
CA GLU H 121 27.54 18.74 33.53
C GLU H 121 26.53 18.38 32.43
N ASN H 122 26.46 19.17 31.37
CA ASN H 122 25.32 19.13 30.46
C ASN H 122 25.66 18.65 29.06
N GLY H 123 26.90 18.30 28.77
CA GLY H 123 27.23 17.76 27.47
C GLY H 123 27.57 18.82 26.45
N THR H 124 27.96 18.34 25.27
CA THR H 124 28.43 19.18 24.17
C THR H 124 27.75 18.80 22.86
N SER H 125 26.44 18.57 22.92
CA SER H 125 25.70 18.21 21.72
C SER H 125 25.59 19.41 20.78
N PRO H 126 25.54 19.17 19.47
CA PRO H 126 25.34 20.29 18.52
C PRO H 126 23.99 20.98 18.69
N ASN H 127 23.03 20.33 19.33
CA ASN H 127 21.68 20.87 19.47
C ASN H 127 21.47 21.68 20.74
N ILE H 128 22.48 21.78 21.61
CA ILE H 128 22.34 22.60 22.81
C ILE H 128 22.14 24.06 22.41
N ASN H 129 21.23 24.74 23.09
CA ASN H 129 20.89 26.10 22.76
C ASN H 129 20.46 26.82 24.02
N GLY H 130 20.15 28.10 23.88
CA GLY H 130 19.76 28.92 25.01
C GLY H 130 20.97 29.59 25.63
N VAL H 131 21.15 29.41 26.93
CA VAL H 131 22.27 29.97 27.65
C VAL H 131 22.90 28.91 28.53
N TRP H 132 24.17 29.11 28.86
CA TRP H 132 24.82 28.38 29.93
C TRP H 132 25.07 29.34 31.09
N VAL H 133 25.38 28.78 32.26
CA VAL H 133 25.39 29.56 33.49
C VAL H 133 26.73 29.41 34.20
N MET H 134 27.21 30.51 34.76
CA MET H 134 28.35 30.55 35.66
C MET H 134 27.86 30.95 37.05
N MET H 135 28.47 30.35 38.07
CA MET H 135 28.08 30.62 39.46
C MET H 135 29.09 31.59 40.05
N CYS H 136 28.80 32.88 39.94
CA CYS H 136 29.62 33.93 40.54
C CYS H 136 29.21 34.07 41.99
N GLY H 137 29.92 33.36 42.87
CA GLY H 137 29.53 33.28 44.26
C GLY H 137 28.17 32.62 44.42
N ASP H 138 27.20 33.37 44.91
CA ASP H 138 25.83 32.89 45.02
C ASP H 138 24.94 33.38 43.88
N GLU H 139 25.49 34.13 42.93
CA GLU H 139 24.72 34.68 41.82
C GLU H 139 24.94 33.85 40.56
N GLN H 140 23.94 33.90 39.67
CA GLN H 140 23.95 33.13 38.43
C GLN H 140 24.08 34.09 37.26
N VAL H 141 25.13 33.91 36.46
CA VAL H 141 25.40 34.73 35.28
C VAL H 141 25.13 33.89 34.05
N GLU H 142 24.34 34.43 33.12
CA GLU H 142 23.94 33.68 31.94
C GLU H 142 24.72 34.18 30.73
N TYR H 143 25.31 33.24 29.99
CA TYR H 143 26.06 33.51 28.77
C TYR H 143 25.38 32.83 27.60
N PRO H 144 25.17 33.51 26.48
CA PRO H 144 24.54 32.85 25.33
C PRO H 144 25.39 31.71 24.80
N LEU H 145 24.72 30.63 24.39
CA LEU H 145 25.41 29.46 23.85
C LEU H 145 25.62 29.52 22.36
N LYS H 146 24.99 30.48 21.66
CA LYS H 146 25.14 30.55 20.21
C LYS H 146 26.57 30.76 19.75
N PRO H 147 27.35 31.70 20.29
CA PRO H 147 28.76 31.80 19.86
C PRO H 147 29.57 30.56 20.15
N ILE H 148 29.26 29.85 21.24
CA ILE H 148 30.01 28.66 21.60
C ILE H 148 29.81 27.55 20.58
N VAL H 149 28.59 27.38 20.09
CA VAL H 149 28.25 26.25 19.23
C VAL H 149 28.45 26.58 17.76
N GLU H 150 28.13 27.80 17.33
CA GLU H 150 28.19 28.10 15.91
C GLU H 150 29.62 28.26 15.39
N ASN H 151 30.59 28.50 16.27
CA ASN H 151 31.96 28.70 15.86
C ASN H 151 32.84 27.49 16.13
N ALA H 152 32.29 26.40 16.66
CA ALA H 152 33.07 25.21 17.00
C ALA H 152 33.15 24.31 15.77
N LYS H 153 34.35 24.16 15.22
CA LYS H 153 34.57 23.32 14.06
C LYS H 153 35.63 22.27 14.33
N PRO H 154 35.43 21.04 13.87
CA PRO H 154 34.27 20.56 13.10
C PRO H 154 33.02 20.39 13.96
N THR H 155 33.18 20.04 15.24
CA THR H 155 32.06 19.93 16.16
C THR H 155 32.45 20.57 17.49
N LEU H 156 31.45 20.81 18.33
CA LEU H 156 31.73 21.32 19.68
C LEU H 156 32.40 20.26 20.54
N ARG H 157 32.09 18.99 20.33
CA ARG H 157 32.74 17.92 21.08
C ARG H 157 34.23 17.88 20.78
N GLN H 158 34.61 18.05 19.51
CA GLN H 158 36.03 18.06 19.16
C GLN H 158 36.74 19.26 19.75
N ILE H 159 36.06 20.40 19.84
CA ILE H 159 36.65 21.58 20.47
C ILE H 159 36.85 21.34 21.97
N MET H 160 35.81 20.85 22.64
CA MET H 160 35.89 20.62 24.08
C MET H 160 36.79 19.46 24.45
N ALA H 161 37.13 18.60 23.49
CA ALA H 161 38.12 17.55 23.74
C ALA H 161 39.45 18.11 24.21
N HIS H 162 39.76 19.36 23.86
CA HIS H 162 40.97 20.00 24.37
C HIS H 162 40.92 20.21 25.88
N PHE H 163 39.74 20.16 26.47
CA PHE H 163 39.54 20.37 27.90
C PHE H 163 39.42 19.08 28.68
N SER H 164 39.67 17.93 28.05
CA SER H 164 39.33 16.64 28.65
C SER H 164 40.16 16.35 29.90
N ASP H 165 41.50 16.55 29.83
CA ASP H 165 42.36 16.28 31.00
C ASP H 165 42.01 17.20 32.16
N VAL H 166 41.76 18.50 31.86
CA VAL H 166 41.39 19.43 32.92
C VAL H 166 40.04 19.06 33.51
N ALA H 167 39.10 18.62 32.68
CA ALA H 167 37.80 18.20 33.17
C ALA H 167 37.91 17.01 34.10
N GLU H 168 38.73 16.02 33.72
CA GLU H 168 38.94 14.86 34.58
C GLU H 168 39.57 15.26 35.91
N ALA H 169 40.58 16.14 35.87
CA ALA H 169 41.21 16.59 37.10
C ALA H 169 40.22 17.37 37.97
N TYR H 170 39.39 18.20 37.36
CA TYR H 170 38.40 18.97 38.10
C TYR H 170 37.37 18.06 38.76
N ILE H 171 36.93 17.02 38.06
CA ILE H 171 35.97 16.09 38.64
C ILE H 171 36.58 15.36 39.82
N GLU H 172 37.84 14.94 39.71
CA GLU H 172 38.50 14.29 40.84
C GLU H 172 38.63 15.24 42.03
N MET H 173 39.01 16.50 41.74
CA MET H 173 39.15 17.48 42.81
C MET H 173 37.82 17.73 43.51
N ARG H 174 36.72 17.88 42.75
CA ARG H 174 35.43 18.07 43.37
C ARG H 174 35.00 16.86 44.17
N ASN H 175 35.30 15.66 43.68
CA ASN H 175 34.97 14.45 44.43
C ASN H 175 35.80 14.29 45.69
N LYS H 176 36.95 14.96 45.78
CA LYS H 176 37.71 14.92 47.02
C LYS H 176 36.96 15.56 48.19
N LYS H 177 36.02 16.47 47.94
CA LYS H 177 35.33 17.18 49.01
C LYS H 177 33.86 16.82 49.15
N GLU H 178 33.27 16.24 48.16
CA GLU H 178 31.86 15.86 48.24
C GLU H 178 31.53 14.90 47.12
N PRO H 179 30.38 14.15 47.20
CA PRO H 179 29.94 13.30 46.08
C PRO H 179 29.62 14.14 44.86
N TYR H 180 30.39 13.93 43.79
CA TYR H 180 30.29 14.75 42.59
C TYR H 180 30.33 13.83 41.37
N MET H 181 29.15 13.42 40.91
CA MET H 181 29.03 12.68 39.65
C MET H 181 28.42 13.61 38.62
N PRO H 182 29.08 13.82 37.48
CA PRO H 182 28.51 14.71 36.46
C PRO H 182 27.15 14.23 36.00
N ARG H 183 26.29 15.19 35.65
CA ARG H 183 24.92 14.85 35.26
C ARG H 183 24.89 13.89 34.08
N TYR H 184 25.93 13.91 33.24
CA TYR H 184 26.04 12.92 32.18
C TYR H 184 26.10 11.50 32.74
N GLY H 185 26.90 11.30 33.79
CA GLY H 185 26.99 10.01 34.42
C GLY H 185 25.75 9.62 35.19
N LEU H 186 24.94 10.60 35.61
CA LEU H 186 23.67 10.30 36.23
C LEU H 186 22.63 9.88 35.19
N VAL H 187 22.67 10.49 34.01
CA VAL H 187 21.77 10.06 32.93
C VAL H 187 22.15 8.68 32.43
N ARG H 188 23.45 8.38 32.36
CA ARG H 188 23.89 7.07 31.93
C ARG H 188 23.71 6.00 33.00
N ASN H 189 23.30 6.38 34.21
CA ASN H 189 23.08 5.44 35.32
C ASN H 189 24.34 4.66 35.64
N LEU H 190 25.48 5.34 35.66
CA LEU H 190 26.73 4.72 36.06
C LEU H 190 26.75 4.52 37.57
N ARG H 191 26.84 3.27 38.00
CA ARG H 191 26.69 2.90 39.40
C ARG H 191 28.01 2.90 40.17
N ASP H 192 29.11 3.27 39.54
CA ASP H 192 30.41 3.34 40.21
C ASP H 192 30.81 4.79 40.37
N GLY H 193 31.07 5.20 41.62
CA GLY H 193 31.47 6.56 41.88
C GLY H 193 32.93 6.84 41.59
N SER H 194 33.77 5.80 41.60
CA SER H 194 35.18 5.98 41.30
C SER H 194 35.43 6.22 39.81
N LEU H 195 34.43 5.99 38.97
CA LEU H 195 34.54 6.26 37.55
C LEU H 195 33.92 7.59 37.15
N ALA H 196 33.61 8.46 38.11
CA ALA H 196 32.99 9.73 37.81
C ALA H 196 33.90 10.63 36.99
N ARG H 197 35.22 10.45 37.10
CA ARG H 197 36.17 11.30 36.42
C ARG H 197 36.17 11.11 34.90
N TYR H 198 35.52 10.06 34.40
CA TYR H 198 35.42 9.82 32.96
C TYR H 198 34.00 9.96 32.44
N ALA H 199 33.06 10.35 33.27
CA ALA H 199 31.64 10.32 32.91
C ALA H 199 31.17 11.65 32.35
N PHE H 200 31.81 12.08 31.26
CA PHE H 200 31.32 13.20 30.48
C PHE H 200 31.50 12.86 29.01
N ASP H 201 30.70 13.49 28.15
CA ASP H 201 30.59 13.04 26.77
C ASP H 201 31.70 13.54 25.86
N PHE H 202 32.51 14.50 26.31
CA PHE H 202 33.65 14.95 25.53
C PHE H 202 34.97 14.41 26.06
N TYR H 203 34.92 13.37 26.89
CA TYR H 203 36.15 12.76 27.38
C TYR H 203 36.89 12.06 26.24
N GLU H 204 38.21 12.28 26.20
CA GLU H 204 39.06 11.72 25.15
C GLU H 204 39.83 10.54 25.70
N VAL H 205 39.62 9.38 25.10
CA VAL H 205 40.32 8.16 25.51
C VAL H 205 41.75 8.19 24.97
N THR H 206 42.70 7.95 25.85
CA THR H 206 44.12 7.95 25.50
C THR H 206 44.74 6.60 25.84
N SER H 207 46.04 6.49 25.59
CA SER H 207 46.77 5.27 25.93
C SER H 207 46.95 5.12 27.43
N ARG H 208 46.74 6.18 28.21
CA ARG H 208 46.87 6.13 29.66
C ARG H 208 45.53 5.91 30.36
N THR H 209 44.42 5.88 29.62
CA THR H 209 43.12 5.59 30.21
C THR H 209 43.09 4.15 30.71
N PRO H 210 42.67 3.91 31.95
CA PRO H 210 42.58 2.53 32.45
C PRO H 210 41.60 1.71 31.65
N VAL H 211 41.87 0.40 31.54
CA VAL H 211 41.07 -0.50 30.72
C VAL H 211 39.62 -0.51 31.20
N ARG H 212 39.41 -0.54 32.52
CA ARG H 212 38.06 -0.49 33.06
C ARG H 212 37.37 0.82 32.72
N ALA H 213 38.09 1.94 32.82
CA ALA H 213 37.53 3.23 32.46
C ALA H 213 37.20 3.28 30.97
N ARG H 214 38.06 2.70 30.13
CA ARG H 214 37.80 2.67 28.70
C ARG H 214 36.54 1.87 28.40
N GLU H 215 36.38 0.71 29.05
CA GLU H 215 35.19 -0.10 28.86
C GLU H 215 33.94 0.66 29.30
N ALA H 216 34.00 1.31 30.47
CA ALA H 216 32.84 2.07 30.95
C ALA H 216 32.49 3.20 30.00
N HIS H 217 33.49 3.93 29.51
CA HIS H 217 33.22 5.03 28.60
C HIS H 217 32.62 4.55 27.29
N ILE H 218 33.12 3.43 26.76
CA ILE H 218 32.58 2.92 25.50
C ILE H 218 31.15 2.43 25.69
N GLN H 219 30.87 1.77 26.82
CA GLN H 219 29.50 1.36 27.11
C GLN H 219 28.58 2.56 27.25
N MET H 220 29.04 3.62 27.91
CA MET H 220 28.22 4.82 28.05
C MET H 220 27.95 5.46 26.70
N LYS H 221 28.96 5.52 25.83
CA LYS H 221 28.76 6.08 24.50
C LYS H 221 27.76 5.26 23.70
N ALA H 222 27.87 3.93 23.77
CA ALA H 222 26.94 3.06 23.05
C ALA H 222 25.52 3.23 23.57
N ALA H 223 25.35 3.32 24.90
CA ALA H 223 24.04 3.51 25.48
C ALA H 223 23.45 4.87 25.09
N ALA H 224 24.28 5.91 25.06
CA ALA H 224 23.78 7.25 24.75
C ALA H 224 23.42 7.38 23.27
N LEU H 225 24.23 6.83 22.37
CA LEU H 225 23.96 6.97 20.94
C LEU H 225 22.80 6.10 20.49
N LYS H 226 22.64 4.91 21.10
CA LYS H 226 21.56 3.98 20.78
C LYS H 226 21.70 3.59 19.31
N SER H 227 20.64 3.68 18.51
CA SER H 227 20.67 3.34 17.09
C SER H 227 20.35 4.55 16.24
N ALA H 228 20.89 5.71 16.60
CA ALA H 228 20.63 6.93 15.86
C ALA H 228 21.28 6.88 14.49
N GLN H 229 20.49 7.16 13.45
CA GLN H 229 20.96 7.16 12.07
C GLN H 229 20.94 8.57 11.53
N SER H 230 22.07 8.94 10.94
CA SER H 230 22.21 10.26 10.39
C SER H 230 21.57 10.44 9.05
N ARG H 231 20.87 11.54 8.91
CA ARG H 231 20.28 11.90 7.63
C ARG H 231 21.12 13.01 7.01
N LEU H 232 21.59 12.86 5.71
CA LEU H 232 22.44 13.83 5.03
C LEU H 232 21.67 15.08 4.62
N PHE H 233 20.36 14.99 4.45
CA PHE H 233 19.57 16.09 3.93
C PHE H 233 18.32 16.29 4.77
N GLY H 234 17.85 17.54 4.81
CA GLY H 234 16.54 17.87 5.30
C GLY H 234 15.58 18.11 4.15
N LEU H 235 14.50 18.82 4.44
CA LEU H 235 13.56 19.19 3.39
C LEU H 235 14.22 20.21 2.47
N ASP H 236 14.11 19.97 1.16
CA ASP H 236 14.74 20.84 0.19
C ASP H 236 14.10 22.23 0.20
N GLY H 237 14.94 23.26 0.12
CA GLY H 237 14.46 24.63 0.20
C GLY H 237 13.78 25.14 -1.05
N GLY H 238 13.89 24.44 -2.16
CA GLY H 238 13.14 24.81 -3.34
C GLY H 238 11.68 24.46 -3.17
N ILE H 239 10.82 25.45 -2.99
CA ILE H 239 9.43 25.20 -2.63
C ILE H 239 8.55 25.06 -3.86
N SER H 240 8.70 25.97 -4.83
CA SER H 240 7.83 25.97 -5.99
C SER H 240 8.00 24.69 -6.80
N THR H 241 6.89 24.02 -7.10
CA THR H 241 6.88 22.86 -7.95
C THR H 241 6.13 23.06 -9.26
N GLN H 242 5.21 24.02 -9.31
CA GLN H 242 4.47 24.30 -10.53
C GLN H 242 5.29 25.20 -11.46
N GLU H 243 4.77 25.44 -12.65
CA GLU H 243 5.38 26.33 -13.62
C GLU H 243 4.62 27.65 -13.63
N GLU H 244 5.36 28.75 -13.82
CA GLU H 244 4.74 30.06 -13.83
C GLU H 244 3.79 30.21 -15.01
N ASN H 245 2.64 30.81 -14.76
CA ASN H 245 1.65 31.06 -15.79
C ASN H 245 2.00 32.36 -16.52
N THR H 246 2.47 32.24 -17.76
CA THR H 246 2.85 33.39 -18.56
C THR H 246 1.77 33.81 -19.55
N GLU H 247 0.62 33.16 -19.52
CA GLU H 247 -0.43 33.43 -20.51
C GLU H 247 -1.09 34.77 -20.25
N ARG H 248 -1.40 35.48 -21.35
CA ARG H 248 -2.10 36.75 -21.29
C ARG H 248 -3.54 36.56 -20.85
N HIS H 249 -4.22 37.66 -20.55
CA HIS H 249 -5.63 37.65 -20.20
C HIS H 249 -6.24 38.95 -20.67
N THR H 250 -7.10 38.88 -21.68
CA THR H 250 -7.72 40.06 -22.27
C THR H 250 -9.23 40.04 -22.02
N THR H 251 -9.87 41.17 -22.28
CA THR H 251 -11.32 41.27 -22.13
C THR H 251 -12.08 40.51 -23.20
N GLU H 252 -11.40 40.02 -24.24
CA GLU H 252 -12.04 39.19 -25.25
C GLU H 252 -12.16 37.73 -24.81
N ASP H 253 -11.48 37.34 -23.75
CA ASP H 253 -11.53 35.96 -23.29
C ASP H 253 -12.91 35.61 -22.78
N VAL H 254 -13.38 34.41 -23.15
CA VAL H 254 -14.69 33.95 -22.69
C VAL H 254 -14.69 33.72 -21.19
N SER H 255 -13.54 33.38 -20.62
CA SER H 255 -13.42 33.11 -19.19
C SER H 255 -11.97 33.37 -18.79
N PRO H 256 -11.69 33.48 -17.49
CA PRO H 256 -10.30 33.69 -17.06
C PRO H 256 -9.36 32.55 -17.43
N SER H 257 -9.88 31.36 -17.75
CA SER H 257 -9.05 30.21 -18.06
C SER H 257 -9.12 29.77 -19.51
N MET H 258 -10.08 30.25 -20.29
CA MET H 258 -10.25 29.86 -21.69
C MET H 258 -10.31 31.11 -22.55
N HIS H 259 -9.48 31.14 -23.60
CA HIS H 259 -9.52 32.28 -24.52
C HIS H 259 -10.79 32.27 -25.36
N THR H 260 -11.13 31.11 -25.92
CA THR H 260 -12.32 30.97 -26.76
C THR H 260 -12.90 29.58 -26.55
N LEU H 261 -13.95 29.28 -27.32
CA LEU H 261 -14.63 27.99 -27.35
C LEU H 261 -14.72 27.49 -28.79
N LEU H 262 -13.58 27.52 -29.49
CA LEU H 262 -13.57 27.43 -30.95
C LEU H 262 -14.27 26.18 -31.47
N GLY H 263 -13.87 25.01 -31.03
CA GLY H 263 -14.45 23.82 -31.62
C GLY H 263 -15.83 23.45 -31.14
N VAL H 264 -16.39 24.25 -30.24
CA VAL H 264 -17.67 23.90 -29.65
C VAL H 264 -18.84 24.05 -30.60
N LYS H 265 -19.66 23.02 -30.65
CA LYS H 265 -20.89 23.07 -31.46
C LYS H 265 -22.09 23.13 -30.54
N ASN H 266 -23.02 24.04 -30.80
CA ASN H 266 -24.22 24.20 -29.98
C ASN H 266 -25.15 22.99 -30.10
N MET H 267 -25.23 22.33 -31.27
CA MET H 267 -26.07 21.15 -31.45
C MET H 267 -25.38 20.11 -32.32
N VAL I 44 79.90 -7.69 70.65
CA VAL I 44 79.84 -7.94 69.21
C VAL I 44 78.91 -6.93 68.54
N PRO I 45 79.21 -6.56 67.29
CA PRO I 45 78.38 -5.58 66.60
C PRO I 45 76.98 -6.11 66.30
N ARG I 46 76.04 -5.18 66.19
CA ARG I 46 74.65 -5.52 65.91
C ARG I 46 74.36 -5.33 64.42
N ILE I 47 73.54 -6.22 63.87
CA ILE I 47 73.24 -6.22 62.44
C ILE I 47 72.04 -5.31 62.20
N LYS I 48 72.16 -4.43 61.20
CA LYS I 48 71.05 -3.58 60.82
C LYS I 48 69.96 -4.38 60.11
N ALA I 49 68.72 -3.95 60.33
CA ALA I 49 67.59 -4.65 59.72
C ALA I 49 67.64 -4.57 58.21
N ILE I 50 67.61 -3.37 57.66
CA ILE I 50 67.70 -3.15 56.22
C ILE I 50 69.01 -2.42 55.96
N THR I 51 70.00 -3.16 55.47
CA THR I 51 71.33 -2.62 55.23
C THR I 51 71.50 -2.29 53.75
N SER I 52 72.65 -1.72 53.42
CA SER I 52 72.99 -1.43 52.03
C SER I 52 73.57 -2.64 51.29
N LYS I 53 73.91 -3.71 52.00
CA LYS I 53 74.42 -4.90 51.35
C LYS I 53 73.36 -5.54 50.46
N MET I 54 72.12 -5.47 50.93
CA MET I 54 71.01 -5.99 50.16
C MET I 54 70.75 -5.11 48.98
N ARG I 55 70.18 -5.69 47.93
CA ARG I 55 69.90 -4.93 46.71
C ARG I 55 68.71 -4.02 46.82
N MET I 56 68.91 -2.78 46.41
CA MET I 56 67.85 -1.80 46.42
C MET I 56 67.46 -1.44 44.99
N PRO I 57 66.22 -1.01 44.77
CA PRO I 57 65.84 -0.52 43.42
C PRO I 57 66.59 0.75 43.08
N LYS I 58 67.29 0.74 41.95
CA LYS I 58 68.13 1.84 41.52
C LYS I 58 67.69 2.34 40.16
N SER I 59 67.73 3.65 39.97
CA SER I 59 67.44 4.29 38.70
C SER I 59 68.55 5.27 38.37
N LYS I 60 69.13 5.13 37.18
CA LYS I 60 70.23 5.99 36.72
C LYS I 60 71.39 6.00 37.71
N GLY I 61 71.73 4.82 38.22
CA GLY I 61 72.85 4.70 39.15
C GLY I 61 72.63 5.42 40.46
N ALA I 62 71.44 5.26 41.05
CA ALA I 62 71.12 5.88 42.33
C ALA I 62 69.93 5.15 42.93
N THR I 63 70.07 4.74 44.19
CA THR I 63 68.98 4.07 44.88
C THR I 63 67.79 5.01 45.01
N VAL I 64 66.60 4.45 44.78
CA VAL I 64 65.37 5.24 44.78
C VAL I 64 64.67 5.21 46.14
N LEU I 65 65.33 4.67 47.16
CA LEU I 65 64.75 4.60 48.50
C LEU I 65 65.65 5.34 49.49
N ASN I 66 65.02 5.91 50.51
CA ASN I 66 65.73 6.59 51.60
C ASN I 66 65.84 5.59 52.76
N LEU I 67 67.04 5.04 52.95
CA LEU I 67 67.20 3.95 53.91
C LEU I 67 66.94 4.41 55.34
N GLU I 68 67.42 5.60 55.71
CA GLU I 68 67.26 6.08 57.08
C GLU I 68 65.79 6.32 57.40
N HIS I 69 65.09 7.05 56.54
CA HIS I 69 63.67 7.31 56.78
C HIS I 69 62.87 6.01 56.80
N LEU I 70 63.18 5.09 55.88
CA LEU I 70 62.47 3.82 55.84
C LEU I 70 62.69 3.03 57.12
N LEU I 71 63.93 3.01 57.62
CA LEU I 71 64.19 2.36 58.90
C LEU I 71 63.45 3.05 60.04
N GLU I 72 63.18 4.35 59.91
CA GLU I 72 62.40 5.06 60.90
C GLU I 72 60.92 5.16 60.57
N TYR I 73 60.49 4.62 59.43
CA TYR I 73 59.09 4.72 58.99
C TYR I 73 58.31 3.54 59.54
N ALA I 74 57.44 3.80 60.52
CA ALA I 74 56.63 2.76 61.16
C ALA I 74 55.18 3.23 61.27
N PRO I 75 54.46 3.34 60.16
CA PRO I 75 53.05 3.73 60.23
C PRO I 75 52.19 2.62 60.79
N GLN I 76 51.08 3.00 61.39
CA GLN I 76 50.09 2.02 61.81
C GLN I 76 49.43 1.40 60.59
N GLN I 77 49.20 0.08 60.65
CA GLN I 77 48.71 -0.65 59.49
C GLN I 77 47.32 -0.19 59.07
N ILE I 78 46.46 0.12 60.05
CA ILE I 78 45.12 0.57 59.73
C ILE I 78 45.12 1.97 59.15
N ASP I 79 46.20 2.73 59.32
CA ASP I 79 46.27 4.09 58.79
C ASP I 79 46.62 4.14 57.32
N ILE I 80 47.13 3.06 56.73
CA ILE I 80 47.56 3.05 55.35
C ILE I 80 46.83 2.01 54.52
N SER I 81 45.81 1.37 55.07
CA SER I 81 45.01 0.41 54.33
C SER I 81 43.92 1.13 53.53
N ASN I 82 43.57 0.55 52.39
CA ASN I 82 42.55 1.11 51.52
C ASN I 82 41.17 0.51 51.75
N THR I 83 41.04 -0.37 52.75
CA THR I 83 39.74 -0.87 53.19
C THR I 83 39.09 0.03 54.22
N ARG I 84 39.73 1.14 54.57
CA ARG I 84 39.22 2.10 55.52
C ARG I 84 39.27 3.48 54.89
N ALA I 85 38.24 4.29 55.13
CA ALA I 85 38.22 5.63 54.57
C ALA I 85 39.37 6.46 55.14
N THR I 86 39.90 7.36 54.31
CA THR I 86 40.98 8.22 54.76
C THR I 86 40.49 9.21 55.80
N GLN I 87 41.44 9.81 56.51
CA GLN I 87 41.09 10.76 57.56
C GLN I 87 40.34 11.95 56.98
N SER I 88 40.75 12.42 55.79
CA SER I 88 40.05 13.52 55.14
C SER I 88 38.61 13.14 54.81
N GLN I 89 38.39 11.93 54.29
CA GLN I 89 37.04 11.48 53.98
C GLN I 89 36.21 11.35 55.24
N PHE I 90 36.81 10.86 56.32
CA PHE I 90 36.09 10.76 57.59
C PHE I 90 35.70 12.13 58.13
N ASP I 91 36.61 13.10 58.04
CA ASP I 91 36.29 14.45 58.48
C ASP I 91 35.18 15.05 57.64
N THR I 92 35.23 14.83 56.33
CA THR I 92 34.17 15.33 55.45
C THR I 92 32.82 14.73 55.83
N TRP I 93 32.78 13.42 56.06
CA TRP I 93 31.53 12.77 56.44
C TRP I 93 31.03 13.29 57.77
N TYR I 94 31.92 13.42 58.76
CA TYR I 94 31.53 13.90 60.08
C TYR I 94 30.99 15.32 60.02
N GLU I 95 31.66 16.20 59.27
CA GLU I 95 31.19 17.57 59.12
C GLU I 95 29.84 17.63 58.41
N ALA I 96 29.67 16.81 57.37
CA ALA I 96 28.41 16.82 56.64
C ALA I 96 27.26 16.33 57.52
N VAL I 97 27.50 15.29 58.33
CA VAL I 97 26.47 14.80 59.22
C VAL I 97 26.14 15.83 60.28
N GLN I 98 27.17 16.55 60.85
CA GLN I 98 26.94 17.65 61.79
C GLN I 98 26.07 18.73 61.18
N LEU I 99 26.40 19.08 59.95
CA LEU I 99 25.64 20.13 59.28
C LEU I 99 24.20 19.70 59.05
N ALA I 100 23.98 18.46 58.62
CA ALA I 100 22.63 18.01 58.30
C ALA I 100 21.78 17.86 59.56
N TYR I 101 22.38 17.39 60.65
CA TYR I 101 21.63 17.17 61.87
C TYR I 101 21.42 18.44 62.68
N ASP I 102 22.13 19.53 62.36
CA ASP I 102 22.04 20.78 63.10
C ASP I 102 22.32 20.56 64.59
N ILE I 103 23.37 19.81 64.87
CA ILE I 103 23.75 19.44 66.23
C ILE I 103 25.11 20.04 66.53
N GLY I 104 25.26 20.58 67.73
CA GLY I 104 26.52 21.17 68.13
C GLY I 104 27.61 20.14 68.33
N GLU I 105 28.84 20.65 68.44
CA GLU I 105 30.01 19.78 68.58
C GLU I 105 30.08 19.09 69.94
N THR I 106 29.22 19.46 70.89
CA THR I 106 29.24 18.82 72.20
C THR I 106 28.25 17.67 72.30
N GLU I 107 27.09 17.78 71.66
CA GLU I 107 26.13 16.69 71.64
C GLU I 107 26.35 15.71 70.50
N MET I 108 27.25 16.05 69.56
CA MET I 108 27.49 15.16 68.43
C MET I 108 28.09 13.81 68.82
N PRO I 109 29.08 13.71 69.72
CA PRO I 109 29.59 12.37 70.08
C PRO I 109 28.56 11.43 70.66
N THR I 110 27.54 11.93 71.35
CA THR I 110 26.48 11.05 71.84
C THR I 110 25.70 10.43 70.68
N VAL I 111 25.39 11.26 69.67
CA VAL I 111 24.72 10.75 68.48
C VAL I 111 25.62 9.76 67.76
N MET I 112 26.94 10.01 67.78
CA MET I 112 27.88 9.06 67.17
C MET I 112 27.88 7.73 67.91
N ASN I 113 27.81 7.77 69.24
CA ASN I 113 27.70 6.54 70.02
C ASN I 113 26.46 5.75 69.63
N GLY I 114 25.32 6.44 69.59
CA GLY I 114 24.09 5.78 69.21
C GLY I 114 24.15 5.18 67.81
N LEU I 115 24.72 5.93 66.86
CA LEU I 115 24.85 5.45 65.49
C LEU I 115 25.77 4.24 65.41
N MET I 116 26.87 4.25 66.17
CA MET I 116 27.77 3.11 66.17
C MET I 116 27.08 1.87 66.70
N VAL I 117 26.31 2.00 67.78
CA VAL I 117 25.60 0.83 68.32
C VAL I 117 24.55 0.33 67.32
N TRP I 118 23.81 1.26 66.72
CA TRP I 118 22.81 0.88 65.73
C TRP I 118 23.45 0.17 64.54
N CYS I 119 24.63 0.63 64.11
CA CYS I 119 25.30 0.00 62.98
C CYS I 119 25.89 -1.35 63.36
N ILE I 120 26.32 -1.52 64.61
CA ILE I 120 26.69 -2.85 65.09
C ILE I 120 25.51 -3.80 64.94
N GLU I 121 24.32 -3.33 65.31
CA GLU I 121 23.16 -4.21 65.27
C GLU I 121 22.70 -4.50 63.84
N ASN I 122 22.61 -3.48 62.99
CA ASN I 122 21.87 -3.58 61.75
C ASN I 122 22.72 -3.46 60.49
N GLY I 123 24.04 -3.32 60.62
CA GLY I 123 24.89 -3.30 59.45
C GLY I 123 25.04 -1.92 58.84
N THR I 124 25.90 -1.87 57.82
CA THR I 124 26.28 -0.62 57.15
C THR I 124 26.17 -0.77 55.64
N SER I 125 25.09 -1.38 55.17
CA SER I 125 24.89 -1.55 53.73
C SER I 125 24.58 -0.21 53.08
N PRO I 126 24.99 -0.03 51.81
CA PRO I 126 24.62 1.21 51.10
C PRO I 126 23.13 1.38 50.90
N ASN I 127 22.36 0.31 51.01
CA ASN I 127 20.93 0.34 50.75
C ASN I 127 20.09 0.61 51.99
N ILE I 128 20.71 0.74 53.17
CA ILE I 128 19.95 1.06 54.37
C ILE I 128 19.33 2.44 54.21
N ASN I 129 18.07 2.56 54.65
CA ASN I 129 17.33 3.81 54.49
C ASN I 129 16.33 3.93 55.62
N GLY I 130 15.60 5.03 55.63
CA GLY I 130 14.64 5.29 56.68
C GLY I 130 15.28 6.07 57.81
N VAL I 131 15.17 5.54 59.03
CA VAL I 131 15.75 6.17 60.20
C VAL I 131 16.48 5.11 61.03
N TRP I 132 17.42 5.58 61.82
CA TRP I 132 18.00 4.78 62.89
C TRP I 132 17.53 5.36 64.23
N VAL I 133 17.71 4.59 65.30
CA VAL I 133 17.09 4.91 66.58
C VAL I 133 18.14 4.95 67.68
N MET I 134 17.99 5.91 68.58
CA MET I 134 18.74 6.00 69.82
C MET I 134 17.78 5.78 70.99
N MET I 135 18.27 5.11 72.02
CA MET I 135 17.45 4.79 73.20
C MET I 135 17.81 5.79 74.30
N CYS I 136 17.08 6.90 74.34
CA CYS I 136 17.25 7.90 75.38
C CYS I 136 16.44 7.45 76.59
N GLY I 137 17.11 6.74 77.51
CA GLY I 137 16.41 6.13 78.62
C GLY I 137 15.44 5.08 78.14
N ASP I 138 14.15 5.30 78.38
CA ASP I 138 13.10 4.43 77.89
C ASP I 138 12.43 4.96 76.62
N GLU I 139 12.88 6.09 76.10
CA GLU I 139 12.29 6.71 74.92
C GLU I 139 13.13 6.42 73.69
N GLN I 140 12.47 6.45 72.54
CA GLN I 140 13.11 6.15 71.26
C GLN I 140 13.18 7.41 70.42
N VAL I 141 14.39 7.82 70.04
CA VAL I 141 14.61 9.00 69.23
C VAL I 141 15.03 8.55 67.84
N GLU I 142 14.38 9.08 66.81
CA GLU I 142 14.63 8.67 65.44
C GLU I 142 15.45 9.73 64.72
N TYR I 143 16.54 9.29 64.08
CA TYR I 143 17.42 10.14 63.30
C TYR I 143 17.40 9.68 61.84
N PRO I 144 17.25 10.59 60.88
CA PRO I 144 17.25 10.17 59.48
C PRO I 144 18.59 9.56 59.08
N LEU I 145 18.53 8.52 58.25
CA LEU I 145 19.72 7.84 57.78
C LEU I 145 20.29 8.42 56.50
N LYS I 146 19.55 9.30 55.83
CA LYS I 146 20.04 9.87 54.57
C LYS I 146 21.35 10.63 54.72
N PRO I 147 21.53 11.54 55.68
CA PRO I 147 22.84 12.20 55.82
C PRO I 147 23.96 11.22 56.13
N ILE I 148 23.67 10.15 56.86
CA ILE I 148 24.71 9.19 57.24
C ILE I 148 25.22 8.46 56.01
N VAL I 149 24.34 8.08 55.10
CA VAL I 149 24.72 7.24 53.98
C VAL I 149 25.16 8.04 52.77
N GLU I 150 24.52 9.18 52.50
CA GLU I 150 24.84 9.93 51.28
C GLU I 150 26.17 10.66 51.36
N ASN I 151 26.70 10.89 52.56
CA ASN I 151 27.95 11.60 52.73
C ASN I 151 29.12 10.69 53.05
N ALA I 152 28.92 9.39 53.12
CA ALA I 152 29.97 8.45 53.47
C ALA I 152 30.72 8.04 52.21
N LYS I 153 31.98 8.43 52.11
CA LYS I 153 32.80 8.11 50.97
C LYS I 153 34.07 7.39 51.41
N PRO I 154 34.51 6.36 50.66
CA PRO I 154 33.87 5.82 49.45
C PRO I 154 32.60 5.02 49.75
N THR I 155 32.53 4.37 50.90
CA THR I 155 31.34 3.64 51.32
C THR I 155 31.08 3.92 52.79
N LEU I 156 29.88 3.57 53.25
CA LEU I 156 29.56 3.69 54.66
C LEU I 156 30.34 2.68 55.49
N ARG I 157 30.60 1.49 54.94
CA ARG I 157 31.39 0.49 55.64
C ARG I 157 32.81 1.00 55.91
N GLN I 158 33.42 1.66 54.93
CA GLN I 158 34.76 2.20 55.11
C GLN I 158 34.78 3.31 56.15
N ILE I 159 33.70 4.11 56.22
CA ILE I 159 33.60 5.15 57.23
C ILE I 159 33.46 4.53 58.61
N MET I 160 32.56 3.57 58.76
CA MET I 160 32.32 2.94 60.05
C MET I 160 33.47 2.04 60.49
N ALA I 161 34.37 1.67 59.58
CA ALA I 161 35.57 0.94 59.95
C ALA I 161 36.40 1.70 60.97
N HIS I 162 36.29 3.02 61.02
CA HIS I 162 36.98 3.80 62.04
C HIS I 162 36.45 3.51 63.43
N PHE I 163 35.26 2.92 63.54
CA PHE I 163 34.62 2.61 64.81
C PHE I 163 34.81 1.16 65.22
N SER I 164 35.65 0.40 64.52
CA SER I 164 35.67 -1.06 64.68
C SER I 164 36.18 -1.46 66.06
N ASP I 165 37.31 -0.86 66.54
CA ASP I 165 37.85 -1.20 67.85
C ASP I 165 36.89 -0.84 68.96
N VAL I 166 36.25 0.34 68.86
CA VAL I 166 35.28 0.74 69.87
C VAL I 166 34.07 -0.18 69.85
N ALA I 167 33.63 -0.60 68.65
CA ALA I 167 32.52 -1.52 68.55
C ALA I 167 32.83 -2.85 69.21
N GLU I 168 34.03 -3.38 68.97
CA GLU I 168 34.43 -4.63 69.59
C GLU I 168 34.47 -4.51 71.11
N ALA I 169 35.04 -3.40 71.61
CA ALA I 169 35.10 -3.18 73.05
C ALA I 169 33.69 -3.05 73.64
N TYR I 170 32.79 -2.36 72.95
CA TYR I 170 31.43 -2.20 73.42
C TYR I 170 30.69 -3.53 73.47
N ILE I 171 30.89 -4.38 72.46
CA ILE I 171 30.24 -5.68 72.46
C ILE I 171 30.76 -6.52 73.62
N GLU I 172 32.06 -6.49 73.89
CA GLU I 172 32.59 -7.23 75.04
C GLU I 172 32.02 -6.71 76.34
N MET I 173 31.95 -5.37 76.47
CA MET I 173 31.40 -4.78 77.68
C MET I 173 29.94 -5.17 77.89
N ARG I 174 29.13 -5.14 76.83
CA ARG I 174 27.74 -5.53 76.97
C ARG I 174 27.60 -7.02 77.30
N ASN I 175 28.47 -7.85 76.72
CA ASN I 175 28.44 -9.27 77.05
C ASN I 175 28.90 -9.57 78.46
N LYS I 176 29.63 -8.64 79.10
CA LYS I 176 29.98 -8.83 80.50
C LYS I 176 28.77 -8.86 81.43
N LYS I 177 27.65 -8.24 81.03
CA LYS I 177 26.48 -8.14 81.88
C LYS I 177 25.28 -8.95 81.41
N GLU I 178 25.26 -9.34 80.19
CA GLU I 178 24.14 -10.12 79.68
C GLU I 178 24.52 -10.74 78.34
N PRO I 179 23.77 -11.78 77.86
CA PRO I 179 24.01 -12.33 76.51
C PRO I 179 23.73 -11.28 75.45
N TYR I 180 24.77 -10.91 74.71
CA TYR I 180 24.70 -9.83 73.73
C TYR I 180 25.41 -10.27 72.46
N MET I 181 24.66 -10.85 71.53
CA MET I 181 25.17 -11.15 70.20
C MET I 181 24.55 -10.17 69.22
N PRO I 182 25.36 -9.42 68.46
CA PRO I 182 24.79 -8.48 67.50
C PRO I 182 23.90 -9.18 66.49
N ARG I 183 22.86 -8.46 66.06
CA ARG I 183 21.89 -9.05 65.14
C ARG I 183 22.54 -9.56 63.86
N TYR I 184 23.68 -8.97 63.47
CA TYR I 184 24.44 -9.49 62.35
C TYR I 184 24.89 -10.92 62.61
N GLY I 185 25.40 -11.19 63.82
CA GLY I 185 25.80 -12.54 64.17
C GLY I 185 24.65 -13.50 64.35
N LEU I 186 23.45 -12.99 64.63
CA LEU I 186 22.27 -13.83 64.67
C LEU I 186 21.80 -14.20 63.27
N VAL I 187 21.91 -13.27 62.33
CA VAL I 187 21.57 -13.58 60.94
C VAL I 187 22.58 -14.56 60.35
N ARG I 188 23.85 -14.42 60.69
CA ARG I 188 24.88 -15.33 60.21
C ARG I 188 24.83 -16.69 60.90
N ASN I 189 24.00 -16.84 61.93
CA ASN I 189 23.87 -18.10 62.67
C ASN I 189 25.21 -18.54 63.27
N LEU I 190 25.93 -17.58 63.84
CA LEU I 190 27.18 -17.89 64.52
C LEU I 190 26.86 -18.54 65.87
N ARG I 191 27.32 -19.78 66.06
CA ARG I 191 26.95 -20.58 67.21
C ARG I 191 27.90 -20.43 68.39
N ASP I 192 28.91 -19.57 68.29
CA ASP I 192 29.85 -19.33 69.38
C ASP I 192 29.60 -17.95 69.96
N GLY I 193 29.33 -17.90 71.26
CA GLY I 193 29.09 -16.63 71.91
C GLY I 193 30.35 -15.85 72.23
N SER I 194 31.48 -16.54 72.35
CA SER I 194 32.74 -15.86 72.61
C SER I 194 33.27 -15.11 71.41
N LEU I 195 32.69 -15.35 70.23
CA LEU I 195 33.07 -14.64 69.02
C LEU I 195 32.12 -13.49 68.69
N ALA I 196 31.25 -13.11 69.64
CA ALA I 196 30.29 -12.04 69.39
C ALA I 196 30.97 -10.71 69.14
N ARG I 197 32.18 -10.51 69.68
CA ARG I 197 32.87 -9.24 69.56
C ARG I 197 33.35 -8.95 68.15
N TYR I 198 33.32 -9.92 67.25
CA TYR I 198 33.71 -9.72 65.86
C TYR I 198 32.54 -9.86 64.89
N ALA I 199 31.33 -10.05 65.40
CA ALA I 199 30.19 -10.40 64.55
C ALA I 199 29.40 -9.15 64.13
N PHE I 200 30.10 -8.23 63.45
CA PHE I 200 29.45 -7.13 62.78
C PHE I 200 30.13 -6.92 61.43
N ASP I 201 29.40 -6.33 60.48
CA ASP I 201 29.85 -6.34 59.10
C ASP I 201 30.89 -5.26 58.78
N PHE I 202 31.11 -4.29 59.66
CA PHE I 202 32.16 -3.31 59.45
C PHE I 202 33.38 -3.57 60.31
N TYR I 203 33.53 -4.77 60.84
CA TYR I 203 34.71 -5.12 61.60
C TYR I 203 35.94 -5.16 60.71
N GLU I 204 37.03 -4.56 61.19
CA GLU I 204 38.27 -4.47 60.43
C GLU I 204 39.27 -5.49 60.99
N VAL I 205 39.69 -6.41 60.13
CA VAL I 205 40.66 -7.43 60.52
C VAL I 205 42.05 -6.80 60.55
N THR I 206 42.77 -7.01 61.65
CA THR I 206 44.11 -6.47 61.84
C THR I 206 45.08 -7.60 62.12
N SER I 207 46.35 -7.24 62.34
CA SER I 207 47.36 -8.22 62.68
C SER I 207 47.17 -8.79 64.08
N ARG I 208 46.38 -8.13 64.92
CA ARG I 208 46.11 -8.59 66.27
C ARG I 208 44.84 -9.41 66.38
N THR I 209 44.07 -9.54 65.31
CA THR I 209 42.88 -10.37 65.32
C THR I 209 43.27 -11.84 65.48
N PRO I 210 42.66 -12.56 66.41
CA PRO I 210 42.99 -13.99 66.56
C PRO I 210 42.64 -14.77 65.30
N VAL I 211 43.42 -15.84 65.07
CA VAL I 211 43.27 -16.62 63.85
C VAL I 211 41.87 -17.22 63.75
N ARG I 212 41.35 -17.73 64.88
CA ARG I 212 39.99 -18.26 64.89
C ARG I 212 38.97 -17.18 64.58
N ALA I 213 39.14 -15.99 65.16
CA ALA I 213 38.24 -14.88 64.87
C ALA I 213 38.33 -14.47 63.41
N ARG I 214 39.54 -14.46 62.84
CA ARG I 214 39.70 -14.12 61.43
C ARG I 214 38.99 -15.13 60.54
N GLU I 215 39.13 -16.42 60.86
CA GLU I 215 38.42 -17.45 60.10
C GLU I 215 36.92 -17.28 60.19
N ALA I 216 36.41 -17.04 61.40
CA ALA I 216 34.97 -16.86 61.57
C ALA I 216 34.46 -15.65 60.81
N HIS I 217 35.21 -14.54 60.86
CA HIS I 217 34.79 -13.33 60.15
C HIS I 217 34.79 -13.55 58.64
N ILE I 218 35.81 -14.22 58.12
CA ILE I 218 35.87 -14.45 56.68
C ILE I 218 34.74 -15.39 56.24
N GLN I 219 34.44 -16.42 57.04
CA GLN I 219 33.32 -17.29 56.72
C GLN I 219 31.99 -16.53 56.75
N MET I 220 31.82 -15.65 57.73
CA MET I 220 30.59 -14.85 57.80
C MET I 220 30.47 -13.93 56.59
N LYS I 221 31.57 -13.30 56.18
CA LYS I 221 31.53 -12.44 55.00
C LYS I 221 31.19 -13.24 53.75
N ALA I 222 31.78 -14.42 53.60
CA ALA I 222 31.49 -15.26 52.43
C ALA I 222 30.03 -15.70 52.43
N ALA I 223 29.49 -16.07 53.60
CA ALA I 223 28.10 -16.48 53.67
C ALA I 223 27.16 -15.31 53.38
N ALA I 224 27.50 -14.10 53.85
CA ALA I 224 26.62 -12.96 53.65
C ALA I 224 26.64 -12.49 52.20
N LEU I 225 27.82 -12.46 51.57
CA LEU I 225 27.91 -11.96 50.20
C LEU I 225 27.34 -12.96 49.20
N LYS I 226 27.49 -14.26 49.46
CA LYS I 226 26.99 -15.33 48.60
C LYS I 226 27.65 -15.18 47.22
N SER I 227 26.90 -15.16 46.13
CA SER I 227 27.44 -15.01 44.79
C SER I 227 26.92 -13.75 44.13
N ALA I 228 26.86 -12.66 44.88
CA ALA I 228 26.34 -11.41 44.36
C ALA I 228 27.31 -10.83 43.32
N GLN I 229 26.79 -10.48 42.15
CA GLN I 229 27.57 -9.92 41.07
C GLN I 229 27.14 -8.48 40.83
N SER I 230 28.16 -7.63 40.78
CA SER I 230 27.92 -6.22 40.59
C SER I 230 27.65 -5.83 39.17
N ARG I 231 26.65 -5.00 39.01
CA ARG I 231 26.32 -4.46 37.69
C ARG I 231 26.81 -3.01 37.64
N LEU I 232 27.63 -2.61 36.61
CA LEU I 232 28.18 -1.26 36.48
C LEU I 232 27.13 -0.24 36.08
N PHE I 233 26.05 -0.66 35.44
CA PHE I 233 25.07 0.26 34.89
C PHE I 233 23.66 -0.19 35.24
N GLY I 234 22.77 0.79 35.36
CA GLY I 234 21.34 0.55 35.39
C GLY I 234 20.71 0.83 34.04
N LEU I 235 19.40 1.04 34.06
CA LEU I 235 18.72 1.43 32.84
C LEU I 235 19.15 2.83 32.42
N ASP I 236 19.50 2.99 31.15
CA ASP I 236 19.98 4.27 30.66
C ASP I 236 18.87 5.32 30.72
N GLY I 237 19.23 6.53 31.14
CA GLY I 237 18.27 7.59 31.31
C GLY I 237 17.80 8.25 30.03
N GLY I 238 18.47 8.01 28.91
CA GLY I 238 17.98 8.48 27.64
C GLY I 238 16.78 7.66 27.20
N ILE I 239 15.60 8.25 27.25
CA ILE I 239 14.37 7.49 27.02
C ILE I 239 13.97 7.49 25.56
N SER I 240 14.01 8.65 24.91
CA SER I 240 13.54 8.76 23.53
C SER I 240 14.42 7.92 22.61
N THR I 241 13.76 7.08 21.80
CA THR I 241 14.45 6.28 20.79
C THR I 241 14.06 6.65 19.37
N GLN I 242 12.89 7.26 19.17
CA GLN I 242 12.45 7.67 17.85
C GLN I 242 13.08 9.02 17.49
N GLU I 243 12.85 9.44 16.25
CA GLU I 243 13.29 10.74 15.77
C GLU I 243 12.13 11.71 15.74
N GLU I 244 12.41 12.97 16.05
CA GLU I 244 11.36 13.99 16.07
C GLU I 244 10.78 14.20 14.68
N ASN I 245 9.46 14.32 14.62
CA ASN I 245 8.75 14.57 13.35
C ASN I 245 8.77 16.07 13.08
N THR I 246 9.55 16.49 12.09
CA THR I 246 9.66 17.89 11.73
C THR I 246 8.82 18.26 10.52
N GLU I 247 8.03 17.32 9.99
CA GLU I 247 7.28 17.56 8.78
C GLU I 247 6.10 18.49 9.02
N ARG I 248 5.85 19.37 8.06
CA ARG I 248 4.73 20.29 8.11
C ARG I 248 3.42 19.54 7.94
N HIS I 249 2.32 20.26 8.19
CA HIS I 249 0.98 19.70 7.99
C HIS I 249 0.06 20.85 7.60
N THR I 250 -0.41 20.84 6.35
CA THR I 250 -1.25 21.89 5.83
C THR I 250 -2.63 21.34 5.49
N THR I 251 -3.58 22.27 5.25
CA THR I 251 -4.93 21.87 4.89
C THR I 251 -5.03 21.29 3.48
N GLU I 252 -3.96 21.39 2.68
CA GLU I 252 -3.92 20.75 1.38
C GLU I 252 -3.59 19.27 1.45
N ASP I 253 -3.12 18.78 2.59
CA ASP I 253 -2.74 17.39 2.71
C ASP I 253 -3.97 16.50 2.61
N VAL I 254 -3.83 15.38 1.87
CA VAL I 254 -4.94 14.45 1.72
C VAL I 254 -5.24 13.76 3.05
N SER I 255 -4.24 13.62 3.92
CA SER I 255 -4.43 12.98 5.20
C SER I 255 -3.35 13.51 6.14
N PRO I 256 -3.49 13.28 7.45
CA PRO I 256 -2.46 13.75 8.39
C PRO I 256 -1.10 13.12 8.17
N SER I 257 -1.01 12.00 7.45
CA SER I 257 0.26 11.31 7.25
C SER I 257 0.76 11.35 5.81
N MET I 258 -0.07 11.73 4.85
CA MET I 258 0.31 11.77 3.45
C MET I 258 0.01 13.15 2.88
N HIS I 259 1.00 13.75 2.23
CA HIS I 259 0.78 15.05 1.59
C HIS I 259 -0.12 14.92 0.37
N THR I 260 0.17 13.95 -0.50
CA THR I 260 -0.60 13.73 -1.71
C THR I 260 -0.63 12.24 -2.01
N LEU I 261 -1.23 11.90 -3.14
CA LEU I 261 -1.32 10.54 -3.68
C LEU I 261 -0.82 10.52 -5.12
N LEU I 262 0.36 11.10 -5.34
CA LEU I 262 0.79 11.48 -6.68
C LEU I 262 0.79 10.30 -7.66
N GLY I 263 1.49 9.23 -7.33
CA GLY I 263 1.58 8.17 -8.32
C GLY I 263 0.38 7.27 -8.45
N VAL I 264 -0.66 7.54 -7.68
CA VAL I 264 -1.82 6.66 -7.68
C VAL I 264 -2.65 6.75 -8.93
N LYS I 265 -2.97 5.59 -9.48
CA LYS I 265 -3.84 5.52 -10.66
C LYS I 265 -5.18 4.92 -10.23
N ASN I 266 -6.28 5.54 -10.63
CA ASN I 266 -7.62 5.08 -10.28
C ASN I 266 -7.94 3.74 -10.97
N MET I 267 -7.45 3.49 -12.19
CA MET I 267 -7.68 2.23 -12.89
C MET I 267 -6.43 1.77 -13.65
N VAL S 44 -51.81 -27.05 20.46
CA VAL S 44 -51.81 -25.59 20.56
C VAL S 44 -52.50 -24.98 19.33
N PRO S 45 -53.17 -23.85 19.51
CA PRO S 45 -53.89 -23.23 18.40
C PRO S 45 -52.94 -22.72 17.32
N ARG S 46 -53.46 -22.65 16.10
CA ARG S 46 -52.69 -22.19 14.95
C ARG S 46 -53.02 -20.73 14.66
N ILE S 47 -52.00 -19.98 14.26
CA ILE S 47 -52.14 -18.55 14.03
C ILE S 47 -52.58 -18.32 12.59
N LYS S 48 -53.60 -17.48 12.41
CA LYS S 48 -54.04 -17.13 11.06
C LYS S 48 -53.04 -16.20 10.39
N ALA S 49 -52.93 -16.35 9.07
CA ALA S 49 -51.98 -15.54 8.30
C ALA S 49 -52.33 -14.06 8.37
N ILE S 50 -53.52 -13.71 7.91
CA ILE S 50 -54.01 -12.34 7.96
C ILE S 50 -55.20 -12.31 8.91
N THR S 51 -54.98 -11.83 10.12
CA THR S 51 -56.00 -11.79 11.16
C THR S 51 -56.62 -10.41 11.24
N SER S 52 -57.63 -10.28 12.10
CA SER S 52 -58.26 -8.98 12.35
C SER S 52 -57.50 -8.14 13.37
N LYS S 53 -56.53 -8.72 14.07
CA LYS S 53 -55.73 -7.94 15.01
C LYS S 53 -54.92 -6.87 14.29
N MET S 54 -54.45 -7.22 13.10
CA MET S 54 -53.70 -6.28 12.31
C MET S 54 -54.62 -5.21 11.79
N ARG S 55 -54.06 -4.03 11.51
CA ARG S 55 -54.86 -2.93 11.00
C ARG S 55 -55.25 -3.05 9.55
N MET S 56 -56.52 -2.86 9.29
CA MET S 56 -57.02 -2.91 7.93
C MET S 56 -57.46 -1.52 7.48
N PRO S 57 -57.45 -1.23 6.18
CA PRO S 57 -57.98 0.04 5.69
C PRO S 57 -59.48 0.12 5.92
N LYS S 58 -59.91 1.16 6.60
CA LYS S 58 -61.31 1.33 6.98
C LYS S 58 -61.85 2.65 6.44
N SER S 59 -63.10 2.62 5.98
CA SER S 59 -63.80 3.81 5.51
C SER S 59 -65.16 3.87 6.18
N LYS S 60 -65.46 5.01 6.81
CA LYS S 60 -66.72 5.23 7.52
C LYS S 60 -66.99 4.13 8.55
N GLY S 61 -65.94 3.78 9.29
CA GLY S 61 -66.08 2.77 10.34
C GLY S 61 -66.42 1.40 9.82
N ALA S 62 -65.74 0.96 8.76
CA ALA S 62 -65.96 -0.36 8.20
C ALA S 62 -64.75 -0.72 7.35
N THR S 63 -64.20 -1.92 7.58
CA THR S 63 -63.07 -2.38 6.81
C THR S 63 -63.46 -2.54 5.34
N VAL S 64 -62.55 -2.11 4.46
CA VAL S 64 -62.83 -2.10 3.02
C VAL S 64 -62.31 -3.37 2.34
N LEU S 65 -61.87 -4.36 3.12
CA LEU S 65 -61.36 -5.61 2.57
C LEU S 65 -62.20 -6.78 3.09
N ASN S 66 -62.31 -7.81 2.25
CA ASN S 66 -62.99 -9.06 2.61
C ASN S 66 -61.93 -10.06 3.05
N LEU S 67 -61.81 -10.28 4.36
CA LEU S 67 -60.72 -11.07 4.90
C LEU S 67 -60.79 -12.52 4.43
N GLU S 68 -61.99 -13.11 4.41
CA GLU S 68 -62.12 -14.52 4.03
C GLU S 68 -61.74 -14.73 2.56
N HIS S 69 -62.31 -13.92 1.67
CA HIS S 69 -61.98 -14.05 0.25
C HIS S 69 -60.50 -13.80 0.01
N LEU S 70 -59.93 -12.79 0.67
CA LEU S 70 -58.52 -12.49 0.50
C LEU S 70 -57.65 -13.65 0.95
N LEU S 71 -58.00 -14.26 2.09
CA LEU S 71 -57.28 -15.45 2.54
C LEU S 71 -57.43 -16.60 1.55
N GLU S 72 -58.55 -16.64 0.81
CA GLU S 72 -58.74 -17.65 -0.21
C GLU S 72 -58.34 -17.19 -1.62
N TYR S 73 -57.89 -15.94 -1.76
CA TYR S 73 -57.55 -15.39 -3.08
C TYR S 73 -56.08 -15.68 -3.37
N ALA S 74 -55.82 -16.59 -4.31
CA ALA S 74 -54.47 -16.98 -4.69
C ALA S 74 -54.34 -17.02 -6.21
N PRO S 75 -54.38 -15.87 -6.87
CA PRO S 75 -54.20 -15.86 -8.32
C PRO S 75 -52.77 -16.16 -8.72
N GLN S 76 -52.60 -16.70 -9.92
CA GLN S 76 -51.27 -16.87 -10.48
C GLN S 76 -50.67 -15.50 -10.81
N GLN S 77 -49.38 -15.35 -10.53
CA GLN S 77 -48.73 -14.05 -10.66
C GLN S 77 -48.72 -13.57 -12.11
N ILE S 78 -48.51 -14.49 -13.05
CA ILE S 78 -48.48 -14.12 -14.45
C ILE S 78 -49.86 -13.75 -14.97
N ASP S 79 -50.93 -14.14 -14.26
CA ASP S 79 -52.28 -13.84 -14.68
C ASP S 79 -52.73 -12.43 -14.33
N ILE S 80 -52.03 -11.74 -13.43
CA ILE S 80 -52.43 -10.42 -12.98
C ILE S 80 -51.35 -9.37 -13.23
N SER S 81 -50.30 -9.72 -13.96
CA SER S 81 -49.26 -8.76 -14.30
C SER S 81 -49.65 -7.98 -15.55
N ASN S 82 -49.20 -6.73 -15.62
CA ASN S 82 -49.49 -5.87 -16.75
C ASN S 82 -48.38 -5.87 -17.79
N THR S 83 -47.36 -6.71 -17.63
CA THR S 83 -46.34 -6.92 -18.64
C THR S 83 -46.75 -8.02 -19.63
N ARG S 84 -47.93 -8.58 -19.47
CA ARG S 84 -48.46 -9.62 -20.34
C ARG S 84 -49.85 -9.21 -20.79
N ALA S 85 -50.16 -9.46 -22.06
CA ALA S 85 -51.48 -9.11 -22.57
C ALA S 85 -52.56 -9.91 -21.84
N THR S 86 -53.72 -9.28 -21.67
CA THR S 86 -54.82 -9.96 -21.00
C THR S 86 -55.36 -11.09 -21.87
N GLN S 87 -56.14 -11.97 -21.24
CA GLN S 87 -56.69 -13.11 -21.97
C GLN S 87 -57.61 -12.64 -23.09
N SER S 88 -58.39 -11.59 -22.84
CA SER S 88 -59.25 -11.05 -23.89
C SER S 88 -58.44 -10.52 -25.07
N GLN S 89 -57.35 -9.80 -24.79
CA GLN S 89 -56.50 -9.30 -25.85
C GLN S 89 -55.84 -10.44 -26.63
N PHE S 90 -55.42 -11.49 -25.92
CA PHE S 90 -54.84 -12.64 -26.58
C PHE S 90 -55.85 -13.34 -27.48
N ASP S 91 -57.09 -13.51 -27.00
CA ASP S 91 -58.13 -14.11 -27.84
C ASP S 91 -58.43 -13.25 -29.06
N THR S 92 -58.47 -11.93 -28.88
CA THR S 92 -58.70 -11.05 -30.02
C THR S 92 -57.59 -11.19 -31.05
N TRP S 93 -56.33 -11.22 -30.60
CA TRP S 93 -55.22 -11.36 -31.52
C TRP S 93 -55.26 -12.71 -32.23
N TYR S 94 -55.53 -13.78 -31.50
CA TYR S 94 -55.59 -15.11 -32.09
C TYR S 94 -56.70 -15.22 -33.12
N GLU S 95 -57.89 -14.68 -32.80
CA GLU S 95 -58.99 -14.69 -33.76
C GLU S 95 -58.68 -13.86 -34.99
N ALA S 96 -58.05 -12.70 -34.81
CA ALA S 96 -57.72 -11.86 -35.95
C ALA S 96 -56.69 -12.54 -36.86
N VAL S 97 -55.69 -13.20 -36.27
CA VAL S 97 -54.70 -13.91 -37.07
C VAL S 97 -55.35 -15.07 -37.81
N GLN S 98 -56.28 -15.85 -37.14
CA GLN S 98 -57.03 -16.91 -37.81
C GLN S 98 -57.81 -16.39 -39.01
N LEU S 99 -58.46 -15.25 -38.78
CA LEU S 99 -59.26 -14.68 -39.87
C LEU S 99 -58.38 -14.24 -41.03
N ALA S 100 -57.24 -13.61 -40.74
CA ALA S 100 -56.39 -13.11 -41.80
C ALA S 100 -55.72 -14.23 -42.57
N TYR S 101 -55.32 -15.30 -41.88
CA TYR S 101 -54.63 -16.41 -42.54
C TYR S 101 -55.57 -17.37 -43.24
N ASP S 102 -56.87 -17.29 -42.98
CA ASP S 102 -57.86 -18.19 -43.57
C ASP S 102 -57.50 -19.65 -43.29
N ILE S 103 -57.15 -19.91 -42.03
CA ILE S 103 -56.71 -21.23 -41.59
C ILE S 103 -57.71 -21.76 -40.57
N GLY S 104 -58.04 -23.03 -40.67
CA GLY S 104 -58.99 -23.64 -39.75
C GLY S 104 -58.40 -23.79 -38.36
N GLU S 105 -59.29 -24.09 -37.42
CA GLU S 105 -58.91 -24.22 -36.02
C GLU S 105 -58.07 -25.46 -35.73
N THR S 106 -57.92 -26.36 -36.70
CA THR S 106 -57.12 -27.56 -36.49
C THR S 106 -55.68 -27.38 -36.97
N GLU S 107 -55.46 -26.66 -38.06
CA GLU S 107 -54.12 -26.37 -38.54
C GLU S 107 -53.51 -25.12 -37.92
N MET S 108 -54.30 -24.35 -37.18
CA MET S 108 -53.80 -23.12 -36.58
C MET S 108 -52.71 -23.36 -35.53
N PRO S 109 -52.82 -24.33 -34.62
CA PRO S 109 -51.73 -24.53 -33.64
C PRO S 109 -50.39 -24.86 -34.26
N THR S 110 -50.34 -25.51 -35.42
CA THR S 110 -49.06 -25.76 -36.09
C THR S 110 -48.43 -24.45 -36.53
N VAL S 111 -49.23 -23.55 -37.10
CA VAL S 111 -48.74 -22.23 -37.48
C VAL S 111 -48.29 -21.46 -36.24
N MET S 112 -49.00 -21.64 -35.12
CA MET S 112 -48.59 -21.01 -33.88
C MET S 112 -47.24 -21.53 -33.40
N ASN S 113 -47.01 -22.84 -33.52
CA ASN S 113 -45.72 -23.41 -33.18
C ASN S 113 -44.61 -22.79 -34.02
N GLY S 114 -44.83 -22.74 -35.32
CA GLY S 114 -43.84 -22.14 -36.20
C GLY S 114 -43.57 -20.68 -35.86
N LEU S 115 -44.62 -19.91 -35.59
CA LEU S 115 -44.46 -18.52 -35.25
C LEU S 115 -43.72 -18.34 -33.93
N MET S 116 -44.00 -19.20 -32.95
CA MET S 116 -43.30 -19.12 -31.68
C MET S 116 -41.81 -19.39 -31.86
N VAL S 117 -41.45 -20.39 -32.66
CA VAL S 117 -40.04 -20.68 -32.90
C VAL S 117 -39.37 -19.53 -33.64
N TRP S 118 -40.05 -18.98 -34.66
CA TRP S 118 -39.51 -17.86 -35.41
C TRP S 118 -39.30 -16.64 -34.49
N CYS S 119 -40.23 -16.41 -33.57
CA CYS S 119 -40.11 -15.27 -32.67
C CYS S 119 -39.03 -15.49 -31.62
N ILE S 120 -38.80 -16.74 -31.22
CA ILE S 120 -37.64 -17.05 -30.39
C ILE S 120 -36.37 -16.64 -31.11
N GLU S 121 -36.29 -16.96 -32.40
CA GLU S 121 -35.06 -16.67 -33.14
C GLU S 121 -34.88 -15.18 -33.40
N ASN S 122 -35.94 -14.49 -33.84
CA ASN S 122 -35.80 -13.18 -34.45
C ASN S 122 -36.43 -12.04 -33.66
N GLY S 123 -37.02 -12.31 -32.50
CA GLY S 123 -37.56 -11.25 -31.68
C GLY S 123 -38.98 -10.88 -32.04
N THR S 124 -39.53 -9.96 -31.23
CA THR S 124 -40.92 -9.54 -31.34
C THR S 124 -41.02 -8.01 -31.32
N SER S 125 -40.14 -7.36 -32.07
CA SER S 125 -40.16 -5.90 -32.14
C SER S 125 -41.40 -5.42 -32.91
N PRO S 126 -41.93 -4.24 -32.56
CA PRO S 126 -43.05 -3.70 -33.34
C PRO S 126 -42.70 -3.38 -34.78
N ASN S 127 -41.41 -3.25 -35.10
CA ASN S 127 -40.97 -2.86 -36.42
C ASN S 127 -40.68 -4.04 -37.34
N ILE S 128 -40.82 -5.28 -36.85
CA ILE S 128 -40.62 -6.43 -37.73
C ILE S 128 -41.68 -6.42 -38.81
N ASN S 129 -41.26 -6.75 -40.04
CA ASN S 129 -42.15 -6.70 -41.19
C ASN S 129 -41.68 -7.74 -42.20
N GLY S 130 -42.42 -7.84 -43.29
CA GLY S 130 -42.13 -8.82 -44.32
C GLY S 130 -42.87 -10.11 -44.05
N VAL S 131 -42.14 -11.22 -44.01
CA VAL S 131 -42.72 -12.53 -43.74
C VAL S 131 -41.87 -13.24 -42.71
N TRP S 132 -42.50 -14.20 -42.03
CA TRP S 132 -41.80 -15.18 -41.23
C TRP S 132 -41.92 -16.54 -41.93
N VAL S 133 -41.09 -17.48 -41.52
CA VAL S 133 -40.93 -18.73 -42.25
C VAL S 133 -41.15 -19.92 -41.33
N MET S 134 -41.82 -20.93 -41.87
CA MET S 134 -41.96 -22.25 -41.26
C MET S 134 -41.20 -23.27 -42.10
N MET S 135 -40.58 -24.23 -41.43
CA MET S 135 -39.79 -25.27 -42.10
C MET S 135 -40.64 -26.54 -42.18
N CYS S 136 -41.37 -26.67 -43.28
CA CYS S 136 -42.17 -27.87 -43.55
C CYS S 136 -41.24 -28.90 -44.16
N GLY S 137 -40.69 -29.76 -43.32
CA GLY S 137 -39.67 -30.70 -43.76
C GLY S 137 -38.44 -29.97 -44.25
N ASP S 138 -38.14 -30.11 -45.54
CA ASP S 138 -37.04 -29.39 -46.16
C ASP S 138 -37.49 -28.16 -46.93
N GLU S 139 -38.79 -27.87 -46.93
CA GLU S 139 -39.34 -26.73 -47.67
C GLU S 139 -39.61 -25.57 -46.73
N GLN S 140 -39.60 -24.37 -47.30
CA GLN S 140 -39.77 -23.13 -46.56
C GLN S 140 -41.11 -22.50 -46.96
N VAL S 141 -41.98 -22.31 -45.98
CA VAL S 141 -43.30 -21.72 -46.19
C VAL S 141 -43.29 -20.32 -45.57
N GLU S 142 -43.71 -19.33 -46.35
CA GLU S 142 -43.67 -17.94 -45.92
C GLU S 142 -45.06 -17.46 -45.53
N TYR S 143 -45.18 -16.88 -44.34
CA TYR S 143 -46.41 -16.32 -43.82
C TYR S 143 -46.24 -14.83 -43.62
N PRO S 144 -47.19 -14.00 -44.06
CA PRO S 144 -47.05 -12.55 -43.85
C PRO S 144 -47.05 -12.21 -42.37
N LEU S 145 -46.22 -11.22 -42.00
CA LEU S 145 -46.12 -10.79 -40.62
C LEU S 145 -47.10 -9.66 -40.28
N LYS S 146 -47.76 -9.06 -41.26
CA LYS S 146 -48.67 -7.96 -40.99
C LYS S 146 -49.82 -8.35 -40.06
N PRO S 147 -50.55 -9.45 -40.29
CA PRO S 147 -51.60 -9.81 -39.32
C PRO S 147 -51.07 -10.08 -37.93
N ILE S 148 -49.86 -10.61 -37.81
CA ILE S 148 -49.29 -10.94 -36.51
C ILE S 148 -49.02 -9.68 -35.70
N VAL S 149 -48.52 -8.64 -36.35
CA VAL S 149 -48.08 -7.44 -35.65
C VAL S 149 -49.20 -6.42 -35.49
N GLU S 150 -50.06 -6.26 -36.51
CA GLU S 150 -51.05 -5.20 -36.46
C GLU S 150 -52.20 -5.53 -35.50
N ASN S 151 -52.40 -6.79 -35.14
CA ASN S 151 -53.48 -7.19 -34.27
C ASN S 151 -53.03 -7.49 -32.84
N ALA S 152 -51.74 -7.33 -32.55
CA ALA S 152 -51.21 -7.65 -31.22
C ALA S 152 -51.33 -6.42 -30.34
N LYS S 153 -52.17 -6.51 -29.32
CA LYS S 153 -52.38 -5.41 -28.39
C LYS S 153 -52.12 -5.85 -26.96
N PRO S 154 -51.47 -5.02 -26.15
CA PRO S 154 -50.96 -3.67 -26.48
C PRO S 154 -49.71 -3.73 -27.37
N THR S 155 -48.88 -4.76 -27.22
CA THR S 155 -47.71 -4.94 -28.06
C THR S 155 -47.61 -6.40 -28.46
N LEU S 156 -46.76 -6.68 -29.45
CA LEU S 156 -46.50 -8.07 -29.84
C LEU S 156 -45.71 -8.80 -28.76
N ARG S 157 -44.84 -8.10 -28.05
CA ARG S 157 -44.09 -8.74 -26.97
C ARG S 157 -45.02 -9.20 -25.85
N GLN S 158 -46.02 -8.40 -25.52
CA GLN S 158 -46.98 -8.79 -24.48
C GLN S 158 -47.81 -9.99 -24.94
N ILE S 159 -48.14 -10.06 -26.23
CA ILE S 159 -48.87 -11.20 -26.75
C ILE S 159 -48.01 -12.46 -26.69
N MET S 160 -46.77 -12.37 -27.17
CA MET S 160 -45.89 -13.52 -27.19
C MET S 160 -45.41 -13.93 -25.80
N ALA S 161 -45.56 -13.06 -24.80
CA ALA S 161 -45.27 -13.45 -23.43
C ALA S 161 -46.08 -14.64 -22.98
N HIS S 162 -47.25 -14.87 -23.59
CA HIS S 162 -48.03 -16.06 -23.28
C HIS S 162 -47.32 -17.34 -23.70
N PHE S 163 -46.34 -17.23 -24.59
CA PHE S 163 -45.60 -18.38 -25.11
C PHE S 163 -44.26 -18.59 -24.40
N SER S 164 -44.00 -17.86 -23.31
CA SER S 164 -42.65 -17.80 -22.75
C SER S 164 -42.23 -19.15 -22.16
N ASP S 165 -43.11 -19.82 -21.37
CA ASP S 165 -42.75 -21.11 -20.77
C ASP S 165 -42.54 -22.17 -21.84
N VAL S 166 -43.40 -22.18 -22.88
CA VAL S 166 -43.23 -23.14 -23.97
C VAL S 166 -41.95 -22.86 -24.74
N ALA S 167 -41.61 -21.58 -24.93
CA ALA S 167 -40.39 -21.23 -25.62
C ALA S 167 -39.17 -21.71 -24.85
N GLU S 168 -39.17 -21.51 -23.53
CA GLU S 168 -38.06 -21.98 -22.71
C GLU S 168 -37.93 -23.50 -22.77
N ALA S 169 -39.06 -24.21 -22.68
CA ALA S 169 -39.03 -25.66 -22.76
C ALA S 169 -38.52 -26.13 -24.13
N TYR S 170 -38.96 -25.46 -25.20
CA TYR S 170 -38.51 -25.81 -26.54
C TYR S 170 -37.02 -25.59 -26.72
N ILE S 171 -36.49 -24.48 -26.18
CA ILE S 171 -35.06 -24.23 -26.29
C ILE S 171 -34.28 -25.30 -25.52
N GLU S 172 -34.73 -25.70 -24.35
CA GLU S 172 -34.06 -26.76 -23.61
C GLU S 172 -34.09 -28.07 -24.39
N MET S 173 -35.27 -28.39 -24.97
CA MET S 173 -35.39 -29.61 -25.74
C MET S 173 -34.45 -29.62 -26.94
N ARG S 174 -34.38 -28.51 -27.67
CA ARG S 174 -33.48 -28.43 -28.81
C ARG S 174 -32.02 -28.52 -28.38
N ASN S 175 -31.68 -27.93 -27.24
CA ASN S 175 -30.31 -28.02 -26.75
C ASN S 175 -29.97 -29.41 -26.25
N LYS S 176 -30.97 -30.25 -25.96
CA LYS S 176 -30.67 -31.64 -25.61
C LYS S 176 -30.04 -32.42 -26.75
N LYS S 177 -30.27 -32.01 -28.01
CA LYS S 177 -29.78 -32.76 -29.15
C LYS S 177 -28.68 -32.05 -29.93
N GLU S 178 -28.53 -30.79 -29.77
CA GLU S 178 -27.49 -30.06 -30.50
C GLU S 178 -27.30 -28.68 -29.86
N PRO S 179 -26.16 -27.98 -30.14
CA PRO S 179 -25.98 -26.60 -29.66
C PRO S 179 -27.02 -25.68 -30.29
N TYR S 180 -27.88 -25.11 -29.43
CA TYR S 180 -29.02 -24.31 -29.89
C TYR S 180 -29.10 -23.06 -29.01
N MET S 181 -28.46 -21.99 -29.46
CA MET S 181 -28.60 -20.69 -28.82
C MET S 181 -29.45 -19.80 -29.73
N PRO S 182 -30.55 -19.25 -29.24
CA PRO S 182 -31.38 -18.39 -30.09
C PRO S 182 -30.58 -17.20 -30.61
N ARG S 183 -30.93 -16.77 -31.83
CA ARG S 183 -30.20 -15.69 -32.48
C ARG S 183 -30.21 -14.43 -31.64
N TYR S 184 -31.24 -14.25 -30.79
CA TYR S 184 -31.23 -13.14 -29.85
C TYR S 184 -30.05 -13.22 -28.90
N GLY S 185 -29.78 -14.42 -28.38
CA GLY S 185 -28.63 -14.60 -27.49
C GLY S 185 -27.29 -14.52 -28.20
N LEU S 186 -27.28 -14.76 -29.52
CA LEU S 186 -26.06 -14.55 -30.30
C LEU S 186 -25.80 -13.07 -30.54
N VAL S 187 -26.86 -12.29 -30.76
CA VAL S 187 -26.69 -10.85 -30.90
C VAL S 187 -26.27 -10.22 -29.58
N ARG S 188 -26.81 -10.71 -28.47
CA ARG S 188 -26.43 -10.19 -27.16
C ARG S 188 -25.06 -10.67 -26.70
N ASN S 189 -24.43 -11.57 -27.45
CA ASN S 189 -23.11 -12.10 -27.12
C ASN S 189 -23.10 -12.76 -25.75
N LEU S 190 -24.14 -13.54 -25.45
CA LEU S 190 -24.18 -14.29 -24.21
C LEU S 190 -23.23 -15.48 -24.30
N ARG S 191 -22.25 -15.52 -23.41
CA ARG S 191 -21.16 -16.50 -23.50
C ARG S 191 -21.46 -17.77 -22.72
N ASP S 192 -22.62 -17.90 -22.11
CA ASP S 192 -23.00 -19.10 -21.36
C ASP S 192 -24.06 -19.86 -22.14
N GLY S 193 -23.78 -21.13 -22.45
CA GLY S 193 -24.74 -21.93 -23.19
C GLY S 193 -25.84 -22.49 -22.32
N SER S 194 -25.62 -22.61 -21.02
CA SER S 194 -26.65 -23.11 -20.12
C SER S 194 -27.75 -22.07 -19.87
N LEU S 195 -27.53 -20.82 -20.26
CA LEU S 195 -28.53 -19.78 -20.15
C LEU S 195 -29.28 -19.54 -21.45
N ALA S 196 -29.14 -20.43 -22.43
CA ALA S 196 -29.82 -20.24 -23.72
C ALA S 196 -31.33 -20.28 -23.58
N ARG S 197 -31.84 -20.96 -22.56
CA ARG S 197 -33.29 -21.11 -22.40
C ARG S 197 -33.98 -19.80 -22.02
N TYR S 198 -33.24 -18.77 -21.65
CA TYR S 198 -33.81 -17.47 -21.31
C TYR S 198 -33.42 -16.38 -22.30
N ALA S 199 -32.72 -16.73 -23.38
CA ALA S 199 -32.13 -15.73 -24.27
C ALA S 199 -33.05 -15.43 -25.44
N PHE S 200 -34.26 -14.97 -25.13
CA PHE S 200 -35.16 -14.40 -26.13
C PHE S 200 -35.83 -13.18 -25.53
N ASP S 201 -36.27 -12.27 -26.40
CA ASP S 201 -36.68 -10.95 -25.92
C ASP S 201 -38.09 -10.89 -25.37
N PHE S 202 -38.91 -11.94 -25.55
CA PHE S 202 -40.24 -11.98 -24.96
C PHE S 202 -40.29 -12.91 -23.76
N TYR S 203 -39.15 -13.26 -23.18
CA TYR S 203 -39.14 -14.08 -21.98
C TYR S 203 -39.71 -13.32 -20.80
N GLU S 204 -40.57 -13.98 -20.04
CA GLU S 204 -41.24 -13.37 -18.89
C GLU S 204 -40.58 -13.86 -17.61
N VAL S 205 -40.05 -12.92 -16.84
CA VAL S 205 -39.41 -13.25 -15.57
C VAL S 205 -40.49 -13.51 -14.52
N THR S 206 -40.37 -14.63 -13.82
CA THR S 206 -41.31 -15.03 -12.79
C THR S 206 -40.58 -15.23 -11.47
N SER S 207 -41.34 -15.63 -10.45
CA SER S 207 -40.75 -15.91 -9.15
C SER S 207 -39.93 -17.19 -9.15
N ARG S 208 -40.09 -18.03 -10.17
CA ARG S 208 -39.33 -19.27 -10.29
C ARG S 208 -38.09 -19.13 -11.16
N THR S 209 -37.89 -17.97 -11.78
CA THR S 209 -36.69 -17.75 -12.57
C THR S 209 -35.46 -17.72 -11.66
N PRO S 210 -34.41 -18.46 -11.98
CA PRO S 210 -33.21 -18.43 -11.14
C PRO S 210 -32.58 -17.04 -11.12
N VAL S 211 -31.94 -16.73 -9.99
CA VAL S 211 -31.38 -15.40 -9.79
C VAL S 211 -30.34 -15.09 -10.85
N ARG S 212 -29.48 -16.06 -11.18
CA ARG S 212 -28.50 -15.85 -12.24
C ARG S 212 -29.16 -15.61 -13.58
N ALA S 213 -30.21 -16.37 -13.89
CA ALA S 213 -30.94 -16.17 -15.12
C ALA S 213 -31.61 -14.80 -15.15
N ARG S 214 -32.16 -14.37 -14.02
CA ARG S 214 -32.78 -13.04 -13.95
C ARG S 214 -31.75 -11.95 -14.20
N GLU S 215 -30.57 -12.07 -13.59
CA GLU S 215 -29.51 -11.10 -13.82
C GLU S 215 -29.09 -11.07 -15.28
N ALA S 216 -28.91 -12.25 -15.90
CA ALA S 216 -28.52 -12.31 -17.29
C ALA S 216 -29.57 -11.68 -18.19
N HIS S 217 -30.85 -11.97 -17.93
CA HIS S 217 -31.91 -11.41 -18.75
C HIS S 217 -31.99 -9.90 -18.62
N ILE S 218 -31.83 -9.39 -17.39
CA ILE S 218 -31.90 -7.94 -17.20
C ILE S 218 -30.71 -7.26 -17.88
N GLN S 219 -29.52 -7.86 -17.79
CA GLN S 219 -28.37 -7.30 -18.48
C GLN S 219 -28.57 -7.32 -19.99
N MET S 220 -29.14 -8.40 -20.54
CA MET S 220 -29.40 -8.46 -21.97
C MET S 220 -30.41 -7.40 -22.40
N LYS S 221 -31.46 -7.20 -21.60
CA LYS S 221 -32.44 -6.17 -21.91
C LYS S 221 -31.81 -4.78 -21.89
N ALA S 222 -30.98 -4.51 -20.89
CA ALA S 222 -30.31 -3.21 -20.81
C ALA S 222 -29.37 -2.99 -21.98
N ALA S 223 -28.63 -4.03 -22.37
CA ALA S 223 -27.74 -3.92 -23.52
C ALA S 223 -28.50 -3.71 -24.82
N ALA S 224 -29.64 -4.38 -24.97
CA ALA S 224 -30.41 -4.27 -26.21
C ALA S 224 -31.11 -2.92 -26.32
N LEU S 225 -31.67 -2.42 -25.22
CA LEU S 225 -32.39 -1.16 -25.28
C LEU S 225 -31.45 0.04 -25.39
N LYS S 226 -30.28 -0.05 -24.76
CA LYS S 226 -29.26 1.02 -24.79
C LYS S 226 -29.89 2.28 -24.20
N SER S 227 -29.81 3.42 -24.86
CA SER S 227 -30.39 4.67 -24.37
C SER S 227 -31.47 5.18 -25.31
N ALA S 228 -32.30 4.29 -25.80
CA ALA S 228 -33.36 4.67 -26.73
C ALA S 228 -34.42 5.50 -26.02
N GLN S 229 -34.75 6.65 -26.60
CA GLN S 229 -35.75 7.56 -26.05
C GLN S 229 -36.95 7.60 -26.98
N SER S 230 -38.11 7.43 -26.36
CA SER S 230 -39.34 7.44 -27.10
C SER S 230 -39.84 8.80 -27.45
N ARG S 231 -40.26 8.94 -28.69
CA ARG S 231 -40.87 10.17 -29.15
C ARG S 231 -42.38 9.96 -29.26
N LEU S 232 -43.23 10.83 -28.61
CA LEU S 232 -44.68 10.70 -28.61
C LEU S 232 -45.31 11.05 -29.95
N PHE S 233 -44.64 11.85 -30.77
CA PHE S 233 -45.22 12.34 -32.00
C PHE S 233 -44.22 12.20 -33.15
N GLY S 234 -44.77 12.04 -34.35
CA GLY S 234 -44.01 12.17 -35.58
C GLY S 234 -44.28 13.52 -36.22
N LEU S 235 -43.99 13.61 -37.51
CA LEU S 235 -44.31 14.82 -38.25
C LEU S 235 -45.82 14.97 -38.36
N ASP S 236 -46.32 16.16 -38.06
CA ASP S 236 -47.75 16.41 -38.09
C ASP S 236 -48.29 16.31 -39.52
N GLY S 237 -49.45 15.68 -39.65
CA GLY S 237 -50.04 15.43 -40.95
C GLY S 237 -50.68 16.64 -41.59
N GLY S 238 -50.91 17.71 -40.83
CA GLY S 238 -51.39 18.95 -41.43
C GLY S 238 -50.28 19.62 -42.20
N ILE S 239 -50.38 19.60 -43.52
CA ILE S 239 -49.27 20.06 -44.36
C ILE S 239 -49.38 21.54 -44.68
N SER S 240 -50.57 22.00 -45.07
CA SER S 240 -50.74 23.38 -45.48
C SER S 240 -50.45 24.34 -44.34
N THR S 241 -49.59 25.31 -44.57
CA THR S 241 -49.29 26.36 -43.61
C THR S 241 -49.75 27.74 -44.06
N GLN S 242 -49.89 27.96 -45.37
CA GLN S 242 -50.35 29.24 -45.90
C GLN S 242 -51.87 29.34 -45.80
N GLU S 243 -52.39 30.51 -46.14
CA GLU S 243 -53.83 30.75 -46.20
C GLU S 243 -54.29 30.74 -47.64
N GLU S 244 -55.49 30.22 -47.88
CA GLU S 244 -56.01 30.15 -49.23
C GLU S 244 -56.25 31.55 -49.79
N ASN S 245 -55.89 31.73 -51.06
CA ASN S 245 -56.08 33.00 -51.76
C ASN S 245 -57.50 33.04 -52.31
N THR S 246 -58.35 33.87 -51.71
CA THR S 246 -59.73 34.00 -52.12
C THR S 246 -59.97 35.22 -53.01
N GLU S 247 -58.92 35.96 -53.35
CA GLU S 247 -59.08 37.20 -54.10
C GLU S 247 -59.45 36.93 -55.55
N ARG S 248 -60.33 37.77 -56.08
CA ARG S 248 -60.75 37.68 -57.47
C ARG S 248 -59.61 38.10 -58.40
N HIS S 249 -59.81 37.86 -59.69
CA HIS S 249 -58.85 38.27 -60.71
C HIS S 249 -59.62 38.58 -61.98
N THR S 250 -59.66 39.85 -62.37
CA THR S 250 -60.41 40.29 -63.53
C THR S 250 -59.46 40.83 -64.59
N THR S 251 -60.00 41.03 -65.80
CA THR S 251 -59.21 41.58 -66.89
C THR S 251 -58.90 43.06 -66.71
N GLU S 252 -59.51 43.72 -65.73
CA GLU S 252 -59.17 45.10 -65.42
C GLU S 252 -57.93 45.22 -64.54
N ASP S 253 -57.46 44.13 -63.96
CA ASP S 253 -56.30 44.17 -63.09
C ASP S 253 -55.05 44.54 -63.89
N VAL S 254 -54.22 45.41 -63.31
CA VAL S 254 -52.98 45.80 -63.96
C VAL S 254 -52.01 44.63 -64.04
N SER S 255 -52.09 43.71 -63.10
CA SER S 255 -51.22 42.55 -63.06
C SER S 255 -51.93 41.45 -62.31
N PRO S 256 -51.44 40.20 -62.40
CA PRO S 256 -52.09 39.11 -61.65
C PRO S 256 -52.05 39.29 -60.13
N SER S 257 -51.18 40.15 -59.61
CA SER S 257 -51.05 40.33 -58.17
C SER S 257 -51.52 41.69 -57.67
N MET S 258 -51.73 42.66 -58.56
CA MET S 258 -52.17 43.99 -58.17
C MET S 258 -53.41 44.38 -58.95
N HIS S 259 -54.44 44.83 -58.23
CA HIS S 259 -55.66 45.28 -58.91
C HIS S 259 -55.42 46.59 -59.65
N THR S 260 -54.80 47.56 -58.97
CA THR S 260 -54.53 48.86 -59.57
C THR S 260 -53.20 49.39 -59.02
N LEU S 261 -52.87 50.61 -59.41
CA LEU S 261 -51.70 51.34 -58.96
C LEU S 261 -52.11 52.72 -58.44
N LEU S 262 -53.12 52.73 -57.56
CA LEU S 262 -53.87 53.95 -57.26
C LEU S 262 -52.97 55.09 -56.78
N GLY S 263 -52.19 54.86 -55.74
CA GLY S 263 -51.42 55.98 -55.21
C GLY S 263 -50.19 56.36 -55.98
N VAL S 264 -49.91 55.67 -57.07
CA VAL S 264 -48.68 55.92 -57.80
C VAL S 264 -48.67 57.22 -58.56
N LYS S 265 -47.60 57.96 -58.40
CA LYS S 265 -47.42 59.21 -59.15
C LYS S 265 -46.30 59.02 -60.17
N ASN S 266 -46.54 59.43 -61.41
CA ASN S 266 -45.56 59.29 -62.48
C ASN S 266 -44.34 60.20 -62.25
N MET S 267 -44.51 61.39 -61.66
CA MET S 267 -43.40 62.28 -61.37
C MET S 267 -43.57 62.97 -60.02
N VAL T 44 -34.65 -41.48 50.24
CA VAL T 44 -34.51 -40.03 50.22
C VAL T 44 -35.24 -39.45 49.01
N PRO T 45 -35.78 -38.24 49.17
CA PRO T 45 -36.54 -37.62 48.07
C PRO T 45 -35.66 -37.30 46.88
N ARG T 46 -36.28 -37.27 45.71
CA ARG T 46 -35.59 -36.96 44.46
C ARG T 46 -35.79 -35.50 44.10
N ILE T 47 -34.75 -34.88 43.55
CA ILE T 47 -34.77 -33.46 43.21
C ILE T 47 -35.32 -33.29 41.80
N LYS T 48 -36.27 -32.37 41.64
CA LYS T 48 -36.80 -32.07 40.32
C LYS T 48 -35.78 -31.31 39.49
N ALA T 49 -35.82 -31.55 38.18
CA ALA T 49 -34.87 -30.91 37.27
C ALA T 49 -35.07 -29.40 37.25
N ILE T 50 -36.26 -28.95 36.87
CA ILE T 50 -36.61 -27.53 36.85
C ILE T 50 -37.69 -27.32 37.90
N THR T 51 -37.30 -26.78 39.05
CA THR T 51 -38.22 -26.57 40.16
C THR T 51 -38.69 -25.12 40.18
N SER T 52 -39.59 -24.83 41.14
CA SER T 52 -40.07 -23.47 41.33
C SER T 52 -39.13 -22.63 42.21
N LYS T 53 -38.15 -23.26 42.85
CA LYS T 53 -37.20 -22.51 43.66
C LYS T 53 -36.36 -21.57 42.80
N MET T 54 -36.04 -22.06 41.60
CA MET T 54 -35.29 -21.25 40.67
C MET T 54 -36.14 -20.13 40.14
N ARG T 55 -35.51 -19.05 39.73
CA ARG T 55 -36.24 -17.90 39.21
C ARG T 55 -36.77 -18.08 37.82
N MET T 56 -38.04 -17.79 37.65
CA MET T 56 -38.67 -17.87 36.35
C MET T 56 -39.01 -16.48 35.83
N PRO T 57 -39.10 -16.30 34.51
CA PRO T 57 -39.55 -15.00 33.98
C PRO T 57 -41.01 -14.76 34.34
N LYS T 58 -41.27 -13.62 34.96
CA LYS T 58 -42.60 -13.29 35.45
C LYS T 58 -43.05 -11.96 34.85
N SER T 59 -44.34 -11.89 34.51
CA SER T 59 -44.96 -10.67 34.01
C SER T 59 -46.25 -10.42 34.79
N LYS T 60 -46.36 -9.22 35.36
CA LYS T 60 -47.53 -8.82 36.16
C LYS T 60 -47.80 -9.81 37.29
N GLY T 61 -46.73 -10.21 37.97
CA GLY T 61 -46.87 -11.12 39.10
C GLY T 61 -47.38 -12.49 38.72
N ALA T 62 -46.85 -13.06 37.65
CA ALA T 62 -47.25 -14.39 37.20
C ALA T 62 -46.17 -14.94 36.28
N THR T 63 -45.72 -16.16 36.56
CA THR T 63 -44.72 -16.80 35.72
C THR T 63 -45.27 -17.01 34.31
N VAL T 64 -44.41 -16.74 33.33
CA VAL T 64 -44.82 -16.82 31.93
C VAL T 64 -44.49 -18.17 31.31
N LEU T 65 -44.07 -19.14 32.12
CA LEU T 65 -43.75 -20.48 31.63
C LEU T 65 -44.63 -21.51 32.31
N ASN T 66 -44.93 -22.58 31.57
CA ASN T 66 -45.69 -23.72 32.08
C ASN T 66 -44.70 -24.79 32.50
N LEU T 67 -44.49 -24.93 33.81
CA LEU T 67 -43.42 -25.81 34.31
C LEU T 67 -43.68 -27.27 33.96
N GLU T 68 -44.93 -27.73 34.11
CA GLU T 68 -45.23 -29.13 33.85
C GLU T 68 -45.02 -29.49 32.39
N HIS T 69 -45.58 -28.69 31.48
CA HIS T 69 -45.41 -28.94 30.05
C HIS T 69 -43.94 -28.87 29.65
N LEU T 70 -43.22 -27.87 30.18
CA LEU T 70 -41.81 -27.74 29.86
C LEU T 70 -41.01 -28.96 30.33
N LEU T 71 -41.31 -29.45 31.53
CA LEU T 71 -40.67 -30.66 32.01
C LEU T 71 -41.03 -31.86 31.13
N GLU T 72 -42.20 -31.83 30.51
CA GLU T 72 -42.60 -32.89 29.58
C GLU T 72 -42.29 -32.57 28.13
N TYR T 73 -41.73 -31.39 27.83
CA TYR T 73 -41.47 -30.97 26.46
C TYR T 73 -40.07 -31.43 26.05
N ALA T 74 -39.99 -32.42 25.17
CA ALA T 74 -38.73 -32.98 24.71
C ALA T 74 -38.75 -33.15 23.19
N PRO T 75 -38.74 -32.05 22.45
CA PRO T 75 -38.71 -32.15 20.98
C PRO T 75 -37.35 -32.63 20.49
N GLN T 76 -37.36 -33.27 19.32
CA GLN T 76 -36.11 -33.61 18.65
C GLN T 76 -35.42 -32.34 18.18
N GLN T 77 -34.09 -32.31 18.34
CA GLN T 77 -33.35 -31.09 18.04
C GLN T 77 -33.42 -30.72 16.57
N ILE T 78 -33.38 -31.72 15.68
CA ILE T 78 -33.47 -31.45 14.25
C ILE T 78 -34.85 -30.98 13.84
N ASP T 79 -35.86 -31.21 14.67
CA ASP T 79 -37.22 -30.79 14.35
C ASP T 79 -37.49 -29.32 14.62
N ILE T 80 -36.64 -28.66 15.40
CA ILE T 80 -36.86 -27.27 15.78
C ILE T 80 -35.72 -26.36 15.34
N SER T 81 -34.78 -26.87 14.56
CA SER T 81 -33.69 -26.05 14.04
C SER T 81 -34.13 -25.32 12.78
N ASN T 82 -33.57 -24.14 12.58
CA ASN T 82 -33.88 -23.33 11.41
C ASN T 82 -32.87 -23.51 10.27
N THR T 83 -31.93 -24.44 10.41
CA THR T 83 -31.05 -24.83 9.33
C THR T 83 -31.64 -25.94 8.48
N ARG T 84 -32.86 -26.37 8.78
CA ARG T 84 -33.57 -27.40 8.05
C ARG T 84 -34.95 -26.88 7.69
N ALA T 85 -35.41 -27.19 6.48
CA ALA T 85 -36.73 -26.76 6.06
C ALA T 85 -37.80 -27.37 6.95
N THR T 86 -38.88 -26.62 7.18
CA THR T 86 -39.97 -27.12 7.99
C THR T 86 -40.70 -28.24 7.26
N GLN T 87 -41.48 -29.00 8.03
CA GLN T 87 -42.22 -30.12 7.44
C GLN T 87 -43.20 -29.64 6.38
N SER T 88 -43.84 -28.50 6.60
CA SER T 88 -44.74 -27.94 5.60
C SER T 88 -44.00 -27.58 4.31
N GLN T 89 -42.83 -26.97 4.44
CA GLN T 89 -42.03 -26.63 3.27
C GLN T 89 -41.57 -27.88 2.53
N PHE T 90 -41.19 -28.92 3.28
CA PHE T 90 -40.79 -30.18 2.65
C PHE T 90 -41.94 -30.83 1.91
N ASP T 91 -43.15 -30.82 2.51
CA ASP T 91 -44.32 -31.37 1.83
C ASP T 91 -44.63 -30.58 0.58
N THR T 92 -44.53 -29.25 0.64
CA THR T 92 -44.78 -28.43 -0.54
C THR T 92 -43.80 -28.76 -1.65
N TRP T 93 -42.52 -28.88 -1.31
CA TRP T 93 -41.51 -29.21 -2.32
C TRP T 93 -41.75 -30.59 -2.91
N TYR T 94 -42.06 -31.57 -2.06
CA TYR T 94 -42.30 -32.93 -2.54
C TYR T 94 -43.51 -32.99 -3.47
N GLU T 95 -44.60 -32.32 -3.09
CA GLU T 95 -45.79 -32.28 -3.93
C GLU T 95 -45.52 -31.57 -5.25
N ALA T 96 -44.76 -30.47 -5.22
CA ALA T 96 -44.46 -29.75 -6.46
C ALA T 96 -43.61 -30.60 -7.39
N VAL T 97 -42.62 -31.31 -6.85
CA VAL T 97 -41.78 -32.18 -7.67
C VAL T 97 -42.62 -33.32 -8.25
N GLN T 98 -43.55 -33.95 -7.44
CA GLN T 98 -44.45 -34.97 -7.96
C GLN T 98 -45.29 -34.45 -9.12
N LEU T 99 -45.81 -33.24 -8.92
CA LEU T 99 -46.65 -32.67 -9.97
C LEU T 99 -45.84 -32.41 -11.24
N ALA T 100 -44.63 -31.88 -11.10
CA ALA T 100 -43.83 -31.54 -12.28
C ALA T 100 -43.36 -32.78 -13.01
N TYR T 101 -42.99 -33.84 -12.28
CA TYR T 101 -42.48 -35.04 -12.90
C TYR T 101 -43.57 -35.95 -13.44
N ASP T 102 -44.83 -35.72 -13.07
CA ASP T 102 -45.96 -36.56 -13.50
C ASP T 102 -45.72 -38.02 -13.13
N ILE T 103 -45.27 -38.23 -11.90
CA ILE T 103 -44.93 -39.55 -11.39
C ILE T 103 -45.86 -39.89 -10.25
N GLY T 104 -46.34 -41.14 -10.22
CA GLY T 104 -47.23 -41.57 -9.18
C GLY T 104 -46.54 -41.69 -7.83
N GLU T 105 -47.36 -41.82 -6.79
CA GLU T 105 -46.85 -41.90 -5.43
C GLU T 105 -46.11 -43.19 -5.13
N THR T 106 -46.15 -44.18 -6.03
CA THR T 106 -45.45 -45.43 -5.79
C THR T 106 -44.05 -45.43 -6.41
N GLU T 107 -43.88 -44.81 -7.57
CA GLU T 107 -42.56 -44.71 -8.19
C GLU T 107 -41.78 -43.48 -7.73
N MET T 108 -42.42 -42.59 -6.98
CA MET T 108 -41.74 -41.38 -6.53
C MET T 108 -40.58 -41.65 -5.57
N PRO T 109 -40.70 -42.55 -4.57
CA PRO T 109 -39.55 -42.80 -3.68
C PRO T 109 -38.30 -43.29 -4.39
N THR T 110 -38.44 -44.04 -5.50
CA THR T 110 -37.26 -44.46 -6.25
C THR T 110 -36.54 -43.25 -6.85
N VAL T 111 -37.31 -42.31 -7.41
CA VAL T 111 -36.73 -41.09 -7.94
C VAL T 111 -36.09 -40.29 -6.81
N MET T 112 -36.70 -40.32 -5.63
CA MET T 112 -36.11 -39.63 -4.48
C MET T 112 -34.79 -40.26 -4.07
N ASN T 113 -34.70 -41.60 -4.11
CA ASN T 113 -33.44 -42.28 -3.85
C ASN T 113 -32.36 -41.83 -4.82
N GLY T 114 -32.69 -41.85 -6.11
CA GLY T 114 -31.74 -41.41 -7.12
C GLY T 114 -31.29 -39.98 -6.92
N LEU T 115 -32.25 -39.09 -6.61
CA LEU T 115 -31.92 -37.69 -6.40
C LEU T 115 -31.04 -37.50 -5.17
N MET T 116 -31.31 -38.26 -4.11
CA MET T 116 -30.47 -38.16 -2.91
C MET T 116 -29.04 -38.60 -3.20
N VAL T 117 -28.86 -39.68 -3.95
CA VAL T 117 -27.51 -40.13 -4.29
C VAL T 117 -26.81 -39.11 -5.18
N TRP T 118 -27.52 -38.58 -6.17
CA TRP T 118 -26.96 -37.56 -7.05
C TRP T 118 -26.55 -36.32 -6.26
N CYS T 119 -27.36 -35.92 -5.27
CA CYS T 119 -27.04 -34.74 -4.49
C CYS T 119 -25.89 -35.00 -3.53
N ILE T 120 -25.75 -36.24 -3.05
CA ILE T 120 -24.55 -36.61 -2.30
C ILE T 120 -23.31 -36.39 -3.15
N GLU T 121 -23.38 -36.80 -4.42
CA GLU T 121 -22.22 -36.70 -5.28
C GLU T 121 -21.93 -35.25 -5.69
N ASN T 122 -22.95 -34.49 -6.08
CA ASN T 122 -22.73 -33.24 -6.81
C ASN T 122 -23.17 -31.99 -6.05
N GLY T 123 -23.67 -32.13 -4.83
CA GLY T 123 -24.03 -30.95 -4.05
C GLY T 123 -25.44 -30.47 -4.30
N THR T 124 -25.81 -29.44 -3.54
CA THR T 124 -27.16 -28.87 -3.54
C THR T 124 -27.11 -27.36 -3.64
N SER T 125 -26.24 -26.84 -4.51
CA SER T 125 -26.13 -25.41 -4.70
C SER T 125 -27.38 -24.85 -5.40
N PRO T 126 -27.76 -23.62 -5.09
CA PRO T 126 -28.89 -23.00 -5.80
C PRO T 126 -28.65 -22.82 -7.29
N ASN T 127 -27.39 -22.85 -7.73
CA ASN T 127 -27.04 -22.60 -9.12
C ASN T 127 -26.97 -23.87 -9.97
N ILE T 128 -27.17 -25.05 -9.37
CA ILE T 128 -27.17 -26.27 -10.17
C ILE T 128 -28.32 -26.24 -11.15
N ASN T 129 -28.06 -26.68 -12.38
CA ASN T 129 -29.04 -26.62 -13.44
C ASN T 129 -28.78 -27.77 -14.40
N GLY T 130 -29.63 -27.87 -15.41
CA GLY T 130 -29.53 -28.94 -16.38
C GLY T 130 -30.37 -30.13 -15.96
N VAL T 131 -29.75 -31.30 -15.88
CA VAL T 131 -30.42 -32.52 -15.47
C VAL T 131 -29.55 -33.25 -14.46
N TRP T 132 -30.21 -34.08 -13.65
CA TRP T 132 -29.53 -35.08 -12.84
C TRP T 132 -29.85 -36.46 -13.42
N VAL T 133 -29.08 -37.46 -13.01
CA VAL T 133 -29.12 -38.76 -13.65
C VAL T 133 -29.36 -39.86 -12.62
N MET T 134 -30.18 -40.83 -13.02
CA MET T 134 -30.38 -42.08 -12.29
C MET T 134 -29.81 -43.23 -13.11
N MET T 135 -29.23 -44.20 -12.42
CA MET T 135 -28.61 -45.35 -13.08
C MET T 135 -29.58 -46.52 -12.99
N CYS T 136 -30.42 -46.66 -14.00
CA CYS T 136 -31.36 -47.78 -14.10
C CYS T 136 -30.59 -48.96 -14.72
N GLY T 137 -30.05 -49.80 -13.85
CA GLY T 137 -29.18 -50.87 -14.30
C GLY T 137 -27.93 -50.31 -14.96
N ASP T 138 -27.76 -50.58 -16.26
CA ASP T 138 -26.67 -50.02 -17.02
C ASP T 138 -27.08 -48.81 -17.85
N GLU T 139 -28.34 -48.38 -17.77
CA GLU T 139 -28.84 -47.25 -18.54
C GLU T 139 -28.91 -46.00 -17.67
N GLN T 140 -28.82 -44.85 -18.34
CA GLN T 140 -28.81 -43.55 -17.68
C GLN T 140 -30.11 -42.82 -18.01
N VAL T 141 -30.86 -42.47 -16.97
CA VAL T 141 -32.12 -41.75 -17.11
C VAL T 141 -31.92 -40.32 -16.62
N GLU T 142 -32.32 -39.34 -17.42
CA GLU T 142 -32.10 -37.94 -17.11
C GLU T 142 -33.40 -37.30 -16.64
N TYR T 143 -33.34 -36.63 -15.49
CA TYR T 143 -34.45 -35.91 -14.92
C TYR T 143 -34.12 -34.42 -14.84
N PRO T 144 -35.02 -33.54 -15.26
CA PRO T 144 -34.73 -32.11 -15.18
C PRO T 144 -34.56 -31.66 -13.74
N LEU T 145 -33.60 -30.75 -13.53
CA LEU T 145 -33.32 -30.22 -12.20
C LEU T 145 -34.15 -28.99 -11.86
N LYS T 146 -34.83 -28.39 -12.83
CA LYS T 146 -35.61 -27.18 -12.57
C LYS T 146 -36.69 -27.38 -11.51
N PRO T 147 -37.55 -28.41 -11.58
CA PRO T 147 -38.53 -28.60 -10.50
C PRO T 147 -37.90 -28.82 -9.14
N ILE T 148 -36.73 -29.47 -9.10
CA ILE T 148 -36.09 -29.76 -7.83
C ILE T 148 -35.62 -28.48 -7.15
N VAL T 149 -35.08 -27.54 -7.92
CA VAL T 149 -34.46 -26.35 -7.35
C VAL T 149 -35.46 -25.21 -7.19
N GLU T 150 -36.38 -25.04 -8.14
CA GLU T 150 -37.27 -23.88 -8.07
C GLU T 150 -38.34 -24.01 -6.99
N ASN T 151 -38.62 -25.23 -6.53
CA ASN T 151 -39.66 -25.44 -5.52
C ASN T 151 -39.10 -25.68 -4.13
N ALA T 152 -37.78 -25.65 -3.96
CA ALA T 152 -37.15 -25.92 -2.67
C ALA T 152 -37.07 -24.63 -1.88
N LYS T 153 -37.82 -24.55 -0.78
CA LYS T 153 -37.83 -23.38 0.08
C LYS T 153 -37.46 -23.75 1.51
N PRO T 154 -36.67 -22.93 2.19
CA PRO T 154 -36.06 -21.68 1.69
C PRO T 154 -34.92 -21.92 0.71
N THR T 155 -34.17 -23.02 0.87
CA THR T 155 -33.11 -23.38 -0.06
C THR T 155 -33.19 -24.87 -0.34
N LEU T 156 -32.48 -25.30 -1.39
CA LEU T 156 -32.40 -26.73 -1.67
C LEU T 156 -31.58 -27.47 -0.63
N ARG T 157 -30.58 -26.82 -0.05
CA ARG T 157 -29.80 -27.45 1.01
C ARG T 157 -30.65 -27.74 2.23
N GLN T 158 -31.54 -26.80 2.60
CA GLN T 158 -32.42 -27.03 3.74
C GLN T 158 -33.41 -28.16 3.46
N ILE T 159 -33.87 -28.28 2.21
CA ILE T 159 -34.75 -29.38 1.85
C ILE T 159 -34.01 -30.71 1.93
N MET T 160 -32.82 -30.78 1.34
CA MET T 160 -32.06 -32.02 1.33
C MET T 160 -31.49 -32.38 2.69
N ALA T 161 -31.47 -31.43 3.63
CA ALA T 161 -31.08 -31.74 5.01
C ALA T 161 -31.97 -32.82 5.62
N HIS T 162 -33.20 -32.97 5.14
CA HIS T 162 -34.06 -34.05 5.61
C HIS T 162 -33.52 -35.42 5.22
N PHE T 163 -32.61 -35.48 4.24
CA PHE T 163 -32.04 -36.73 3.76
C PHE T 163 -30.67 -37.02 4.36
N SER T 164 -30.24 -36.25 5.35
CA SER T 164 -28.85 -36.31 5.80
C SER T 164 -28.50 -37.64 6.45
N ASP T 165 -29.36 -38.15 7.36
CA ASP T 165 -29.09 -39.44 8.02
C ASP T 165 -29.08 -40.58 7.02
N VAL T 166 -30.03 -40.57 6.07
CA VAL T 166 -30.06 -41.62 5.05
C VAL T 166 -28.83 -41.52 4.15
N ALA T 167 -28.40 -40.31 3.83
CA ALA T 167 -27.21 -40.13 3.01
C ALA T 167 -25.97 -40.68 3.71
N GLU T 168 -25.83 -40.40 5.00
CA GLU T 168 -24.70 -40.92 5.76
C GLU T 168 -24.72 -42.44 5.80
N ALA T 169 -25.91 -43.02 6.05
CA ALA T 169 -26.03 -44.47 6.08
C ALA T 169 -25.70 -45.08 4.72
N TYR T 170 -26.16 -44.45 3.63
CA TYR T 170 -25.89 -44.94 2.29
C TYR T 170 -24.41 -44.88 1.97
N ILE T 171 -23.72 -43.81 2.38
CA ILE T 171 -22.29 -43.71 2.13
C ILE T 171 -21.54 -44.80 2.88
N GLU T 172 -21.92 -45.06 4.13
CA GLU T 172 -21.29 -46.14 4.89
C GLU T 172 -21.52 -47.49 4.22
N MET T 173 -22.77 -47.72 3.77
CA MET T 173 -23.09 -48.98 3.11
C MET T 173 -22.28 -49.17 1.84
N ARG T 174 -22.17 -48.12 1.02
CA ARG T 174 -21.38 -48.22 -0.20
C ARG T 174 -19.91 -48.43 0.11
N ASN T 175 -19.39 -47.80 1.16
CA ASN T 175 -18.00 -48.00 1.54
C ASN T 175 -17.75 -49.39 2.10
N LYS T 176 -18.79 -50.09 2.55
CA LYS T 176 -18.60 -51.47 2.99
C LYS T 176 -18.17 -52.39 1.86
N LYS T 177 -18.47 -52.05 0.60
CA LYS T 177 -18.17 -52.93 -0.53
C LYS T 177 -17.08 -52.40 -1.46
N GLU T 178 -16.79 -51.15 -1.40
CA GLU T 178 -15.77 -50.58 -2.27
C GLU T 178 -15.38 -49.19 -1.77
N PRO T 179 -14.21 -48.63 -2.20
CA PRO T 179 -13.86 -47.24 -1.85
C PRO T 179 -14.86 -46.27 -2.46
N TYR T 180 -15.57 -45.56 -1.57
CA TYR T 180 -16.66 -44.67 -1.99
C TYR T 180 -16.54 -43.36 -1.21
N MET T 181 -15.83 -42.39 -1.80
CA MET T 181 -15.79 -41.05 -1.26
C MET T 181 -16.62 -40.15 -2.15
N PRO T 182 -17.62 -39.45 -1.61
CA PRO T 182 -18.44 -38.57 -2.46
C PRO T 182 -17.60 -37.51 -3.14
N ARG T 183 -18.02 -37.14 -4.35
CA ARG T 183 -17.24 -36.18 -5.15
C ARG T 183 -17.05 -34.87 -4.40
N TYR T 184 -17.96 -34.52 -3.49
CA TYR T 184 -17.76 -33.35 -2.64
C TYR T 184 -16.51 -33.50 -1.80
N GLY T 185 -16.31 -34.68 -1.21
CA GLY T 185 -15.10 -34.92 -0.42
C GLY T 185 -13.84 -35.02 -1.25
N LEU T 186 -13.97 -35.34 -2.53
CA LEU T 186 -12.82 -35.32 -3.43
C LEU T 186 -12.45 -33.91 -3.81
N VAL T 187 -13.44 -33.04 -4.00
CA VAL T 187 -13.15 -31.63 -4.27
C VAL T 187 -12.54 -30.96 -3.05
N ARG T 188 -13.01 -31.31 -1.86
CA ARG T 188 -12.47 -30.74 -0.63
C ARG T 188 -11.11 -31.33 -0.26
N ASN T 189 -10.65 -32.35 -1.00
CA ASN T 189 -9.35 -32.99 -0.74
C ASN T 189 -9.27 -33.54 0.68
N LEU T 190 -10.35 -34.18 1.13
CA LEU T 190 -10.35 -34.84 2.43
C LEU T 190 -9.53 -36.13 2.34
N ARG T 191 -8.48 -36.21 3.13
CA ARG T 191 -7.51 -37.30 3.04
C ARG T 191 -7.84 -38.48 3.95
N ASP T 192 -8.95 -38.44 4.66
CA ASP T 192 -9.37 -39.54 5.52
C ASP T 192 -10.57 -40.23 4.91
N GLY T 193 -10.44 -41.54 4.67
CA GLY T 193 -11.54 -42.30 4.10
C GLY T 193 -12.62 -42.67 5.09
N SER T 194 -12.27 -42.72 6.38
CA SER T 194 -13.26 -43.04 7.41
C SER T 194 -14.22 -41.88 7.66
N LEU T 195 -13.92 -40.69 7.16
CA LEU T 195 -14.80 -39.54 7.28
C LEU T 195 -15.64 -39.32 6.03
N ALA T 196 -15.69 -40.29 5.11
CA ALA T 196 -16.46 -40.13 3.88
C ALA T 196 -17.95 -39.99 4.15
N ARG T 197 -18.43 -40.55 5.27
CA ARG T 197 -19.86 -40.52 5.58
C ARG T 197 -20.38 -39.13 5.91
N TYR T 198 -19.51 -38.16 6.12
CA TYR T 198 -19.92 -36.79 6.41
C TYR T 198 -19.53 -35.82 5.30
N ALA T 199 -18.96 -36.31 4.20
CA ALA T 199 -18.37 -35.44 3.18
C ALA T 199 -19.37 -35.13 2.07
N PHE T 200 -20.49 -34.52 2.46
CA PHE T 200 -21.42 -33.94 1.50
C PHE T 200 -21.91 -32.61 2.06
N ASP T 201 -22.34 -31.72 1.16
CA ASP T 201 -22.57 -30.34 1.56
C ASP T 201 -23.91 -30.10 2.24
N PHE T 202 -24.83 -31.06 2.20
CA PHE T 202 -26.10 -30.92 2.92
C PHE T 202 -26.14 -31.76 4.19
N TYR T 203 -24.97 -32.18 4.69
CA TYR T 203 -24.92 -32.92 5.94
C TYR T 203 -25.30 -32.01 7.10
N GLU T 204 -26.15 -32.53 7.99
CA GLU T 204 -26.64 -31.78 9.15
C GLU T 204 -25.92 -32.24 10.40
N VAL T 205 -25.22 -31.31 11.04
CA VAL T 205 -24.50 -31.61 12.28
C VAL T 205 -25.48 -31.69 13.42
N THR T 206 -25.40 -32.76 14.21
CA THR T 206 -26.29 -32.98 15.34
C THR T 206 -25.46 -33.18 16.60
N SER T 207 -26.16 -33.41 17.72
CA SER T 207 -25.47 -33.66 18.99
C SER T 207 -24.77 -35.02 19.00
N ARG T 208 -25.12 -35.90 18.07
CA ARG T 208 -24.50 -37.22 17.99
C ARG T 208 -23.35 -37.28 17.00
N THR T 209 -23.09 -36.19 16.27
CA THR T 209 -21.95 -36.15 15.36
C THR T 209 -20.65 -36.19 16.16
N PRO T 210 -19.71 -37.06 15.80
CA PRO T 210 -18.43 -37.09 16.52
C PRO T 210 -17.67 -35.78 16.39
N VAL T 211 -16.90 -35.47 17.42
CA VAL T 211 -16.19 -34.18 17.47
C VAL T 211 -15.23 -34.05 16.29
N ARG T 212 -14.52 -35.12 15.97
CA ARG T 212 -13.62 -35.10 14.81
C ARG T 212 -14.39 -34.89 13.52
N ALA T 213 -15.53 -35.55 13.37
CA ALA T 213 -16.36 -35.37 12.19
C ALA T 213 -16.88 -33.94 12.11
N ARG T 214 -17.28 -33.37 13.26
CA ARG T 214 -17.75 -31.99 13.28
C ARG T 214 -16.65 -31.03 12.85
N GLU T 215 -15.44 -31.24 13.35
CA GLU T 215 -14.31 -30.39 12.96
C GLU T 215 -14.04 -30.52 11.47
N ALA T 216 -14.03 -31.74 10.94
CA ALA T 216 -13.78 -31.93 9.51
C ALA T 216 -14.86 -31.27 8.67
N HIS T 217 -16.12 -31.41 9.06
CA HIS T 217 -17.21 -30.80 8.30
C HIS T 217 -17.13 -29.28 8.32
N ILE T 218 -16.80 -28.70 9.48
CA ILE T 218 -16.70 -27.24 9.55
C ILE T 218 -15.52 -26.74 8.73
N GLN T 219 -14.40 -27.46 8.76
CA GLN T 219 -13.26 -27.07 7.92
C GLN T 219 -13.61 -27.17 6.44
N MET T 220 -14.33 -28.23 6.04
CA MET T 220 -14.74 -28.35 4.64
C MET T 220 -15.67 -27.23 4.23
N LYS T 221 -16.62 -26.87 5.10
CA LYS T 221 -17.52 -25.76 4.79
C LYS T 221 -16.77 -24.44 4.65
N ALA T 222 -15.80 -24.19 5.54
CA ALA T 222 -15.02 -22.97 5.47
C ALA T 222 -14.18 -22.94 4.19
N ALA T 223 -13.58 -24.07 3.82
CA ALA T 223 -12.80 -24.13 2.59
C ALA T 223 -13.66 -23.93 1.36
N ALA T 224 -14.87 -24.50 1.36
CA ALA T 224 -15.73 -24.39 0.19
C ALA T 224 -16.30 -22.99 0.04
N LEU T 225 -16.70 -22.36 1.14
CA LEU T 225 -17.31 -21.03 1.04
C LEU T 225 -16.27 -19.96 0.76
N LYS T 226 -15.06 -20.11 1.28
CA LYS T 226 -13.95 -19.16 1.07
C LYS T 226 -14.39 -17.81 1.63
N SER T 227 -14.27 -16.72 0.87
CA SER T 227 -14.67 -15.39 1.31
C SER T 227 -15.78 -14.83 0.43
N ALA T 228 -16.74 -15.67 0.08
CA ALA T 228 -17.84 -15.25 -0.78
C ALA T 228 -18.74 -14.27 -0.04
N GLN T 229 -19.00 -13.13 -0.68
CA GLN T 229 -19.86 -12.08 -0.11
C GLN T 229 -21.13 -11.98 -0.93
N SER T 230 -22.24 -11.99 -0.20
CA SER T 230 -23.53 -11.91 -0.83
C SER T 230 -23.92 -10.53 -1.25
N ARG T 231 -24.44 -10.44 -2.44
CA ARG T 231 -24.98 -9.18 -2.95
C ARG T 231 -26.50 -9.24 -2.89
N LEU T 232 -27.20 -8.24 -2.26
CA LEU T 232 -28.65 -8.22 -2.11
C LEU T 232 -29.37 -7.90 -3.42
N PHE T 233 -28.70 -7.23 -4.35
CA PHE T 233 -29.34 -6.77 -5.57
C PHE T 233 -28.49 -7.09 -6.77
N GLY T 234 -29.15 -7.29 -7.90
CA GLY T 234 -28.51 -7.31 -9.20
C GLY T 234 -28.71 -5.99 -9.92
N LEU T 235 -28.54 -6.03 -11.24
CA LEU T 235 -28.80 -4.84 -12.04
C LEU T 235 -30.30 -4.54 -12.04
N ASP T 236 -30.65 -3.29 -11.78
CA ASP T 236 -32.05 -2.89 -11.70
C ASP T 236 -32.72 -3.05 -13.06
N GLY T 237 -33.96 -3.57 -13.04
CA GLY T 237 -34.69 -3.83 -14.27
C GLY T 237 -35.27 -2.60 -14.93
N GLY T 238 -35.32 -1.46 -14.24
CA GLY T 238 -35.72 -0.24 -14.89
C GLY T 238 -34.64 0.26 -15.82
N ILE T 239 -34.86 0.16 -17.13
CA ILE T 239 -33.80 0.44 -18.09
C ILE T 239 -33.80 1.90 -18.52
N SER T 240 -34.97 2.45 -18.82
CA SER T 240 -35.05 3.81 -19.33
C SER T 240 -34.56 4.80 -18.29
N THR T 241 -33.62 5.67 -18.70
CA THR T 241 -33.14 6.75 -17.84
C THR T 241 -33.49 8.14 -18.37
N GLN T 242 -33.75 8.28 -19.66
CA GLN T 242 -34.12 9.55 -20.24
C GLN T 242 -35.62 9.81 -20.02
N GLU T 243 -36.05 11.01 -20.41
CA GLU T 243 -37.45 11.39 -20.35
C GLU T 243 -38.05 11.34 -21.75
N GLU T 244 -39.31 10.93 -21.83
CA GLU T 244 -39.98 10.82 -23.12
C GLU T 244 -40.13 12.19 -23.77
N ASN T 245 -39.87 12.24 -25.08
CA ASN T 245 -40.00 13.47 -25.85
C ASN T 245 -41.46 13.63 -26.28
N THR T 246 -42.16 14.57 -25.67
CA THR T 246 -43.56 14.83 -25.97
C THR T 246 -43.76 16.00 -26.93
N GLU T 247 -42.67 16.59 -27.42
CA GLU T 247 -42.79 17.78 -28.25
C GLU T 247 -43.32 17.45 -29.63
N ARG T 248 -44.17 18.35 -30.14
CA ARG T 248 -44.72 18.21 -31.48
C ARG T 248 -43.64 18.44 -32.54
N HIS T 249 -43.99 18.12 -33.78
CA HIS T 249 -43.09 18.37 -34.91
C HIS T 249 -43.96 18.66 -36.13
N THR T 250 -43.91 19.89 -36.61
CA THR T 250 -44.72 20.33 -37.73
C THR T 250 -43.83 20.70 -38.91
N THR T 251 -44.45 20.86 -40.08
CA THR T 251 -43.72 21.25 -41.29
C THR T 251 -43.25 22.69 -41.24
N GLU T 252 -43.70 23.49 -40.27
CA GLU T 252 -43.22 24.84 -40.10
C GLU T 252 -41.88 24.89 -39.35
N ASP T 253 -41.47 23.80 -38.73
CA ASP T 253 -40.22 23.79 -37.98
C ASP T 253 -39.03 23.97 -38.90
N VAL T 254 -38.07 24.78 -38.47
CA VAL T 254 -36.86 25.00 -39.26
C VAL T 254 -36.03 23.73 -39.33
N SER T 255 -36.11 22.89 -38.32
CA SER T 255 -35.34 21.65 -38.26
C SER T 255 -36.09 20.67 -37.36
N PRO T 256 -35.73 19.39 -37.40
CA PRO T 256 -36.40 18.42 -36.51
C PRO T 256 -36.20 18.71 -35.03
N SER T 257 -35.21 19.51 -34.65
CA SER T 257 -34.94 19.77 -33.24
C SER T 257 -35.22 21.20 -32.82
N MET T 258 -35.41 22.13 -33.76
CA MET T 258 -35.67 23.52 -33.43
C MET T 258 -36.94 23.98 -34.13
N HIS T 259 -37.86 24.58 -33.37
CA HIS T 259 -39.08 25.10 -33.97
C HIS T 259 -38.79 26.34 -34.83
N THR T 260 -38.02 27.28 -34.29
CA THR T 260 -37.67 28.51 -35.00
C THR T 260 -36.26 28.93 -34.62
N LEU T 261 -35.85 30.08 -35.13
CA LEU T 261 -34.57 30.71 -34.84
C LEU T 261 -34.80 32.16 -34.41
N LEU T 262 -35.71 32.34 -33.44
CA LEU T 262 -36.31 33.65 -33.17
C LEU T 262 -35.25 34.70 -32.86
N GLY T 263 -34.41 34.48 -31.88
CA GLY T 263 -33.49 35.55 -31.52
C GLY T 263 -32.29 35.74 -32.42
N VAL T 264 -32.20 34.95 -33.48
CA VAL T 264 -31.03 35.01 -34.33
C VAL T 264 -30.95 36.24 -35.19
N LYS T 265 -29.81 36.88 -35.18
CA LYS T 265 -29.58 38.06 -36.04
C LYS T 265 -28.60 37.68 -37.14
N ASN T 266 -28.91 38.02 -38.38
CA ASN T 266 -28.06 37.72 -39.52
C ASN T 266 -26.73 38.49 -39.47
N MET T 267 -26.74 39.75 -38.96
CA MET T 267 -25.51 40.53 -38.84
C MET T 267 -25.49 41.33 -37.54
N VAL U 44 -25.74 -65.13 15.68
CA VAL U 44 -26.33 -63.85 16.05
C VAL U 44 -26.84 -63.13 14.80
N PRO U 45 -27.92 -62.37 14.95
CA PRO U 45 -28.50 -61.67 13.80
C PRO U 45 -27.56 -60.60 13.26
N ARG U 46 -27.72 -60.31 11.97
CA ARG U 46 -26.91 -59.31 11.29
C ARG U 46 -27.69 -58.00 11.20
N ILE U 47 -26.98 -56.88 11.35
CA ILE U 47 -27.59 -55.56 11.37
C ILE U 47 -27.67 -55.03 9.94
N LYS U 48 -28.85 -54.53 9.57
CA LYS U 48 -29.01 -53.93 8.26
C LYS U 48 -28.30 -52.58 8.18
N ALA U 49 -27.80 -52.27 6.99
CA ALA U 49 -27.07 -51.01 6.80
C ALA U 49 -27.96 -49.81 7.02
N ILE U 50 -29.04 -49.69 6.24
CA ILE U 50 -30.02 -48.62 6.37
C ILE U 50 -31.32 -49.26 6.82
N THR U 51 -31.64 -49.13 8.10
CA THR U 51 -32.83 -49.74 8.68
C THR U 51 -33.94 -48.69 8.80
N SER U 52 -35.11 -49.15 9.25
CA SER U 52 -36.23 -48.26 9.49
C SER U 52 -36.16 -47.58 10.87
N LYS U 53 -35.26 -48.03 11.74
CA LYS U 53 -35.12 -47.38 13.05
C LYS U 53 -34.61 -45.95 12.89
N MET U 54 -33.74 -45.75 11.91
CA MET U 54 -33.23 -44.43 11.64
C MET U 54 -34.32 -43.58 11.03
N ARG U 55 -34.21 -42.27 11.21
CA ARG U 55 -35.21 -41.35 10.69
C ARG U 55 -35.11 -41.12 9.20
N MET U 56 -36.23 -41.25 8.54
CA MET U 56 -36.29 -41.02 7.11
C MET U 56 -37.10 -39.75 6.81
N PRO U 57 -36.84 -39.09 5.68
CA PRO U 57 -37.68 -37.94 5.30
C PRO U 57 -39.09 -38.40 4.98
N LYS U 58 -40.07 -37.79 5.65
CA LYS U 58 -41.46 -38.18 5.52
C LYS U 58 -42.30 -36.98 5.09
N SER U 59 -43.27 -37.24 4.21
CA SER U 59 -44.22 -36.23 3.77
C SER U 59 -45.62 -36.79 3.90
N LYS U 60 -46.49 -36.05 4.59
CA LYS U 60 -47.88 -36.45 4.82
C LYS U 60 -47.97 -37.84 5.45
N GLY U 61 -47.12 -38.08 6.44
CA GLY U 61 -47.13 -39.35 7.14
C GLY U 61 -46.75 -40.54 6.28
N ALA U 62 -45.70 -40.39 5.47
CA ALA U 62 -45.24 -41.48 4.62
C ALA U 62 -43.80 -41.18 4.20
N THR U 63 -42.93 -42.17 4.38
CA THR U 63 -41.54 -42.00 4.00
C THR U 63 -41.44 -41.79 2.49
N VAL U 64 -40.56 -40.87 2.10
CA VAL U 64 -40.42 -40.50 0.69
C VAL U 64 -39.29 -41.27 0.01
N LEU U 65 -38.73 -42.27 0.69
CA LEU U 65 -37.65 -43.07 0.13
C LEU U 65 -38.07 -44.54 0.07
N ASN U 66 -37.55 -45.25 -0.94
CA ASN U 66 -37.77 -46.68 -1.10
C ASN U 66 -36.56 -47.40 -0.52
N LEU U 67 -36.73 -47.97 0.67
CA LEU U 67 -35.60 -48.53 1.40
C LEU U 67 -34.98 -49.72 0.67
N GLU U 68 -35.81 -50.61 0.10
CA GLU U 68 -35.27 -51.79 -0.56
C GLU U 68 -34.46 -51.41 -1.80
N HIS U 69 -35.04 -50.57 -2.67
CA HIS U 69 -34.32 -50.15 -3.86
C HIS U 69 -33.04 -49.40 -3.50
N LEU U 70 -33.11 -48.53 -2.50
CA LEU U 70 -31.93 -47.78 -2.09
C LEU U 70 -30.84 -48.71 -1.58
N LEU U 71 -31.21 -49.72 -0.79
CA LEU U 71 -30.24 -50.72 -0.36
C LEU U 71 -29.66 -51.49 -1.54
N GLU U 72 -30.44 -51.62 -2.62
CA GLU U 72 -29.94 -52.28 -3.83
C GLU U 72 -29.40 -51.30 -4.86
N TYR U 73 -29.43 -49.99 -4.59
CA TYR U 73 -29.00 -48.99 -5.56
C TYR U 73 -27.51 -48.71 -5.35
N ALA U 74 -26.68 -49.17 -6.30
CA ALA U 74 -25.24 -49.00 -6.22
C ALA U 74 -24.70 -48.52 -7.58
N PRO U 75 -25.00 -47.29 -7.97
CA PRO U 75 -24.46 -46.77 -9.23
C PRO U 75 -22.97 -46.48 -9.13
N GLN U 76 -22.30 -46.56 -10.26
CA GLN U 76 -20.90 -46.13 -10.33
C GLN U 76 -20.82 -44.62 -10.14
N GLN U 77 -19.81 -44.19 -9.39
CA GLN U 77 -19.71 -42.78 -9.02
C GLN U 77 -19.48 -41.90 -10.24
N ILE U 78 -18.69 -42.36 -11.20
CA ILE U 78 -18.44 -41.57 -12.40
C ILE U 78 -19.67 -41.50 -13.29
N ASP U 79 -20.64 -42.39 -13.11
CA ASP U 79 -21.84 -42.40 -13.93
C ASP U 79 -22.87 -41.36 -13.49
N ILE U 80 -22.75 -40.81 -12.29
CA ILE U 80 -23.74 -39.88 -11.75
C ILE U 80 -23.13 -38.53 -11.39
N SER U 81 -21.87 -38.31 -11.74
CA SER U 81 -21.22 -37.03 -11.50
C SER U 81 -21.54 -36.05 -12.62
N ASN U 82 -21.60 -34.77 -12.28
CA ASN U 82 -21.89 -33.72 -13.24
C ASN U 82 -20.64 -33.06 -13.79
N THR U 83 -19.46 -33.57 -13.44
CA THR U 83 -18.20 -33.14 -14.04
C THR U 83 -17.87 -33.94 -15.29
N ARG U 84 -18.75 -34.85 -15.69
CA ARG U 84 -18.57 -35.67 -16.88
C ARG U 84 -19.84 -35.58 -17.71
N ALA U 85 -19.68 -35.51 -19.03
CA ALA U 85 -20.84 -35.43 -19.91
C ALA U 85 -21.68 -36.69 -19.78
N THR U 86 -23.00 -36.53 -19.92
CA THR U 86 -23.89 -37.67 -19.85
C THR U 86 -23.70 -38.58 -21.05
N GLN U 87 -24.21 -39.81 -20.94
CA GLN U 87 -24.06 -40.77 -22.02
C GLN U 87 -24.76 -40.28 -23.29
N SER U 88 -25.92 -39.64 -23.14
CA SER U 88 -26.61 -39.08 -24.30
C SER U 88 -25.79 -37.99 -24.97
N GLN U 89 -25.17 -37.10 -24.18
CA GLN U 89 -24.33 -36.06 -24.75
C GLN U 89 -23.11 -36.66 -25.44
N PHE U 90 -22.52 -37.70 -24.84
CA PHE U 90 -21.37 -38.36 -25.47
C PHE U 90 -21.76 -39.01 -26.79
N ASP U 91 -22.92 -39.68 -26.83
CA ASP U 91 -23.38 -40.26 -28.08
C ASP U 91 -23.65 -39.20 -29.14
N THR U 92 -24.24 -38.08 -28.74
CA THR U 92 -24.48 -36.99 -29.68
C THR U 92 -23.17 -36.47 -30.25
N TRP U 93 -22.18 -36.26 -29.39
CA TRP U 93 -20.88 -35.77 -29.85
C TRP U 93 -20.21 -36.78 -30.78
N TYR U 94 -20.23 -38.06 -30.42
CA TYR U 94 -19.62 -39.09 -31.24
C TYR U 94 -20.28 -39.19 -32.61
N GLU U 95 -21.61 -39.16 -32.64
CA GLU U 95 -22.32 -39.21 -33.91
C GLU U 95 -22.04 -37.98 -34.76
N ALA U 96 -21.99 -36.79 -34.14
CA ALA U 96 -21.71 -35.58 -34.90
C ALA U 96 -20.30 -35.60 -35.48
N VAL U 97 -19.32 -36.08 -34.72
CA VAL U 97 -17.96 -36.17 -35.23
C VAL U 97 -17.88 -37.19 -36.36
N GLN U 98 -18.59 -38.38 -36.25
CA GLN U 98 -18.65 -39.35 -37.32
C GLN U 98 -19.23 -38.73 -38.60
N LEU U 99 -20.31 -37.98 -38.41
CA LEU U 99 -20.94 -37.36 -39.57
C LEU U 99 -20.02 -36.34 -40.23
N ALA U 100 -19.34 -35.53 -39.43
CA ALA U 100 -18.49 -34.48 -40.00
C ALA U 100 -17.26 -35.05 -40.68
N TYR U 101 -16.68 -36.12 -40.10
CA TYR U 101 -15.47 -36.69 -40.67
C TYR U 101 -15.73 -37.63 -41.84
N ASP U 102 -16.99 -38.03 -42.06
CA ASP U 102 -17.36 -38.95 -43.13
C ASP U 102 -16.55 -40.25 -43.03
N ILE U 103 -16.47 -40.77 -41.81
CA ILE U 103 -15.69 -41.97 -41.50
C ILE U 103 -16.65 -43.06 -41.04
N GLY U 104 -16.43 -44.27 -41.51
CA GLY U 104 -17.27 -45.39 -41.12
C GLY U 104 -17.07 -45.79 -39.68
N GLU U 105 -18.00 -46.63 -39.20
CA GLU U 105 -17.98 -47.06 -37.80
C GLU U 105 -16.83 -48.02 -37.49
N THR U 106 -16.10 -48.48 -38.49
CA THR U 106 -14.98 -49.39 -38.25
C THR U 106 -13.65 -48.64 -38.12
N GLU U 107 -13.45 -47.59 -38.91
CA GLU U 107 -12.25 -46.78 -38.80
C GLU U 107 -12.36 -45.67 -37.77
N MET U 108 -13.55 -45.44 -37.23
CA MET U 108 -13.74 -44.36 -36.25
C MET U 108 -12.97 -44.58 -34.95
N PRO U 109 -12.93 -45.78 -34.35
CA PRO U 109 -12.15 -45.94 -33.11
C PRO U 109 -10.68 -45.63 -33.25
N THR U 110 -10.07 -45.86 -34.41
CA THR U 110 -8.67 -45.48 -34.61
C THR U 110 -8.50 -43.97 -34.52
N VAL U 111 -9.40 -43.23 -35.15
CA VAL U 111 -9.38 -41.78 -35.07
C VAL U 111 -9.61 -41.34 -33.63
N MET U 112 -10.46 -42.05 -32.90
CA MET U 112 -10.68 -41.74 -31.49
C MET U 112 -9.42 -41.98 -30.66
N ASN U 113 -8.68 -43.04 -30.95
CA ASN U 113 -7.41 -43.28 -30.28
C ASN U 113 -6.44 -42.13 -30.53
N GLY U 114 -6.30 -41.73 -31.79
CA GLY U 114 -5.43 -40.62 -32.12
C GLY U 114 -5.84 -39.33 -31.42
N LEU U 115 -7.14 -39.05 -31.40
CA LEU U 115 -7.63 -37.84 -30.76
C LEU U 115 -7.39 -37.87 -29.26
N MET U 116 -7.58 -39.04 -28.63
CA MET U 116 -7.32 -39.15 -27.20
C MET U 116 -5.85 -38.89 -26.88
N VAL U 117 -4.94 -39.44 -27.68
CA VAL U 117 -3.52 -39.21 -27.44
C VAL U 117 -3.17 -37.73 -27.65
N TRP U 118 -3.70 -37.13 -28.72
CA TRP U 118 -3.47 -35.72 -28.97
C TRP U 118 -4.00 -34.84 -27.84
N CYS U 119 -5.16 -35.19 -27.28
CA CYS U 119 -5.73 -34.41 -26.19
C CYS U 119 -4.96 -34.62 -24.90
N ILE U 120 -4.39 -35.81 -24.69
CA ILE U 120 -3.47 -35.99 -23.57
C ILE U 120 -2.31 -35.03 -23.69
N GLU U 121 -1.78 -34.89 -24.90
CA GLU U 121 -0.61 -34.03 -25.08
C GLU U 121 -0.95 -32.54 -24.96
N ASN U 122 -2.03 -32.10 -25.60
CA ASN U 122 -2.25 -30.69 -25.86
C ASN U 122 -3.46 -30.10 -25.14
N GLY U 123 -4.18 -30.88 -24.35
CA GLY U 123 -5.29 -30.34 -23.60
C GLY U 123 -6.60 -30.32 -24.35
N THR U 124 -7.65 -29.91 -23.64
CA THR U 124 -9.01 -29.91 -24.16
C THR U 124 -9.69 -28.57 -23.88
N SER U 125 -8.97 -27.48 -24.11
CA SER U 125 -9.53 -26.16 -23.90
C SER U 125 -10.60 -25.84 -24.96
N PRO U 126 -11.61 -25.06 -24.60
CA PRO U 126 -12.61 -24.65 -25.61
C PRO U 126 -12.03 -23.81 -26.73
N ASN U 127 -10.87 -23.21 -26.53
CA ASN U 127 -10.27 -22.31 -27.49
C ASN U 127 -9.32 -23.00 -28.47
N ILE U 128 -9.09 -24.31 -28.31
CA ILE U 128 -8.24 -25.01 -29.26
C ILE U 128 -8.88 -24.99 -30.63
N ASN U 129 -8.06 -24.77 -31.66
CA ASN U 129 -8.55 -24.64 -33.02
C ASN U 129 -7.47 -25.11 -33.98
N GLY U 130 -7.80 -25.08 -35.26
CA GLY U 130 -6.88 -25.55 -36.28
C GLY U 130 -7.11 -27.03 -36.56
N VAL U 131 -6.04 -27.82 -36.47
CA VAL U 131 -6.12 -29.26 -36.70
C VAL U 131 -5.38 -29.98 -35.59
N TRP U 132 -5.75 -31.23 -35.39
CA TRP U 132 -4.96 -32.17 -34.60
C TRP U 132 -4.36 -33.21 -35.54
N VAL U 133 -3.37 -33.94 -35.05
CA VAL U 133 -2.55 -34.79 -35.91
C VAL U 133 -2.54 -36.22 -35.38
N MET U 134 -2.59 -37.17 -36.31
CA MET U 134 -2.37 -38.57 -36.06
C MET U 134 -1.08 -39.01 -36.75
N MET U 135 -0.34 -39.90 -36.11
CA MET U 135 0.93 -40.39 -36.64
C MET U 135 0.69 -41.76 -37.27
N CYS U 136 0.39 -41.76 -38.57
CA CYS U 136 0.22 -42.99 -39.33
C CYS U 136 1.61 -43.45 -39.75
N GLY U 137 2.20 -44.33 -38.96
CA GLY U 137 3.57 -44.73 -39.17
C GLY U 137 4.52 -43.56 -39.03
N ASP U 138 5.18 -43.19 -40.12
CA ASP U 138 6.04 -42.01 -40.15
C ASP U 138 5.37 -40.80 -40.78
N GLU U 139 4.12 -40.92 -41.18
CA GLU U 139 3.39 -39.84 -41.83
C GLU U 139 2.45 -39.15 -40.86
N GLN U 140 2.16 -37.89 -41.14
CA GLN U 140 1.31 -37.06 -40.28
C GLN U 140 0.01 -36.77 -41.00
N VAL U 141 -1.11 -37.16 -40.38
CA VAL U 141 -2.44 -36.95 -40.93
C VAL U 141 -3.14 -35.88 -40.10
N GLU U 142 -3.69 -34.88 -40.76
CA GLU U 142 -4.29 -33.74 -40.07
C GLU U 142 -5.82 -33.86 -40.15
N TYR U 143 -6.46 -33.74 -38.99
CA TYR U 143 -7.89 -33.77 -38.85
C TYR U 143 -8.38 -32.43 -38.30
N PRO U 144 -9.41 -31.82 -38.89
CA PRO U 144 -9.91 -30.55 -38.37
C PRO U 144 -10.44 -30.70 -36.95
N LEU U 145 -10.19 -29.69 -36.13
CA LEU U 145 -10.64 -29.68 -34.74
C LEU U 145 -12.02 -29.07 -34.56
N LYS U 146 -12.57 -28.42 -35.59
CA LYS U 146 -13.88 -27.78 -35.45
C LYS U 146 -14.98 -28.76 -35.10
N PRO U 147 -15.16 -29.91 -35.78
CA PRO U 147 -16.20 -30.86 -35.35
C PRO U 147 -16.00 -31.37 -33.94
N ILE U 148 -14.75 -31.52 -33.51
CA ILE U 148 -14.48 -32.06 -32.17
C ILE U 148 -14.95 -31.09 -31.09
N VAL U 149 -14.73 -29.80 -31.30
CA VAL U 149 -14.99 -28.81 -30.26
C VAL U 149 -16.42 -28.27 -30.33
N GLU U 150 -16.96 -28.06 -31.53
CA GLU U 150 -18.27 -27.44 -31.64
C GLU U 150 -19.41 -28.37 -31.25
N ASN U 151 -19.18 -29.67 -31.24
CA ASN U 151 -20.22 -30.63 -30.91
C ASN U 151 -20.09 -31.21 -29.51
N ALA U 152 -19.10 -30.78 -28.74
CA ALA U 152 -18.85 -31.32 -27.41
C ALA U 152 -19.67 -30.52 -26.40
N LYS U 153 -20.66 -31.17 -25.79
CA LYS U 153 -21.52 -30.53 -24.81
C LYS U 153 -21.49 -31.30 -23.50
N PRO U 154 -21.46 -30.61 -22.36
CA PRO U 154 -21.43 -29.14 -22.22
C PRO U 154 -20.07 -28.54 -22.58
N THR U 155 -18.98 -29.26 -22.34
CA THR U 155 -17.65 -28.82 -22.73
C THR U 155 -16.90 -29.98 -23.34
N LEU U 156 -15.77 -29.67 -24.00
CA LEU U 156 -14.91 -30.72 -24.52
C LEU U 156 -14.21 -31.48 -23.40
N ARG U 157 -13.90 -30.81 -22.29
CA ARG U 157 -13.29 -31.50 -21.17
C ARG U 157 -14.23 -32.55 -20.58
N GLN U 158 -15.51 -32.22 -20.47
CA GLN U 158 -16.47 -33.20 -19.96
C GLN U 158 -16.64 -34.38 -20.90
N ILE U 159 -16.56 -34.13 -22.21
CA ILE U 159 -16.62 -35.22 -23.18
C ILE U 159 -15.39 -36.12 -23.06
N MET U 160 -14.20 -35.51 -23.02
CA MET U 160 -12.97 -36.29 -22.95
C MET U 160 -12.76 -36.94 -21.60
N ALA U 161 -13.50 -36.51 -20.56
CA ALA U 161 -13.45 -37.20 -19.28
C ALA U 161 -13.84 -38.67 -19.41
N HIS U 162 -14.62 -39.03 -20.43
CA HIS U 162 -14.93 -40.44 -20.67
C HIS U 162 -13.69 -41.25 -21.04
N PHE U 163 -12.63 -40.58 -21.48
CA PHE U 163 -11.39 -41.23 -21.90
C PHE U 163 -10.33 -41.24 -20.81
N SER U 164 -10.67 -40.84 -19.58
CA SER U 164 -9.64 -40.57 -18.57
C SER U 164 -8.91 -41.84 -18.15
N ASP U 165 -9.64 -42.94 -17.87
CA ASP U 165 -9.00 -44.19 -17.46
C ASP U 165 -8.11 -44.75 -18.57
N VAL U 166 -8.59 -44.69 -19.82
CA VAL U 166 -7.78 -45.16 -20.94
C VAL U 166 -6.55 -44.29 -21.12
N ALA U 167 -6.69 -42.98 -20.93
CA ALA U 167 -5.56 -42.08 -21.04
C ALA U 167 -4.51 -42.38 -19.99
N GLU U 168 -4.93 -42.62 -18.75
CA GLU U 168 -4.00 -42.97 -17.69
C GLU U 168 -3.29 -44.28 -18.00
N ALA U 169 -4.03 -45.28 -18.46
CA ALA U 169 -3.42 -46.56 -18.82
C ALA U 169 -2.43 -46.40 -19.97
N TYR U 170 -2.78 -45.59 -20.96
CA TYR U 170 -1.89 -45.36 -22.10
C TYR U 170 -0.61 -44.65 -21.67
N ILE U 171 -0.72 -43.67 -20.77
CA ILE U 171 0.48 -42.99 -20.30
C ILE U 171 1.38 -43.94 -19.54
N GLU U 172 0.81 -44.81 -18.71
CA GLU U 172 1.63 -45.79 -18.01
C GLU U 172 2.31 -46.75 -18.98
N MET U 173 1.54 -47.20 -20.00
CA MET U 173 2.12 -48.10 -20.99
C MET U 173 3.27 -47.45 -21.74
N ARG U 174 3.10 -46.20 -22.16
CA ARG U 174 4.17 -45.51 -22.86
C ARG U 174 5.38 -45.29 -21.96
N ASN U 175 5.15 -45.00 -20.68
CA ASN U 175 6.26 -44.84 -19.75
C ASN U 175 6.97 -46.15 -19.46
N LYS U 176 6.33 -47.29 -19.72
CA LYS U 176 7.03 -48.56 -19.55
C LYS U 176 8.19 -48.72 -20.53
N LYS U 177 8.17 -48.03 -21.67
CA LYS U 177 9.20 -48.19 -22.68
C LYS U 177 10.11 -46.99 -22.86
N GLU U 178 9.71 -45.85 -22.41
CA GLU U 178 10.53 -44.66 -22.54
C GLU U 178 10.01 -43.55 -21.63
N PRO U 179 10.82 -42.49 -21.34
CA PRO U 179 10.31 -41.35 -20.57
C PRO U 179 9.20 -40.64 -21.32
N TYR U 180 8.00 -40.65 -20.75
CA TYR U 180 6.81 -40.12 -21.42
C TYR U 180 6.01 -39.30 -20.40
N MET U 181 6.29 -37.99 -20.37
CA MET U 181 5.50 -37.06 -19.59
C MET U 181 4.66 -36.23 -20.54
N PRO U 182 3.32 -36.22 -20.39
CA PRO U 182 2.50 -35.43 -21.31
C PRO U 182 2.88 -33.95 -21.26
N ARG U 183 2.73 -33.29 -22.41
CA ARG U 183 3.13 -31.90 -22.53
C ARG U 183 2.41 -31.02 -21.51
N TYR U 184 1.22 -31.43 -21.08
CA TYR U 184 0.54 -30.72 -20.00
C TYR U 184 1.36 -30.74 -18.72
N GLY U 185 1.93 -31.90 -18.37
CA GLY U 185 2.77 -31.99 -17.20
C GLY U 185 4.10 -31.30 -17.35
N LEU U 186 4.56 -31.10 -18.59
CA LEU U 186 5.77 -30.32 -18.81
C LEU U 186 5.49 -28.82 -18.65
N VAL U 187 4.31 -28.37 -19.08
CA VAL U 187 3.94 -26.97 -18.87
C VAL U 187 3.71 -26.69 -17.39
N ARG U 188 3.13 -27.64 -16.66
CA ARG U 188 2.91 -27.47 -15.24
C ARG U 188 4.19 -27.64 -14.41
N ASN U 189 5.29 -28.03 -15.04
CA ASN U 189 6.58 -28.21 -14.37
C ASN U 189 6.48 -29.23 -13.24
N LEU U 190 5.78 -30.33 -13.50
CA LEU U 190 5.69 -31.41 -12.53
C LEU U 190 7.02 -32.17 -12.51
N ARG U 191 7.66 -32.20 -11.36
CA ARG U 191 9.02 -32.73 -11.23
C ARG U 191 9.05 -34.21 -10.86
N ASP U 192 7.90 -34.86 -10.77
CA ASP U 192 7.84 -36.29 -10.45
C ASP U 192 7.40 -37.05 -11.70
N GLY U 193 8.22 -38.01 -12.12
CA GLY U 193 7.88 -38.80 -13.30
C GLY U 193 6.88 -39.90 -13.02
N SER U 194 6.77 -40.34 -11.77
CA SER U 194 5.82 -41.38 -11.43
C SER U 194 4.38 -40.85 -11.40
N LEU U 195 4.20 -39.54 -11.43
CA LEU U 195 2.88 -38.93 -11.48
C LEU U 195 2.48 -38.53 -12.89
N ALA U 196 3.20 -38.99 -13.92
CA ALA U 196 2.88 -38.62 -15.29
C ALA U 196 1.53 -39.14 -15.72
N ARG U 197 1.06 -40.24 -15.12
CA ARG U 197 -0.21 -40.85 -15.51
C ARG U 197 -1.41 -40.00 -15.16
N TYR U 198 -1.26 -38.96 -14.35
CA TYR U 198 -2.36 -38.07 -14.00
C TYR U 198 -2.17 -36.66 -14.55
N ALA U 199 -1.13 -36.42 -15.34
CA ALA U 199 -0.76 -35.07 -15.75
C ALA U 199 -1.37 -34.71 -17.09
N PHE U 200 -2.70 -34.75 -17.15
CA PHE U 200 -3.44 -34.20 -18.28
C PHE U 200 -4.67 -33.49 -17.73
N ASP U 201 -5.18 -32.52 -18.51
CA ASP U 201 -6.17 -31.60 -17.97
C ASP U 201 -7.59 -32.15 -17.96
N PHE U 202 -7.86 -33.28 -18.63
CA PHE U 202 -9.17 -33.89 -18.57
C PHE U 202 -9.19 -35.13 -17.68
N TYR U 203 -8.19 -35.28 -16.81
CA TYR U 203 -8.19 -36.40 -15.88
C TYR U 203 -9.31 -36.24 -14.86
N GLU U 204 -10.01 -37.34 -14.60
CA GLU U 204 -11.14 -37.35 -13.68
C GLU U 204 -10.72 -37.99 -12.37
N VAL U 205 -10.82 -37.23 -11.28
CA VAL U 205 -10.47 -37.73 -9.96
C VAL U 205 -11.60 -38.61 -9.45
N THR U 206 -11.24 -39.80 -8.98
CA THR U 206 -12.20 -40.77 -8.47
C THR U 206 -11.83 -41.16 -7.04
N SER U 207 -12.63 -42.05 -6.46
CA SER U 207 -12.35 -42.54 -5.12
C SER U 207 -11.12 -43.45 -5.07
N ARG U 208 -10.67 -43.93 -6.22
CA ARG U 208 -9.48 -44.79 -6.30
C ARG U 208 -8.22 -44.02 -6.62
N THR U 209 -8.31 -42.72 -6.89
CA THR U 209 -7.13 -41.91 -7.13
C THR U 209 -6.30 -41.80 -5.85
N PRO U 210 -5.00 -42.05 -5.91
CA PRO U 210 -4.17 -41.93 -4.70
C PRO U 210 -4.16 -40.50 -4.18
N VAL U 211 -4.02 -40.38 -2.86
CA VAL U 211 -4.09 -39.08 -2.21
C VAL U 211 -3.01 -38.14 -2.74
N ARG U 212 -1.80 -38.66 -2.92
CA ARG U 212 -0.72 -37.85 -3.49
C ARG U 212 -1.04 -37.42 -4.91
N ALA U 213 -1.60 -38.32 -5.71
CA ALA U 213 -1.98 -37.97 -7.07
C ALA U 213 -3.09 -36.93 -7.07
N ARG U 214 -4.05 -37.05 -6.15
CA ARG U 214 -5.12 -36.07 -6.05
C ARG U 214 -4.57 -34.70 -5.69
N GLU U 215 -3.64 -34.64 -4.73
CA GLU U 215 -3.01 -33.38 -4.37
C GLU U 215 -2.26 -32.78 -5.54
N ALA U 216 -1.49 -33.60 -6.26
CA ALA U 216 -0.74 -33.08 -7.41
C ALA U 216 -1.68 -32.56 -8.49
N HIS U 217 -2.76 -33.28 -8.78
CA HIS U 217 -3.71 -32.84 -9.79
C HIS U 217 -4.39 -31.54 -9.40
N ILE U 218 -4.78 -31.41 -8.13
CA ILE U 218 -5.44 -30.18 -7.70
C ILE U 218 -4.48 -29.01 -7.75
N GLN U 219 -3.21 -29.22 -7.36
CA GLN U 219 -2.23 -28.15 -7.46
C GLN U 219 -1.99 -27.76 -8.92
N MET U 220 -1.94 -28.73 -9.82
CA MET U 220 -1.76 -28.42 -11.24
C MET U 220 -2.94 -27.64 -11.78
N LYS U 221 -4.16 -28.02 -11.40
CA LYS U 221 -5.34 -27.28 -11.84
C LYS U 221 -5.34 -25.85 -11.32
N ALA U 222 -4.97 -25.66 -10.05
CA ALA U 222 -4.91 -24.33 -9.48
C ALA U 222 -3.84 -23.47 -10.17
N ALA U 223 -2.68 -24.07 -10.46
CA ALA U 223 -1.62 -23.34 -11.16
C ALA U 223 -2.04 -22.97 -12.58
N ALA U 224 -2.74 -23.88 -13.26
CA ALA U 224 -3.13 -23.62 -14.65
C ALA U 224 -4.23 -22.58 -14.73
N LEU U 225 -5.22 -22.63 -13.84
CA LEU U 225 -6.34 -21.70 -13.91
C LEU U 225 -5.94 -20.31 -13.43
N LYS U 226 -5.04 -20.22 -12.45
CA LYS U 226 -4.54 -18.95 -11.90
C LYS U 226 -5.73 -18.19 -11.33
N SER U 227 -5.94 -16.92 -11.69
CA SER U 227 -7.06 -16.12 -11.21
C SER U 227 -7.96 -15.69 -12.35
N ALA U 228 -8.22 -16.59 -13.29
CA ALA U 228 -9.04 -16.28 -14.45
C ALA U 228 -10.49 -16.07 -14.02
N GLN U 229 -11.07 -14.94 -14.43
CA GLN U 229 -12.46 -14.60 -14.11
C GLN U 229 -13.28 -14.63 -15.38
N SER U 230 -14.41 -15.32 -15.28
CA SER U 230 -15.29 -15.46 -16.40
C SER U 230 -16.17 -14.26 -16.64
N ARG U 231 -16.25 -13.88 -17.88
CA ARG U 231 -17.15 -12.81 -18.28
C ARG U 231 -18.37 -13.42 -18.96
N LEU U 232 -19.64 -13.09 -18.52
CA LEU U 232 -20.86 -13.64 -19.07
C LEU U 232 -21.20 -13.09 -20.44
N PHE U 233 -20.69 -11.91 -20.79
CA PHE U 233 -21.06 -11.25 -22.03
C PHE U 233 -19.82 -10.72 -22.74
N GLY U 234 -19.91 -10.66 -24.06
CA GLY U 234 -18.98 -9.93 -24.88
C GLY U 234 -19.56 -8.59 -25.30
N LEU U 235 -19.00 -8.03 -26.36
CA LEU U 235 -19.55 -6.80 -26.91
C LEU U 235 -20.91 -7.08 -27.53
N ASP U 236 -21.89 -6.24 -27.20
CA ASP U 236 -23.24 -6.45 -27.70
C ASP U 236 -23.30 -6.26 -29.20
N GLY U 237 -24.04 -7.13 -29.88
CA GLY U 237 -24.12 -7.12 -31.33
C GLY U 237 -24.99 -6.01 -31.90
N GLY U 238 -25.80 -5.36 -31.08
CA GLY U 238 -26.53 -4.21 -31.55
C GLY U 238 -25.61 -3.02 -31.74
N ILE U 239 -25.33 -2.65 -32.98
CA ILE U 239 -24.31 -1.65 -33.25
C ILE U 239 -24.89 -0.24 -33.29
N SER U 240 -26.02 -0.07 -33.98
CA SER U 240 -26.59 1.26 -34.15
C SER U 240 -27.01 1.84 -32.81
N THR U 241 -26.55 3.07 -32.53
CA THR U 241 -26.95 3.80 -31.34
C THR U 241 -27.77 5.04 -31.65
N GLN U 242 -27.64 5.61 -32.84
CA GLN U 242 -28.39 6.79 -33.23
C GLN U 242 -29.80 6.39 -33.69
N GLU U 243 -30.62 7.40 -33.95
CA GLU U 243 -31.97 7.20 -34.48
C GLU U 243 -31.98 7.51 -35.96
N GLU U 244 -32.78 6.76 -36.71
CA GLU U 244 -32.85 6.95 -38.15
C GLU U 244 -33.45 8.32 -38.48
N ASN U 245 -32.86 8.99 -39.46
CA ASN U 245 -33.33 10.29 -39.91
C ASN U 245 -34.46 10.08 -40.93
N THR U 246 -35.69 10.38 -40.53
CA THR U 246 -36.85 10.22 -41.38
C THR U 246 -37.29 11.53 -42.03
N GLU U 247 -36.55 12.61 -41.82
CA GLU U 247 -36.97 13.91 -42.32
C GLU U 247 -36.82 14.01 -43.83
N ARG U 248 -37.77 14.67 -44.46
CA ARG U 248 -37.74 14.91 -45.89
C ARG U 248 -36.64 15.92 -46.25
N HIS U 249 -36.38 16.03 -47.55
CA HIS U 249 -35.41 17.02 -48.05
C HIS U 249 -35.88 17.46 -49.43
N THR U 250 -36.29 18.71 -49.54
CA THR U 250 -36.82 19.25 -50.79
C THR U 250 -35.91 20.35 -51.30
N THR U 251 -36.13 20.75 -52.55
CA THR U 251 -35.35 21.83 -53.17
C THR U 251 -35.69 23.19 -52.59
N GLU U 252 -36.76 23.29 -51.79
CA GLU U 252 -37.08 24.55 -51.12
C GLU U 252 -36.26 24.76 -49.85
N ASP U 253 -35.58 23.73 -49.36
CA ASP U 253 -34.80 23.85 -48.14
C ASP U 253 -33.62 24.80 -48.35
N VAL U 254 -33.39 25.64 -47.34
CA VAL U 254 -32.27 26.58 -47.42
C VAL U 254 -30.94 25.84 -47.36
N SER U 255 -30.91 24.68 -46.72
CA SER U 255 -29.70 23.89 -46.59
C SER U 255 -30.10 22.44 -46.38
N PRO U 256 -29.16 21.50 -46.53
CA PRO U 256 -29.51 20.08 -46.29
C PRO U 256 -29.95 19.79 -44.87
N SER U 257 -29.66 20.66 -43.90
CA SER U 257 -30.01 20.41 -42.51
C SER U 257 -31.08 21.34 -41.96
N MET U 258 -31.41 22.42 -42.65
CA MET U 258 -32.40 23.38 -42.18
C MET U 258 -33.43 23.59 -43.28
N HIS U 259 -34.71 23.47 -42.92
CA HIS U 259 -35.78 23.72 -43.88
C HIS U 259 -35.88 25.22 -44.21
N THR U 260 -35.89 26.06 -43.18
CA THR U 260 -35.98 27.50 -43.37
C THR U 260 -35.17 28.20 -42.29
N LEU U 261 -35.25 29.52 -42.28
CA LEU U 261 -34.61 30.39 -41.29
C LEU U 261 -35.65 31.35 -40.71
N LEU U 262 -36.78 30.78 -40.27
CA LEU U 262 -37.99 31.56 -40.03
C LEU U 262 -37.75 32.71 -39.03
N GLY U 263 -37.26 32.41 -37.86
CA GLY U 263 -37.16 33.50 -36.88
C GLY U 263 -36.00 34.44 -37.05
N VAL U 264 -35.20 34.24 -38.09
CA VAL U 264 -34.02 35.06 -38.27
C VAL U 264 -34.30 36.46 -38.70
N LYS U 265 -33.69 37.40 -38.01
CA LYS U 265 -33.81 38.83 -38.38
C LYS U 265 -32.48 39.31 -38.95
N ASN U 266 -32.52 39.99 -40.09
CA ASN U 266 -31.32 40.50 -40.74
C ASN U 266 -30.65 41.60 -39.89
N MET U 267 -31.42 42.45 -39.19
CA MET U 267 -30.86 43.49 -38.34
C MET U 267 -31.63 43.64 -37.04
N VAL V 44 6.20 -24.03 97.94
CA VAL V 44 6.86 -23.01 97.14
C VAL V 44 5.88 -22.40 96.15
N PRO V 45 6.05 -21.11 95.85
CA PRO V 45 5.12 -20.44 94.92
C PRO V 45 5.22 -21.00 93.52
N ARG V 46 4.12 -20.86 92.78
CA ARG V 46 4.03 -21.33 91.41
C ARG V 46 4.25 -20.16 90.45
N ILE V 47 4.93 -20.44 89.35
CA ILE V 47 5.28 -19.41 88.38
C ILE V 47 4.17 -19.29 87.36
N LYS V 48 3.75 -18.04 87.09
CA LYS V 48 2.72 -17.80 86.08
C LYS V 48 3.30 -18.01 84.69
N ALA V 49 2.44 -18.48 83.78
CA ALA V 49 2.87 -18.76 82.41
C ALA V 49 3.30 -17.48 81.70
N ILE V 50 2.39 -16.52 81.59
CA ILE V 50 2.69 -15.23 80.98
C ILE V 50 2.59 -14.17 82.08
N THR V 51 3.73 -13.72 82.58
CA THR V 51 3.78 -12.76 83.67
C THR V 51 4.01 -11.35 83.12
N SER V 52 4.02 -10.38 84.03
CA SER V 52 4.31 -9.01 83.66
C SER V 52 5.80 -8.72 83.61
N LYS V 53 6.64 -9.63 84.11
CA LYS V 53 8.09 -9.43 84.04
C LYS V 53 8.57 -9.42 82.60
N MET V 54 7.94 -10.26 81.78
CA MET V 54 8.27 -10.31 80.38
C MET V 54 7.79 -9.05 79.69
N ARG V 55 8.45 -8.70 78.59
CA ARG V 55 8.07 -7.50 77.86
C ARG V 55 6.83 -7.64 77.03
N MET V 56 5.94 -6.69 77.18
CA MET V 56 4.71 -6.68 76.42
C MET V 56 4.71 -5.53 75.42
N PRO V 57 3.97 -5.64 74.31
CA PRO V 57 3.86 -4.50 73.39
C PRO V 57 3.10 -3.36 74.05
N LYS V 58 3.71 -2.19 74.07
CA LYS V 58 3.16 -1.02 74.74
C LYS V 58 3.00 0.12 73.75
N SER V 59 1.91 0.87 73.89
CA SER V 59 1.66 2.06 73.10
C SER V 59 1.26 3.20 74.02
N LYS V 60 1.98 4.33 73.91
CA LYS V 60 1.73 5.51 74.75
C LYS V 60 1.79 5.18 76.23
N GLY V 61 2.79 4.38 76.60
CA GLY V 61 2.97 4.03 78.00
C GLY V 61 1.85 3.19 78.58
N ALA V 62 1.39 2.19 77.83
CA ALA V 62 0.33 1.30 78.29
C ALA V 62 0.38 0.02 77.47
N THR V 63 0.38 -1.11 78.15
CA THR V 63 0.39 -2.40 77.47
C THR V 63 -0.89 -2.56 76.64
N VAL V 64 -0.73 -3.09 75.43
CA VAL V 64 -1.83 -3.23 74.49
C VAL V 64 -2.48 -4.60 74.58
N LEU V 65 -2.11 -5.42 75.57
CA LEU V 65 -2.67 -6.75 75.74
C LEU V 65 -3.34 -6.86 77.10
N ASN V 66 -4.39 -7.67 77.16
CA ASN V 66 -5.09 -7.98 78.40
C ASN V 66 -4.56 -9.30 78.93
N LEU V 67 -3.72 -9.23 79.97
CA LEU V 67 -3.01 -10.42 80.43
C LEU V 67 -3.97 -11.47 80.99
N GLU V 68 -4.97 -11.05 81.76
CA GLU V 68 -5.89 -12.01 82.37
C GLU V 68 -6.70 -12.74 81.31
N HIS V 69 -7.31 -12.00 80.39
CA HIS V 69 -8.09 -12.64 79.33
C HIS V 69 -7.22 -13.53 78.47
N LEU V 70 -6.01 -13.08 78.14
CA LEU V 70 -5.11 -13.90 77.34
C LEU V 70 -4.75 -15.20 78.05
N LEU V 71 -4.47 -15.12 79.35
CA LEU V 71 -4.22 -16.33 80.12
C LEU V 71 -5.44 -17.24 80.15
N GLU V 72 -6.64 -16.66 80.04
CA GLU V 72 -7.86 -17.46 79.98
C GLU V 72 -8.34 -17.72 78.56
N TYR V 73 -7.64 -17.22 77.55
CA TYR V 73 -8.06 -17.37 76.15
C TYR V 73 -7.45 -18.64 75.58
N ALA V 74 -8.29 -19.66 75.36
CA ALA V 74 -7.86 -20.95 74.83
C ALA V 74 -8.79 -21.41 73.72
N PRO V 75 -8.77 -20.74 72.58
CA PRO V 75 -9.61 -21.19 71.46
C PRO V 75 -9.10 -22.47 70.84
N GLN V 76 -10.01 -23.23 70.25
CA GLN V 76 -9.62 -24.39 69.47
C GLN V 76 -8.89 -23.94 68.21
N GLN V 77 -7.83 -24.67 67.85
CA GLN V 77 -6.97 -24.25 66.75
C GLN V 77 -7.72 -24.26 65.42
N ILE V 78 -8.59 -25.25 65.22
CA ILE V 78 -9.34 -25.33 63.97
C ILE V 78 -10.39 -24.23 63.89
N ASP V 79 -10.75 -23.60 65.01
CA ASP V 79 -11.76 -22.57 65.01
C ASP V 79 -11.22 -21.21 64.57
N ILE V 80 -9.90 -21.02 64.56
CA ILE V 80 -9.30 -19.73 64.24
C ILE V 80 -8.36 -19.81 63.05
N SER V 81 -8.33 -20.95 62.35
CA SER V 81 -7.50 -21.08 61.17
C SER V 81 -8.25 -20.56 59.95
N ASN V 82 -7.49 -20.03 58.99
CA ASN V 82 -8.05 -19.49 57.77
C ASN V 82 -8.05 -20.49 56.62
N THR V 83 -7.65 -21.73 56.87
CA THR V 83 -7.78 -22.82 55.90
C THR V 83 -9.12 -23.51 55.99
N ARG V 84 -10.00 -23.04 56.87
CA ARG V 84 -11.33 -23.59 57.05
C ARG V 84 -12.33 -22.44 56.99
N ALA V 85 -13.47 -22.69 56.34
CA ALA V 85 -14.50 -21.65 56.24
C ALA V 85 -15.02 -21.29 57.62
N THR V 86 -15.37 -20.01 57.79
CA THR V 86 -15.90 -19.56 59.07
C THR V 86 -17.28 -20.16 59.31
N GLN V 87 -17.73 -20.09 60.57
CA GLN V 87 -19.02 -20.66 60.92
C GLN V 87 -20.14 -19.95 60.17
N SER V 88 -20.03 -18.64 59.99
CA SER V 88 -21.04 -17.90 59.23
C SER V 88 -21.09 -18.36 57.78
N GLN V 89 -19.92 -18.56 57.16
CA GLN V 89 -19.87 -19.05 55.79
C GLN V 89 -20.45 -20.45 55.68
N PHE V 90 -20.16 -21.30 56.66
CA PHE V 90 -20.71 -22.66 56.67
C PHE V 90 -22.22 -22.63 56.80
N ASP V 91 -22.75 -21.78 57.68
CA ASP V 91 -24.20 -21.66 57.82
C ASP V 91 -24.84 -21.14 56.54
N THR V 92 -24.20 -20.17 55.89
CA THR V 92 -24.73 -19.66 54.63
C THR V 92 -24.77 -20.76 53.57
N TRP V 93 -23.69 -21.54 53.47
CA TRP V 93 -23.66 -22.63 52.49
C TRP V 93 -24.71 -23.68 52.80
N TYR V 94 -24.85 -24.06 54.07
CA TYR V 94 -25.83 -25.07 54.46
C TYR V 94 -27.25 -24.60 54.18
N GLU V 95 -27.56 -23.34 54.51
CA GLU V 95 -28.88 -22.81 54.23
C GLU V 95 -29.16 -22.73 52.73
N ALA V 96 -28.16 -22.32 51.95
CA ALA V 96 -28.36 -22.24 50.50
C ALA V 96 -28.59 -23.62 49.89
N VAL V 97 -27.86 -24.63 50.35
CA VAL V 97 -28.06 -25.98 49.85
C VAL V 97 -29.44 -26.50 50.25
N GLN V 98 -29.90 -26.24 51.51
CA GLN V 98 -31.25 -26.60 51.95
C GLN V 98 -32.30 -25.97 51.04
N LEU V 99 -32.10 -24.69 50.77
CA LEU V 99 -33.08 -23.99 49.94
C LEU V 99 -33.11 -24.55 48.53
N ALA V 100 -31.95 -24.85 47.95
CA ALA V 100 -31.90 -25.33 46.57
C ALA V 100 -32.46 -26.74 46.46
N TYR V 101 -32.19 -27.60 47.44
CA TYR V 101 -32.64 -28.98 47.38
C TYR V 101 -34.10 -29.15 47.79
N ASP V 102 -34.71 -28.13 48.39
CA ASP V 102 -36.09 -28.20 48.86
C ASP V 102 -36.29 -29.38 49.81
N ILE V 103 -35.35 -29.53 50.74
CA ILE V 103 -35.33 -30.64 51.69
C ILE V 103 -35.50 -30.07 53.09
N GLY V 104 -36.32 -30.74 53.90
CA GLY V 104 -36.55 -30.31 55.25
C GLY V 104 -35.33 -30.50 56.14
N GLU V 105 -35.40 -29.87 57.32
CA GLU V 105 -34.28 -29.91 58.26
C GLU V 105 -34.09 -31.28 58.91
N THR V 106 -35.00 -32.22 58.69
CA THR V 106 -34.86 -33.55 59.27
C THR V 106 -34.20 -34.53 58.31
N GLU V 107 -34.48 -34.42 57.01
CA GLU V 107 -33.84 -35.27 56.02
C GLU V 107 -32.53 -34.69 55.50
N MET V 108 -32.22 -33.45 55.85
CA MET V 108 -30.99 -32.81 55.37
C MET V 108 -29.72 -33.50 55.87
N PRO V 109 -29.59 -33.88 57.15
CA PRO V 109 -28.35 -34.56 57.58
C PRO V 109 -28.05 -35.85 56.84
N THR V 110 -29.05 -36.60 56.40
CA THR V 110 -28.80 -37.79 55.60
C THR V 110 -28.14 -37.43 54.27
N VAL V 111 -28.64 -36.39 53.62
CA VAL V 111 -28.05 -35.91 52.38
C VAL V 111 -26.63 -35.41 52.65
N MET V 112 -26.41 -34.80 53.81
CA MET V 112 -25.06 -34.36 54.17
C MET V 112 -24.12 -35.54 54.37
N ASN V 113 -24.60 -36.63 54.97
CA ASN V 113 -23.80 -37.84 55.10
C ASN V 113 -23.41 -38.37 53.72
N GLY V 114 -24.38 -38.47 52.83
CA GLY V 114 -24.09 -38.94 51.48
C GLY V 114 -23.08 -38.06 50.76
N LEU V 115 -23.25 -36.74 50.89
CA LEU V 115 -22.34 -35.81 50.23
C LEU V 115 -20.94 -35.90 50.81
N MET V 116 -20.83 -36.08 52.12
CA MET V 116 -19.51 -36.23 52.74
C MET V 116 -18.80 -37.48 52.23
N VAL V 117 -19.53 -38.60 52.13
CA VAL V 117 -18.92 -39.82 51.62
C VAL V 117 -18.51 -39.66 50.16
N TRP V 118 -19.38 -39.05 49.35
CA TRP V 118 -19.06 -38.82 47.95
C TRP V 118 -17.84 -37.93 47.81
N CYS V 119 -17.71 -36.91 48.66
CA CYS V 119 -16.56 -36.01 48.57
C CYS V 119 -15.29 -36.68 49.07
N ILE V 120 -15.40 -37.59 50.03
CA ILE V 120 -14.25 -38.43 50.40
C ILE V 120 -13.76 -39.19 49.19
N GLU V 121 -14.70 -39.75 48.42
CA GLU V 121 -14.29 -40.58 47.27
C GLU V 121 -13.74 -39.73 46.13
N ASN V 122 -14.40 -38.62 45.79
CA ASN V 122 -14.17 -37.96 44.51
C ASN V 122 -13.57 -36.56 44.63
N GLY V 123 -13.29 -36.08 45.83
CA GLY V 123 -12.65 -34.79 45.98
C GLY V 123 -13.62 -33.63 46.02
N THR V 124 -13.06 -32.45 46.24
CA THR V 124 -13.81 -31.21 46.41
C THR V 124 -13.24 -30.10 45.54
N SER V 125 -12.90 -30.42 44.30
CA SER V 125 -12.36 -29.43 43.40
C SER V 125 -13.44 -28.41 42.99
N PRO V 126 -13.06 -27.17 42.74
CA PRO V 126 -14.05 -26.18 42.26
C PRO V 126 -14.64 -26.53 40.90
N ASN V 127 -13.99 -27.40 40.13
CA ASN V 127 -14.42 -27.74 38.79
C ASN V 127 -15.34 -28.95 38.74
N ILE V 128 -15.62 -29.61 39.87
CA ILE V 128 -16.54 -30.72 39.86
C ILE V 128 -17.92 -30.24 39.45
N ASN V 129 -18.60 -31.02 38.62
CA ASN V 129 -19.89 -30.64 38.08
C ASN V 129 -20.70 -31.90 37.81
N GLY V 130 -21.93 -31.70 37.36
CA GLY V 130 -22.82 -32.81 37.09
C GLY V 130 -23.65 -33.12 38.32
N VAL V 131 -23.63 -34.38 38.75
CA VAL V 131 -24.35 -34.82 39.92
C VAL V 131 -23.45 -35.67 40.80
N TRP V 132 -23.79 -35.73 42.08
CA TRP V 132 -23.24 -36.71 43.00
C TRP V 132 -24.33 -37.72 43.34
N VAL V 133 -23.92 -38.85 43.91
CA VAL V 133 -24.83 -39.98 44.06
C VAL V 133 -24.86 -40.43 45.51
N MET V 134 -26.06 -40.79 45.99
CA MET V 134 -26.29 -41.45 47.25
C MET V 134 -26.79 -42.87 46.98
N MET V 135 -26.35 -43.81 47.81
CA MET V 135 -26.73 -45.21 47.67
C MET V 135 -27.85 -45.52 48.66
N CYS V 136 -29.09 -45.35 48.22
CA CYS V 136 -30.26 -45.68 49.03
C CYS V 136 -30.52 -47.18 48.87
N GLY V 137 -29.97 -47.96 49.79
CA GLY V 137 -30.00 -49.40 49.67
C GLY V 137 -29.26 -49.87 48.45
N ASP V 138 -29.97 -50.46 47.49
CA ASP V 138 -29.39 -50.87 46.22
C ASP V 138 -29.68 -49.88 45.10
N GLU V 139 -30.37 -48.79 45.39
CA GLU V 139 -30.73 -47.80 44.38
C GLU V 139 -29.80 -46.59 44.45
N GLN V 140 -29.67 -45.91 43.32
CA GLN V 140 -28.77 -44.77 43.18
C GLN V 140 -29.61 -43.51 43.01
N VAL V 141 -29.43 -42.54 43.91
CA VAL V 141 -30.15 -41.28 43.87
C VAL V 141 -29.15 -40.20 43.47
N GLU V 142 -29.52 -39.38 42.48
CA GLU V 142 -28.63 -38.37 41.95
C GLU V 142 -29.06 -36.99 42.43
N TYR V 143 -28.10 -36.24 42.98
CA TYR V 143 -28.29 -34.89 43.47
C TYR V 143 -27.43 -33.94 42.65
N PRO V 144 -27.98 -32.82 42.19
CA PRO V 144 -27.15 -31.87 41.42
C PRO V 144 -26.03 -31.29 42.28
N LEU V 145 -24.87 -31.11 41.66
CA LEU V 145 -23.71 -30.57 42.35
C LEU V 145 -23.63 -29.04 42.29
N LYS V 146 -24.45 -28.40 41.45
CA LYS V 146 -24.38 -26.95 41.31
C LYS V 146 -24.65 -26.21 42.62
N PRO V 147 -25.71 -26.51 43.38
CA PRO V 147 -25.88 -25.82 44.67
C PRO V 147 -24.76 -26.06 45.65
N ILE V 148 -24.14 -27.24 45.61
CA ILE V 148 -23.06 -27.56 46.54
C ILE V 148 -21.84 -26.69 46.27
N VAL V 149 -21.51 -26.47 45.00
CA VAL V 149 -20.27 -25.80 44.63
C VAL V 149 -20.45 -24.28 44.53
N GLU V 150 -21.59 -23.81 44.01
CA GLU V 150 -21.74 -22.38 43.78
C GLU V 150 -21.97 -21.60 45.07
N ASN V 151 -22.38 -22.26 46.15
CA ASN V 151 -22.65 -21.57 47.41
C ASN V 151 -21.55 -21.77 48.44
N ALA V 152 -20.49 -22.49 48.11
CA ALA V 152 -19.41 -22.78 49.05
C ALA V 152 -18.39 -21.65 49.00
N LYS V 153 -18.28 -20.90 50.09
CA LYS V 153 -17.35 -19.79 50.17
C LYS V 153 -16.43 -19.96 51.37
N PRO V 154 -15.14 -19.65 51.22
CA PRO V 154 -14.48 -19.16 49.99
C PRO V 154 -14.31 -20.26 48.94
N THR V 155 -14.11 -21.51 49.37
CA THR V 155 -14.01 -22.63 48.45
C THR V 155 -14.81 -23.79 49.00
N LEU V 156 -15.05 -24.79 48.15
CA LEU V 156 -15.72 -26.00 48.61
C LEU V 156 -14.83 -26.82 49.54
N ARG V 157 -13.52 -26.78 49.31
CA ARG V 157 -12.59 -27.49 50.20
C ARG V 157 -12.64 -26.92 51.61
N GLN V 158 -12.71 -25.60 51.74
CA GLN V 158 -12.79 -24.98 53.06
C GLN V 158 -14.11 -25.31 53.75
N ILE V 159 -15.20 -25.43 52.98
CA ILE V 159 -16.47 -25.82 53.55
C ILE V 159 -16.42 -27.28 54.03
N MET V 160 -15.92 -28.17 53.19
CA MET V 160 -15.85 -29.58 53.55
C MET V 160 -14.81 -29.88 54.61
N ALA V 161 -13.89 -28.96 54.86
CA ALA V 161 -12.95 -29.12 55.98
C ALA V 161 -13.68 -29.27 57.32
N HIS V 162 -14.90 -28.75 57.43
CA HIS V 162 -15.68 -28.96 58.64
C HIS V 162 -16.05 -30.44 58.84
N PHE V 163 -15.97 -31.24 57.78
CA PHE V 163 -16.31 -32.65 57.83
C PHE V 163 -15.10 -33.56 57.99
N SER V 164 -13.92 -32.99 58.24
CA SER V 164 -12.68 -33.76 58.13
C SER V 164 -12.60 -34.84 59.21
N ASP V 165 -12.89 -34.52 60.48
CA ASP V 165 -12.82 -35.51 61.56
C ASP V 165 -13.83 -36.63 61.34
N VAL V 166 -15.06 -36.27 60.91
CA VAL V 166 -16.07 -37.29 60.65
C VAL V 166 -15.65 -38.16 59.46
N ALA V 167 -15.04 -37.56 58.45
CA ALA V 167 -14.58 -38.32 57.30
C ALA V 167 -13.50 -39.32 57.70
N GLU V 168 -12.56 -38.89 58.54
CA GLU V 168 -11.51 -39.79 59.01
C GLU V 168 -12.10 -40.94 59.82
N ALA V 169 -13.04 -40.62 60.71
CA ALA V 169 -13.69 -41.66 61.51
C ALA V 169 -14.46 -42.64 60.63
N TYR V 170 -15.15 -42.12 59.61
CA TYR V 170 -15.90 -42.97 58.70
C TYR V 170 -15.00 -43.89 57.91
N ILE V 171 -13.85 -43.38 57.45
CA ILE V 171 -12.90 -44.22 56.70
C ILE V 171 -12.37 -45.31 57.61
N GLU V 172 -12.04 -45.00 58.85
CA GLU V 172 -11.58 -46.04 59.77
C GLU V 172 -12.66 -47.10 60.02
N MET V 173 -13.90 -46.62 60.20
CA MET V 173 -15.00 -47.56 60.42
C MET V 173 -15.21 -48.48 59.23
N ARG V 174 -15.18 -47.93 58.01
CA ARG V 174 -15.34 -48.76 56.83
C ARG V 174 -14.18 -49.73 56.68
N ASN V 175 -12.96 -49.30 57.01
CA ASN V 175 -11.83 -50.20 56.94
C ASN V 175 -11.87 -51.29 58.00
N LYS V 176 -12.64 -51.10 59.06
CA LYS V 176 -12.80 -52.19 60.04
C LYS V 176 -13.48 -53.41 59.46
N LYS V 177 -14.27 -53.27 58.40
CA LYS V 177 -15.04 -54.37 57.84
C LYS V 177 -14.57 -54.82 56.46
N GLU V 178 -13.84 -54.02 55.78
CA GLU V 178 -13.36 -54.40 54.45
C GLU V 178 -12.25 -53.44 54.01
N PRO V 179 -11.43 -53.81 52.98
CA PRO V 179 -10.43 -52.87 52.44
C PRO V 179 -11.12 -51.66 51.82
N TYR V 180 -10.85 -50.50 52.40
CA TYR V 180 -11.53 -49.26 51.99
C TYR V 180 -10.50 -48.14 51.91
N MET V 181 -9.93 -47.96 50.72
CA MET V 181 -9.06 -46.82 50.45
C MET V 181 -9.82 -45.83 49.58
N PRO V 182 -9.96 -44.58 49.99
CA PRO V 182 -10.69 -43.61 49.17
C PRO V 182 -10.04 -43.46 47.80
N ARG V 183 -10.89 -43.20 46.80
CA ARG V 183 -10.40 -43.11 45.41
C ARG V 183 -9.33 -42.04 45.27
N TYR V 184 -9.34 -41.02 46.14
CA TYR V 184 -8.26 -40.05 46.15
C TYR V 184 -6.92 -40.71 46.46
N GLY V 185 -6.90 -41.61 47.45
CA GLY V 185 -5.68 -42.33 47.79
C GLY V 185 -5.28 -43.35 46.75
N LEU V 186 -6.23 -43.82 45.93
CA LEU V 186 -5.89 -44.70 44.82
C LEU V 186 -5.27 -43.92 43.67
N VAL V 187 -5.76 -42.70 43.43
CA VAL V 187 -5.15 -41.86 42.41
C VAL V 187 -3.76 -41.42 42.83
N ARG V 188 -3.57 -41.12 44.11
CA ARG V 188 -2.25 -40.74 44.61
C ARG V 188 -1.29 -41.92 44.73
N ASN V 189 -1.76 -43.14 44.50
CA ASN V 189 -0.94 -44.35 44.58
C ASN V 189 -0.29 -44.50 45.95
N LEU V 190 -1.07 -44.24 47.00
CA LEU V 190 -0.60 -44.45 48.36
C LEU V 190 -0.56 -45.93 48.67
N ARG V 191 0.63 -46.45 48.97
CA ARG V 191 0.84 -47.89 49.11
C ARG V 191 0.65 -48.39 50.54
N ASP V 192 0.26 -47.53 51.46
CA ASP V 192 0.02 -47.93 52.84
C ASP V 192 -1.47 -47.89 53.12
N GLY V 193 -2.03 -49.02 53.56
CA GLY V 193 -3.44 -49.08 53.86
C GLY V 193 -3.80 -48.50 55.21
N SER V 194 -2.85 -48.44 56.13
CA SER V 194 -3.11 -47.86 57.44
C SER V 194 -3.21 -46.34 57.40
N LEU V 195 -2.81 -45.72 56.29
CA LEU V 195 -2.93 -44.29 56.10
C LEU V 195 -4.16 -43.90 55.30
N ALA V 196 -5.09 -44.83 55.08
CA ALA V 196 -6.28 -44.53 54.28
C ALA V 196 -7.16 -43.47 54.95
N ARG V 197 -7.09 -43.36 56.27
CA ARG V 197 -7.94 -42.42 57.00
C ARG V 197 -7.60 -40.96 56.73
N TYR V 198 -6.45 -40.68 56.12
CA TYR V 198 -6.05 -39.31 55.80
C TYR V 198 -6.01 -39.06 54.29
N ALA V 199 -6.41 -40.03 53.47
CA ALA V 199 -6.22 -39.95 52.02
C ALA V 199 -7.44 -39.37 51.33
N PHE V 200 -7.80 -38.14 51.72
CA PHE V 200 -8.80 -37.36 50.99
C PHE V 200 -8.31 -35.92 50.93
N ASP V 201 -8.79 -35.19 49.91
CA ASP V 201 -8.17 -33.89 49.61
C ASP V 201 -8.68 -32.76 50.49
N PHE V 202 -9.73 -32.95 51.27
CA PHE V 202 -10.20 -31.92 52.20
C PHE V 202 -9.83 -32.25 53.64
N TYR V 203 -8.88 -33.16 53.85
CA TYR V 203 -8.43 -33.46 55.20
C TYR V 203 -7.69 -32.27 55.79
N GLU V 204 -7.99 -31.96 57.05
CA GLU V 204 -7.41 -30.82 57.75
C GLU V 204 -6.36 -31.32 58.73
N VAL V 205 -5.13 -30.88 58.53
CA VAL V 205 -4.02 -31.26 59.40
C VAL V 205 -4.12 -30.45 60.70
N THR V 206 -4.04 -31.15 61.82
CA THR V 206 -4.13 -30.54 63.15
C THR V 206 -2.89 -30.88 63.95
N SER V 207 -2.85 -30.39 65.19
CA SER V 207 -1.75 -30.70 66.09
C SER V 207 -1.76 -32.15 66.55
N ARG V 208 -2.88 -32.85 66.38
CA ARG V 208 -2.99 -34.26 66.76
C ARG V 208 -2.74 -35.21 65.60
N THR V 209 -2.54 -34.69 64.40
CA THR V 209 -2.21 -35.55 63.26
C THR V 209 -0.83 -36.17 63.46
N PRO V 210 -0.69 -37.48 63.30
CA PRO V 210 0.63 -38.10 63.45
C PRO V 210 1.61 -37.58 62.41
N VAL V 211 2.89 -37.55 62.80
CA VAL V 211 3.93 -36.97 61.96
C VAL V 211 4.02 -37.72 60.63
N ARG V 212 3.93 -39.05 60.67
CA ARG V 212 3.93 -39.83 59.44
C ARG V 212 2.73 -39.51 58.57
N ALA V 213 1.56 -39.38 59.17
CA ALA V 213 0.37 -39.01 58.43
C ALA V 213 0.50 -37.62 57.83
N ARG V 214 1.08 -36.69 58.58
CA ARG V 214 1.29 -35.34 58.07
C ARG V 214 2.23 -35.35 56.86
N GLU V 215 3.31 -36.12 56.95
CA GLU V 215 4.24 -36.24 55.83
C GLU V 215 3.54 -36.83 54.61
N ALA V 216 2.76 -37.90 54.81
CA ALA V 216 2.07 -38.53 53.69
C ALA V 216 1.07 -37.57 53.05
N HIS V 217 0.32 -36.83 53.87
CA HIS V 217 -0.66 -35.90 53.34
C HIS V 217 0.02 -34.77 52.56
N ILE V 218 1.13 -34.25 53.08
CA ILE V 218 1.82 -33.17 52.36
C ILE V 218 2.40 -33.68 51.05
N GLN V 219 2.95 -34.90 51.05
CA GLN V 219 3.46 -35.47 49.80
C GLN V 219 2.32 -35.68 48.80
N MET V 220 1.16 -36.15 49.26
CA MET V 220 0.02 -36.33 48.37
C MET V 220 -0.44 -35.00 47.79
N LYS V 221 -0.50 -33.95 48.62
CA LYS V 221 -0.89 -32.64 48.13
C LYS V 221 0.09 -32.12 47.09
N ALA V 222 1.40 -32.28 47.35
CA ALA V 222 2.40 -31.84 46.39
C ALA V 222 2.31 -32.60 45.08
N ALA V 223 2.09 -33.91 45.15
CA ALA V 223 1.94 -34.72 43.94
C ALA V 223 0.69 -34.33 43.16
N ALA V 224 -0.41 -34.04 43.86
CA ALA V 224 -1.66 -33.71 43.18
C ALA V 224 -1.61 -32.34 42.55
N LEU V 225 -1.02 -31.35 43.24
CA LEU V 225 -1.00 -29.99 42.70
C LEU V 225 0.02 -29.84 41.57
N LYS V 226 1.13 -30.58 41.65
CA LYS V 226 2.19 -30.55 40.63
C LYS V 226 2.71 -29.12 40.53
N SER V 227 2.80 -28.53 39.35
CA SER V 227 3.29 -27.17 39.16
C SER V 227 2.20 -26.28 38.56
N ALA V 228 0.98 -26.43 39.04
CA ALA V 228 -0.14 -25.66 38.52
C ALA V 228 0.01 -24.19 38.92
N GLN V 229 -0.10 -23.30 37.94
CA GLN V 229 0.02 -21.87 38.15
C GLN V 229 -1.33 -21.22 37.88
N SER V 230 -1.72 -20.39 38.85
CA SER V 230 -2.99 -19.71 38.75
C SER V 230 -2.97 -18.50 37.87
N ARG V 231 -3.98 -18.39 37.04
CA ARG V 231 -4.16 -17.23 36.20
C ARG V 231 -5.26 -16.36 36.79
N LEU V 232 -5.01 -15.02 37.04
CA LEU V 232 -5.98 -14.11 37.64
C LEU V 232 -7.10 -13.74 36.70
N PHE V 233 -6.88 -13.84 35.38
CA PHE V 233 -7.86 -13.38 34.41
C PHE V 233 -8.05 -14.42 33.32
N GLY V 234 -9.25 -14.43 32.75
CA GLY V 234 -9.53 -15.12 31.52
C GLY V 234 -9.55 -14.16 30.35
N LEU V 235 -10.19 -14.60 29.26
CA LEU V 235 -10.37 -13.71 28.12
C LEU V 235 -11.33 -12.59 28.50
N ASP V 236 -10.95 -11.35 28.18
CA ASP V 236 -11.76 -10.20 28.53
C ASP V 236 -13.09 -10.22 27.76
N GLY V 237 -14.17 -9.88 28.46
CA GLY V 237 -15.49 -9.93 27.88
C GLY V 237 -15.82 -8.80 26.93
N GLY V 238 -15.01 -7.74 26.91
CA GLY V 238 -15.19 -6.70 25.92
C GLY V 238 -14.73 -7.18 24.57
N ILE V 239 -15.67 -7.42 23.66
CA ILE V 239 -15.33 -8.07 22.39
C ILE V 239 -15.00 -7.04 21.32
N SER V 240 -15.81 -5.99 21.19
CA SER V 240 -15.62 -5.01 20.13
C SER V 240 -14.28 -4.31 20.29
N THR V 241 -13.49 -4.28 19.21
CA THR V 241 -12.23 -3.55 19.17
C THR V 241 -12.24 -2.39 18.19
N GLN V 242 -13.11 -2.43 17.18
CA GLN V 242 -13.20 -1.37 16.20
C GLN V 242 -14.06 -0.22 16.75
N GLU V 243 -14.12 0.87 16.00
CA GLU V 243 -14.96 2.01 16.32
C GLU V 243 -16.20 2.00 15.45
N GLU V 244 -17.32 2.42 16.03
CA GLU V 244 -18.59 2.44 15.29
C GLU V 244 -18.52 3.43 14.14
N ASN V 245 -19.05 3.02 12.99
CA ASN V 245 -19.11 3.86 11.80
C ASN V 245 -20.34 4.74 11.89
N THR V 246 -20.13 6.04 12.13
CA THR V 246 -21.22 7.01 12.25
C THR V 246 -21.44 7.79 10.97
N GLU V 247 -20.71 7.50 9.91
CA GLU V 247 -20.78 8.29 8.69
C GLU V 247 -22.08 8.04 7.94
N ARG V 248 -22.63 9.10 7.38
CA ARG V 248 -23.84 9.02 6.57
C ARG V 248 -23.57 8.31 5.26
N HIS V 249 -24.65 7.99 4.54
CA HIS V 249 -24.55 7.37 3.22
C HIS V 249 -25.75 7.84 2.41
N THR V 250 -25.50 8.65 1.38
CA THR V 250 -26.55 9.21 0.56
C THR V 250 -26.42 8.68 -0.87
N THR V 251 -27.48 8.92 -1.67
CA THR V 251 -27.47 8.51 -3.06
C THR V 251 -26.53 9.34 -3.92
N GLU V 252 -26.00 10.44 -3.39
CA GLU V 252 -25.01 11.23 -4.12
C GLU V 252 -23.61 10.65 -4.00
N ASP V 253 -23.38 9.71 -3.10
CA ASP V 253 -22.05 9.13 -2.93
C ASP V 253 -21.65 8.34 -4.16
N VAL V 254 -20.39 8.49 -4.57
CA VAL V 254 -19.88 7.76 -5.72
C VAL V 254 -19.81 6.27 -5.42
N SER V 255 -19.62 5.91 -4.16
CA SER V 255 -19.52 4.51 -3.75
C SER V 255 -19.94 4.41 -2.30
N PRO V 256 -20.21 3.20 -1.80
CA PRO V 256 -20.57 3.06 -0.38
C PRO V 256 -19.48 3.50 0.58
N SER V 257 -18.22 3.62 0.15
CA SER V 257 -17.13 3.98 1.02
C SER V 257 -16.53 5.34 0.74
N MET V 258 -16.84 5.96 -0.40
CA MET V 258 -16.30 7.26 -0.77
C MET V 258 -17.43 8.21 -1.11
N HIS V 259 -17.43 9.39 -0.50
CA HIS V 259 -18.44 10.39 -0.82
C HIS V 259 -18.24 10.96 -2.21
N THR V 260 -17.01 11.34 -2.53
CA THR V 260 -16.68 11.92 -3.83
C THR V 260 -15.27 11.49 -4.22
N LEU V 261 -14.82 12.01 -5.35
CA LEU V 261 -13.47 11.81 -5.89
C LEU V 261 -12.82 13.15 -6.19
N LEU V 262 -12.87 14.05 -5.20
CA LEU V 262 -12.63 15.47 -5.45
C LEU V 262 -11.27 15.74 -6.10
N GLY V 263 -10.20 15.28 -5.49
CA GLY V 263 -8.90 15.64 -6.06
C GLY V 263 -8.47 14.88 -7.29
N VAL V 264 -9.31 13.96 -7.75
CA VAL V 264 -8.92 13.11 -8.87
C VAL V 264 -8.87 13.83 -10.20
N LYS V 265 -7.78 13.64 -10.90
CA LYS V 265 -7.64 14.19 -12.25
C LYS V 265 -7.69 13.07 -13.27
N ASN V 266 -8.50 13.23 -14.32
CA ASN V 266 -8.64 12.22 -15.36
C ASN V 266 -7.34 12.05 -16.16
N MET V 267 -6.57 13.12 -16.40
CA MET V 267 -5.31 13.03 -17.12
C MET V 267 -4.24 13.93 -16.50
N VAL W 44 -16.16 -55.51 79.43
CA VAL W 44 -15.89 -54.09 79.27
C VAL W 44 -16.67 -53.51 78.09
N PRO W 45 -17.08 -52.24 78.20
CA PRO W 45 -17.88 -51.64 77.13
C PRO W 45 -17.08 -51.49 75.84
N ARG W 46 -17.80 -51.47 74.73
CA ARG W 46 -17.21 -51.33 73.41
C ARG W 46 -17.30 -49.89 72.95
N ILE W 47 -16.27 -49.41 72.26
CA ILE W 47 -16.18 -48.04 71.82
C ILE W 47 -16.84 -47.91 70.45
N LYS W 48 -17.71 -46.91 70.30
CA LYS W 48 -18.34 -46.64 69.02
C LYS W 48 -17.34 -46.05 68.04
N ALA W 49 -17.52 -46.38 66.76
CA ALA W 49 -16.61 -45.90 65.72
C ALA W 49 -16.66 -44.38 65.60
N ILE W 50 -17.83 -43.85 65.30
CA ILE W 50 -18.04 -42.41 65.20
C ILE W 50 -18.99 -42.01 66.31
N THR W 51 -18.44 -41.43 67.38
CA THR W 51 -19.22 -41.05 68.55
C THR W 51 -19.55 -39.56 68.50
N SER W 52 -20.32 -39.11 69.49
CA SER W 52 -20.65 -37.69 69.62
C SER W 52 -19.56 -36.91 70.34
N LYS W 53 -18.58 -37.59 70.95
CA LYS W 53 -17.49 -36.87 71.61
C LYS W 53 -16.65 -36.11 70.60
N MET W 54 -16.49 -36.69 69.43
CA MET W 54 -15.75 -36.05 68.37
C MET W 54 -16.55 -34.88 67.83
N ARG W 55 -15.85 -33.91 67.28
CA ARG W 55 -16.52 -32.73 66.74
C ARG W 55 -17.20 -32.95 65.41
N MET W 56 -18.44 -32.52 65.34
CA MET W 56 -19.20 -32.64 64.11
C MET W 56 -19.46 -31.26 63.52
N PRO W 57 -19.64 -31.16 62.20
CA PRO W 57 -20.01 -29.87 61.61
C PRO W 57 -21.40 -29.45 62.07
N LYS W 58 -21.49 -28.25 62.63
CA LYS W 58 -22.73 -27.74 63.21
C LYS W 58 -23.11 -26.42 62.54
N SER W 59 -24.40 -26.25 62.32
CA SER W 59 -24.95 -25.00 61.78
C SER W 59 -26.12 -24.57 62.64
N LYS W 60 -26.06 -23.32 63.12
CA LYS W 60 -27.11 -22.75 63.98
C LYS W 60 -27.36 -23.63 65.21
N GLY W 61 -26.27 -24.09 65.82
CA GLY W 61 -26.39 -24.90 67.03
C GLY W 61 -27.07 -26.23 66.81
N ALA W 62 -26.70 -26.93 65.74
CA ALA W 62 -27.28 -28.23 65.44
C ALA W 62 -26.35 -28.96 64.47
N THR W 63 -26.00 -30.19 64.82
CA THR W 63 -25.15 -30.99 63.94
C THR W 63 -25.84 -31.25 62.61
N VAL W 64 -25.06 -31.14 61.53
CA VAL W 64 -25.60 -31.27 60.19
C VAL W 64 -25.48 -32.69 59.65
N LEU W 65 -25.08 -33.64 60.48
CA LEU W 65 -24.93 -35.02 60.09
C LEU W 65 -25.84 -35.92 60.92
N ASN W 66 -26.32 -37.00 60.29
CA ASN W 66 -27.13 -38.01 60.96
C ASN W 66 -26.20 -39.15 61.37
N LEU W 67 -25.89 -39.22 62.67
CA LEU W 67 -24.87 -40.15 63.14
C LEU W 67 -25.30 -41.60 62.94
N GLU W 68 -26.57 -41.92 63.22
CA GLU W 68 -27.03 -43.30 63.11
C GLU W 68 -26.99 -43.78 61.65
N HIS W 69 -27.56 -42.99 60.74
CA HIS W 69 -27.55 -43.37 59.34
C HIS W 69 -26.13 -43.47 58.81
N LEU W 70 -25.27 -42.52 59.19
CA LEU W 70 -23.88 -42.56 58.73
C LEU W 70 -23.17 -43.81 59.22
N LEU W 71 -23.40 -44.19 60.48
CA LEU W 71 -22.84 -45.43 60.99
C LEU W 71 -23.39 -46.64 60.25
N GLU W 72 -24.61 -46.53 59.73
CA GLU W 72 -25.19 -47.60 58.94
C GLU W 72 -25.00 -47.41 57.43
N TYR W 73 -24.36 -46.33 57.00
CA TYR W 73 -24.19 -46.04 55.58
C TYR W 73 -22.90 -46.66 55.09
N ALA W 74 -23.00 -47.72 54.29
CA ALA W 74 -21.84 -48.44 53.76
C ALA W 74 -22.03 -48.71 52.27
N PRO W 75 -21.99 -47.67 51.44
CA PRO W 75 -22.09 -47.88 49.99
C PRO W 75 -20.85 -48.53 49.42
N GLN W 76 -21.03 -49.25 48.32
CA GLN W 76 -19.89 -49.76 47.57
C GLN W 76 -19.13 -48.61 46.93
N GLN W 77 -17.80 -48.70 46.96
CA GLN W 77 -16.97 -47.59 46.51
C GLN W 77 -17.15 -47.33 45.02
N ILE W 78 -17.30 -48.38 44.22
CA ILE W 78 -17.49 -48.21 42.79
C ILE W 78 -18.85 -47.62 42.46
N ASP W 79 -19.80 -47.68 43.40
CA ASP W 79 -21.14 -47.16 43.17
C ASP W 79 -21.23 -45.65 43.34
N ILE W 80 -20.25 -45.02 43.98
CA ILE W 80 -20.29 -43.60 44.28
C ILE W 80 -19.12 -42.84 43.67
N SER W 81 -18.31 -43.49 42.84
CA SER W 81 -17.21 -42.84 42.17
C SER W 81 -17.69 -42.16 40.90
N ASN W 82 -17.03 -41.05 40.54
CA ASN W 82 -17.38 -40.30 39.36
C ASN W 82 -16.52 -40.67 38.16
N THR W 83 -15.66 -41.68 38.28
CA THR W 83 -14.93 -42.24 37.16
C THR W 83 -15.71 -43.33 36.46
N ARG W 84 -16.92 -43.61 36.90
CA ARG W 84 -17.79 -44.61 36.31
C ARG W 84 -19.14 -43.98 36.04
N ALA W 85 -19.74 -44.32 34.91
CA ALA W 85 -21.05 -43.77 34.57
C ALA W 85 -22.09 -44.21 35.60
N THR W 86 -23.06 -43.34 35.85
CA THR W 86 -24.11 -43.66 36.80
C THR W 86 -25.02 -44.76 36.23
N GLN W 87 -25.80 -45.38 37.12
CA GLN W 87 -26.69 -46.45 36.70
C GLN W 87 -27.71 -45.95 35.69
N SER W 88 -28.22 -44.73 35.87
CA SER W 88 -29.15 -44.15 34.92
C SER W 88 -28.51 -43.97 33.55
N GLN W 89 -27.27 -43.47 33.52
CA GLN W 89 -26.56 -43.30 32.26
C GLN W 89 -26.30 -44.64 31.58
N PHE W 90 -25.96 -45.65 32.38
CA PHE W 90 -25.73 -46.99 31.82
C PHE W 90 -27.02 -47.56 31.24
N ASP W 91 -28.14 -47.39 31.94
CA ASP W 91 -29.42 -47.86 31.41
C ASP W 91 -29.79 -47.13 30.13
N THR W 92 -29.55 -45.82 30.09
CA THR W 92 -29.83 -45.06 28.87
C THR W 92 -28.99 -45.57 27.70
N TRP W 93 -27.70 -45.80 27.94
CA TRP W 93 -26.83 -46.30 26.88
C TRP W 93 -27.27 -47.69 26.41
N TYR W 94 -27.59 -48.58 27.36
CA TYR W 94 -28.00 -49.93 27.01
C TYR W 94 -29.30 -49.93 26.21
N GLU W 95 -30.27 -49.11 26.62
CA GLU W 95 -31.53 -49.02 25.89
C GLU W 95 -31.32 -48.44 24.50
N ALA W 96 -30.46 -47.42 24.38
CA ALA W 96 -30.21 -46.83 23.07
C ALA W 96 -29.53 -47.82 22.13
N VAL W 97 -28.58 -48.60 22.65
CA VAL W 97 -27.91 -49.59 21.82
C VAL W 97 -28.89 -50.69 21.41
N GLN W 98 -29.81 -51.15 22.33
CA GLN W 98 -30.86 -52.11 21.99
C GLN W 98 -31.74 -51.58 20.88
N LEU W 99 -32.12 -50.32 21.01
CA LEU W 99 -32.99 -49.73 20.00
C LEU W 99 -32.30 -49.65 18.66
N ALA W 100 -31.03 -49.25 18.64
CA ALA W 100 -30.33 -49.07 17.37
C ALA W 100 -30.05 -50.41 16.70
N TYR W 101 -29.71 -51.43 17.48
CA TYR W 101 -29.38 -52.73 16.91
C TYR W 101 -30.60 -53.56 16.55
N ASP W 102 -31.79 -53.17 17.01
CA ASP W 102 -33.03 -53.91 16.76
C ASP W 102 -32.90 -55.36 17.21
N ILE W 103 -32.36 -55.54 18.41
CA ILE W 103 -32.09 -56.84 18.98
C ILE W 103 -32.95 -57.01 20.23
N GLY W 104 -33.53 -58.18 20.40
CA GLY W 104 -34.36 -58.45 21.55
C GLY W 104 -33.56 -58.55 22.84
N GLU W 105 -34.29 -58.53 23.95
CA GLU W 105 -33.67 -58.55 25.27
C GLU W 105 -33.02 -59.89 25.60
N THR W 106 -33.24 -60.93 24.79
CA THR W 106 -32.65 -62.23 25.06
C THR W 106 -31.32 -62.42 24.33
N GLU W 107 -31.20 -61.91 23.11
CA GLU W 107 -29.95 -61.98 22.37
C GLU W 107 -29.01 -60.82 22.66
N MET W 108 -29.48 -59.80 23.38
CA MET W 108 -28.64 -58.65 23.68
C MET W 108 -27.44 -58.97 24.55
N PRO W 109 -27.55 -59.78 25.63
CA PRO W 109 -26.34 -60.08 26.42
C PRO W 109 -25.22 -60.76 25.65
N THR W 110 -25.54 -61.56 24.62
CA THR W 110 -24.49 -62.15 23.81
C THR W 110 -23.71 -61.07 23.04
N VAL W 111 -24.44 -60.10 22.49
CA VAL W 111 -23.80 -58.98 21.81
C VAL W 111 -22.98 -58.17 22.80
N MET W 112 -23.47 -58.05 24.05
CA MET W 112 -22.71 -57.36 25.08
C MET W 112 -21.41 -58.09 25.41
N ASN W 113 -21.46 -59.43 25.47
CA ASN W 113 -20.25 -60.21 25.68
C ASN W 113 -19.24 -59.95 24.58
N GLY W 114 -19.70 -60.02 23.33
CA GLY W 114 -18.80 -59.77 22.21
C GLY W 114 -18.20 -58.37 22.25
N LEU W 115 -19.03 -57.37 22.57
CA LEU W 115 -18.55 -56.00 22.64
C LEU W 115 -17.54 -55.83 23.77
N MET W 116 -17.77 -56.46 24.91
CA MET W 116 -16.83 -56.37 26.02
C MET W 116 -15.48 -56.97 25.64
N VAL W 117 -15.48 -58.13 24.96
CA VAL W 117 -14.22 -58.73 24.54
C VAL W 117 -13.51 -57.84 23.52
N TRP W 118 -14.27 -57.32 22.55
CA TRP W 118 -13.69 -56.43 21.55
C TRP W 118 -13.09 -55.19 22.19
N CYS W 119 -13.75 -54.64 23.21
CA CYS W 119 -13.24 -53.45 23.87
C CYS W 119 -12.03 -53.76 24.75
N ILE W 120 -11.97 -54.97 25.31
CA ILE W 120 -10.75 -55.41 25.98
C ILE W 120 -9.59 -55.38 24.99
N GLU W 121 -9.83 -55.87 23.78
CA GLU W 121 -8.74 -55.94 22.81
C GLU W 121 -8.35 -54.57 22.27
N ASN W 122 -9.32 -53.74 21.92
CA ASN W 122 -9.06 -52.58 21.08
C ASN W 122 -9.31 -51.24 21.76
N GLY W 123 -9.69 -51.23 23.03
CA GLY W 123 -9.86 -49.98 23.74
C GLY W 123 -11.22 -49.36 23.57
N THR W 124 -11.43 -48.26 24.29
CA THR W 124 -12.70 -47.55 24.35
C THR W 124 -12.51 -46.07 24.13
N SER W 125 -11.69 -45.70 23.14
CA SER W 125 -11.46 -44.29 22.84
C SER W 125 -12.71 -43.67 22.22
N PRO W 126 -12.94 -42.38 22.45
CA PRO W 126 -14.06 -41.71 21.80
C PRO W 126 -13.95 -41.66 20.28
N ASN W 127 -12.75 -41.84 19.73
CA ASN W 127 -12.52 -41.73 18.31
C ASN W 127 -12.64 -43.05 17.57
N ILE W 128 -12.91 -44.16 18.26
CA ILE W 128 -13.10 -45.43 17.58
C ILE W 128 -14.33 -45.34 16.69
N ASN W 129 -14.23 -45.90 15.49
CA ASN W 129 -15.30 -45.82 14.51
C ASN W 129 -15.25 -47.05 13.62
N GLY W 130 -16.20 -47.13 12.71
CA GLY W 130 -16.30 -48.28 11.83
C GLY W 130 -17.20 -49.33 12.41
N VAL W 131 -16.69 -50.55 12.53
CA VAL W 131 -17.44 -51.67 13.09
C VAL W 131 -16.55 -52.41 14.09
N TRP W 132 -17.21 -53.11 15.00
CA TRP W 132 -16.56 -54.11 15.82
C TRP W 132 -17.06 -55.49 15.39
N VAL W 133 -16.35 -56.53 15.81
CA VAL W 133 -16.58 -57.86 15.28
C VAL W 133 -16.83 -58.85 16.41
N MET W 134 -17.77 -59.77 16.17
CA MET W 134 -18.03 -60.92 17.00
C MET W 134 -17.65 -62.19 16.22
N MET W 135 -17.10 -63.16 16.93
CA MET W 135 -16.66 -64.41 16.32
C MET W 135 -17.73 -65.48 16.60
N CYS W 136 -18.68 -65.60 15.67
CA CYS W 136 -19.71 -66.62 15.74
C CYS W 136 -19.14 -67.90 15.16
N GLY W 137 -18.59 -68.74 16.04
CA GLY W 137 -17.88 -69.91 15.59
C GLY W 137 -16.66 -69.54 14.79
N ASP W 138 -16.64 -69.91 13.52
CA ASP W 138 -15.57 -69.52 12.60
C ASP W 138 -15.94 -68.33 11.73
N GLU W 139 -17.13 -67.77 11.89
CA GLU W 139 -17.59 -66.66 11.08
C GLU W 139 -17.46 -65.35 11.84
N GLN W 140 -17.33 -64.27 11.08
CA GLN W 140 -17.13 -62.93 11.63
C GLN W 140 -18.37 -62.10 11.36
N VAL W 141 -18.99 -61.59 12.43
CA VAL W 141 -20.18 -60.75 12.35
C VAL W 141 -19.79 -59.33 12.71
N GLU W 142 -20.17 -58.38 11.87
CA GLU W 142 -19.79 -56.98 12.05
C GLU W 142 -20.96 -56.18 12.58
N TYR W 143 -20.73 -55.43 13.65
CA TYR W 143 -21.71 -54.57 14.27
C TYR W 143 -21.23 -53.13 14.20
N PRO W 144 -22.07 -52.19 13.79
CA PRO W 144 -21.64 -50.79 13.73
C PRO W 144 -21.28 -50.26 15.11
N LEU W 145 -20.23 -49.44 15.16
CA LEU W 145 -19.77 -48.86 16.41
C LEU W 145 -20.44 -47.52 16.73
N LYS W 146 -21.15 -46.93 15.78
CA LYS W 146 -21.77 -45.63 16.01
C LYS W 146 -22.77 -45.63 17.17
N PRO W 147 -23.72 -46.58 17.26
CA PRO W 147 -24.61 -46.58 18.43
C PRO W 147 -23.88 -46.77 19.75
N ILE W 148 -22.78 -47.54 19.74
CA ILE W 148 -22.04 -47.81 20.97
C ILE W 148 -21.39 -46.53 21.49
N VAL W 149 -20.85 -45.71 20.60
CA VAL W 149 -20.06 -44.56 21.02
C VAL W 149 -20.92 -43.31 21.18
N GLU W 150 -21.90 -43.10 20.31
CA GLU W 150 -22.67 -41.86 20.36
C GLU W 150 -23.65 -41.80 21.53
N ASN W 151 -23.98 -42.94 22.13
CA ASN W 151 -24.94 -42.99 23.23
C ASN W 151 -24.27 -43.19 24.58
N ALA W 152 -22.95 -43.28 24.63
CA ALA W 152 -22.23 -43.51 25.87
C ALA W 152 -21.94 -42.19 26.55
N LYS W 153 -22.57 -41.97 27.70
CA LYS W 153 -22.39 -40.73 28.45
C LYS W 153 -21.93 -41.04 29.87
N PRO W 154 -20.99 -40.26 30.42
CA PRO W 154 -20.32 -39.11 29.78
C PRO W 154 -19.30 -39.55 28.72
N THR W 155 -18.65 -40.71 28.89
CA THR W 155 -17.73 -41.23 27.91
C THR W 155 -17.99 -42.73 27.75
N LEU W 156 -17.42 -43.30 26.69
CA LEU W 156 -17.51 -44.74 26.50
C LEU W 156 -16.67 -45.49 27.53
N ARG W 157 -15.56 -44.91 27.96
CA ARG W 157 -14.74 -45.54 28.99
C ARG W 157 -15.49 -45.66 30.31
N GLN W 158 -16.25 -44.62 30.68
CA GLN W 158 -17.04 -44.66 31.91
C GLN W 158 -18.16 -45.70 31.81
N ILE W 159 -18.74 -45.86 30.62
CA ILE W 159 -19.75 -46.88 30.42
C ILE W 159 -19.15 -48.27 30.54
N MET W 160 -18.03 -48.51 29.86
CA MET W 160 -17.40 -49.82 29.88
C MET W 160 -16.74 -50.14 31.21
N ALA W 161 -16.53 -49.14 32.07
CA ALA W 161 -16.04 -49.40 33.42
C ALA W 161 -16.97 -50.33 34.20
N HIS W 162 -18.25 -50.38 33.83
CA HIS W 162 -19.16 -51.33 34.46
C HIS W 162 -18.80 -52.76 34.14
N PHE W 163 -18.00 -52.99 33.10
CA PHE W 163 -17.60 -54.32 32.66
C PHE W 163 -16.22 -54.72 33.17
N SER W 164 -15.61 -53.92 34.06
CA SER W 164 -14.20 -54.09 34.37
C SER W 164 -13.93 -55.41 35.08
N ASP W 165 -14.74 -55.76 36.12
CA ASP W 165 -14.53 -57.01 36.84
C ASP W 165 -14.73 -58.22 35.94
N VAL W 166 -15.75 -58.19 35.08
CA VAL W 166 -15.99 -59.29 34.17
C VAL W 166 -14.85 -59.39 33.16
N ALA W 167 -14.34 -58.24 32.70
CA ALA W 167 -13.22 -58.26 31.76
C ALA W 167 -11.98 -58.88 32.39
N GLU W 168 -11.69 -58.52 33.64
CA GLU W 168 -10.54 -59.11 34.33
C GLU W 168 -10.71 -60.61 34.50
N ALA W 169 -11.91 -61.05 34.90
CA ALA W 169 -12.17 -62.47 35.05
C ALA W 169 -12.04 -63.21 33.72
N TYR W 170 -12.53 -62.59 32.64
CA TYR W 170 -12.45 -63.22 31.32
C TYR W 170 -11.00 -63.34 30.86
N ILE W 171 -10.19 -62.31 31.11
CA ILE W 171 -8.78 -62.38 30.73
C ILE W 171 -8.07 -63.49 31.50
N GLU W 172 -8.36 -63.62 32.79
CA GLU W 172 -7.75 -64.70 33.57
C GLU W 172 -8.19 -66.07 33.04
N MET W 173 -9.48 -66.19 32.73
CA MET W 173 -9.99 -67.46 32.21
C MET W 173 -9.33 -67.81 30.88
N ARG W 174 -9.19 -66.84 29.97
CA ARG W 174 -8.54 -67.12 28.70
C ARG W 174 -7.07 -67.46 28.89
N ASN W 175 -6.40 -66.81 29.84
CA ASN W 175 -5.00 -67.13 30.11
C ASN W 175 -4.84 -68.49 30.76
N LYS W 176 -5.89 -69.05 31.35
CA LYS W 176 -5.79 -70.40 31.88
C LYS W 176 -5.56 -71.44 30.78
N LYS W 177 -5.95 -71.17 29.55
CA LYS W 177 -5.84 -72.14 28.46
C LYS W 177 -4.81 -71.79 27.40
N GLU W 178 -4.40 -70.57 27.32
CA GLU W 178 -3.41 -70.18 26.33
C GLU W 178 -2.85 -68.81 26.68
N PRO W 179 -1.67 -68.40 26.10
CA PRO W 179 -1.15 -67.04 26.31
C PRO W 179 -2.10 -66.01 25.73
N TYR W 180 -2.66 -65.17 26.60
CA TYR W 180 -3.69 -64.21 26.22
C TYR W 180 -3.37 -62.86 26.88
N MET W 181 -2.63 -62.03 26.16
CA MET W 181 -2.41 -60.65 26.58
C MET W 181 -3.23 -59.73 25.70
N PRO W 182 -4.10 -58.90 26.27
CA PRO W 182 -4.90 -58.00 25.43
C PRO W 182 -4.04 -57.09 24.59
N ARG W 183 -4.53 -56.76 23.40
CA ARG W 183 -3.75 -55.94 22.47
C ARG W 183 -3.36 -54.61 23.08
N TYR W 184 -4.14 -54.11 24.03
CA TYR W 184 -3.75 -52.91 24.76
C TYR W 184 -2.43 -53.13 25.51
N GLY W 185 -2.28 -54.28 26.17
CA GLY W 185 -1.05 -54.58 26.86
C GLY W 185 0.11 -54.88 25.94
N LEU W 186 -0.18 -55.28 24.70
CA LEU W 186 0.88 -55.44 23.71
C LEU W 186 1.36 -54.09 23.18
N VAL W 187 0.44 -53.15 23.02
CA VAL W 187 0.84 -51.79 22.60
C VAL W 187 1.62 -51.11 23.71
N ARG W 188 1.24 -51.32 24.97
CA ARG W 188 1.94 -50.74 26.10
C ARG W 188 3.27 -51.43 26.38
N ASN W 189 3.56 -52.54 25.70
CA ASN W 189 4.80 -53.29 25.88
C ASN W 189 4.97 -53.75 27.33
N LEU W 190 3.88 -54.24 27.92
CA LEU W 190 3.94 -54.80 29.27
C LEU W 190 4.61 -56.17 29.21
N ARG W 191 5.73 -56.31 29.91
CA ARG W 191 6.58 -57.50 29.82
C ARG W 191 6.22 -58.56 30.83
N ASP W 192 5.19 -58.37 31.64
CA ASP W 192 4.76 -59.35 32.62
C ASP W 192 3.44 -59.96 32.17
N GLY W 193 3.41 -61.28 32.04
CA GLY W 193 2.19 -61.96 31.62
C GLY W 193 1.19 -62.15 32.73
N SER W 194 1.65 -62.14 33.99
CA SER W 194 0.74 -62.28 35.11
C SER W 194 -0.07 -61.02 35.37
N LEU W 195 0.29 -59.91 34.74
CA LEU W 195 -0.45 -58.67 34.85
C LEU W 195 -1.39 -58.44 33.66
N ALA W 196 -1.62 -59.46 32.84
CA ALA W 196 -2.48 -59.31 31.67
C ALA W 196 -3.92 -59.00 32.07
N ARG W 197 -4.34 -59.42 33.26
CA ARG W 197 -5.72 -59.23 33.69
C ARG W 197 -6.08 -57.77 33.95
N TYR W 198 -5.10 -56.88 34.01
CA TYR W 198 -5.35 -55.46 34.23
C TYR W 198 -4.97 -54.61 33.01
N ALA W 199 -4.56 -55.24 31.91
CA ALA W 199 -3.99 -54.52 30.77
C ALA W 199 -5.06 -54.17 29.73
N PHE W 200 -6.07 -53.43 30.17
CA PHE W 200 -7.02 -52.82 29.26
C PHE W 200 -7.33 -51.41 29.74
N ASP W 201 -7.76 -50.56 28.82
CA ASP W 201 -7.80 -49.13 29.13
C ASP W 201 -9.05 -48.70 29.91
N PHE W 202 -10.06 -49.56 30.02
CA PHE W 202 -11.22 -49.24 30.84
C PHE W 202 -11.22 -49.98 32.17
N TYR W 203 -10.07 -50.49 32.60
CA TYR W 203 -9.97 -51.13 33.90
C TYR W 203 -10.15 -50.11 35.01
N GLU W 204 -10.94 -50.48 36.01
CA GLU W 204 -11.26 -49.59 37.13
C GLU W 204 -10.45 -50.04 38.36
N VAL W 205 -9.61 -49.15 38.86
CA VAL W 205 -8.81 -49.44 40.04
C VAL W 205 -9.69 -49.33 41.28
N THR W 206 -9.64 -50.35 42.13
CA THR W 206 -10.42 -50.40 43.35
C THR W 206 -9.49 -50.58 44.55
N SER W 207 -10.10 -50.67 45.73
CA SER W 207 -9.33 -50.90 46.95
C SER W 207 -8.78 -52.31 47.02
N ARG W 208 -9.28 -53.23 46.20
CA ARG W 208 -8.81 -54.60 46.16
C ARG W 208 -7.76 -54.85 45.08
N THR W 209 -7.47 -53.85 44.25
CA THR W 209 -6.44 -53.99 43.25
C THR W 209 -5.07 -54.11 43.92
N PRO W 210 -4.25 -55.09 43.55
CA PRO W 210 -2.92 -55.21 44.16
C PRO W 210 -2.06 -53.99 43.85
N VAL W 211 -1.16 -53.68 44.78
CA VAL W 211 -0.33 -52.48 44.67
C VAL W 211 0.51 -52.53 43.40
N ARG W 212 1.09 -53.71 43.10
CA ARG W 212 1.87 -53.85 41.88
C ARG W 212 1.01 -53.65 40.65
N ALA W 213 -0.20 -54.21 40.64
CA ALA W 213 -1.12 -54.01 39.53
C ALA W 213 -1.50 -52.55 39.39
N ARG W 214 -1.74 -51.87 40.51
CA ARG W 214 -2.06 -50.45 40.46
C ARG W 214 -0.93 -49.64 39.87
N GLU W 215 0.30 -49.93 40.28
CA GLU W 215 1.46 -49.25 39.72
C GLU W 215 1.58 -49.49 38.22
N ALA W 216 1.41 -50.75 37.80
CA ALA W 216 1.51 -51.07 36.37
C ALA W 216 0.43 -50.36 35.57
N HIS W 217 -0.80 -50.33 36.10
CA HIS W 217 -1.89 -49.67 35.39
C HIS W 217 -1.66 -48.17 35.28
N ILE W 218 -1.16 -47.54 36.35
CA ILE W 218 -0.92 -46.10 36.31
C ILE W 218 0.21 -45.79 35.34
N GLN W 219 1.26 -46.61 35.33
CA GLN W 219 2.34 -46.41 34.36
C GLN W 219 1.85 -46.58 32.93
N MET W 220 0.99 -47.57 32.69
CA MET W 220 0.43 -47.76 31.35
C MET W 220 -0.41 -46.57 30.92
N LYS W 221 -1.24 -46.05 31.84
CA LYS W 221 -2.05 -44.88 31.52
C LYS W 221 -1.18 -43.67 31.22
N ALA W 222 -0.12 -43.46 32.00
CA ALA W 222 0.76 -42.33 31.76
C ALA W 222 1.48 -42.47 30.41
N ALA W 223 1.93 -43.68 30.08
CA ALA W 223 2.58 -43.91 28.80
C ALA W 223 1.62 -43.71 27.64
N ALA W 224 0.37 -44.15 27.78
CA ALA W 224 -0.59 -44.03 26.70
C ALA W 224 -1.03 -42.59 26.48
N LEU W 225 -1.26 -41.85 27.56
CA LEU W 225 -1.75 -40.48 27.41
C LEU W 225 -0.64 -39.53 26.95
N LYS W 226 0.60 -39.78 27.37
CA LYS W 226 1.77 -38.97 26.99
C LYS W 226 1.52 -37.54 27.47
N SER W 227 1.67 -36.52 26.63
CA SER W 227 1.45 -35.13 27.00
C SER W 227 0.31 -34.53 26.18
N ALA W 228 -0.75 -35.29 25.98
CA ALA W 228 -1.88 -34.82 25.19
C ALA W 228 -2.61 -33.70 25.92
N GLN W 229 -2.82 -32.58 25.22
CA GLN W 229 -3.51 -31.42 25.78
C GLN W 229 -4.84 -31.24 25.07
N SER W 230 -5.87 -31.08 25.89
CA SER W 230 -7.20 -30.92 25.38
C SER W 230 -7.50 -29.53 24.89
N ARG W 231 -8.11 -29.46 23.74
CA ARG W 231 -8.57 -28.19 23.18
C ARG W 231 -10.08 -28.09 23.38
N LEU W 232 -10.61 -26.98 24.00
CA LEU W 232 -12.03 -26.80 24.27
C LEU W 232 -12.84 -26.50 23.01
N PHE W 233 -12.20 -25.98 21.97
CA PHE W 233 -12.91 -25.53 20.78
C PHE W 233 -12.21 -26.03 19.53
N GLY W 234 -13.00 -26.23 18.48
CA GLY W 234 -12.49 -26.41 17.15
C GLY W 234 -12.62 -25.14 16.34
N LEU W 235 -12.58 -25.28 15.02
CA LEU W 235 -12.82 -24.14 14.15
C LEU W 235 -14.26 -23.68 14.27
N ASP W 236 -14.46 -22.38 14.46
CA ASP W 236 -15.80 -21.84 14.63
C ASP W 236 -16.62 -22.01 13.35
N GLY W 237 -17.89 -22.40 13.51
CA GLY W 237 -18.76 -22.67 12.39
C GLY W 237 -19.28 -21.45 11.67
N GLY W 238 -19.15 -20.27 12.27
CA GLY W 238 -19.50 -19.04 11.57
C GLY W 238 -18.46 -18.73 10.51
N ILE W 239 -18.81 -18.89 9.24
CA ILE W 239 -17.83 -18.79 8.17
C ILE W 239 -17.73 -17.38 7.64
N SER W 240 -18.86 -16.73 7.39
CA SER W 240 -18.86 -15.40 6.78
C SER W 240 -18.18 -14.40 7.69
N THR W 241 -17.20 -13.67 7.14
CA THR W 241 -16.54 -12.58 7.86
C THR W 241 -16.81 -11.21 7.26
N GLN W 242 -17.17 -11.14 5.99
CA GLN W 242 -17.48 -9.87 5.34
C GLN W 242 -18.90 -9.43 5.67
N GLU W 243 -19.26 -8.24 5.23
CA GLU W 243 -20.60 -7.71 5.38
C GLU W 243 -21.33 -7.80 4.05
N GLU W 244 -22.63 -8.08 4.11
CA GLU W 244 -23.43 -8.21 2.90
C GLU W 244 -23.50 -6.89 2.15
N ASN W 245 -23.37 -6.95 0.84
CA ASN W 245 -23.46 -5.76 -0.02
C ASN W 245 -24.93 -5.49 -0.32
N THR W 246 -25.47 -4.44 0.26
CA THR W 246 -26.86 -4.06 0.06
C THR W 246 -27.03 -2.95 -0.96
N GLU W 247 -25.96 -2.50 -1.59
CA GLU W 247 -26.03 -1.36 -2.49
C GLU W 247 -26.73 -1.73 -3.79
N ARG W 248 -27.52 -0.80 -4.30
CA ARG W 248 -28.21 -0.97 -5.57
C ARG W 248 -27.22 -0.93 -6.73
N HIS W 249 -27.72 -1.29 -7.91
CA HIS W 249 -26.92 -1.23 -9.13
C HIS W 249 -27.86 -0.93 -10.28
N THR W 250 -27.74 0.26 -10.87
CA THR W 250 -28.61 0.69 -11.95
C THR W 250 -27.80 0.89 -13.22
N THR W 251 -28.52 1.03 -14.34
CA THR W 251 -27.87 1.26 -15.63
C THR W 251 -27.27 2.65 -15.75
N GLU W 252 -27.54 3.54 -14.80
CA GLU W 252 -26.90 4.85 -14.78
C GLU W 252 -25.51 4.81 -14.16
N ASP W 253 -25.14 3.73 -13.50
CA ASP W 253 -23.84 3.65 -12.85
C ASP W 253 -22.73 3.63 -13.89
N VAL W 254 -21.66 4.37 -13.62
CA VAL W 254 -20.52 4.40 -14.53
C VAL W 254 -19.82 3.05 -14.57
N SER W 255 -19.88 2.29 -13.49
CA SER W 255 -19.24 0.99 -13.40
C SER W 255 -19.99 0.17 -12.38
N PRO W 256 -19.76 -1.15 -12.33
CA PRO W 256 -20.44 -1.98 -11.32
C PRO W 256 -20.07 -1.62 -9.89
N SER W 257 -18.97 -0.90 -9.66
CA SER W 257 -18.54 -0.57 -8.31
C SER W 257 -18.64 0.92 -7.97
N MET W 258 -18.84 1.79 -8.96
CA MET W 258 -18.92 3.22 -8.74
C MET W 258 -20.21 3.76 -9.35
N HIS W 259 -20.97 4.51 -8.56
CA HIS W 259 -22.19 5.12 -9.09
C HIS W 259 -21.87 6.24 -10.06
N THR W 260 -20.96 7.13 -9.67
CA THR W 260 -20.57 8.27 -10.51
C THR W 260 -19.10 8.56 -10.28
N LEU W 261 -18.63 9.62 -10.92
CA LEU W 261 -17.27 10.14 -10.79
C LEU W 261 -17.31 11.63 -10.46
N LEU W 262 -18.10 11.97 -9.44
CA LEU W 262 -18.54 13.34 -9.23
C LEU W 262 -17.36 14.31 -9.09
N GLY W 263 -16.45 14.07 -8.17
CA GLY W 263 -15.40 15.06 -7.98
C GLY W 263 -14.28 15.06 -8.99
N VAL W 264 -14.38 14.19 -9.99
CA VAL W 264 -13.29 14.07 -10.95
C VAL W 264 -13.19 15.23 -11.91
N LYS W 265 -11.99 15.75 -12.05
CA LYS W 265 -11.72 16.82 -13.01
C LYS W 265 -10.89 16.27 -14.16
N ASN W 266 -11.29 16.56 -15.40
CA ASN W 266 -10.59 16.07 -16.58
C ASN W 266 -9.19 16.72 -16.69
N MET W 267 -9.02 18.00 -16.30
CA MET W 267 -7.73 18.66 -16.36
C MET W 267 -7.50 19.54 -15.13
N VAL X 44 -17.41 -9.56 72.99
CA VAL X 44 -16.80 -8.41 72.33
C VAL X 44 -17.74 -7.82 71.29
N PRO X 45 -17.69 -6.50 71.09
CA PRO X 45 -18.59 -5.85 70.15
C PRO X 45 -18.31 -6.28 68.71
N ARG X 46 -19.36 -6.20 67.89
CA ARG X 46 -19.27 -6.56 66.48
C ARG X 46 -19.09 -5.32 65.64
N ILE X 47 -18.28 -5.42 64.58
CA ILE X 47 -17.95 -4.29 63.72
C ILE X 47 -18.99 -4.19 62.62
N LYS X 48 -19.50 -2.99 62.40
CA LYS X 48 -20.45 -2.76 61.32
C LYS X 48 -19.74 -2.81 59.97
N ALA X 49 -20.46 -3.29 58.95
CA ALA X 49 -19.89 -3.41 57.61
C ALA X 49 -19.52 -2.05 57.05
N ILE X 50 -20.51 -1.17 56.91
CA ILE X 50 -20.30 0.19 56.43
C ILE X 50 -20.61 1.14 57.58
N THR X 51 -19.58 1.66 58.22
CA THR X 51 -19.72 2.53 59.37
C THR X 51 -19.58 3.99 58.95
N SER X 52 -19.76 4.89 59.91
CA SER X 52 -19.59 6.31 59.68
C SER X 52 -18.12 6.75 59.80
N LYS X 53 -17.25 5.87 60.30
CA LYS X 53 -15.84 6.22 60.39
C LYS X 53 -15.23 6.40 59.01
N MET X 54 -15.70 5.57 58.08
CA MET X 54 -15.23 5.67 56.71
C MET X 54 -15.78 6.92 56.07
N ARG X 55 -15.07 7.41 55.07
CA ARG X 55 -15.50 8.63 54.39
C ARG X 55 -16.64 8.44 53.43
N MET X 56 -17.64 9.28 53.56
CA MET X 56 -18.79 9.23 52.69
C MET X 56 -18.82 10.45 51.79
N PRO X 57 -19.43 10.35 50.61
CA PRO X 57 -19.59 11.55 49.75
C PRO X 57 -20.53 12.55 50.42
N LYS X 58 -20.04 13.78 50.58
CA LYS X 58 -20.77 14.83 51.27
C LYS X 58 -20.96 16.03 50.36
N SER X 59 -22.13 16.65 50.45
CA SER X 59 -22.42 17.88 49.71
C SER X 59 -23.02 18.89 50.68
N LYS X 60 -22.43 20.09 50.71
CA LYS X 60 -22.86 21.17 51.59
C LYS X 60 -22.90 20.72 53.05
N GLY X 61 -21.85 20.00 53.46
CA GLY X 61 -21.77 19.55 54.85
C GLY X 61 -22.84 18.58 55.25
N ALA X 62 -23.12 17.59 54.39
CA ALA X 62 -24.12 16.58 54.68
C ALA X 62 -23.87 15.38 53.79
N THR X 63 -23.81 14.20 54.39
CA THR X 63 -23.61 12.98 53.61
C THR X 63 -24.78 12.75 52.67
N VAL X 64 -24.46 12.34 51.44
CA VAL X 64 -25.46 12.17 50.39
C VAL X 64 -25.97 10.73 50.31
N LEU X 65 -25.60 9.89 51.28
CA LEU X 65 -26.04 8.50 51.30
C LEU X 65 -26.80 8.22 52.58
N ASN X 66 -27.76 7.30 52.48
CA ASN X 66 -28.54 6.84 53.63
C ASN X 66 -27.92 5.53 54.12
N LEU X 67 -27.18 5.60 55.23
CA LEU X 67 -26.40 4.46 55.67
C LEU X 67 -27.28 3.27 56.06
N GLU X 68 -28.39 3.54 56.75
CA GLU X 68 -29.26 2.44 57.21
C GLU X 68 -29.89 1.72 56.02
N HIS X 69 -30.49 2.47 55.10
CA HIS X 69 -31.10 1.84 53.93
C HIS X 69 -30.08 1.10 53.10
N LEU X 70 -28.89 1.70 52.92
CA LEU X 70 -27.85 1.04 52.15
C LEU X 70 -27.42 -0.27 52.80
N LEU X 71 -27.27 -0.27 54.13
CA LEU X 71 -26.96 -1.51 54.83
C LEU X 71 -28.08 -2.53 54.68
N GLU X 72 -29.31 -2.07 54.50
CA GLU X 72 -30.43 -2.97 54.26
C GLU X 72 -30.76 -3.16 52.78
N TYR X 73 -30.03 -2.52 51.88
CA TYR X 73 -30.31 -2.60 50.45
C TYR X 73 -29.52 -3.76 49.85
N ALA X 74 -30.22 -4.83 49.48
CA ALA X 74 -29.60 -6.02 48.91
C ALA X 74 -30.39 -6.49 47.69
N PRO X 75 -30.34 -5.73 46.59
CA PRO X 75 -31.03 -6.16 45.37
C PRO X 75 -30.32 -7.34 44.72
N GLN X 76 -31.10 -8.13 43.99
CA GLN X 76 -30.52 -9.19 43.16
C GLN X 76 -29.73 -8.56 42.02
N GLN X 77 -28.57 -9.16 41.72
CA GLN X 77 -27.67 -8.56 40.73
C GLN X 77 -28.29 -8.55 39.34
N ILE X 78 -29.03 -9.61 38.98
CA ILE X 78 -29.65 -9.65 37.68
C ILE X 78 -30.81 -8.66 37.56
N ASP X 79 -31.32 -8.17 38.68
CA ASP X 79 -32.44 -7.22 38.66
C ASP X 79 -32.00 -5.79 38.37
N ILE X 80 -30.72 -5.47 38.50
CA ILE X 80 -30.23 -4.12 38.34
C ILE X 80 -29.18 -4.01 37.24
N SER X 81 -28.96 -5.07 36.48
CA SER X 81 -28.03 -5.03 35.36
C SER X 81 -28.72 -4.49 34.12
N ASN X 82 -27.93 -3.82 33.28
CA ASN X 82 -28.45 -3.24 32.04
C ASN X 82 -28.23 -4.14 30.83
N THR X 83 -27.73 -5.36 31.04
CA THR X 83 -27.66 -6.36 29.99
C THR X 83 -28.93 -7.19 29.91
N ARG X 84 -29.92 -6.88 30.72
CA ARG X 84 -31.20 -7.56 30.73
C ARG X 84 -32.30 -6.52 30.65
N ALA X 85 -33.34 -6.82 29.88
CA ALA X 85 -34.45 -5.89 29.76
C ALA X 85 -35.14 -5.69 31.10
N THR X 86 -35.64 -4.48 31.33
CA THR X 86 -36.32 -4.17 32.57
C THR X 86 -37.65 -4.92 32.64
N GLN X 87 -38.20 -5.00 33.85
CA GLN X 87 -39.46 -5.71 34.04
C GLN X 87 -40.59 -5.06 33.23
N SER X 88 -40.59 -3.73 33.16
CA SER X 88 -41.60 -3.04 32.36
C SER X 88 -41.47 -3.38 30.88
N GLN X 89 -40.24 -3.41 30.37
CA GLN X 89 -40.02 -3.78 28.97
C GLN X 89 -40.44 -5.23 28.71
N PHE X 90 -40.14 -6.13 29.66
CA PHE X 90 -40.55 -7.52 29.51
C PHE X 90 -42.06 -7.66 29.50
N ASP X 91 -42.76 -6.93 30.39
CA ASP X 91 -44.22 -6.97 30.39
C ASP X 91 -44.78 -6.42 29.10
N THR X 92 -44.20 -5.34 28.58
CA THR X 92 -44.66 -4.78 27.31
C THR X 92 -44.50 -5.79 26.18
N TRP X 93 -43.34 -6.45 26.12
CA TRP X 93 -43.11 -7.44 25.08
C TRP X 93 -44.07 -8.62 25.22
N TYR X 94 -44.28 -9.11 26.43
CA TYR X 94 -45.17 -10.24 26.65
C TYR X 94 -46.61 -9.89 26.27
N GLU X 95 -47.08 -8.70 26.66
CA GLU X 95 -48.42 -8.28 26.30
C GLU X 95 -48.56 -8.11 24.79
N ALA X 96 -47.55 -7.54 24.13
CA ALA X 96 -47.62 -7.36 22.69
C ALA X 96 -47.66 -8.70 21.97
N VAL X 97 -46.86 -9.67 22.42
CA VAL X 97 -46.88 -10.99 21.80
C VAL X 97 -48.22 -11.67 22.02
N GLN X 98 -48.83 -11.56 23.26
CA GLN X 98 -50.16 -12.08 23.53
C GLN X 98 -51.19 -11.49 22.59
N LEU X 99 -51.10 -10.18 22.42
CA LEU X 99 -52.06 -9.51 21.55
C LEU X 99 -51.91 -9.97 20.10
N ALA X 100 -50.67 -10.10 19.62
CA ALA X 100 -50.46 -10.45 18.23
C ALA X 100 -50.85 -11.91 17.96
N TYR X 101 -50.59 -12.80 18.90
CA TYR X 101 -50.89 -14.21 18.69
C TYR X 101 -52.35 -14.56 18.95
N ASP X 102 -53.11 -13.65 19.56
CA ASP X 102 -54.52 -13.89 19.90
C ASP X 102 -54.67 -15.17 20.74
N ILE X 103 -53.82 -15.30 21.73
CA ILE X 103 -53.77 -16.46 22.60
C ILE X 103 -54.12 -16.04 24.02
N GLY X 104 -54.92 -16.84 24.69
CA GLY X 104 -55.32 -16.54 26.05
C GLY X 104 -54.17 -16.68 27.04
N GLU X 105 -54.40 -16.17 28.24
CA GLU X 105 -53.38 -16.16 29.28
C GLU X 105 -53.10 -17.55 29.84
N THR X 106 -53.90 -18.56 29.48
CA THR X 106 -53.66 -19.91 29.97
C THR X 106 -52.82 -20.74 29.02
N GLU X 107 -53.00 -20.56 27.71
CA GLU X 107 -52.18 -21.27 26.72
C GLU X 107 -50.91 -20.52 26.37
N MET X 108 -50.76 -19.28 26.84
CA MET X 108 -49.56 -18.50 26.52
C MET X 108 -48.27 -19.10 27.10
N PRO X 109 -48.23 -19.56 28.35
CA PRO X 109 -46.96 -20.14 28.85
C PRO X 109 -46.46 -21.33 28.05
N THR X 110 -47.34 -22.14 27.46
CA THR X 110 -46.89 -23.24 26.62
C THR X 110 -46.16 -22.72 25.39
N VAL X 111 -46.71 -21.67 24.76
CA VAL X 111 -46.05 -21.04 23.63
C VAL X 111 -44.73 -20.43 24.06
N MET X 112 -44.67 -19.90 25.28
CA MET X 112 -43.43 -19.36 25.80
C MET X 112 -42.38 -20.45 25.99
N ASN X 113 -42.81 -21.62 26.47
CA ASN X 113 -41.90 -22.77 26.59
C ASN X 113 -41.32 -23.14 25.23
N GLY X 114 -42.20 -23.27 24.23
CA GLY X 114 -41.73 -23.60 22.90
C GLY X 114 -40.78 -22.57 22.34
N LEU X 115 -41.09 -21.28 22.54
CA LEU X 115 -40.23 -20.22 22.04
C LEU X 115 -38.88 -20.23 22.75
N MET X 116 -38.86 -20.49 24.05
CA MET X 116 -37.60 -20.56 24.78
C MET X 116 -36.73 -21.69 24.25
N VAL X 117 -37.33 -22.86 24.00
CA VAL X 117 -36.54 -23.98 23.48
C VAL X 117 -36.02 -23.66 22.07
N TRP X 118 -36.88 -23.08 21.23
CA TRP X 118 -36.46 -22.71 19.88
C TRP X 118 -35.32 -21.69 19.91
N CYS X 119 -35.39 -20.74 20.85
CA CYS X 119 -34.34 -19.73 20.95
C CYS X 119 -33.04 -20.31 21.52
N ILE X 120 -33.15 -21.30 22.40
CA ILE X 120 -31.96 -22.04 22.81
C ILE X 120 -31.28 -22.66 21.59
N GLU X 121 -32.08 -23.24 20.70
CA GLU X 121 -31.49 -23.92 19.55
C GLU X 121 -30.93 -22.94 18.53
N ASN X 122 -31.67 -21.88 18.20
CA ASN X 122 -31.39 -21.10 17.01
C ASN X 122 -30.96 -19.67 17.27
N GLY X 123 -30.84 -19.27 18.53
CA GLY X 123 -30.35 -17.93 18.83
C GLY X 123 -31.44 -16.88 18.85
N THR X 124 -31.02 -15.66 19.21
CA THR X 124 -31.91 -14.53 19.39
C THR X 124 -31.39 -13.30 18.67
N SER X 125 -30.91 -13.48 17.44
CA SER X 125 -30.40 -12.37 16.66
C SER X 125 -31.54 -11.45 16.23
N PRO X 126 -31.27 -10.14 16.10
CA PRO X 126 -32.31 -9.23 15.60
C PRO X 126 -32.73 -9.52 14.17
N ASN X 127 -31.93 -10.26 13.42
CA ASN X 127 -32.21 -10.54 12.01
C ASN X 127 -32.98 -11.83 11.78
N ILE X 128 -33.30 -12.58 12.84
CA ILE X 128 -34.09 -13.79 12.66
C ILE X 128 -35.47 -13.41 12.16
N ASN X 129 -35.98 -14.19 11.21
CA ASN X 129 -37.26 -13.89 10.58
C ASN X 129 -37.91 -15.19 10.14
N GLY X 130 -39.10 -15.08 9.58
CA GLY X 130 -39.85 -16.25 9.16
C GLY X 130 -40.75 -16.74 10.27
N VAL X 131 -40.62 -18.01 10.63
CA VAL X 131 -41.41 -18.61 11.68
C VAL X 131 -40.50 -19.44 12.59
N TRP X 132 -40.95 -19.63 13.81
CA TRP X 132 -40.38 -20.63 14.70
C TRP X 132 -41.38 -21.75 14.88
N VAL X 133 -40.92 -22.89 15.40
CA VAL X 133 -41.71 -24.11 15.39
C VAL X 133 -41.83 -24.67 16.80
N MET X 134 -43.01 -25.18 17.11
CA MET X 134 -43.29 -25.96 18.31
C MET X 134 -43.61 -27.40 17.89
N MET X 135 -43.15 -28.36 18.70
CA MET X 135 -43.37 -29.77 18.42
C MET X 135 -44.53 -30.27 19.28
N CYS X 136 -45.74 -30.18 18.73
CA CYS X 136 -46.94 -30.69 19.39
C CYS X 136 -47.02 -32.18 19.11
N GLY X 137 -46.48 -32.98 20.03
CA GLY X 137 -46.35 -34.40 19.80
C GLY X 137 -45.45 -34.69 18.62
N ASP X 138 -46.01 -35.28 17.57
CA ASP X 138 -45.28 -35.53 16.34
C ASP X 138 -45.57 -34.49 15.26
N GLU X 139 -46.40 -33.49 15.56
CA GLU X 139 -46.76 -32.46 14.59
C GLU X 139 -45.97 -31.18 14.84
N GLN X 140 -45.81 -30.41 13.77
CA GLN X 140 -45.04 -29.18 13.80
C GLN X 140 -45.98 -27.99 13.63
N VAL X 141 -45.99 -27.09 14.60
CA VAL X 141 -46.82 -25.89 14.59
C VAL X 141 -45.92 -24.70 14.37
N GLU X 142 -46.27 -23.85 13.41
CA GLU X 142 -45.45 -22.71 13.03
C GLU X 142 -46.06 -21.42 13.58
N TYR X 143 -45.24 -20.62 14.26
CA TYR X 143 -45.63 -19.36 14.81
C TYR X 143 -44.79 -18.25 14.17
N PRO X 144 -45.41 -17.15 13.72
CA PRO X 144 -44.62 -16.08 13.12
C PRO X 144 -43.65 -15.46 14.11
N LEU X 145 -42.46 -15.13 13.63
CA LEU X 145 -41.43 -14.52 14.46
C LEU X 145 -41.51 -13.01 14.51
N LYS X 146 -42.30 -12.38 13.65
CA LYS X 146 -42.37 -10.92 13.62
C LYS X 146 -42.84 -10.32 14.94
N PRO X 147 -43.92 -10.78 15.57
CA PRO X 147 -44.28 -10.21 16.88
C PRO X 147 -43.22 -10.41 17.95
N ILE X 148 -42.48 -11.53 17.88
CA ILE X 148 -41.47 -11.81 18.88
C ILE X 148 -40.33 -10.81 18.79
N VAL X 149 -39.91 -10.46 17.57
CA VAL X 149 -38.72 -9.64 17.38
C VAL X 149 -39.05 -8.14 17.37
N GLU X 150 -40.18 -7.75 16.78
CA GLU X 150 -40.47 -6.33 16.64
C GLU X 150 -40.88 -5.68 17.95
N ASN X 151 -41.31 -6.45 18.94
CA ASN X 151 -41.76 -5.90 20.21
C ASN X 151 -40.75 -6.08 21.33
N ALA X 152 -39.58 -6.66 21.05
CA ALA X 152 -38.58 -6.92 22.07
C ALA X 152 -37.68 -5.69 22.19
N LYS X 153 -37.75 -5.02 23.34
CA LYS X 153 -36.95 -3.84 23.59
C LYS X 153 -36.11 -4.02 24.85
N PRO X 154 -34.86 -3.56 24.85
CA PRO X 154 -34.15 -2.92 23.74
C PRO X 154 -33.77 -3.90 22.63
N THR X 155 -33.49 -5.16 22.98
CA THR X 155 -33.19 -6.19 22.00
C THR X 155 -33.91 -7.47 22.39
N LEU X 156 -33.97 -8.41 21.45
CA LEU X 156 -34.54 -9.72 21.75
C LEU X 156 -33.66 -10.52 22.71
N ARG X 157 -32.34 -10.33 22.62
CA ARG X 157 -31.43 -11.01 23.53
C ARG X 157 -31.66 -10.56 24.98
N GLN X 158 -31.88 -9.26 25.18
CA GLN X 158 -32.15 -8.76 26.53
C GLN X 158 -33.47 -9.29 27.06
N ILE X 159 -34.47 -9.44 26.19
CA ILE X 159 -35.76 -10.01 26.60
C ILE X 159 -35.58 -11.48 26.98
N MET X 160 -34.92 -12.25 26.13
CA MET X 160 -34.74 -13.67 26.40
C MET X 160 -33.77 -13.95 27.53
N ALA X 161 -32.98 -12.96 27.94
CA ALA X 161 -32.14 -13.11 29.13
C ALA X 161 -32.95 -13.45 30.37
N HIS X 162 -34.23 -13.06 30.40
CA HIS X 162 -35.10 -13.44 31.51
C HIS X 162 -35.32 -14.95 31.57
N PHE X 163 -35.06 -15.67 30.48
CA PHE X 163 -35.26 -17.10 30.39
C PHE X 163 -33.98 -17.89 30.60
N SER X 164 -32.89 -17.24 31.01
CA SER X 164 -31.57 -17.87 30.97
C SER X 164 -31.47 -19.03 31.97
N ASP X 165 -31.91 -18.84 33.23
CA ASP X 165 -31.84 -19.90 34.23
C ASP X 165 -32.70 -21.09 33.84
N VAL X 166 -33.91 -20.82 33.31
CA VAL X 166 -34.78 -21.90 32.89
C VAL X 166 -34.17 -22.64 31.70
N ALA X 167 -33.54 -21.89 30.78
CA ALA X 167 -32.90 -22.52 29.64
C ALA X 167 -31.77 -23.44 30.07
N GLU X 168 -30.95 -22.98 31.01
CA GLU X 168 -29.86 -23.82 31.52
C GLU X 168 -30.40 -25.08 32.20
N ALA X 169 -31.44 -24.92 33.01
CA ALA X 169 -32.04 -26.08 33.67
C ALA X 169 -32.63 -27.05 32.64
N TYR X 170 -33.28 -26.53 31.61
CA TYR X 170 -33.86 -27.37 30.57
C TYR X 170 -32.79 -28.13 29.80
N ILE X 171 -31.67 -27.47 29.50
CA ILE X 171 -30.59 -28.15 28.80
C ILE X 171 -30.00 -29.27 29.66
N GLU X 172 -29.83 -29.03 30.95
CA GLU X 172 -29.35 -30.08 31.83
C GLU X 172 -30.32 -31.25 31.90
N MET X 173 -31.63 -30.93 32.00
CA MET X 173 -32.64 -31.98 32.05
C MET X 173 -32.64 -32.81 30.77
N ARG X 174 -32.56 -32.16 29.61
CA ARG X 174 -32.52 -32.92 28.36
C ARG X 174 -31.26 -33.75 28.25
N ASN X 175 -30.13 -33.23 28.73
CA ASN X 175 -28.89 -34.00 28.71
C ASN X 175 -28.92 -35.17 29.68
N LYS X 176 -29.80 -35.15 30.68
CA LYS X 176 -29.93 -36.31 31.56
C LYS X 176 -30.43 -37.55 30.82
N LYS X 177 -31.15 -37.40 29.71
CA LYS X 177 -31.74 -38.52 29.00
C LYS X 177 -31.11 -38.82 27.65
N GLU X 178 -30.40 -37.89 27.09
CA GLU X 178 -29.77 -38.13 25.79
C GLU X 178 -28.74 -37.03 25.53
N PRO X 179 -27.79 -37.24 24.56
CA PRO X 179 -26.85 -36.16 24.18
C PRO X 179 -27.59 -34.98 23.59
N TYR X 180 -27.51 -33.85 24.27
CA TYR X 180 -28.27 -32.65 23.90
C TYR X 180 -27.35 -31.44 23.99
N MET X 181 -26.71 -31.10 22.88
CA MET X 181 -25.95 -29.87 22.77
C MET X 181 -26.72 -28.89 21.90
N PRO X 182 -27.03 -27.69 22.38
CA PRO X 182 -27.77 -26.74 21.55
C PRO X 182 -27.03 -26.42 20.27
N ARG X 183 -27.81 -26.16 19.21
CA ARG X 183 -27.21 -25.92 17.91
C ARG X 183 -26.24 -24.74 17.94
N TYR X 184 -26.44 -23.80 18.87
CA TYR X 184 -25.47 -22.73 19.05
C TYR X 184 -24.10 -23.29 19.45
N GLY X 185 -24.08 -24.25 20.37
CA GLY X 185 -22.83 -24.87 20.76
C GLY X 185 -22.23 -25.76 19.70
N LEU X 186 -23.05 -26.25 18.77
CA LEU X 186 -22.52 -27.00 17.64
C LEU X 186 -21.89 -26.09 16.60
N VAL X 187 -22.48 -24.90 16.40
CA VAL X 187 -21.87 -23.92 15.51
C VAL X 187 -20.57 -23.39 16.09
N ARG X 188 -20.53 -23.19 17.41
CA ARG X 188 -19.31 -22.71 18.05
C ARG X 188 -18.25 -23.79 18.18
N ASN X 189 -18.57 -25.04 17.83
CA ASN X 189 -17.63 -26.16 17.90
C ASN X 189 -17.10 -26.34 19.31
N LEU X 190 -18.00 -26.26 20.29
CA LEU X 190 -17.62 -26.52 21.68
C LEU X 190 -17.46 -28.03 21.87
N ARG X 191 -16.25 -28.44 22.26
CA ARG X 191 -15.90 -29.85 22.31
C ARG X 191 -16.16 -30.49 23.68
N ASP X 192 -16.72 -29.75 24.63
CA ASP X 192 -17.04 -30.28 25.95
C ASP X 192 -18.56 -30.40 26.08
N GLY X 193 -19.02 -31.61 26.38
CA GLY X 193 -20.45 -31.84 26.53
C GLY X 193 -20.99 -31.40 27.88
N SER X 194 -20.13 -31.33 28.90
CA SER X 194 -20.56 -30.88 30.21
C SER X 194 -20.81 -29.38 30.26
N LEU X 195 -20.39 -28.64 29.24
CA LEU X 195 -20.64 -27.21 29.15
C LEU X 195 -21.82 -26.88 28.26
N ALA X 196 -22.63 -27.88 27.89
CA ALA X 196 -23.76 -27.63 27.01
C ALA X 196 -24.81 -26.72 27.65
N ARG X 197 -24.88 -26.70 28.99
CA ARG X 197 -25.88 -25.91 29.68
C ARG X 197 -25.66 -24.41 29.57
N TYR X 198 -24.50 -23.97 29.08
CA TYR X 198 -24.22 -22.56 28.89
C TYR X 198 -24.07 -22.18 27.42
N ALA X 199 -24.30 -23.11 26.50
CA ALA X 199 -23.98 -22.91 25.09
C ALA X 199 -25.20 -22.38 24.32
N PHE X 200 -25.72 -21.24 24.76
CA PHE X 200 -26.72 -20.50 23.99
C PHE X 200 -26.38 -19.02 24.08
N ASP X 201 -26.83 -18.26 23.09
CA ASP X 201 -26.34 -16.89 22.93
C ASP X 201 -27.03 -15.88 23.83
N PHE X 202 -28.13 -16.24 24.48
CA PHE X 202 -28.78 -15.34 25.44
C PHE X 202 -28.51 -15.74 26.88
N TYR X 203 -27.49 -16.57 27.11
CA TYR X 203 -27.12 -16.93 28.47
C TYR X 203 -26.57 -15.72 29.22
N GLU X 204 -27.02 -15.55 30.47
CA GLU X 204 -26.62 -14.42 31.29
C GLU X 204 -25.61 -14.89 32.32
N VAL X 205 -24.42 -14.31 32.28
CA VAL X 205 -23.36 -14.65 33.24
C VAL X 205 -23.66 -13.97 34.57
N THR X 206 -23.61 -14.74 35.64
CA THR X 206 -23.88 -14.24 36.98
C THR X 206 -22.68 -14.53 37.89
N SER X 207 -22.82 -14.14 39.15
CA SER X 207 -21.76 -14.41 40.13
C SER X 207 -21.66 -15.89 40.49
N ARG X 208 -22.69 -16.68 40.16
CA ARG X 208 -22.69 -18.11 40.43
C ARG X 208 -22.23 -18.94 39.23
N THR X 209 -21.98 -18.32 38.10
CA THR X 209 -21.47 -19.04 36.94
C THR X 209 -20.06 -19.54 37.23
N PRO X 210 -19.77 -20.81 36.98
CA PRO X 210 -18.41 -21.31 37.21
C PRO X 210 -17.39 -20.62 36.33
N VAL X 211 -16.17 -20.50 36.84
CA VAL X 211 -15.12 -19.76 36.14
C VAL X 211 -14.84 -20.38 34.77
N ARG X 212 -14.79 -21.71 34.71
CA ARG X 212 -14.60 -22.39 33.43
C ARG X 212 -15.74 -22.11 32.48
N ALA X 213 -16.98 -22.15 32.98
CA ALA X 213 -18.13 -21.84 32.14
C ALA X 213 -18.09 -20.40 31.66
N ARG X 214 -17.68 -19.47 32.53
CA ARG X 214 -17.56 -18.07 32.13
C ARG X 214 -16.53 -17.90 31.03
N GLU X 215 -15.38 -18.57 31.18
CA GLU X 215 -14.36 -18.50 30.13
C GLU X 215 -14.87 -19.07 28.81
N ALA X 216 -15.55 -20.22 28.87
CA ALA X 216 -16.08 -20.82 27.64
C ALA X 216 -17.11 -19.91 26.98
N HIS X 217 -17.99 -19.32 27.78
CA HIS X 217 -19.01 -18.44 27.21
C HIS X 217 -18.40 -17.20 26.58
N ILE X 218 -17.39 -16.62 27.23
CA ILE X 218 -16.76 -15.42 26.67
C ILE X 218 -16.01 -15.76 25.38
N GLN X 219 -15.34 -16.92 25.35
CA GLN X 219 -14.67 -17.33 24.12
C GLN X 219 -15.68 -17.58 23.00
N MET X 220 -16.83 -18.19 23.33
CA MET X 220 -17.86 -18.41 22.31
C MET X 220 -18.40 -17.10 21.78
N LYS X 221 -18.64 -16.13 22.67
CA LYS X 221 -19.12 -14.82 22.24
C LYS X 221 -18.11 -14.12 21.34
N ALA X 222 -16.82 -14.19 21.71
CA ALA X 222 -15.79 -13.56 20.89
C ALA X 222 -15.68 -14.23 19.52
N ALA X 223 -15.78 -15.56 19.48
CA ALA X 223 -15.72 -16.28 18.21
C ALA X 223 -16.94 -15.95 17.34
N ALA X 224 -18.12 -15.83 17.96
CA ALA X 224 -19.32 -15.57 17.18
C ALA X 224 -19.36 -14.14 16.65
N LEU X 225 -18.95 -13.16 17.46
CA LEU X 225 -19.02 -11.78 17.03
C LEU X 225 -17.93 -11.45 16.02
N LYS X 226 -16.76 -12.06 16.15
CA LYS X 226 -15.62 -11.85 15.23
C LYS X 226 -15.24 -10.38 15.30
N SER X 227 -15.11 -9.69 14.16
CA SER X 227 -14.76 -8.27 14.12
C SER X 227 -15.87 -7.45 13.49
N ALA X 228 -17.12 -7.76 13.84
CA ALA X 228 -18.26 -7.06 13.27
C ALA X 228 -18.29 -5.62 13.78
N GLN X 229 -18.40 -4.67 12.86
CA GLN X 229 -18.46 -3.26 13.18
C GLN X 229 -19.84 -2.71 12.84
N SER X 230 -20.40 -2.01 13.81
CA SER X 230 -21.71 -1.45 13.64
C SER X 230 -21.74 -0.18 12.84
N ARG X 231 -22.68 -0.11 11.94
CA ARG X 231 -22.90 1.10 11.17
C ARG X 231 -24.13 1.81 11.71
N LEU X 232 -24.05 3.14 12.07
CA LEU X 232 -25.15 3.90 12.64
C LEU X 232 -26.23 4.24 11.62
N PHE X 233 -25.89 4.26 10.33
CA PHE X 233 -26.81 4.71 9.30
C PHE X 233 -26.80 3.74 8.12
N GLY X 234 -27.93 3.65 7.45
CA GLY X 234 -28.02 3.04 6.15
C GLY X 234 -28.05 4.08 5.05
N LEU X 235 -28.55 3.67 3.88
CA LEU X 235 -28.71 4.63 2.80
C LEU X 235 -29.81 5.62 3.15
N ASP X 236 -29.54 6.90 2.96
CA ASP X 236 -30.49 7.95 3.31
C ASP X 236 -31.72 7.85 2.42
N GLY X 237 -32.90 8.02 3.03
CA GLY X 237 -34.16 7.90 2.32
C GLY X 237 -34.51 9.06 1.43
N GLY X 238 -33.82 10.19 1.57
CA GLY X 238 -34.02 11.29 0.64
C GLY X 238 -33.39 10.96 -0.70
N ILE X 239 -34.22 10.70 -1.71
CA ILE X 239 -33.70 10.20 -2.99
C ILE X 239 -33.39 11.33 -3.95
N SER X 240 -34.29 12.31 -4.07
CA SER X 240 -34.10 13.37 -5.04
C SER X 240 -32.87 14.20 -4.70
N THR X 241 -32.00 14.38 -5.69
CA THR X 241 -30.82 15.24 -5.56
C THR X 241 -30.87 16.46 -6.46
N GLN X 242 -31.63 16.42 -7.55
CA GLN X 242 -31.74 17.55 -8.45
C GLN X 242 -32.75 18.55 -7.91
N GLU X 243 -32.87 19.69 -8.59
CA GLU X 243 -33.85 20.71 -8.25
C GLU X 243 -35.00 20.65 -9.24
N GLU X 244 -36.21 20.92 -8.75
CA GLU X 244 -37.39 20.86 -9.60
C GLU X 244 -37.32 21.95 -10.68
N ASN X 245 -37.71 21.58 -11.89
CA ASN X 245 -37.74 22.50 -13.02
C ASN X 245 -39.07 23.26 -12.99
N THR X 246 -39.02 24.54 -12.64
CA THR X 246 -40.20 25.38 -12.56
C THR X 246 -40.39 26.25 -13.80
N GLU X 247 -39.53 26.11 -14.80
CA GLU X 247 -39.59 26.99 -15.96
C GLU X 247 -40.79 26.66 -16.84
N ARG X 248 -41.39 27.72 -17.39
CA ARG X 248 -42.52 27.58 -18.30
C ARG X 248 -42.05 27.01 -19.64
N HIS X 249 -43.01 26.64 -20.47
CA HIS X 249 -42.74 26.14 -21.81
C HIS X 249 -43.90 26.55 -22.71
N THR X 250 -43.65 27.46 -23.64
CA THR X 250 -44.68 27.99 -24.53
C THR X 250 -44.37 27.59 -25.97
N THR X 251 -45.36 27.78 -26.84
CA THR X 251 -45.19 27.48 -28.26
C THR X 251 -44.28 28.47 -28.96
N GLU X 252 -43.91 29.57 -28.31
CA GLU X 252 -42.95 30.51 -28.88
C GLU X 252 -41.51 30.06 -28.67
N ASP X 253 -41.27 29.07 -27.82
CA ASP X 253 -39.91 28.61 -27.57
C ASP X 253 -39.32 27.97 -28.80
N VAL X 254 -38.04 28.28 -29.06
CA VAL X 254 -37.37 27.69 -30.21
C VAL X 254 -37.16 26.19 -30.02
N SER X 255 -37.05 25.75 -28.78
CA SER X 255 -36.84 24.34 -28.46
C SER X 255 -37.38 24.09 -27.06
N PRO X 256 -37.56 22.83 -26.68
CA PRO X 256 -38.03 22.54 -25.31
C PRO X 256 -37.08 23.01 -24.22
N SER X 257 -35.82 23.27 -24.53
CA SER X 257 -34.85 23.67 -23.52
C SER X 257 -34.37 25.11 -23.66
N MET X 258 -34.64 25.78 -24.77
CA MET X 258 -34.20 27.15 -24.99
C MET X 258 -35.39 28.00 -25.37
N HIS X 259 -35.57 29.13 -24.68
CA HIS X 259 -36.65 30.04 -25.03
C HIS X 259 -36.38 30.75 -26.35
N THR X 260 -35.17 31.28 -26.52
CA THR X 260 -34.80 31.99 -27.74
C THR X 260 -33.32 31.72 -28.02
N LEU X 261 -32.82 32.37 -29.07
CA LEU X 261 -31.41 32.34 -29.48
C LEU X 261 -30.89 33.76 -29.63
N LEU X 262 -31.12 34.57 -28.59
CA LEU X 262 -31.01 36.03 -28.71
C LEU X 262 -29.64 36.47 -29.21
N GLY X 263 -28.57 36.08 -28.54
CA GLY X 263 -27.28 36.61 -28.95
C GLY X 263 -26.67 35.99 -30.18
N VAL X 264 -27.36 35.03 -30.79
CA VAL X 264 -26.79 34.31 -31.91
C VAL X 264 -26.69 35.14 -33.18
N LYS X 265 -25.53 35.10 -33.79
CA LYS X 265 -25.33 35.79 -35.07
C LYS X 265 -25.17 34.75 -36.17
N ASN X 266 -25.89 34.92 -37.28
CA ASN X 266 -25.83 33.98 -38.40
C ASN X 266 -24.46 34.00 -39.08
N MET X 267 -23.78 35.16 -39.16
CA MET X 267 -22.46 35.25 -39.77
C MET X 267 -21.56 36.20 -38.98
N VAL Y 44 -12.97 -82.32 46.21
CA VAL Y 44 -13.40 -80.96 46.52
C VAL Y 44 -13.96 -80.29 45.27
N PRO Y 45 -14.93 -79.40 45.45
CA PRO Y 45 -15.55 -78.73 44.30
C PRO Y 45 -14.58 -77.80 43.59
N ARG Y 46 -14.82 -77.59 42.31
CA ARG Y 46 -13.99 -76.72 41.48
C ARG Y 46 -14.64 -75.35 41.36
N ILE Y 47 -13.82 -74.32 41.36
CA ILE Y 47 -14.28 -72.93 41.32
C ILE Y 47 -14.46 -72.50 39.87
N LYS Y 48 -15.61 -71.91 39.56
CA LYS Y 48 -15.85 -71.38 38.23
C LYS Y 48 -15.02 -70.13 37.99
N ALA Y 49 -14.60 -69.95 36.73
CA ALA Y 49 -13.77 -68.81 36.37
C ALA Y 49 -14.52 -67.49 36.58
N ILE Y 50 -15.65 -67.33 35.89
CA ILE Y 50 -16.49 -66.15 36.03
C ILE Y 50 -17.82 -66.61 36.63
N THR Y 51 -17.98 -66.37 37.92
CA THR Y 51 -19.17 -66.80 38.65
C THR Y 51 -20.16 -65.64 38.78
N SER Y 52 -21.31 -65.94 39.37
CA SER Y 52 -22.31 -64.92 39.65
C SER Y 52 -22.05 -64.16 40.94
N LYS Y 53 -21.11 -64.64 41.77
CA LYS Y 53 -20.78 -63.92 43.00
C LYS Y 53 -20.17 -62.57 42.69
N MET Y 54 -19.39 -62.52 41.63
CA MET Y 54 -18.77 -61.28 41.21
C MET Y 54 -19.82 -60.37 40.63
N ARG Y 55 -19.56 -59.07 40.70
CA ARG Y 55 -20.51 -58.10 40.18
C ARG Y 55 -20.54 -57.98 38.69
N MET Y 56 -21.74 -58.03 38.14
CA MET Y 56 -21.91 -57.89 36.71
C MET Y 56 -22.61 -56.58 36.38
N PRO Y 57 -22.41 -56.04 35.19
CA PRO Y 57 -23.16 -54.84 34.79
C PRO Y 57 -24.63 -55.17 34.64
N LYS Y 58 -25.47 -54.41 35.33
CA LYS Y 58 -26.90 -54.65 35.37
C LYS Y 58 -27.65 -53.41 34.91
N SER Y 59 -28.73 -53.63 34.16
CA SER Y 59 -29.61 -52.56 33.72
C SER Y 59 -31.05 -52.96 34.00
N LYS Y 60 -31.77 -52.09 34.72
CA LYS Y 60 -33.17 -52.32 35.09
C LYS Y 60 -33.33 -53.65 35.84
N GLY Y 61 -32.40 -53.91 36.76
CA GLY Y 61 -32.48 -55.12 37.57
C GLY Y 61 -32.31 -56.39 36.76
N ALA Y 62 -31.33 -56.41 35.86
CA ALA Y 62 -31.06 -57.59 35.06
C ALA Y 62 -29.65 -57.48 34.50
N THR Y 63 -28.85 -58.54 34.69
CA THR Y 63 -27.49 -58.55 34.16
C THR Y 63 -27.51 -58.46 32.64
N VAL Y 64 -26.60 -57.66 32.09
CA VAL Y 64 -26.56 -57.41 30.67
C VAL Y 64 -25.58 -58.34 29.95
N LEU Y 65 -25.05 -59.35 30.65
CA LEU Y 65 -24.12 -60.29 30.06
C LEU Y 65 -24.68 -61.71 30.15
N ASN Y 66 -24.34 -62.53 29.16
CA ASN Y 66 -24.71 -63.94 29.14
C ASN Y 66 -23.53 -64.74 29.67
N LEU Y 67 -23.64 -65.21 30.91
CA LEU Y 67 -22.50 -65.84 31.58
C LEU Y 67 -22.07 -67.12 30.88
N GLU Y 68 -23.03 -67.96 30.47
CA GLU Y 68 -22.69 -69.23 29.85
C GLU Y 68 -21.96 -69.03 28.52
N HIS Y 69 -22.54 -68.19 27.64
CA HIS Y 69 -21.90 -67.93 26.36
C HIS Y 69 -20.53 -67.30 26.54
N LEU Y 70 -20.41 -66.35 27.48
CA LEU Y 70 -19.13 -65.70 27.73
C LEU Y 70 -18.09 -66.71 28.21
N LEU Y 71 -18.48 -67.61 29.10
CA LEU Y 71 -17.58 -68.67 29.52
C LEU Y 71 -17.20 -69.58 28.36
N GLU Y 72 -18.08 -69.72 27.37
CA GLU Y 72 -17.77 -70.50 26.18
C GLU Y 72 -17.23 -69.66 25.03
N TYR Y 73 -17.12 -68.34 25.18
CA TYR Y 73 -16.68 -67.45 24.11
C TYR Y 73 -15.15 -67.33 24.16
N ALA Y 74 -14.47 -67.92 23.19
CA ALA Y 74 -13.02 -67.90 23.12
C ALA Y 74 -12.56 -67.58 21.69
N PRO Y 75 -12.78 -66.36 21.23
CA PRO Y 75 -12.32 -65.99 19.90
C PRO Y 75 -10.81 -65.85 19.85
N GLN Y 76 -10.25 -66.07 18.65
CA GLN Y 76 -8.84 -65.79 18.43
C GLN Y 76 -8.59 -64.29 18.49
N GLN Y 77 -7.48 -63.92 19.12
CA GLN Y 77 -7.20 -62.50 19.36
C GLN Y 77 -7.02 -61.73 18.06
N ILE Y 78 -6.36 -62.35 17.07
CA ILE Y 78 -6.15 -61.68 15.80
C ILE Y 78 -7.44 -61.54 15.01
N ASP Y 79 -8.48 -62.30 15.36
CA ASP Y 79 -9.76 -62.24 14.64
C ASP Y 79 -10.63 -61.08 15.09
N ILE Y 80 -10.35 -60.47 16.23
CA ILE Y 80 -11.18 -59.40 16.78
C ILE Y 80 -10.41 -58.10 16.97
N SER Y 81 -9.17 -58.04 16.49
CA SER Y 81 -8.38 -56.82 16.58
C SER Y 81 -8.71 -55.89 15.42
N ASN Y 82 -8.62 -54.59 15.66
CA ASN Y 82 -8.90 -53.59 14.64
C ASN Y 82 -7.64 -53.10 13.93
N THR Y 83 -6.48 -53.71 14.22
CA THR Y 83 -5.26 -53.45 13.47
C THR Y 83 -5.13 -54.37 12.27
N ARG Y 84 -6.12 -55.20 12.02
CA ARG Y 84 -6.14 -56.12 10.90
C ARG Y 84 -7.47 -55.96 10.18
N ALA Y 85 -7.43 -55.99 8.85
CA ALA Y 85 -8.66 -55.86 8.07
C ALA Y 85 -9.60 -57.02 8.36
N THR Y 86 -10.90 -56.73 8.33
CA THR Y 86 -11.90 -57.76 8.58
C THR Y 86 -11.91 -58.76 7.43
N GLN Y 87 -12.51 -59.92 7.69
CA GLN Y 87 -12.58 -60.97 6.67
C GLN Y 87 -13.34 -60.49 5.44
N SER Y 88 -14.41 -59.73 5.64
CA SER Y 88 -15.15 -59.19 4.51
C SER Y 88 -14.29 -58.24 3.68
N GLN Y 89 -13.52 -57.38 4.34
CA GLN Y 89 -12.64 -56.47 3.62
C GLN Y 89 -11.55 -57.23 2.88
N PHE Y 90 -11.02 -58.29 3.49
CA PHE Y 90 -10.01 -59.10 2.83
C PHE Y 90 -10.59 -59.79 1.60
N ASP Y 91 -11.80 -60.33 1.71
CA ASP Y 91 -12.44 -60.97 0.56
C ASP Y 91 -12.69 -59.96 -0.55
N THR Y 92 -13.13 -58.75 -0.18
CA THR Y 92 -13.36 -57.72 -1.19
C THR Y 92 -12.06 -57.37 -1.91
N TRP Y 93 -10.97 -57.21 -1.16
CA TRP Y 93 -9.69 -56.89 -1.77
C TRP Y 93 -9.21 -58.02 -2.68
N TYR Y 94 -9.33 -59.27 -2.21
CA TYR Y 94 -8.89 -60.41 -3.00
C TYR Y 94 -9.69 -60.54 -4.29
N GLU Y 95 -11.01 -60.36 -4.21
CA GLU Y 95 -11.85 -60.44 -5.41
C GLU Y 95 -11.52 -59.30 -6.37
N ALA Y 96 -11.30 -58.09 -5.85
CA ALA Y 96 -10.97 -56.97 -6.73
C ALA Y 96 -9.65 -57.19 -7.43
N VAL Y 97 -8.64 -57.71 -6.72
CA VAL Y 97 -7.35 -57.98 -7.34
C VAL Y 97 -7.48 -59.07 -8.39
N GLN Y 98 -8.29 -60.16 -8.12
CA GLN Y 98 -8.56 -61.20 -9.11
C GLN Y 98 -9.18 -60.61 -10.37
N LEU Y 99 -10.15 -59.75 -10.15
CA LEU Y 99 -10.84 -59.15 -11.29
C LEU Y 99 -9.89 -58.28 -12.11
N ALA Y 100 -9.06 -57.49 -11.44
CA ALA Y 100 -8.17 -56.57 -12.15
C ALA Y 100 -7.07 -57.32 -12.90
N TYR Y 101 -6.55 -58.39 -12.29
CA TYR Y 101 -5.46 -59.13 -12.92
C TYR Y 101 -5.93 -60.11 -13.99
N ASP Y 102 -7.22 -60.39 -14.06
CA ASP Y 102 -7.79 -61.34 -15.01
C ASP Y 102 -7.11 -62.71 -14.89
N ILE Y 103 -6.96 -63.16 -13.64
CA ILE Y 103 -6.28 -64.40 -13.31
C ILE Y 103 -7.29 -65.34 -12.68
N GLY Y 104 -7.23 -66.61 -13.07
CA GLY Y 104 -8.13 -67.60 -12.53
C GLY Y 104 -7.83 -67.92 -11.07
N GLU Y 105 -8.78 -68.62 -10.45
CA GLU Y 105 -8.69 -68.95 -9.03
C GLU Y 105 -7.61 -69.99 -8.75
N THR Y 106 -7.02 -70.61 -9.77
CA THR Y 106 -5.97 -71.60 -9.55
C THR Y 106 -4.58 -71.00 -9.60
N GLU Y 107 -4.36 -70.03 -10.48
CA GLU Y 107 -3.06 -69.34 -10.55
C GLU Y 107 -2.97 -68.15 -9.60
N MET Y 108 -4.08 -67.76 -8.98
CA MET Y 108 -4.07 -66.61 -8.08
C MET Y 108 -3.20 -66.81 -6.84
N PRO Y 109 -3.22 -67.97 -6.15
CA PRO Y 109 -2.35 -68.12 -4.97
C PRO Y 109 -0.86 -67.98 -5.27
N THR Y 110 -0.41 -68.34 -6.46
CA THR Y 110 1.00 -68.13 -6.80
C THR Y 110 1.33 -66.65 -6.86
N VAL Y 111 0.44 -65.85 -7.47
CA VAL Y 111 0.61 -64.41 -7.50
C VAL Y 111 0.57 -63.85 -6.09
N MET Y 112 -0.27 -64.43 -5.23
CA MET Y 112 -0.32 -64.00 -3.83
C MET Y 112 0.99 -64.30 -3.11
N ASN Y 113 1.58 -65.46 -3.37
CA ASN Y 113 2.88 -65.77 -2.80
C ASN Y 113 3.93 -64.75 -3.23
N GLY Y 114 3.99 -64.46 -4.52
CA GLY Y 114 4.93 -63.47 -5.01
C GLY Y 114 4.72 -62.10 -4.38
N LEU Y 115 3.45 -61.68 -4.28
CA LEU Y 115 3.15 -60.38 -3.69
C LEU Y 115 3.52 -60.34 -2.21
N MET Y 116 3.29 -61.43 -1.48
CA MET Y 116 3.68 -61.47 -0.07
C MET Y 116 5.18 -61.35 0.09
N VAL Y 117 5.96 -62.04 -0.74
CA VAL Y 117 7.41 -61.93 -0.65
C VAL Y 117 7.88 -60.53 -1.00
N TRP Y 118 7.30 -59.95 -2.06
CA TRP Y 118 7.65 -58.59 -2.46
C TRP Y 118 7.32 -57.59 -1.35
N CYS Y 119 6.19 -57.78 -0.66
CA CYS Y 119 5.81 -56.87 0.41
C CYS Y 119 6.67 -57.06 1.64
N ILE Y 120 7.14 -58.29 1.89
CA ILE Y 120 8.14 -58.49 2.93
C ILE Y 120 9.37 -57.65 2.63
N GLU Y 121 9.80 -57.66 1.38
CA GLU Y 121 11.03 -56.94 1.02
C GLU Y 121 10.84 -55.42 1.05
N ASN Y 122 9.75 -54.92 0.48
CA ASN Y 122 9.65 -53.51 0.14
C ASN Y 122 8.58 -52.75 0.90
N GLY Y 123 7.86 -53.40 1.81
CA GLY Y 123 6.88 -52.70 2.63
C GLY Y 123 5.52 -52.58 1.98
N THR Y 124 4.59 -52.02 2.75
CA THR Y 124 3.19 -51.91 2.37
C THR Y 124 2.67 -50.50 2.59
N SER Y 125 3.47 -49.50 2.21
CA SER Y 125 3.07 -48.12 2.36
C SER Y 125 1.94 -47.77 1.38
N PRO Y 126 1.04 -46.86 1.76
CA PRO Y 126 0.00 -46.43 0.82
C PRO Y 126 0.54 -45.73 -0.41
N ASN Y 127 1.78 -45.24 -0.36
CA ASN Y 127 2.37 -44.48 -1.45
C ASN Y 127 3.14 -45.33 -2.44
N ILE Y 128 3.25 -46.64 -2.21
CA ILE Y 128 3.94 -47.50 -3.17
C ILE Y 128 3.18 -47.50 -4.47
N ASN Y 129 3.91 -47.44 -5.58
CA ASN Y 129 3.30 -47.35 -6.90
C ASN Y 129 4.23 -48.00 -7.91
N GLY Y 130 3.79 -48.04 -9.16
CA GLY Y 130 4.56 -48.68 -10.22
C GLY Y 130 4.16 -50.13 -10.35
N VAL Y 131 5.14 -51.01 -10.29
CA VAL Y 131 4.91 -52.45 -10.40
C VAL Y 131 5.68 -53.16 -9.31
N TRP Y 132 5.21 -54.36 -8.98
CA TRP Y 132 5.97 -55.31 -8.19
C TRP Y 132 6.37 -56.46 -9.09
N VAL Y 133 7.33 -57.28 -8.63
CA VAL Y 133 7.97 -58.25 -9.50
C VAL Y 133 7.90 -59.63 -8.85
N MET Y 134 7.67 -60.63 -9.71
CA MET Y 134 7.77 -62.04 -9.36
C MET Y 134 8.94 -62.65 -10.13
N MET Y 135 9.65 -63.57 -9.48
CA MET Y 135 10.81 -64.22 -10.08
C MET Y 135 10.39 -65.59 -10.58
N CYS Y 136 9.96 -65.66 -11.84
CA CYS Y 136 9.60 -66.91 -12.49
C CYS Y 136 10.89 -67.56 -13.00
N GLY Y 137 11.46 -68.43 -12.18
CA GLY Y 137 12.77 -68.98 -12.48
C GLY Y 137 13.82 -67.90 -12.52
N ASP Y 138 14.42 -67.68 -13.70
CA ASP Y 138 15.38 -66.62 -13.89
C ASP Y 138 14.77 -65.38 -14.55
N GLU Y 139 13.47 -65.40 -14.84
CA GLU Y 139 12.81 -64.30 -15.50
C GLU Y 139 12.03 -63.45 -14.50
N GLN Y 140 11.84 -62.19 -14.85
CA GLN Y 140 11.17 -61.21 -13.99
C GLN Y 140 9.83 -60.84 -14.61
N VAL Y 141 8.75 -61.08 -13.87
CA VAL Y 141 7.39 -60.77 -14.32
C VAL Y 141 6.90 -59.57 -13.52
N GLU Y 142 6.38 -58.56 -14.21
CA GLU Y 142 5.95 -57.32 -13.56
C GLU Y 142 4.43 -57.28 -13.48
N TYR Y 143 3.92 -57.02 -12.28
CA TYR Y 143 2.50 -56.88 -12.02
C TYR Y 143 2.20 -55.47 -11.54
N PRO Y 144 1.19 -54.80 -12.08
CA PRO Y 144 0.86 -53.45 -11.61
C PRO Y 144 0.46 -53.45 -10.15
N LEU Y 145 0.89 -52.41 -9.44
CA LEU Y 145 0.58 -52.27 -8.02
C LEU Y 145 -0.71 -51.51 -7.77
N LYS Y 146 -1.29 -50.87 -8.78
CA LYS Y 146 -2.51 -50.09 -8.59
C LYS Y 146 -3.67 -50.92 -8.06
N PRO Y 147 -4.01 -52.08 -8.63
CA PRO Y 147 -5.10 -52.88 -8.04
C PRO Y 147 -4.82 -53.32 -6.62
N ILE Y 148 -3.55 -53.58 -6.28
CA ILE Y 148 -3.21 -54.04 -4.94
C ILE Y 148 -3.47 -52.96 -3.90
N VAL Y 149 -3.15 -51.71 -4.24
CA VAL Y 149 -3.21 -50.63 -3.26
C VAL Y 149 -4.58 -49.96 -3.25
N GLU Y 150 -5.21 -49.77 -4.41
CA GLU Y 150 -6.46 -49.02 -4.45
C GLU Y 150 -7.65 -49.79 -3.88
N ASN Y 151 -7.54 -51.12 -3.78
CA ASN Y 151 -8.64 -51.94 -3.29
C ASN Y 151 -8.43 -52.42 -1.86
N ALA Y 152 -7.33 -52.04 -1.22
CA ALA Y 152 -7.02 -52.51 0.12
C ALA Y 152 -7.65 -51.57 1.13
N LYS Y 153 -8.63 -52.07 1.88
CA LYS Y 153 -9.33 -51.28 2.87
C LYS Y 153 -9.24 -51.95 4.23
N PRO Y 154 -9.04 -51.17 5.30
CA PRO Y 154 -8.85 -49.72 5.33
C PRO Y 154 -7.49 -49.29 4.80
N THR Y 155 -6.45 -50.11 4.99
CA THR Y 155 -5.12 -49.83 4.46
C THR Y 155 -4.55 -51.11 3.87
N LEU Y 156 -3.47 -50.96 3.11
CA LEU Y 156 -2.77 -52.13 2.59
C LEU Y 156 -2.05 -52.88 3.69
N ARG Y 157 -1.57 -52.17 4.71
CA ARG Y 157 -0.92 -52.83 5.83
C ARG Y 157 -1.89 -53.74 6.59
N GLN Y 158 -3.12 -53.28 6.78
CA GLN Y 158 -4.13 -54.10 7.45
C GLN Y 158 -4.49 -55.33 6.63
N ILE Y 159 -4.51 -55.19 5.30
CA ILE Y 159 -4.77 -56.33 4.43
C ILE Y 159 -3.63 -57.33 4.50
N MET Y 160 -2.39 -56.85 4.39
CA MET Y 160 -1.24 -57.74 4.41
C MET Y 160 -0.96 -58.31 5.80
N ALA Y 161 -1.55 -57.75 6.85
CA ALA Y 161 -1.46 -58.35 8.18
C ALA Y 161 -1.99 -59.77 8.21
N HIS Y 162 -2.89 -60.12 7.28
CA HIS Y 162 -3.36 -61.50 7.19
C HIS Y 162 -2.25 -62.45 6.77
N PHE Y 163 -1.17 -61.93 6.19
CA PHE Y 163 -0.05 -62.74 5.72
C PHE Y 163 1.11 -62.78 6.70
N SER Y 164 0.92 -62.27 7.92
CA SER Y 164 2.06 -62.03 8.81
C SER Y 164 2.70 -63.34 9.26
N ASP Y 165 1.90 -64.35 9.69
CA ASP Y 165 2.45 -65.62 10.14
C ASP Y 165 3.18 -66.34 9.00
N VAL Y 166 2.59 -66.32 7.79
CA VAL Y 166 3.23 -66.96 6.66
C VAL Y 166 4.52 -66.23 6.30
N ALA Y 167 4.52 -64.89 6.40
CA ALA Y 167 5.72 -64.13 6.11
C ALA Y 167 6.84 -64.47 7.09
N GLU Y 168 6.51 -64.57 8.38
CA GLU Y 168 7.51 -64.94 9.37
C GLU Y 168 8.06 -66.34 9.11
N ALA Y 169 7.18 -67.29 8.79
CA ALA Y 169 7.62 -68.65 8.49
C ALA Y 169 8.51 -68.67 7.25
N TYR Y 170 8.15 -67.90 6.22
CA TYR Y 170 8.94 -67.84 5.00
C TYR Y 170 10.31 -67.24 5.26
N ILE Y 171 10.39 -66.20 6.08
CA ILE Y 171 11.69 -65.60 6.39
C ILE Y 171 12.56 -66.60 7.14
N GLU Y 172 12.00 -67.34 8.08
CA GLU Y 172 12.77 -68.35 8.78
C GLU Y 172 13.26 -69.43 7.83
N MET Y 173 12.36 -69.88 6.93
CA MET Y 173 12.75 -70.90 5.97
C MET Y 173 13.88 -70.43 5.07
N ARG Y 174 13.79 -69.20 4.56
CA ARG Y 174 14.85 -68.67 3.71
C ARG Y 174 16.15 -68.52 4.48
N ASN Y 175 16.08 -68.11 5.76
CA ASN Y 175 17.28 -68.01 6.56
C ASN Y 175 17.89 -69.35 6.90
N LYS Y 176 17.12 -70.45 6.79
CA LYS Y 176 17.70 -71.76 6.99
C LYS Y 176 18.75 -72.11 5.94
N LYS Y 177 18.68 -71.51 4.74
CA LYS Y 177 19.60 -71.85 3.66
C LYS Y 177 20.59 -70.76 3.31
N GLU Y 178 20.35 -69.56 3.70
CA GLU Y 178 21.27 -68.46 3.39
C GLU Y 178 20.94 -67.26 4.27
N PRO Y 179 21.88 -66.27 4.40
CA PRO Y 179 21.56 -65.02 5.12
C PRO Y 179 20.46 -64.25 4.40
N TYR Y 180 19.32 -64.10 5.09
CA TYR Y 180 18.13 -63.50 4.49
C TYR Y 180 17.52 -62.52 5.50
N MET Y 181 17.93 -61.26 5.41
CA MET Y 181 17.30 -60.20 6.18
C MET Y 181 16.46 -59.35 5.24
N PRO Y 182 15.16 -59.20 5.50
CA PRO Y 182 14.32 -58.38 4.61
C PRO Y 182 14.85 -56.97 4.51
N ARG Y 183 14.66 -56.37 3.32
CA ARG Y 183 15.18 -55.03 3.06
C ARG Y 183 14.65 -54.02 4.06
N TYR Y 184 13.46 -54.27 4.63
CA TYR Y 184 12.96 -53.43 5.71
C TYR Y 184 13.91 -53.44 6.90
N GLY Y 185 14.38 -54.63 7.28
CA GLY Y 185 15.32 -54.73 8.39
C GLY Y 185 16.70 -54.19 8.07
N LEU Y 186 17.05 -54.12 6.79
CA LEU Y 186 18.30 -53.48 6.39
C LEU Y 186 18.19 -51.96 6.45
N VAL Y 187 17.02 -51.42 6.10
CA VAL Y 187 16.81 -49.98 6.23
C VAL Y 187 16.76 -49.58 7.69
N ARG Y 188 16.15 -50.41 8.54
CA ARG Y 188 16.09 -50.12 9.97
C ARG Y 188 17.42 -50.36 10.69
N ASN Y 189 18.42 -50.90 9.98
CA ASN Y 189 19.74 -51.17 10.55
C ASN Y 189 19.64 -52.09 11.77
N LEU Y 190 18.83 -53.12 11.66
CA LEU Y 190 18.73 -54.13 12.72
C LEU Y 190 19.96 -55.02 12.68
N ARG Y 191 20.71 -55.02 13.78
CA ARG Y 191 22.02 -55.68 13.83
C ARG Y 191 21.94 -57.13 14.30
N ASP Y 192 20.75 -57.66 14.55
CA ASP Y 192 20.58 -59.04 14.99
C ASP Y 192 19.95 -59.83 13.84
N GLY Y 193 20.63 -60.90 13.42
CA GLY Y 193 20.10 -61.72 12.35
C GLY Y 193 19.04 -62.70 12.80
N SER Y 194 19.00 -63.04 14.08
CA SER Y 194 17.99 -63.94 14.60
C SER Y 194 16.63 -63.27 14.71
N LEU Y 195 16.57 -61.95 14.59
CA LEU Y 195 15.31 -61.22 14.60
C LEU Y 195 14.81 -60.88 13.21
N ALA Y 196 15.39 -61.48 12.17
CA ALA Y 196 14.98 -61.18 10.80
C ALA Y 196 13.54 -61.59 10.53
N ARG Y 197 13.03 -62.58 11.27
CA ARG Y 197 11.68 -63.08 11.03
C ARG Y 197 10.59 -62.09 11.41
N TYR Y 198 10.92 -61.01 12.12
CA TYR Y 198 9.97 -59.99 12.50
C TYR Y 198 10.23 -58.66 11.82
N ALA Y 199 11.21 -58.58 10.94
CA ALA Y 199 11.68 -57.30 10.39
C ALA Y 199 10.97 -56.97 9.08
N PHE Y 200 9.64 -56.89 9.14
CA PHE Y 200 8.86 -56.34 8.05
C PHE Y 200 7.76 -55.46 8.63
N ASP Y 201 7.27 -54.51 7.84
CA ASP Y 201 6.43 -53.45 8.39
C ASP Y 201 4.97 -53.85 8.57
N PHE Y 202 4.54 -54.99 8.02
CA PHE Y 202 3.18 -55.46 8.24
C PHE Y 202 3.13 -56.62 9.22
N TYR Y 203 4.18 -56.81 10.01
CA TYR Y 203 4.17 -57.85 11.03
C TYR Y 203 3.17 -57.52 12.13
N GLU Y 204 2.40 -58.51 12.53
CA GLU Y 204 1.36 -58.34 13.54
C GLU Y 204 1.85 -58.93 14.87
N VAL Y 205 1.93 -58.09 15.89
CA VAL Y 205 2.36 -58.53 17.21
C VAL Y 205 1.20 -59.25 17.88
N THR Y 206 1.47 -60.43 18.41
CA THR Y 206 0.48 -61.26 19.09
C THR Y 206 0.94 -61.57 20.50
N SER Y 207 0.13 -62.35 21.21
CA SER Y 207 0.49 -62.76 22.56
C SER Y 207 1.61 -63.78 22.57
N ARG Y 208 1.92 -64.40 21.43
CA ARG Y 208 2.98 -65.37 21.32
C ARG Y 208 4.29 -64.76 20.82
N THR Y 209 4.29 -63.48 20.47
CA THR Y 209 5.53 -62.82 20.05
C THR Y 209 6.48 -62.71 21.24
N PRO Y 210 7.74 -63.11 21.09
CA PRO Y 210 8.68 -62.98 22.20
C PRO Y 210 8.89 -61.53 22.60
N VAL Y 211 9.16 -61.33 23.90
CA VAL Y 211 9.28 -59.98 24.44
C VAL Y 211 10.39 -59.20 23.75
N ARG Y 212 11.53 -59.86 23.50
CA ARG Y 212 12.62 -59.21 22.78
C ARG Y 212 12.21 -58.85 21.36
N ALA Y 213 11.50 -59.74 20.68
CA ALA Y 213 11.00 -59.44 19.34
C ALA Y 213 10.02 -58.30 19.36
N ARG Y 214 9.14 -58.26 20.37
CA ARG Y 214 8.19 -57.16 20.49
C ARG Y 214 8.90 -55.83 20.69
N GLU Y 215 9.92 -55.82 21.54
CA GLU Y 215 10.70 -54.60 21.75
C GLU Y 215 11.38 -54.15 20.47
N ALA Y 216 12.00 -55.10 19.75
CA ALA Y 216 12.68 -54.75 18.51
C ALA Y 216 11.70 -54.20 17.47
N HIS Y 217 10.53 -54.83 17.35
CA HIS Y 217 9.54 -54.37 16.39
C HIS Y 217 9.02 -52.98 16.73
N ILE Y 218 8.78 -52.73 18.02
CA ILE Y 218 8.28 -51.41 18.40
C ILE Y 218 9.35 -50.34 18.18
N GLN Y 219 10.61 -50.66 18.48
CA GLN Y 219 11.68 -49.72 18.19
C GLN Y 219 11.82 -49.44 16.70
N MET Y 220 11.69 -50.48 15.87
CA MET Y 220 11.75 -50.29 14.42
C MET Y 220 10.61 -49.42 13.93
N LYS Y 221 9.40 -49.64 14.44
CA LYS Y 221 8.26 -48.83 14.06
C LYS Y 221 8.46 -47.36 14.46
N ALA Y 222 8.97 -47.14 15.67
CA ALA Y 222 9.22 -45.77 16.13
C ALA Y 222 10.28 -45.09 15.28
N ALA Y 223 11.35 -45.82 14.93
CA ALA Y 223 12.40 -45.25 14.09
C ALA Y 223 11.88 -44.95 12.69
N ALA Y 224 11.03 -45.82 12.14
CA ALA Y 224 10.54 -45.62 10.78
C ALA Y 224 9.54 -44.48 10.72
N LEU Y 225 8.64 -44.37 11.69
CA LEU Y 225 7.63 -43.32 11.65
C LEU Y 225 8.20 -41.95 11.97
N LYS Y 226 9.20 -41.90 12.85
CA LYS Y 226 9.86 -40.65 13.25
C LYS Y 226 8.80 -39.73 13.86
N SER Y 227 8.70 -38.48 13.43
CA SER Y 227 7.71 -37.54 13.95
C SER Y 227 6.75 -37.09 12.86
N ALA Y 228 6.32 -38.03 12.02
CA ALA Y 228 5.42 -37.71 10.93
C ALA Y 228 4.05 -37.32 11.46
N GLN Y 229 3.54 -36.17 11.01
CA GLN Y 229 2.24 -35.66 11.42
C GLN Y 229 1.29 -35.70 10.23
N SER Y 230 0.12 -36.26 10.50
CA SER Y 230 -0.88 -36.37 9.46
C SER Y 230 -1.65 -35.12 9.22
N ARG Y 231 -1.83 -34.82 7.96
CA ARG Y 231 -2.65 -33.68 7.55
C ARG Y 231 -3.98 -34.21 7.03
N LEU Y 232 -5.16 -33.73 7.56
CA LEU Y 232 -6.48 -34.17 7.18
C LEU Y 232 -6.89 -33.70 5.79
N PHE Y 233 -6.31 -32.61 5.31
CA PHE Y 233 -6.74 -32.00 4.06
C PHE Y 233 -5.52 -31.66 3.20
N GLY Y 234 -5.73 -31.68 1.90
CA GLY Y 234 -4.82 -31.11 0.94
C GLY Y 234 -5.30 -29.75 0.47
N LEU Y 235 -4.78 -29.32 -0.68
CA LEU Y 235 -5.26 -28.08 -1.28
C LEU Y 235 -6.70 -28.26 -1.75
N ASP Y 236 -7.57 -27.32 -1.40
CA ASP Y 236 -8.96 -27.40 -1.75
C ASP Y 236 -9.14 -27.32 -3.26
N GLY Y 237 -10.04 -28.16 -3.80
CA GLY Y 237 -10.25 -28.23 -5.23
C GLY Y 237 -11.06 -27.09 -5.81
N GLY Y 238 -11.73 -26.30 -4.97
CA GLY Y 238 -12.39 -25.10 -5.47
C GLY Y 238 -11.37 -24.05 -5.83
N ILE Y 239 -11.18 -23.79 -7.12
CA ILE Y 239 -10.10 -22.92 -7.56
C ILE Y 239 -10.54 -21.47 -7.66
N SER Y 240 -11.70 -21.22 -8.25
CA SER Y 240 -12.16 -19.86 -8.49
C SER Y 240 -12.39 -19.14 -7.16
N THR Y 241 -11.80 -17.96 -7.01
CA THR Y 241 -12.00 -17.11 -5.86
C THR Y 241 -12.72 -15.81 -6.19
N GLN Y 242 -12.64 -15.35 -7.44
CA GLN Y 242 -13.31 -14.13 -7.86
C GLN Y 242 -14.79 -14.40 -8.14
N GLU Y 243 -15.54 -13.34 -8.41
CA GLU Y 243 -16.94 -13.43 -8.80
C GLU Y 243 -17.06 -13.22 -10.30
N GLU Y 244 -18.00 -13.94 -10.91
CA GLU Y 244 -18.20 -13.83 -12.35
C GLU Y 244 -18.68 -12.45 -12.73
N ASN Y 245 -18.13 -11.91 -13.81
CA ASN Y 245 -18.51 -10.60 -14.33
C ASN Y 245 -19.75 -10.77 -15.21
N THR Y 246 -20.89 -10.31 -14.73
CA THR Y 246 -22.15 -10.41 -15.46
C THR Y 246 -22.51 -9.11 -16.17
N GLU Y 247 -21.66 -8.09 -16.11
CA GLU Y 247 -22.00 -6.80 -16.67
C GLU Y 247 -21.97 -6.82 -18.19
N ARG Y 248 -22.91 -6.11 -18.79
CA ARG Y 248 -23.00 -5.98 -20.23
C ARG Y 248 -21.85 -5.13 -20.77
N HIS Y 249 -21.70 -5.12 -22.09
CA HIS Y 249 -20.70 -4.28 -22.75
C HIS Y 249 -21.25 -3.90 -24.11
N THR Y 250 -21.56 -2.61 -24.29
CA THR Y 250 -22.14 -2.11 -25.52
C THR Y 250 -21.18 -1.15 -26.20
N THR Y 251 -21.49 -0.82 -27.46
CA THR Y 251 -20.67 0.12 -28.22
C THR Y 251 -20.82 1.56 -27.72
N GLU Y 252 -21.78 1.83 -26.85
CA GLU Y 252 -21.91 3.15 -26.25
C GLU Y 252 -20.96 3.35 -25.08
N ASP Y 253 -20.34 2.29 -24.57
CA ASP Y 253 -19.44 2.43 -23.44
C ASP Y 253 -18.21 3.22 -23.82
N VAL Y 254 -17.80 4.12 -22.91
CA VAL Y 254 -16.60 4.92 -23.15
C VAL Y 254 -15.35 4.06 -23.16
N SER Y 255 -15.36 2.95 -22.43
CA SER Y 255 -14.22 2.04 -22.35
C SER Y 255 -14.75 0.66 -21.99
N PRO Y 256 -13.93 -0.39 -22.15
CA PRO Y 256 -14.39 -1.72 -21.77
C PRO Y 256 -14.72 -1.88 -20.29
N SER Y 257 -14.25 -0.98 -19.43
CA SER Y 257 -14.49 -1.10 -18.00
C SER Y 257 -15.40 -0.03 -17.43
N MET Y 258 -15.69 1.04 -18.18
CA MET Y 258 -16.54 2.13 -17.70
C MET Y 258 -17.65 2.38 -18.71
N HIS Y 259 -18.89 2.41 -18.23
CA HIS Y 259 -20.01 2.71 -19.11
C HIS Y 259 -20.00 4.17 -19.54
N THR Y 260 -19.83 5.08 -18.60
CA THR Y 260 -19.81 6.51 -18.89
C THR Y 260 -18.83 7.19 -17.94
N LEU Y 261 -18.76 8.51 -18.03
CA LEU Y 261 -17.96 9.38 -17.17
C LEU Y 261 -18.83 10.47 -16.58
N LEU Y 262 -19.97 10.06 -15.99
CA LEU Y 262 -21.06 10.98 -15.71
C LEU Y 262 -20.62 12.16 -14.83
N GLY Y 263 -20.05 11.90 -13.68
CA GLY Y 263 -19.75 13.03 -12.81
C GLY Y 263 -18.54 13.83 -13.17
N VAL Y 264 -17.87 13.48 -14.24
CA VAL Y 264 -16.63 14.15 -14.59
C VAL Y 264 -16.81 15.56 -15.11
N LYS Y 265 -16.05 16.47 -14.56
CA LYS Y 265 -16.06 17.87 -15.02
C LYS Y 265 -14.76 18.16 -15.75
N ASN Y 266 -14.84 18.76 -16.93
CA ASN Y 266 -13.65 19.10 -17.72
C ASN Y 266 -12.81 20.18 -17.03
N MET Y 267 -13.42 21.15 -16.33
CA MET Y 267 -12.68 22.19 -15.62
C MET Y 267 -13.31 22.51 -14.28
N VAL Z 44 -37.45 -46.89 -14.64
CA VAL Z 44 -38.20 -45.70 -14.25
C VAL Z 44 -38.66 -44.95 -15.48
N PRO Z 45 -39.83 -44.31 -15.39
CA PRO Z 45 -40.37 -43.57 -16.55
C PRO Z 45 -39.51 -42.38 -16.91
N ARG Z 46 -39.57 -42.00 -18.19
CA ARG Z 46 -38.82 -40.88 -18.72
C ARG Z 46 -39.73 -39.64 -18.78
N ILE Z 47 -39.15 -38.49 -18.49
CA ILE Z 47 -39.90 -37.24 -18.44
C ILE Z 47 -39.91 -36.61 -19.82
N LYS Z 48 -41.09 -36.18 -20.28
CA LYS Z 48 -41.20 -35.50 -21.55
C LYS Z 48 -40.64 -34.09 -21.46
N ALA Z 49 -40.06 -33.64 -22.58
CA ALA Z 49 -39.44 -32.31 -22.61
C ALA Z 49 -40.49 -31.22 -22.39
N ILE Z 50 -41.48 -31.15 -23.27
CA ILE Z 50 -42.58 -30.19 -23.15
C ILE Z 50 -43.84 -30.98 -22.87
N THR Z 51 -44.28 -30.99 -21.63
CA THR Z 51 -45.45 -31.75 -21.21
C THR Z 51 -46.68 -30.83 -21.13
N SER Z 52 -47.82 -31.43 -20.82
CA SER Z 52 -49.04 -30.67 -20.62
C SER Z 52 -49.17 -30.11 -19.20
N LYS Z 53 -48.31 -30.54 -18.28
CA LYS Z 53 -48.35 -29.99 -16.93
C LYS Z 53 -47.99 -28.51 -16.93
N MET Z 54 -47.06 -28.15 -17.80
CA MET Z 54 -46.67 -26.76 -17.93
C MET Z 54 -47.78 -25.97 -18.58
N ARG Z 55 -47.82 -24.68 -18.29
CA ARG Z 55 -48.85 -23.82 -18.86
C ARG Z 55 -48.66 -23.47 -20.31
N MET Z 56 -49.70 -23.65 -21.08
CA MET Z 56 -49.65 -23.31 -22.49
C MET Z 56 -50.55 -22.11 -22.77
N PRO Z 57 -50.28 -21.35 -23.83
CA PRO Z 57 -51.18 -20.25 -24.20
C PRO Z 57 -52.51 -20.83 -24.69
N LYS Z 58 -53.60 -20.37 -24.08
CA LYS Z 58 -54.93 -20.88 -24.36
C LYS Z 58 -55.84 -19.74 -24.79
N SER Z 59 -56.70 -20.02 -25.77
CA SER Z 59 -57.71 -19.07 -26.23
C SER Z 59 -59.05 -19.77 -26.29
N LYS Z 60 -60.05 -19.18 -25.63
CA LYS Z 60 -61.41 -19.73 -25.56
C LYS Z 60 -61.40 -21.17 -25.04
N GLY Z 61 -60.62 -21.40 -24.00
CA GLY Z 61 -60.57 -22.72 -23.39
C GLY Z 61 -59.99 -23.79 -24.30
N ALA Z 62 -58.90 -23.48 -24.99
CA ALA Z 62 -58.24 -24.44 -25.86
C ALA Z 62 -56.82 -23.98 -26.10
N THR Z 63 -55.86 -24.88 -25.91
CA THR Z 63 -54.47 -24.56 -26.16
C THR Z 63 -54.25 -24.23 -27.63
N VAL Z 64 -53.45 -23.19 -27.87
CA VAL Z 64 -53.22 -22.69 -29.22
C VAL Z 64 -51.96 -23.29 -29.84
N LEU Z 65 -51.35 -24.29 -29.19
CA LEU Z 65 -50.17 -24.94 -29.70
C LEU Z 65 -50.42 -26.42 -29.90
N ASN Z 66 -49.74 -27.00 -30.90
CA ASN Z 66 -49.80 -28.42 -31.18
C ASN Z 66 -48.58 -29.07 -30.54
N LEU Z 67 -48.80 -29.76 -29.42
CA LEU Z 67 -47.67 -30.26 -28.62
C LEU Z 67 -46.87 -31.31 -29.37
N GLU Z 68 -47.55 -32.22 -30.07
CA GLU Z 68 -46.84 -33.30 -30.77
C GLU Z 68 -45.97 -32.74 -31.89
N HIS Z 69 -46.54 -31.89 -32.74
CA HIS Z 69 -45.78 -31.31 -33.83
C HIS Z 69 -44.62 -30.48 -33.31
N LEU Z 70 -44.86 -29.69 -32.25
CA LEU Z 70 -43.81 -28.87 -31.67
C LEU Z 70 -42.67 -29.73 -31.13
N LEU Z 71 -43.01 -30.83 -30.46
CA LEU Z 71 -41.98 -31.76 -30.00
C LEU Z 71 -41.23 -32.37 -31.17
N GLU Z 72 -41.89 -32.50 -32.33
CA GLU Z 72 -41.22 -33.00 -33.52
C GLU Z 72 -40.69 -31.90 -34.43
N TYR Z 73 -40.88 -30.63 -34.08
CA TYR Z 73 -40.47 -29.51 -34.92
C TYR Z 73 -39.05 -29.11 -34.56
N ALA Z 74 -38.10 -29.41 -35.44
CA ALA Z 74 -36.68 -29.10 -35.22
C ALA Z 74 -36.08 -28.46 -36.48
N PRO Z 75 -36.47 -27.23 -36.81
CA PRO Z 75 -35.88 -26.57 -37.97
C PRO Z 75 -34.45 -26.15 -37.70
N GLN Z 76 -33.67 -26.07 -38.78
CA GLN Z 76 -32.32 -25.50 -38.68
C GLN Z 76 -32.42 -24.01 -38.38
N GLN Z 77 -31.53 -23.54 -37.50
CA GLN Z 77 -31.61 -22.16 -37.02
C GLN Z 77 -31.37 -21.17 -38.15
N ILE Z 78 -30.44 -21.48 -39.06
CA ILE Z 78 -30.17 -20.57 -40.18
C ILE Z 78 -31.32 -20.55 -41.18
N ASP Z 79 -32.21 -21.55 -41.15
CA ASP Z 79 -33.32 -21.60 -42.08
C ASP Z 79 -34.50 -20.71 -41.68
N ILE Z 80 -34.55 -20.25 -40.43
CA ILE Z 80 -35.66 -19.47 -39.92
C ILE Z 80 -35.23 -18.10 -39.41
N SER Z 81 -33.97 -17.73 -39.63
CA SER Z 81 -33.49 -16.41 -39.23
C SER Z 81 -33.80 -15.39 -40.31
N ASN Z 82 -34.03 -14.15 -39.89
CA ASN Z 82 -34.34 -13.06 -40.80
C ASN Z 82 -33.12 -12.24 -41.17
N THR Z 83 -31.93 -12.66 -40.75
CA THR Z 83 -30.67 -12.06 -41.19
C THR Z 83 -30.15 -12.73 -42.46
N ARG Z 84 -30.89 -13.68 -43.00
CA ARG Z 84 -30.53 -14.38 -44.22
C ARG Z 84 -31.72 -14.35 -45.16
N ALA Z 85 -31.45 -14.15 -46.45
CA ALA Z 85 -32.52 -14.12 -47.42
C ALA Z 85 -33.24 -15.47 -47.48
N THR Z 86 -34.54 -15.43 -47.73
CA THR Z 86 -35.32 -16.65 -47.83
C THR Z 86 -34.93 -17.43 -49.07
N GLN Z 87 -35.31 -18.71 -49.09
CA GLN Z 87 -34.98 -19.56 -50.21
C GLN Z 87 -35.60 -19.04 -51.50
N SER Z 88 -36.83 -18.53 -51.42
CA SER Z 88 -37.48 -17.96 -52.60
C SER Z 88 -36.71 -16.74 -53.12
N GLN Z 89 -36.26 -15.87 -52.21
CA GLN Z 89 -35.48 -14.71 -52.62
C GLN Z 89 -34.15 -15.12 -53.23
N PHE Z 90 -33.51 -16.15 -52.65
CA PHE Z 90 -32.26 -16.63 -53.21
C PHE Z 90 -32.46 -17.22 -54.61
N ASP Z 91 -33.53 -17.98 -54.80
CA ASP Z 91 -33.82 -18.52 -56.14
C ASP Z 91 -34.09 -17.41 -57.13
N THR Z 92 -34.84 -16.38 -56.71
CA THR Z 92 -35.10 -15.25 -57.60
C THR Z 92 -33.81 -14.56 -58.00
N TRP Z 93 -32.92 -14.32 -57.03
CA TRP Z 93 -31.64 -13.67 -57.34
C TRP Z 93 -30.79 -14.53 -58.26
N TYR Z 94 -30.73 -15.84 -58.00
CA TYR Z 94 -29.92 -16.73 -58.83
C TYR Z 94 -30.46 -16.79 -60.25
N GLU Z 95 -31.78 -16.88 -60.40
CA GLU Z 95 -32.36 -16.91 -61.74
C GLU Z 95 -32.13 -15.59 -62.47
N ALA Z 96 -32.25 -14.46 -61.77
CA ALA Z 96 -32.03 -13.17 -62.41
C ALA Z 96 -30.60 -13.01 -62.86
N VAL Z 97 -29.64 -13.45 -62.03
CA VAL Z 97 -28.23 -13.37 -62.42
C VAL Z 97 -27.95 -14.28 -63.61
N GLN Z 98 -28.53 -15.53 -63.64
CA GLN Z 98 -28.40 -16.42 -64.79
C GLN Z 98 -28.93 -15.77 -66.06
N LEU Z 99 -30.08 -15.14 -65.93
CA LEU Z 99 -30.67 -14.49 -67.09
C LEU Z 99 -29.82 -13.34 -67.59
N ALA Z 100 -29.30 -12.52 -66.68
CA ALA Z 100 -28.52 -11.36 -67.08
C ALA Z 100 -27.17 -11.76 -67.68
N TYR Z 101 -26.54 -12.79 -67.13
CA TYR Z 101 -25.23 -13.20 -67.61
C TYR Z 101 -25.29 -14.06 -68.86
N ASP Z 102 -26.48 -14.56 -69.23
CA ASP Z 102 -26.65 -15.43 -70.40
C ASP Z 102 -25.73 -16.64 -70.31
N ILE Z 103 -25.69 -17.26 -69.14
CA ILE Z 103 -24.84 -18.40 -68.84
C ILE Z 103 -25.70 -19.60 -68.55
N GLY Z 104 -25.32 -20.76 -69.08
CA GLY Z 104 -26.07 -21.97 -68.85
C GLY Z 104 -25.96 -22.47 -67.43
N GLU Z 105 -26.83 -23.42 -67.09
CA GLU Z 105 -26.89 -23.97 -65.74
C GLU Z 105 -25.68 -24.82 -65.38
N THR Z 106 -24.82 -25.14 -66.34
CA THR Z 106 -23.64 -25.94 -66.05
C THR Z 106 -22.41 -25.09 -65.75
N GLU Z 107 -22.25 -23.96 -66.43
CA GLU Z 107 -21.15 -23.05 -66.15
C GLU Z 107 -21.47 -22.03 -65.07
N MET Z 108 -22.73 -21.97 -64.63
CA MET Z 108 -23.10 -21.00 -63.60
C MET Z 108 -22.44 -21.25 -62.25
N PRO Z 109 -22.33 -22.47 -61.74
CA PRO Z 109 -21.66 -22.65 -60.44
C PRO Z 109 -20.21 -22.20 -60.41
N THR Z 110 -19.49 -22.27 -61.53
CA THR Z 110 -18.12 -21.74 -61.56
C THR Z 110 -18.11 -20.23 -61.35
N VAL Z 111 -19.03 -19.53 -62.01
CA VAL Z 111 -19.16 -18.10 -61.82
C VAL Z 111 -19.57 -17.79 -60.38
N MET Z 112 -20.40 -18.66 -59.79
CA MET Z 112 -20.78 -18.48 -58.40
C MET Z 112 -19.57 -18.65 -57.47
N ASN Z 113 -18.71 -19.62 -57.76
CA ASN Z 113 -17.48 -19.78 -56.99
C ASN Z 113 -16.62 -18.53 -57.06
N GLY Z 114 -16.41 -18.02 -58.28
CA GLY Z 114 -15.64 -16.80 -58.43
C GLY Z 114 -16.24 -15.62 -57.69
N LEU Z 115 -17.56 -15.47 -57.78
CA LEU Z 115 -18.23 -14.37 -57.10
C LEU Z 115 -18.12 -14.50 -55.58
N MET Z 116 -18.24 -15.72 -55.07
CA MET Z 116 -18.10 -15.92 -53.63
C MET Z 116 -16.71 -15.54 -53.15
N VAL Z 117 -15.67 -15.94 -53.89
CA VAL Z 117 -14.31 -15.58 -53.50
C VAL Z 117 -14.10 -14.07 -53.57
N TRP Z 118 -14.60 -13.44 -54.64
CA TRP Z 118 -14.48 -11.99 -54.78
C TRP Z 118 -15.20 -11.27 -53.65
N CYS Z 119 -16.36 -11.78 -53.23
CA CYS Z 119 -17.10 -11.14 -52.14
C CYS Z 119 -16.44 -11.38 -50.79
N ILE Z 120 -15.77 -12.52 -50.62
CA ILE Z 120 -14.94 -12.71 -49.43
C ILE Z 120 -13.88 -11.62 -49.37
N GLU Z 121 -13.26 -11.33 -50.51
CA GLU Z 121 -12.17 -10.35 -50.51
C GLU Z 121 -12.68 -8.92 -50.33
N ASN Z 122 -13.74 -8.54 -51.04
CA ASN Z 122 -14.08 -7.14 -51.21
C ASN Z 122 -15.40 -6.73 -50.57
N GLY Z 123 -16.11 -7.64 -49.92
CA GLY Z 123 -17.33 -7.27 -49.23
C GLY Z 123 -18.56 -7.32 -50.12
N THR Z 124 -19.70 -7.07 -49.49
CA THR Z 124 -21.01 -7.16 -50.11
C THR Z 124 -21.84 -5.92 -49.82
N SER Z 125 -21.22 -4.74 -49.91
CA SER Z 125 -21.94 -3.50 -49.66
C SER Z 125 -22.93 -3.22 -50.78
N PRO Z 126 -24.05 -2.56 -50.47
CA PRO Z 126 -24.99 -2.18 -51.55
C PRO Z 126 -24.41 -1.20 -52.54
N ASN Z 127 -23.33 -0.51 -52.18
CA ASN Z 127 -22.75 0.53 -53.03
C ASN Z 127 -21.65 0.01 -53.95
N ILE Z 128 -21.30 -1.28 -53.86
CA ILE Z 128 -20.30 -1.82 -54.78
C ILE Z 128 -20.81 -1.75 -56.20
N ASN Z 129 -19.93 -1.37 -57.13
CA ASN Z 129 -20.31 -1.17 -58.51
C ASN Z 129 -19.11 -1.47 -59.39
N GLY Z 130 -19.32 -1.37 -60.69
CA GLY Z 130 -18.27 -1.67 -61.66
C GLY Z 130 -18.32 -3.13 -62.06
N VAL Z 131 -17.19 -3.83 -61.92
CA VAL Z 131 -17.10 -5.23 -62.26
C VAL Z 131 -16.39 -5.97 -61.12
N TRP Z 132 -16.65 -7.27 -61.05
CA TRP Z 132 -15.84 -8.17 -60.26
C TRP Z 132 -15.04 -9.07 -61.21
N VAL Z 133 -14.03 -9.75 -60.68
CA VAL Z 133 -13.05 -10.43 -61.51
C VAL Z 133 -12.95 -11.89 -61.09
N MET Z 134 -12.81 -12.77 -62.08
CA MET Z 134 -12.47 -14.17 -61.92
C MET Z 134 -11.09 -14.42 -62.51
N MET Z 135 -10.33 -15.27 -61.85
CA MET Z 135 -8.97 -15.60 -62.29
C MET Z 135 -9.00 -16.93 -63.04
N CYS Z 136 -9.18 -16.84 -64.35
CA CYS Z 136 -9.15 -18.03 -65.21
C CYS Z 136 -7.69 -18.32 -65.54
N GLY Z 137 -7.08 -19.20 -64.74
CA GLY Z 137 -5.67 -19.44 -64.85
C GLY Z 137 -4.86 -18.20 -64.54
N ASP Z 138 -4.14 -17.68 -65.53
CA ASP Z 138 -3.41 -16.44 -65.39
C ASP Z 138 -4.15 -15.25 -66.00
N GLU Z 139 -5.35 -15.46 -66.54
CA GLU Z 139 -6.12 -14.39 -67.17
C GLU Z 139 -7.21 -13.89 -66.24
N GLN Z 140 -7.60 -12.65 -66.46
CA GLN Z 140 -8.60 -11.97 -65.64
C GLN Z 140 -9.86 -11.75 -66.45
N VAL Z 141 -10.98 -12.30 -65.98
CA VAL Z 141 -12.27 -12.17 -66.64
C VAL Z 141 -13.14 -11.24 -65.80
N GLU Z 142 -13.74 -10.25 -66.45
CA GLU Z 142 -14.53 -9.24 -65.74
C GLU Z 142 -16.01 -9.49 -65.96
N TYR Z 143 -16.77 -9.52 -64.86
CA TYR Z 143 -18.20 -9.71 -64.87
C TYR Z 143 -18.87 -8.47 -64.28
N PRO Z 144 -19.89 -7.93 -64.93
CA PRO Z 144 -20.58 -6.75 -64.37
C PRO Z 144 -21.21 -7.07 -63.02
N LEU Z 145 -21.13 -6.11 -62.11
CA LEU Z 145 -21.70 -6.25 -60.78
C LEU Z 145 -23.15 -5.81 -60.69
N LYS Z 146 -23.67 -5.12 -61.71
CA LYS Z 146 -25.04 -4.63 -61.65
C LYS Z 146 -26.08 -5.73 -61.48
N PRO Z 147 -26.06 -6.83 -62.25
CA PRO Z 147 -27.04 -7.91 -61.99
C PRO Z 147 -26.90 -8.52 -60.61
N ILE Z 148 -25.69 -8.58 -60.07
CA ILE Z 148 -25.49 -9.19 -58.76
C ILE Z 148 -26.14 -8.36 -57.67
N VAL Z 149 -26.05 -7.03 -57.76
CA VAL Z 149 -26.50 -6.16 -56.68
C VAL Z 149 -27.96 -5.76 -56.85
N GLU Z 150 -28.42 -5.51 -58.09
CA GLU Z 150 -29.77 -5.00 -58.27
C GLU Z 150 -30.84 -6.07 -58.06
N ASN Z 151 -30.48 -7.35 -58.12
CA ASN Z 151 -31.45 -8.43 -57.96
C ASN Z 151 -31.38 -9.10 -56.60
N ALA Z 152 -30.50 -8.64 -55.71
CA ALA Z 152 -30.32 -9.25 -54.40
C ALA Z 152 -31.31 -8.62 -53.43
N LYS Z 153 -32.27 -9.41 -52.96
CA LYS Z 153 -33.27 -8.95 -52.02
C LYS Z 153 -33.28 -9.80 -50.77
N PRO Z 154 -33.43 -9.21 -49.59
CA PRO Z 154 -33.57 -7.76 -49.34
C PRO Z 154 -32.25 -7.00 -49.54
N THR Z 155 -31.11 -7.64 -49.24
CA THR Z 155 -29.81 -7.02 -49.46
C THR Z 155 -28.88 -8.06 -50.07
N LEU Z 156 -27.74 -7.59 -50.60
CA LEU Z 156 -26.74 -8.51 -51.11
C LEU Z 156 -26.07 -9.29 -49.99
N ARG Z 157 -25.92 -8.68 -48.81
CA ARG Z 157 -25.35 -9.39 -47.67
C ARG Z 157 -26.21 -10.56 -47.26
N GLN Z 158 -27.54 -10.38 -47.25
CA GLN Z 158 -28.44 -11.48 -46.90
C GLN Z 158 -28.39 -12.59 -47.94
N ILE Z 159 -28.22 -12.24 -49.21
CA ILE Z 159 -28.08 -13.25 -50.26
C ILE Z 159 -26.78 -14.02 -50.08
N MET Z 160 -25.66 -13.31 -49.90
CA MET Z 160 -24.37 -13.96 -49.76
C MET Z 160 -24.22 -14.70 -48.44
N ALA Z 161 -25.09 -14.43 -47.46
CA ALA Z 161 -25.08 -15.21 -46.23
C ALA Z 161 -25.30 -16.70 -46.49
N HIS Z 162 -25.94 -17.05 -47.60
CA HIS Z 162 -26.09 -18.46 -47.97
C HIS Z 162 -24.74 -19.11 -48.28
N PHE Z 163 -23.72 -18.30 -48.57
CA PHE Z 163 -22.39 -18.79 -48.90
C PHE Z 163 -21.43 -18.79 -47.72
N SER Z 164 -21.92 -18.53 -46.51
CA SER Z 164 -21.02 -18.24 -45.39
C SER Z 164 -20.19 -19.46 -44.98
N ASP Z 165 -20.83 -20.65 -44.86
CA ASP Z 165 -20.10 -21.86 -44.47
C ASP Z 165 -19.06 -22.24 -45.53
N VAL Z 166 -19.44 -22.12 -46.82
CA VAL Z 166 -18.48 -22.43 -47.88
C VAL Z 166 -17.34 -21.43 -47.88
N ALA Z 167 -17.64 -20.16 -47.61
CA ALA Z 167 -16.59 -19.14 -47.55
C ALA Z 167 -15.62 -19.43 -46.42
N GLU Z 168 -16.12 -19.81 -45.26
CA GLU Z 168 -15.25 -20.14 -44.14
C GLU Z 168 -14.37 -21.35 -44.46
N ALA Z 169 -14.97 -22.38 -45.07
CA ALA Z 169 -14.20 -23.56 -45.44
C ALA Z 169 -13.14 -23.21 -46.49
N TYR Z 170 -13.48 -22.36 -47.45
CA TYR Z 170 -12.53 -21.95 -48.48
C TYR Z 170 -11.37 -21.16 -47.89
N ILE Z 171 -11.65 -20.28 -46.94
CA ILE Z 171 -10.59 -19.51 -46.29
C ILE Z 171 -9.66 -20.43 -45.53
N GLU Z 172 -10.21 -21.42 -44.81
CA GLU Z 172 -9.37 -22.37 -44.10
C GLU Z 172 -8.50 -23.18 -45.07
N MET Z 173 -9.11 -23.62 -46.18
CA MET Z 173 -8.37 -24.38 -47.17
C MET Z 173 -7.23 -23.56 -47.77
N ARG Z 174 -7.49 -22.29 -48.12
CA ARG Z 174 -6.44 -21.46 -48.66
C ARG Z 174 -5.35 -21.19 -47.63
N ASN Z 175 -5.72 -21.03 -46.37
CA ASN Z 175 -4.72 -20.84 -45.32
C ASN Z 175 -3.91 -22.09 -45.05
N LYS Z 176 -4.39 -23.26 -45.45
CA LYS Z 176 -3.59 -24.47 -45.31
C LYS Z 176 -2.33 -24.43 -46.18
N LYS Z 177 -2.31 -23.66 -47.26
CA LYS Z 177 -1.19 -23.64 -48.19
C LYS Z 177 -0.40 -22.34 -48.19
N GLU Z 178 -0.96 -21.29 -47.70
CA GLU Z 178 -0.25 -20.02 -47.67
C GLU Z 178 -0.98 -19.05 -46.74
N PRO Z 179 -0.30 -17.93 -46.29
CA PRO Z 179 -0.99 -16.90 -45.50
C PRO Z 179 -2.10 -16.25 -46.31
N TYR Z 180 -3.34 -16.42 -45.86
CA TYR Z 180 -4.51 -15.96 -46.60
C TYR Z 180 -5.48 -15.31 -45.61
N MET Z 181 -5.34 -13.98 -45.46
CA MET Z 181 -6.30 -13.21 -44.69
C MET Z 181 -7.13 -12.39 -45.66
N PRO Z 182 -8.46 -12.51 -45.64
CA PRO Z 182 -9.29 -11.74 -46.57
C PRO Z 182 -9.07 -10.24 -46.39
N ARG Z 183 -9.18 -9.51 -47.50
CA ARG Z 183 -8.92 -8.07 -47.47
C ARG Z 183 -9.82 -7.36 -46.48
N TYR Z 184 -11.00 -7.92 -46.19
CA TYR Z 184 -11.84 -7.36 -45.13
C TYR Z 184 -11.13 -7.41 -43.78
N GLY Z 185 -10.48 -8.53 -43.47
CA GLY Z 185 -9.74 -8.63 -42.22
C GLY Z 185 -8.48 -7.81 -42.20
N LEU Z 186 -7.94 -7.46 -43.36
CA LEU Z 186 -6.80 -6.55 -43.42
C LEU Z 186 -7.25 -5.10 -43.18
N VAL Z 187 -8.43 -4.74 -43.69
CA VAL Z 187 -8.95 -3.40 -43.42
C VAL Z 187 -9.34 -3.27 -41.95
N ARG Z 188 -9.88 -4.32 -41.36
CA ARG Z 188 -10.24 -4.29 -39.94
C ARG Z 188 -9.04 -4.40 -39.02
N ASN Z 189 -7.85 -4.62 -39.57
CA ASN Z 189 -6.61 -4.73 -38.78
C ASN Z 189 -6.71 -5.84 -37.74
N LEU Z 190 -7.26 -6.98 -38.15
CA LEU Z 190 -7.32 -8.15 -37.27
C LEU Z 190 -5.94 -8.77 -37.17
N ARG Z 191 -5.39 -8.82 -35.96
CA ARG Z 191 -4.01 -9.23 -35.74
C ARG Z 191 -3.85 -10.72 -35.48
N ASP Z 192 -4.93 -11.49 -35.55
CA ASP Z 192 -4.87 -12.94 -35.34
C ASP Z 192 -5.12 -13.63 -36.67
N GLY Z 193 -4.17 -14.47 -37.08
CA GLY Z 193 -4.32 -15.19 -38.33
C GLY Z 193 -5.21 -16.40 -38.24
N SER Z 194 -5.39 -16.95 -37.03
CA SER Z 194 -6.26 -18.10 -36.85
C SER Z 194 -7.73 -17.72 -36.93
N LEU Z 195 -8.05 -16.44 -36.89
CA LEU Z 195 -9.41 -15.95 -37.03
C LEU Z 195 -9.73 -15.49 -38.44
N ALA Z 196 -8.87 -15.79 -39.42
CA ALA Z 196 -9.10 -15.35 -40.79
C ALA Z 196 -10.36 -15.97 -41.39
N ARG Z 197 -10.76 -17.14 -40.90
CA ARG Z 197 -11.92 -17.84 -41.45
C ARG Z 197 -13.23 -17.15 -41.17
N TYR Z 198 -13.26 -16.16 -40.28
CA TYR Z 198 -14.47 -15.41 -39.97
C TYR Z 198 -14.39 -13.96 -40.40
N ALA Z 199 -13.31 -13.56 -41.07
CA ALA Z 199 -13.04 -12.15 -41.33
C ALA Z 199 -13.57 -11.73 -42.71
N PHE Z 200 -14.88 -11.90 -42.90
CA PHE Z 200 -15.57 -11.34 -44.05
C PHE Z 200 -16.90 -10.79 -43.58
N ASP Z 201 -17.44 -9.83 -44.32
CA ASP Z 201 -18.57 -9.04 -43.82
C ASP Z 201 -19.91 -9.74 -43.99
N PHE Z 202 -20.00 -10.82 -44.76
CA PHE Z 202 -21.25 -11.57 -44.87
C PHE Z 202 -21.21 -12.86 -44.08
N TYR Z 203 -20.29 -12.98 -43.12
CA TYR Z 203 -20.25 -14.16 -42.27
C TYR Z 203 -21.47 -14.20 -41.36
N GLU Z 204 -22.07 -15.38 -41.25
CA GLU Z 204 -23.27 -15.58 -40.45
C GLU Z 204 -22.91 -16.28 -39.15
N VAL Z 205 -23.17 -15.62 -38.03
CA VAL Z 205 -22.89 -16.18 -36.72
C VAL Z 205 -23.96 -17.22 -36.38
N THR Z 206 -23.54 -18.40 -35.97
CA THR Z 206 -24.43 -19.49 -35.61
C THR Z 206 -24.15 -19.94 -34.19
N SER Z 207 -24.90 -20.96 -33.75
CA SER Z 207 -24.69 -21.53 -32.43
C SER Z 207 -23.39 -22.31 -32.32
N ARG Z 208 -22.78 -22.65 -33.46
CA ARG Z 208 -21.52 -23.38 -33.48
C ARG Z 208 -20.31 -22.47 -33.63
N THR Z 209 -20.52 -21.17 -33.81
CA THR Z 209 -19.41 -20.23 -33.88
C THR Z 209 -18.71 -20.15 -32.52
N PRO Z 210 -17.39 -20.26 -32.47
CA PRO Z 210 -16.69 -20.16 -31.18
C PRO Z 210 -16.88 -18.78 -30.57
N VAL Z 211 -16.86 -18.75 -29.22
CA VAL Z 211 -17.13 -17.52 -28.50
C VAL Z 211 -16.11 -16.44 -28.85
N ARG Z 212 -14.84 -16.82 -28.96
CA ARG Z 212 -13.81 -15.87 -29.35
C ARG Z 212 -14.04 -15.36 -30.77
N ALA Z 213 -14.42 -16.25 -31.69
CA ALA Z 213 -14.73 -15.83 -33.05
C ALA Z 213 -15.93 -14.90 -33.08
N ARG Z 214 -16.95 -15.20 -32.27
CA ARG Z 214 -18.12 -14.33 -32.20
C ARG Z 214 -17.75 -12.94 -31.69
N GLU Z 215 -16.92 -12.88 -30.65
CA GLU Z 215 -16.46 -11.60 -30.14
C GLU Z 215 -15.68 -10.83 -31.19
N ALA Z 216 -14.76 -11.50 -31.89
CA ALA Z 216 -13.98 -10.83 -32.93
C ALA Z 216 -14.87 -10.31 -34.05
N HIS Z 217 -15.84 -11.12 -34.49
CA HIS Z 217 -16.73 -10.69 -35.55
C HIS Z 217 -17.58 -9.50 -35.14
N ILE Z 218 -18.09 -9.51 -33.91
CA ILE Z 218 -18.91 -8.39 -33.46
C ILE Z 218 -18.07 -7.12 -33.33
N GLN Z 219 -16.83 -7.25 -32.84
CA GLN Z 219 -15.95 -6.08 -32.77
C GLN Z 219 -15.64 -5.55 -34.16
N MET Z 220 -15.40 -6.44 -35.12
CA MET Z 220 -15.14 -6.00 -36.50
C MET Z 220 -16.34 -5.29 -37.09
N LYS Z 221 -17.54 -5.82 -36.85
CA LYS Z 221 -18.74 -5.17 -37.36
C LYS Z 221 -18.93 -3.79 -36.74
N ALA Z 222 -18.69 -3.67 -35.43
CA ALA Z 222 -18.82 -2.38 -34.76
C ALA Z 222 -17.80 -1.38 -35.29
N ALA Z 223 -16.56 -1.84 -35.51
CA ALA Z 223 -15.53 -0.95 -36.05
C ALA Z 223 -15.86 -0.52 -37.46
N ALA Z 224 -16.39 -1.44 -38.28
CA ALA Z 224 -16.68 -1.11 -39.67
C ALA Z 224 -17.88 -0.17 -39.79
N LEU Z 225 -18.93 -0.39 -39.00
CA LEU Z 225 -20.12 0.43 -39.12
C LEU Z 225 -19.91 1.81 -38.51
N LYS Z 226 -19.12 1.91 -37.44
CA LYS Z 226 -18.81 3.18 -36.76
C LYS Z 226 -20.12 3.77 -36.26
N SER Z 227 -20.43 5.03 -36.54
CA SER Z 227 -21.67 5.68 -36.11
C SER Z 227 -22.50 6.12 -37.30
N ALA Z 228 -22.58 5.26 -38.32
CA ALA Z 228 -23.32 5.59 -39.53
C ALA Z 228 -24.82 5.62 -39.23
N GLN Z 229 -25.47 6.72 -39.62
CA GLN Z 229 -26.90 6.90 -39.41
C GLN Z 229 -27.61 6.89 -40.75
N SER Z 230 -28.66 6.08 -40.81
CA SER Z 230 -29.43 5.95 -42.02
C SER Z 230 -30.39 7.07 -42.25
N ARG Z 231 -30.42 7.54 -43.47
CA ARG Z 231 -31.38 8.55 -43.88
C ARG Z 231 -32.45 7.88 -44.71
N LEU Z 232 -33.79 8.05 -44.37
CA LEU Z 232 -34.90 7.42 -45.07
C LEU Z 232 -35.16 8.05 -46.44
N PHE Z 233 -34.75 9.29 -46.64
CA PHE Z 233 -35.08 10.01 -47.87
C PHE Z 233 -33.85 10.71 -48.41
N GLY Z 234 -33.82 10.87 -49.73
CA GLY Z 234 -32.90 11.76 -50.40
C GLY Z 234 -33.57 13.05 -50.79
N LEU Z 235 -32.98 13.76 -51.74
CA LEU Z 235 -33.61 14.96 -52.26
C LEU Z 235 -34.87 14.60 -53.03
N ASP Z 236 -35.96 15.31 -52.73
CA ASP Z 236 -37.24 15.01 -53.37
C ASP Z 236 -37.18 15.32 -54.85
N GLY Z 237 -37.76 14.43 -55.66
CA GLY Z 237 -37.72 14.56 -57.10
C GLY Z 237 -38.64 15.60 -57.68
N GLY Z 238 -39.58 16.11 -56.90
CA GLY Z 238 -40.40 17.23 -57.36
C GLY Z 238 -39.58 18.50 -57.37
N ILE Z 239 -39.24 19.00 -58.55
CA ILE Z 239 -38.30 20.11 -58.65
C ILE Z 239 -39.02 21.45 -58.65
N SER Z 240 -40.10 21.57 -59.43
CA SER Z 240 -40.79 22.84 -59.56
C SER Z 240 -41.38 23.27 -58.23
N THR Z 241 -41.08 24.51 -57.82
CA THR Z 241 -41.66 25.11 -56.63
C THR Z 241 -42.57 26.29 -56.92
N GLN Z 242 -42.39 26.95 -58.06
CA GLN Z 242 -43.23 28.08 -58.44
C GLN Z 242 -44.53 27.59 -59.05
N GLU Z 243 -45.43 28.52 -59.32
CA GLU Z 243 -46.70 28.24 -59.99
C GLU Z 243 -46.62 28.67 -61.44
N GLU Z 244 -47.26 27.90 -62.31
CA GLU Z 244 -47.23 28.20 -63.74
C GLU Z 244 -47.93 29.53 -64.02
N ASN Z 245 -47.33 30.33 -64.90
CA ASN Z 245 -47.89 31.61 -65.31
C ASN Z 245 -48.90 31.37 -66.43
N THR Z 246 -50.18 31.52 -66.12
CA THR Z 246 -51.23 31.31 -67.10
C THR Z 246 -51.76 32.61 -67.70
N GLU Z 247 -51.16 33.75 -67.34
CA GLU Z 247 -51.66 35.04 -67.78
C GLU Z 247 -51.38 35.27 -69.26
N ARG Z 248 -52.34 35.89 -69.93
CA ARG Z 248 -52.20 36.24 -71.34
C ARG Z 248 -51.19 37.37 -71.51
N HIS Z 249 -50.82 37.62 -72.77
CA HIS Z 249 -49.93 38.72 -73.11
C HIS Z 249 -50.31 39.22 -74.49
N THR Z 250 -50.86 40.44 -74.56
CA THR Z 250 -51.31 41.02 -75.80
C THR Z 250 -50.48 42.25 -76.15
N THR Z 251 -50.63 42.71 -77.39
CA THR Z 251 -49.92 43.91 -77.84
C THR Z 251 -50.45 45.18 -77.21
N GLU Z 252 -51.58 45.12 -76.51
CA GLU Z 252 -52.10 46.27 -75.79
C GLU Z 252 -51.41 46.46 -74.44
N ASP Z 253 -50.68 45.47 -73.96
CA ASP Z 253 -50.03 45.57 -72.66
C ASP Z 253 -48.95 46.64 -72.68
N VAL Z 254 -48.89 47.43 -71.61
CA VAL Z 254 -47.87 48.47 -71.50
C VAL Z 254 -46.48 47.86 -71.38
N SER Z 255 -46.39 46.67 -70.81
CA SER Z 255 -45.11 45.98 -70.62
C SER Z 255 -45.38 44.49 -70.55
N PRO Z 256 -44.34 43.66 -70.68
CA PRO Z 256 -44.57 42.21 -70.58
C PRO Z 256 -45.10 41.75 -69.23
N SER Z 257 -44.98 42.56 -68.18
CA SER Z 257 -45.42 42.18 -66.85
C SER Z 257 -46.63 42.95 -66.34
N MET Z 258 -47.00 44.05 -66.98
CA MET Z 258 -48.13 44.87 -66.55
C MET Z 258 -49.09 45.07 -67.72
N HIS Z 259 -50.37 44.79 -67.49
CA HIS Z 259 -51.36 45.02 -68.53
C HIS Z 259 -51.59 46.51 -68.76
N THR Z 260 -51.78 47.26 -67.68
CA THR Z 260 -52.02 48.70 -67.78
C THR Z 260 -51.37 49.38 -66.58
N LEU Z 261 -51.58 50.69 -66.49
CA LEU Z 261 -51.13 51.55 -65.39
C LEU Z 261 -52.31 52.33 -64.84
N LEU Z 262 -53.41 51.63 -64.55
CA LEU Z 262 -54.71 52.27 -64.37
C LEU Z 262 -54.69 53.35 -63.29
N GLY Z 263 -54.27 53.02 -62.08
CA GLY Z 263 -54.37 54.01 -61.03
C GLY Z 263 -53.31 55.08 -61.03
N VAL Z 264 -52.40 55.04 -61.99
CA VAL Z 264 -51.30 55.98 -61.99
C VAL Z 264 -51.69 57.39 -62.35
N LYS Z 265 -51.25 58.33 -61.55
CA LYS Z 265 -51.48 59.75 -61.83
C LYS Z 265 -50.16 60.40 -62.22
N ASN Z 266 -50.16 61.17 -63.31
CA ASN Z 266 -48.97 61.84 -63.80
C ASN Z 266 -48.50 62.94 -62.83
N MET Z 267 -49.41 63.64 -62.14
CA MET Z 267 -49.04 64.67 -61.18
C MET Z 267 -49.94 64.63 -59.95
N VAL AA 44 -40.09 4.48 46.94
CA VAL AA 44 -39.53 5.73 46.43
C VAL AA 44 -40.45 6.32 45.35
N PRO AA 45 -40.51 7.64 45.25
CA PRO AA 45 -41.39 8.27 44.27
C PRO AA 45 -40.94 7.99 42.84
N ARG AA 46 -41.90 8.03 41.93
CA ARG AA 46 -41.66 7.79 40.51
C ARG AA 46 -41.54 9.12 39.77
N ILE AA 47 -40.63 9.16 38.80
CA ILE AA 47 -40.35 10.38 38.06
C ILE AA 47 -41.29 10.47 36.87
N LYS AA 48 -41.90 11.64 36.69
CA LYS AA 48 -42.77 11.85 35.54
C LYS AA 48 -41.94 11.99 34.27
N ALA AA 49 -42.51 11.52 33.15
CA ALA AA 49 -41.82 11.56 31.87
C ALA AA 49 -41.55 12.99 31.44
N ILE AA 50 -42.60 13.78 31.27
CA ILE AA 50 -42.49 15.19 30.91
C ILE AA 50 -43.00 16.01 32.09
N THR AA 51 -42.08 16.57 32.85
CA THR AA 51 -42.43 17.33 34.05
C THR AA 51 -42.40 18.83 33.75
N SER AA 52 -42.76 19.63 34.75
CA SER AA 52 -42.71 21.07 34.63
C SER AA 52 -41.32 21.64 34.93
N LYS AA 53 -40.40 20.81 35.45
CA LYS AA 53 -39.05 21.30 35.70
C LYS AA 53 -38.34 21.63 34.39
N MET AA 54 -38.64 20.84 33.37
CA MET AA 54 -38.07 21.09 32.07
C MET AA 54 -38.68 22.33 31.46
N ARG AA 55 -37.94 22.97 30.58
CA ARG AA 55 -38.44 24.19 29.94
C ARG AA 55 -39.46 23.96 28.87
N MET AA 56 -40.55 24.69 28.96
CA MET AA 56 -41.61 24.60 27.97
C MET AA 56 -41.68 25.88 27.16
N PRO AA 57 -42.18 25.82 25.93
CA PRO AA 57 -42.38 27.05 25.15
C PRO AA 57 -43.47 27.91 25.79
N LYS AA 58 -43.13 29.16 26.08
CA LYS AA 58 -44.02 30.08 26.77
C LYS AA 58 -44.25 31.32 25.93
N SER AA 59 -45.48 31.82 25.95
CA SER AA 59 -45.84 33.06 25.27
C SER AA 59 -46.62 33.94 26.25
N LYS AA 60 -46.16 35.18 26.42
CA LYS AA 60 -46.79 36.14 27.33
C LYS AA 60 -46.90 35.58 28.75
N GLY AA 61 -45.84 34.93 29.20
CA GLY AA 61 -45.82 34.39 30.56
C GLY AA 61 -46.82 33.28 30.78
N ALA AA 62 -46.92 32.34 29.83
CA ALA AA 62 -47.83 31.21 29.95
C ALA AA 62 -47.38 30.13 29.01
N THR AA 63 -47.25 28.90 29.53
CA THR AA 63 -46.85 27.78 28.69
C THR AA 63 -47.90 27.52 27.62
N VAL AA 64 -47.43 27.24 26.41
CA VAL AA 64 -48.32 27.05 25.26
C VAL AA 64 -48.66 25.59 25.03
N LEU AA 65 -48.29 24.71 25.96
CA LEU AA 65 -48.58 23.29 25.85
C LEU AA 65 -49.42 22.83 27.02
N ASN AA 66 -50.28 21.83 26.77
CA ASN AA 66 -51.10 21.20 27.80
C ASN AA 66 -50.39 19.92 28.25
N LEU AA 67 -49.77 19.98 29.43
CA LEU AA 67 -48.91 18.89 29.87
C LEU AA 67 -49.70 17.60 30.09
N GLU AA 68 -50.89 17.69 30.69
CA GLU AA 68 -51.67 16.49 30.97
C GLU AA 68 -52.12 15.80 29.69
N HIS AA 69 -52.71 16.56 28.77
CA HIS AA 69 -53.15 15.98 27.51
C HIS AA 69 -51.98 15.41 26.73
N LEU AA 70 -50.85 16.12 26.70
CA LEU AA 70 -49.67 15.64 25.99
C LEU AA 70 -49.17 14.34 26.59
N LEU AA 71 -49.14 14.24 27.91
CA LEU AA 71 -48.77 12.99 28.56
C LEU AA 71 -49.76 11.88 28.23
N GLU AA 72 -51.02 12.23 27.96
CA GLU AA 72 -52.01 11.25 27.56
C GLU AA 72 -52.17 11.14 26.04
N TYR AA 73 -51.44 11.92 25.26
CA TYR AA 73 -51.58 11.93 23.81
C TYR AA 73 -50.63 10.90 23.21
N ALA AA 74 -51.18 9.80 22.70
CA ALA AA 74 -50.39 8.71 22.11
C ALA AA 74 -51.02 8.28 20.78
N PRO AA 75 -50.94 9.13 19.75
CA PRO AA 75 -51.48 8.73 18.45
C PRO AA 75 -50.60 7.68 17.78
N GLN AA 76 -51.22 6.88 16.93
CA GLN AA 76 -50.47 5.95 16.09
C GLN AA 76 -49.64 6.74 15.08
N GLN AA 77 -48.41 6.29 14.84
CA GLN AA 77 -47.49 7.04 14.00
C GLN AA 77 -47.97 7.10 12.56
N ILE AA 78 -48.57 6.02 12.05
CA ILE AA 78 -49.08 6.02 10.70
C ILE AA 78 -50.31 6.89 10.54
N ASP AA 79 -50.97 7.25 11.64
CA ASP AA 79 -52.17 8.07 11.58
C ASP AA 79 -51.86 9.56 11.44
N ILE AA 80 -50.63 9.99 11.71
CA ILE AA 80 -50.27 11.40 11.69
C ILE AA 80 -49.15 11.69 10.70
N SER AA 81 -48.76 10.72 9.89
CA SER AA 81 -47.73 10.93 8.87
C SER AA 81 -48.36 11.50 7.61
N ASN AA 82 -47.58 12.32 6.90
CA ASN AA 82 -48.04 12.94 5.67
C ASN AA 82 -47.62 12.16 4.43
N THR AA 83 -47.02 10.99 4.59
CA THR AA 83 -46.74 10.08 3.49
C THR AA 83 -47.91 9.15 3.22
N ARG AA 84 -49.00 9.29 3.96
CA ARG AA 84 -50.20 8.49 3.80
C ARG AA 84 -51.39 9.42 3.69
N ALA AA 85 -52.33 9.08 2.80
CA ALA AA 85 -53.52 9.91 2.63
C ALA AA 85 -54.33 9.93 3.92
N THR AA 86 -54.97 11.07 4.18
CA THR AA 86 -55.79 11.20 5.37
C THR AA 86 -57.03 10.33 5.26
N GLN AA 87 -57.68 10.10 6.40
CA GLN AA 87 -58.87 9.26 6.41
C GLN AA 87 -59.98 9.86 5.56
N SER AA 88 -60.13 11.19 5.57
CA SER AA 88 -61.12 11.84 4.73
C SER AA 88 -60.82 11.62 3.25
N GLN AA 89 -59.55 11.75 2.86
CA GLN AA 89 -59.18 11.51 1.47
C GLN AA 89 -59.41 10.06 1.07
N PHE AA 90 -59.11 9.13 1.97
CA PHE AA 90 -59.35 7.72 1.69
C PHE AA 90 -60.85 7.44 1.52
N ASP AA 91 -61.68 8.01 2.39
CA ASP AA 91 -63.13 7.84 2.24
C ASP AA 91 -63.64 8.43 0.94
N THR AA 92 -63.12 9.61 0.57
CA THR AA 92 -63.52 10.21 -0.70
C THR AA 92 -63.16 9.31 -1.87
N TRP AA 93 -61.93 8.77 -1.87
CA TRP AA 93 -61.51 7.89 -2.94
C TRP AA 93 -62.36 6.63 -3.00
N TYR AA 94 -62.61 6.02 -1.83
CA TYR AA 94 -63.40 4.80 -1.78
C TYR AA 94 -64.82 5.03 -2.28
N GLU AA 95 -65.45 6.14 -1.86
CA GLU AA 95 -66.80 6.46 -2.32
C GLU AA 95 -66.81 6.73 -3.82
N ALA AA 96 -65.81 7.44 -4.33
CA ALA AA 96 -65.78 7.73 -5.76
C ALA AA 96 -65.61 6.45 -6.58
N VAL AA 97 -64.76 5.53 -6.12
CA VAL AA 97 -64.58 4.27 -6.83
C VAL AA 97 -65.86 3.44 -6.78
N GLN AA 98 -66.59 3.41 -5.60
CA GLN AA 98 -67.87 2.73 -5.50
C GLN AA 98 -68.87 3.30 -6.50
N LEU AA 99 -68.91 4.62 -6.56
CA LEU AA 99 -69.84 5.26 -7.47
C LEU AA 99 -69.52 4.93 -8.93
N ALA AA 100 -68.24 4.97 -9.29
CA ALA AA 100 -67.87 4.74 -10.68
C ALA AA 100 -68.08 3.28 -11.09
N TYR AA 101 -67.81 2.34 -10.18
CA TYR AA 101 -67.94 0.93 -10.52
C TYR AA 101 -69.37 0.43 -10.43
N ASP AA 102 -70.29 1.20 -9.83
CA ASP AA 102 -71.68 0.80 -9.65
C ASP AA 102 -71.77 -0.54 -8.93
N ILE AA 103 -71.00 -0.67 -7.85
CA ILE AA 103 -70.91 -1.89 -7.08
C ILE AA 103 -71.42 -1.61 -5.67
N GLY AA 104 -72.20 -2.54 -5.14
CA GLY AA 104 -72.74 -2.39 -3.80
C GLY AA 104 -71.67 -2.50 -2.73
N GLU AA 105 -72.07 -2.10 -1.52
CA GLU AA 105 -71.16 -2.09 -0.39
C GLU AA 105 -70.77 -3.48 0.09
N THR AA 106 -71.42 -4.53 -0.41
CA THR AA 106 -71.10 -5.89 0.01
C THR AA 106 -70.09 -6.55 -0.92
N GLU AA 107 -70.17 -6.29 -2.23
CA GLU AA 107 -69.21 -6.82 -3.17
C GLU AA 107 -67.99 -5.93 -3.34
N MET AA 108 -68.01 -4.73 -2.78
CA MET AA 108 -66.88 -3.81 -2.92
C MET AA 108 -65.59 -4.32 -2.27
N PRO AA 109 -65.60 -4.88 -1.05
CA PRO AA 109 -64.34 -5.38 -0.47
C PRO AA 109 -63.64 -6.45 -1.30
N THR AA 110 -64.39 -7.28 -2.03
CA THR AA 110 -63.74 -8.26 -2.90
C THR AA 110 -62.97 -7.58 -4.02
N VAL AA 111 -63.57 -6.54 -4.62
CA VAL AA 111 -62.88 -5.76 -5.64
C VAL AA 111 -61.67 -5.06 -5.04
N MET AA 112 -61.78 -4.62 -3.78
CA MET AA 112 -60.64 -4.01 -3.10
C MET AA 112 -59.51 -5.01 -2.90
N ASN AA 113 -59.85 -6.26 -2.53
CA ASN AA 113 -58.85 -7.30 -2.41
C ASN AA 113 -58.12 -7.51 -3.74
N GLY AA 114 -58.89 -7.64 -4.82
CA GLY AA 114 -58.27 -7.82 -6.13
C GLY AA 114 -57.38 -6.66 -6.51
N LEU AA 115 -57.84 -5.43 -6.26
CA LEU AA 115 -57.06 -4.25 -6.59
C LEU AA 115 -55.78 -4.18 -5.76
N MET AA 116 -55.85 -4.56 -4.49
CA MET AA 116 -54.66 -4.55 -3.65
C MET AA 116 -53.63 -5.56 -4.16
N VAL AA 117 -54.07 -6.75 -4.54
CA VAL AA 117 -53.14 -7.74 -5.08
C VAL AA 117 -52.53 -7.26 -6.40
N TRP AA 118 -53.37 -6.70 -7.28
CA TRP AA 118 -52.87 -6.18 -8.55
C TRP AA 118 -51.85 -5.07 -8.33
N CYS AA 119 -52.09 -4.21 -7.34
CA CYS AA 119 -51.17 -3.10 -7.08
C CYS AA 119 -49.89 -3.60 -6.42
N ILE AA 120 -49.96 -4.67 -5.64
CA ILE AA 120 -48.74 -5.32 -5.16
C ILE AA 120 -47.90 -5.77 -6.35
N GLU AA 121 -48.55 -6.35 -7.35
CA GLU AA 121 -47.80 -6.88 -8.49
C GLU AA 121 -47.25 -5.77 -9.38
N ASN AA 122 -48.06 -4.77 -9.70
CA ASN AA 122 -47.76 -3.87 -10.81
C ASN AA 122 -47.51 -2.43 -10.39
N GLY AA 123 -47.54 -2.12 -9.11
CA GLY AA 123 -47.23 -0.77 -8.66
C GLY AA 123 -48.41 0.18 -8.68
N THR AA 124 -48.16 1.38 -8.19
CA THR AA 124 -49.18 2.41 -8.02
C THR AA 124 -48.71 3.74 -8.60
N SER AA 125 -48.12 3.70 -9.78
CA SER AA 125 -47.65 4.91 -10.43
C SER AA 125 -48.85 5.76 -10.90
N PRO AA 126 -48.70 7.09 -10.92
CA PRO AA 126 -49.78 7.93 -11.45
C PRO AA 126 -50.04 7.71 -12.93
N ASN AA 127 -49.11 7.11 -13.66
CA ASN AA 127 -49.22 6.93 -15.09
C ASN AA 127 -49.84 5.59 -15.49
N ILE AA 128 -50.16 4.73 -14.53
CA ILE AA 128 -50.81 3.47 -14.86
C ILE AA 128 -52.17 3.75 -15.46
N ASN AA 129 -52.52 3.01 -16.51
CA ASN AA 129 -53.76 3.23 -17.24
C ASN AA 129 -54.22 1.91 -17.83
N GLY AA 130 -55.36 1.95 -18.50
CA GLY AA 130 -55.95 0.75 -19.06
C GLY AA 130 -56.89 0.09 -18.08
N VAL AA 131 -56.66 -1.20 -17.81
CA VAL AA 131 -57.48 -1.95 -16.87
C VAL AA 131 -56.56 -2.75 -15.95
N TRP AA 132 -57.09 -3.09 -14.78
CA TRP AA 132 -56.50 -4.09 -13.91
C TRP AA 132 -57.41 -5.32 -13.92
N VAL AA 133 -56.88 -6.44 -13.44
CA VAL AA 133 -57.53 -7.73 -13.61
C VAL AA 133 -57.71 -8.41 -12.27
N MET AA 134 -58.86 -9.06 -12.10
CA MET AA 134 -59.15 -9.96 -10.99
C MET AA 134 -59.29 -11.37 -11.54
N MET AA 135 -58.81 -12.34 -10.76
CA MET AA 135 -58.86 -13.75 -11.17
C MET AA 135 -60.02 -14.42 -10.45
N CYS AA 136 -61.17 -14.41 -11.11
CA CYS AA 136 -62.37 -15.08 -10.60
C CYS AA 136 -62.28 -16.54 -10.99
N GLY AA 137 -61.73 -17.36 -10.09
CA GLY AA 137 -61.44 -18.74 -10.40
C GLY AA 137 -60.41 -18.85 -11.51
N ASP AA 138 -60.81 -19.40 -12.65
CA ASP AA 138 -59.96 -19.48 -13.82
C ASP AA 138 -60.25 -18.39 -14.84
N GLU AA 139 -61.21 -17.50 -14.56
CA GLU AA 139 -61.60 -16.44 -15.48
C GLU AA 139 -60.96 -15.12 -15.07
N GLN AA 140 -60.79 -14.25 -16.05
CA GLN AA 140 -60.16 -12.95 -15.86
C GLN AA 140 -61.19 -11.85 -16.04
N VAL AA 141 -61.38 -11.04 -15.01
CA VAL AA 141 -62.34 -9.93 -15.02
C VAL AA 141 -61.55 -8.63 -15.07
N GLU AA 142 -61.90 -7.76 -16.00
CA GLU AA 142 -61.18 -6.51 -16.21
C GLU AA 142 -61.96 -5.34 -15.64
N TYR AA 143 -61.28 -4.53 -14.83
CA TYR AA 143 -61.85 -3.34 -14.22
C TYR AA 143 -61.08 -2.13 -14.71
N PRO AA 144 -61.76 -1.06 -15.13
CA PRO AA 144 -61.05 0.14 -15.59
C PRO AA 144 -60.23 0.76 -14.45
N LEU AA 145 -59.05 1.26 -14.80
CA LEU AA 145 -58.16 1.88 -13.83
C LEU AA 145 -58.40 3.38 -13.69
N LYS AA 146 -59.17 3.99 -14.58
CA LYS AA 146 -59.40 5.43 -14.51
C LYS AA 146 -60.04 5.88 -13.20
N PRO AA 147 -61.12 5.27 -12.70
CA PRO AA 147 -61.65 5.70 -11.40
C PRO AA 147 -60.67 5.51 -10.26
N ILE AA 148 -59.83 4.49 -10.33
CA ILE AA 148 -58.88 4.22 -9.25
C ILE AA 148 -57.84 5.33 -9.17
N VAL AA 149 -57.36 5.81 -10.30
CA VAL AA 149 -56.25 6.76 -10.32
C VAL AA 149 -56.73 8.20 -10.26
N GLU AA 150 -57.84 8.54 -10.93
CA GLU AA 150 -58.25 9.93 -11.00
C GLU AA 150 -58.85 10.44 -9.70
N ASN AA 151 -59.30 9.55 -8.81
CA ASN AA 151 -59.91 9.94 -7.54
C ASN AA 151 -58.98 9.78 -6.35
N ALA AA 152 -57.74 9.34 -6.57
CA ALA AA 152 -56.81 9.11 -5.47
C ALA AA 152 -56.05 10.40 -5.17
N LYS AA 153 -56.29 10.97 -3.99
CA LYS AA 153 -55.65 12.20 -3.59
C LYS AA 153 -54.92 12.00 -2.26
N PRO AA 154 -53.72 12.56 -2.11
CA PRO AA 154 -52.99 13.36 -3.11
C PRO AA 154 -52.41 12.51 -4.24
N THR AA 155 -52.02 11.27 -3.95
CA THR AA 155 -51.53 10.35 -4.97
C THR AA 155 -52.16 8.98 -4.74
N LEU AA 156 -52.03 8.11 -5.74
CA LEU AA 156 -52.49 6.74 -5.59
C LEU AA 156 -51.62 5.96 -4.62
N ARG AA 157 -50.32 6.28 -4.56
CA ARG AA 157 -49.43 5.62 -3.61
C ARG AA 157 -49.84 5.92 -2.17
N GLN AA 158 -50.21 7.17 -1.89
CA GLN AA 158 -50.65 7.53 -0.55
C GLN AA 158 -51.95 6.85 -0.18
N ILE AA 159 -52.84 6.67 -1.16
CA ILE AA 159 -54.08 5.95 -0.91
C ILE AA 159 -53.81 4.48 -0.62
N MET AA 160 -52.99 3.83 -1.45
CA MET AA 160 -52.69 2.42 -1.28
C MET AA 160 -51.80 2.15 -0.08
N ALA AA 161 -51.15 3.18 0.48
CA ALA AA 161 -50.41 3.01 1.72
C ALA AA 161 -51.29 2.50 2.86
N HIS AA 162 -52.60 2.75 2.79
CA HIS AA 162 -53.51 2.20 3.78
C HIS AA 162 -53.58 0.69 3.71
N PHE AA 163 -53.16 0.10 2.61
CA PHE AA 163 -53.20 -1.35 2.40
C PHE AA 163 -51.86 -2.02 2.68
N SER AA 164 -50.88 -1.30 3.23
CA SER AA 164 -49.51 -1.80 3.27
C SER AA 164 -49.38 -3.01 4.19
N ASP AA 165 -49.95 -2.96 5.41
CA ASP AA 165 -49.85 -4.08 6.34
C ASP AA 165 -50.56 -5.32 5.79
N VAL AA 166 -51.73 -5.14 5.17
CA VAL AA 166 -52.45 -6.26 4.59
C VAL AA 166 -51.66 -6.83 3.41
N ALA AA 167 -51.03 -5.97 2.62
CA ALA AA 167 -50.23 -6.43 1.49
C ALA AA 167 -49.05 -7.26 1.97
N GLU AA 168 -48.37 -6.81 3.02
CA GLU AA 168 -47.25 -7.57 3.57
C GLU AA 168 -47.71 -8.92 4.09
N ALA AA 169 -48.84 -8.94 4.82
CA ALA AA 169 -49.37 -10.20 5.33
C ALA AA 169 -49.75 -11.14 4.19
N TYR AA 170 -50.36 -10.60 3.13
CA TYR AA 170 -50.76 -11.41 1.99
C TYR AA 170 -49.54 -12.00 1.28
N ILE AA 171 -48.48 -11.21 1.12
CA ILE AA 171 -47.28 -11.73 0.48
C ILE AA 171 -46.66 -12.85 1.32
N GLU AA 172 -46.63 -12.69 2.63
CA GLU AA 172 -46.12 -13.76 3.49
C GLU AA 172 -46.97 -15.02 3.37
N MET AA 173 -48.30 -14.83 3.38
CA MET AA 173 -49.20 -15.98 3.25
C MET AA 173 -49.00 -16.71 1.93
N ARG AA 174 -48.88 -15.97 0.82
CA ARG AA 174 -48.66 -16.61 -0.47
C ARG AA 174 -47.31 -17.30 -0.51
N ASN AA 175 -46.29 -16.72 0.11
CA ASN AA 175 -44.99 -17.36 0.15
C ASN AA 175 -44.97 -18.60 1.03
N LYS AA 176 -45.94 -18.75 1.94
CA LYS AA 176 -46.03 -19.98 2.72
C LYS AA 176 -46.33 -21.20 1.86
N LYS AA 177 -46.95 -21.03 0.69
CA LYS AA 177 -47.36 -22.15 -0.15
C LYS AA 177 -46.57 -22.27 -1.45
N GLU AA 178 -45.93 -21.24 -1.88
CA GLU AA 178 -45.16 -21.29 -3.12
C GLU AA 178 -44.22 -20.10 -3.21
N PRO AA 179 -43.18 -20.13 -4.08
CA PRO AA 179 -42.33 -18.94 -4.30
C PRO AA 179 -43.13 -17.80 -4.88
N TYR AA 180 -43.23 -16.71 -4.11
CA TYR AA 180 -44.08 -15.58 -4.47
C TYR AA 180 -43.30 -14.29 -4.20
N MET AA 181 -42.60 -13.80 -5.23
CA MET AA 181 -41.97 -12.49 -5.17
C MET AA 181 -42.76 -11.54 -6.04
N PRO AA 182 -43.23 -10.42 -5.50
CA PRO AA 182 -44.00 -9.47 -6.32
C PRO AA 182 -43.18 -8.99 -7.50
N ARG AA 183 -43.88 -8.72 -8.62
CA ARG AA 183 -43.20 -8.31 -9.84
C ARG AA 183 -42.37 -7.06 -9.63
N TYR AA 184 -42.74 -6.21 -8.67
CA TYR AA 184 -41.91 -5.08 -8.32
C TYR AA 184 -40.53 -5.53 -7.84
N GLY AA 185 -40.49 -6.55 -6.98
CA GLY AA 185 -39.22 -7.07 -6.51
C GLY AA 185 -38.44 -7.82 -7.57
N LEU AA 186 -39.11 -8.32 -8.61
CA LEU AA 186 -38.42 -8.92 -9.74
C LEU AA 186 -37.80 -7.86 -10.63
N VAL AA 187 -38.48 -6.72 -10.80
CA VAL AA 187 -37.91 -5.62 -11.58
C VAL AA 187 -36.72 -5.01 -10.83
N ARG AA 188 -36.82 -4.91 -9.50
CA ARG AA 188 -35.73 -4.38 -8.71
C ARG AA 188 -34.57 -5.35 -8.56
N ASN AA 189 -34.72 -6.59 -9.03
CA ASN AA 189 -33.68 -7.61 -8.94
C ASN AA 189 -33.26 -7.87 -7.50
N LEU AA 190 -34.24 -7.95 -6.61
CA LEU AA 190 -33.97 -8.28 -5.21
C LEU AA 190 -33.67 -9.78 -5.10
N ARG AA 191 -32.47 -10.10 -4.64
CA ARG AA 191 -31.97 -11.47 -4.64
C ARG AA 191 -32.29 -12.23 -3.37
N ASP AA 192 -33.00 -11.63 -2.43
CA ASP AA 192 -33.38 -12.28 -1.18
C ASP AA 192 -34.88 -12.57 -1.20
N GLY AA 193 -35.25 -13.85 -1.04
CA GLY AA 193 -36.65 -14.21 -1.04
C GLY AA 193 -37.35 -13.94 0.27
N SER AA 194 -36.60 -13.87 1.38
CA SER AA 194 -37.19 -13.57 2.67
C SER AA 194 -37.60 -12.11 2.80
N LEU AA 195 -37.16 -11.25 1.88
CA LEU AA 195 -37.55 -9.85 1.87
C LEU AA 195 -38.68 -9.56 0.89
N ALA AA 196 -39.34 -10.60 0.37
CA ALA AA 196 -40.42 -10.41 -0.60
C ALA AA 196 -41.60 -9.65 0.01
N ARG AA 197 -41.78 -9.75 1.33
CA ARG AA 197 -42.92 -9.12 1.98
C ARG AA 197 -42.85 -7.60 1.99
N TYR AA 198 -41.71 -7.02 1.65
CA TYR AA 198 -41.56 -5.57 1.59
C TYR AA 198 -41.33 -5.05 0.17
N ALA AA 199 -41.36 -5.93 -0.83
CA ALA AA 199 -40.95 -5.58 -2.19
C ALA AA 199 -42.14 -5.13 -3.03
N PHE AA 200 -42.82 -4.08 -2.56
CA PHE AA 200 -43.80 -3.38 -3.37
C PHE AA 200 -43.65 -1.88 -3.15
N ASP AA 201 -44.08 -1.09 -4.13
CA ASP AA 201 -43.72 0.32 -4.14
C ASP AA 201 -44.59 1.19 -3.24
N PHE AA 202 -45.71 0.67 -2.71
CA PHE AA 202 -46.52 1.43 -1.77
C PHE AA 202 -46.34 0.93 -0.34
N TYR AA 203 -45.26 0.20 -0.06
CA TYR AA 203 -44.99 -0.23 1.30
C TYR AA 203 -44.63 0.96 2.17
N GLU AA 204 -45.21 0.99 3.37
CA GLU AA 204 -45.00 2.09 4.31
C GLU AA 204 -44.04 1.63 5.41
N VAL AA 205 -42.92 2.33 5.52
CA VAL AA 205 -41.93 2.02 6.54
C VAL AA 205 -42.41 2.56 7.88
N THR AA 206 -42.37 1.72 8.90
CA THR AA 206 -42.80 2.07 10.24
C THR AA 206 -41.67 1.84 11.23
N SER AA 207 -41.95 2.11 12.51
CA SER AA 207 -40.97 1.86 13.55
C SER AA 207 -40.76 0.38 13.81
N ARG AA 208 -41.66 -0.48 13.33
CA ARG AA 208 -41.53 -1.91 13.50
C ARG AA 208 -40.89 -2.61 12.31
N THR AA 209 -40.60 -1.87 11.24
CA THR AA 209 -39.92 -2.45 10.09
C THR AA 209 -38.49 -2.83 10.48
N PRO AA 210 -38.05 -4.05 10.18
CA PRO AA 210 -36.67 -4.43 10.50
C PRO AA 210 -35.66 -3.57 9.76
N VAL AA 211 -34.51 -3.37 10.40
CA VAL AA 211 -33.48 -2.48 9.86
C VAL AA 211 -33.02 -2.96 8.48
N ARG AA 212 -32.83 -4.27 8.34
CA ARG AA 212 -32.44 -4.82 7.03
C ARG AA 212 -33.53 -4.59 6.00
N ALA AA 213 -34.79 -4.78 6.37
CA ALA AA 213 -35.90 -4.52 5.45
C ALA AA 213 -35.96 -3.05 5.09
N ARG AA 214 -35.72 -2.16 6.05
CA ARG AA 214 -35.71 -0.73 5.76
C ARG AA 214 -34.62 -0.37 4.79
N GLU AA 215 -33.43 -0.93 4.98
CA GLU AA 215 -32.32 -0.69 4.06
C GLU AA 215 -32.66 -1.19 2.66
N ALA AA 216 -33.22 -2.40 2.56
CA ALA AA 216 -33.56 -2.95 1.26
C ALA AA 216 -34.62 -2.10 0.57
N HIS AA 217 -35.64 -1.66 1.31
CA HIS AA 217 -36.68 -0.84 0.72
C HIS AA 217 -36.14 0.50 0.23
N ILE AA 218 -35.27 1.12 1.02
CA ILE AA 218 -34.72 2.41 0.61
C ILE AA 218 -33.83 2.25 -0.62
N GLN AA 219 -33.04 1.17 -0.67
CA GLN AA 219 -32.22 0.92 -1.85
C GLN AA 219 -33.10 0.67 -3.08
N MET AA 220 -34.20 -0.07 -2.91
CA MET AA 220 -35.10 -0.31 -4.04
C MET AA 220 -35.74 0.99 -4.52
N LYS AA 221 -36.15 1.86 -3.59
CA LYS AA 221 -36.73 3.14 -3.98
C LYS AA 221 -35.71 4.00 -4.73
N ALA AA 222 -34.46 4.03 -4.24
CA ALA AA 222 -33.43 4.81 -4.91
C ALA AA 222 -33.14 4.27 -6.30
N ALA AA 223 -33.08 2.95 -6.45
CA ALA AA 223 -32.86 2.35 -7.75
C ALA AA 223 -34.01 2.62 -8.70
N ALA AA 224 -35.25 2.58 -8.21
CA ALA AA 224 -36.40 2.78 -9.08
C ALA AA 224 -36.54 4.23 -9.51
N LEU AA 225 -36.31 5.17 -8.59
CA LEU AA 225 -36.48 6.58 -8.93
C LEU AA 225 -35.34 7.10 -9.81
N LYS AA 226 -34.13 6.59 -9.61
CA LYS AA 226 -32.94 6.98 -10.39
C LYS AA 226 -32.73 8.47 -10.19
N SER AA 227 -32.57 9.26 -11.25
CA SER AA 227 -32.36 10.70 -11.16
C SER AA 227 -33.49 11.46 -11.84
N ALA AA 228 -34.72 11.00 -11.63
CA ALA AA 228 -35.88 11.63 -12.25
C ALA AA 228 -36.11 13.01 -11.65
N GLN AA 229 -36.24 14.02 -12.52
CA GLN AA 229 -36.47 15.40 -12.10
C GLN AA 229 -37.86 15.82 -12.54
N SER AA 230 -38.57 16.39 -11.58
CA SER AA 230 -39.92 16.83 -11.83
C SER AA 230 -40.01 18.15 -12.53
N ARG AA 231 -40.87 18.21 -13.51
CA ARG AA 231 -41.15 19.44 -14.22
C ARG AA 231 -42.49 19.98 -13.76
N LEU AA 232 -42.57 21.29 -13.29
CA LEU AA 232 -43.80 21.88 -12.77
C LEU AA 232 -44.80 22.20 -13.87
N PHE AA 233 -44.35 22.36 -15.11
CA PHE AA 233 -45.23 22.79 -16.20
C PHE AA 233 -45.00 21.93 -17.43
N GLY AA 234 -46.06 21.79 -18.22
CA GLY AA 234 -45.97 21.26 -19.56
C GLY AA 234 -46.01 22.38 -20.58
N LEU AA 235 -46.35 22.03 -21.81
CA LEU AA 235 -46.52 23.04 -22.84
C LEU AA 235 -47.74 23.89 -22.53
N ASP AA 236 -47.59 25.21 -22.60
CA ASP AA 236 -48.68 26.11 -22.27
C ASP AA 236 -49.82 25.98 -23.28
N GLY AA 237 -51.05 25.99 -22.78
CA GLY AA 237 -52.21 25.79 -23.61
C GLY AA 237 -52.60 26.99 -24.45
N GLY AA 238 -52.06 28.17 -24.16
CA GLY AA 238 -52.28 29.31 -25.03
C GLY AA 238 -51.51 29.15 -26.32
N ILE AA 239 -52.21 28.90 -27.42
CA ILE AA 239 -51.53 28.55 -28.67
C ILE AA 239 -51.25 29.78 -29.51
N SER AA 240 -52.24 30.67 -29.65
CA SER AA 240 -52.08 31.83 -30.53
C SER AA 240 -50.97 32.74 -30.01
N THR AA 241 -50.03 33.08 -30.90
CA THR AA 241 -48.97 34.03 -30.60
C THR AA 241 -49.07 35.31 -31.41
N GLN AA 242 -49.72 35.28 -32.56
CA GLN AA 242 -49.88 36.47 -33.39
C GLN AA 242 -51.03 37.33 -32.88
N GLU AA 243 -51.20 38.49 -33.48
CA GLU AA 243 -52.31 39.39 -33.18
C GLU AA 243 -53.35 39.29 -34.28
N GLU AA 244 -54.62 39.40 -33.88
CA GLU AA 244 -55.71 39.30 -34.85
C GLU AA 244 -55.66 40.46 -35.83
N ASN AA 245 -55.89 40.15 -37.11
CA ASN AA 245 -55.93 41.17 -38.16
C ASN AA 245 -57.32 41.78 -38.21
N THR AA 246 -57.43 43.03 -37.76
CA THR AA 246 -58.70 43.73 -37.74
C THR AA 246 -58.87 44.68 -38.92
N GLU AA 247 -57.92 44.71 -39.85
CA GLU AA 247 -57.96 45.66 -40.94
C GLU AA 247 -59.04 45.30 -41.96
N ARG AA 248 -59.69 46.32 -42.49
CA ARG AA 248 -60.71 46.15 -43.51
C ARG AA 248 -60.08 45.73 -44.83
N HIS AA 249 -60.93 45.35 -45.78
CA HIS AA 249 -60.47 45.00 -47.12
C HIS AA 249 -61.58 45.35 -48.09
N THR AA 250 -61.35 46.35 -48.93
CA THR AA 250 -62.34 46.84 -49.87
C THR AA 250 -61.87 46.60 -51.30
N THR AA 251 -62.80 46.76 -52.25
CA THR AA 251 -62.47 46.59 -53.66
C THR AA 251 -61.61 47.71 -54.20
N GLU AA 252 -61.42 48.80 -53.45
CA GLU AA 252 -60.51 49.86 -53.84
C GLU AA 252 -59.05 49.54 -53.54
N ASP AA 253 -58.79 48.51 -52.74
CA ASP AA 253 -57.42 48.17 -52.38
C ASP AA 253 -56.65 47.69 -53.59
N VAL AA 254 -55.40 48.14 -53.72
CA VAL AA 254 -54.56 47.72 -54.83
C VAL AA 254 -54.22 46.23 -54.72
N SER AA 255 -54.18 45.71 -53.51
CA SER AA 255 -53.86 44.30 -53.27
C SER AA 255 -54.48 43.89 -51.95
N PRO AA 256 -54.56 42.59 -51.67
CA PRO AA 256 -55.13 42.16 -50.38
C PRO AA 256 -54.33 42.61 -49.18
N SER AA 257 -53.08 43.03 -49.34
CA SER AA 257 -52.24 43.44 -48.22
C SER AA 257 -51.91 44.92 -48.21
N MET AA 258 -52.14 45.64 -49.30
CA MET AA 258 -51.84 47.08 -49.38
C MET AA 258 -53.08 47.84 -49.81
N HIS AA 259 -53.42 48.88 -49.06
CA HIS AA 259 -54.56 49.71 -49.45
C HIS AA 259 -54.25 50.53 -50.69
N THR AA 260 -53.09 51.19 -50.70
CA THR AA 260 -52.69 52.03 -51.83
C THR AA 260 -51.17 51.93 -51.98
N LEU AA 261 -50.65 52.71 -52.93
CA LEU AA 261 -49.22 52.85 -53.21
C LEU AA 261 -48.84 54.32 -53.20
N LEU AA 262 -49.24 55.03 -52.13
CA LEU AA 262 -49.27 56.49 -52.14
C LEU AA 262 -47.91 57.10 -52.47
N GLY AA 263 -46.88 56.76 -51.73
CA GLY AA 263 -45.61 57.44 -51.98
C GLY AA 263 -44.83 56.97 -53.17
N VAL AA 264 -45.37 56.02 -53.92
CA VAL AA 264 -44.62 55.45 -55.03
C VAL AA 264 -44.51 56.37 -56.22
N LYS AA 265 -43.30 56.51 -56.72
CA LYS AA 265 -43.05 57.30 -57.93
C LYS AA 265 -42.70 56.37 -59.07
N ASN AA 266 -43.32 56.56 -60.23
CA ASN AA 266 -43.08 55.72 -61.40
C ASN AA 266 -41.65 55.93 -61.94
N MET AA 267 -41.10 57.16 -61.88
CA MET AA 267 -39.74 57.42 -62.35
C MET AA 267 -39.01 58.38 -61.42
N VAL KA 44 39.07 -46.87 -28.05
CA VAL KA 44 37.63 -46.83 -28.19
C VAL KA 44 37.21 -45.71 -29.14
N PRO KA 45 36.13 -45.92 -29.88
CA PRO KA 45 35.69 -44.90 -30.84
C PRO KA 45 35.23 -43.63 -30.17
N ARG KA 46 35.33 -42.53 -30.90
CA ARG KA 46 34.93 -41.22 -30.40
C ARG KA 46 33.54 -40.88 -30.92
N ILE KA 47 32.75 -40.22 -30.07
CA ILE KA 47 31.37 -39.89 -30.40
C ILE KA 47 31.33 -38.54 -31.11
N LYS KA 48 30.61 -38.48 -32.22
CA LYS KA 48 30.44 -37.23 -32.93
C LYS KA 48 29.51 -36.29 -32.16
N ALA KA 49 29.78 -34.99 -32.28
CA ALA KA 49 28.99 -34.00 -31.57
C ALA KA 49 27.55 -33.99 -32.06
N ILE KA 50 27.34 -33.74 -33.34
CA ILE KA 50 26.01 -33.75 -33.95
C ILE KA 50 25.99 -34.90 -34.94
N THR KA 51 25.37 -36.01 -34.55
CA THR KA 51 25.30 -37.21 -35.37
C THR KA 51 23.97 -37.28 -36.12
N SER KA 52 23.84 -38.32 -36.95
CA SER KA 52 22.59 -38.56 -37.65
C SER KA 52 21.57 -39.33 -36.82
N LYS KA 53 22.00 -39.88 -35.68
CA LYS KA 53 21.06 -40.59 -34.81
C LYS KA 53 20.00 -39.64 -34.25
N MET KA 54 20.43 -38.42 -33.97
CA MET KA 54 19.52 -37.41 -33.47
C MET KA 54 18.59 -36.98 -34.58
N ARG KA 55 17.43 -36.50 -34.20
CA ARG KA 55 16.45 -36.06 -35.19
C ARG KA 55 16.75 -34.73 -35.81
N MET KA 56 16.70 -34.69 -37.13
CA MET KA 56 16.93 -33.47 -37.85
C MET KA 56 15.64 -32.98 -38.51
N PRO KA 57 15.50 -31.68 -38.76
CA PRO KA 57 14.33 -31.19 -39.49
C PRO KA 57 14.36 -31.69 -40.93
N LYS KA 58 13.27 -32.35 -41.34
CA LYS KA 58 13.18 -32.97 -42.65
C LYS KA 58 11.98 -32.41 -43.41
N SER KA 59 12.16 -32.21 -44.71
CA SER KA 59 11.09 -31.79 -45.59
C SER KA 59 11.07 -32.69 -46.83
N LYS KA 60 9.91 -33.26 -47.11
CA LYS KA 60 9.72 -34.16 -48.25
C LYS KA 60 10.71 -35.33 -48.20
N GLY KA 61 10.89 -35.89 -47.01
CA GLY KA 61 11.79 -37.03 -46.87
C GLY KA 61 13.24 -36.70 -47.14
N ALA KA 62 13.73 -35.57 -46.63
CA ALA KA 62 15.12 -35.19 -46.81
C ALA KA 62 15.48 -34.16 -45.75
N THR KA 63 16.58 -34.40 -45.05
CA THR KA 63 17.04 -33.46 -44.03
C THR KA 63 17.37 -32.12 -44.66
N VAL KA 64 16.97 -31.04 -43.99
CA VAL KA 64 17.14 -29.69 -44.50
C VAL KA 64 18.42 -29.05 -43.99
N LEU KA 65 19.28 -29.80 -43.32
CA LEU KA 65 20.54 -29.29 -42.79
C LEU KA 65 21.71 -30.05 -43.39
N ASN KA 66 22.83 -29.34 -43.56
CA ASN KA 66 24.08 -29.93 -44.03
C ASN KA 66 24.94 -30.25 -42.81
N LEU KA 67 25.01 -31.53 -42.45
CA LEU KA 67 25.65 -31.91 -41.20
C LEU KA 67 27.14 -31.60 -41.20
N GLU KA 68 27.83 -31.87 -42.31
CA GLU KA 68 29.27 -31.64 -42.37
C GLU KA 68 29.60 -30.16 -42.24
N HIS KA 69 28.95 -29.32 -43.04
CA HIS KA 69 29.20 -27.88 -42.96
C HIS KA 69 28.85 -27.33 -41.58
N LEU KA 70 27.73 -27.79 -41.02
CA LEU KA 70 27.33 -27.32 -39.69
C LEU KA 70 28.36 -27.71 -38.64
N LEU KA 71 28.88 -28.94 -38.72
CA LEU KA 71 29.95 -29.34 -37.80
C LEU KA 71 31.21 -28.51 -38.02
N GLU KA 72 31.41 -28.01 -39.23
CA GLU KA 72 32.54 -27.13 -39.51
C GLU KA 72 32.20 -25.64 -39.42
N TYR KA 73 30.94 -25.30 -39.13
CA TYR KA 73 30.51 -23.91 -39.09
C TYR KA 73 30.70 -23.36 -37.68
N ALA KA 74 31.68 -22.48 -37.51
CA ALA KA 74 31.99 -21.89 -36.20
C ALA KA 74 32.20 -20.38 -36.34
N PRO KA 75 31.12 -19.63 -36.62
CA PRO KA 75 31.25 -18.18 -36.71
C PRO KA 75 31.47 -17.55 -35.34
N GLN KA 76 32.13 -16.39 -35.35
CA GLN KA 76 32.24 -15.60 -34.13
C GLN KA 76 30.87 -15.06 -33.75
N GLN KA 77 30.59 -15.08 -32.44
CA GLN KA 77 29.25 -14.70 -31.97
C GLN KA 77 28.94 -13.24 -32.26
N ILE KA 78 29.93 -12.37 -32.13
CA ILE KA 78 29.70 -10.94 -32.40
C ILE KA 78 29.51 -10.68 -33.89
N ASP KA 79 29.91 -11.61 -34.76
CA ASP KA 79 29.77 -11.43 -36.19
C ASP KA 79 28.37 -11.72 -36.70
N ILE KA 80 27.54 -12.40 -35.92
CA ILE KA 80 26.21 -12.82 -36.36
C ILE KA 80 25.11 -12.27 -35.47
N SER KA 81 25.45 -11.39 -34.53
CA SER KA 81 24.45 -10.76 -33.67
C SER KA 81 23.84 -9.55 -34.36
N ASN KA 82 22.58 -9.29 -34.05
CA ASN KA 82 21.85 -8.16 -34.63
C ASN KA 82 21.87 -6.94 -33.73
N THR KA 83 22.60 -6.97 -32.62
CA THR KA 83 22.85 -5.81 -31.79
C THR KA 83 24.06 -5.03 -32.24
N ARG KA 84 24.70 -5.45 -33.32
CA ARG KA 84 25.86 -4.79 -33.89
C ARG KA 84 25.62 -4.58 -35.38
N ALA KA 85 26.03 -3.42 -35.89
CA ALA KA 85 25.86 -3.14 -37.31
C ALA KA 85 26.66 -4.12 -38.14
N THR KA 86 26.12 -4.46 -39.31
CA THR KA 86 26.80 -5.38 -40.21
C THR KA 86 28.06 -4.73 -40.78
N GLN KA 87 28.94 -5.57 -41.32
CA GLN KA 87 30.18 -5.06 -41.88
C GLN KA 87 29.92 -4.11 -43.04
N SER KA 88 28.91 -4.40 -43.86
CA SER KA 88 28.56 -3.49 -44.95
C SER KA 88 28.09 -2.13 -44.42
N GLN KA 89 27.26 -2.14 -43.37
CA GLN KA 89 26.80 -0.89 -42.78
C GLN KA 89 27.96 -0.11 -42.17
N PHE KA 90 28.89 -0.83 -41.52
CA PHE KA 90 30.06 -0.16 -40.96
C PHE KA 90 30.92 0.46 -42.03
N ASP KA 91 31.14 -0.26 -43.15
CA ASP KA 91 31.91 0.31 -44.25
C ASP KA 91 31.21 1.52 -44.85
N THR KA 92 29.89 1.46 -44.99
CA THR KA 92 29.16 2.61 -45.51
C THR KA 92 29.32 3.82 -44.59
N TRP KA 93 29.19 3.61 -43.28
CA TRP KA 93 29.34 4.71 -42.34
C TRP KA 93 30.76 5.27 -42.38
N TYR KA 94 31.77 4.41 -42.41
CA TYR KA 94 33.16 4.86 -42.43
C TYR KA 94 33.46 5.65 -43.70
N GLU KA 95 32.99 5.16 -44.85
CA GLU KA 95 33.20 5.89 -46.10
C GLU KA 95 32.48 7.23 -46.11
N ALA KA 96 31.26 7.27 -45.58
CA ALA KA 96 30.51 8.53 -45.54
C ALA KA 96 31.20 9.55 -44.63
N VAL KA 97 31.71 9.11 -43.48
CA VAL KA 97 32.42 10.01 -42.58
C VAL KA 97 33.71 10.50 -43.23
N GLN KA 98 34.47 9.61 -43.95
CA GLN KA 98 35.66 10.02 -44.69
C GLN KA 98 35.33 11.09 -45.72
N LEU KA 99 34.24 10.85 -46.44
CA LEU KA 99 33.85 11.81 -47.46
C LEU KA 99 33.47 13.15 -46.86
N ALA KA 100 32.73 13.14 -45.76
CA ALA KA 100 32.27 14.39 -45.17
C ALA KA 100 33.41 15.17 -44.54
N TYR KA 101 34.36 14.47 -43.91
CA TYR KA 101 35.46 15.15 -43.23
C TYR KA 101 36.57 15.57 -44.19
N ASP KA 102 36.57 15.08 -45.42
CA ASP KA 102 37.60 15.38 -46.41
C ASP KA 102 38.99 15.04 -45.86
N ILE KA 103 39.09 13.86 -45.26
CA ILE KA 103 40.32 13.40 -44.62
C ILE KA 103 40.80 12.16 -45.35
N GLY KA 104 42.11 12.09 -45.58
CA GLY KA 104 42.69 10.96 -46.26
C GLY KA 104 42.65 9.69 -45.44
N GLU KA 105 42.92 8.57 -46.10
CA GLU KA 105 42.87 7.27 -45.47
C GLU KA 105 43.99 7.04 -44.46
N THR KA 106 44.98 7.93 -44.40
CA THR KA 106 46.07 7.77 -43.45
C THR KA 106 45.84 8.53 -42.15
N GLU KA 107 45.21 9.70 -42.22
CA GLU KA 107 44.88 10.45 -41.01
C GLU KA 107 43.52 10.07 -40.43
N MET KA 108 42.74 9.27 -41.16
CA MET KA 108 41.41 8.89 -40.67
C MET KA 108 41.45 8.04 -39.40
N PRO KA 109 42.33 7.04 -39.24
CA PRO KA 109 42.34 6.28 -37.98
C PRO KA 109 42.61 7.11 -36.74
N THR KA 110 43.38 8.19 -36.85
CA THR KA 110 43.58 9.06 -35.68
C THR KA 110 42.27 9.73 -35.27
N VAL KA 111 41.52 10.21 -36.26
CA VAL KA 111 40.21 10.79 -35.98
C VAL KA 111 39.28 9.73 -35.39
N MET KA 112 39.40 8.50 -35.87
CA MET KA 112 38.60 7.41 -35.31
C MET KA 112 38.95 7.15 -33.85
N ASN KA 113 40.25 7.20 -33.52
CA ASN KA 113 40.67 7.06 -32.13
C ASN KA 113 40.05 8.14 -31.26
N GLY KA 114 40.15 9.39 -31.71
CA GLY KA 114 39.57 10.49 -30.96
C GLY KA 114 38.07 10.33 -30.77
N LEU KA 115 37.37 9.93 -31.85
CA LEU KA 115 35.92 9.76 -31.77
C LEU KA 115 35.56 8.62 -30.82
N MET KA 116 36.33 7.53 -30.83
CA MET KA 116 36.05 6.43 -29.91
C MET KA 116 36.22 6.87 -28.46
N VAL KA 117 37.27 7.63 -28.16
CA VAL KA 117 37.45 8.10 -26.79
C VAL KA 117 36.34 9.06 -26.39
N TRP KA 118 35.97 9.98 -27.29
CA TRP KA 118 34.88 10.90 -27.01
C TRP KA 118 33.57 10.16 -26.77
N CYS KA 119 33.31 9.10 -27.54
CA CYS KA 119 32.07 8.35 -27.37
C CYS KA 119 32.09 7.51 -26.10
N ILE KA 120 33.27 7.05 -25.68
CA ILE KA 120 33.40 6.43 -24.37
C ILE KA 120 32.97 7.41 -23.30
N GLU KA 121 33.41 8.66 -23.42
CA GLU KA 121 33.10 9.64 -22.38
C GLU KA 121 31.63 10.06 -22.41
N ASN KA 122 31.09 10.34 -23.59
CA ASN KA 122 29.84 11.09 -23.69
C ASN KA 122 28.68 10.30 -24.28
N GLY KA 123 28.88 9.03 -24.62
CA GLY KA 123 27.79 8.22 -25.12
C GLY KA 123 27.57 8.34 -26.61
N THR KA 124 26.63 7.53 -27.09
CA THR KA 124 26.32 7.40 -28.51
C THR KA 124 24.82 7.51 -28.75
N SER KA 125 24.17 8.46 -28.10
CA SER KA 125 22.75 8.65 -28.28
C SER KA 125 22.45 9.21 -29.68
N PRO KA 126 21.30 8.88 -30.26
CA PRO KA 126 20.93 9.47 -31.55
C PRO KA 126 20.73 10.97 -31.49
N ASN KA 127 20.53 11.54 -30.31
CA ASN KA 127 20.25 12.96 -30.15
C ASN KA 127 21.50 13.81 -29.92
N ILE KA 128 22.69 13.19 -29.84
CA ILE KA 128 23.89 13.98 -29.68
C ILE KA 128 24.10 14.85 -30.91
N ASN KA 129 24.51 16.09 -30.69
CA ASN KA 129 24.65 17.05 -31.77
C ASN KA 129 25.75 18.04 -31.39
N GLY KA 130 26.03 18.95 -32.30
CA GLY KA 130 27.09 19.93 -32.10
C GLY KA 130 28.41 19.42 -32.65
N VAL KA 131 29.43 19.41 -31.81
CA VAL KA 131 30.75 18.93 -32.20
C VAL KA 131 31.28 18.01 -31.11
N TRP KA 132 32.21 17.14 -31.51
CA TRP KA 132 33.05 16.40 -30.58
C TRP KA 132 34.46 16.94 -30.69
N VAL KA 133 35.29 16.61 -29.71
CA VAL KA 133 36.59 17.25 -29.56
C VAL KA 133 37.70 16.20 -29.49
N MET KA 134 38.82 16.51 -30.14
CA MET KA 134 40.06 15.77 -30.03
C MET KA 134 41.10 16.65 -29.34
N MET KA 135 41.93 16.02 -28.50
CA MET KA 135 42.96 16.74 -27.76
C MET KA 135 44.29 16.55 -28.46
N CYS KA 136 44.61 17.47 -29.37
CA CYS KA 136 45.88 17.48 -30.07
C CYS KA 136 46.90 18.16 -29.17
N GLY KA 137 47.62 17.36 -28.39
CA GLY KA 137 48.51 17.91 -27.39
C GLY KA 137 47.73 18.68 -26.33
N ASP KA 138 47.99 19.98 -26.25
CA ASP KA 138 47.25 20.86 -25.36
C ASP KA 138 46.15 21.64 -26.08
N GLU KA 139 45.97 21.43 -27.37
CA GLU KA 139 44.97 22.15 -28.16
C GLU KA 139 43.73 21.27 -28.38
N GLN KA 140 42.61 21.94 -28.58
CA GLN KA 140 41.32 21.29 -28.75
C GLN KA 140 40.84 21.48 -30.19
N VAL KA 141 40.62 20.38 -30.90
CA VAL KA 141 40.16 20.39 -32.28
C VAL KA 141 38.71 19.92 -32.29
N GLU KA 142 37.85 20.68 -32.95
CA GLU KA 142 36.43 20.39 -32.98
C GLU KA 142 36.03 19.78 -34.32
N TYR KA 143 35.33 18.66 -34.27
CA TYR KA 143 34.83 17.96 -35.44
C TYR KA 143 33.31 17.92 -35.39
N PRO KA 144 32.62 18.26 -36.48
CA PRO KA 144 31.15 18.20 -36.45
C PRO KA 144 30.65 16.78 -36.23
N LEU KA 145 29.57 16.67 -35.45
CA LEU KA 145 28.98 15.38 -35.14
C LEU KA 145 27.92 14.96 -36.15
N LYS KA 146 27.48 15.86 -37.03
CA LYS KA 146 26.43 15.51 -37.99
C LYS KA 146 26.81 14.35 -38.91
N PRO KA 147 27.99 14.33 -39.55
CA PRO KA 147 28.33 13.16 -40.37
C PRO KA 147 28.41 11.87 -39.57
N ILE KA 148 28.82 11.95 -38.30
CA ILE KA 148 28.97 10.74 -37.49
C ILE KA 148 27.60 10.12 -37.21
N VAL KA 149 26.60 10.94 -36.94
CA VAL KA 149 25.30 10.44 -36.50
C VAL KA 149 24.37 10.18 -37.68
N GLU KA 150 24.39 11.02 -38.71
CA GLU KA 150 23.42 10.86 -39.79
C GLU KA 150 23.73 9.69 -40.70
N ASN KA 151 24.96 9.19 -40.70
CA ASN KA 151 25.36 8.09 -41.57
C ASN KA 151 25.46 6.76 -40.84
N ALA KA 152 25.17 6.73 -39.54
CA ALA KA 152 25.30 5.51 -38.75
C ALA KA 152 23.99 4.73 -38.83
N LYS KA 153 24.04 3.56 -39.46
CA LYS KA 153 22.88 2.71 -39.61
C LYS KA 153 23.14 1.33 -39.05
N PRO KA 154 22.17 0.73 -38.35
CA PRO KA 154 20.83 1.27 -38.05
C PRO KA 154 20.89 2.37 -36.99
N THR KA 155 21.82 2.29 -36.04
CA THR KA 155 21.98 3.32 -35.02
C THR KA 155 23.47 3.60 -34.86
N LEU KA 156 23.78 4.71 -34.17
CA LEU KA 156 25.17 5.00 -33.85
C LEU KA 156 25.73 4.05 -32.81
N ARG KA 157 24.88 3.58 -31.90
CA ARG KA 157 25.33 2.60 -30.90
C ARG KA 157 25.76 1.29 -31.57
N GLN KA 158 25.00 0.84 -32.57
CA GLN KA 158 25.36 -0.39 -33.28
C GLN KA 158 26.67 -0.21 -34.06
N ILE KA 159 26.89 0.98 -34.60
CA ILE KA 159 28.15 1.25 -35.30
C ILE KA 159 29.33 1.25 -34.32
N MET KA 160 29.17 1.96 -33.19
CA MET KA 160 30.25 2.05 -32.22
C MET KA 160 30.46 0.75 -31.46
N ALA KA 161 29.51 -0.18 -31.51
CA ALA KA 161 29.72 -1.50 -30.93
C ALA KA 161 30.93 -2.21 -31.54
N HIS KA 162 31.32 -1.85 -32.77
CA HIS KA 162 32.53 -2.41 -33.36
C HIS KA 162 33.78 -1.97 -32.60
N PHE KA 163 33.69 -0.90 -31.81
CA PHE KA 163 34.81 -0.36 -31.06
C PHE KA 163 34.83 -0.83 -29.60
N SER KA 164 33.97 -1.77 -29.23
CA SER KA 164 33.75 -2.06 -27.82
C SER KA 164 34.99 -2.67 -27.16
N ASP KA 165 35.64 -3.68 -27.81
CA ASP KA 165 36.83 -4.31 -27.23
C ASP KA 165 37.97 -3.31 -27.11
N VAL KA 166 38.16 -2.46 -28.13
CA VAL KA 166 39.21 -1.46 -28.07
C VAL KA 166 38.91 -0.43 -26.98
N ALA KA 167 37.64 -0.07 -26.81
CA ALA KA 167 37.26 0.87 -25.77
C ALA KA 167 37.55 0.31 -24.39
N GLU KA 168 37.22 -0.97 -24.17
CA GLU KA 168 37.51 -1.60 -22.89
C GLU KA 168 39.00 -1.65 -22.62
N ALA KA 169 39.79 -2.02 -23.64
CA ALA KA 169 41.24 -2.06 -23.48
C ALA KA 169 41.80 -0.67 -23.18
N TYR KA 170 41.28 0.36 -23.86
CA TYR KA 170 41.74 1.71 -23.64
C TYR KA 170 41.42 2.19 -22.23
N ILE KA 171 40.21 1.87 -21.73
CA ILE KA 171 39.86 2.26 -20.37
C ILE KA 171 40.77 1.58 -19.36
N GLU KA 172 41.07 0.31 -19.56
CA GLU KA 172 41.99 -0.38 -18.65
C GLU KA 172 43.39 0.25 -18.70
N MET KA 173 43.85 0.57 -19.91
CA MET KA 173 45.17 1.19 -20.05
C MET KA 173 45.22 2.54 -19.35
N ARG KA 174 44.18 3.36 -19.52
CA ARG KA 174 44.16 4.66 -18.86
C ARG KA 174 44.08 4.50 -17.35
N ASN KA 175 43.34 3.51 -16.86
CA ASN KA 175 43.27 3.28 -15.43
C ASN KA 175 44.58 2.74 -14.86
N LYS KA 176 45.45 2.18 -15.70
CA LYS KA 176 46.76 1.77 -15.21
C LYS KA 176 47.61 2.94 -14.71
N LYS KA 177 47.36 4.16 -15.20
CA LYS KA 177 48.17 5.31 -14.86
C LYS KA 177 47.47 6.34 -13.99
N GLU KA 178 46.18 6.33 -13.95
CA GLU KA 178 45.45 7.29 -13.14
C GLU KA 178 44.01 6.84 -12.98
N PRO KA 179 43.24 7.38 -11.97
CA PRO KA 179 41.81 7.07 -11.86
C PRO KA 179 41.05 7.57 -13.09
N TYR KA 180 40.48 6.62 -13.83
CA TYR KA 180 39.82 6.92 -15.10
C TYR KA 180 38.49 6.16 -15.16
N MET KA 181 37.42 6.81 -14.71
CA MET KA 181 36.09 6.28 -14.87
C MET KA 181 35.38 7.08 -15.94
N PRO KA 182 34.86 6.45 -17.00
CA PRO KA 182 34.17 7.20 -18.05
C PRO KA 182 32.99 7.97 -17.49
N ARG KA 183 32.72 9.13 -18.10
CA ARG KA 183 31.65 10.00 -17.60
C ARG KA 183 30.31 9.29 -17.58
N TYR KA 184 30.13 8.29 -18.45
CA TYR KA 184 28.93 7.46 -18.39
C TYR KA 184 28.81 6.75 -17.06
N GLY KA 185 29.92 6.19 -16.57
CA GLY KA 185 29.92 5.52 -15.27
C GLY KA 185 29.80 6.47 -14.11
N LEU KA 186 30.16 7.74 -14.30
CA LEU KA 186 29.94 8.75 -13.27
C LEU KA 186 28.49 9.17 -13.21
N VAL KA 187 27.83 9.25 -14.37
CA VAL KA 187 26.40 9.55 -14.38
C VAL KA 187 25.60 8.40 -13.79
N ARG KA 188 26.01 7.16 -14.07
CA ARG KA 188 25.33 6.00 -13.52
C ARG KA 188 25.64 5.77 -12.04
N ASN KA 189 26.56 6.55 -11.47
CA ASN KA 189 26.94 6.43 -10.06
C ASN KA 189 27.44 5.02 -9.73
N LEU KA 190 28.26 4.47 -10.62
CA LEU KA 190 28.89 3.17 -10.37
C LEU KA 190 30.00 3.34 -9.34
N ARG KA 191 29.86 2.66 -8.21
CA ARG KA 191 30.75 2.85 -7.07
C ARG KA 191 31.95 1.92 -7.06
N ASP KA 192 32.12 1.10 -8.10
CA ASP KA 192 33.25 0.20 -8.20
C ASP KA 192 34.18 0.68 -9.31
N GLY KA 193 35.44 0.93 -8.95
CA GLY KA 193 36.41 1.39 -9.95
C GLY KA 193 36.96 0.29 -10.83
N SER KA 194 36.91 -0.95 -10.35
CA SER KA 194 37.39 -2.07 -11.15
C SER KA 194 36.43 -2.43 -12.28
N LEU KA 195 35.22 -1.90 -12.27
CA LEU KA 195 34.25 -2.11 -13.34
C LEU KA 195 34.22 -0.95 -14.33
N ALA KA 196 35.19 -0.05 -14.28
CA ALA KA 196 35.21 1.10 -15.18
C ALA KA 196 35.35 0.68 -16.64
N ARG KA 197 35.97 -0.48 -16.89
CA ARG KA 197 36.21 -0.93 -18.26
C ARG KA 197 34.93 -1.31 -19.00
N TYR KA 198 33.81 -1.44 -18.31
CA TYR KA 198 32.53 -1.76 -18.94
C TYR KA 198 31.53 -0.62 -18.85
N ALA KA 199 31.92 0.53 -18.32
CA ALA KA 199 30.98 1.61 -18.01
C ALA KA 199 30.88 2.60 -19.15
N PHE KA 200 30.49 2.11 -20.32
CA PHE KA 200 30.11 2.97 -21.44
C PHE KA 200 28.90 2.36 -22.11
N ASP KA 201 28.12 3.21 -22.80
CA ASP KA 201 26.79 2.79 -23.24
C ASP KA 201 26.81 1.98 -24.53
N PHE KA 202 27.92 1.91 -25.25
CA PHE KA 202 28.01 1.08 -26.44
C PHE KA 202 28.81 -0.19 -26.19
N TYR KA 203 29.00 -0.57 -24.93
CA TYR KA 203 29.69 -1.81 -24.62
C TYR KA 203 28.85 -3.01 -25.05
N GLU KA 204 29.50 -3.98 -25.67
CA GLU KA 204 28.84 -5.17 -26.19
C GLU KA 204 29.12 -6.35 -25.27
N VAL KA 205 28.07 -6.91 -24.69
CA VAL KA 205 28.20 -8.07 -23.81
C VAL KA 205 28.45 -9.31 -24.64
N THR KA 206 29.46 -10.08 -24.29
CA THR KA 206 29.83 -11.30 -24.99
C THR KA 206 29.83 -12.47 -24.01
N SER KA 207 30.17 -13.65 -24.54
CA SER KA 207 30.27 -14.84 -23.71
C SER KA 207 31.47 -14.79 -22.77
N ARG KA 208 32.43 -13.90 -23.02
CA ARG KA 208 33.61 -13.75 -22.17
C ARG KA 208 33.45 -12.65 -21.13
N THR KA 209 32.36 -11.90 -21.17
CA THR KA 209 32.12 -10.88 -20.16
C THR KA 209 31.89 -11.53 -18.79
N PRO KA 210 32.57 -11.09 -17.75
CA PRO KA 210 32.35 -11.67 -16.41
C PRO KA 210 30.93 -11.46 -15.94
N VAL KA 211 30.44 -12.42 -15.14
CA VAL KA 211 29.05 -12.39 -14.69
C VAL KA 211 28.77 -11.12 -13.90
N ARG KA 212 29.69 -10.72 -13.02
CA ARG KA 212 29.51 -9.49 -12.27
C ARG KA 212 29.48 -8.28 -13.19
N ALA KA 213 30.36 -8.24 -14.19
CA ALA KA 213 30.35 -7.15 -15.16
C ALA KA 213 29.05 -7.13 -15.95
N ARG KA 214 28.54 -8.31 -16.33
CA ARG KA 214 27.28 -8.37 -17.05
C ARG KA 214 26.14 -7.84 -16.20
N GLU KA 215 26.10 -8.21 -14.92
CA GLU KA 215 25.07 -7.72 -14.03
C GLU KA 215 25.17 -6.20 -13.88
N ALA KA 216 26.38 -5.67 -13.70
CA ALA KA 216 26.55 -4.23 -13.56
C ALA KA 216 26.11 -3.50 -14.82
N HIS KA 217 26.48 -4.02 -15.99
CA HIS KA 217 26.10 -3.37 -17.24
C HIS KA 217 24.59 -3.38 -17.44
N ILE KA 218 23.94 -4.50 -17.13
CA ILE KA 218 22.50 -4.57 -17.30
C ILE KA 218 21.79 -3.63 -16.33
N GLN KA 219 22.28 -3.54 -15.09
CA GLN KA 219 21.70 -2.59 -14.14
C GLN KA 219 21.90 -1.15 -14.60
N MET KA 220 23.07 -0.84 -15.15
CA MET KA 220 23.30 0.51 -15.67
C MET KA 220 22.39 0.83 -16.83
N LYS KA 221 22.19 -0.13 -17.74
CA LYS KA 221 21.28 0.09 -18.85
C LYS KA 221 19.85 0.31 -18.38
N ALA KA 222 19.41 -0.49 -17.40
CA ALA KA 222 18.05 -0.33 -16.87
C ALA KA 222 17.88 1.02 -16.19
N ALA KA 223 18.89 1.45 -15.43
CA ALA KA 223 18.83 2.75 -14.77
C ALA KA 223 18.82 3.89 -15.78
N ALA KA 224 19.61 3.77 -16.85
CA ALA KA 224 19.69 4.85 -17.84
C ALA KA 224 18.42 4.94 -18.67
N LEU KA 225 17.85 3.81 -19.07
CA LEU KA 225 16.67 3.84 -19.93
C LEU KA 225 15.43 4.23 -19.14
N LYS KA 226 15.34 3.83 -17.87
CA LYS KA 226 14.20 4.15 -16.99
C LYS KA 226 12.95 3.56 -17.62
N SER KA 227 11.87 4.31 -17.79
CA SER KA 227 10.63 3.83 -18.38
C SER KA 227 10.31 4.60 -19.67
N ALA KA 228 11.32 4.85 -20.49
CA ALA KA 228 11.13 5.60 -21.72
C ALA KA 228 10.32 4.76 -22.72
N GLN KA 229 9.27 5.37 -23.25
CA GLN KA 229 8.39 4.73 -24.23
C GLN KA 229 8.55 5.42 -25.57
N SER KA 230 8.75 4.57 -26.59
CA SER KA 230 8.93 5.07 -27.92
C SER KA 230 7.66 5.44 -28.62
N ARG KA 231 7.69 6.58 -29.25
CA ARG KA 231 6.57 7.02 -30.07
C ARG KA 231 6.91 6.82 -31.53
N LEU KA 232 6.04 6.11 -32.35
CA LEU KA 232 6.30 5.82 -33.75
C LEU KA 232 6.15 7.04 -34.64
N PHE KA 233 5.38 8.04 -34.21
CA PHE KA 233 5.07 9.18 -35.05
C PHE KA 233 5.25 10.48 -34.27
N GLY KA 234 5.59 11.53 -35.00
CA GLY KA 234 5.52 12.89 -34.51
C GLY KA 234 4.27 13.59 -35.01
N LEU KA 235 4.30 14.91 -34.97
CA LEU KA 235 3.20 15.69 -35.54
C LEU KA 235 3.19 15.52 -37.06
N ASP KA 236 2.01 15.24 -37.61
CA ASP KA 236 1.90 15.02 -39.04
C ASP KA 236 2.20 16.29 -39.81
N GLY KA 237 2.94 16.14 -40.91
CA GLY KA 237 3.36 17.29 -41.70
C GLY KA 237 2.28 17.90 -42.57
N GLY KA 238 1.16 17.21 -42.76
CA GLY KA 238 0.05 17.81 -43.45
C GLY KA 238 -0.63 18.85 -42.58
N ILE KA 239 -0.47 20.12 -42.92
CA ILE KA 239 -0.92 21.19 -42.03
C ILE KA 239 -2.35 21.61 -42.35
N SER KA 240 -2.66 21.80 -43.62
CA SER KA 240 -3.97 22.30 -44.00
C SER KA 240 -5.06 21.30 -43.62
N THR KA 241 -6.09 21.81 -42.91
CA THR KA 241 -7.25 21.02 -42.55
C THR KA 241 -8.53 21.49 -43.22
N GLN KA 242 -8.59 22.76 -43.62
CA GLN KA 242 -9.77 23.29 -44.29
C GLN KA 242 -9.75 22.92 -45.77
N GLU KA 243 -10.83 23.26 -46.46
CA GLU KA 243 -10.93 23.07 -47.90
C GLU KA 243 -10.74 24.40 -48.61
N GLU KA 244 -10.11 24.35 -49.78
CA GLU KA 244 -9.84 25.57 -50.53
C GLU KA 244 -11.15 26.20 -51.00
N ASN KA 245 -11.22 27.53 -50.89
CA ASN KA 245 -12.39 28.27 -51.34
C ASN KA 245 -12.26 28.55 -52.83
N THR KA 246 -13.07 27.87 -53.63
CA THR KA 246 -13.05 28.03 -55.08
C THR KA 246 -14.14 28.96 -55.59
N GLU KA 247 -14.92 29.56 -54.70
CA GLU KA 247 -16.05 30.37 -55.12
C GLU KA 247 -15.60 31.69 -55.72
N ARG KA 248 -16.31 32.12 -56.76
CA ARG KA 248 -16.05 33.39 -57.41
C ARG KA 248 -16.45 34.56 -56.50
N HIS KA 249 -16.05 35.76 -56.91
CA HIS KA 249 -16.43 36.97 -56.19
C HIS KA 249 -16.53 38.10 -57.22
N THR KA 250 -17.75 38.58 -57.45
CA THR KA 250 -18.01 39.62 -58.44
C THR KA 250 -18.51 40.88 -57.75
N THR KA 251 -18.53 41.98 -58.51
CA THR KA 251 -19.02 43.25 -58.00
C THR KA 251 -20.53 43.25 -57.81
N GLU KA 252 -21.25 42.24 -58.30
CA GLU KA 252 -22.67 42.12 -58.06
C GLU KA 252 -22.99 41.51 -56.69
N ASP KA 253 -22.00 40.93 -56.01
CA ASP KA 253 -22.25 40.31 -54.73
C ASP KA 253 -22.62 41.36 -53.69
N VAL KA 254 -23.62 41.02 -52.86
CA VAL KA 254 -24.04 41.94 -51.80
C VAL KA 254 -22.96 42.10 -50.75
N SER KA 255 -22.13 41.08 -50.57
CA SER KA 255 -21.06 41.10 -49.58
C SER KA 255 -19.98 40.13 -50.04
N PRO KA 256 -18.79 40.20 -49.45
CA PRO KA 256 -17.73 39.25 -49.82
C PRO KA 256 -18.07 37.79 -49.53
N SER KA 257 -19.06 37.52 -48.68
CA SER KA 257 -19.39 36.15 -48.32
C SER KA 257 -20.76 35.70 -48.82
N MET KA 258 -21.60 36.61 -49.30
CA MET KA 258 -22.93 36.26 -49.77
C MET KA 258 -23.13 36.82 -51.17
N HIS KA 259 -23.56 35.97 -52.11
CA HIS KA 259 -23.83 36.44 -53.46
C HIS KA 259 -25.07 37.33 -53.49
N THR KA 260 -26.16 36.87 -52.86
CA THR KA 260 -27.41 37.62 -52.83
C THR KA 260 -28.10 37.37 -51.49
N LEU KA 261 -29.30 37.93 -51.36
CA LEU KA 261 -30.18 37.77 -50.20
C LEU KA 261 -31.56 37.31 -50.67
N LEU KA 262 -31.58 36.26 -51.49
CA LEU KA 262 -32.75 35.94 -52.29
C LEU KA 262 -34.00 35.73 -51.43
N GLY KA 263 -33.97 34.85 -50.46
CA GLY KA 263 -35.19 34.58 -49.73
C GLY KA 263 -35.59 35.59 -48.69
N VAL KA 264 -34.81 36.66 -48.56
CA VAL KA 264 -35.07 37.63 -47.51
C VAL KA 264 -36.28 38.49 -47.77
N LYS KA 265 -37.13 38.60 -46.76
CA LYS KA 265 -38.31 39.47 -46.85
C LYS KA 265 -38.10 40.66 -45.92
N ASN KA 266 -38.35 41.87 -46.42
CA ASN KA 266 -38.19 43.09 -45.65
C ASN KA 266 -39.20 43.17 -44.50
N MET KA 267 -40.44 42.67 -44.68
CA MET KA 267 -41.45 42.68 -43.63
C MET KA 267 -42.25 41.38 -43.63
N VAL LA 44 4.03 -67.75 -15.00
CA VAL LA 44 2.80 -67.03 -14.68
C VAL LA 44 2.42 -66.09 -15.83
N PRO LA 45 1.12 -65.89 -16.04
CA PRO LA 45 0.68 -65.04 -17.15
C PRO LA 45 1.08 -63.58 -16.94
N ARG LA 46 1.21 -62.87 -18.05
CA ARG LA 46 1.57 -61.46 -18.04
C ARG LA 46 0.33 -60.60 -18.19
N ILE LA 47 0.31 -59.47 -17.48
CA ILE LA 47 -0.85 -58.58 -17.46
C ILE LA 47 -0.72 -57.59 -18.60
N LYS LA 48 -1.81 -57.43 -19.36
CA LYS LA 48 -1.83 -56.45 -20.43
C LYS LA 48 -1.90 -55.02 -19.87
N ALA LA 49 -1.27 -54.10 -20.58
CA ALA LA 49 -1.23 -52.70 -20.13
C ALA LA 49 -2.62 -52.10 -20.09
N ILE LA 50 -3.30 -52.07 -21.23
CA ILE LA 50 -4.66 -51.56 -21.33
C ILE LA 50 -5.56 -52.74 -21.70
N THR LA 51 -6.28 -53.27 -20.73
CA THR LA 51 -7.13 -54.44 -20.92
C THR LA 51 -8.58 -54.00 -21.10
N SER LA 52 -9.44 -54.98 -21.36
CA SER LA 52 -10.87 -54.73 -21.47
C SER LA 52 -11.57 -54.70 -20.12
N LYS LA 53 -10.90 -55.11 -19.05
CA LYS LA 53 -11.51 -55.06 -17.72
C LYS LA 53 -11.77 -53.61 -17.31
N MET LA 54 -10.84 -52.73 -17.70
CA MET LA 54 -11.00 -51.32 -17.39
C MET LA 54 -12.12 -50.76 -18.23
N ARG LA 55 -12.73 -49.68 -17.74
CA ARG LA 55 -13.83 -49.05 -18.45
C ARG LA 55 -13.40 -48.21 -19.63
N MET LA 56 -14.04 -48.45 -20.75
CA MET LA 56 -13.75 -47.69 -21.95
C MET LA 56 -14.93 -46.80 -22.30
N PRO LA 57 -14.70 -45.69 -23.00
CA PRO LA 57 -15.82 -44.86 -23.46
C PRO LA 57 -16.64 -45.61 -24.50
N LYS LA 58 -17.94 -45.72 -24.25
CA LYS LA 58 -18.85 -46.48 -25.09
C LYS LA 58 -19.98 -45.60 -25.60
N SER LA 59 -20.37 -45.80 -26.85
CA SER LA 59 -21.50 -45.10 -27.45
C SER LA 59 -22.40 -46.12 -28.12
N LYS LA 60 -23.69 -46.09 -27.77
CA LYS LA 60 -24.69 -47.02 -28.31
C LYS LA 60 -24.27 -48.47 -28.11
N GLY LA 61 -23.77 -48.77 -26.92
CA GLY LA 61 -23.37 -50.14 -26.60
C GLY LA 61 -22.21 -50.65 -27.43
N ALA LA 62 -21.18 -49.82 -27.60
CA ALA LA 62 -20.00 -50.22 -28.35
C ALA LA 62 -18.85 -49.30 -27.97
N THR LA 63 -17.72 -49.89 -27.63
CA THR LA 63 -16.54 -49.10 -27.28
C THR LA 63 -16.08 -48.28 -28.47
N VAL LA 64 -15.71 -47.03 -28.20
CA VAL LA 64 -15.34 -46.09 -29.25
C VAL LA 64 -13.83 -46.06 -29.49
N LEU LA 65 -13.09 -46.98 -28.87
CA LEU LA 65 -11.64 -47.05 -29.03
C LEU LA 65 -11.24 -48.40 -29.60
N ASN LA 66 -10.16 -48.40 -30.37
CA ASN LA 66 -9.58 -49.62 -30.93
C ASN LA 66 -8.42 -50.04 -30.02
N LEU LA 67 -8.65 -51.08 -29.21
CA LEU LA 67 -7.69 -51.44 -28.18
C LEU LA 67 -6.37 -51.91 -28.78
N GLU LA 68 -6.43 -52.72 -29.85
CA GLU LA 68 -5.19 -53.26 -30.44
C GLU LA 68 -4.34 -52.14 -31.04
N HIS LA 69 -4.95 -51.28 -31.85
CA HIS LA 69 -4.20 -50.19 -32.45
C HIS LA 69 -3.64 -49.25 -31.39
N LEU LA 70 -4.45 -48.95 -30.36
CA LEU LA 70 -3.99 -48.07 -29.29
C LEU LA 70 -2.81 -48.68 -28.56
N LEU LA 71 -2.85 -49.98 -28.28
CA LEU LA 71 -1.71 -50.65 -27.67
C LEU LA 71 -0.49 -50.62 -28.59
N GLU LA 72 -0.71 -50.56 -29.91
CA GLU LA 72 0.39 -50.44 -30.85
C GLU LA 72 0.67 -49.00 -31.27
N TYR LA 73 -0.08 -48.03 -30.78
CA TYR LA 73 0.08 -46.63 -31.17
C TYR LA 73 1.08 -45.96 -30.25
N ALA LA 74 2.27 -45.67 -30.77
CA ALA LA 74 3.34 -45.03 -29.99
C ALA LA 74 3.96 -43.90 -30.80
N PRO LA 75 3.23 -42.80 -31.00
CA PRO LA 75 3.81 -41.65 -31.71
C PRO LA 75 4.85 -40.94 -30.87
N GLN LA 76 5.79 -40.29 -31.55
CA GLN LA 76 6.72 -39.42 -30.87
C GLN LA 76 5.99 -38.19 -30.32
N GLN LA 77 6.36 -37.77 -29.12
CA GLN LA 77 5.63 -36.70 -28.44
C GLN LA 77 5.75 -35.39 -29.18
N ILE LA 78 6.93 -35.11 -29.74
CA ILE LA 78 7.12 -33.86 -30.49
C ILE LA 78 6.37 -33.87 -31.81
N ASP LA 79 5.95 -35.04 -32.30
CA ASP LA 79 5.25 -35.13 -33.56
C ASP LA 79 3.76 -34.80 -33.44
N ILE LA 80 3.21 -34.79 -32.23
CA ILE LA 80 1.79 -34.58 -32.02
C ILE LA 80 1.50 -33.38 -31.14
N SER LA 81 2.52 -32.60 -30.80
CA SER LA 81 2.33 -31.40 -30.01
C SER LA 81 1.95 -30.22 -30.90
N ASN LA 82 1.16 -29.31 -30.35
CA ASN LA 82 0.71 -28.14 -31.08
C ASN LA 82 1.57 -26.92 -30.82
N THR LA 83 2.67 -27.06 -30.08
CA THR LA 83 3.66 -26.01 -29.92
C THR LA 83 4.73 -26.06 -31.01
N ARG LA 84 4.59 -26.97 -31.96
CA ARG LA 84 5.50 -27.11 -33.08
C ARG LA 84 4.69 -27.15 -34.37
N ALA LA 85 5.20 -26.49 -35.41
CA ALA LA 85 4.50 -26.48 -36.67
C ALA LA 85 4.40 -27.88 -37.24
N THR LA 86 3.30 -28.16 -37.94
CA THR LA 86 3.11 -29.46 -38.54
C THR LA 86 4.09 -29.67 -39.69
N GLN LA 87 4.25 -30.93 -40.09
CA GLN LA 87 5.18 -31.25 -41.17
C GLN LA 87 4.77 -30.56 -42.47
N SER LA 88 3.46 -30.49 -42.74
CA SER LA 88 2.99 -29.80 -43.93
C SER LA 88 3.34 -28.31 -43.89
N GLN LA 89 3.15 -27.67 -42.73
CA GLN LA 89 3.49 -26.27 -42.59
C GLN LA 89 4.99 -26.04 -42.74
N PHE LA 90 5.81 -26.96 -42.19
CA PHE LA 90 7.25 -26.85 -42.34
C PHE LA 90 7.67 -27.00 -43.80
N ASP LA 91 7.07 -27.95 -44.52
CA ASP LA 91 7.38 -28.10 -45.94
C ASP LA 91 6.98 -26.87 -46.72
N THR LA 92 5.81 -26.30 -46.41
CA THR LA 92 5.38 -25.08 -47.10
C THR LA 92 6.36 -23.94 -46.86
N TRP LA 93 6.80 -23.76 -45.61
CA TRP LA 93 7.75 -22.70 -45.30
C TRP LA 93 9.09 -22.94 -46.01
N TYR LA 94 9.57 -24.18 -45.99
CA TYR LA 94 10.85 -24.48 -46.63
C TYR LA 94 10.78 -24.25 -48.13
N GLU LA 95 9.70 -24.67 -48.77
CA GLU LA 95 9.54 -24.46 -50.20
C GLU LA 95 9.43 -22.98 -50.52
N ALA LA 96 8.70 -22.21 -49.71
CA ALA LA 96 8.56 -20.78 -49.97
C ALA LA 96 9.90 -20.06 -49.82
N VAL LA 97 10.69 -20.44 -48.81
CA VAL LA 97 12.00 -19.82 -48.63
C VAL LA 97 12.92 -20.19 -49.80
N GLN LA 98 12.90 -21.48 -50.28
CA GLN LA 98 13.67 -21.89 -51.46
C GLN LA 98 13.29 -21.04 -52.68
N LEU LA 99 12.00 -20.87 -52.85
CA LEU LA 99 11.54 -20.11 -54.00
C LEU LA 99 11.98 -18.65 -53.92
N ALA LA 100 11.88 -18.04 -52.73
CA ALA LA 100 12.22 -16.64 -52.59
C ALA LA 100 13.73 -16.41 -52.73
N TYR LA 101 14.54 -17.32 -52.20
CA TYR LA 101 15.99 -17.15 -52.25
C TYR LA 101 16.60 -17.55 -53.58
N ASP LA 102 15.84 -18.24 -54.45
CA ASP LA 102 16.34 -18.71 -55.74
C ASP LA 102 17.60 -19.55 -55.57
N ILE LA 103 17.54 -20.47 -54.60
CA ILE LA 103 18.66 -21.33 -54.24
C ILE LA 103 18.28 -22.77 -54.52
N GLY LA 104 19.22 -23.53 -55.09
CA GLY LA 104 18.96 -24.91 -55.40
C GLY LA 104 18.87 -25.77 -54.15
N GLU LA 105 18.38 -27.00 -54.35
CA GLU LA 105 18.17 -27.93 -53.25
C GLU LA 105 19.47 -28.46 -52.66
N THR LA 106 20.61 -28.18 -53.28
CA THR LA 106 21.89 -28.64 -52.75
C THR LA 106 22.56 -27.60 -51.86
N GLU LA 107 22.45 -26.33 -52.20
CA GLU LA 107 23.00 -25.25 -51.38
C GLU LA 107 22.03 -24.78 -50.30
N MET LA 108 20.78 -25.23 -50.34
CA MET LA 108 19.80 -24.80 -49.35
C MET LA 108 20.12 -25.23 -47.93
N PRO LA 109 20.55 -26.48 -47.66
CA PRO LA 109 20.87 -26.84 -46.27
C PRO LA 109 21.97 -26.01 -45.64
N THR LA 110 22.93 -25.50 -46.40
CA THR LA 110 23.93 -24.61 -45.83
C THR LA 110 23.30 -23.31 -45.35
N VAL LA 111 22.40 -22.75 -46.14
CA VAL LA 111 21.68 -21.56 -45.73
C VAL LA 111 20.82 -21.85 -44.51
N MET LA 112 20.26 -23.06 -44.45
CA MET LA 112 19.48 -23.45 -43.27
C MET LA 112 20.36 -23.54 -42.02
N ASN LA 113 21.58 -24.06 -42.17
CA ASN LA 113 22.53 -24.08 -41.05
C ASN LA 113 22.81 -22.67 -40.55
N GLY LA 114 23.13 -21.77 -41.49
CA GLY LA 114 23.38 -20.39 -41.11
C GLY LA 114 22.20 -19.74 -40.42
N LEU LA 115 21.00 -19.97 -40.95
CA LEU LA 115 19.80 -19.39 -40.36
C LEU LA 115 19.54 -19.94 -38.97
N MET LA 116 19.77 -21.25 -38.78
CA MET LA 116 19.59 -21.84 -37.46
C MET LA 116 20.55 -21.22 -36.44
N VAL LA 117 21.81 -21.04 -36.83
CA VAL LA 117 22.77 -20.44 -35.90
C VAL LA 117 22.38 -18.99 -35.60
N TRP LA 118 21.99 -18.24 -36.63
CA TRP LA 118 21.57 -16.86 -36.43
C TRP LA 118 20.36 -16.78 -35.51
N CYS LA 119 19.41 -17.71 -35.65
CA CYS LA 119 18.23 -17.70 -34.81
C CYS LA 119 18.53 -18.13 -33.39
N ILE LA 120 19.52 -19.01 -33.20
CA ILE LA 120 20.01 -19.31 -31.87
C ILE LA 120 20.52 -18.03 -31.20
N GLU LA 121 21.26 -17.22 -31.96
CA GLU LA 121 21.83 -16.02 -31.37
C GLU LA 121 20.79 -14.94 -31.12
N ASN LA 122 19.89 -14.70 -32.08
CA ASN LA 122 19.10 -13.48 -32.07
C ASN LA 122 17.60 -13.70 -31.89
N GLY LA 123 17.16 -14.94 -31.73
CA GLY LA 123 15.75 -15.18 -31.48
C GLY LA 123 14.92 -15.32 -32.74
N THR LA 124 13.65 -15.63 -32.53
CA THR LA 124 12.70 -15.90 -33.59
C THR LA 124 11.40 -15.13 -33.38
N SER LA 125 11.51 -13.87 -33.00
CA SER LA 125 10.34 -13.04 -32.79
C SER LA 125 9.66 -12.72 -34.12
N PRO LA 126 8.33 -12.57 -34.12
CA PRO LA 126 7.64 -12.17 -35.35
C PRO LA 126 8.03 -10.80 -35.86
N ASN LA 127 8.62 -9.96 -35.01
CA ASN LA 127 8.97 -8.59 -35.37
C ASN LA 127 10.39 -8.44 -35.91
N ILE LA 128 11.17 -9.53 -35.96
CA ILE LA 128 12.51 -9.43 -36.53
C ILE LA 128 12.41 -9.07 -38.00
N ASN LA 129 13.29 -8.18 -38.45
CA ASN LA 129 13.25 -7.68 -39.81
C ASN LA 129 14.66 -7.31 -40.24
N GLY LA 130 14.78 -6.88 -41.49
CA GLY LA 130 16.08 -6.54 -42.04
C GLY LA 130 16.71 -7.73 -42.71
N VAL LA 131 17.93 -8.06 -42.31
CA VAL LA 131 18.65 -9.21 -42.86
C VAL LA 131 19.26 -10.00 -41.72
N TRP LA 132 19.52 -11.28 -42.00
CA TRP LA 132 20.38 -12.10 -41.17
C TRP LA 132 21.67 -12.38 -41.91
N VAL LA 133 22.68 -12.85 -41.19
CA VAL LA 133 24.03 -12.93 -41.74
C VAL LA 133 24.58 -14.33 -41.60
N MET LA 134 25.30 -14.77 -42.62
CA MET LA 134 26.09 -15.99 -42.63
C MET LA 134 27.57 -15.61 -42.72
N MET LA 135 28.40 -16.36 -42.01
CA MET LA 135 29.85 -16.10 -41.98
C MET LA 135 30.53 -17.07 -42.93
N CYS LA 136 30.69 -16.65 -44.18
CA CYS LA 136 31.40 -17.44 -45.19
C CYS LA 136 32.88 -17.16 -45.01
N GLY LA 137 33.55 -18.02 -44.23
CA GLY LA 137 34.92 -17.78 -43.87
C GLY LA 137 35.07 -16.52 -43.06
N ASP LA 138 35.77 -15.53 -43.59
CA ASP LA 138 35.90 -14.22 -42.96
C ASP LA 138 34.95 -13.19 -43.55
N GLU LA 139 34.12 -13.57 -44.51
CA GLU LA 139 33.20 -12.64 -45.16
C GLU LA 139 31.79 -12.81 -44.61
N GLN LA 140 31.02 -11.72 -44.71
CA GLN LA 140 29.66 -11.67 -44.18
C GLN LA 140 28.68 -11.60 -45.34
N VAL LA 141 27.78 -12.58 -45.43
CA VAL LA 141 26.76 -12.64 -46.47
C VAL LA 141 25.42 -12.34 -45.84
N GLU LA 142 24.68 -11.40 -46.44
CA GLU LA 142 23.41 -10.96 -45.89
C GLU LA 142 22.25 -11.56 -46.68
N TYR LA 143 21.31 -12.15 -45.96
CA TYR LA 143 20.11 -12.75 -46.52
C TYR LA 143 18.89 -12.01 -45.99
N PRO LA 144 17.93 -11.64 -46.83
CA PRO LA 144 16.73 -10.96 -46.34
C PRO LA 144 15.93 -11.85 -45.40
N LEU LA 145 15.38 -11.24 -44.36
CA LEU LA 145 14.58 -11.96 -43.38
C LEU LA 145 13.11 -12.02 -43.73
N LYS LA 146 12.66 -11.24 -44.72
CA LYS LA 146 11.24 -11.23 -45.07
C LYS LA 146 10.71 -12.59 -45.50
N PRO LA 147 11.36 -13.33 -46.42
CA PRO LA 147 10.84 -14.67 -46.74
C PRO LA 147 10.83 -15.62 -45.56
N ILE LA 148 11.77 -15.48 -44.63
CA ILE LA 148 11.84 -16.37 -43.49
C ILE LA 148 10.65 -16.17 -42.57
N VAL LA 149 10.25 -14.92 -42.36
CA VAL LA 149 9.22 -14.60 -41.37
C VAL LA 149 7.82 -14.63 -41.98
N GLU LA 150 7.66 -14.15 -43.21
CA GLU LA 150 6.31 -14.04 -43.77
C GLU LA 150 5.72 -15.39 -44.17
N ASN LA 151 6.55 -16.42 -44.35
CA ASN LA 151 6.07 -17.72 -44.76
C ASN LA 151 6.03 -18.73 -43.62
N ALA LA 152 6.38 -18.34 -42.42
CA ALA LA 152 6.43 -19.24 -41.27
C ALA LA 152 5.05 -19.27 -40.62
N LYS LA 153 4.39 -20.42 -40.70
CA LYS LA 153 3.07 -20.59 -40.11
C LYS LA 153 3.06 -21.77 -39.14
N PRO LA 154 2.38 -21.63 -38.01
CA PRO LA 154 1.63 -20.45 -37.55
C PRO LA 154 2.55 -19.32 -37.10
N THR LA 155 3.73 -19.63 -36.55
CA THR LA 155 4.70 -18.62 -36.15
C THR LA 155 6.09 -19.09 -36.58
N LEU LA 156 7.04 -18.16 -36.55
CA LEU LA 156 8.43 -18.53 -36.83
C LEU LA 156 9.02 -19.38 -35.72
N ARG LA 157 8.59 -19.16 -34.47
CA ARG LA 157 9.07 -19.98 -33.37
C ARG LA 157 8.65 -21.43 -33.54
N GLN LA 158 7.41 -21.66 -33.98
CA GLN LA 158 6.94 -23.03 -34.19
C GLN LA 158 7.69 -23.70 -35.34
N ILE LA 159 8.05 -22.92 -36.37
CA ILE LA 159 8.84 -23.47 -37.48
C ILE LA 159 10.24 -23.84 -36.99
N MET LA 160 10.89 -22.92 -36.28
CA MET LA 160 12.26 -23.16 -35.81
C MET LA 160 12.33 -24.19 -34.70
N ALA LA 161 11.19 -24.52 -34.07
CA ALA LA 161 11.16 -25.60 -33.10
C ALA LA 161 11.62 -26.93 -33.71
N HIS LA 162 11.48 -27.09 -35.02
CA HIS LA 162 12.00 -28.28 -35.68
C HIS LA 162 13.52 -28.37 -35.61
N PHE LA 163 14.19 -27.26 -35.34
CA PHE LA 163 15.65 -27.19 -35.26
C PHE LA 163 16.17 -27.27 -33.84
N SER LA 164 15.31 -27.55 -32.86
CA SER LA 164 15.70 -27.38 -31.46
C SER LA 164 16.79 -28.36 -31.03
N ASP LA 165 16.66 -29.67 -31.38
CA ASP LA 165 17.66 -30.66 -31.01
C ASP LA 165 19.00 -30.36 -31.66
N VAL LA 166 18.98 -29.96 -32.95
CA VAL LA 166 20.22 -29.62 -33.64
C VAL LA 166 20.84 -28.37 -33.03
N ALA LA 167 20.01 -27.40 -32.63
CA ALA LA 167 20.53 -26.19 -32.00
C ALA LA 167 21.20 -26.51 -30.69
N GLU LA 168 20.59 -27.37 -29.87
CA GLU LA 168 21.19 -27.76 -28.61
C GLU LA 168 22.52 -28.49 -28.82
N ALA LA 169 22.54 -29.41 -29.79
CA ALA LA 169 23.78 -30.11 -30.09
C ALA LA 169 24.86 -29.16 -30.58
N TYR LA 170 24.49 -28.19 -31.41
CA TYR LA 170 25.45 -27.22 -31.93
C TYR LA 170 26.01 -26.35 -30.81
N ILE LA 171 25.16 -25.93 -29.87
CA ILE LA 171 25.64 -25.12 -28.76
C ILE LA 171 26.61 -25.92 -27.90
N GLU LA 172 26.31 -27.19 -27.64
CA GLU LA 172 27.24 -28.02 -26.88
C GLU LA 172 28.58 -28.18 -27.61
N MET LA 173 28.50 -28.42 -28.92
CA MET LA 173 29.71 -28.57 -29.71
C MET LA 173 30.56 -27.31 -29.68
N ARG LA 174 29.93 -26.13 -29.84
CA ARG LA 174 30.69 -24.89 -29.79
C ARG LA 174 31.27 -24.65 -28.41
N ASN LA 175 30.54 -25.01 -27.36
CA ASN LA 175 31.07 -24.86 -26.01
C ASN LA 175 32.20 -25.84 -25.71
N LYS LA 176 32.33 -26.92 -26.48
CA LYS LA 176 33.47 -27.80 -26.29
C LYS LA 176 34.80 -27.12 -26.62
N LYS LA 177 34.81 -26.09 -27.46
CA LYS LA 177 36.04 -25.45 -27.89
C LYS LA 177 36.23 -24.03 -27.35
N GLU LA 178 35.20 -23.40 -26.90
CA GLU LA 178 35.33 -22.05 -26.37
C GLU LA 178 34.07 -21.68 -25.59
N PRO LA 179 34.11 -20.62 -24.73
CA PRO LA 179 32.89 -20.15 -24.05
C PRO LA 179 31.88 -19.64 -25.06
N TYR LA 180 30.73 -20.31 -25.13
CA TYR LA 180 29.72 -20.01 -26.13
C TYR LA 180 28.34 -20.01 -25.45
N MET LA 181 27.91 -18.83 -25.01
CA MET LA 181 26.56 -18.66 -24.51
C MET LA 181 25.77 -17.87 -25.53
N PRO LA 182 24.64 -18.39 -26.02
CA PRO LA 182 23.85 -17.64 -27.01
C PRO LA 182 23.43 -16.28 -26.47
N ARG LA 183 23.34 -15.31 -27.39
CA ARG LA 183 23.01 -13.95 -26.97
C ARG LA 183 21.68 -13.88 -26.25
N TYR LA 184 20.78 -14.82 -26.53
CA TYR LA 184 19.54 -14.91 -25.77
C TYR LA 184 19.82 -15.16 -24.29
N GLY LA 185 20.74 -16.07 -23.99
CA GLY LA 185 21.10 -16.34 -22.61
C GLY LA 185 21.89 -15.22 -21.97
N LEU LA 186 22.54 -14.38 -22.76
CA LEU LA 186 23.21 -13.20 -22.22
C LEU LA 186 22.20 -12.11 -21.89
N VAL LA 187 21.15 -11.97 -22.70
CA VAL LA 187 20.10 -11.01 -22.38
C VAL LA 187 19.32 -11.46 -21.15
N ARG LA 188 19.08 -12.77 -21.02
CA ARG LA 188 18.37 -13.29 -19.86
C ARG LA 188 19.23 -13.31 -18.61
N ASN LA 189 20.52 -12.99 -18.71
CA ASN LA 189 21.44 -12.96 -17.57
C ASN LA 189 21.50 -14.31 -16.88
N LEU LA 190 21.56 -15.38 -17.68
CA LEU LA 190 21.73 -16.72 -17.12
C LEU LA 190 23.16 -16.90 -16.65
N ARG LA 191 23.34 -17.16 -15.36
CA ARG LA 191 24.66 -17.18 -14.74
C ARG LA 191 25.30 -18.56 -14.74
N ASP LA 192 24.67 -19.56 -15.34
CA ASP LA 192 25.22 -20.91 -15.41
C ASP LA 192 25.62 -21.19 -16.85
N GLY LA 193 26.89 -21.54 -17.05
CA GLY LA 193 27.38 -21.84 -18.39
C GLY LA 193 27.03 -23.23 -18.86
N SER LA 194 26.77 -24.16 -17.93
CA SER LA 194 26.39 -25.51 -18.31
C SER LA 194 24.97 -25.59 -18.83
N LEU LA 195 24.18 -24.53 -18.67
CA LEU LA 195 22.82 -24.47 -19.19
C LEU LA 195 22.74 -23.70 -20.50
N ALA LA 196 23.88 -23.41 -21.14
CA ALA LA 196 23.88 -22.65 -22.38
C ALA LA 196 23.16 -23.39 -23.50
N ARG LA 197 23.13 -24.73 -23.44
CA ARG LA 197 22.53 -25.52 -24.50
C ARG LA 197 21.02 -25.38 -24.58
N TYR LA 198 20.38 -24.79 -23.58
CA TYR LA 198 18.94 -24.56 -23.60
C TYR LA 198 18.57 -23.10 -23.67
N ALA LA 199 19.54 -22.20 -23.81
CA ALA LA 199 19.31 -20.77 -23.68
C ALA LA 199 19.05 -20.12 -25.05
N PHE LA 200 18.01 -20.61 -25.72
CA PHE LA 200 17.48 -19.95 -26.91
C PHE LA 200 15.97 -20.00 -26.86
N ASP LA 201 15.33 -19.06 -27.55
CA ASP LA 201 13.89 -18.85 -27.34
C ASP LA 201 13.01 -19.83 -28.12
N PHE LA 202 13.56 -20.59 -29.06
CA PHE LA 202 12.78 -21.60 -29.76
C PHE LA 202 13.10 -23.00 -29.28
N TYR LA 203 13.70 -23.14 -28.10
CA TYR LA 203 13.97 -24.45 -27.54
C TYR LA 203 12.67 -25.14 -27.16
N GLU LA 204 12.56 -26.42 -27.50
CA GLU LA 204 11.35 -27.20 -27.25
C GLU LA 204 11.61 -28.13 -26.07
N VAL LA 205 10.82 -27.96 -25.02
CA VAL LA 205 10.93 -28.80 -23.84
C VAL LA 205 10.29 -30.16 -24.11
N THR LA 206 11.02 -31.23 -23.81
CA THR LA 206 10.55 -32.59 -24.03
C THR LA 206 10.59 -33.36 -22.71
N SER LA 207 10.21 -34.64 -22.80
CA SER LA 207 10.26 -35.50 -21.62
C SER LA 207 11.69 -35.85 -21.21
N ARG LA 208 12.66 -35.62 -22.10
CA ARG LA 208 14.06 -35.89 -21.79
C ARG LA 208 14.81 -34.66 -21.31
N THR LA 209 14.17 -33.49 -21.30
CA THR LA 209 14.81 -32.29 -20.77
C THR LA 209 15.03 -32.43 -19.27
N PRO LA 210 16.22 -32.17 -18.77
CA PRO LA 210 16.45 -32.26 -17.32
C PRO LA 210 15.60 -31.27 -16.55
N VAL LA 211 15.24 -31.65 -15.32
CA VAL LA 211 14.33 -30.85 -14.51
C VAL LA 211 14.91 -29.46 -14.26
N ARG LA 212 16.21 -29.39 -13.97
CA ARG LA 212 16.87 -28.11 -13.77
C ARG LA 212 16.83 -27.27 -15.04
N ALA LA 213 17.09 -27.90 -16.19
CA ALA LA 213 17.02 -27.18 -17.46
C ALA LA 213 15.61 -26.70 -17.74
N ARG LA 214 14.60 -27.52 -17.43
CA ARG LA 214 13.22 -27.12 -17.62
C ARG LA 214 12.87 -25.91 -16.76
N GLU LA 215 13.30 -25.93 -15.50
CA GLU LA 215 13.08 -24.79 -14.61
C GLU LA 215 13.75 -23.54 -15.14
N ALA LA 216 15.01 -23.66 -15.57
CA ALA LA 216 15.72 -22.49 -16.10
C ALA LA 216 15.04 -21.94 -17.35
N HIS LA 217 14.60 -22.82 -18.25
CA HIS LA 217 13.95 -22.36 -19.46
C HIS LA 217 12.62 -21.68 -19.16
N ILE LA 218 11.84 -22.22 -18.22
CA ILE LA 218 10.57 -21.60 -17.89
C ILE LA 218 10.78 -20.25 -17.22
N GLN LA 219 11.79 -20.15 -16.35
CA GLN LA 219 12.10 -18.85 -15.74
C GLN LA 219 12.55 -17.84 -16.79
N MET LA 220 13.36 -18.28 -17.77
CA MET LA 220 13.79 -17.37 -18.83
C MET LA 220 12.61 -16.91 -19.66
N LYS LA 221 11.69 -17.82 -19.98
CA LYS LA 221 10.51 -17.44 -20.75
C LYS LA 221 9.65 -16.43 -19.99
N ALA LA 222 9.46 -16.67 -18.69
CA ALA LA 222 8.67 -15.75 -17.87
C ALA LA 222 9.33 -14.39 -17.79
N ALA LA 223 10.65 -14.35 -17.62
CA ALA LA 223 11.37 -13.08 -17.56
C ALA LA 223 11.29 -12.34 -18.90
N ALA LA 224 11.39 -13.07 -20.01
CA ALA LA 224 11.38 -12.42 -21.32
C ALA LA 224 10.00 -11.90 -21.68
N LEU LA 225 8.95 -12.67 -21.37
CA LEU LA 225 7.61 -12.24 -21.75
C LEU LA 225 7.09 -11.13 -20.85
N LYS LA 226 7.47 -11.14 -19.58
CA LYS LA 226 7.07 -10.12 -18.60
C LYS LA 226 5.55 -10.13 -18.50
N SER LA 227 4.86 -8.99 -18.62
CA SER LA 227 3.42 -8.91 -18.55
C SER LA 227 2.82 -8.40 -19.85
N ALA LA 228 3.36 -8.87 -20.98
CA ALA LA 228 2.89 -8.43 -22.28
C ALA LA 228 1.48 -8.94 -22.54
N GLN LA 229 0.59 -8.03 -22.92
CA GLN LA 229 -0.80 -8.36 -23.21
C GLN LA 229 -1.06 -8.15 -24.70
N SER LA 230 -1.67 -9.17 -25.28
CA SER LA 230 -1.97 -9.15 -26.69
C SER LA 230 -3.19 -8.35 -27.03
N ARG LA 231 -3.06 -7.56 -28.05
CA ARG LA 231 -4.19 -6.80 -28.58
C ARG LA 231 -4.67 -7.47 -29.86
N LEU LA 232 -6.00 -7.82 -30.00
CA LEU LA 232 -6.55 -8.50 -31.16
C LEU LA 232 -6.66 -7.59 -32.38
N PHE LA 233 -6.72 -6.28 -32.18
CA PHE LA 233 -6.96 -5.35 -33.27
C PHE LA 233 -5.99 -4.18 -33.19
N GLY LA 234 -5.67 -3.62 -34.35
CA GLY LA 234 -5.03 -2.33 -34.45
C GLY LA 234 -6.03 -1.24 -34.78
N LEU LA 235 -5.51 -0.13 -35.30
CA LEU LA 235 -6.40 0.93 -35.76
C LEU LA 235 -7.17 0.47 -36.99
N ASP LA 236 -8.48 0.67 -36.97
CA ASP LA 236 -9.32 0.24 -38.08
C ASP LA 236 -8.98 0.99 -39.36
N GLY LA 237 -8.95 0.27 -40.47
CA GLY LA 237 -8.57 0.85 -41.75
C GLY LA 237 -9.63 1.70 -42.40
N GLY LA 238 -10.87 1.63 -41.94
CA GLY LA 238 -11.89 2.54 -42.42
C GLY LA 238 -11.67 3.93 -41.89
N ILE LA 239 -11.23 4.85 -42.75
CA ILE LA 239 -10.82 6.17 -42.28
C ILE LA 239 -11.97 7.16 -42.28
N SER LA 240 -12.75 7.19 -43.35
CA SER LA 240 -13.81 8.18 -43.47
C SER LA 240 -14.87 7.96 -42.39
N THR LA 241 -15.19 9.04 -41.67
CA THR LA 241 -16.25 9.03 -40.67
C THR LA 241 -17.43 9.92 -41.04
N GLN LA 242 -17.22 10.93 -41.88
CA GLN LA 242 -18.29 11.81 -42.30
C GLN LA 242 -19.09 11.16 -43.43
N GLU LA 243 -20.18 11.83 -43.82
CA GLU LA 243 -21.01 11.40 -44.93
C GLU LA 243 -20.71 12.27 -46.15
N GLU LA 244 -20.75 11.65 -47.34
CA GLU LA 244 -20.46 12.38 -48.56
C GLU LA 244 -21.51 13.45 -48.82
N ASN LA 245 -21.06 14.63 -49.24
CA ASN LA 245 -21.93 15.74 -49.56
C ASN LA 245 -22.42 15.58 -50.99
N THR LA 246 -23.70 15.24 -51.16
CA THR LA 246 -24.30 15.03 -52.46
C THR LA 246 -25.10 16.24 -52.94
N GLU LA 247 -25.10 17.33 -52.17
CA GLU LA 247 -25.93 18.48 -52.51
C GLU LA 247 -25.37 19.24 -53.70
N ARG LA 248 -26.28 19.72 -54.55
CA ARG LA 248 -25.91 20.52 -55.71
C ARG LA 248 -25.40 21.88 -55.28
N HIS LA 249 -24.85 22.62 -56.24
CA HIS LA 249 -24.39 23.98 -56.01
C HIS LA 249 -24.56 24.76 -57.31
N THR LA 250 -25.48 25.71 -57.33
CA THR LA 250 -25.79 26.49 -58.52
C THR LA 250 -25.42 27.95 -58.30
N THR LA 251 -25.41 28.71 -59.39
CA THR LA 251 -25.12 30.15 -59.31
C THR LA 251 -26.25 30.93 -58.67
N GLU LA 252 -27.42 30.32 -58.46
CA GLU LA 252 -28.50 30.99 -57.76
C GLU LA 252 -28.34 30.94 -56.24
N ASP LA 253 -27.43 30.11 -55.74
CA ASP LA 253 -27.25 29.99 -54.29
C ASP LA 253 -26.70 31.28 -53.72
N VAL LA 254 -27.24 31.67 -52.56
CA VAL LA 254 -26.77 32.88 -51.90
C VAL LA 254 -25.34 32.71 -51.40
N SER LA 255 -24.95 31.49 -51.08
CA SER LA 255 -23.61 31.19 -50.58
C SER LA 255 -23.29 29.75 -50.91
N PRO LA 256 -22.02 29.35 -50.81
CA PRO LA 256 -21.68 27.94 -51.08
C PRO LA 256 -22.34 26.95 -50.14
N SER LA 257 -22.83 27.39 -48.98
CA SER LA 257 -23.42 26.49 -48.00
C SER LA 257 -24.93 26.66 -47.82
N MET LA 258 -25.51 27.75 -48.33
CA MET LA 258 -26.93 28.01 -48.18
C MET LA 258 -27.54 28.27 -49.55
N HIS LA 259 -28.63 27.57 -49.86
CA HIS LA 259 -29.31 27.79 -51.13
C HIS LA 259 -30.03 29.14 -51.13
N THR LA 260 -30.78 29.43 -50.07
CA THR LA 260 -31.51 30.69 -49.95
C THR LA 260 -31.53 31.12 -48.49
N LEU LA 261 -32.24 32.20 -48.23
CA LEU LA 261 -32.47 32.76 -46.90
C LEU LA 261 -33.96 32.96 -46.67
N LEU LA 262 -34.74 31.91 -46.94
CA LEU LA 262 -36.18 32.04 -47.13
C LEU LA 262 -36.86 32.67 -45.92
N GLY LA 263 -36.70 32.11 -44.74
CA GLY LA 263 -37.45 32.66 -43.62
C GLY LA 263 -36.93 33.94 -43.02
N VAL LA 264 -35.85 34.48 -43.58
CA VAL LA 264 -35.24 35.65 -42.99
C VAL LA 264 -36.03 36.92 -43.19
N LYS LA 265 -36.21 37.64 -42.11
CA LYS LA 265 -36.90 38.95 -42.17
C LYS LA 265 -35.89 40.05 -41.93
N ASN LA 266 -35.89 41.07 -42.77
CA ASN LA 266 -34.96 42.20 -42.66
C ASN LA 266 -35.22 43.02 -41.39
N MET LA 267 -36.49 43.16 -40.94
CA MET LA 267 -36.81 43.91 -39.73
C MET LA 267 -37.93 43.21 -38.95
N VAL MA 44 75.16 -40.64 0.48
CA VAL MA 44 73.89 -41.00 -0.16
C VAL MA 44 73.36 -39.81 -0.96
N PRO MA 45 72.68 -40.09 -2.08
CA PRO MA 45 72.15 -39.01 -2.91
C PRO MA 45 71.07 -38.21 -2.20
N ARG MA 46 70.93 -36.95 -2.62
CA ARG MA 46 69.95 -36.04 -2.06
C ARG MA 46 68.72 -35.99 -2.96
N ILE MA 47 67.55 -35.91 -2.35
CA ILE MA 47 66.29 -35.92 -3.08
C ILE MA 47 65.91 -34.50 -3.48
N LYS MA 48 65.56 -34.31 -4.74
CA LYS MA 48 65.11 -33.01 -5.21
C LYS MA 48 63.73 -32.68 -4.66
N ALA MA 49 63.50 -31.39 -4.41
CA ALA MA 49 62.22 -30.95 -3.85
C ALA MA 49 61.07 -31.23 -4.82
N ILE MA 50 61.14 -30.65 -6.01
CA ILE MA 50 60.14 -30.87 -7.05
C ILE MA 50 60.83 -31.62 -8.20
N THR MA 51 60.60 -32.92 -8.28
CA THR MA 51 61.23 -33.76 -9.29
C THR MA 51 60.28 -34.00 -10.45
N SER MA 52 60.78 -34.70 -11.47
CA SER MA 52 59.96 -35.07 -12.61
C SER MA 52 59.14 -36.34 -12.37
N LYS MA 53 59.42 -37.07 -11.28
CA LYS MA 53 58.63 -38.25 -10.98
C LYS MA 53 57.19 -37.89 -10.66
N MET MA 54 57.02 -36.74 -10.00
CA MET MA 54 55.69 -36.27 -9.68
C MET MA 54 55.00 -35.81 -10.94
N ARG MA 55 53.68 -35.84 -10.92
CA ARG MA 55 52.91 -35.43 -12.09
C ARG MA 55 52.83 -33.94 -12.29
N MET MA 56 53.12 -33.51 -13.51
CA MET MA 56 53.05 -32.10 -13.84
C MET MA 56 51.90 -31.86 -14.81
N PRO MA 57 51.34 -30.64 -14.83
CA PRO MA 57 50.31 -30.33 -15.83
C PRO MA 57 50.92 -30.32 -17.23
N LYS MA 58 50.33 -31.11 -18.12
CA LYS MA 58 50.84 -31.28 -19.47
C LYS MA 58 49.76 -30.91 -20.49
N SER MA 59 50.19 -30.27 -21.57
CA SER MA 59 49.31 -29.91 -22.68
C SER MA 59 49.98 -30.35 -23.98
N LYS MA 60 49.25 -31.14 -24.78
CA LYS MA 60 49.73 -31.65 -26.06
C LYS MA 60 51.05 -32.41 -25.89
N GLY MA 61 51.11 -33.23 -24.85
CA GLY MA 61 52.30 -34.04 -24.61
C GLY MA 61 53.53 -33.23 -24.28
N ALA MA 62 53.39 -32.23 -23.41
CA ALA MA 62 54.51 -31.40 -23.00
C ALA MA 62 54.14 -30.70 -21.70
N THR MA 63 55.03 -30.80 -20.71
CA THR MA 63 54.79 -30.14 -19.44
C THR MA 63 54.74 -28.63 -19.62
N VAL MA 64 53.79 -28.00 -18.93
CA VAL MA 64 53.56 -26.57 -19.09
C VAL MA 64 54.31 -25.77 -18.02
N LEU MA 65 55.17 -26.39 -17.25
CA LEU MA 65 55.95 -25.72 -16.22
C LEU MA 65 57.44 -25.87 -16.48
N ASN MA 66 58.20 -24.85 -16.09
CA ASN MA 66 59.65 -24.86 -16.19
C ASN MA 66 60.21 -25.27 -14.83
N LEU MA 67 60.67 -26.52 -14.72
CA LEU MA 67 61.05 -27.07 -13.43
C LEU MA 67 62.25 -26.33 -12.83
N GLU MA 68 63.25 -26.02 -13.65
CA GLU MA 68 64.46 -25.37 -13.14
C GLU MA 68 64.14 -23.97 -12.60
N HIS MA 69 63.45 -23.16 -13.40
CA HIS MA 69 63.10 -21.81 -12.96
C HIS MA 69 62.21 -21.86 -11.72
N LEU MA 70 61.25 -22.78 -11.70
CA LEU MA 70 60.36 -22.89 -10.54
C LEU MA 70 61.15 -23.26 -9.29
N LEU MA 71 62.09 -24.19 -9.42
CA LEU MA 71 62.95 -24.52 -8.28
C LEU MA 71 63.80 -23.32 -7.86
N GLU MA 72 64.11 -22.44 -8.79
CA GLU MA 72 64.84 -21.21 -8.45
C GLU MA 72 63.93 -20.01 -8.21
N TYR MA 73 62.62 -20.16 -8.33
CA TYR MA 73 61.69 -19.04 -8.18
C TYR MA 73 61.27 -18.94 -6.72
N ALA MA 74 61.75 -17.91 -6.03
CA ALA MA 74 61.45 -17.68 -4.62
C ALA MA 74 61.08 -16.22 -4.38
N PRO MA 75 59.93 -15.79 -4.87
CA PRO MA 75 59.50 -14.40 -4.62
C PRO MA 75 59.09 -14.20 -3.17
N GLN MA 76 59.21 -12.96 -2.71
CA GLN MA 76 58.69 -12.59 -1.41
C GLN MA 76 57.16 -12.63 -1.45
N GLN MA 77 56.57 -13.14 -0.36
CA GLN MA 77 55.13 -13.36 -0.34
C GLN MA 77 54.36 -12.04 -0.44
N ILE MA 78 54.86 -10.99 0.22
CA ILE MA 78 54.19 -9.70 0.17
C ILE MA 78 54.31 -9.06 -1.20
N ASP MA 79 55.25 -9.50 -2.02
CA ASP MA 79 55.44 -8.92 -3.36
C ASP MA 79 54.46 -9.45 -4.38
N ILE MA 80 53.78 -10.56 -4.11
CA ILE MA 80 52.88 -11.19 -5.07
C ILE MA 80 51.45 -11.30 -4.55
N SER MA 81 51.17 -10.70 -3.40
CA SER MA 81 49.82 -10.71 -2.86
C SER MA 81 49.00 -9.58 -3.47
N ASN MA 82 47.70 -9.82 -3.60
CA ASN MA 82 46.78 -8.83 -4.16
C ASN MA 82 46.09 -8.00 -3.10
N THR MA 83 46.45 -8.17 -1.82
CA THR MA 83 45.99 -7.30 -0.74
C THR MA 83 46.89 -6.08 -0.57
N ARG MA 84 47.91 -5.95 -1.40
CA ARG MA 84 48.82 -4.82 -1.36
C ARG MA 84 48.93 -4.24 -2.76
N ALA MA 85 48.98 -2.92 -2.85
CA ALA MA 85 49.10 -2.27 -4.16
C ALA MA 85 50.41 -2.66 -4.82
N THR MA 86 50.37 -2.76 -6.15
CA THR MA 86 51.56 -3.10 -6.90
C THR MA 86 52.58 -1.96 -6.84
N GLN MA 87 53.83 -2.28 -7.18
CA GLN MA 87 54.88 -1.28 -7.15
C GLN MA 87 54.58 -0.14 -8.11
N SER MA 88 54.03 -0.44 -9.28
CA SER MA 88 53.66 0.61 -10.22
C SER MA 88 52.59 1.52 -9.64
N GLN MA 89 51.58 0.94 -8.99
CA GLN MA 89 50.53 1.75 -8.37
C GLN MA 89 51.09 2.60 -7.24
N PHE MA 90 52.01 2.05 -6.45
CA PHE MA 90 52.64 2.81 -5.38
C PHE MA 90 53.45 3.98 -5.94
N ASP MA 91 54.21 3.74 -7.01
CA ASP MA 91 54.97 4.82 -7.62
C ASP MA 91 54.05 5.89 -8.18
N THR MA 92 52.95 5.49 -8.80
CA THR MA 92 51.99 6.46 -9.31
C THR MA 92 51.42 7.31 -8.19
N TRP MA 93 51.03 6.68 -7.08
CA TRP MA 93 50.49 7.42 -5.95
C TRP MA 93 51.53 8.37 -5.36
N TYR MA 94 52.77 7.90 -5.19
CA TYR MA 94 53.82 8.72 -4.62
C TYR MA 94 54.13 9.92 -5.51
N GLU MA 95 54.20 9.71 -6.83
CA GLU MA 95 54.45 10.81 -7.75
C GLU MA 95 53.30 11.81 -7.75
N ALA MA 96 52.06 11.31 -7.70
CA ALA MA 96 50.91 12.21 -7.68
C ALA MA 96 50.88 13.05 -6.41
N VAL MA 97 51.19 12.44 -5.27
CA VAL MA 97 51.22 13.20 -4.02
C VAL MA 97 52.35 14.22 -4.04
N GLN MA 98 53.56 13.88 -4.59
CA GLN MA 98 54.65 14.84 -4.76
C GLN MA 98 54.22 16.02 -5.61
N LEU MA 99 53.55 15.70 -6.70
CA LEU MA 99 53.11 16.77 -7.59
C LEU MA 99 52.10 17.68 -6.92
N ALA MA 100 51.14 17.09 -6.19
CA ALA MA 100 50.09 17.91 -5.58
C ALA MA 100 50.63 18.75 -4.43
N TYR MA 101 51.58 18.21 -3.65
CA TYR MA 101 52.11 18.94 -2.51
C TYR MA 101 53.18 19.95 -2.89
N ASP MA 102 53.70 19.89 -4.11
CA ASP MA 102 54.76 20.78 -4.58
C ASP MA 102 55.97 20.72 -3.63
N ILE MA 103 56.36 19.50 -3.28
CA ILE MA 103 57.44 19.24 -2.34
C ILE MA 103 58.55 18.51 -3.08
N GLY MA 104 59.79 18.91 -2.83
CA GLY MA 104 60.92 18.27 -3.47
C GLY MA 104 61.15 16.86 -2.97
N GLU MA 105 62.00 16.14 -3.71
CA GLU MA 105 62.28 14.75 -3.40
C GLU MA 105 63.09 14.56 -2.13
N THR MA 106 63.61 15.64 -1.53
CA THR MA 106 64.39 15.53 -0.31
C THR MA 106 63.54 15.73 0.94
N GLU MA 107 62.54 16.62 0.88
CA GLU MA 107 61.64 16.82 2.00
C GLU MA 107 60.43 15.89 1.97
N MET MA 108 60.24 15.16 0.88
CA MET MA 108 59.10 14.27 0.76
C MET MA 108 59.10 13.12 1.77
N PRO MA 109 60.23 12.43 2.03
CA PRO MA 109 60.20 11.35 3.03
C PRO MA 109 59.78 11.80 4.43
N THR MA 110 60.07 13.03 4.82
CA THR MA 110 59.61 13.52 6.12
C THR MA 110 58.08 13.60 6.16
N VAL MA 111 57.49 14.12 5.07
CA VAL MA 111 56.04 14.16 4.97
C VAL MA 111 55.46 12.76 4.96
N MET MA 112 56.18 11.81 4.33
CA MET MA 112 55.74 10.42 4.34
C MET MA 112 55.76 9.84 5.75
N ASN MA 113 56.80 10.16 6.53
CA ASN MA 113 56.86 9.72 7.92
C ASN MA 113 55.66 10.25 8.70
N GLY MA 114 55.39 11.54 8.57
CA GLY MA 114 54.25 12.13 9.26
C GLY MA 114 52.94 11.48 8.85
N LEU MA 115 52.76 11.25 7.55
CA LEU MA 115 51.54 10.63 7.06
C LEU MA 115 51.39 9.20 7.56
N MET MA 116 52.49 8.45 7.62
CA MET MA 116 52.43 7.10 8.14
C MET MA 116 52.02 7.08 9.60
N VAL MA 117 52.58 7.99 10.41
CA VAL MA 117 52.18 8.04 11.82
C VAL MA 117 50.72 8.44 11.97
N TRP MA 118 50.29 9.44 11.20
CA TRP MA 118 48.89 9.86 11.23
C TRP MA 118 47.95 8.73 10.84
N CYS MA 119 48.34 7.93 9.84
CA CYS MA 119 47.49 6.83 9.40
C CYS MA 119 47.50 5.69 10.40
N ILE MA 120 48.61 5.49 11.11
CA ILE MA 120 48.61 4.56 12.24
C ILE MA 120 47.55 4.98 13.25
N GLU MA 121 47.50 6.27 13.55
CA GLU MA 121 46.57 6.74 14.57
C GLU MA 121 45.11 6.69 14.10
N ASN MA 122 44.84 7.16 12.88
CA ASN MA 122 43.48 7.49 12.48
C ASN MA 122 42.92 6.62 11.37
N GLY MA 123 43.67 5.63 10.88
CA GLY MA 123 43.15 4.73 9.88
C GLY MA 123 43.32 5.24 8.46
N THR MA 124 42.93 4.38 7.52
CA THR MA 124 43.09 4.61 6.09
C THR MA 124 41.79 4.34 5.35
N SER MA 125 40.67 4.80 5.90
CA SER MA 125 39.39 4.61 5.25
C SER MA 125 39.28 5.46 3.99
N PRO MA 126 38.55 4.99 2.97
CA PRO MA 126 38.34 5.82 1.78
C PRO MA 126 37.57 7.10 2.05
N ASN MA 127 36.86 7.18 3.17
CA ASN MA 127 36.03 8.33 3.49
C ASN MA 127 36.73 9.39 4.31
N ILE MA 128 37.99 9.16 4.70
CA ILE MA 128 38.71 10.19 5.44
C ILE MA 128 38.89 11.41 4.56
N ASN MA 129 38.72 12.59 5.15
CA ASN MA 129 38.76 13.84 4.41
C ASN MA 129 39.26 14.94 5.35
N GLY MA 130 39.39 16.13 4.79
CA GLY MA 130 39.89 17.26 5.55
C GLY MA 130 41.40 17.37 5.43
N VAL MA 131 42.08 17.41 6.57
CA VAL MA 131 43.54 17.49 6.59
C VAL MA 131 44.07 16.48 7.59
N TRP MA 132 45.33 16.10 7.40
CA TRP MA 132 46.11 15.40 8.40
C TRP MA 132 47.18 16.34 8.93
N VAL MA 133 47.78 15.97 10.06
CA VAL MA 133 48.64 16.91 10.79
C VAL MA 133 50.00 16.26 11.04
N MET MA 134 51.03 17.08 10.92
CA MET MA 134 52.39 16.75 11.32
C MET MA 134 52.79 17.63 12.51
N MET MA 135 53.55 17.06 13.43
CA MET MA 135 53.97 17.77 14.63
C MET MA 135 55.42 18.22 14.42
N CYS MA 136 55.58 19.43 13.90
CA CYS MA 136 56.89 20.04 13.72
C CYS MA 136 57.29 20.68 15.05
N GLY MA 137 58.02 19.93 15.86
CA GLY MA 137 58.33 20.36 17.21
C GLY MA 137 57.07 20.50 18.03
N ASP MA 138 56.76 21.74 18.45
CA ASP MA 138 55.53 22.03 19.17
C ASP MA 138 54.46 22.63 18.28
N GLU MA 139 54.73 22.78 16.98
CA GLU MA 139 53.78 23.37 16.05
C GLU MA 139 53.08 22.30 15.23
N GLN MA 140 51.88 22.63 14.77
CA GLN MA 140 51.03 21.70 14.02
C GLN MA 140 50.93 22.18 12.58
N VAL MA 141 51.35 21.34 11.64
CA VAL MA 141 51.31 21.64 10.21
C VAL MA 141 50.21 20.79 9.59
N GLU MA 142 49.33 21.42 8.82
CA GLU MA 142 48.19 20.74 8.22
C GLU MA 142 48.43 20.51 6.74
N TYR MA 143 48.24 19.26 6.31
CA TYR MA 143 48.38 18.86 4.93
C TYR MA 143 47.03 18.35 4.42
N PRO MA 144 46.59 18.78 3.24
CA PRO MA 144 45.31 18.28 2.72
C PRO MA 144 45.35 16.78 2.47
N LEU MA 145 44.24 16.12 2.77
CA LEU MA 145 44.13 14.68 2.57
C LEU MA 145 43.62 14.30 1.19
N LYS MA 146 43.13 15.25 0.41
CA LYS MA 146 42.59 14.93 -0.92
C LYS MA 146 43.62 14.28 -1.84
N PRO MA 147 44.84 14.82 -2.01
CA PRO MA 147 45.81 14.11 -2.86
C PRO MA 147 46.17 12.73 -2.36
N ILE MA 148 46.17 12.53 -1.04
CA ILE MA 148 46.54 11.23 -0.48
C ILE MA 148 45.49 10.17 -0.85
N VAL MA 149 44.22 10.54 -0.79
CA VAL MA 149 43.15 9.55 -0.96
C VAL MA 149 42.74 9.40 -2.43
N GLU MA 150 42.71 10.49 -3.19
CA GLU MA 150 42.21 10.40 -4.56
C GLU MA 150 43.18 9.72 -5.51
N ASN MA 151 44.45 9.64 -5.15
CA ASN MA 151 45.46 9.03 -6.02
C ASN MA 151 45.87 7.64 -5.58
N ALA MA 152 45.28 7.11 -4.51
CA ALA MA 152 45.65 5.81 -3.98
C ALA MA 152 44.83 4.74 -4.68
N LYS MA 153 45.49 3.90 -5.47
CA LYS MA 153 44.82 2.84 -6.20
C LYS MA 153 45.44 1.49 -5.85
N PRO MA 154 44.63 0.44 -5.68
CA PRO MA 154 43.16 0.44 -5.78
C PRO MA 154 42.49 1.11 -4.58
N THR MA 155 43.09 1.02 -3.41
CA THR MA 155 42.58 1.68 -2.21
C THR MA 155 43.73 2.32 -1.47
N LEU MA 156 43.40 3.20 -0.51
CA LEU MA 156 44.43 3.78 0.34
C LEU MA 156 45.00 2.76 1.30
N ARG MA 157 44.19 1.80 1.74
CA ARG MA 157 44.71 0.74 2.61
C ARG MA 157 45.76 -0.11 1.91
N GLN MA 158 45.54 -0.42 0.63
CA GLN MA 158 46.52 -1.19 -0.12
C GLN MA 158 47.81 -0.40 -0.33
N ILE MA 159 47.70 0.91 -0.51
CA ILE MA 159 48.89 1.75 -0.64
C ILE MA 159 49.66 1.79 0.68
N MET MA 160 48.95 2.03 1.79
CA MET MA 160 49.60 2.13 3.08
C MET MA 160 50.10 0.78 3.60
N ALA MA 161 49.63 -0.33 3.02
CA ALA MA 161 50.18 -1.63 3.37
C ALA MA 161 51.67 -1.72 3.12
N HIS MA 162 52.21 -0.90 2.21
CA HIS MA 162 53.66 -0.85 2.00
C HIS MA 162 54.38 -0.32 3.22
N PHE MA 163 53.68 0.36 4.12
CA PHE MA 163 54.26 0.95 5.31
C PHE MA 163 54.07 0.09 6.56
N SER MA 164 53.58 -1.14 6.40
CA SER MA 164 53.11 -1.92 7.55
C SER MA 164 54.27 -2.30 8.48
N ASP MA 165 55.40 -2.81 7.93
CA ASP MA 165 56.53 -3.20 8.76
C ASP MA 165 57.13 -1.99 9.48
N VAL MA 166 57.24 -0.85 8.79
CA VAL MA 166 57.77 0.35 9.42
C VAL MA 166 56.81 0.84 10.51
N ALA MA 167 55.51 0.74 10.26
CA ALA MA 167 54.53 1.15 11.27
C ALA MA 167 54.63 0.29 12.52
N GLU MA 168 54.78 -1.02 12.35
CA GLU MA 168 54.93 -1.91 13.50
C GLU MA 168 56.20 -1.60 14.27
N ALA MA 169 57.31 -1.37 13.56
CA ALA MA 169 58.56 -1.02 14.22
C ALA MA 169 58.44 0.30 14.97
N TYR MA 170 57.77 1.29 14.36
CA TYR MA 170 57.59 2.58 15.00
C TYR MA 170 56.74 2.47 16.26
N ILE MA 171 55.68 1.66 16.21
CA ILE MA 171 54.85 1.48 17.39
C ILE MA 171 55.64 0.82 18.51
N GLU MA 172 56.46 -0.17 18.20
CA GLU MA 172 57.30 -0.80 19.22
C GLU MA 172 58.29 0.21 19.81
N MET MA 173 58.91 1.01 18.93
CA MET MA 173 59.86 2.01 19.40
C MET MA 173 59.20 3.02 20.32
N ARG MA 174 58.01 3.51 19.95
CA ARG MA 174 57.31 4.46 20.81
C ARG MA 174 56.90 3.83 22.13
N ASN MA 175 56.50 2.56 22.11
CA ASN MA 175 56.15 1.88 23.34
C ASN MA 175 57.35 1.60 24.22
N LYS MA 176 58.56 1.63 23.67
CA LYS MA 176 59.75 1.50 24.51
C LYS MA 176 59.91 2.65 25.49
N LYS MA 177 59.36 3.83 25.20
CA LYS MA 177 59.55 5.00 26.03
C LYS MA 177 58.29 5.45 26.77
N GLU MA 178 57.15 5.04 26.34
CA GLU MA 178 55.90 5.44 27.00
C GLU MA 178 54.76 4.54 26.54
N PRO MA 179 53.61 4.49 27.28
CA PRO MA 179 52.43 3.75 26.81
C PRO MA 179 51.90 4.35 25.51
N TYR MA 180 51.95 3.55 24.45
CA TYR MA 180 51.60 4.03 23.10
C TYR MA 180 50.74 2.97 22.42
N MET MA 181 49.43 3.09 22.57
CA MET MA 181 48.48 2.26 21.84
C MET MA 181 47.84 3.11 20.76
N PRO MA 182 47.92 2.71 19.49
CA PRO MA 182 47.29 3.51 18.42
C PRO MA 182 45.81 3.68 18.66
N ARG MA 183 45.29 4.84 18.24
CA ARG MA 183 43.87 5.14 18.47
C ARG MA 183 42.96 4.09 17.86
N TYR MA 184 43.42 3.41 16.81
CA TYR MA 184 42.67 2.29 16.26
C TYR MA 184 42.48 1.20 17.31
N GLY MA 185 43.55 0.85 18.04
CA GLY MA 185 43.45 -0.14 19.08
C GLY MA 185 42.66 0.31 20.29
N LEU MA 186 42.55 1.63 20.50
CA LEU MA 186 41.70 2.15 21.56
C LEU MA 186 40.23 2.08 21.16
N VAL MA 187 39.92 2.30 19.88
CA VAL MA 187 38.54 2.15 19.42
C VAL MA 187 38.12 0.69 19.44
N ARG MA 188 39.04 -0.21 19.09
CA ARG MA 188 38.74 -1.64 19.12
C ARG MA 188 38.71 -2.21 20.53
N ASN MA 189 39.07 -1.41 21.54
CA ASN MA 189 39.08 -1.85 22.94
C ASN MA 189 39.97 -3.07 23.14
N LEU MA 190 41.14 -3.04 22.53
CA LEU MA 190 42.12 -4.10 22.73
C LEU MA 190 42.77 -3.94 24.10
N ARG MA 191 42.61 -4.95 24.94
CA ARG MA 191 43.01 -4.87 26.35
C ARG MA 191 44.44 -5.34 26.60
N ASP MA 192 45.18 -5.71 25.56
CA ASP MA 192 46.56 -6.16 25.69
C ASP MA 192 47.48 -5.10 25.11
N GLY MA 193 48.41 -4.61 25.94
CA GLY MA 193 49.34 -3.60 25.48
C GLY MA 193 50.48 -4.15 24.66
N SER MA 194 50.80 -5.43 24.83
CA SER MA 194 51.87 -6.05 24.06
C SER MA 194 51.47 -6.30 22.61
N LEU MA 195 50.18 -6.18 22.29
CA LEU MA 195 49.70 -6.33 20.92
C LEU MA 195 49.49 -4.99 20.24
N ALA MA 196 49.99 -3.89 20.81
CA ALA MA 196 49.80 -2.57 20.21
C ALA MA 196 50.48 -2.45 18.86
N ARG MA 197 51.53 -3.23 18.63
CA ARG MA 197 52.29 -3.14 17.38
C ARG MA 197 51.51 -3.64 16.17
N TYR MA 198 50.38 -4.31 16.36
CA TYR MA 198 49.55 -4.78 15.26
C TYR MA 198 48.20 -4.08 15.20
N ALA MA 199 47.95 -3.10 16.05
CA ALA MA 199 46.62 -2.50 16.21
C ALA MA 199 46.46 -1.27 15.33
N PHE MA 200 46.62 -1.47 14.02
CA PHE MA 200 46.25 -0.46 13.04
C PHE MA 200 45.59 -1.16 11.87
N ASP MA 201 44.77 -0.41 11.12
CA ASP MA 201 43.87 -1.05 10.16
C ASP MA 201 44.54 -1.37 8.83
N PHE MA 202 45.74 -0.87 8.56
CA PHE MA 202 46.46 -1.23 7.35
C PHE MA 202 47.59 -2.21 7.62
N TYR MA 203 47.57 -2.89 8.76
CA TYR MA 203 48.57 -3.90 9.05
C TYR MA 203 48.41 -5.10 8.12
N GLU MA 204 49.52 -5.58 7.60
CA GLU MA 204 49.53 -6.69 6.65
C GLU MA 204 49.99 -7.95 7.37
N VAL MA 205 49.13 -8.96 7.39
CA VAL MA 205 49.45 -10.24 8.02
C VAL MA 205 50.37 -11.02 7.10
N THR MA 206 51.47 -11.52 7.65
CA THR MA 206 52.46 -12.29 6.90
C THR MA 206 52.65 -13.66 7.55
N SER MA 207 53.55 -14.45 6.98
CA SER MA 207 53.87 -15.75 7.54
C SER MA 207 54.65 -15.64 8.84
N ARG MA 208 55.22 -14.48 9.13
CA ARG MA 208 55.97 -14.26 10.35
C ARG MA 208 55.14 -13.63 11.46
N THR MA 209 53.90 -13.28 11.18
CA THR MA 209 53.02 -12.75 12.22
C THR MA 209 52.71 -13.83 13.25
N PRO MA 210 52.86 -13.55 14.54
CA PRO MA 210 52.54 -14.56 15.55
C PRO MA 210 51.06 -14.94 15.51
N VAL MA 211 50.79 -16.19 15.88
CA VAL MA 211 49.44 -16.73 15.78
C VAL MA 211 48.48 -15.93 16.66
N ARG MA 212 48.91 -15.56 17.87
CA ARG MA 212 48.08 -14.73 18.73
C ARG MA 212 47.82 -13.36 18.12
N ALA MA 213 48.85 -12.75 17.53
CA ALA MA 213 48.69 -11.47 16.87
C ALA MA 213 47.74 -11.60 15.68
N ARG MA 214 47.85 -12.69 14.92
CA ARG MA 214 46.95 -12.91 13.79
C ARG MA 214 45.50 -13.03 14.25
N GLU MA 215 45.28 -13.78 15.33
CA GLU MA 215 43.94 -13.91 15.88
C GLU MA 215 43.40 -12.56 16.33
N ALA MA 216 44.21 -11.78 17.04
CA ALA MA 216 43.78 -10.48 17.51
C ALA MA 216 43.44 -9.55 16.36
N HIS MA 217 44.28 -9.55 15.32
CA HIS MA 217 44.04 -8.68 14.17
C HIS MA 217 42.76 -9.08 13.44
N ILE MA 218 42.53 -10.39 13.28
CA ILE MA 218 41.32 -10.82 12.58
C ILE MA 218 40.08 -10.49 13.39
N GLN MA 219 40.15 -10.65 14.72
CA GLN MA 219 39.02 -10.26 15.56
C GLN MA 219 38.76 -8.77 15.49
N MET MA 220 39.82 -7.95 15.48
CA MET MA 220 39.65 -6.51 15.36
C MET MA 220 39.02 -6.14 14.03
N LYS MA 221 39.46 -6.78 12.94
CA LYS MA 221 38.87 -6.49 11.63
C LYS MA 221 37.40 -6.88 11.59
N ALA MA 222 37.05 -8.04 12.16
CA ALA MA 222 35.66 -8.46 12.19
C ALA MA 222 34.80 -7.51 13.02
N ALA MA 223 35.32 -7.06 14.16
CA ALA MA 223 34.59 -6.11 15.00
C ALA MA 223 34.42 -4.77 14.29
N ALA MA 224 35.44 -4.31 13.58
CA ALA MA 224 35.36 -3.01 12.92
C ALA MA 224 34.43 -3.04 11.72
N LEU MA 225 34.48 -4.11 10.93
CA LEU MA 225 33.64 -4.17 9.72
C LEU MA 225 32.18 -4.43 10.06
N LYS MA 226 31.92 -5.21 11.12
CA LYS MA 226 30.56 -5.54 11.56
C LYS MA 226 29.85 -6.25 10.42
N SER MA 227 28.65 -5.84 10.02
CA SER MA 227 27.89 -6.45 8.94
C SER MA 227 27.66 -5.46 7.81
N ALA MA 228 28.68 -4.67 7.48
CA ALA MA 228 28.56 -3.68 6.43
C ALA MA 228 28.43 -4.35 5.07
N GLN MA 229 27.40 -3.95 4.31
CA GLN MA 229 27.15 -4.49 2.99
C GLN MA 229 27.37 -3.41 1.95
N SER MA 230 28.14 -3.79 0.94
CA SER MA 230 28.47 -2.87 -0.12
C SER MA 230 27.39 -2.70 -1.14
N ARG MA 231 27.14 -1.46 -1.49
CA ARG MA 231 26.20 -1.15 -2.55
C ARG MA 231 26.97 -0.76 -3.80
N LEU MA 232 26.71 -1.41 -4.99
CA LEU MA 232 27.42 -1.16 -6.24
C LEU MA 232 27.05 0.18 -6.86
N PHE MA 233 25.88 0.72 -6.55
CA PHE MA 233 25.38 1.91 -7.21
C PHE MA 233 24.83 2.89 -6.18
N GLY MA 234 24.92 4.18 -6.51
CA GLY MA 234 24.21 5.21 -5.82
C GLY MA 234 22.98 5.63 -6.60
N LEU MA 235 22.48 6.83 -6.29
CA LEU MA 235 21.36 7.37 -7.05
C LEU MA 235 21.82 7.70 -8.47
N ASP MA 236 21.04 7.26 -9.45
CA ASP MA 236 21.40 7.47 -10.85
C ASP MA 236 21.38 8.95 -11.19
N GLY MA 237 22.38 9.39 -11.95
CA GLY MA 237 22.53 10.79 -12.29
C GLY MA 237 21.57 11.29 -13.35
N GLY MA 238 20.90 10.39 -14.07
CA GLY MA 238 19.87 10.82 -15.00
C GLY MA 238 18.63 11.28 -14.24
N ILE MA 239 18.38 12.58 -14.23
CA ILE MA 239 17.33 13.13 -13.38
C ILE MA 239 16.00 13.18 -14.10
N SER MA 240 15.98 13.66 -15.35
CA SER MA 240 14.73 13.83 -16.07
C SER MA 240 14.05 12.49 -16.30
N THR MA 241 12.77 12.41 -15.93
CA THR MA 241 11.95 11.24 -16.18
C THR MA 241 10.81 11.50 -17.16
N GLN MA 242 10.38 12.75 -17.30
CA GLN MA 242 9.31 13.09 -18.23
C GLN MA 242 9.87 13.23 -19.65
N GLU MA 243 8.97 13.42 -20.60
CA GLU MA 243 9.33 13.66 -21.99
C GLU MA 243 9.18 15.14 -22.30
N GLU MA 244 10.08 15.65 -23.15
CA GLU MA 244 10.04 17.06 -23.49
C GLU MA 244 8.77 17.40 -24.27
N ASN MA 245 8.16 18.54 -23.94
CA ASN MA 245 6.96 19.00 -24.63
C ASN MA 245 7.37 19.76 -25.88
N THR MA 246 7.12 19.16 -27.04
CA THR MA 246 7.47 19.76 -28.32
C THR MA 246 6.29 20.43 -28.99
N GLU MA 247 5.13 20.45 -28.35
CA GLU MA 247 3.93 20.98 -28.98
C GLU MA 247 3.98 22.50 -29.11
N ARG MA 248 3.47 23.00 -30.22
CA ARG MA 248 3.38 24.42 -30.47
C ARG MA 248 2.34 25.07 -29.57
N HIS MA 249 2.32 26.40 -29.56
CA HIS MA 249 1.33 27.15 -28.80
C HIS MA 249 1.08 28.45 -29.55
N THR MA 250 -0.12 28.60 -30.11
CA THR MA 250 -0.47 29.77 -30.90
C THR MA 250 -1.59 30.55 -30.21
N THR MA 251 -1.83 31.77 -30.69
CA THR MA 251 -2.89 32.60 -30.16
C THR MA 251 -4.28 32.10 -30.52
N GLU MA 252 -4.39 31.12 -31.43
CA GLU MA 252 -5.67 30.51 -31.75
C GLU MA 252 -6.08 29.45 -30.74
N ASP MA 253 -5.16 29.01 -29.88
CA ASP MA 253 -5.48 27.97 -28.91
C ASP MA 253 -6.50 28.47 -27.90
N VAL MA 254 -7.47 27.62 -27.57
CA VAL MA 254 -8.47 27.98 -26.59
C VAL MA 254 -7.86 28.12 -25.20
N SER MA 255 -6.79 27.39 -24.94
CA SER MA 255 -6.11 27.42 -23.64
C SER MA 255 -4.66 27.01 -23.85
N PRO MA 256 -3.79 27.25 -22.87
CA PRO MA 256 -2.39 26.83 -23.02
C PRO MA 256 -2.21 25.32 -23.17
N SER MA 257 -3.20 24.52 -22.79
CA SER MA 257 -3.06 23.07 -22.86
C SER MA 257 -3.96 22.41 -23.90
N MET MA 258 -4.94 23.12 -24.46
CA MET MA 258 -5.84 22.56 -25.44
C MET MA 258 -5.86 23.45 -26.67
N HIS MA 259 -5.67 22.84 -27.85
CA HIS MA 259 -5.72 23.60 -29.09
C HIS MA 259 -7.16 24.04 -29.40
N THR MA 260 -8.10 23.11 -29.31
CA THR MA 260 -9.51 23.40 -29.59
C THR MA 260 -10.38 22.56 -28.67
N LEU MA 261 -11.69 22.67 -28.87
CA LEU MA 261 -12.71 21.89 -28.16
C LEU MA 261 -13.63 21.22 -29.16
N LEU MA 262 -13.02 20.51 -30.14
CA LEU MA 262 -13.72 20.12 -31.35
C LEU MA 262 -14.97 19.29 -31.06
N GLY MA 263 -14.86 18.21 -30.33
CA GLY MA 263 -16.03 17.37 -30.17
C GLY MA 263 -17.05 17.84 -29.17
N VAL MA 264 -16.81 18.99 -28.55
CA VAL MA 264 -17.69 19.45 -27.50
C VAL MA 264 -19.03 19.95 -28.01
N LYS MA 265 -20.08 19.47 -27.38
CA LYS MA 265 -21.44 19.94 -27.71
C LYS MA 265 -21.97 20.80 -26.56
N ASN MA 266 -22.52 21.96 -26.88
CA ASN MA 266 -23.05 22.87 -25.86
C ASN MA 266 -24.29 22.27 -25.17
N MET MA 267 -25.14 21.51 -25.89
CA MET MA 267 -26.31 20.88 -25.28
C MET MA 267 -26.53 19.48 -25.82
N VAL NA 44 61.28 -11.59 -18.31
CA VAL NA 44 60.12 -12.01 -19.10
C VAL NA 44 59.54 -10.82 -19.85
N PRO NA 45 58.99 -11.08 -21.04
CA PRO NA 45 58.44 -9.98 -21.85
C PRO NA 45 57.22 -9.36 -21.20
N ARG NA 46 56.99 -8.09 -21.53
CA ARG NA 46 55.87 -7.33 -21.01
C ARG NA 46 54.73 -7.33 -22.02
N ILE NA 47 53.50 -7.40 -21.52
CA ILE NA 47 52.31 -7.48 -22.37
C ILE NA 47 51.84 -6.07 -22.69
N LYS NA 48 51.57 -5.82 -23.97
CA LYS NA 48 51.04 -4.53 -24.39
C LYS NA 48 49.59 -4.38 -23.96
N ALA NA 49 49.20 -3.15 -23.65
CA ALA NA 49 47.84 -2.88 -23.18
C ALA NA 49 46.82 -3.19 -24.27
N ILE NA 50 46.93 -2.52 -25.41
CA ILE NA 50 46.06 -2.76 -26.56
C ILE NA 50 46.92 -3.33 -27.68
N THR NA 51 46.83 -4.64 -27.87
CA THR NA 51 47.64 -5.33 -28.86
C THR NA 51 46.82 -5.57 -30.14
N SER NA 52 47.48 -6.14 -31.14
CA SER NA 52 46.81 -6.50 -32.38
C SER NA 52 46.12 -7.85 -32.30
N LYS NA 53 46.36 -8.63 -31.25
CA LYS NA 53 45.68 -9.92 -31.10
C LYS NA 53 44.18 -9.71 -30.91
N MET NA 54 43.85 -8.65 -30.19
CA MET NA 54 42.45 -8.32 -29.97
C MET NA 54 41.83 -7.83 -31.25
N ARG NA 55 40.52 -8.01 -31.37
CA ARG NA 55 39.82 -7.58 -32.58
C ARG NA 55 39.60 -6.09 -32.68
N MET NA 56 39.96 -5.55 -33.82
CA MET NA 56 39.76 -4.14 -34.06
C MET NA 56 38.69 -3.92 -35.12
N PRO NA 57 38.01 -2.77 -35.11
CA PRO NA 57 37.05 -2.47 -36.18
C PRO NA 57 37.77 -2.30 -37.50
N LYS NA 58 37.35 -3.06 -38.50
CA LYS NA 58 37.99 -3.08 -39.81
C LYS NA 58 36.98 -2.73 -40.89
N SER NA 59 37.43 -1.96 -41.88
CA SER NA 59 36.63 -1.62 -43.04
C SER NA 59 37.44 -1.88 -44.30
N LYS NA 60 36.86 -2.67 -45.22
CA LYS NA 60 37.52 -3.02 -46.48
C LYS NA 60 38.89 -3.66 -46.23
N GLY NA 61 38.94 -4.57 -45.25
CA GLY NA 61 40.18 -5.26 -44.96
C GLY NA 61 41.29 -4.36 -44.46
N ALA NA 62 40.96 -3.45 -43.54
CA ALA NA 62 41.96 -2.56 -42.96
C ALA NA 62 41.40 -2.01 -41.66
N THR NA 63 42.20 -2.10 -40.59
CA THR NA 63 41.78 -1.57 -39.30
C THR NA 63 41.59 -0.05 -39.39
N VAL NA 64 40.52 0.43 -38.76
CA VAL NA 64 40.16 1.84 -38.82
C VAL NA 64 40.72 2.62 -37.65
N LEU NA 65 41.58 2.01 -36.84
CA LEU NA 65 42.18 2.68 -35.70
C LEU NA 65 43.70 2.70 -35.83
N ASN NA 66 44.31 3.75 -35.29
CA ASN NA 66 45.77 3.89 -35.25
C ASN NA 66 46.23 3.43 -33.88
N LEU NA 67 46.81 2.23 -33.81
CA LEU NA 67 47.13 1.62 -32.53
C LEU NA 67 48.19 2.41 -31.77
N GLU NA 68 49.22 2.89 -32.46
CA GLU NA 68 50.30 3.62 -31.79
C GLU NA 68 49.80 4.92 -31.19
N HIS NA 69 49.10 5.73 -32.00
CA HIS NA 69 48.57 6.99 -31.49
C HIS NA 69 47.58 6.77 -30.36
N LEU NA 70 46.72 5.76 -30.49
CA LEU NA 70 45.76 5.46 -29.43
C LEU NA 70 46.46 5.07 -28.14
N LEU NA 71 47.50 4.25 -28.23
CA LEU NA 71 48.29 3.92 -27.05
C LEU NA 71 48.96 5.15 -26.47
N GLU NA 72 49.26 6.14 -27.30
CA GLU NA 72 49.83 7.39 -26.81
C GLU NA 72 48.79 8.48 -26.57
N TYR NA 73 47.51 8.21 -26.82
CA TYR NA 73 46.45 9.22 -26.69
C TYR NA 73 45.90 9.16 -25.27
N ALA NA 74 46.20 10.18 -24.47
CA ALA NA 74 45.77 10.27 -23.09
C ALA NA 74 45.22 11.66 -22.78
N PRO NA 75 44.08 12.02 -23.35
CA PRO NA 75 43.49 13.33 -23.04
C PRO NA 75 42.92 13.38 -21.63
N GLN NA 76 42.90 14.58 -21.08
CA GLN NA 76 42.21 14.79 -19.80
C GLN NA 76 40.71 14.61 -19.98
N GLN NA 77 40.08 13.95 -19.01
CA GLN NA 77 38.67 13.60 -19.15
C GLN NA 77 37.79 14.83 -19.22
N ILE NA 78 38.11 15.88 -18.45
CA ILE NA 78 37.31 17.10 -18.47
C ILE NA 78 37.49 17.86 -19.77
N ASP NA 79 38.54 17.57 -20.54
CA ASP NA 79 38.79 18.27 -21.79
C ASP NA 79 37.95 17.73 -22.94
N ILE NA 80 37.37 16.54 -22.82
CA ILE NA 80 36.64 15.91 -23.91
C ILE NA 80 35.20 15.62 -23.52
N SER NA 81 34.74 16.09 -22.38
CA SER NA 81 33.36 15.91 -21.97
C SER NA 81 32.48 17.00 -22.57
N ASN NA 82 31.23 16.65 -22.85
CA ASN NA 82 30.27 17.58 -23.42
C ASN NA 82 29.40 18.25 -22.37
N THR NA 83 29.66 18.02 -21.09
CA THR NA 83 29.03 18.76 -20.00
C THR NA 83 29.77 20.03 -19.65
N ARG NA 84 30.84 20.33 -20.38
CA ARG NA 84 31.63 21.54 -20.17
C ARG NA 84 31.80 22.23 -21.51
N ALA NA 85 31.72 23.56 -21.51
CA ALA NA 85 31.88 24.32 -22.74
C ALA NA 85 33.28 24.11 -23.30
N THR NA 86 33.37 24.11 -24.63
CA THR NA 86 34.66 23.95 -25.28
C THR NA 86 35.54 25.17 -25.04
N GLN NA 87 36.83 25.00 -25.29
CA GLN NA 87 37.78 26.10 -25.08
C GLN NA 87 37.45 27.28 -25.98
N SER NA 88 37.03 27.01 -27.22
CA SER NA 88 36.63 28.10 -28.11
C SER NA 88 35.43 28.85 -27.58
N GLN NA 89 34.43 28.13 -27.07
CA GLN NA 89 33.25 28.78 -26.50
C GLN NA 89 33.62 29.59 -25.27
N PHE NA 90 34.52 29.06 -24.44
CA PHE NA 90 34.96 29.80 -23.26
C PHE NA 90 35.69 31.08 -23.64
N ASP NA 91 36.57 30.99 -24.66
CA ASP NA 91 37.27 32.19 -25.12
C ASP NA 91 36.30 33.22 -25.69
N THR NA 92 35.30 32.76 -26.44
CA THR NA 92 34.30 33.67 -26.97
C THR NA 92 33.54 34.38 -25.84
N TRP NA 93 33.13 33.62 -24.82
CA TRP NA 93 32.41 34.21 -23.70
C TRP NA 93 33.29 35.20 -22.95
N TYR NA 94 34.55 34.84 -22.70
CA TYR NA 94 35.46 35.72 -21.98
C TYR NA 94 35.71 37.01 -22.74
N GLU NA 95 35.93 36.90 -24.05
CA GLU NA 95 36.14 38.09 -24.87
C GLU NA 95 34.89 38.98 -24.91
N ALA NA 96 33.71 38.36 -25.02
CA ALA NA 96 32.48 39.14 -25.05
C ALA NA 96 32.25 39.87 -23.74
N VAL NA 97 32.52 39.20 -22.60
CA VAL NA 97 32.36 39.85 -21.31
C VAL NA 97 33.37 40.99 -21.15
N GLN NA 98 34.67 40.80 -21.61
CA GLN NA 98 35.65 41.87 -21.60
C GLN NA 98 35.18 43.08 -22.40
N LEU NA 99 34.64 42.78 -23.58
CA LEU NA 99 34.18 43.87 -24.43
C LEU NA 99 33.01 44.62 -23.79
N ALA NA 100 32.07 43.89 -23.20
CA ALA NA 100 30.89 44.54 -22.63
C ALA NA 100 31.24 45.34 -21.38
N TYR NA 101 32.15 44.84 -20.56
CA TYR NA 101 32.51 45.52 -19.32
C TYR NA 101 33.50 46.65 -19.52
N ASP NA 102 34.12 46.75 -20.69
CA ASP NA 102 35.13 47.78 -20.99
C ASP NA 102 36.25 47.76 -19.94
N ILE NA 103 36.72 46.55 -19.65
CA ILE NA 103 37.74 46.33 -18.63
C ILE NA 103 38.98 45.77 -19.31
N GLY NA 104 40.15 46.26 -18.91
CA GLY NA 104 41.39 45.79 -19.48
C GLY NA 104 41.72 44.37 -19.06
N GLU NA 105 42.71 43.81 -19.76
CA GLU NA 105 43.11 42.42 -19.52
C GLU NA 105 43.82 42.22 -18.19
N THR NA 106 44.16 43.30 -17.48
CA THR NA 106 44.83 43.16 -16.20
C THR NA 106 43.85 43.17 -15.02
N GLU NA 107 42.79 43.96 -15.11
CA GLU NA 107 41.76 43.99 -14.07
C GLU NA 107 40.68 42.95 -14.29
N MET NA 108 40.66 42.29 -15.45
CA MET NA 108 39.62 41.30 -15.74
C MET NA 108 39.67 40.09 -14.81
N PRO NA 109 40.83 39.50 -14.49
CA PRO NA 109 40.81 38.34 -13.58
C PRO NA 109 40.24 38.63 -12.20
N THR NA 110 40.37 39.85 -11.69
CA THR NA 110 39.73 40.18 -10.41
C THR NA 110 38.22 40.12 -10.52
N VAL NA 111 37.67 40.65 -11.61
CA VAL NA 111 36.23 40.57 -11.85
C VAL NA 111 35.82 39.11 -12.02
N MET NA 112 36.68 38.31 -12.64
CA MET NA 112 36.38 36.88 -12.77
C MET NA 112 36.36 36.19 -11.41
N ASN NA 113 37.28 36.55 -10.52
CA ASN NA 113 37.25 36.01 -9.15
C ASN NA 113 35.94 36.35 -8.46
N GLY NA 114 35.55 37.63 -8.53
CA GLY NA 114 34.29 38.04 -7.91
C GLY NA 114 33.10 37.30 -8.49
N LEU NA 115 33.06 37.15 -9.81
CA LEU NA 115 31.96 36.46 -10.46
C LEU NA 115 31.91 34.99 -10.08
N MET NA 116 33.09 34.36 -9.96
CA MET NA 116 33.12 32.95 -9.55
C MET NA 116 32.58 32.78 -8.14
N VAL NA 117 32.96 33.67 -7.22
CA VAL NA 117 32.46 33.57 -5.85
C VAL NA 117 30.94 33.82 -5.81
N TRP NA 118 30.48 34.83 -6.56
CA TRP NA 118 29.05 35.11 -6.62
C TRP NA 118 28.27 33.93 -7.19
N CYS NA 119 28.83 33.26 -8.20
CA CYS NA 119 28.14 32.11 -8.79
C CYS NA 119 28.18 30.91 -7.88
N ILE NA 120 29.23 30.75 -7.07
CA ILE NA 120 29.22 29.74 -6.03
C ILE NA 120 28.06 29.97 -5.09
N GLU NA 121 27.84 31.23 -4.71
CA GLU NA 121 26.78 31.52 -3.75
C GLU NA 121 25.38 31.38 -4.37
N ASN NA 122 25.17 31.90 -5.57
CA ASN NA 122 23.82 32.13 -6.07
C ASN NA 122 23.46 31.29 -7.29
N GLY NA 123 24.35 30.44 -7.77
CA GLY NA 123 24.01 29.57 -8.88
C GLY NA 123 24.26 30.19 -10.24
N THR NA 124 24.04 29.38 -11.27
CA THR NA 124 24.30 29.74 -12.65
C THR NA 124 23.12 29.41 -13.55
N SER NA 125 21.91 29.71 -13.07
CA SER NA 125 20.72 29.44 -13.85
C SER NA 125 20.64 30.38 -15.05
N PRO NA 126 20.04 29.93 -16.16
CA PRO NA 126 19.86 30.83 -17.32
C PRO NA 126 18.94 32.00 -17.02
N ASN NA 127 18.12 31.92 -15.97
CA ASN NA 127 17.15 32.95 -15.66
C ASN NA 127 17.67 34.01 -14.70
N ILE NA 128 18.91 33.88 -14.21
CA ILE NA 128 19.46 34.91 -13.34
C ILE NA 128 19.57 36.21 -14.11
N ASN NA 129 19.24 37.31 -13.45
CA ASN NA 129 19.21 38.61 -14.09
C ASN NA 129 19.49 39.68 -13.05
N GLY NA 130 19.55 40.92 -13.49
CA GLY NA 130 19.87 42.03 -12.62
C GLY NA 130 21.36 42.29 -12.59
N VAL NA 131 21.93 42.30 -11.39
CA VAL NA 131 23.36 42.52 -11.21
C VAL NA 131 23.91 41.50 -10.24
N TRP NA 132 25.21 41.26 -10.34
CA TRP NA 132 25.96 40.55 -9.32
C TRP NA 132 26.88 41.55 -8.62
N VAL NA 133 27.41 41.16 -7.47
CA VAL NA 133 28.11 42.10 -6.59
C VAL NA 133 29.50 41.58 -6.26
N MET NA 134 30.46 42.50 -6.22
CA MET NA 134 31.80 42.28 -5.72
C MET NA 134 31.99 43.10 -4.45
N MET NA 135 32.71 42.52 -3.49
CA MET NA 135 32.95 43.18 -2.20
C MET NA 135 34.36 43.79 -2.24
N CYS NA 136 34.44 45.04 -2.67
CA CYS NA 136 35.70 45.79 -2.67
C CYS NA 136 35.90 46.35 -1.28
N GLY NA 137 36.63 45.62 -0.45
CA GLY NA 137 36.77 45.97 0.95
C GLY NA 137 35.43 45.93 1.66
N ASP NA 138 34.97 47.08 2.14
CA ASP NA 138 33.65 47.19 2.75
C ASP NA 138 32.60 47.76 1.80
N GLU NA 139 32.97 48.04 0.56
CA GLU NA 139 32.05 48.60 -0.43
C GLU NA 139 31.55 47.53 -1.37
N GLN NA 140 30.36 47.78 -1.94
CA GLN NA 140 29.69 46.85 -2.82
C GLN NA 140 29.67 47.42 -4.23
N VAL NA 141 30.25 46.70 -5.18
CA VAL NA 141 30.30 47.11 -6.58
C VAL NA 141 29.37 46.21 -7.36
N GLU NA 142 28.49 46.82 -8.17
CA GLU NA 142 27.49 46.07 -8.92
C GLU NA 142 27.89 45.99 -10.39
N TYR NA 143 27.86 44.76 -10.92
CA TYR NA 143 28.17 44.48 -12.30
C TYR NA 143 26.93 43.89 -12.98
N PRO NA 144 26.55 44.37 -14.16
CA PRO NA 144 25.38 43.79 -14.84
C PRO NA 144 25.60 42.33 -15.18
N LEU NA 145 24.54 41.54 -15.04
CA LEU NA 145 24.60 40.12 -15.35
C LEU NA 145 24.26 39.79 -16.79
N LYS NA 146 23.74 40.76 -17.56
CA LYS NA 146 23.35 40.49 -18.94
C LYS NA 146 24.53 40.02 -19.81
N PRO NA 147 25.69 40.68 -19.82
CA PRO NA 147 26.81 40.15 -20.61
C PRO NA 147 27.26 38.77 -20.18
N ILE NA 148 27.16 38.47 -18.89
CA ILE NA 148 27.61 37.17 -18.39
C ILE NA 148 26.72 36.05 -18.92
N VAL NA 149 25.41 36.28 -18.97
CA VAL NA 149 24.47 35.22 -19.31
C VAL NA 149 24.21 35.14 -20.81
N GLU NA 150 24.14 36.28 -21.51
CA GLU NA 150 23.77 36.25 -22.91
C GLU NA 150 24.89 35.74 -23.81
N ASN NA 151 26.14 35.76 -23.34
CA ASN NA 151 27.27 35.32 -24.15
C ASN NA 151 27.78 33.95 -23.76
N ALA NA 152 27.15 33.29 -22.79
CA ALA NA 152 27.61 31.98 -22.33
C ALA NA 152 26.97 30.90 -23.18
N LYS NA 153 27.78 30.19 -23.96
CA LYS NA 153 27.30 29.13 -24.82
C LYS NA 153 28.02 27.82 -24.51
N PRO NA 154 27.31 26.69 -24.50
CA PRO NA 154 25.86 26.56 -24.74
C PRO NA 154 25.02 27.06 -23.56
N THR NA 155 25.53 26.93 -22.33
CA THR NA 155 24.84 27.45 -21.16
C THR NA 155 25.85 28.13 -20.25
N LEU NA 156 25.34 28.90 -19.29
CA LEU NA 156 26.23 29.51 -18.30
C LEU NA 156 26.82 28.47 -17.36
N ARG NA 157 26.08 27.40 -17.07
CA ARG NA 157 26.62 26.34 -16.23
C ARG NA 157 27.81 25.66 -16.89
N GLN NA 158 27.74 25.42 -18.20
CA GLN NA 158 28.86 24.82 -18.91
C GLN NA 158 30.07 25.74 -18.93
N ILE NA 159 29.85 27.05 -19.03
CA ILE NA 159 30.94 28.01 -18.98
C ILE NA 159 31.59 28.01 -17.59
N MET NA 160 30.77 28.10 -16.55
CA MET NA 160 31.29 28.15 -15.19
C MET NA 160 31.86 26.82 -14.73
N ALA NA 161 31.57 25.72 -15.43
CA ALA NA 161 32.21 24.45 -15.12
C ALA NA 161 33.73 24.53 -15.23
N HIS NA 162 34.26 25.47 -16.03
CA HIS NA 162 35.70 25.68 -16.09
C HIS NA 162 36.26 26.18 -14.76
N PHE NA 163 35.41 26.72 -13.90
CA PHE NA 163 35.83 27.26 -12.61
C PHE NA 163 35.62 26.29 -11.46
N SER NA 164 35.26 25.03 -11.74
CA SER NA 164 34.78 24.13 -10.69
C SER NA 164 35.88 23.79 -9.70
N ASP NA 165 37.11 23.44 -10.17
CA ASP NA 165 38.20 23.09 -9.25
C ASP NA 165 38.60 24.28 -8.40
N VAL NA 166 38.65 25.48 -9.00
CA VAL NA 166 38.99 26.68 -8.23
C VAL NA 166 37.90 26.99 -7.22
N ALA NA 167 36.64 26.78 -7.59
CA ALA NA 167 35.54 27.01 -6.65
C ALA NA 167 35.62 26.07 -5.47
N GLU NA 168 35.92 24.80 -5.71
CA GLU NA 168 36.05 23.83 -4.63
C GLU NA 168 37.21 24.22 -3.71
N ALA NA 169 38.35 24.60 -4.30
CA ALA NA 169 39.50 25.02 -3.50
C ALA NA 169 39.17 26.26 -2.67
N TYR NA 170 38.46 27.22 -3.26
CA TYR NA 170 38.09 28.43 -2.56
C TYR NA 170 37.14 28.14 -1.40
N ILE NA 171 36.19 27.23 -1.60
CA ILE NA 171 35.27 26.89 -0.51
C ILE NA 171 36.03 26.22 0.62
N GLU NA 172 36.97 25.33 0.31
CA GLU NA 172 37.77 24.72 1.37
C GLU NA 172 38.61 25.76 2.12
N MET NA 173 39.21 26.68 1.36
CA MET NA 173 40.00 27.73 1.99
C MET NA 173 39.16 28.60 2.91
N ARG NA 174 37.97 29.00 2.46
CA ARG NA 174 37.11 29.81 3.32
C ARG NA 174 36.64 29.03 4.54
N ASN NA 175 36.38 27.74 4.39
CA ASN NA 175 36.00 26.93 5.53
C ASN NA 175 37.14 26.70 6.50
N LYS NA 176 38.39 26.89 6.08
CA LYS NA 176 39.50 26.81 7.02
C LYS NA 176 39.45 27.90 8.08
N LYS NA 177 38.81 29.03 7.82
CA LYS NA 177 38.79 30.14 8.75
C LYS NA 177 37.43 30.41 9.39
N GLU NA 178 36.39 29.92 8.83
CA GLU NA 178 35.06 30.14 9.40
C GLU NA 178 34.06 29.19 8.77
N PRO NA 179 32.86 28.97 9.39
CA PRO NA 179 31.81 28.15 8.75
C PRO NA 179 31.34 28.80 7.46
N TYR NA 180 31.56 28.10 6.34
CA TYR NA 180 31.28 28.64 5.01
C TYR NA 180 30.61 27.55 4.18
N MET NA 181 29.28 27.54 4.21
CA MET NA 181 28.50 26.69 3.33
C MET NA 181 27.87 27.55 2.25
N PRO NA 182 28.09 27.27 0.97
CA PRO NA 182 27.49 28.09 -0.09
C PRO NA 182 25.97 28.08 0.02
N ARG NA 183 25.37 29.22 -0.37
CA ARG NA 183 23.93 29.36 -0.25
C ARG NA 183 23.18 28.28 -1.03
N TYR NA 184 23.80 27.73 -2.07
CA TYR NA 184 23.22 26.60 -2.76
C TYR NA 184 23.05 25.40 -1.83
N GLY NA 185 24.09 25.12 -1.01
CA GLY NA 185 23.99 24.03 -0.06
C GLY NA 185 23.07 24.32 1.10
N LEU NA 186 22.80 25.59 1.38
CA LEU NA 186 21.80 25.94 2.39
C LEU NA 186 20.39 25.75 1.86
N VAL NA 187 20.17 26.06 0.57
CA VAL NA 187 18.88 25.81 -0.04
C VAL NA 187 18.62 24.31 -0.16
N ARG NA 188 19.64 23.54 -0.47
CA ARG NA 188 19.49 22.09 -0.58
C ARG NA 188 19.39 21.41 0.78
N ASN NA 189 19.58 22.15 1.87
CA ASN NA 189 19.50 21.61 3.23
C ASN NA 189 20.50 20.47 3.43
N LEU NA 190 21.72 20.66 2.93
CA LEU NA 190 22.78 19.69 3.16
C LEU NA 190 23.27 19.80 4.59
N ARG NA 191 23.15 18.71 5.35
CA ARG NA 191 23.42 18.73 6.78
C ARG NA 191 24.85 18.37 7.14
N ASP NA 192 25.72 18.15 6.15
CA ASP NA 192 27.12 17.84 6.38
C ASP NA 192 27.97 19.03 5.97
N GLY NA 193 28.77 19.54 6.91
CA GLY NA 193 29.63 20.67 6.62
C GLY NA 193 30.90 20.30 5.88
N SER NA 194 31.33 19.04 5.99
CA SER NA 194 32.52 18.60 5.28
C SER NA 194 32.27 18.43 3.79
N LEU NA 195 31.02 18.44 3.35
CA LEU NA 195 30.66 18.36 1.94
C LEU NA 195 30.39 19.72 1.33
N ALA NA 196 30.71 20.81 2.03
CA ALA NA 196 30.45 22.15 1.52
C ALA NA 196 31.22 22.44 0.23
N ARG NA 197 32.37 21.78 0.04
CA ARG NA 197 33.22 22.05 -1.11
C ARG NA 197 32.61 21.58 -2.42
N TYR NA 198 31.54 20.79 -2.39
CA TYR NA 198 30.86 20.32 -3.59
C TYR NA 198 29.46 20.90 -3.73
N ALA NA 199 29.05 21.78 -2.84
CA ALA NA 199 27.65 22.22 -2.76
C ALA NA 199 27.44 23.51 -3.57
N PHE NA 200 27.73 23.43 -4.87
CA PHE NA 200 27.35 24.47 -5.81
C PHE NA 200 26.87 23.80 -7.09
N ASP NA 201 26.04 24.52 -7.84
CA ASP NA 201 25.31 23.88 -8.94
C ASP NA 201 26.11 23.73 -10.22
N PHE NA 202 27.28 24.37 -10.33
CA PHE NA 202 28.14 24.18 -11.49
C PHE NA 202 29.34 23.30 -11.19
N TYR NA 203 29.28 22.53 -10.10
CA TYR NA 203 30.35 21.60 -9.79
C TYR NA 203 30.40 20.47 -10.81
N GLU NA 204 31.60 20.14 -11.26
CA GLU NA 204 31.82 19.11 -12.27
C GLU NA 204 32.34 17.85 -11.61
N VAL NA 205 31.58 16.77 -11.73
CA VAL NA 205 31.98 15.48 -11.17
C VAL NA 205 33.07 14.86 -12.05
N THR NA 206 34.15 14.43 -11.44
CA THR NA 206 35.27 13.82 -12.13
C THR NA 206 35.55 12.44 -11.57
N SER NA 207 36.57 11.78 -12.11
CA SER NA 207 36.97 10.47 -11.61
C SER NA 207 37.62 10.55 -10.24
N ARG NA 208 38.03 11.74 -9.81
CA ARG NA 208 38.66 11.94 -8.50
C ARG NA 208 37.67 12.39 -7.44
N THR NA 209 36.42 12.64 -7.81
CA THR NA 209 35.40 13.01 -6.83
C THR NA 209 35.12 11.82 -5.91
N PRO NA 210 35.12 12.01 -4.60
CA PRO NA 210 34.81 10.89 -3.70
C PRO NA 210 33.41 10.38 -3.90
N VAL NA 211 33.23 9.07 -3.65
CA VAL NA 211 31.95 8.42 -3.91
C VAL NA 211 30.84 9.05 -3.08
N ARG NA 212 31.13 9.36 -1.82
CA ARG NA 212 30.14 10.03 -0.97
C ARG NA 212 29.79 11.41 -1.52
N ALA NA 213 30.81 12.16 -1.96
CA ALA NA 213 30.56 13.48 -2.55
C ALA NA 213 29.75 13.36 -3.83
N ARG NA 214 30.04 12.35 -4.65
CA ARG NA 214 29.27 12.13 -5.87
C ARG NA 214 27.81 11.83 -5.56
N GLU NA 215 27.57 10.98 -4.57
CA GLU NA 215 26.21 10.68 -4.16
C GLU NA 215 25.48 11.92 -3.66
N ALA NA 216 26.16 12.72 -2.82
CA ALA NA 216 25.54 13.94 -2.31
C ALA NA 216 25.22 14.91 -3.42
N HIS NA 217 26.14 15.08 -4.38
CA HIS NA 217 25.91 16.00 -5.48
C HIS NA 217 24.75 15.54 -6.36
N ILE NA 218 24.67 14.24 -6.63
CA ILE NA 218 23.58 13.75 -7.47
C ILE NA 218 22.25 13.90 -6.76
N GLN NA 219 22.21 13.63 -5.45
CA GLN NA 219 20.98 13.84 -4.70
C GLN NA 219 20.58 15.31 -4.68
N MET NA 220 21.54 16.22 -4.54
CA MET NA 220 21.23 17.64 -4.57
C MET NA 220 20.69 18.06 -5.92
N LYS NA 221 21.29 17.55 -7.01
CA LYS NA 221 20.79 17.87 -8.34
C LYS NA 221 19.38 17.36 -8.55
N ALA NA 222 19.10 16.13 -8.10
CA ALA NA 222 17.76 15.57 -8.24
C ALA NA 222 16.74 16.36 -7.43
N ALA NA 223 17.11 16.77 -6.21
CA ALA NA 223 16.21 17.57 -5.38
C ALA NA 223 15.96 18.95 -6.01
N ALA NA 224 16.99 19.55 -6.59
CA ALA NA 224 16.83 20.89 -7.15
C ALA NA 224 16.02 20.87 -8.44
N LEU NA 225 16.25 19.88 -9.30
CA LEU NA 225 15.54 19.82 -10.57
C LEU NA 225 14.09 19.40 -10.40
N LYS NA 226 13.82 18.52 -9.44
CA LYS NA 226 12.46 18.02 -9.14
C LYS NA 226 11.93 17.33 -10.40
N SER NA 227 10.74 17.67 -10.88
CA SER NA 227 10.16 17.06 -12.07
C SER NA 227 9.91 18.12 -13.14
N ALA NA 228 10.87 19.03 -13.32
CA ALA NA 228 10.74 20.09 -14.30
C ALA NA 228 10.80 19.51 -15.72
N GLN NA 229 9.82 19.86 -16.54
CA GLN NA 229 9.73 19.41 -17.92
C GLN NA 229 9.94 20.59 -18.85
N SER NA 230 10.83 20.37 -19.81
CA SER NA 230 11.15 21.39 -20.76
C SER NA 230 10.15 21.54 -21.87
N ARG NA 231 9.82 22.77 -22.15
CA ARG NA 231 8.94 23.08 -23.26
C ARG NA 231 9.79 23.63 -24.41
N LEU NA 232 9.69 23.06 -25.66
CA LEU NA 232 10.47 23.47 -26.81
C LEU NA 232 10.03 24.82 -27.38
N PHE NA 233 8.78 25.22 -27.14
CA PHE NA 233 8.23 26.41 -27.75
C PHE NA 233 7.49 27.24 -26.73
N GLY NA 234 7.48 28.55 -26.95
CA GLY NA 234 6.59 29.45 -26.26
C GLY NA 234 5.39 29.81 -27.12
N LEU NA 235 4.75 30.92 -26.78
CA LEU NA 235 3.66 31.41 -27.61
C LEU NA 235 4.21 31.90 -28.95
N ASP NA 236 3.57 31.47 -30.04
CA ASP NA 236 4.02 31.82 -31.37
C ASP NA 236 3.88 33.31 -31.61
N GLY NA 237 4.89 33.91 -32.23
CA GLY NA 237 4.92 35.35 -32.46
C GLY NA 237 4.02 35.83 -33.58
N GLY NA 238 3.51 34.92 -34.41
CA GLY NA 238 2.53 35.32 -35.39
C GLY NA 238 1.19 35.60 -34.73
N ILE NA 239 0.80 36.87 -34.66
CA ILE NA 239 -0.37 37.23 -33.88
C ILE NA 239 -1.64 37.22 -34.72
N SER NA 240 -1.59 37.79 -35.92
CA SER NA 240 -2.78 37.90 -36.75
C SER NA 240 -3.30 36.52 -37.13
N THR NA 241 -4.59 36.29 -36.90
CA THR NA 241 -5.26 35.07 -37.31
C THR NA 241 -6.32 35.29 -38.37
N GLN NA 242 -6.87 36.50 -38.46
CA GLN NA 242 -7.88 36.80 -39.46
C GLN NA 242 -7.21 37.11 -40.80
N GLU NA 243 -8.05 37.29 -41.83
CA GLU NA 243 -7.58 37.67 -43.15
C GLU NA 243 -7.86 39.15 -43.38
N GLU NA 244 -6.96 39.82 -44.09
CA GLU NA 244 -7.11 41.24 -44.35
C GLU NA 244 -8.34 41.51 -45.22
N ASN NA 245 -9.08 42.55 -44.87
CA ASN NA 245 -10.25 42.95 -45.63
C ASN NA 245 -9.82 43.84 -46.78
N THR NA 246 -9.89 43.32 -48.00
CA THR NA 246 -9.50 44.04 -49.19
C THR NA 246 -10.68 44.65 -49.94
N GLU NA 247 -11.89 44.51 -49.40
CA GLU NA 247 -13.08 44.97 -50.11
C GLU NA 247 -13.18 46.48 -50.11
N ARG NA 248 -13.64 47.02 -51.24
CA ARG NA 248 -13.85 48.45 -51.40
C ARG NA 248 -15.03 48.91 -50.56
N HIS NA 249 -15.18 50.23 -50.45
CA HIS NA 249 -16.31 50.82 -49.74
C HIS NA 249 -16.63 52.14 -50.43
N THR NA 250 -17.77 52.22 -51.09
CA THR NA 250 -18.19 53.41 -51.82
C THR NA 250 -19.44 54.01 -51.19
N THR NA 251 -19.75 55.24 -51.61
CA THR NA 251 -20.95 55.92 -51.12
C THR NA 251 -22.24 55.31 -51.65
N GLU NA 252 -22.15 54.41 -52.63
CA GLU NA 252 -23.33 53.71 -53.11
C GLU NA 252 -23.71 52.53 -52.22
N ASP NA 253 -22.83 52.12 -51.31
CA ASP NA 253 -23.13 50.98 -50.46
C ASP NA 253 -24.29 51.30 -49.51
N VAL NA 254 -25.19 50.33 -49.33
CA VAL NA 254 -26.31 50.52 -48.43
C VAL NA 254 -25.84 50.60 -46.99
N SER NA 255 -24.72 49.96 -46.68
CA SER NA 255 -24.17 49.95 -45.33
C SER NA 255 -22.67 49.70 -45.43
N PRO NA 256 -21.92 49.95 -44.35
CA PRO NA 256 -20.48 49.68 -44.39
C PRO NA 256 -20.12 48.21 -44.62
N SER NA 257 -21.06 47.28 -44.41
CA SER NA 257 -20.77 45.86 -44.56
C SER NA 257 -21.49 45.21 -45.73
N MET NA 258 -22.48 45.87 -46.32
CA MET NA 258 -23.25 45.30 -47.42
C MET NA 258 -23.24 46.28 -48.59
N HIS NA 259 -22.88 45.79 -49.78
CA HIS NA 259 -22.91 46.64 -50.96
C HIS NA 259 -24.35 46.96 -51.38
N THR NA 260 -25.20 45.93 -51.44
CA THR NA 260 -26.59 46.11 -51.83
C THR NA 260 -27.44 45.11 -51.06
N LEU NA 261 -28.74 45.11 -51.39
CA LEU NA 261 -29.73 44.18 -50.83
C LEU NA 261 -30.48 43.50 -51.97
N LEU NA 262 -29.72 42.95 -52.92
CA LEU NA 262 -30.27 42.59 -54.22
C LEU NA 262 -31.44 41.62 -54.11
N GLY NA 263 -31.28 40.50 -53.46
CA GLY NA 263 -32.37 39.54 -53.47
C GLY NA 263 -33.52 39.83 -52.53
N VAL NA 264 -33.45 40.94 -51.83
CA VAL NA 264 -34.47 41.23 -50.83
C VAL NA 264 -35.81 41.63 -51.42
N LYS NA 265 -36.85 41.01 -50.94
CA LYS NA 265 -38.22 41.37 -51.36
C LYS NA 265 -38.92 42.06 -50.21
N ASN NA 266 -39.57 43.19 -50.49
CA ASN NA 266 -40.28 43.97 -49.48
C ASN NA 266 -41.51 43.20 -48.95
N MET NA 267 -42.21 42.42 -49.80
CA MET NA 267 -43.36 41.63 -49.36
C MET NA 267 -43.38 40.26 -50.01
N VAL OA 44 13.30 -90.16 13.30
CA VAL OA 44 12.19 -89.29 13.67
C VAL OA 44 11.80 -88.41 12.50
N PRO OA 45 10.50 -88.09 12.39
CA PRO OA 45 10.04 -87.28 11.26
C PRO OA 45 10.59 -85.86 11.33
N ARG OA 46 10.69 -85.25 10.15
CA ARG OA 46 11.19 -83.88 10.01
C ARG OA 46 10.03 -82.90 9.91
N ILE OA 47 10.18 -81.74 10.52
CA ILE OA 47 9.13 -80.73 10.57
C ILE OA 47 9.23 -79.84 9.35
N LYS OA 48 8.10 -79.61 8.69
CA LYS OA 48 8.06 -78.72 7.54
C LYS OA 48 8.20 -77.27 8.00
N ALA OA 49 8.84 -76.45 7.15
CA ALA OA 49 9.05 -75.05 7.49
C ALA OA 49 7.73 -74.30 7.60
N ILE OA 50 6.96 -74.28 6.52
CA ILE OA 50 5.65 -73.65 6.50
C ILE OA 50 4.62 -74.75 6.31
N THR OA 51 3.95 -75.13 7.39
CA THR OA 51 2.97 -76.21 7.37
C THR OA 51 1.56 -75.64 7.27
N SER OA 52 0.59 -76.54 7.18
CA SER OA 52 -0.82 -76.15 7.18
C SER OA 52 -1.37 -75.95 8.58
N LYS OA 53 -0.65 -76.35 9.62
CA LYS OA 53 -1.12 -76.14 10.98
C LYS OA 53 -1.19 -74.65 11.31
N MET OA 54 -0.23 -73.90 10.77
CA MET OA 54 -0.22 -72.48 10.96
C MET OA 54 -1.35 -71.84 10.18
N ARG OA 55 -1.80 -70.68 10.65
CA ARG OA 55 -2.90 -69.99 9.98
C ARG OA 55 -2.50 -69.29 8.71
N MET OA 56 -3.27 -69.54 7.67
CA MET OA 56 -3.03 -68.90 6.39
C MET OA 56 -4.15 -67.90 6.08
N PRO OA 57 -3.87 -66.88 5.27
CA PRO OA 57 -4.95 -65.97 4.85
C PRO OA 57 -5.94 -66.71 3.96
N LYS OA 58 -7.22 -66.67 4.32
CA LYS OA 58 -8.26 -67.39 3.63
C LYS OA 58 -9.35 -66.43 3.17
N SER OA 59 -9.87 -66.68 1.97
CA SER OA 59 -10.98 -65.91 1.42
C SER OA 59 -12.04 -66.87 0.91
N LYS OA 60 -13.28 -66.69 1.38
CA LYS OA 60 -14.41 -67.54 1.00
C LYS OA 60 -14.12 -69.01 1.28
N GLY OA 61 -13.53 -69.28 2.43
CA GLY OA 61 -13.25 -70.65 2.82
C GLY OA 61 -12.23 -71.34 1.94
N ALA OA 62 -11.15 -70.63 1.62
CA ALA OA 62 -10.08 -71.21 0.79
C ALA OA 62 -8.81 -70.39 0.99
N THR OA 63 -7.72 -71.07 1.29
CA THR OA 63 -6.45 -70.39 1.47
C THR OA 63 -6.03 -69.70 0.18
N VAL OA 64 -5.51 -68.48 0.31
CA VAL OA 64 -5.15 -67.66 -0.84
C VAL OA 64 -3.68 -67.81 -1.21
N LEU OA 65 -2.97 -68.75 -0.59
CA LEU OA 65 -1.56 -68.98 -0.86
C LEU OA 65 -1.35 -70.40 -1.36
N ASN OA 66 -0.35 -70.57 -2.22
CA ASN OA 66 0.06 -71.88 -2.74
C ASN OA 66 1.24 -72.35 -1.91
N LEU OA 67 0.99 -73.29 -0.99
CA LEU OA 67 2.02 -73.68 -0.03
C LEU OA 67 3.22 -74.34 -0.71
N GLU OA 68 2.98 -75.21 -1.69
CA GLU OA 68 4.08 -75.91 -2.35
C GLU OA 68 4.98 -74.94 -3.10
N HIS OA 69 4.39 -74.07 -3.93
CA HIS OA 69 5.18 -73.11 -4.68
C HIS OA 69 5.91 -72.16 -3.75
N LEU OA 70 5.25 -71.71 -2.69
CA LEU OA 70 5.90 -70.81 -1.72
C LEU OA 70 7.08 -71.48 -1.06
N LEU OA 71 6.93 -72.76 -0.68
CA LEU OA 71 8.05 -73.49 -0.13
C LEU OA 71 9.18 -73.65 -1.14
N GLU OA 72 8.83 -73.67 -2.43
CA GLU OA 72 9.85 -73.73 -3.48
C GLU OA 72 10.24 -72.36 -4.03
N TYR OA 73 9.63 -71.27 -3.55
CA TYR OA 73 9.88 -69.94 -4.07
C TYR OA 73 11.03 -69.31 -3.29
N ALA OA 74 12.19 -69.18 -3.94
CA ALA OA 74 13.38 -68.60 -3.32
C ALA OA 74 14.03 -67.60 -4.26
N PRO OA 75 13.40 -66.45 -4.48
CA PRO OA 75 14.01 -65.43 -5.33
C PRO OA 75 15.18 -64.76 -4.64
N GLN OA 76 16.12 -64.27 -5.46
CA GLN OA 76 17.20 -63.44 -4.93
C GLN OA 76 16.64 -62.12 -4.42
N GLN OA 77 17.16 -61.66 -3.29
CA GLN OA 77 16.60 -60.48 -2.64
C GLN OA 77 16.79 -59.22 -3.50
N ILE OA 78 17.93 -59.11 -4.18
CA ILE OA 78 18.17 -57.95 -5.03
C ILE OA 78 17.29 -57.97 -6.27
N ASP OA 79 16.73 -59.12 -6.63
CA ASP OA 79 15.89 -59.23 -7.81
C ASP OA 79 14.47 -58.74 -7.59
N ILE OA 80 14.03 -58.59 -6.34
CA ILE OA 80 12.66 -58.22 -6.02
C ILE OA 80 12.59 -56.93 -5.21
N SER OA 81 13.70 -56.24 -5.03
CA SER OA 81 13.71 -54.97 -4.32
C SER OA 81 13.36 -53.84 -5.27
N ASN OA 82 12.71 -52.80 -4.73
CA ASN OA 82 12.32 -51.64 -5.50
C ASN OA 82 13.31 -50.50 -5.41
N THR OA 83 14.45 -50.72 -4.77
CA THR OA 83 15.56 -49.77 -4.78
C THR OA 83 16.50 -50.00 -5.96
N ARG OA 84 16.19 -50.95 -6.81
CA ARG OA 84 16.97 -51.27 -8.00
C ARG OA 84 16.04 -51.31 -9.19
N ALA OA 85 16.50 -50.78 -10.32
CA ALA OA 85 15.69 -50.78 -11.53
C ALA OA 85 15.40 -52.22 -11.97
N THR OA 86 14.22 -52.41 -12.54
CA THR OA 86 13.84 -53.74 -13.02
C THR OA 86 14.69 -54.12 -14.23
N GLN OA 87 14.68 -55.42 -14.55
CA GLN OA 87 15.47 -55.91 -15.68
C GLN OA 87 15.00 -55.28 -16.98
N SER OA 88 13.69 -55.08 -17.14
CA SER OA 88 13.18 -54.42 -18.34
C SER OA 88 13.67 -52.99 -18.44
N GLN OA 89 13.65 -52.26 -17.32
CA GLN OA 89 14.15 -50.89 -17.33
C GLN OA 89 15.64 -50.84 -17.63
N PHE OA 90 16.40 -51.78 -17.09
CA PHE OA 90 17.84 -51.84 -17.37
C PHE OA 90 18.10 -52.13 -18.85
N ASP OA 91 17.34 -53.07 -19.43
CA ASP OA 91 17.50 -53.35 -20.85
C ASP OA 91 17.14 -52.14 -21.70
N THR OA 92 16.07 -51.43 -21.33
CA THR OA 92 15.69 -50.23 -22.06
C THR OA 92 16.81 -49.18 -22.01
N TRP OA 93 17.37 -48.97 -20.82
CA TRP OA 93 18.45 -47.99 -20.68
C TRP OA 93 19.67 -48.40 -21.48
N TYR OA 94 20.05 -49.68 -21.41
CA TYR OA 94 21.21 -50.17 -22.14
C TYR OA 94 21.04 -50.03 -23.64
N GLU OA 95 19.85 -50.39 -24.14
CA GLU OA 95 19.57 -50.25 -25.57
C GLU OA 95 19.59 -48.79 -26.01
N ALA OA 96 19.01 -47.91 -25.18
CA ALA OA 96 18.99 -46.49 -25.53
C ALA OA 96 20.40 -45.91 -25.57
N VAL OA 97 21.24 -46.29 -24.61
CA VAL OA 97 22.62 -45.80 -24.60
C VAL OA 97 23.39 -46.34 -25.80
N GLN OA 98 23.19 -47.65 -26.19
CA GLN OA 98 23.79 -48.22 -27.39
C GLN OA 98 23.39 -47.43 -28.63
N LEU OA 99 22.10 -47.13 -28.70
CA LEU OA 99 21.61 -46.41 -29.87
C LEU OA 99 22.21 -45.01 -29.94
N ALA OA 100 22.28 -44.32 -28.79
CA ALA OA 100 22.78 -42.94 -28.80
C ALA OA 100 24.27 -42.88 -29.09
N TYR OA 101 25.03 -43.84 -28.56
CA TYR OA 101 26.48 -43.82 -28.75
C TYR OA 101 26.91 -44.37 -30.10
N ASP OA 102 26.02 -45.04 -30.83
CA ASP OA 102 26.33 -45.65 -32.12
C ASP OA 102 27.52 -46.61 -31.99
N ILE OA 103 27.47 -47.44 -30.95
CA ILE OA 103 28.53 -48.38 -30.63
C ILE OA 103 27.98 -49.80 -30.76
N GLY OA 104 28.78 -50.67 -31.36
CA GLY OA 104 28.37 -52.06 -31.53
C GLY OA 104 28.31 -52.81 -30.22
N GLU OA 105 27.68 -53.99 -30.28
CA GLU OA 105 27.49 -54.81 -29.09
C GLU OA 105 28.78 -55.43 -28.57
N THR OA 106 29.89 -55.32 -29.31
CA THR OA 106 31.15 -55.88 -28.86
C THR OA 106 32.02 -54.85 -28.12
N GLU OA 107 31.99 -53.59 -28.55
CA GLU OA 107 32.71 -52.53 -27.86
C GLU OA 107 31.91 -51.89 -26.75
N MET OA 108 30.62 -52.21 -26.64
CA MET OA 108 29.78 -51.60 -25.61
C MET OA 108 30.20 -51.97 -24.19
N PRO OA 109 30.53 -53.23 -23.86
CA PRO OA 109 30.95 -53.53 -22.48
C PRO OA 109 32.17 -52.77 -22.01
N THR OA 110 33.10 -52.42 -22.91
CA THR OA 110 34.24 -51.61 -22.49
C THR OA 110 33.79 -50.21 -22.06
N VAL OA 111 32.88 -49.62 -22.82
CA VAL OA 111 32.31 -48.33 -22.44
C VAL OA 111 31.56 -48.45 -21.13
N MET OA 112 30.89 -49.58 -20.91
CA MET OA 112 30.19 -49.81 -19.65
C MET OA 112 31.17 -49.89 -18.48
N ASN OA 113 32.32 -50.55 -18.69
CA ASN OA 113 33.36 -50.59 -17.67
C ASN OA 113 33.82 -49.19 -17.31
N GLY OA 114 34.14 -48.40 -18.33
CA GLY OA 114 34.56 -47.03 -18.09
C GLY OA 114 33.52 -46.21 -17.36
N LEU OA 115 32.25 -46.35 -17.76
CA LEU OA 115 31.18 -45.61 -17.11
C LEU OA 115 31.01 -46.03 -15.66
N MET OA 116 31.13 -47.33 -15.38
CA MET OA 116 31.01 -47.82 -14.01
C MET OA 116 32.12 -47.24 -13.14
N VAL OA 117 33.35 -47.21 -13.64
CA VAL OA 117 34.45 -46.64 -12.86
C VAL OA 117 34.24 -45.14 -12.63
N TRP OA 118 33.83 -44.43 -13.69
CA TRP OA 118 33.56 -43.00 -13.57
C TRP OA 118 32.45 -42.73 -12.55
N CYS OA 119 31.42 -43.57 -12.53
CA CYS OA 119 30.31 -43.37 -11.59
C CYS OA 119 30.72 -43.74 -10.17
N ILE OA 120 31.63 -44.71 -10.01
CA ILE OA 120 32.22 -44.95 -8.70
C ILE OA 120 32.90 -43.68 -8.19
N GLU OA 121 33.65 -43.02 -9.07
CA GLU OA 121 34.40 -41.85 -8.64
C GLU OA 121 33.49 -40.65 -8.38
N ASN OA 122 32.53 -40.38 -9.26
CA ASN OA 122 31.86 -39.08 -9.29
C ASN OA 122 30.37 -39.14 -8.97
N GLY OA 123 29.83 -40.31 -8.66
CA GLY OA 123 28.44 -40.39 -8.26
C GLY OA 123 27.48 -40.53 -9.43
N THR OA 124 26.21 -40.69 -9.08
CA THR OA 124 25.13 -40.93 -10.03
C THR OA 124 23.95 -40.02 -9.77
N SER OA 125 24.23 -38.75 -9.51
CA SER OA 125 23.16 -37.79 -9.26
C SER OA 125 22.38 -37.50 -10.55
N PRO OA 126 21.09 -37.21 -10.44
CA PRO OA 126 20.31 -36.83 -11.63
C PRO OA 126 20.80 -35.54 -12.28
N ASN OA 127 21.55 -34.71 -11.56
CA ASN OA 127 21.99 -33.41 -12.05
C ASN OA 127 23.35 -33.46 -12.72
N ILE OA 128 24.02 -34.62 -12.76
CA ILE OA 128 25.30 -34.69 -13.45
C ILE OA 128 25.09 -34.43 -14.93
N ASN OA 129 26.00 -33.68 -15.53
CA ASN OA 129 25.88 -33.27 -16.92
C ASN OA 129 27.27 -33.08 -17.49
N GLY OA 130 27.32 -32.75 -18.77
CA GLY OA 130 28.59 -32.59 -19.47
C GLY OA 130 29.03 -33.89 -20.10
N VAL OA 131 30.25 -34.32 -19.78
CA VAL OA 131 30.79 -35.56 -20.29
C VAL OA 131 31.43 -36.33 -19.15
N TRP OA 132 31.54 -37.65 -19.35
CA TRP OA 132 32.38 -38.50 -18.53
C TRP OA 132 33.56 -38.95 -19.38
N VAL OA 133 34.59 -39.48 -18.71
CA VAL OA 133 35.86 -39.73 -19.37
C VAL OA 133 36.29 -41.18 -19.16
N MET OA 134 36.86 -41.76 -20.22
CA MET OA 134 37.53 -43.04 -20.19
C MET OA 134 39.01 -42.83 -20.43
N MET OA 135 39.85 -43.61 -19.75
CA MET OA 135 41.30 -43.50 -19.87
C MET OA 135 41.79 -44.61 -20.80
N CYS OA 136 41.87 -44.29 -22.08
CA CYS OA 136 42.40 -45.21 -23.09
C CYS OA 136 43.92 -45.09 -23.07
N GLY OA 137 44.56 -45.95 -22.30
CA GLY OA 137 45.98 -45.83 -22.07
C GLY OA 137 46.32 -44.53 -21.37
N ASP OA 138 47.06 -43.66 -22.05
CA ASP OA 138 47.38 -42.34 -21.53
C ASP OA 138 46.48 -41.25 -22.11
N GLU OA 139 45.53 -41.61 -22.97
CA GLU OA 139 44.65 -40.65 -23.60
C GLU OA 139 43.29 -40.62 -22.92
N GLN OA 140 42.62 -39.48 -23.03
CA GLN OA 140 41.33 -39.25 -22.39
C GLN OA 140 40.25 -39.15 -23.47
N VAL OA 141 39.26 -40.04 -23.39
CA VAL OA 141 38.15 -40.07 -24.33
C VAL OA 141 36.90 -39.57 -23.61
N GLU OA 142 36.20 -38.62 -24.21
CA GLU OA 142 35.04 -38.00 -23.60
C GLU OA 142 33.76 -38.54 -24.22
N TYR OA 143 32.84 -38.98 -23.38
CA TYR OA 143 31.54 -39.48 -23.78
C TYR OA 143 30.45 -38.59 -23.20
N PRO OA 144 29.46 -38.18 -23.98
CA PRO OA 144 28.40 -37.34 -23.44
C PRO OA 144 27.60 -38.08 -22.37
N LEU OA 145 27.21 -37.35 -21.33
CA LEU OA 145 26.45 -37.90 -20.23
C LEU OA 145 24.94 -37.84 -20.45
N LYS OA 146 24.48 -37.09 -21.45
CA LYS OA 146 23.05 -36.94 -21.68
C LYS OA 146 22.35 -38.27 -21.95
N PRO OA 147 22.83 -39.14 -22.85
CA PRO OA 147 22.15 -40.43 -23.03
C PRO OA 147 22.15 -41.29 -21.77
N ILE OA 148 23.19 -41.19 -20.95
CA ILE OA 148 23.29 -42.01 -19.75
C ILE OA 148 22.22 -41.61 -18.74
N VAL OA 149 21.96 -40.31 -18.60
CA VAL OA 149 21.07 -39.83 -17.55
C VAL OA 149 19.63 -39.74 -18.03
N GLU OA 150 19.39 -39.35 -19.28
CA GLU OA 150 18.02 -39.13 -19.72
C GLU OA 150 17.26 -40.43 -19.96
N ASN OA 151 17.96 -41.56 -20.13
CA ASN OA 151 17.32 -42.83 -20.39
C ASN OA 151 17.29 -43.75 -19.19
N ALA OA 152 17.80 -43.31 -18.04
CA ALA OA 152 17.85 -44.13 -16.84
C ALA OA 152 16.56 -43.98 -16.07
N LYS OA 153 15.78 -45.05 -15.99
CA LYS OA 153 14.51 -45.04 -15.29
C LYS OA 153 14.48 -46.13 -14.23
N PRO OA 154 13.94 -45.86 -13.04
CA PRO OA 154 13.36 -44.56 -12.62
C PRO OA 154 14.42 -43.51 -12.35
N THR OA 155 15.60 -43.91 -11.87
CA THR OA 155 16.71 -42.98 -11.65
C THR OA 155 17.99 -43.62 -12.17
N LEU OA 156 19.03 -42.79 -12.29
CA LEU OA 156 20.34 -43.32 -12.67
C LEU OA 156 20.94 -44.14 -11.55
N ARG OA 157 20.67 -43.80 -10.30
CA ARG OA 157 21.16 -44.58 -9.17
C ARG OA 157 20.59 -45.99 -9.18
N GLN OA 158 19.30 -46.13 -9.49
CA GLN OA 158 18.68 -47.45 -9.56
C GLN OA 158 19.25 -48.27 -10.71
N ILE OA 159 19.59 -47.62 -11.83
CA ILE OA 159 20.21 -48.31 -12.95
C ILE OA 159 21.61 -48.78 -12.56
N MET OA 160 22.41 -47.90 -11.99
CA MET OA 160 23.78 -48.24 -11.63
C MET OA 160 23.86 -49.20 -10.44
N ALA OA 161 22.76 -49.36 -9.69
CA ALA OA 161 22.72 -50.37 -8.64
C ALA OA 161 22.99 -51.77 -9.18
N HIS OA 162 22.71 -52.01 -10.46
CA HIS OA 162 23.04 -53.29 -11.07
C HIS OA 162 24.55 -53.53 -11.12
N PHE OA 163 25.34 -52.47 -11.00
CA PHE OA 163 26.80 -52.56 -11.06
C PHE OA 163 27.45 -52.59 -9.68
N SER OA 164 26.67 -52.71 -8.61
CA SER OA 164 27.19 -52.48 -7.27
C SER OA 164 28.22 -53.54 -6.87
N ASP OA 165 27.93 -54.85 -7.10
CA ASP OA 165 28.87 -55.91 -6.74
C ASP OA 165 30.17 -55.79 -7.54
N VAL OA 166 30.06 -55.49 -8.83
CA VAL OA 166 31.26 -55.32 -9.65
C VAL OA 166 32.05 -54.11 -9.21
N ALA OA 167 31.36 -53.04 -8.82
CA ALA OA 167 32.05 -51.84 -8.34
C ALA OA 167 32.81 -52.13 -7.06
N GLU OA 168 32.20 -52.87 -6.13
CA GLU OA 168 32.87 -53.23 -4.89
C GLU OA 168 34.09 -54.10 -5.17
N ALA OA 169 33.95 -55.09 -6.07
CA ALA OA 169 35.07 -55.94 -6.41
C ALA OA 169 36.19 -55.15 -7.07
N TYR OA 170 35.84 -54.20 -7.95
CA TYR OA 170 36.83 -53.38 -8.62
C TYR OA 170 37.58 -52.49 -7.63
N ILE OA 171 36.87 -51.92 -6.65
CA ILE OA 171 37.52 -51.09 -5.65
C ILE OA 171 38.49 -51.92 -4.82
N GLU OA 172 38.10 -53.13 -4.44
CA GLU OA 172 39.01 -54.00 -3.69
C GLU OA 172 40.24 -54.35 -4.53
N MET OA 173 40.02 -54.66 -5.81
CA MET OA 173 41.13 -55.00 -6.69
C MET OA 173 42.10 -53.83 -6.83
N ARG OA 174 41.58 -52.62 -7.03
CA ARG OA 174 42.45 -51.45 -7.15
C ARG OA 174 43.19 -51.18 -5.85
N ASN OA 175 42.53 -51.39 -4.70
CA ASN OA 175 43.20 -51.20 -3.43
C ASN OA 175 44.25 -52.26 -3.16
N LYS OA 176 44.20 -53.40 -3.84
CA LYS OA 176 45.26 -54.38 -3.69
C LYS OA 176 46.62 -53.88 -4.19
N LYS OA 177 46.64 -52.90 -5.10
CA LYS OA 177 47.88 -52.43 -5.69
C LYS OA 177 48.26 -51.02 -5.28
N GLU OA 178 47.35 -50.25 -4.79
CA GLU OA 178 47.65 -48.88 -4.39
C GLU OA 178 46.52 -48.34 -3.53
N PRO OA 179 46.74 -47.23 -2.75
CA PRO OA 179 45.65 -46.59 -2.02
C PRO OA 179 44.60 -46.03 -2.97
N TYR OA 180 43.39 -46.59 -2.88
CA TYR OA 180 42.31 -46.26 -3.82
C TYR OA 180 41.02 -46.07 -3.02
N MET OA 181 40.76 -44.83 -2.63
CA MET OA 181 39.48 -44.47 -2.02
C MET OA 181 38.67 -43.69 -3.04
N PRO OA 182 37.46 -44.11 -3.38
CA PRO OA 182 36.66 -43.36 -4.36
C PRO OA 182 36.42 -41.93 -3.89
N ARG OA 183 36.34 -41.02 -4.86
CA ARG OA 183 36.19 -39.60 -4.55
C ARG OA 183 34.94 -39.35 -3.71
N TYR OA 184 33.93 -40.21 -3.83
CA TYR OA 184 32.76 -40.11 -2.95
C TYR OA 184 33.16 -40.28 -1.50
N GLY OA 185 34.01 -41.27 -1.21
CA GLY OA 185 34.49 -41.47 0.15
C GLY OA 185 35.43 -40.40 0.64
N LEU OA 186 36.08 -39.69 -0.28
CA LEU OA 186 36.90 -38.55 0.11
C LEU OA 186 36.05 -37.34 0.44
N VAL OA 187 34.94 -37.15 -0.28
CA VAL OA 187 34.02 -36.07 0.05
C VAL OA 187 33.32 -36.34 1.37
N ARG OA 188 32.98 -37.60 1.63
CA ARG OA 188 32.33 -37.97 2.88
C ARG OA 188 33.30 -37.99 4.06
N ASN OA 189 34.60 -37.81 3.81
CA ASN OA 189 35.62 -37.80 4.85
C ASN OA 189 35.62 -39.10 5.65
N LEU OA 190 35.50 -40.22 4.94
CA LEU OA 190 35.58 -41.53 5.58
C LEU OA 190 37.04 -41.83 5.93
N ARG OA 191 37.31 -42.01 7.22
CA ARG OA 191 38.68 -42.13 7.72
C ARG OA 191 39.19 -43.57 7.77
N ASP OA 192 38.39 -44.53 7.32
CA ASP OA 192 38.80 -45.94 7.30
C ASP OA 192 39.04 -46.36 5.86
N GLY OA 193 40.25 -46.85 5.57
CA GLY OA 193 40.56 -47.29 4.23
C GLY OA 193 40.04 -48.67 3.90
N SER OA 194 39.78 -49.49 4.92
CA SER OA 194 39.25 -50.82 4.68
C SER OA 194 37.77 -50.79 4.29
N LEU OA 195 37.11 -49.64 4.46
CA LEU OA 195 35.72 -49.47 4.05
C LEU OA 195 35.59 -48.79 2.70
N ALA OA 196 36.68 -48.67 1.94
CA ALA OA 196 36.63 -48.00 0.64
C ALA OA 196 35.75 -48.75 -0.35
N ARG OA 197 35.59 -50.07 -0.18
CA ARG OA 197 34.82 -50.87 -1.12
C ARG OA 197 33.33 -50.57 -1.08
N TYR OA 198 32.84 -49.84 -0.08
CA TYR OA 198 31.44 -49.48 0.02
C TYR OA 198 31.21 -47.98 -0.13
N ALA OA 199 32.25 -47.21 -0.43
CA ALA OA 199 32.17 -45.75 -0.40
C ALA OA 199 31.84 -45.19 -1.77
N PHE OA 200 30.70 -45.60 -2.32
CA PHE OA 200 30.14 -44.97 -3.51
C PHE OA 200 28.63 -44.87 -3.31
N ASP OA 201 28.01 -43.91 -4.01
CA ASP OA 201 26.64 -43.54 -3.70
C ASP OA 201 25.60 -44.48 -4.32
N PHE OA 202 25.98 -45.35 -5.24
CA PHE OA 202 25.04 -46.32 -5.78
C PHE OA 202 25.26 -47.72 -5.23
N TYR OA 203 25.96 -47.83 -4.10
CA TYR OA 203 26.15 -49.13 -3.46
C TYR OA 203 24.83 -49.65 -2.91
N GLU OA 204 24.57 -50.92 -3.15
CA GLU OA 204 23.32 -51.55 -2.72
C GLU OA 204 23.60 -52.42 -1.50
N VAL OA 205 22.92 -52.10 -0.40
CA VAL OA 205 23.07 -52.86 0.84
C VAL OA 205 22.28 -54.16 0.71
N THR OA 206 22.92 -55.27 1.04
CA THR OA 206 22.32 -56.59 0.97
C THR OA 206 22.40 -57.27 2.33
N SER OA 207 21.89 -58.50 2.40
CA SER OA 207 21.97 -59.27 3.63
C SER OA 207 23.39 -59.74 3.93
N ARG OA 208 24.29 -59.68 2.95
CA ARG OA 208 25.67 -60.07 3.15
C ARG OA 208 26.59 -58.90 3.46
N THR OA 209 26.07 -57.68 3.44
CA THR OA 209 26.87 -56.52 3.80
C THR OA 209 27.22 -56.58 5.29
N PRO OA 210 28.49 -56.40 5.66
CA PRO OA 210 28.84 -56.41 7.08
C PRO OA 210 28.15 -55.28 7.84
N VAL OA 211 27.88 -55.54 9.12
CA VAL OA 211 27.14 -54.59 9.94
C VAL OA 211 27.88 -53.26 10.04
N ARG OA 212 29.21 -53.31 10.21
CA ARG OA 212 29.99 -52.08 10.24
C ARG OA 212 29.92 -51.34 8.92
N ALA OA 213 30.00 -52.07 7.80
CA ALA OA 213 29.88 -51.45 6.50
C ALA OA 213 28.49 -50.84 6.30
N ARG OA 214 27.45 -51.53 6.76
CA ARG OA 214 26.10 -51.00 6.66
C ARG OA 214 25.96 -49.70 7.46
N GLU OA 215 26.50 -49.68 8.68
CA GLU OA 215 26.47 -48.46 9.49
C GLU OA 215 27.21 -47.32 8.80
N ALA OA 216 28.40 -47.61 8.26
CA ALA OA 216 29.17 -46.56 7.59
C ALA OA 216 28.44 -46.03 6.37
N HIS OA 217 27.83 -46.92 5.58
CA HIS OA 217 27.11 -46.49 4.40
C HIS OA 217 25.89 -45.64 4.76
N ILE OA 218 25.16 -46.04 5.81
CA ILE OA 218 23.98 -45.26 6.20
C ILE OA 218 24.39 -43.90 6.73
N GLN OA 219 25.48 -43.84 7.51
CA GLN OA 219 25.97 -42.55 7.98
C GLN OA 219 26.42 -41.67 6.81
N MET OA 220 27.09 -42.25 5.81
CA MET OA 220 27.50 -41.47 4.65
C MET OA 220 26.30 -40.95 3.88
N LYS OA 221 25.26 -41.77 3.71
CA LYS OA 221 24.06 -41.33 3.03
C LYS OA 221 23.38 -40.19 3.79
N ALA OA 222 23.29 -40.32 5.12
CA ALA OA 222 22.67 -39.26 5.92
C ALA OA 222 23.47 -37.97 5.84
N ALA OA 223 24.81 -38.06 5.88
CA ALA OA 223 25.64 -36.87 5.77
C ALA OA 223 25.51 -36.22 4.40
N ALA OA 224 25.42 -37.04 3.34
CA ALA OA 224 25.35 -36.48 1.99
C ALA OA 224 24.00 -35.85 1.72
N LEU OA 225 22.91 -36.48 2.16
CA LEU OA 225 21.58 -35.94 1.88
C LEU OA 225 21.27 -34.71 2.73
N LYS OA 226 21.77 -34.68 3.97
CA LYS OA 226 21.57 -33.55 4.89
C LYS OA 226 20.07 -33.40 5.12
N SER OA 227 19.49 -32.21 4.98
CA SER OA 227 18.07 -31.98 5.17
C SER OA 227 17.41 -31.50 3.89
N ALA OA 228 17.79 -32.10 2.76
CA ALA OA 228 17.25 -31.70 1.47
C ALA OA 228 15.78 -32.08 1.38
N GLN OA 229 14.93 -31.11 1.01
CA GLN OA 229 13.50 -31.31 0.86
C GLN OA 229 13.12 -31.18 -0.59
N SER OA 230 12.37 -32.18 -1.04
CA SER OA 230 11.93 -32.21 -2.41
C SER OA 230 10.77 -31.33 -2.71
N ARG OA 231 10.87 -30.62 -3.81
CA ARG OA 231 9.78 -29.79 -4.28
C ARG OA 231 9.11 -30.49 -5.46
N LEU OA 232 7.75 -30.72 -5.45
CA LEU OA 232 7.02 -31.41 -6.51
C LEU OA 232 6.89 -30.59 -7.77
N PHE OA 233 6.98 -29.26 -7.67
CA PHE OA 233 6.72 -28.39 -8.81
C PHE OA 233 7.80 -27.32 -8.90
N GLY OA 234 8.05 -26.88 -10.13
CA GLY OA 234 8.81 -25.69 -10.39
C GLY OA 234 7.90 -24.53 -10.72
N LEU OA 235 8.47 -23.51 -11.37
CA LEU OA 235 7.65 -22.40 -11.83
C LEU OA 235 6.72 -22.87 -12.95
N ASP OA 236 5.44 -22.51 -12.84
CA ASP OA 236 4.46 -22.94 -13.81
C ASP OA 236 4.74 -22.31 -15.18
N GLY OA 237 4.60 -23.12 -16.23
CA GLY OA 237 4.92 -22.67 -17.58
C GLY OA 237 3.88 -21.76 -18.20
N GLY OA 238 2.69 -21.67 -17.62
CA GLY OA 238 1.72 -20.70 -18.09
C GLY OA 238 2.13 -19.30 -17.69
N ILE OA 239 2.56 -18.50 -18.64
CA ILE OA 239 3.16 -17.19 -18.32
C ILE OA 239 2.11 -16.10 -18.30
N SER OA 240 1.23 -16.05 -19.30
CA SER OA 240 0.26 -14.98 -19.40
C SER OA 240 -0.70 -15.00 -18.22
N THR OA 241 -0.84 -13.85 -17.56
CA THR OA 241 -1.79 -13.68 -16.48
C THR OA 241 -2.92 -12.70 -16.81
N GLN OA 242 -2.69 -11.78 -17.74
CA GLN OA 242 -3.70 -10.83 -18.14
C GLN OA 242 -4.68 -11.46 -19.14
N GLU OA 243 -5.72 -10.71 -19.47
CA GLU OA 243 -6.69 -11.13 -20.48
C GLU OA 243 -6.43 -10.39 -21.78
N GLU OA 244 -6.64 -11.07 -22.90
CA GLU OA 244 -6.40 -10.47 -24.20
C GLU OA 244 -7.36 -9.31 -24.44
N ASN OA 245 -6.83 -8.22 -25.00
CA ASN OA 245 -7.63 -7.05 -25.33
C ASN OA 245 -8.27 -7.26 -26.70
N THR OA 246 -9.58 -7.48 -26.71
CA THR OA 246 -10.32 -7.71 -27.95
C THR OA 246 -11.04 -6.46 -28.44
N GLU OA 247 -10.86 -5.33 -27.78
CA GLU OA 247 -11.60 -4.12 -28.12
C GLU OA 247 -11.10 -3.51 -29.42
N ARG OA 248 -12.03 -3.00 -30.21
CA ARG OA 248 -11.71 -2.34 -31.46
C ARG OA 248 -11.03 -0.99 -31.19
N HIS OA 249 -10.50 -0.40 -32.25
CA HIS OA 249 -9.90 0.93 -32.17
C HIS OA 249 -10.10 1.62 -33.51
N THR OA 250 -10.92 2.66 -33.52
CA THR OA 250 -11.26 3.38 -34.75
C THR OA 250 -10.74 4.81 -34.66
N THR OA 251 -10.76 5.49 -35.81
CA THR OA 251 -10.33 6.88 -35.87
C THR OA 251 -11.30 7.83 -35.20
N GLU OA 252 -12.50 7.37 -34.84
CA GLU OA 252 -13.44 8.19 -34.09
C GLU OA 252 -13.14 8.22 -32.60
N ASP OA 253 -12.27 7.34 -32.11
CA ASP OA 253 -11.97 7.31 -30.69
C ASP OA 253 -11.24 8.57 -30.27
N VAL OA 254 -11.62 9.10 -29.10
CA VAL OA 254 -10.98 10.30 -28.58
C VAL OA 254 -9.53 10.01 -28.20
N SER OA 255 -9.23 8.78 -27.82
CA SER OA 255 -7.89 8.38 -27.42
C SER OA 255 -7.74 6.89 -27.66
N PRO OA 256 -6.51 6.37 -27.64
CA PRO OA 256 -6.34 4.91 -27.82
C PRO OA 256 -6.99 4.07 -26.75
N SER OA 257 -7.33 4.64 -25.60
CA SER OA 257 -7.91 3.88 -24.50
C SER OA 257 -9.37 4.22 -24.20
N MET OA 258 -9.89 5.32 -24.74
CA MET OA 258 -11.26 5.73 -24.49
C MET OA 258 -11.97 5.97 -25.82
N HIS OA 259 -13.15 5.35 -25.98
CA HIS OA 259 -13.92 5.57 -27.20
C HIS OA 259 -14.50 6.98 -27.24
N THR OA 260 -15.10 7.42 -26.13
CA THR OA 260 -15.70 8.75 -26.05
C THR OA 260 -15.54 9.28 -24.64
N LEU OA 261 -16.12 10.46 -24.40
CA LEU OA 261 -16.15 11.12 -23.10
C LEU OA 261 -17.60 11.48 -22.76
N LEU OA 262 -18.49 10.50 -22.88
CA LEU OA 262 -19.93 10.77 -22.94
C LEU OA 262 -20.43 11.55 -21.73
N GLY OA 263 -20.20 11.07 -20.53
CA GLY OA 263 -20.78 11.77 -19.39
C GLY OA 263 -20.08 13.02 -18.94
N VAL OA 264 -19.02 13.41 -19.64
CA VAL OA 264 -18.24 14.55 -19.21
C VAL OA 264 -18.93 15.88 -19.44
N LYS OA 265 -18.93 16.68 -18.40
CA LYS OA 265 -19.48 18.05 -18.50
C LYS OA 265 -18.35 19.06 -18.45
N ASN OA 266 -18.34 20.02 -19.36
CA ASN OA 266 -17.29 21.04 -19.42
C ASN OA 266 -17.36 21.97 -18.20
N MET OA 267 -18.55 22.28 -17.67
CA MET OA 267 -18.69 23.14 -16.49
C MET OA 267 -19.78 22.61 -15.55
N VAL PA 44 46.18 17.39 -36.25
CA VAL PA 44 45.15 16.93 -37.17
C VAL PA 44 44.51 18.10 -37.89
N PRO PA 45 44.10 17.89 -39.14
CA PRO PA 45 43.51 18.99 -39.92
C PRO PA 45 42.18 19.44 -39.34
N ARG PA 46 41.85 20.70 -39.61
CA ARG PA 46 40.60 21.31 -39.15
C ARG PA 46 39.57 21.28 -40.27
N ILE PA 47 38.31 21.04 -39.89
CA ILE PA 47 37.23 20.92 -40.85
C ILE PA 47 36.64 22.29 -41.12
N LYS PA 48 36.46 22.62 -42.41
CA LYS PA 48 35.84 23.88 -42.78
C LYS PA 48 34.34 23.85 -42.47
N ALA PA 49 33.81 25.02 -42.11
CA ALA PA 49 32.39 25.11 -41.77
C ALA PA 49 31.51 24.79 -42.97
N ILE PA 50 31.65 25.55 -44.05
CA ILE PA 50 30.91 25.33 -45.28
C ILE PA 50 31.92 24.93 -46.35
N THR PA 51 31.99 23.64 -46.64
CA THR PA 51 32.95 23.11 -47.60
C THR PA 51 32.28 22.90 -48.96
N SER PA 52 33.07 22.47 -49.93
CA SER PA 52 32.56 22.15 -51.26
C SER PA 52 31.99 20.74 -51.34
N LYS PA 53 32.24 19.90 -50.33
CA LYS PA 53 31.68 18.55 -50.33
C LYS PA 53 30.16 18.59 -50.27
N MET PA 54 29.64 19.56 -49.52
CA MET PA 54 28.21 19.72 -49.41
C MET PA 54 27.66 20.25 -50.71
N ARG PA 55 26.40 19.97 -50.96
CA ARG PA 55 25.77 20.42 -52.19
C ARG PA 55 25.40 21.88 -52.21
N MET PA 56 25.79 22.55 -53.28
CA MET PA 56 25.48 23.96 -53.44
C MET PA 56 24.49 24.14 -54.57
N PRO PA 57 23.70 25.22 -54.55
CA PRO PA 57 22.80 25.51 -55.68
C PRO PA 57 23.62 25.85 -56.91
N LYS PA 58 23.37 25.13 -58.00
CA LYS PA 58 24.12 25.28 -59.24
C LYS PA 58 23.19 25.62 -60.39
N SER PA 59 23.64 26.50 -61.27
CA SER PA 59 22.91 26.86 -62.48
C SER PA 59 23.86 26.77 -63.67
N LYS PA 60 23.45 26.01 -64.69
CA LYS PA 60 24.25 25.82 -65.91
C LYS PA 60 25.65 25.29 -65.57
N GLY PA 61 25.71 24.33 -64.66
CA GLY PA 61 26.99 23.73 -64.30
C GLY PA 61 27.94 24.69 -63.63
N ALA PA 62 27.44 25.49 -62.68
CA ALA PA 62 28.28 26.43 -61.96
C ALA PA 62 27.55 26.82 -60.67
N THR PA 63 28.27 26.72 -59.54
CA THR PA 63 27.69 27.11 -58.27
C THR PA 63 27.34 28.59 -58.27
N VAL PA 64 26.18 28.92 -57.71
CA VAL PA 64 25.67 30.28 -57.71
C VAL PA 64 26.05 31.03 -56.43
N LEU PA 65 26.89 30.45 -55.58
CA LEU PA 65 27.32 31.07 -54.35
C LEU PA 65 28.83 31.25 -54.33
N ASN PA 66 29.28 32.31 -53.67
CA ASN PA 66 30.69 32.58 -53.47
C ASN PA 66 31.08 32.07 -52.10
N LEU PA 67 31.77 30.92 -52.07
CA LEU PA 67 32.05 30.25 -50.80
C LEU PA 67 32.93 31.08 -49.89
N GLU PA 68 33.97 31.71 -50.44
CA GLU PA 68 34.91 32.48 -49.62
C GLU PA 68 34.23 33.68 -48.99
N HIS PA 69 33.52 34.47 -49.80
CA HIS PA 69 32.82 35.63 -49.26
C HIS PA 69 31.77 35.22 -48.24
N LEU PA 70 31.03 34.15 -48.53
CA LEU PA 70 30.01 33.68 -47.59
C LEU PA 70 30.63 33.26 -46.27
N LEU PA 71 31.76 32.55 -46.31
CA LEU PA 71 32.46 32.21 -45.10
C LEU PA 71 32.95 33.45 -44.37
N GLU PA 72 33.22 34.53 -45.09
CA GLU PA 72 33.61 35.78 -44.46
C GLU PA 72 32.44 36.75 -44.24
N TYR PA 73 31.23 36.37 -44.64
CA TYR PA 73 30.07 37.25 -44.54
C TYR PA 73 29.40 37.04 -43.18
N ALA PA 74 29.53 38.01 -42.29
CA ALA PA 74 28.95 37.93 -40.94
C ALA PA 74 28.25 39.25 -40.60
N PRO PA 75 27.12 39.54 -41.25
CA PRO PA 75 26.38 40.76 -40.91
C PRO PA 75 25.69 40.64 -39.56
N GLN PA 76 25.48 41.78 -38.93
CA GLN PA 76 24.67 41.83 -37.71
C GLN PA 76 23.22 41.51 -38.05
N GLN PA 77 22.57 40.73 -37.19
CA GLN PA 77 21.23 40.25 -37.49
C GLN PA 77 20.22 41.39 -37.55
N ILE PA 78 20.37 42.40 -36.69
CA ILE PA 78 19.45 43.53 -36.70
C ILE PA 78 19.67 44.41 -37.92
N ASP PA 79 20.80 44.29 -38.60
CA ASP PA 79 21.09 45.10 -39.78
C ASP PA 79 20.43 44.58 -41.04
N ILE PA 80 19.96 43.33 -41.06
CA ILE PA 80 19.40 42.73 -42.24
C ILE PA 80 17.97 42.26 -42.03
N SER PA 81 17.36 42.60 -40.90
CA SER PA 81 15.97 42.25 -40.64
C SER PA 81 15.05 43.30 -41.25
N ASN PA 82 13.86 42.85 -41.66
CA ASN PA 82 12.87 43.72 -42.26
C ASN PA 82 11.84 44.22 -41.26
N THR PA 83 12.02 43.91 -39.98
CA THR PA 83 11.21 44.49 -38.91
C THR PA 83 11.79 45.80 -38.40
N ARG PA 84 12.87 46.27 -38.99
CA ARG PA 84 13.52 47.52 -38.63
C ARG PA 84 13.73 48.33 -39.89
N ALA PA 85 13.51 49.64 -39.80
CA ALA PA 85 13.71 50.50 -40.95
C ALA PA 85 15.16 50.48 -41.40
N THR PA 86 15.37 50.60 -42.70
CA THR PA 86 16.72 50.62 -43.24
C THR PA 86 17.44 51.89 -42.83
N GLN PA 87 18.76 51.87 -42.97
CA GLN PA 87 19.56 53.03 -42.59
C GLN PA 87 19.19 54.24 -43.43
N SER PA 88 18.92 54.04 -44.71
CA SER PA 88 18.50 55.14 -45.57
C SER PA 88 17.17 55.74 -45.10
N GLN PA 89 16.22 54.88 -44.75
CA GLN PA 89 14.93 55.36 -44.25
C GLN PA 89 15.10 56.11 -42.93
N PHE PA 90 15.98 55.61 -42.05
CA PHE PA 90 16.23 56.29 -40.79
C PHE PA 90 16.87 57.66 -41.01
N ASP PA 91 17.83 57.74 -41.94
CA ASP PA 91 18.43 59.03 -42.25
C ASP PA 91 17.41 59.99 -42.83
N THR PA 92 16.54 59.51 -43.70
CA THR PA 92 15.50 60.36 -44.27
C THR PA 92 14.57 60.89 -43.17
N TRP PA 93 14.15 60.02 -42.26
CA TRP PA 93 13.28 60.45 -41.16
C TRP PA 93 13.99 61.46 -40.27
N TYR PA 94 15.25 61.20 -39.92
CA TYR PA 94 15.99 62.11 -39.05
C TYR PA 94 16.17 63.47 -39.70
N GLU PA 95 16.52 63.50 -40.99
CA GLU PA 95 16.67 64.76 -41.69
C GLU PA 95 15.35 65.51 -41.79
N ALA PA 96 14.26 64.80 -42.06
CA ALA PA 96 12.97 65.45 -42.15
C ALA PA 96 12.53 66.05 -40.82
N VAL PA 97 12.78 65.33 -39.72
CA VAL PA 97 12.43 65.85 -38.40
C VAL PA 97 13.30 67.07 -38.07
N GLN PA 98 14.64 67.04 -38.41
CA GLN PA 98 15.52 68.20 -38.23
C GLN PA 98 14.99 69.41 -38.98
N LEU PA 99 14.60 69.16 -40.23
CA LEU PA 99 14.09 70.25 -41.04
C LEU PA 99 12.81 70.84 -40.46
N ALA PA 100 11.90 69.98 -40.02
CA ALA PA 100 10.61 70.47 -39.53
C ALA PA 100 10.76 71.19 -38.20
N TYR PA 101 11.64 70.71 -37.33
CA TYR PA 101 11.81 71.33 -36.02
C TYR PA 101 12.69 72.57 -36.04
N ASP PA 102 13.41 72.82 -37.14
CA ASP PA 102 14.32 73.95 -37.25
C ASP PA 102 15.34 73.96 -36.11
N ILE PA 103 15.91 72.80 -35.86
CA ILE PA 103 16.85 72.59 -34.77
C ILE PA 103 18.20 72.21 -35.36
N GLY PA 104 19.27 72.77 -34.81
CA GLY PA 104 20.61 72.47 -35.29
C GLY PA 104 21.03 71.06 -34.95
N GLU PA 105 22.14 70.65 -35.58
CA GLU PA 105 22.65 69.30 -35.41
C GLU PA 105 23.25 69.06 -34.03
N THR PA 106 23.42 70.10 -33.23
CA THR PA 106 23.99 69.94 -31.88
C THR PA 106 22.92 69.76 -30.81
N GLU PA 107 21.79 70.46 -30.95
CA GLU PA 107 20.68 70.29 -30.02
C GLU PA 107 19.72 69.17 -30.41
N MET PA 108 19.88 68.62 -31.61
CA MET PA 108 18.98 67.55 -32.06
C MET PA 108 19.08 66.28 -31.23
N PRO PA 109 20.25 65.78 -30.84
CA PRO PA 109 20.27 64.56 -30.02
C PRO PA 109 19.55 64.68 -28.68
N THR PA 110 19.51 65.86 -28.08
CA THR PA 110 18.74 66.03 -26.84
C THR PA 110 17.24 65.83 -27.10
N VAL PA 111 16.75 66.39 -28.21
CA VAL PA 111 15.36 66.19 -28.58
C VAL PA 111 15.11 64.72 -28.90
N MET PA 112 16.10 64.04 -29.48
CA MET PA 112 15.97 62.62 -29.74
C MET PA 112 15.89 61.81 -28.45
N ASN PA 113 16.68 62.20 -27.44
CA ASN PA 113 16.60 61.55 -26.13
C ASN PA 113 15.20 61.70 -25.55
N GLY PA 114 14.69 62.94 -25.56
CA GLY PA 114 13.35 63.17 -25.04
C GLY PA 114 12.29 62.37 -25.78
N LEU PA 115 12.39 62.32 -27.11
CA LEU PA 115 11.43 61.58 -27.91
C LEU PA 115 11.50 60.09 -27.63
N MET PA 116 12.72 59.56 -27.45
CA MET PA 116 12.86 58.15 -27.14
C MET PA 116 12.21 57.81 -25.80
N VAL PA 117 12.42 58.66 -24.79
CA VAL PA 117 11.80 58.40 -23.48
C VAL PA 117 10.28 58.49 -23.58
N TRP PA 118 9.78 59.52 -24.29
CA TRP PA 118 8.35 59.66 -24.47
C TRP PA 118 7.75 58.46 -25.19
N CYS PA 119 8.45 57.92 -26.19
CA CYS PA 119 7.96 56.77 -26.92
C CYS PA 119 8.03 55.49 -26.10
N ILE PA 120 9.02 55.39 -25.21
CA ILE PA 120 9.02 54.29 -24.24
C ILE PA 120 7.75 54.34 -23.40
N GLU PA 121 7.37 55.54 -22.97
CA GLU PA 121 6.21 55.65 -22.09
C GLU PA 121 4.91 55.41 -22.84
N ASN PA 122 4.74 56.01 -24.02
CA ASN PA 122 3.43 56.14 -24.64
C ASN PA 122 3.26 55.38 -25.94
N GLY PA 123 4.28 54.65 -26.39
CA GLY PA 123 4.14 53.84 -27.59
C GLY PA 123 4.43 54.60 -28.87
N THR PA 124 4.39 53.85 -29.97
CA THR PA 124 4.74 54.35 -31.30
C THR PA 124 3.67 53.98 -32.32
N SER PA 125 2.40 54.12 -31.94
CA SER PA 125 1.32 53.80 -32.85
C SER PA 125 1.25 54.83 -33.98
N PRO PA 126 0.81 54.40 -35.18
CA PRO PA 126 0.64 55.37 -36.28
C PRO PA 126 -0.42 56.42 -35.99
N ASN PA 127 -1.32 56.17 -35.04
CA ASN PA 127 -2.42 57.07 -34.75
C ASN PA 127 -2.10 58.09 -33.66
N ILE PA 128 -0.90 58.06 -33.07
CA ILE PA 128 -0.54 59.05 -32.08
C ILE PA 128 -0.49 60.42 -32.74
N ASN PA 129 -1.01 61.43 -32.04
CA ASN PA 129 -1.10 62.77 -32.59
C ASN PA 129 -1.02 63.77 -31.45
N GLY PA 130 -1.06 65.04 -31.80
CA GLY PA 130 -0.94 66.10 -30.81
C GLY PA 130 0.51 66.51 -30.63
N VAL PA 131 0.98 66.48 -29.38
CA VAL PA 131 2.34 66.83 -29.06
C VAL PA 131 2.91 65.78 -28.10
N TRP PA 132 4.23 65.67 -28.11
CA TRP PA 132 4.95 64.98 -27.06
C TRP PA 132 5.70 66.00 -26.21
N VAL PA 133 6.17 65.57 -25.05
CA VAL PA 133 6.67 66.50 -24.05
C VAL PA 133 8.07 66.09 -23.61
N MET PA 134 8.92 67.09 -23.42
CA MET PA 134 10.23 66.95 -22.80
C MET PA 134 10.23 67.69 -21.47
N MET PA 135 10.93 67.12 -20.49
CA MET PA 135 10.98 67.69 -19.15
C MET PA 135 12.31 68.43 -18.99
N CYS PA 136 12.30 69.72 -19.32
CA CYS PA 136 13.47 70.58 -19.16
C CYS PA 136 13.48 71.06 -17.71
N GLY PA 137 14.21 70.32 -16.87
CA GLY PA 137 14.19 70.58 -15.44
C GLY PA 137 12.80 70.35 -14.88
N ASP PA 138 12.18 71.41 -14.36
CA ASP PA 138 10.82 71.34 -13.88
C ASP PA 138 9.80 71.87 -14.88
N GLU PA 139 10.24 72.29 -16.06
CA GLU PA 139 9.36 72.85 -17.08
C GLU PA 139 9.06 71.80 -18.15
N GLN PA 140 7.91 71.97 -18.80
CA GLN PA 140 7.42 71.05 -19.81
C GLN PA 140 7.46 71.74 -21.17
N VAL PA 141 8.20 71.16 -22.11
CA VAL PA 141 8.33 71.68 -23.47
C VAL PA 141 7.57 70.76 -24.40
N GLU PA 142 6.71 71.33 -25.24
CA GLU PA 142 5.86 70.57 -26.13
C GLU PA 142 6.40 70.63 -27.55
N TYR PA 143 6.55 69.46 -28.17
CA TYR PA 143 7.00 69.32 -29.54
C TYR PA 143 5.90 68.66 -30.37
N PRO PA 144 5.57 69.20 -31.55
CA PRO PA 144 4.54 68.57 -32.37
C PRO PA 144 4.93 67.17 -32.80
N LEU PA 145 3.96 66.27 -32.82
CA LEU PA 145 4.18 64.89 -33.21
C LEU PA 145 4.02 64.64 -34.70
N LYS PA 146 3.46 65.62 -35.44
CA LYS PA 146 3.24 65.42 -36.87
C LYS PA 146 4.52 65.14 -37.65
N PRO PA 147 5.61 65.90 -37.50
CA PRO PA 147 6.84 65.55 -38.23
C PRO PA 147 7.39 64.19 -37.84
N ILE PA 148 7.22 63.77 -36.60
CA ILE PA 148 7.74 62.49 -36.15
C ILE PA 148 7.03 61.34 -36.84
N VAL PA 149 5.72 61.45 -37.00
CA VAL PA 149 4.93 60.32 -37.51
C VAL PA 149 4.82 60.35 -39.03
N GLU PA 150 4.68 61.53 -39.64
CA GLU PA 150 4.44 61.57 -41.08
C GLU PA 150 5.68 61.25 -41.89
N ASN PA 151 6.87 61.35 -41.31
CA ASN PA 151 8.11 61.09 -42.03
C ASN PA 151 8.73 59.75 -41.70
N ALA PA 152 8.10 58.95 -40.85
CA ALA PA 152 8.64 57.66 -40.42
C ALA PA 152 8.19 56.60 -41.40
N LYS PA 153 9.14 56.03 -42.15
CA LYS PA 153 8.85 55.00 -43.12
C LYS PA 153 9.68 53.75 -42.84
N PRO PA 154 9.09 52.56 -42.98
CA PRO PA 154 7.69 52.30 -43.37
C PRO PA 154 6.70 52.63 -42.24
N THR PA 155 7.09 52.45 -40.98
CA THR PA 155 6.26 52.81 -39.85
C THR PA 155 7.12 53.51 -38.80
N LEU PA 156 6.44 54.15 -37.84
CA LEU PA 156 7.16 54.76 -36.73
C LEU PA 156 7.78 53.71 -35.81
N ARG PA 157 7.13 52.55 -35.67
CA ARG PA 157 7.70 51.49 -34.86
C ARG PA 157 9.01 50.98 -35.45
N GLN PA 158 9.08 50.84 -36.78
CA GLN PA 158 10.32 50.40 -37.40
C GLN PA 158 11.42 51.44 -37.25
N ILE PA 159 11.07 52.72 -37.28
CA ILE PA 159 12.06 53.78 -37.06
C ILE PA 159 12.57 53.73 -35.62
N MET PA 160 11.66 53.66 -34.66
CA MET PA 160 12.05 53.66 -33.25
C MET PA 160 12.71 52.35 -32.83
N ALA PA 161 12.60 51.29 -33.63
CA ALA PA 161 13.35 50.07 -33.36
C ALA PA 161 14.84 50.30 -33.31
N HIS PA 162 15.34 51.35 -33.98
CA HIS PA 162 16.75 51.70 -33.89
C HIS PA 162 17.14 52.15 -32.49
N PHE PA 163 16.17 52.53 -31.66
CA PHE PA 163 16.40 53.00 -30.31
C PHE PA 163 16.19 51.93 -29.25
N SER PA 164 16.00 50.67 -29.66
CA SER PA 164 15.53 49.65 -28.73
C SER PA 164 16.56 49.33 -27.65
N ASP PA 165 17.86 49.14 -28.03
CA ASP PA 165 18.89 48.84 -27.05
C ASP PA 165 19.09 49.99 -26.07
N VAL PA 166 19.07 51.24 -26.58
CA VAL PA 166 19.21 52.39 -25.70
C VAL PA 166 18.01 52.50 -24.77
N ALA PA 167 16.81 52.21 -25.28
CA ALA PA 167 15.62 52.25 -24.45
C ALA PA 167 15.70 51.23 -23.32
N GLU PA 168 16.14 50.02 -23.63
CA GLU PA 168 16.28 49.00 -22.61
C GLU PA 168 17.31 49.40 -21.56
N ALA PA 169 18.45 49.95 -22.01
CA ALA PA 169 19.47 50.40 -21.06
C ALA PA 169 18.94 51.54 -20.20
N TYR PA 170 18.19 52.47 -20.79
CA TYR PA 170 17.63 53.59 -20.04
C TYR PA 170 16.62 53.11 -18.99
N ILE PA 171 15.79 52.14 -19.35
CA ILE PA 171 14.82 51.61 -18.39
C ILE PA 171 15.55 50.94 -17.23
N GLU PA 172 16.60 50.18 -17.51
CA GLU PA 172 17.36 49.56 -16.43
C GLU PA 172 18.00 50.61 -15.53
N MET PA 173 18.57 51.65 -16.15
CA MET PA 173 19.20 52.72 -15.38
C MET PA 173 18.19 53.42 -14.49
N ARG PA 174 17.01 53.75 -15.02
CA ARG PA 174 15.99 54.39 -14.20
C ARG PA 174 15.51 53.48 -13.08
N ASN PA 175 15.39 52.18 -13.35
CA ASN PA 175 15.00 51.25 -12.31
C ASN PA 175 16.06 51.06 -11.24
N LYS PA 176 17.32 51.40 -11.54
CA LYS PA 176 18.35 51.35 -10.51
C LYS PA 176 18.10 52.33 -9.37
N LYS PA 177 17.36 53.42 -9.62
CA LYS PA 177 17.14 54.46 -8.62
C LYS PA 177 15.72 54.54 -8.09
N GLU PA 178 14.78 53.99 -8.79
CA GLU PA 178 13.39 54.04 -8.34
C GLU PA 178 12.56 53.04 -9.13
N PRO PA 179 11.33 52.66 -8.64
CA PRO PA 179 10.44 51.79 -9.43
C PRO PA 179 10.02 52.49 -10.72
N TYR PA 180 10.41 51.91 -11.85
CA TYR PA 180 10.20 52.53 -13.15
C TYR PA 180 9.72 51.45 -14.13
N MET PA 181 8.39 51.31 -14.22
CA MET PA 181 7.79 50.46 -15.24
C MET PA 181 7.17 51.33 -16.30
N PRO PA 182 7.54 51.18 -17.57
CA PRO PA 182 6.94 52.01 -18.63
C PRO PA 182 5.44 51.86 -18.67
N ARG PA 183 4.77 52.95 -19.03
CA ARG PA 183 3.31 52.95 -19.05
C ARG PA 183 2.75 51.86 -19.96
N TYR PA 184 3.52 51.47 -20.98
CA TYR PA 184 3.11 50.33 -21.80
C TYR PA 184 2.99 49.06 -20.96
N GLY PA 185 3.97 48.81 -20.09
CA GLY PA 185 3.91 47.66 -19.22
C GLY PA 185 2.86 47.75 -18.14
N LEU PA 186 2.43 48.97 -17.80
CA LEU PA 186 1.33 49.14 -16.87
C LEU PA 186 -0.01 48.85 -17.55
N VAL PA 187 -0.14 49.24 -18.82
CA VAL PA 187 -1.35 48.92 -19.56
C VAL PA 187 -1.45 47.41 -19.82
N ARG PA 188 -0.31 46.77 -20.09
CA ARG PA 188 -0.31 45.32 -20.30
C ARG PA 188 -0.45 44.53 -19.02
N ASN PA 189 -0.44 45.20 -17.86
CA ASN PA 189 -0.58 44.55 -16.55
C ASN PA 189 0.50 43.50 -16.34
N LEU PA 190 1.73 43.85 -16.70
CA LEU PA 190 2.87 42.97 -16.45
C LEU PA 190 3.22 43.02 -14.97
N ARG PA 191 3.14 41.86 -14.30
CA ARG PA 191 3.28 41.78 -12.86
C ARG PA 191 4.71 41.55 -12.40
N ASP PA 192 5.67 41.49 -13.30
CA ASP PA 192 7.08 41.29 -12.96
C ASP PA 192 7.83 42.59 -13.19
N GLY PA 193 8.49 43.10 -12.16
CA GLY PA 193 9.24 44.33 -12.29
C GLY PA 193 10.60 44.15 -12.92
N SER PA 194 11.15 42.93 -12.86
CA SER PA 194 12.44 42.67 -13.48
C SER PA 194 12.35 42.58 -14.99
N LEU PA 195 11.14 42.51 -15.55
CA LEU PA 195 10.93 42.50 -16.99
C LEU PA 195 10.56 43.88 -17.53
N ALA PA 196 10.71 44.94 -16.72
CA ALA PA 196 10.35 46.28 -17.17
C ALA PA 196 11.21 46.74 -18.34
N ARG PA 197 12.43 46.23 -18.47
CA ARG PA 197 13.34 46.67 -19.51
C ARG PA 197 12.90 46.24 -20.91
N TYR PA 198 11.93 45.35 -21.03
CA TYR PA 198 11.41 44.92 -22.33
C TYR PA 198 9.97 45.36 -22.56
N ALA PA 199 9.39 46.13 -21.65
CA ALA PA 199 7.96 46.43 -21.68
C ALA PA 199 7.68 47.75 -22.41
N PHE PA 200 8.10 47.80 -23.68
CA PHE PA 200 7.69 48.87 -24.58
C PHE PA 200 7.40 48.27 -25.94
N ASP PA 201 6.57 48.95 -26.72
CA ASP PA 201 6.01 48.34 -27.92
C ASP PA 201 6.95 48.37 -29.13
N PHE PA 202 8.04 49.12 -29.08
CA PHE PA 202 9.01 49.11 -30.17
C PHE PA 202 10.26 48.33 -29.80
N TYR PA 203 10.19 47.47 -28.79
CA TYR PA 203 11.33 46.63 -28.44
C TYR PA 203 11.57 45.59 -29.53
N GLU PA 204 12.85 45.42 -29.88
CA GLU PA 204 13.25 44.50 -30.93
C GLU PA 204 13.84 43.25 -30.31
N VAL PA 205 13.22 42.11 -30.59
CA VAL PA 205 13.70 40.84 -30.08
C VAL PA 205 14.91 40.39 -30.89
N THR PA 206 15.98 40.02 -30.22
CA THR PA 206 17.22 39.58 -30.84
C THR PA 206 17.59 38.19 -30.34
N SER PA 207 18.71 37.68 -30.84
CA SER PA 207 19.20 36.39 -30.39
C SER PA 207 19.72 36.41 -28.95
N ARG PA 208 19.97 37.61 -28.41
CA ARG PA 208 20.44 37.75 -27.04
C ARG PA 208 19.32 38.02 -26.05
N THR PA 209 18.09 38.18 -26.52
CA THR PA 209 16.95 38.36 -25.62
C THR PA 209 16.71 37.08 -24.82
N PRO PA 210 16.59 37.17 -23.50
CA PRO PA 210 16.32 35.96 -22.71
C PRO PA 210 14.99 35.32 -23.09
N VAL PA 211 14.94 33.99 -22.95
CA VAL PA 211 13.76 33.24 -23.37
C VAL PA 211 12.52 33.70 -22.61
N ARG PA 212 12.66 33.94 -21.31
CA ARG PA 212 11.54 34.43 -20.52
C ARG PA 212 11.10 35.82 -21.00
N ALA PA 213 12.07 36.69 -21.28
CA ALA PA 213 11.74 38.02 -21.80
C ALA PA 213 11.05 37.92 -23.16
N ARG PA 214 11.52 37.01 -24.02
CA ARG PA 214 10.89 36.82 -25.32
C ARG PA 214 9.45 36.36 -25.17
N GLU PA 215 9.21 35.40 -24.26
CA GLU PA 215 7.85 34.94 -24.01
C GLU PA 215 6.97 36.07 -23.50
N ALA PA 216 7.48 36.86 -22.55
CA ALA PA 216 6.69 37.96 -22.01
C ALA PA 216 6.37 38.99 -23.08
N HIS PA 217 7.34 39.33 -23.92
CA HIS PA 217 7.12 40.31 -24.98
C HIS PA 217 6.10 39.81 -26.00
N ILE PA 218 6.18 38.53 -26.37
CA ILE PA 218 5.23 38.00 -27.34
C ILE PA 218 3.82 37.95 -26.75
N GLN PA 219 3.70 37.59 -25.47
CA GLN PA 219 2.39 37.61 -24.83
C GLN PA 219 1.84 39.04 -24.75
N MET PA 220 2.69 40.01 -24.45
CA MET PA 220 2.23 41.40 -24.41
C MET PA 220 1.78 41.87 -25.79
N LYS PA 221 2.52 41.52 -26.83
CA LYS PA 221 2.12 41.89 -28.18
C LYS PA 221 0.78 41.25 -28.56
N ALA PA 222 0.60 39.97 -28.23
CA ALA PA 222 -0.66 39.30 -28.53
C ALA PA 222 -1.83 39.92 -27.78
N ALA PA 223 -1.61 40.27 -26.50
CA ALA PA 223 -2.66 40.92 -25.72
C ALA PA 223 -3.00 42.30 -26.26
N ALA PA 224 -1.98 43.05 -26.69
CA ALA PA 224 -2.23 44.40 -27.17
C ALA PA 224 -2.92 44.40 -28.53
N LEU PA 225 -2.51 43.51 -29.43
CA LEU PA 225 -3.10 43.50 -30.77
C LEU PA 225 -4.50 42.91 -30.77
N LYS PA 226 -4.77 41.94 -29.90
CA LYS PA 226 -6.08 41.29 -29.77
C LYS PA 226 -6.42 40.66 -31.12
N SER PA 227 -7.60 40.91 -31.69
CA SER PA 227 -8.02 40.35 -32.97
C SER PA 227 -8.26 41.46 -33.98
N ALA PA 228 -7.38 42.47 -34.00
CA ALA PA 228 -7.54 43.59 -34.92
C ALA PA 228 -7.30 43.13 -36.35
N GLN PA 229 -8.24 43.45 -37.24
CA GLN PA 229 -8.15 43.10 -38.65
C GLN PA 229 -7.98 44.37 -39.48
N SER PA 230 -7.00 44.31 -40.36
CA SER PA 230 -6.70 45.44 -41.20
C SER PA 230 -7.61 45.57 -42.38
N ARG PA 231 -8.05 46.78 -42.61
CA ARG PA 231 -8.84 47.09 -43.78
C ARG PA 231 -7.96 47.81 -44.80
N LEU PA 232 -7.89 47.33 -46.09
CA LEU PA 232 -7.05 47.91 -47.13
C LEU PA 232 -7.58 49.25 -47.64
N PHE PA 233 -8.88 49.50 -47.50
CA PHE PA 233 -9.50 50.68 -48.08
C PHE PA 233 -10.41 51.35 -47.06
N GLY PA 234 -10.54 52.67 -47.19
CA GLY PA 234 -11.57 53.43 -46.53
C GLY PA 234 -12.72 53.73 -47.48
N LEU PA 235 -13.50 54.75 -47.12
CA LEU PA 235 -14.56 55.20 -48.02
C LEU PA 235 -13.95 55.83 -49.26
N ASP PA 236 -14.44 55.43 -50.43
CA ASP PA 236 -13.90 55.93 -51.68
C ASP PA 236 -14.18 57.42 -51.82
N GLY PA 237 -13.18 58.15 -52.31
CA GLY PA 237 -13.28 59.60 -52.44
C GLY PA 237 -14.13 60.08 -53.60
N GLY PA 238 -14.47 59.20 -54.54
CA GLY PA 238 -15.39 59.58 -55.58
C GLY PA 238 -16.81 59.67 -55.04
N ILE PA 239 -17.33 60.89 -54.91
CA ILE PA 239 -18.60 61.08 -54.22
C ILE PA 239 -19.78 61.00 -55.18
N SER PA 240 -19.68 61.67 -56.32
CA SER PA 240 -20.80 61.73 -57.25
C SER PA 240 -21.13 60.34 -57.79
N THR PA 241 -22.41 59.97 -57.69
CA THR PA 241 -22.91 58.73 -58.25
C THR PA 241 -23.89 58.92 -59.39
N GLN PA 242 -24.56 60.07 -59.45
CA GLN PA 242 -25.49 60.36 -60.52
C GLN PA 242 -24.76 60.84 -61.77
N GLU PA 243 -25.50 61.02 -62.85
CA GLU PA 243 -24.97 61.55 -64.10
C GLU PA 243 -25.38 63.01 -64.24
N GLU PA 244 -24.49 63.81 -64.82
CA GLU PA 244 -24.76 65.23 -64.98
C GLU PA 244 -25.93 65.44 -65.94
N ASN PA 245 -26.80 66.37 -65.60
CA ASN PA 245 -27.94 66.72 -66.43
C ASN PA 245 -27.50 67.74 -67.48
N THR PA 246 -27.41 67.31 -68.73
CA THR PA 246 -26.99 68.16 -69.83
C THR PA 246 -28.16 68.70 -70.64
N GLU PA 247 -29.39 68.41 -70.23
CA GLU PA 247 -30.55 68.80 -71.01
C GLU PA 247 -30.80 70.29 -70.93
N ARG PA 248 -31.22 70.87 -72.06
CA ARG PA 248 -31.55 72.29 -72.13
C ARG PA 248 -32.86 72.56 -71.38
N HIS PA 249 -33.15 73.84 -71.19
CA HIS PA 249 -34.40 74.28 -70.56
C HIS PA 249 -34.78 75.61 -71.17
N THR PA 250 -35.88 75.62 -71.93
CA THR PA 250 -36.34 76.82 -72.62
C THR PA 250 -37.70 77.25 -72.07
N THR PA 251 -38.10 78.47 -72.43
CA THR PA 251 -39.40 78.99 -72.01
C THR PA 251 -40.56 78.30 -72.70
N GLU PA 252 -40.30 77.49 -73.73
CA GLU PA 252 -41.35 76.72 -74.37
C GLU PA 252 -41.69 75.44 -73.61
N ASP PA 253 -40.86 75.04 -72.66
CA ASP PA 253 -41.11 73.81 -71.91
C ASP PA 253 -42.36 73.95 -71.06
N VAL PA 254 -43.16 72.88 -71.05
CA VAL PA 254 -44.38 72.89 -70.24
C VAL PA 254 -44.05 72.90 -68.76
N SER PA 255 -42.91 72.35 -68.38
CA SER PA 255 -42.48 72.29 -66.98
C SER PA 255 -40.97 72.19 -66.96
N PRO PA 256 -40.34 72.43 -65.80
CA PRO PA 256 -38.87 72.30 -65.72
C PRO PA 256 -38.36 70.91 -66.02
N SER PA 257 -39.20 69.87 -65.96
CA SER PA 257 -38.75 68.51 -66.19
C SER PA 257 -39.30 67.87 -67.47
N MET PA 258 -40.30 68.48 -68.10
CA MET PA 258 -40.89 67.93 -69.31
C MET PA 258 -40.89 68.99 -70.39
N HIS PA 259 -40.38 68.64 -71.58
CA HIS PA 259 -40.39 69.58 -72.70
C HIS PA 259 -41.81 69.79 -73.22
N THR PA 260 -42.54 68.69 -73.44
CA THR PA 260 -43.90 68.76 -73.96
C THR PA 260 -44.71 67.63 -73.34
N LEU PA 261 -45.96 67.52 -73.78
CA LEU PA 261 -46.90 66.47 -73.40
C LEU PA 261 -47.47 65.81 -74.64
N LEU PA 262 -46.58 65.40 -75.55
CA LEU PA 262 -46.96 65.10 -76.93
C LEU PA 262 -48.04 64.01 -77.00
N GLY PA 263 -47.82 62.86 -76.41
CA GLY PA 263 -48.80 61.81 -76.59
C GLY PA 263 -50.05 61.92 -75.76
N VAL PA 264 -50.16 62.96 -74.96
CA VAL PA 264 -51.30 63.08 -74.06
C VAL PA 264 -52.60 63.40 -74.75
N LYS PA 265 -53.62 62.64 -74.41
CA LYS PA 265 -54.96 62.89 -74.93
C LYS PA 265 -55.84 63.43 -73.81
N ASN PA 266 -56.58 64.50 -74.08
CA ASN PA 266 -57.45 65.11 -73.08
C ASN PA 266 -58.63 64.19 -72.73
N MET PA 267 -59.17 63.41 -73.70
CA MET PA 267 -60.27 62.49 -73.43
C MET PA 267 -60.09 61.19 -74.18
N VAL QA 44 -4.96 -44.15 -42.42
CA VAL QA 44 -6.28 -43.58 -42.17
C VAL QA 44 -6.65 -42.60 -43.29
N PRO QA 45 -7.95 -42.51 -43.61
CA PRO QA 45 -8.37 -41.62 -44.68
C PRO QA 45 -8.16 -40.16 -44.34
N ARG QA 46 -8.00 -39.34 -45.38
CA ARG QA 46 -7.78 -37.91 -45.23
C ARG QA 46 -9.09 -37.16 -45.44
N ILE QA 47 -9.30 -36.11 -44.66
CA ILE QA 47 -10.53 -35.33 -44.69
C ILE QA 47 -10.42 -34.25 -45.74
N LYS QA 48 -11.44 -34.13 -46.58
CA LYS QA 48 -11.47 -33.07 -47.58
C LYS QA 48 -11.73 -31.72 -46.93
N ALA QA 49 -11.14 -30.68 -47.51
CA ALA QA 49 -11.30 -29.33 -46.97
C ALA QA 49 -12.74 -28.87 -47.02
N ILE QA 50 -13.32 -28.81 -48.22
CA ILE QA 50 -14.70 -28.44 -48.41
C ILE QA 50 -15.43 -29.66 -48.95
N THR QA 51 -16.17 -30.33 -48.09
CA THR QA 51 -16.88 -31.56 -48.44
C THR QA 51 -18.34 -31.25 -48.73
N SER QA 52 -19.08 -32.30 -49.14
CA SER QA 52 -20.51 -32.17 -49.37
C SER QA 52 -21.33 -32.32 -48.09
N LYS QA 53 -20.72 -32.75 -47.00
CA LYS QA 53 -21.44 -32.86 -45.73
C LYS QA 53 -21.88 -31.49 -45.24
N MET QA 54 -21.03 -30.49 -45.48
CA MET QA 54 -21.36 -29.14 -45.09
C MET QA 54 -22.44 -28.61 -45.99
N ARG QA 55 -23.20 -27.65 -45.48
CA ARG QA 55 -24.29 -27.07 -46.26
C ARG QA 55 -23.85 -26.10 -47.32
N MET QA 56 -24.36 -26.30 -48.52
CA MET QA 56 -24.05 -25.43 -49.63
C MET QA 56 -25.29 -24.63 -50.02
N PRO QA 57 -25.11 -23.45 -50.62
CA PRO QA 57 -26.27 -22.71 -51.14
C PRO QA 57 -26.91 -23.45 -52.30
N LYS QA 58 -28.21 -23.70 -52.17
CA LYS QA 58 -28.95 -24.48 -53.16
C LYS QA 58 -30.12 -23.67 -53.70
N SER QA 59 -30.37 -23.81 -55.00
CA SER QA 59 -31.51 -23.18 -55.65
C SER QA 59 -32.24 -24.22 -56.47
N LYS QA 60 -33.55 -24.36 -56.24
CA LYS QA 60 -34.39 -25.32 -56.95
C LYS QA 60 -33.85 -26.75 -56.81
N GLY QA 61 -33.43 -27.09 -55.61
CA GLY QA 61 -32.91 -28.43 -55.35
C GLY QA 61 -31.64 -28.76 -56.10
N ALA QA 62 -30.69 -27.83 -56.10
CA ALA QA 62 -29.42 -28.04 -56.77
C ALA QA 62 -28.41 -27.04 -56.21
N THR QA 63 -27.25 -27.55 -55.80
CA THR QA 63 -26.20 -26.68 -55.29
C THR QA 63 -25.73 -25.72 -56.37
N VAL QA 64 -25.51 -24.47 -55.98
CA VAL QA 64 -25.15 -23.42 -56.93
C VAL QA 64 -23.64 -23.23 -57.00
N LEU QA 65 -22.85 -24.11 -56.38
CA LEU QA 65 -21.41 -24.03 -56.40
C LEU QA 65 -20.82 -25.29 -57.03
N ASN QA 66 -19.67 -25.12 -57.69
CA ASN QA 66 -18.92 -26.22 -58.27
C ASN QA 66 -17.82 -26.60 -57.29
N LEU QA 67 -18.01 -27.72 -56.58
CA LEU QA 67 -17.10 -28.06 -55.50
C LEU QA 67 -15.69 -28.36 -56.00
N GLU QA 68 -15.57 -29.08 -57.11
CA GLU QA 68 -14.25 -29.44 -57.62
C GLU QA 68 -13.46 -28.21 -58.06
N HIS QA 69 -14.08 -27.36 -58.87
CA HIS QA 69 -13.40 -26.14 -59.31
C HIS QA 69 -13.05 -25.25 -58.13
N LEU QA 70 -13.96 -25.11 -57.18
CA LEU QA 70 -13.69 -24.28 -56.00
C LEU QA 70 -12.52 -24.82 -55.21
N LEU QA 71 -12.46 -26.14 -55.02
CA LEU QA 71 -11.31 -26.75 -54.36
C LEU QA 71 -10.03 -26.52 -55.15
N GLU QA 72 -10.14 -26.38 -56.47
CA GLU QA 72 -8.97 -26.08 -57.30
C GLU QA 72 -8.80 -24.59 -57.58
N TYR QA 73 -9.70 -23.74 -57.09
CA TYR QA 73 -9.65 -22.31 -57.38
C TYR QA 73 -8.81 -21.62 -56.32
N ALA QA 74 -7.61 -21.16 -56.70
CA ALA QA 74 -6.69 -20.49 -55.79
C ALA QA 74 -6.12 -19.24 -56.44
N PRO QA 75 -6.93 -18.21 -56.64
CA PRO QA 75 -6.42 -16.96 -57.21
C PRO QA 75 -5.55 -16.21 -56.21
N GLN QA 76 -4.62 -15.43 -56.75
CA GLN QA 76 -3.85 -14.52 -55.92
C GLN QA 76 -4.75 -13.42 -55.37
N GLN QA 77 -4.53 -13.06 -54.11
CA GLN QA 77 -5.43 -12.13 -53.44
C GLN QA 77 -5.37 -10.74 -54.08
N ILE QA 78 -4.19 -10.30 -54.49
CA ILE QA 78 -4.07 -9.00 -55.12
C ILE QA 78 -4.69 -8.98 -56.50
N ASP QA 79 -4.93 -10.14 -57.11
CA ASP QA 79 -5.52 -10.20 -58.44
C ASP QA 79 -7.03 -10.03 -58.44
N ILE QA 80 -7.69 -10.17 -57.29
CA ILE QA 80 -9.14 -10.11 -57.21
C ILE QA 80 -9.62 -9.02 -56.27
N SER QA 81 -8.73 -8.17 -55.79
CA SER QA 81 -9.11 -7.06 -54.93
C SER QA 81 -9.53 -5.86 -55.78
N ASN QA 82 -10.46 -5.08 -55.25
CA ASN QA 82 -10.96 -3.90 -55.93
C ASN QA 82 -10.25 -2.62 -55.50
N THR QA 83 -9.22 -2.72 -54.67
CA THR QA 83 -8.35 -1.60 -54.34
C THR QA 83 -7.21 -1.45 -55.33
N ARG QA 84 -7.16 -2.29 -56.35
CA ARG QA 84 -6.14 -2.26 -57.38
C ARG QA 84 -6.83 -2.27 -58.73
N ALA QA 85 -6.31 -1.48 -59.67
CA ALA QA 85 -6.89 -1.43 -61.00
C ALA QA 85 -6.79 -2.81 -61.68
N THR QA 86 -7.79 -3.13 -62.50
CA THR QA 86 -7.79 -4.39 -63.20
C THR QA 86 -6.69 -4.41 -64.26
N GLN QA 87 -6.36 -5.60 -64.73
CA GLN QA 87 -5.31 -5.75 -65.74
C GLN QA 87 -5.67 -4.99 -67.02
N SER QA 88 -6.95 -5.03 -67.41
CA SER QA 88 -7.39 -4.30 -68.59
C SER QA 88 -7.20 -2.79 -68.40
N GLN QA 89 -7.56 -2.28 -67.22
CA GLN QA 89 -7.38 -0.85 -66.95
C GLN QA 89 -5.90 -0.48 -66.95
N PHE QA 90 -5.05 -1.35 -66.39
CA PHE QA 90 -3.61 -1.09 -66.39
C PHE QA 90 -3.06 -1.08 -67.81
N ASP QA 91 -3.49 -2.02 -68.65
CA ASP QA 91 -3.03 -2.04 -70.04
C ASP QA 91 -3.49 -0.79 -70.78
N THR QA 92 -4.73 -0.36 -70.53
CA THR QA 92 -5.23 0.86 -71.17
C THR QA 92 -4.40 2.07 -70.75
N TRP QA 93 -4.10 2.18 -69.46
CA TRP QA 93 -3.29 3.30 -68.98
C TRP QA 93 -1.89 3.27 -69.58
N TYR QA 94 -1.26 2.08 -69.60
CA TYR QA 94 0.08 1.95 -70.13
C TYR QA 94 0.13 2.29 -71.62
N GLU QA 95 -0.85 1.82 -72.39
CA GLU QA 95 -0.90 2.14 -73.81
C GLU QA 95 -1.13 3.63 -74.04
N ALA QA 96 -2.01 4.23 -73.24
CA ALA QA 96 -2.27 5.67 -73.40
C ALA QA 96 -1.03 6.49 -73.08
N VAL QA 97 -0.30 6.12 -72.03
CA VAL QA 97 0.91 6.85 -71.69
C VAL QA 97 1.97 6.67 -72.77
N GLN QA 98 2.12 5.43 -73.35
CA GLN QA 98 3.03 5.20 -74.47
C GLN QA 98 2.68 6.08 -75.66
N LEU QA 99 1.39 6.14 -75.95
CA LEU QA 99 0.95 6.95 -77.08
C LEU QA 99 1.25 8.43 -76.85
N ALA QA 100 0.98 8.92 -75.64
CA ALA QA 100 1.15 10.34 -75.38
C ALA QA 100 2.63 10.73 -75.35
N TYR QA 101 3.48 9.86 -74.81
CA TYR QA 101 4.90 10.18 -74.71
C TYR QA 101 5.67 9.94 -76.00
N ASP QA 102 5.07 9.26 -76.98
CA ASP QA 102 5.72 8.93 -78.24
C ASP QA 102 7.05 8.20 -78.01
N ILE QA 103 7.00 7.22 -77.13
CA ILE QA 103 8.17 6.45 -76.72
C ILE QA 103 7.96 5.00 -77.14
N GLY QA 104 9.02 4.39 -77.66
CA GLY QA 104 8.94 3.01 -78.09
C GLY QA 104 8.82 2.05 -76.93
N GLU QA 105 8.50 0.80 -77.26
CA GLU QA 105 8.28 -0.23 -76.25
C GLU QA 105 9.56 -0.67 -75.57
N THR QA 106 10.73 -0.23 -76.06
CA THR QA 106 12.00 -0.62 -75.44
C THR QA 106 12.48 0.41 -74.42
N GLU QA 107 12.26 1.70 -74.68
CA GLU QA 107 12.62 2.74 -73.73
C GLU QA 107 11.52 3.03 -72.72
N MET QA 108 10.33 2.47 -72.92
CA MET QA 108 9.22 2.73 -72.00
C MET QA 108 9.46 2.21 -70.59
N PRO QA 109 9.99 1.00 -70.37
CA PRO QA 109 10.23 0.55 -68.98
C PRO QA 109 11.16 1.44 -68.18
N THR QA 110 12.13 2.09 -68.82
CA THR QA 110 12.99 3.02 -68.09
C THR QA 110 12.18 4.22 -67.57
N VAL QA 111 11.30 4.75 -68.42
CA VAL QA 111 10.43 5.84 -68.00
C VAL QA 111 9.49 5.36 -66.89
N MET QA 112 9.07 4.10 -66.96
CA MET QA 112 8.23 3.54 -65.90
C MET QA 112 9.00 3.45 -64.58
N ASN QA 113 10.27 3.07 -64.64
CA ASN QA 113 11.11 3.04 -63.45
C ASN QA 113 11.21 4.43 -62.83
N GLY QA 114 11.50 5.43 -63.66
CA GLY QA 114 11.59 6.79 -63.16
C GLY QA 114 10.28 7.27 -62.55
N LEU QA 115 9.16 6.97 -63.20
CA LEU QA 115 7.86 7.38 -62.70
C LEU QA 115 7.54 6.69 -61.37
N MET QA 116 7.89 5.40 -61.26
CA MET QA 116 7.64 4.69 -60.00
C MET QA 116 8.44 5.32 -58.86
N VAL QA 117 9.71 5.66 -59.10
CA VAL QA 117 10.51 6.28 -58.05
C VAL QA 117 9.95 7.65 -57.69
N TRP QA 118 9.58 8.44 -58.69
CA TRP QA 118 9.00 9.75 -58.44
C TRP QA 118 7.71 9.64 -57.63
N CYS QA 119 6.89 8.63 -57.93
CA CYS QA 119 5.63 8.46 -57.21
C CYS QA 119 5.86 7.95 -55.80
N ILE QA 120 6.91 7.16 -55.59
CA ILE QA 120 7.31 6.80 -54.23
C ILE QA 120 7.61 8.07 -53.44
N GLU QA 121 8.33 9.00 -54.07
CA GLU QA 121 8.73 10.21 -53.34
C GLU QA 121 7.55 11.15 -53.10
N ASN QA 122 6.73 11.38 -54.12
CA ASN QA 122 5.81 12.52 -54.12
C ASN QA 122 4.34 12.14 -54.10
N GLY QA 123 4.01 10.85 -54.07
CA GLY QA 123 2.62 10.45 -53.96
C GLY QA 123 1.92 10.33 -55.31
N THR QA 124 0.68 9.88 -55.24
CA THR QA 124 -0.14 9.60 -56.42
C THR QA 124 -1.52 10.23 -56.27
N SER QA 125 -1.57 11.47 -55.80
CA SER QA 125 -2.84 12.15 -55.64
C SER QA 125 -3.44 12.51 -57.01
N PRO QA 126 -4.77 12.54 -57.12
CA PRO QA 126 -5.39 12.96 -58.38
C PRO QA 126 -5.08 14.40 -58.75
N ASN QA 127 -4.67 15.22 -57.79
CA ASN QA 127 -4.43 16.63 -58.02
C ASN QA 127 -3.00 16.96 -58.41
N ILE QA 128 -2.11 15.97 -58.46
CA ILE QA 128 -0.74 16.24 -58.89
C ILE QA 128 -0.76 16.71 -60.34
N ASN QA 129 0.07 17.71 -60.64
CA ASN QA 129 0.09 18.31 -61.96
C ASN QA 129 1.49 18.85 -62.22
N GLY QA 130 1.68 19.39 -63.42
CA GLY QA 130 2.99 19.90 -63.81
C GLY QA 130 3.78 18.83 -64.51
N VAL QA 131 5.01 18.58 -64.01
CA VAL QA 131 5.88 17.57 -64.57
C VAL QA 131 6.47 16.74 -63.43
N TRP QA 132 6.88 15.53 -63.78
CA TRP QA 132 7.74 14.73 -62.92
C TRP QA 132 9.11 14.63 -63.57
N VAL QA 133 10.11 14.21 -62.79
CA VAL QA 133 11.49 14.32 -63.20
C VAL QA 133 12.18 12.96 -63.11
N MET QA 134 13.03 12.68 -64.09
CA MET QA 134 13.94 11.55 -64.10
C MET QA 134 15.37 12.08 -64.02
N MET QA 135 16.21 11.36 -63.29
CA MET QA 135 17.61 11.75 -63.10
C MET QA 135 18.47 10.92 -64.04
N CYS QA 136 18.70 11.46 -65.25
CA CYS QA 136 19.58 10.83 -66.23
C CYS QA 136 21.00 11.23 -65.89
N GLY QA 137 21.68 10.38 -65.12
CA GLY QA 137 22.99 10.73 -64.61
C GLY QA 137 22.92 11.93 -63.70
N ASP QA 138 23.56 13.02 -64.10
CA ASP QA 138 23.50 14.29 -63.36
C ASP QA 138 22.51 15.26 -63.96
N GLU QA 139 21.81 14.88 -65.03
CA GLU QA 139 20.86 15.76 -65.70
C GLU QA 139 19.43 15.41 -65.30
N GLN QA 140 18.56 16.41 -65.39
CA GLN QA 140 17.16 16.29 -65.00
C GLN QA 140 16.29 16.36 -66.24
N VAL QA 141 15.50 15.32 -66.48
CA VAL QA 141 14.59 15.23 -67.61
C VAL QA 141 13.17 15.36 -67.09
N GLU QA 142 12.40 16.25 -67.71
CA GLU QA 142 11.04 16.53 -67.25
C GLU QA 142 10.03 15.88 -68.18
N TYR QA 143 9.09 15.15 -67.60
CA TYR QA 143 8.02 14.48 -68.31
C TYR QA 143 6.69 15.04 -67.85
N PRO QA 144 5.77 15.40 -68.76
CA PRO QA 144 4.48 15.92 -68.33
C PRO QA 144 3.69 14.87 -67.54
N LEU QA 145 2.99 15.35 -66.51
CA LEU QA 145 2.19 14.47 -65.67
C LEU QA 145 0.76 14.30 -66.17
N LYS QA 146 0.33 15.11 -67.14
CA LYS QA 146 -1.05 15.02 -67.62
C LYS QA 146 -1.39 13.64 -68.19
N PRO QA 147 -0.60 13.04 -69.09
CA PRO QA 147 -0.94 11.70 -69.56
C PRO QA 147 -0.96 10.66 -68.45
N ILE QA 148 -0.12 10.82 -67.43
CA ILE QA 148 -0.06 9.84 -66.35
C ILE QA 148 -1.35 9.86 -65.54
N VAL QA 149 -1.89 11.04 -65.28
CA VAL QA 149 -3.03 11.17 -64.37
C VAL QA 149 -4.36 11.06 -65.11
N GLU QA 150 -4.46 11.62 -66.32
CA GLU QA 150 -5.76 11.64 -67.01
C GLU QA 150 -6.17 10.29 -67.55
N ASN QA 151 -5.22 9.36 -67.72
CA ASN QA 151 -5.52 8.04 -68.27
C ASN QA 151 -5.56 6.94 -67.22
N ALA QA 152 -5.36 7.28 -65.94
CA ALA QA 152 -5.33 6.29 -64.88
C ALA QA 152 -6.74 6.07 -64.36
N LYS QA 153 -7.27 4.87 -64.59
CA LYS QA 153 -8.61 4.54 -64.15
C LYS QA 153 -8.58 3.29 -63.27
N PRO QA 154 -9.37 3.26 -62.19
CA PRO QA 154 -10.27 4.33 -61.72
C PRO QA 154 -9.52 5.51 -61.10
N THR QA 155 -8.38 5.27 -60.47
CA THR QA 155 -7.55 6.33 -59.92
C THR QA 155 -6.10 6.04 -60.24
N LEU QA 156 -5.24 7.05 -60.05
CA LEU QA 156 -3.81 6.84 -60.23
C LEU QA 156 -3.23 5.97 -59.13
N ARG QA 157 -3.79 6.05 -57.91
CA ARG QA 157 -3.32 5.19 -56.83
C ARG QA 157 -3.58 3.72 -57.13
N GLN QA 158 -4.75 3.41 -57.71
CA GLN QA 158 -5.04 2.02 -58.07
C GLN QA 158 -4.13 1.53 -59.17
N ILE QA 159 -3.76 2.41 -60.11
CA ILE QA 159 -2.82 2.03 -61.16
C ILE QA 159 -1.45 1.77 -60.59
N MET QA 160 -0.96 2.69 -59.75
CA MET QA 160 0.38 2.54 -59.17
C MET QA 160 0.45 1.43 -58.13
N ALA QA 161 -0.68 0.95 -57.64
CA ALA QA 161 -0.68 -0.21 -56.75
C ALA QA 161 -0.05 -1.44 -57.40
N HIS QA 162 -0.05 -1.50 -58.73
CA HIS QA 162 0.65 -2.58 -59.42
C HIS QA 162 2.15 -2.52 -59.22
N PHE QA 163 2.68 -1.37 -58.80
CA PHE QA 163 4.10 -1.17 -58.59
C PHE QA 163 4.51 -1.31 -57.13
N SER QA 164 3.60 -1.76 -56.25
CA SER QA 164 3.83 -1.66 -54.81
C SER QA 164 4.98 -2.56 -54.35
N ASP QA 165 5.02 -3.84 -54.80
CA ASP QA 165 6.09 -4.75 -54.40
C ASP QA 165 7.44 -4.27 -54.90
N VAL QA 166 7.49 -3.78 -56.15
CA VAL QA 166 8.75 -3.26 -56.69
C VAL QA 166 9.18 -2.02 -55.94
N ALA QA 167 8.22 -1.16 -55.56
CA ALA QA 167 8.55 0.04 -54.80
C ALA QA 167 9.14 -0.32 -53.45
N GLU QA 168 8.54 -1.29 -52.76
CA GLU QA 168 9.07 -1.72 -51.47
C GLU QA 168 10.47 -2.30 -51.61
N ALA QA 169 10.69 -3.13 -52.63
CA ALA QA 169 12.02 -3.69 -52.86
C ALA QA 169 13.03 -2.61 -53.18
N TYR QA 170 12.64 -1.61 -53.98
CA TYR QA 170 13.53 -0.51 -54.33
C TYR QA 170 13.90 0.31 -53.10
N ILE QA 171 12.92 0.58 -52.23
CA ILE QA 171 13.21 1.34 -51.01
C ILE QA 171 14.18 0.56 -50.12
N GLU QA 172 14.00 -0.73 -49.99
CA GLU QA 172 14.93 -1.53 -49.20
C GLU QA 172 16.33 -1.51 -49.80
N MET QA 173 16.40 -1.64 -51.13
CA MET QA 173 17.69 -1.61 -51.81
C MET QA 173 18.40 -0.27 -51.61
N ARG QA 174 17.67 0.83 -51.75
CA ARG QA 174 18.29 2.14 -51.54
C ARG QA 174 18.72 2.33 -50.09
N ASN QA 175 17.93 1.81 -49.14
CA ASN QA 175 18.32 1.91 -47.74
C ASN QA 175 19.52 1.03 -47.40
N LYS QA 176 19.82 0.03 -48.23
CA LYS QA 176 21.03 -0.75 -48.00
C LYS QA 176 22.31 0.07 -48.14
N LYS QA 177 22.28 1.17 -48.91
CA LYS QA 177 23.47 1.96 -49.18
C LYS QA 177 23.47 3.34 -48.52
N GLU QA 178 22.35 3.82 -48.13
CA GLU QA 178 22.28 5.14 -47.49
C GLU QA 178 20.92 5.31 -46.82
N PRO QA 179 20.78 6.31 -45.87
CA PRO QA 179 19.45 6.60 -45.29
C PRO QA 179 18.50 7.09 -46.36
N TYR QA 180 17.43 6.32 -46.58
CA TYR QA 180 16.48 6.59 -47.66
C TYR QA 180 15.06 6.41 -47.11
N MET QA 181 14.48 7.49 -46.62
CA MET QA 181 13.07 7.50 -46.25
C MET QA 181 12.30 8.30 -47.29
N PRO QA 182 11.28 7.70 -47.91
CA PRO QA 182 10.52 8.45 -48.92
C PRO QA 182 9.90 9.71 -48.34
N ARG QA 183 9.79 10.73 -49.18
CA ARG QA 183 9.29 12.03 -48.71
C ARG QA 183 7.90 11.90 -48.12
N TYR QA 184 7.12 10.91 -48.55
CA TYR QA 184 5.83 10.64 -47.92
C TYR QA 184 6.01 10.30 -46.44
N GLY QA 185 7.00 9.46 -46.12
CA GLY QA 185 7.25 9.12 -44.74
C GLY QA 185 7.87 10.25 -43.93
N LEU QA 186 8.50 11.21 -44.60
CA LEU QA 186 8.98 12.41 -43.92
C LEU QA 186 7.84 13.36 -43.61
N VAL QA 187 6.85 13.46 -44.51
CA VAL QA 187 5.68 14.28 -44.24
C VAL QA 187 4.85 13.67 -43.11
N ARG QA 188 4.74 12.34 -43.09
CA ARG QA 188 3.99 11.67 -42.04
C ARG QA 188 4.73 11.63 -40.72
N ASN QA 189 5.98 12.08 -40.68
CA ASN QA 189 6.79 12.10 -39.46
C ASN QA 189 6.93 10.71 -38.85
N LEU QA 190 7.17 9.72 -39.72
CA LEU QA 190 7.43 8.36 -39.24
C LEU QA 190 8.83 8.28 -38.65
N ARG QA 191 8.91 7.94 -37.37
CA ARG QA 191 10.17 8.00 -36.63
C ARG QA 191 10.95 6.70 -36.67
N ASP QA 192 10.47 5.69 -37.39
CA ASP QA 192 11.17 4.41 -37.51
C ASP QA 192 11.73 4.28 -38.92
N GLY QA 193 13.05 4.09 -39.02
CA GLY QA 193 13.68 3.94 -40.32
C GLY QA 193 13.51 2.56 -40.92
N SER QA 194 13.27 1.54 -40.09
CA SER QA 194 13.07 0.19 -40.60
C SER QA 194 11.71 0.02 -41.26
N LEU QA 195 10.81 0.97 -41.09
CA LEU QA 195 9.51 0.95 -41.73
C LEU QA 195 9.46 1.81 -42.99
N ALA QA 196 10.62 2.26 -43.49
CA ALA QA 196 10.64 3.11 -44.67
C ALA QA 196 10.11 2.39 -45.91
N ARG QA 197 10.21 1.06 -45.95
CA ARG QA 197 9.80 0.30 -47.12
C ARG QA 197 8.30 0.29 -47.33
N TYR QA 198 7.51 0.75 -46.36
CA TYR QA 198 6.06 0.82 -46.49
C TYR QA 198 5.54 2.26 -46.51
N ALA QA 199 6.43 3.24 -46.48
CA ALA QA 199 6.04 4.64 -46.27
C ALA QA 199 5.83 5.35 -47.61
N PHE QA 200 4.92 4.83 -48.42
CA PHE QA 200 4.44 5.53 -49.60
C PHE QA 200 2.93 5.33 -49.70
N ASP QA 201 2.26 6.25 -50.38
CA ASP QA 201 0.80 6.30 -50.29
C ASP QA 201 0.10 5.31 -51.22
N PHE QA 202 0.81 4.68 -52.16
CA PHE QA 202 0.20 3.66 -52.99
C PHE QA 202 0.62 2.25 -52.59
N TYR QA 203 1.13 2.09 -51.37
CA TYR QA 203 1.48 0.76 -50.88
C TYR QA 203 0.23 -0.07 -50.68
N GLU QA 204 0.28 -1.32 -51.12
CA GLU QA 204 -0.85 -2.24 -51.04
C GLU QA 204 -0.61 -3.23 -49.90
N VAL QA 205 -1.51 -3.23 -48.93
CA VAL QA 205 -1.41 -4.14 -47.79
C VAL QA 205 -1.88 -5.52 -48.24
N THR QA 206 -1.08 -6.54 -47.94
CA THR QA 206 -1.37 -7.92 -48.30
C THR QA 206 -1.37 -8.79 -47.05
N SER QA 207 -1.60 -10.08 -47.24
CA SER QA 207 -1.58 -11.02 -46.13
C SER QA 207 -0.16 -11.25 -45.62
N ARG QA 208 0.85 -10.88 -46.38
CA ARG QA 208 2.25 -11.03 -45.97
C ARG QA 208 2.82 -9.77 -45.34
N THR QA 209 2.07 -8.68 -45.30
CA THR QA 209 2.53 -7.47 -44.63
C THR QA 209 2.63 -7.71 -43.13
N PRO QA 210 3.74 -7.36 -42.49
CA PRO QA 210 3.85 -7.55 -41.04
C PRO QA 210 2.83 -6.71 -40.30
N VAL QA 211 2.40 -7.22 -39.14
CA VAL QA 211 1.34 -6.58 -38.36
C VAL QA 211 1.76 -5.17 -37.95
N ARG QA 212 3.02 -5.00 -37.54
CA ARG QA 212 3.51 -3.67 -37.19
C ARG QA 212 3.50 -2.74 -38.39
N ALA QA 213 3.92 -3.24 -39.55
CA ALA QA 213 3.89 -2.45 -40.77
C ALA QA 213 2.47 -2.08 -41.15
N ARG QA 214 1.53 -3.02 -41.00
CA ARG QA 214 0.13 -2.73 -41.30
C ARG QA 214 -0.41 -1.65 -40.38
N GLU QA 215 -0.09 -1.72 -39.09
CA GLU QA 215 -0.53 -0.69 -38.16
C GLU QA 215 0.06 0.67 -38.53
N ALA QA 216 1.35 0.70 -38.85
CA ALA QA 216 1.99 1.97 -39.21
C ALA QA 216 1.37 2.55 -40.47
N HIS QA 217 1.12 1.71 -41.48
CA HIS QA 217 0.52 2.19 -42.72
C HIS QA 217 -0.89 2.72 -42.49
N ILE QA 218 -1.68 2.03 -41.68
CA ILE QA 218 -3.04 2.49 -41.43
C ILE QA 218 -3.03 3.80 -40.65
N GLN QA 219 -2.13 3.94 -39.68
CA GLN QA 219 -2.00 5.20 -38.95
C GLN QA 219 -1.57 6.33 -39.88
N MET QA 220 -0.64 6.05 -40.79
CA MET QA 220 -0.21 7.08 -41.74
C MET QA 220 -1.36 7.50 -42.66
N LYS QA 221 -2.15 6.53 -43.14
CA LYS QA 221 -3.29 6.86 -43.98
C LYS QA 221 -4.31 7.69 -43.23
N ALA QA 222 -4.59 7.34 -41.97
CA ALA QA 222 -5.54 8.11 -41.18
C ALA QA 222 -5.03 9.53 -40.93
N ALA QA 223 -3.74 9.68 -40.64
CA ALA QA 223 -3.17 11.00 -40.43
C ALA QA 223 -3.20 11.83 -41.71
N ALA QA 224 -2.94 11.22 -42.86
CA ALA QA 224 -2.90 11.96 -44.11
C ALA QA 224 -4.29 12.37 -44.56
N LEU QA 225 -5.27 11.48 -44.42
CA LEU QA 225 -6.62 11.81 -44.89
C LEU QA 225 -7.33 12.79 -43.97
N LYS QA 226 -7.05 12.72 -42.66
CA LYS QA 226 -7.65 13.61 -41.66
C LYS QA 226 -9.17 13.43 -41.72
N SER QA 227 -9.95 14.51 -41.81
CA SER QA 227 -11.40 14.44 -41.87
C SER QA 227 -11.92 14.99 -43.20
N ALA QA 228 -11.24 14.67 -44.29
CA ALA QA 228 -11.63 15.17 -45.60
C ALA QA 228 -12.95 14.54 -46.03
N GLN QA 229 -13.90 15.39 -46.43
CA GLN QA 229 -15.22 14.96 -46.87
C GLN QA 229 -15.37 15.25 -48.36
N SER QA 230 -15.80 14.22 -49.07
CA SER QA 230 -15.98 14.33 -50.49
C SER QA 230 -17.25 15.03 -50.89
N ARG QA 231 -17.11 15.91 -51.85
CA ARG QA 231 -18.26 16.59 -52.42
C ARG QA 231 -18.55 15.99 -53.79
N LEU QA 232 -19.82 15.52 -54.08
CA LEU QA 232 -20.20 14.89 -55.33
C LEU QA 232 -20.29 15.87 -56.49
N PHE QA 233 -20.50 17.15 -56.20
CA PHE QA 233 -20.74 18.13 -57.24
C PHE QA 233 -19.91 19.39 -56.98
N GLY QA 234 -19.56 20.07 -58.07
CA GLY QA 234 -19.04 21.40 -58.02
C GLY QA 234 -20.11 22.42 -58.37
N LEU QA 235 -19.67 23.62 -58.75
CA LEU QA 235 -20.61 24.62 -59.22
C LEU QA 235 -21.23 24.18 -60.54
N ASP QA 236 -22.54 24.26 -60.65
CA ASP QA 236 -23.24 23.83 -61.85
C ASP QA 236 -22.87 24.72 -63.04
N GLY QA 237 -22.66 24.09 -64.19
CA GLY QA 237 -22.23 24.80 -65.38
C GLY QA 237 -23.32 25.59 -66.07
N GLY QA 238 -24.58 25.37 -65.73
CA GLY QA 238 -25.64 26.20 -66.26
C GLY QA 238 -25.61 27.57 -65.60
N ILE QA 239 -25.20 28.59 -66.35
CA ILE QA 239 -24.96 29.90 -65.75
C ILE QA 239 -26.21 30.77 -65.79
N SER QA 240 -26.89 30.81 -66.93
CA SER QA 240 -28.04 31.69 -67.08
C SER QA 240 -29.15 31.30 -66.12
N THR QA 241 -29.65 32.27 -65.36
CA THR QA 241 -30.79 32.08 -64.48
C THR QA 241 -32.02 32.88 -64.89
N GLN QA 242 -31.84 33.96 -65.64
CA GLN QA 242 -32.95 34.77 -66.10
C GLN QA 242 -33.59 34.14 -67.35
N GLU QA 243 -34.69 34.72 -67.79
CA GLU QA 243 -35.37 34.32 -69.01
C GLU QA 243 -35.06 35.30 -70.12
N GLU QA 244 -34.93 34.78 -71.34
CA GLU QA 244 -34.60 35.62 -72.48
C GLU QA 244 -35.74 36.61 -72.76
N ASN QA 245 -35.37 37.85 -73.05
CA ASN QA 245 -36.34 38.90 -73.38
C ASN QA 245 -36.67 38.80 -74.86
N THR QA 246 -37.89 38.34 -75.17
CA THR QA 246 -38.34 38.19 -76.54
C THR QA 246 -39.22 39.35 -77.00
N GLU QA 247 -39.40 40.37 -76.17
CA GLU QA 247 -40.31 41.46 -76.50
C GLU QA 247 -39.73 42.36 -77.58
N ARG QA 248 -40.61 42.81 -78.48
CA ARG QA 248 -40.22 43.73 -79.54
C ARG QA 248 -39.91 45.11 -78.97
N HIS QA 249 -39.34 45.96 -79.81
CA HIS QA 249 -39.06 47.35 -79.45
C HIS QA 249 -39.18 48.19 -80.70
N THR QA 250 -40.20 49.06 -80.74
CA THR QA 250 -40.47 49.89 -81.89
C THR QA 250 -40.29 51.37 -81.53
N THR QA 251 -40.26 52.21 -82.56
CA THR QA 251 -40.12 53.65 -82.36
C THR QA 251 -41.39 54.28 -81.78
N GLU QA 252 -42.49 53.53 -81.72
CA GLU QA 252 -43.70 54.03 -81.08
C GLU QA 252 -43.67 53.87 -79.56
N ASP QA 253 -42.73 53.10 -79.03
CA ASP QA 253 -42.67 52.88 -77.59
C ASP QA 253 -42.30 54.18 -76.88
N VAL QA 254 -42.98 54.42 -75.75
CA VAL QA 254 -42.70 55.62 -74.96
C VAL QA 254 -41.32 55.54 -74.34
N SER QA 255 -40.83 54.34 -74.08
CA SER QA 255 -39.52 54.14 -73.47
C SER QA 255 -39.01 52.76 -73.87
N PRO QA 256 -37.73 52.48 -73.68
CA PRO QA 256 -37.22 51.14 -74.02
C PRO QA 256 -37.85 50.02 -73.20
N SER QA 257 -38.48 50.32 -72.07
CA SER QA 257 -39.06 49.29 -71.23
C SER QA 257 -40.59 49.30 -71.18
N MET QA 258 -41.23 50.36 -71.66
CA MET QA 258 -42.68 50.46 -71.63
C MET QA 258 -43.19 50.78 -73.04
N HIS QA 259 -44.17 50.00 -73.49
CA HIS QA 259 -44.76 50.26 -74.81
C HIS QA 259 -45.61 51.53 -74.78
N THR QA 260 -46.47 51.66 -73.77
CA THR QA 260 -47.34 52.83 -73.65
C THR QA 260 -47.54 53.13 -72.17
N LEU QA 261 -48.39 54.12 -71.90
CA LEU QA 261 -48.78 54.54 -70.56
C LEU QA 261 -50.30 54.57 -70.46
N LEU QA 262 -50.93 53.48 -70.88
CA LEU QA 262 -52.36 53.48 -71.19
C LEU QA 262 -53.21 53.94 -70.01
N GLY QA 263 -53.09 53.32 -68.87
CA GLY QA 263 -53.99 53.70 -67.79
C GLY QA 263 -53.66 54.97 -67.05
N VAL QA 264 -52.61 55.65 -67.46
CA VAL QA 264 -52.17 56.83 -66.74
C VAL QA 264 -53.08 58.03 -66.93
N LYS QA 265 -53.42 58.64 -65.82
CA LYS QA 265 -54.23 59.87 -65.85
C LYS QA 265 -53.36 61.05 -65.44
N ASN QA 266 -53.40 62.13 -66.20
CA ASN QA 266 -52.61 63.33 -65.92
C ASN QA 266 -53.07 64.01 -64.63
N MET QA 267 -54.39 64.00 -64.31
CA MET QA 267 -54.88 64.60 -63.08
C MET QA 267 -55.98 63.75 -62.46
N VAL RA 44 48.79 -74.02 -4.40
CA VAL RA 44 47.35 -73.84 -4.42
C VAL RA 44 46.96 -72.75 -5.42
N PRO RA 45 45.78 -72.89 -6.05
CA PRO RA 45 45.36 -71.91 -7.04
C PRO RA 45 45.09 -70.55 -6.43
N ARG RA 46 45.24 -69.51 -7.25
CA ARG RA 46 45.01 -68.14 -6.83
C ARG RA 46 43.61 -67.69 -7.25
N ILE RA 47 42.97 -66.90 -6.39
CA ILE RA 47 41.61 -66.44 -6.61
C ILE RA 47 41.63 -65.16 -7.42
N LYS RA 48 40.82 -65.10 -8.47
CA LYS RA 48 40.70 -63.89 -9.26
C LYS RA 48 39.95 -62.81 -8.50
N ALA RA 49 40.33 -61.56 -8.73
CA ALA RA 49 39.71 -60.44 -8.04
C ALA RA 49 38.24 -60.32 -8.39
N ILE RA 50 37.93 -60.14 -9.67
CA ILE RA 50 36.56 -60.06 -10.15
C ILE RA 50 36.33 -61.27 -11.05
N THR RA 51 35.63 -62.27 -10.52
CA THR RA 51 35.38 -63.51 -11.23
C THR RA 51 33.99 -63.50 -11.84
N SER RA 52 33.67 -64.56 -12.58
CA SER RA 52 32.34 -64.72 -13.15
C SER RA 52 31.35 -65.32 -12.16
N LYS RA 53 31.81 -65.84 -11.03
CA LYS RA 53 30.90 -66.38 -10.03
C LYS RA 53 30.00 -65.29 -9.46
N MET RA 54 30.57 -64.10 -9.30
CA MET RA 54 29.82 -62.98 -8.81
C MET RA 54 28.84 -62.53 -9.86
N ARG RA 55 27.76 -61.90 -9.43
CA ARG RA 55 26.73 -61.43 -10.36
C ARG RA 55 27.11 -60.18 -11.10
N MET RA 56 26.93 -60.24 -12.41
CA MET RA 56 27.21 -59.09 -13.25
C MET RA 56 25.91 -58.53 -13.81
N PRO RA 57 25.88 -57.25 -14.16
CA PRO RA 57 24.70 -56.68 -14.82
C PRO RA 57 24.53 -57.29 -16.22
N LYS RA 58 23.37 -57.85 -16.47
CA LYS RA 58 23.09 -58.55 -17.73
C LYS RA 58 21.88 -57.93 -18.41
N SER RA 59 21.95 -57.84 -19.73
CA SER RA 59 20.84 -57.36 -20.55
C SER RA 59 20.62 -58.34 -21.69
N LYS RA 60 19.38 -58.81 -21.83
CA LYS RA 60 19.00 -59.77 -22.87
C LYS RA 60 19.88 -61.01 -22.82
N GLY RA 61 20.12 -61.51 -21.62
CA GLY RA 61 20.91 -62.73 -21.45
C GLY RA 61 22.35 -62.58 -21.89
N ALA RA 62 22.99 -61.48 -21.51
CA ALA RA 62 24.39 -61.24 -21.85
C ALA RA 62 24.94 -60.19 -20.90
N THR RA 63 26.08 -60.49 -20.29
CA THR RA 63 26.72 -59.53 -19.39
C THR RA 63 27.12 -58.28 -20.15
N VAL RA 64 26.89 -57.13 -19.52
CA VAL RA 64 27.14 -55.84 -20.17
C VAL RA 64 28.53 -55.29 -19.82
N LEU RA 65 29.37 -56.09 -19.17
CA LEU RA 65 30.71 -55.67 -18.81
C LEU RA 65 31.75 -56.59 -19.45
N ASN RA 66 32.91 -56.02 -19.76
CA ASN RA 66 34.04 -56.77 -20.29
C ASN RA 66 34.98 -57.09 -19.13
N LEU RA 67 34.96 -58.34 -18.67
CA LEU RA 67 35.68 -58.71 -17.47
C LEU RA 67 37.19 -58.55 -17.62
N GLU RA 68 37.73 -58.96 -18.77
CA GLU RA 68 39.18 -58.89 -18.97
C GLU RA 68 39.67 -57.45 -18.99
N HIS RA 69 39.02 -56.60 -19.79
CA HIS RA 69 39.42 -55.19 -19.85
C HIS RA 69 39.26 -54.52 -18.49
N LEU RA 70 38.16 -54.80 -17.80
CA LEU RA 70 37.94 -54.22 -16.48
C LEU RA 70 39.03 -54.64 -15.50
N LEU RA 71 39.41 -55.91 -15.52
CA LEU RA 71 40.52 -56.37 -14.68
C LEU RA 71 41.82 -55.69 -15.07
N GLU RA 72 41.95 -55.29 -16.34
CA GLU RA 72 43.14 -54.55 -16.78
C GLU RA 72 42.94 -53.04 -16.77
N TYR RA 73 41.76 -52.55 -16.40
CA TYR RA 73 41.47 -51.12 -16.43
C TYR RA 73 41.86 -50.50 -15.10
N ALA RA 74 42.93 -49.71 -15.08
CA ALA RA 74 43.42 -49.06 -13.86
C ALA RA 74 43.75 -47.60 -14.15
N PRO RA 75 42.73 -46.77 -14.38
CA PRO RA 75 42.99 -45.35 -14.60
C PRO RA 75 43.40 -44.64 -13.32
N GLN RA 76 44.17 -43.57 -13.46
CA GLN RA 76 44.47 -42.71 -12.33
C GLN RA 76 43.20 -42.00 -11.87
N GLN RA 77 43.04 -41.89 -10.55
CA GLN RA 77 41.81 -41.36 -9.99
C GLN RA 77 41.61 -39.89 -10.37
N ILE RA 78 42.69 -39.11 -10.39
CA ILE RA 78 42.58 -37.70 -10.75
C ILE RA 78 42.27 -37.53 -12.23
N ASP RA 79 42.49 -38.55 -13.06
CA ASP RA 79 42.22 -38.45 -14.48
C ASP RA 79 40.77 -38.63 -14.84
N ILE RA 80 39.95 -39.17 -13.94
CA ILE RA 80 38.56 -39.47 -14.23
C ILE RA 80 37.61 -38.75 -13.28
N SER RA 81 38.11 -37.85 -12.46
CA SER RA 81 37.27 -37.07 -11.57
C SER RA 81 36.71 -35.85 -12.30
N ASN RA 82 35.51 -35.44 -11.90
CA ASN RA 82 34.87 -34.28 -12.50
C ASN RA 82 35.08 -32.99 -11.71
N THR RA 83 35.91 -33.04 -10.66
CA THR RA 83 36.34 -31.85 -9.95
C THR RA 83 37.58 -31.22 -10.57
N ARG RA 84 38.07 -31.80 -11.67
CA ARG RA 84 39.24 -31.30 -12.38
C ARG RA 84 38.88 -31.17 -13.85
N ALA RA 85 39.34 -30.10 -14.49
CA ALA RA 85 39.06 -29.90 -15.90
C ALA RA 85 39.68 -31.02 -16.73
N THR RA 86 38.99 -31.38 -17.81
CA THR RA 86 39.50 -32.43 -18.69
C THR RA 86 40.74 -31.95 -19.41
N GLN RA 87 41.48 -32.92 -19.98
CA GLN RA 87 42.72 -32.59 -20.69
C GLN RA 87 42.43 -31.69 -21.88
N SER RA 88 41.32 -31.93 -22.59
CA SER RA 88 40.96 -31.06 -23.71
C SER RA 88 40.68 -29.64 -23.25
N GLN RA 89 39.96 -29.49 -22.14
CA GLN RA 89 39.68 -28.16 -21.61
C GLN RA 89 40.96 -27.47 -21.17
N PHE RA 90 41.88 -28.21 -20.55
CA PHE RA 90 43.16 -27.64 -20.14
C PHE RA 90 43.97 -27.19 -21.35
N ASP RA 91 44.00 -28.00 -22.41
CA ASP RA 91 44.72 -27.60 -23.61
C ASP RA 91 44.10 -26.36 -24.24
N THR RA 92 42.76 -26.30 -24.26
CA THR RA 92 42.10 -25.12 -24.80
C THR RA 92 42.46 -23.87 -24.00
N TRP RA 93 42.44 -23.98 -22.67
CA TRP RA 93 42.79 -22.83 -21.84
C TRP RA 93 44.24 -22.41 -22.05
N TYR RA 94 45.15 -23.39 -22.09
CA TYR RA 94 46.56 -23.09 -22.28
C TYR RA 94 46.82 -22.42 -23.63
N GLU RA 95 46.19 -22.93 -24.69
CA GLU RA 95 46.36 -22.33 -26.01
C GLU RA 95 45.78 -20.92 -26.05
N ALA RA 96 44.62 -20.72 -25.42
CA ALA RA 96 44.01 -19.39 -25.41
C ALA RA 96 44.88 -18.39 -24.66
N VAL RA 97 45.45 -18.80 -23.52
CA VAL RA 97 46.32 -17.90 -22.78
C VAL RA 97 47.59 -17.60 -23.57
N GLN RA 98 48.19 -18.62 -24.28
CA GLN RA 98 49.34 -18.38 -25.15
C GLN RA 98 49.01 -17.36 -26.23
N LEU RA 99 47.84 -17.54 -26.83
CA LEU RA 99 47.45 -16.63 -27.89
C LEU RA 99 47.27 -15.21 -27.36
N ALA RA 100 46.63 -15.06 -26.20
CA ALA RA 100 46.34 -13.73 -25.68
C ALA RA 100 47.62 -13.03 -25.21
N TYR RA 101 48.55 -13.78 -24.62
CA TYR RA 101 49.77 -13.17 -24.10
C TYR RA 101 50.82 -12.94 -25.17
N ASP RA 102 50.66 -13.51 -26.37
CA ASP RA 102 51.62 -13.39 -27.46
C ASP RA 102 53.01 -13.83 -27.00
N ILE RA 103 53.05 -14.97 -26.33
CA ILE RA 103 54.28 -15.52 -25.76
C ILE RA 103 54.58 -16.84 -26.45
N GLY RA 104 55.84 -17.06 -26.77
CA GLY RA 104 56.24 -18.30 -27.41
C GLY RA 104 56.16 -19.49 -26.49
N GLU RA 105 56.25 -20.68 -27.09
CA GLU RA 105 56.13 -21.92 -26.34
C GLU RA 105 57.32 -22.20 -25.43
N THR RA 106 58.39 -21.41 -25.53
CA THR RA 106 59.55 -21.62 -24.67
C THR RA 106 59.51 -20.75 -23.42
N GLU RA 107 59.00 -19.52 -23.52
CA GLU RA 107 58.85 -18.67 -22.35
C GLU RA 107 57.53 -18.85 -21.63
N MET RA 108 56.61 -19.63 -22.22
CA MET RA 108 55.31 -19.84 -21.59
C MET RA 108 55.39 -20.58 -20.25
N PRO RA 109 56.17 -21.66 -20.10
CA PRO RA 109 56.23 -22.33 -18.78
C PRO RA 109 56.69 -21.44 -17.64
N THR RA 110 57.56 -20.46 -17.90
CA THR RA 110 57.96 -19.53 -16.84
C THR RA 110 56.76 -18.70 -16.37
N VAL RA 111 55.96 -18.22 -17.31
CA VAL RA 111 54.75 -17.49 -16.97
C VAL RA 111 53.78 -18.39 -16.23
N MET RA 112 53.74 -19.67 -16.60
CA MET RA 112 52.89 -20.62 -15.89
C MET RA 112 53.36 -20.83 -14.45
N ASN RA 113 54.68 -20.88 -14.25
CA ASN RA 113 55.22 -20.97 -12.89
C ASN RA 113 54.80 -19.76 -12.05
N GLY RA 114 54.97 -18.57 -12.61
CA GLY RA 114 54.58 -17.37 -11.90
C GLY RA 114 53.09 -17.35 -11.58
N LEU RA 115 52.26 -17.75 -12.55
CA LEU RA 115 50.82 -17.77 -12.33
C LEU RA 115 50.44 -18.79 -11.27
N MET RA 116 51.09 -19.95 -11.26
CA MET RA 116 50.80 -20.95 -10.24
C MET RA 116 51.13 -20.43 -8.85
N VAL RA 117 52.28 -19.77 -8.70
CA VAL RA 117 52.65 -19.23 -7.39
C VAL RA 117 51.67 -18.13 -6.97
N TRP RA 118 51.31 -17.25 -7.91
CA TRP RA 118 50.35 -16.19 -7.60
C TRP RA 118 49.00 -16.77 -7.19
N CYS RA 119 48.57 -17.85 -7.85
CA CYS RA 119 47.29 -18.46 -7.51
C CYS RA 119 47.35 -19.20 -6.17
N ILE RA 120 48.51 -19.76 -5.83
CA ILE RA 120 48.70 -20.30 -4.49
C ILE RA 120 48.47 -19.20 -3.46
N GLU RA 121 49.02 -18.02 -3.73
CA GLU RA 121 48.91 -16.93 -2.74
C GLU RA 121 47.50 -16.37 -2.67
N ASN RA 122 46.87 -16.11 -3.82
CA ASN RA 122 45.69 -15.25 -3.87
C ASN RA 122 44.42 -15.95 -4.29
N GLY RA 123 44.45 -17.26 -4.54
CA GLY RA 123 43.25 -17.98 -4.87
C GLY RA 123 42.89 -17.95 -6.35
N THR RA 124 41.84 -18.69 -6.68
CA THR RA 124 41.39 -18.88 -8.05
C THR RA 124 39.89 -18.64 -8.17
N SER RA 125 39.40 -17.57 -7.54
CA SER RA 125 37.98 -17.25 -7.61
C SER RA 125 37.63 -16.76 -9.02
N PRO RA 126 36.39 -17.01 -9.45
CA PRO RA 126 35.96 -16.48 -10.76
C PRO RA 126 35.92 -14.97 -10.80
N ASN RA 127 35.88 -14.29 -9.65
CA ASN RA 127 35.76 -12.85 -9.58
C ASN RA 127 37.09 -12.12 -9.53
N ILE RA 128 38.22 -12.85 -9.51
CA ILE RA 128 39.52 -12.18 -9.52
C ILE RA 128 39.67 -11.43 -10.84
N ASN RA 129 40.23 -10.22 -10.74
CA ASN RA 129 40.37 -9.35 -11.91
C ASN RA 129 41.58 -8.46 -11.71
N GLY RA 130 41.86 -7.64 -12.71
CA GLY RA 130 43.02 -6.79 -12.68
C GLY RA 130 44.22 -7.46 -13.30
N VAL RA 131 45.33 -7.52 -12.56
CA VAL RA 131 46.54 -8.16 -13.02
C VAL RA 131 47.09 -9.05 -11.92
N TRP RA 132 47.87 -10.03 -12.33
CA TRP RA 132 48.72 -10.79 -11.43
C TRP RA 132 50.18 -10.41 -11.69
N VAL RA 133 51.05 -10.76 -10.76
CA VAL RA 133 52.42 -10.25 -10.79
C VAL RA 133 53.41 -11.40 -10.73
N MET RA 134 54.49 -11.26 -11.50
CA MET RA 134 55.66 -12.11 -11.45
C MET RA 134 56.84 -11.30 -10.91
N MET RA 135 57.69 -11.95 -10.13
CA MET RA 135 58.85 -11.29 -9.52
C MET RA 135 60.08 -11.67 -10.34
N CYS RA 136 60.40 -10.85 -11.33
CA CYS RA 136 61.60 -11.03 -12.14
C CYS RA 136 62.76 -10.39 -11.39
N GLY RA 137 63.46 -11.21 -10.62
CA GLY RA 137 64.49 -10.69 -9.74
C GLY RA 137 63.91 -9.77 -8.69
N ASP RA 138 64.29 -8.49 -8.74
CA ASP RA 138 63.73 -7.48 -7.85
C ASP RA 138 62.65 -6.64 -8.53
N GLU RA 139 62.32 -6.93 -9.78
CA GLU RA 139 61.33 -6.18 -10.53
C GLU RA 139 60.00 -6.92 -10.56
N GLN RA 140 58.92 -6.15 -10.73
CA GLN RA 140 57.56 -6.67 -10.73
C GLN RA 140 56.99 -6.54 -12.13
N VAL RA 141 56.59 -7.66 -12.72
CA VAL RA 141 56.00 -7.70 -14.05
C VAL RA 141 54.52 -8.02 -13.90
N GLU RA 142 53.67 -7.21 -14.54
CA GLU RA 142 52.23 -7.36 -14.41
C GLU RA 142 51.65 -8.01 -15.66
N TYR RA 143 50.85 -9.05 -15.47
CA TYR RA 143 50.18 -9.77 -16.53
C TYR RA 143 48.67 -9.65 -16.33
N PRO RA 144 47.91 -9.32 -17.38
CA PRO RA 144 46.46 -9.22 -17.22
C PRO RA 144 45.85 -10.56 -16.84
N LEU RA 145 44.85 -10.50 -15.96
CA LEU RA 145 44.16 -11.69 -15.51
C LEU RA 145 42.97 -12.08 -16.38
N LYS RA 146 42.54 -11.21 -17.28
CA LYS RA 146 41.37 -11.51 -18.12
C LYS RA 146 41.55 -12.76 -18.97
N PRO RA 147 42.64 -12.95 -19.70
CA PRO RA 147 42.79 -14.21 -20.46
C PRO RA 147 42.82 -15.44 -19.57
N ILE RA 148 43.36 -15.32 -18.36
CA ILE RA 148 43.47 -16.46 -17.46
C ILE RA 148 42.08 -16.92 -17.02
N VAL RA 149 41.19 -15.98 -16.73
CA VAL RA 149 39.90 -16.32 -16.14
C VAL RA 149 38.84 -16.57 -17.20
N GLU RA 150 38.84 -15.80 -18.29
CA GLU RA 150 37.76 -15.92 -19.27
C GLU RA 150 37.87 -17.18 -20.11
N ASN RA 151 39.04 -17.81 -20.18
CA ASN RA 151 39.24 -19.00 -20.98
C ASN RA 151 39.29 -20.28 -20.16
N ALA RA 152 39.12 -20.20 -18.84
CA ALA RA 152 39.20 -21.37 -17.98
C ALA RA 152 37.82 -22.01 -17.88
N LYS RA 153 37.71 -23.22 -18.42
CA LYS RA 153 36.45 -23.94 -18.40
C LYS RA 153 36.63 -25.31 -17.75
N PRO RA 154 35.68 -25.75 -16.92
CA PRO RA 154 34.44 -25.05 -16.54
C PRO RA 154 34.70 -23.89 -15.58
N THR RA 155 35.70 -24.00 -14.72
CA THR RA 155 36.07 -22.93 -13.81
C THR RA 155 37.58 -22.80 -13.79
N LEU RA 156 38.06 -21.68 -13.23
CA LEU RA 156 39.50 -21.50 -13.07
C LEU RA 156 40.06 -22.45 -12.01
N ARG RA 157 39.26 -22.76 -10.98
CA ARG RA 157 39.70 -23.70 -9.96
C ARG RA 157 39.94 -25.09 -10.55
N GLN RA 158 39.06 -25.54 -11.44
CA GLN RA 158 39.23 -26.83 -12.08
C GLN RA 158 40.46 -26.85 -12.98
N ILE RA 159 40.75 -25.73 -13.64
CA ILE RA 159 41.95 -25.64 -14.46
C ILE RA 159 43.20 -25.69 -13.59
N MET RA 160 43.23 -24.90 -12.52
CA MET RA 160 44.40 -24.86 -11.66
C MET RA 160 44.56 -26.11 -10.81
N ALA RA 161 43.52 -26.95 -10.71
CA ALA RA 161 43.66 -28.24 -10.06
C ALA RA 161 44.72 -29.10 -10.71
N HIS RA 162 45.03 -28.88 -11.99
CA HIS RA 162 46.12 -29.59 -12.63
C HIS RA 162 47.47 -29.24 -12.03
N PHE RA 163 47.56 -28.11 -11.32
CA PHE RA 163 48.80 -27.64 -10.72
C PHE RA 163 48.92 -28.00 -9.24
N SER RA 164 48.01 -28.83 -8.71
CA SER RA 164 47.90 -28.99 -7.27
C SER RA 164 49.13 -29.68 -6.68
N ASP RA 165 49.61 -30.79 -7.30
CA ASP RA 165 50.78 -31.50 -6.78
C ASP RA 165 52.03 -30.61 -6.84
N VAL RA 166 52.20 -29.86 -7.94
CA VAL RA 166 53.34 -28.98 -8.04
C VAL RA 166 53.25 -27.85 -7.02
N ALA RA 167 52.04 -27.35 -6.79
CA ALA RA 167 51.86 -26.30 -5.78
C ALA RA 167 52.22 -26.80 -4.39
N GLU RA 168 51.79 -28.01 -4.05
CA GLU RA 168 52.13 -28.58 -2.75
C GLU RA 168 53.64 -28.77 -2.61
N ALA RA 169 54.28 -29.29 -3.66
CA ALA RA 169 55.73 -29.46 -3.63
C ALA RA 169 56.44 -28.13 -3.50
N TYR RA 170 55.97 -27.10 -4.20
CA TYR RA 170 56.58 -25.78 -4.14
C TYR RA 170 56.44 -25.18 -2.74
N ILE RA 171 55.27 -25.34 -2.11
CA ILE RA 171 55.08 -24.82 -0.77
C ILE RA 171 56.02 -25.52 0.21
N GLU RA 172 56.17 -26.83 0.09
CA GLU RA 172 57.11 -27.54 0.96
C GLU RA 172 58.55 -27.06 0.75
N MET RA 173 58.92 -26.88 -0.53
CA MET RA 173 60.26 -26.41 -0.83
C MET RA 173 60.52 -25.02 -0.25
N ARG RA 174 59.56 -24.12 -0.39
CA ARG RA 174 59.73 -22.78 0.17
C ARG RA 174 59.78 -22.82 1.69
N ASN RA 175 58.99 -23.69 2.31
CA ASN RA 175 59.03 -23.82 3.77
C ASN RA 175 60.34 -24.45 4.25
N LYS RA 176 61.07 -25.15 3.39
CA LYS RA 176 62.37 -25.66 3.79
C LYS RA 176 63.37 -24.55 4.11
N LYS RA 177 63.20 -23.35 3.55
CA LYS RA 177 64.15 -22.26 3.73
C LYS RA 177 63.63 -21.10 4.57
N GLU RA 178 62.37 -20.99 4.73
CA GLU RA 178 61.81 -19.90 5.52
C GLU RA 178 60.35 -20.19 5.85
N PRO RA 179 59.74 -19.49 6.86
CA PRO RA 179 58.30 -19.65 7.13
C PRO RA 179 57.48 -19.17 5.94
N TYR RA 180 56.75 -20.09 5.33
CA TYR RA 180 56.00 -19.82 4.11
C TYR RA 180 54.61 -20.44 4.23
N MET RA 181 53.66 -19.66 4.71
CA MET RA 181 52.26 -20.04 4.71
C MET RA 181 51.53 -19.25 3.65
N PRO RA 182 50.86 -19.90 2.70
CA PRO RA 182 50.16 -19.16 1.66
C PRO RA 182 49.11 -18.23 2.25
N ARG RA 183 48.90 -17.10 1.59
CA ARG RA 183 47.97 -16.09 2.10
C ARG RA 183 46.58 -16.66 2.29
N TYR RA 184 46.22 -17.69 1.52
CA TYR RA 184 44.95 -18.38 1.75
C TYR RA 184 44.90 -18.98 3.15
N GLY RA 185 45.98 -19.63 3.58
CA GLY RA 185 46.04 -20.19 4.91
C GLY RA 185 46.14 -19.15 6.01
N LEU RA 186 46.60 -17.95 5.69
CA LEU RA 186 46.58 -16.85 6.65
C LEU RA 186 45.18 -16.27 6.81
N VAL RA 187 44.42 -16.21 5.71
CA VAL RA 187 43.03 -15.76 5.80
C VAL RA 187 42.18 -16.79 6.55
N ARG RA 188 42.45 -18.07 6.34
CA ARG RA 188 41.72 -19.11 7.04
C ARG RA 188 42.14 -19.27 8.49
N ASN RA 189 43.19 -18.56 8.91
CA ASN RA 189 43.68 -18.62 10.29
C ASN RA 189 44.07 -20.04 10.69
N LEU RA 190 44.75 -20.73 9.78
CA LEU RA 190 45.26 -22.06 10.07
C LEU RA 190 46.48 -21.94 10.98
N ARG RA 191 46.39 -22.53 12.18
CA ARG RA 191 47.40 -22.35 13.21
C ARG RA 191 48.50 -23.39 13.17
N ASP RA 192 48.49 -24.31 12.20
CA ASP RA 192 49.51 -25.33 12.07
C ASP RA 192 50.37 -25.02 10.85
N GLY RA 193 51.68 -24.88 11.06
CA GLY RA 193 52.57 -24.59 9.96
C GLY RA 193 52.93 -25.81 9.13
N SER RA 194 52.82 -27.00 9.70
CA SER RA 194 53.10 -28.21 8.95
C SER RA 194 52.02 -28.55 7.94
N LEU RA 195 50.87 -27.89 8.03
CA LEU RA 195 49.79 -28.07 7.07
C LEU RA 195 49.76 -26.99 5.99
N ALA RA 196 50.83 -26.19 5.89
CA ALA RA 196 50.87 -25.12 4.89
C ALA RA 196 50.82 -25.66 3.47
N ARG RA 197 51.29 -26.89 3.25
CA ARG RA 197 51.36 -27.45 1.91
C ARG RA 197 49.99 -27.75 1.31
N TYR RA 198 48.92 -27.72 2.11
CA TYR RA 198 47.57 -27.95 1.63
C TYR RA 198 46.69 -26.70 1.71
N ALA RA 199 47.25 -25.57 2.12
CA ALA RA 199 46.46 -24.38 2.42
C ALA RA 199 46.34 -23.45 1.21
N PHE RA 200 45.80 -23.99 0.12
CA PHE RA 200 45.40 -23.18 -1.01
C PHE RA 200 44.06 -23.69 -1.53
N ASP RA 201 43.31 -22.83 -2.21
CA ASP RA 201 41.92 -23.14 -2.49
C ASP RA 201 41.73 -24.03 -3.71
N PHE RA 202 42.75 -24.25 -4.52
CA PHE RA 202 42.65 -25.18 -5.64
C PHE RA 202 43.34 -26.51 -5.37
N TYR RA 203 43.61 -26.82 -4.10
CA TYR RA 203 44.20 -28.10 -3.75
C TYR RA 203 43.21 -29.22 -4.00
N GLU RA 204 43.70 -30.30 -4.61
CA GLU RA 204 42.87 -31.45 -4.97
C GLU RA 204 43.14 -32.58 -3.98
N VAL RA 205 42.09 -33.00 -3.28
CA VAL RA 205 42.21 -34.09 -2.32
C VAL RA 205 42.24 -35.41 -3.08
N THR RA 206 43.20 -36.25 -2.75
CA THR RA 206 43.39 -37.55 -3.38
C THR RA 206 43.36 -38.64 -2.32
N SER RA 207 43.54 -39.89 -2.78
CA SER RA 207 43.60 -41.02 -1.86
C SER RA 207 44.88 -41.02 -1.04
N ARG RA 208 45.89 -40.26 -1.45
CA ARG RA 208 47.15 -40.17 -0.72
C ARG RA 208 47.22 -38.99 0.23
N THR RA 209 46.20 -38.14 0.24
CA THR RA 209 46.16 -37.03 1.19
C THR RA 209 46.00 -37.56 2.61
N PRO RA 210 46.82 -37.12 3.55
CA PRO RA 210 46.67 -37.58 4.94
C PRO RA 210 45.33 -37.18 5.52
N VAL RA 211 44.83 -38.03 6.42
CA VAL RA 211 43.50 -37.82 7.00
C VAL RA 211 43.41 -36.49 7.72
N ARG RA 212 44.46 -36.13 8.46
CA ARG RA 212 44.48 -34.83 9.13
C ARG RA 212 44.46 -33.69 8.13
N ALA RA 213 45.25 -33.81 7.05
CA ALA RA 213 45.25 -32.79 6.00
C ALA RA 213 43.89 -32.70 5.33
N ARG RA 214 43.23 -33.84 5.10
CA ARG RA 214 41.91 -33.83 4.50
C ARG RA 214 40.91 -33.12 5.40
N GLU RA 215 40.96 -33.40 6.70
CA GLU RA 215 40.08 -32.73 7.64
C GLU RA 215 40.33 -31.22 7.66
N ALA RA 216 41.60 -30.82 7.68
CA ALA RA 216 41.92 -29.39 7.70
C ALA RA 216 41.44 -28.71 6.42
N HIS RA 217 41.64 -29.34 5.27
CA HIS RA 217 41.21 -28.75 4.01
C HIS RA 217 39.70 -28.62 3.95
N ILE RA 218 38.97 -29.64 4.41
CA ILE RA 218 37.51 -29.57 4.37
C ILE RA 218 37.00 -28.49 5.33
N GLN RA 219 37.61 -28.37 6.51
CA GLN RA 219 37.23 -27.30 7.43
C GLN RA 219 37.52 -25.92 6.82
N MET RA 220 38.66 -25.77 6.16
CA MET RA 220 38.97 -24.50 5.52
C MET RA 220 37.97 -24.16 4.42
N LYS RA 221 37.60 -25.16 3.61
CA LYS RA 221 36.61 -24.93 2.56
C LYS RA 221 35.26 -24.53 3.15
N ALA RA 222 34.84 -25.21 4.22
CA ALA RA 222 33.57 -24.87 4.85
C ALA RA 222 33.60 -23.47 5.44
N ALA RA 223 34.71 -23.09 6.08
CA ALA RA 223 34.84 -21.75 6.63
C ALA RA 223 34.85 -20.68 5.54
N ALA RA 224 35.50 -20.96 4.41
CA ALA RA 224 35.60 -19.97 3.34
C ALA RA 224 34.27 -19.80 2.62
N LEU RA 225 33.56 -20.91 2.36
CA LEU RA 225 32.31 -20.81 1.61
C LEU RA 225 31.18 -20.23 2.47
N LYS RA 226 31.18 -20.52 3.77
CA LYS RA 226 30.18 -20.03 4.72
C LYS RA 226 28.81 -20.54 4.24
N SER RA 227 27.80 -19.68 4.12
CA SER RA 227 26.47 -20.07 3.68
C SER RA 227 26.11 -19.37 2.37
N ALA RA 228 27.06 -19.28 1.45
CA ALA RA 228 26.82 -18.61 0.18
C ALA RA 228 25.84 -19.42 -0.66
N GLN RA 229 24.80 -18.74 -1.17
CA GLN RA 229 23.79 -19.36 -2.00
C GLN RA 229 23.88 -18.80 -3.40
N SER RA 230 23.89 -19.71 -4.35
CA SER RA 230 23.99 -19.34 -5.73
C SER RA 230 22.70 -18.88 -6.34
N ARG RA 231 22.77 -17.80 -7.07
CA ARG RA 231 21.63 -17.31 -7.81
C ARG RA 231 21.81 -17.64 -9.28
N LEU RA 232 20.81 -18.32 -9.96
CA LEU RA 232 20.90 -18.73 -11.35
C LEU RA 232 20.78 -17.56 -12.32
N PHE RA 233 20.16 -16.46 -11.90
CA PHE RA 233 19.88 -15.36 -12.80
C PHE RA 233 20.26 -14.03 -12.14
N GLY RA 234 20.63 -13.07 -12.99
CA GLY RA 234 20.74 -11.69 -12.58
C GLY RA 234 19.52 -10.91 -13.04
N LEU RA 235 19.69 -9.58 -13.11
CA LEU RA 235 18.62 -8.75 -13.64
C LEU RA 235 18.45 -9.01 -15.13
N ASP RA 236 17.20 -9.22 -15.55
CA ASP RA 236 16.92 -9.52 -16.94
C ASP RA 236 17.27 -8.34 -17.84
N GLY RA 237 17.88 -8.63 -18.98
CA GLY RA 237 18.34 -7.60 -19.90
C GLY RA 237 17.24 -6.94 -20.71
N GLY RA 238 16.05 -7.53 -20.74
CA GLY RA 238 14.93 -6.86 -21.39
C GLY RA 238 14.44 -5.70 -20.54
N ILE RA 239 14.70 -4.48 -20.99
CA ILE RA 239 14.44 -3.31 -20.15
C ILE RA 239 13.03 -2.76 -20.37
N SER RA 240 12.62 -2.63 -21.63
CA SER RA 240 11.33 -2.03 -21.93
C SER RA 240 10.19 -2.86 -21.37
N THR RA 241 9.30 -2.21 -20.62
CA THR RA 241 8.11 -2.86 -20.09
C THR RA 241 6.82 -2.30 -20.68
N GLN RA 242 6.83 -1.07 -21.17
CA GLN RA 242 5.66 -0.46 -21.78
C GLN RA 242 5.50 -0.92 -23.22
N GLU RA 243 4.40 -0.53 -23.84
CA GLU RA 243 4.13 -0.81 -25.24
C GLU RA 243 4.38 0.44 -26.06
N GLU RA 244 4.90 0.24 -27.28
CA GLU RA 244 5.21 1.37 -28.14
C GLU RA 244 3.93 2.10 -28.55
N ASN RA 245 4.00 3.43 -28.54
CA ASN RA 245 2.87 4.27 -28.94
C ASN RA 245 2.88 4.42 -30.45
N THR RA 246 1.94 3.78 -31.13
CA THR RA 246 1.83 3.83 -32.58
C THR RA 246 0.80 4.83 -33.06
N GLU RA 247 0.17 5.57 -32.15
CA GLU RA 247 -0.92 6.46 -32.53
C GLU RA 247 -0.40 7.69 -33.28
N ARG RA 248 -1.16 8.11 -34.28
CA ARG RA 248 -0.83 9.30 -35.05
C ARG RA 248 -1.04 10.56 -34.20
N HIS RA 249 -0.57 11.69 -34.74
CA HIS RA 249 -0.76 12.98 -34.09
C HIS RA 249 -0.85 14.03 -35.18
N THR RA 250 -2.03 14.62 -35.35
CA THR RA 250 -2.28 15.60 -36.39
C THR RA 250 -2.58 16.96 -35.77
N THR RA 251 -2.58 18.00 -36.61
CA THR RA 251 -2.89 19.34 -36.15
C THR RA 251 -4.37 19.52 -35.82
N GLU RA 252 -5.22 18.56 -36.17
CA GLU RA 252 -6.62 18.61 -35.79
C GLU RA 252 -6.86 18.13 -34.37
N ASP RA 253 -5.87 17.51 -33.73
CA ASP RA 253 -6.05 16.99 -32.38
C ASP RA 253 -6.22 18.15 -31.40
N VAL RA 254 -7.16 17.98 -30.47
CA VAL RA 254 -7.39 19.00 -29.45
C VAL RA 254 -6.20 19.12 -28.51
N SER RA 255 -5.46 18.03 -28.33
CA SER RA 255 -4.30 18.01 -27.44
C SER RA 255 -3.37 16.90 -27.91
N PRO RA 256 -2.13 16.89 -27.44
CA PRO RA 256 -1.21 15.81 -27.83
C PRO RA 256 -1.66 14.42 -27.41
N SER RA 257 -2.58 14.31 -26.44
CA SER RA 257 -3.01 13.02 -25.94
C SER RA 257 -4.45 12.67 -26.29
N MET RA 258 -5.25 13.63 -26.75
CA MET RA 258 -6.65 13.39 -27.08
C MET RA 258 -6.91 13.87 -28.50
N HIS RA 259 -7.52 13.01 -29.32
CA HIS RA 259 -7.87 13.41 -30.67
C HIS RA 259 -9.03 14.41 -30.67
N THR RA 260 -10.08 14.12 -29.92
CA THR RA 260 -11.25 15.00 -29.84
C THR RA 260 -11.83 14.92 -28.42
N LEU RA 261 -12.94 15.61 -28.23
CA LEU RA 261 -13.71 15.62 -26.99
C LEU RA 261 -15.17 15.28 -27.28
N LEU RA 262 -15.37 14.18 -28.02
CA LEU RA 262 -16.65 13.92 -28.68
C LEU RA 262 -17.82 13.91 -27.70
N GLY RA 263 -17.77 13.10 -26.67
CA GLY RA 263 -18.95 13.01 -25.82
C GLY RA 263 -19.14 14.13 -24.84
N VAL RA 264 -18.25 15.11 -24.85
CA VAL RA 264 -18.31 16.17 -23.86
C VAL RA 264 -19.46 17.14 -24.09
N LYS RA 265 -20.18 17.40 -23.02
CA LYS RA 265 -21.28 18.38 -23.07
C LYS RA 265 -20.87 19.62 -22.26
N ASN RA 266 -21.05 20.80 -22.83
CA ASN RA 266 -20.69 22.05 -22.18
C ASN RA 266 -21.59 22.31 -20.94
N MET RA 267 -22.88 21.93 -20.99
CA MET RA 267 -23.77 22.11 -19.85
C MET RA 267 -24.69 20.92 -19.67
N VAL SA 44 28.72 -18.99 -50.53
CA VAL SA 44 27.29 -19.08 -50.81
C VAL SA 44 26.85 -17.95 -51.72
N PRO SA 45 25.86 -18.19 -52.57
CA PRO SA 45 25.41 -17.15 -53.50
C PRO SA 45 24.76 -15.99 -52.77
N ARG SA 46 24.81 -14.82 -53.41
CA ARG SA 46 24.23 -13.60 -52.87
C ARG SA 46 22.86 -13.36 -53.50
N ILE SA 47 21.94 -12.85 -52.69
CA ILE SA 47 20.56 -12.63 -53.12
C ILE SA 47 20.45 -11.24 -53.72
N LYS SA 48 19.82 -11.16 -54.90
CA LYS SA 48 19.60 -9.88 -55.54
C LYS SA 48 18.51 -9.10 -54.80
N ALA SA 49 18.65 -7.78 -54.80
CA ALA SA 49 17.70 -6.92 -54.10
C ALA SA 49 16.31 -7.03 -54.72
N ILE SA 50 16.19 -6.68 -56.00
CA ILE SA 50 14.94 -6.78 -56.74
C ILE SA 50 15.12 -7.85 -57.80
N THR SA 51 14.58 -9.03 -57.55
CA THR SA 51 14.72 -10.17 -58.46
C THR SA 51 13.48 -10.31 -59.33
N SER SA 52 13.52 -11.28 -60.24
CA SER SA 52 12.38 -11.59 -61.08
C SER SA 52 11.38 -12.52 -60.39
N LYS SA 53 11.75 -13.12 -59.27
CA LYS SA 53 10.81 -13.98 -58.54
C LYS SA 53 9.62 -13.18 -58.03
N MET SA 54 9.90 -11.95 -57.62
CA MET SA 54 8.85 -11.08 -57.14
C MET SA 54 7.99 -10.65 -58.29
N ARG SA 55 6.73 -10.32 -58.00
CA ARG SA 55 5.81 -9.90 -59.05
C ARG SA 55 6.02 -8.50 -59.55
N MET SA 56 6.08 -8.37 -60.85
CA MET SA 56 6.25 -7.06 -61.46
C MET SA 56 4.99 -6.67 -62.20
N PRO SA 57 4.73 -5.36 -62.37
CA PRO SA 57 3.58 -4.93 -63.19
C PRO SA 57 3.79 -5.32 -64.64
N LYS SA 58 2.83 -6.04 -65.20
CA LYS SA 58 2.92 -6.55 -66.55
C LYS SA 58 1.75 -6.06 -67.38
N SER SA 59 2.01 -5.74 -68.64
CA SER SA 59 0.98 -5.35 -69.60
C SER SA 59 1.17 -6.14 -70.88
N LYS SA 60 0.09 -6.82 -71.32
CA LYS SA 60 0.11 -7.64 -72.53
C LYS SA 60 1.21 -8.70 -72.47
N GLY SA 61 1.35 -9.33 -71.31
CA GLY SA 61 2.34 -10.38 -71.16
C GLY SA 61 3.77 -9.90 -71.27
N ALA SA 62 4.09 -8.78 -70.63
CA ALA SA 62 5.44 -8.24 -70.65
C ALA SA 62 5.58 -7.27 -69.48
N THR SA 63 6.65 -7.45 -68.71
CA THR SA 63 6.91 -6.56 -67.58
C THR SA 63 7.16 -5.14 -68.08
N VAL SA 64 6.59 -4.18 -67.37
CA VAL SA 64 6.66 -2.78 -67.78
C VAL SA 64 7.81 -2.05 -67.10
N LEU SA 65 8.69 -2.77 -66.40
CA LEU SA 65 9.83 -2.18 -65.73
C LEU SA 65 11.13 -2.77 -66.27
N ASN SA 66 12.18 -1.95 -66.26
CA ASN SA 66 13.52 -2.38 -66.66
C ASN SA 66 14.30 -2.71 -65.38
N LEU SA 67 14.46 -4.00 -65.11
CA LEU SA 67 15.03 -4.42 -63.83
C LEU SA 67 16.48 -3.97 -63.67
N GLU SA 68 17.28 -4.07 -64.73
CA GLU SA 68 18.69 -3.70 -64.62
C GLU SA 68 18.86 -2.21 -64.36
N HIS SA 69 18.19 -1.38 -65.16
CA HIS SA 69 18.28 0.07 -64.96
C HIS SA 69 17.76 0.47 -63.58
N LEU SA 70 16.64 -0.13 -63.16
CA LEU SA 70 16.08 0.18 -61.84
C LEU SA 70 17.05 -0.19 -60.73
N LEU SA 71 17.70 -1.35 -60.85
CA LEU SA 71 18.72 -1.72 -59.87
C LEU SA 71 19.90 -0.76 -59.90
N GLU SA 72 20.16 -0.13 -61.06
CA GLU SA 72 21.21 0.87 -61.15
C GLU SA 72 20.71 2.30 -60.99
N TYR SA 73 19.40 2.50 -60.80
CA TYR SA 73 18.82 3.83 -60.70
C TYR SA 73 18.83 4.28 -59.25
N ALA SA 74 19.70 5.24 -58.92
CA ALA SA 74 19.83 5.76 -57.56
C ALA SA 74 19.87 7.28 -57.58
N PRO SA 75 18.76 7.94 -57.90
CA PRO SA 75 18.75 9.39 -57.88
C PRO SA 75 18.78 9.93 -56.46
N GLN SA 76 19.31 11.14 -56.32
CA GLN SA 76 19.23 11.84 -55.04
C GLN SA 76 17.78 12.22 -54.75
N GLN SA 77 17.39 12.08 -53.49
CA GLN SA 77 15.98 12.27 -53.12
C GLN SA 77 15.55 13.72 -53.34
N ILE SA 78 16.42 14.68 -53.04
CA ILE SA 78 16.08 16.08 -53.23
C ILE SA 78 15.99 16.45 -54.70
N ASP SA 79 16.56 15.63 -55.60
CA ASP SA 79 16.53 15.91 -57.02
C ASP SA 79 15.22 15.53 -57.69
N ILE SA 80 14.40 14.70 -57.04
CA ILE SA 80 13.17 14.20 -57.64
C ILE SA 80 11.93 14.56 -56.82
N SER SA 81 12.09 15.40 -55.79
CA SER SA 81 10.97 15.85 -54.99
C SER SA 81 10.30 17.05 -55.65
N ASN SA 82 8.98 17.16 -55.45
CA ASN SA 82 8.22 18.26 -56.01
C ASN SA 82 8.02 19.41 -55.03
N THR SA 83 8.65 19.34 -53.86
CA THR SA 83 8.70 20.46 -52.93
C THR SA 83 9.86 21.40 -53.21
N ARG SA 84 10.63 21.12 -54.25
CA ARG SA 84 11.77 21.93 -54.65
C ARG SA 84 11.64 22.24 -56.13
N ALA SA 85 11.98 23.47 -56.52
CA ALA SA 85 11.89 23.85 -57.92
C ALA SA 85 12.86 23.01 -58.75
N THR SA 86 12.46 22.72 -59.98
CA THR SA 86 13.32 21.94 -60.87
C THR SA 86 14.54 22.75 -61.27
N GLN SA 87 15.55 22.05 -61.80
CA GLN SA 87 16.78 22.71 -62.19
C GLN SA 87 16.52 23.73 -63.29
N SER SA 88 15.62 23.42 -64.23
CA SER SA 88 15.28 24.36 -65.29
C SER SA 88 14.63 25.62 -64.71
N GLN SA 89 13.72 25.45 -63.75
CA GLN SA 89 13.08 26.60 -63.12
C GLN SA 89 14.09 27.43 -62.34
N PHE SA 90 15.03 26.77 -61.67
CA PHE SA 90 16.07 27.50 -60.94
C PHE SA 90 16.96 28.28 -61.89
N ASP SA 91 17.34 27.68 -63.01
CA ASP SA 91 18.15 28.40 -64.00
C ASP SA 91 17.39 29.59 -64.57
N THR SA 92 16.10 29.41 -64.85
CA THR SA 92 15.29 30.51 -65.36
C THR SA 92 15.24 31.66 -64.35
N TRP SA 93 15.02 31.34 -63.07
CA TRP SA 93 14.97 32.37 -62.04
C TRP SA 93 16.32 33.08 -61.90
N TYR SA 94 17.41 32.31 -61.89
CA TYR SA 94 18.74 32.89 -61.75
C TYR SA 94 19.07 33.81 -62.93
N GLU SA 95 18.76 33.38 -64.15
CA GLU SA 95 19.00 34.21 -65.32
C GLU SA 95 18.15 35.47 -65.30
N ALA SA 96 16.89 35.35 -64.88
CA ALA SA 96 16.02 36.52 -64.83
C ALA SA 96 16.51 37.53 -63.79
N VAL SA 97 16.96 37.05 -62.63
CA VAL SA 97 17.48 37.94 -61.61
C VAL SA 97 18.77 38.61 -62.09
N GLN SA 98 19.68 37.86 -62.80
CA GLN SA 98 20.89 38.44 -63.39
C GLN SA 98 20.54 39.55 -64.37
N LEU SA 99 19.55 39.26 -65.20
CA LEU SA 99 19.16 40.25 -66.20
C LEU SA 99 18.59 41.50 -65.54
N ALA SA 100 17.75 41.33 -64.52
CA ALA SA 100 17.11 42.48 -63.90
C ALA SA 100 18.10 43.31 -63.10
N TYR SA 101 19.06 42.67 -62.43
CA TYR SA 101 20.02 43.39 -61.61
C TYR SA 101 21.16 43.99 -62.42
N ASP SA 102 21.32 43.60 -63.68
CA ASP SA 102 22.41 44.09 -64.53
C ASP SA 102 23.77 43.84 -63.88
N ILE SA 103 23.94 42.63 -63.35
CA ILE SA 103 25.14 42.23 -62.63
C ILE SA 103 25.82 41.11 -63.40
N GLY SA 104 27.14 41.19 -63.51
CA GLY SA 104 27.89 40.17 -64.21
C GLY SA 104 27.91 38.85 -63.47
N GLU SA 105 28.36 37.82 -64.20
CA GLU SA 105 28.38 36.47 -63.66
C GLU SA 105 29.43 36.28 -62.57
N THR SA 106 30.31 37.24 -62.35
CA THR SA 106 31.33 37.12 -61.32
C THR SA 106 30.90 37.74 -59.99
N GLU SA 107 30.16 38.85 -60.04
CA GLU SA 107 29.64 39.47 -58.82
C GLU SA 107 28.29 38.91 -58.41
N MET SA 108 27.66 38.10 -59.25
CA MET SA 108 26.35 37.55 -58.93
C MET SA 108 26.35 36.62 -57.71
N PRO SA 109 27.32 35.70 -57.54
CA PRO SA 109 27.29 34.83 -56.35
C PRO SA 109 27.36 35.59 -55.03
N THR SA 110 28.03 36.75 -54.98
CA THR SA 110 28.04 37.54 -53.76
C THR SA 110 26.63 38.04 -53.42
N VAL SA 111 25.92 38.53 -54.44
CA VAL SA 111 24.54 38.96 -54.25
C VAL SA 111 23.67 37.77 -53.84
N MET SA 112 23.96 36.59 -54.37
CA MET SA 112 23.23 35.39 -53.97
C MET SA 112 23.49 35.04 -52.52
N ASN SA 113 24.74 35.19 -52.05
CA ASN SA 113 25.05 34.98 -50.65
C ASN SA 113 24.24 35.93 -49.77
N GLY SA 114 24.26 37.22 -50.11
CA GLY SA 114 23.49 38.18 -49.35
C GLY SA 114 22.00 37.87 -49.32
N LEU SA 115 21.45 37.49 -50.48
CA LEU SA 115 20.03 37.17 -50.56
C LEU SA 115 19.70 35.94 -49.73
N MET SA 116 20.58 34.93 -49.75
CA MET SA 116 20.34 33.74 -48.94
C MET SA 116 20.32 34.07 -47.45
N VAL SA 117 21.26 34.91 -47.00
CA VAL SA 117 21.28 35.28 -45.59
C VAL SA 117 20.03 36.10 -45.23
N TRP SA 118 19.66 37.03 -46.09
CA TRP SA 118 18.46 37.83 -45.86
C TRP SA 118 17.21 36.95 -45.79
N CYS SA 119 17.13 35.93 -46.65
CA CYS SA 119 15.97 35.05 -46.66
C CYS SA 119 15.97 34.12 -45.45
N ILE SA 120 17.14 33.74 -44.96
CA ILE SA 120 17.22 33.03 -43.69
C ILE SA 120 16.59 33.88 -42.59
N GLU SA 121 16.92 35.17 -42.58
CA GLU SA 121 16.41 36.03 -41.51
C GLU SA 121 14.91 36.31 -41.65
N ASN SA 122 14.45 36.63 -42.86
CA ASN SA 122 13.15 37.26 -43.03
C ASN SA 122 12.13 36.41 -43.78
N GLY SA 123 12.49 35.20 -44.19
CA GLY SA 123 11.54 34.33 -44.84
C GLY SA 123 11.44 34.54 -46.34
N THR SA 124 10.64 33.68 -46.97
CA THR SA 124 10.47 33.64 -48.41
C THR SA 124 9.00 33.62 -48.79
N SER SA 125 8.20 34.44 -48.14
CA SER SA 125 6.78 34.51 -48.44
C SER SA 125 6.56 35.16 -49.82
N PRO SA 126 5.49 34.76 -50.52
CA PRO SA 126 5.19 35.42 -51.80
C PRO SA 126 4.83 36.88 -51.66
N ASN SA 127 4.47 37.33 -50.47
CA ASN SA 127 4.03 38.69 -50.23
C ASN SA 127 5.15 39.64 -49.83
N ILE SA 128 6.38 39.15 -49.68
CA ILE SA 128 7.49 40.03 -49.35
C ILE SA 128 7.71 41.00 -50.49
N ASN SA 129 7.97 42.26 -50.14
CA ASN SA 129 8.11 43.32 -51.14
C ASN SA 129 9.05 44.37 -50.59
N GLY SA 130 9.32 45.38 -51.40
CA GLY SA 130 10.25 46.43 -51.02
C GLY SA 130 11.65 46.10 -51.47
N VAL SA 131 12.60 46.12 -50.54
CA VAL SA 131 13.99 45.80 -50.83
C VAL SA 131 14.51 44.85 -49.77
N TRP SA 132 15.56 44.12 -50.14
CA TRP SA 132 16.38 43.40 -49.18
C TRP SA 132 17.74 44.08 -49.12
N VAL SA 133 18.51 43.75 -48.09
CA VAL SA 133 19.72 44.50 -47.77
C VAL SA 133 20.91 43.56 -47.67
N MET SA 134 22.04 44.03 -48.18
CA MET SA 134 23.35 43.41 -48.00
C MET SA 134 24.22 44.32 -47.16
N MET SA 135 25.03 43.72 -46.30
CA MET SA 135 25.91 44.46 -45.41
C MET SA 135 27.32 44.46 -45.99
N CYS SA 136 27.62 45.48 -46.79
CA CYS SA 136 28.94 45.67 -47.37
C CYS SA 136 29.80 46.37 -46.33
N GLY SA 137 30.52 45.58 -45.54
CA GLY SA 137 31.25 46.12 -44.41
C GLY SA 137 30.32 46.74 -43.40
N ASP SA 138 30.42 48.05 -43.20
CA ASP SA 138 29.52 48.78 -42.32
C ASP SA 138 28.42 49.51 -43.08
N GLU SA 139 28.37 49.37 -44.41
CA GLU SA 139 27.38 50.06 -45.23
C GLU SA 139 26.26 49.09 -45.63
N GLN SA 140 25.10 49.66 -45.89
CA GLN SA 140 23.90 48.90 -46.23
C GLN SA 140 23.54 49.16 -47.69
N VAL SA 141 23.50 48.09 -48.49
CA VAL SA 141 23.17 48.17 -49.90
C VAL SA 141 21.78 47.56 -50.09
N GLU SA 142 20.90 48.28 -50.78
CA GLU SA 142 19.52 47.86 -50.96
C GLU SA 142 19.31 47.34 -52.37
N TYR SA 143 18.74 46.15 -52.47
CA TYR SA 143 18.42 45.51 -53.73
C TYR SA 143 16.91 45.31 -53.82
N PRO SA 144 16.29 45.66 -54.95
CA PRO SA 144 14.84 45.46 -55.07
C PRO SA 144 14.47 43.99 -55.00
N LEU SA 145 13.34 43.71 -54.34
CA LEU SA 145 12.86 42.35 -54.18
C LEU SA 145 11.95 41.90 -55.32
N LYS SA 146 11.49 42.82 -56.16
CA LYS SA 146 10.58 42.46 -57.24
C LYS SA 146 11.15 41.42 -58.19
N PRO SA 147 12.38 41.56 -58.72
CA PRO SA 147 12.91 40.49 -59.59
C PRO SA 147 13.06 39.16 -58.88
N ILE SA 148 13.35 39.18 -57.58
CA ILE SA 148 13.54 37.93 -56.83
C ILE SA 148 12.23 37.16 -56.74
N VAL SA 149 11.13 37.86 -56.51
CA VAL SA 149 9.85 37.19 -56.23
C VAL SA 149 9.06 36.94 -57.51
N GLU SA 150 9.08 37.85 -58.47
CA GLU SA 150 8.24 37.70 -59.64
C GLU SA 150 8.74 36.64 -60.61
N ASN SA 151 10.02 36.25 -60.52
CA ASN SA 151 10.60 35.28 -61.41
C ASN SA 151 10.78 33.91 -60.78
N ALA SA 152 10.38 33.74 -59.52
CA ALA SA 152 10.56 32.49 -58.81
C ALA SA 152 9.36 31.59 -59.07
N LYS SA 153 9.58 30.48 -59.77
CA LYS SA 153 8.53 29.54 -60.10
C LYS SA 153 8.89 28.15 -59.61
N PRO SA 154 7.93 27.41 -59.05
CA PRO SA 154 6.53 27.79 -58.84
C PRO SA 154 6.36 28.80 -57.70
N THR SA 155 7.21 28.73 -56.68
CA THR SA 155 7.18 29.70 -55.58
C THR SA 155 8.61 30.10 -55.25
N LEU SA 156 8.73 31.17 -54.46
CA LEU SA 156 10.06 31.58 -53.99
C LEU SA 156 10.61 30.60 -52.98
N ARG SA 157 9.75 29.98 -52.18
CA ARG SA 157 10.20 28.97 -51.22
C ARG SA 157 10.82 27.77 -51.93
N GLN SA 158 10.21 27.33 -53.03
CA GLN SA 158 10.76 26.21 -53.78
C GLN SA 158 12.10 26.57 -54.41
N ILE SA 159 12.25 27.82 -54.85
CA ILE SA 159 13.53 28.26 -55.40
C ILE SA 159 14.60 28.29 -54.32
N MET SA 160 14.28 28.90 -53.16
CA MET SA 160 15.24 29.01 -52.09
C MET SA 160 15.53 27.68 -51.40
N ALA SA 161 14.69 26.67 -51.62
CA ALA SA 161 14.99 25.33 -51.12
C ALA SA 161 16.31 24.80 -51.65
N HIS SA 162 16.77 25.29 -52.80
CA HIS SA 162 18.08 24.90 -53.31
C HIS SA 162 19.21 25.39 -52.41
N PHE SA 163 18.93 26.38 -51.56
CA PHE SA 163 19.92 26.98 -50.67
C PHE SA 163 19.86 26.39 -49.26
N SER SA 164 19.08 25.34 -49.03
CA SER SA 164 18.75 24.92 -47.67
C SER SA 164 19.99 24.39 -46.94
N ASP SA 165 20.79 23.50 -47.59
CA ASP SA 165 21.98 22.95 -46.95
C ASP SA 165 23.00 24.04 -46.64
N VAL SA 166 23.20 24.98 -47.59
CA VAL SA 166 24.13 26.07 -47.35
C VAL SA 166 23.62 26.97 -46.22
N ALA SA 167 22.31 27.21 -46.16
CA ALA SA 167 21.74 28.01 -45.09
C ALA SA 167 21.97 27.37 -43.74
N GLU SA 168 21.75 26.05 -43.64
CA GLU SA 168 21.99 25.35 -42.38
C GLU SA 168 23.46 25.42 -41.98
N ALA SA 169 24.36 25.22 -42.94
CA ALA SA 169 25.78 25.31 -42.64
C ALA SA 169 26.18 26.72 -42.19
N TYR SA 170 25.61 27.74 -42.85
CA TYR SA 170 25.91 29.12 -42.48
C TYR SA 170 25.41 29.45 -41.08
N ILE SA 171 24.21 28.96 -40.73
CA ILE SA 171 23.69 29.21 -39.39
C ILE SA 171 24.58 28.54 -38.34
N GLU SA 172 25.03 27.33 -38.60
CA GLU SA 172 25.94 26.66 -37.66
C GLU SA 172 27.25 27.43 -37.52
N MET SA 173 27.79 27.88 -38.67
CA MET SA 173 29.03 28.64 -38.63
C MET SA 173 28.88 29.92 -37.83
N ARG SA 174 27.78 30.66 -38.05
CA ARG SA 174 27.57 31.89 -37.30
C ARG SA 174 27.38 31.62 -35.82
N ASN SA 175 26.70 30.51 -35.48
CA ASN SA 175 26.53 30.16 -34.08
C ASN SA 175 27.83 29.71 -33.43
N LYS SA 176 28.82 29.31 -34.21
CA LYS SA 176 30.12 28.98 -33.63
C LYS SA 176 30.80 30.19 -32.98
N LYS SA 177 30.47 31.42 -33.40
CA LYS SA 177 31.13 32.61 -32.90
C LYS SA 177 30.24 33.50 -32.03
N GLU SA 178 28.97 33.35 -32.11
CA GLU SA 178 28.07 34.17 -31.31
C GLU SA 178 26.67 33.56 -31.32
N PRO SA 179 25.77 33.96 -30.36
CA PRO SA 179 24.38 33.50 -30.41
C PRO SA 179 23.68 34.02 -31.66
N TYR SA 180 23.27 33.08 -32.52
CA TYR SA 180 22.70 33.41 -33.83
C TYR SA 180 21.47 32.53 -34.07
N MET SA 181 20.31 33.04 -33.68
CA MET SA 181 19.05 32.40 -34.00
C MET SA 181 18.35 33.21 -35.09
N PRO SA 182 18.01 32.61 -36.22
CA PRO SA 182 17.34 33.37 -37.28
C PRO SA 182 16.03 33.98 -36.78
N ARG SA 183 15.70 35.15 -37.33
CA ARG SA 183 14.51 35.87 -36.88
C ARG SA 183 13.25 35.03 -37.05
N TYR SA 184 13.26 34.09 -38.00
CA TYR SA 184 12.15 33.15 -38.11
C TYR SA 184 11.99 32.32 -36.85
N GLY SA 185 13.11 31.83 -36.30
CA GLY SA 185 13.05 31.07 -35.06
C GLY SA 185 12.73 31.91 -33.85
N LEU SA 186 12.99 33.22 -33.91
CA LEU SA 186 12.57 34.12 -32.84
C LEU SA 186 11.07 34.39 -32.89
N VAL SA 187 10.51 34.50 -34.09
CA VAL SA 187 9.07 34.66 -34.22
C VAL SA 187 8.34 33.39 -33.79
N ARG SA 188 8.90 32.23 -34.12
CA ARG SA 188 8.30 30.96 -33.72
C ARG SA 188 8.51 30.64 -32.25
N ASN SA 189 9.29 31.46 -31.53
CA ASN SA 189 9.55 31.27 -30.10
C ASN SA 189 10.16 29.89 -29.83
N LEU SA 190 11.11 29.50 -30.66
CA LEU SA 190 11.84 28.26 -30.44
C LEU SA 190 12.83 28.45 -29.30
N ARG SA 191 12.67 27.66 -28.24
CA ARG SA 191 13.43 27.85 -27.01
C ARG SA 191 14.72 27.04 -26.96
N ASP SA 192 15.06 26.33 -28.03
CA ASP SA 192 16.28 25.55 -28.09
C ASP SA 192 17.25 26.22 -29.06
N GLY SA 193 18.45 26.55 -28.57
CA GLY SA 193 19.43 27.18 -29.43
C GLY SA 193 20.18 26.21 -30.32
N SER SA 194 20.21 24.93 -29.95
CA SER SA 194 20.88 23.93 -30.78
C SER SA 194 20.07 23.58 -32.02
N LEU SA 195 18.81 24.00 -32.08
CA LEU SA 195 17.97 23.78 -33.24
C LEU SA 195 17.90 25.00 -34.15
N ALA SA 196 18.77 25.98 -33.95
CA ALA SA 196 18.74 27.20 -34.76
C ALA SA 196 19.06 26.91 -36.22
N ARG SA 197 19.82 25.84 -36.50
CA ARG SA 197 20.22 25.52 -37.86
C ARG SA 197 19.06 25.08 -38.76
N TYR SA 198 17.90 24.79 -38.19
CA TYR SA 198 16.73 24.39 -38.96
C TYR SA 198 15.61 25.43 -38.89
N ALA SA 199 15.83 26.55 -38.24
CA ALA SA 199 14.75 27.51 -37.94
C ALA SA 199 14.66 28.58 -39.01
N PHE SA 200 14.43 28.14 -40.26
CA PHE SA 200 14.06 29.05 -41.33
C PHE SA 200 12.98 28.39 -42.17
N ASP SA 201 12.18 29.21 -42.86
CA ASP SA 201 10.95 28.69 -43.46
C ASP SA 201 11.16 27.99 -44.79
N PHE SA 202 12.34 28.10 -45.41
CA PHE SA 202 12.61 27.37 -46.63
C PHE SA 202 13.52 26.16 -46.40
N TYR SA 203 13.64 25.71 -45.16
CA TYR SA 203 14.42 24.52 -44.86
C TYR SA 203 13.75 23.29 -45.45
N GLU SA 204 14.55 22.43 -46.09
CA GLU SA 204 14.07 21.23 -46.74
C GLU SA 204 14.39 20.02 -45.88
N VAL SA 205 13.35 19.31 -45.46
CA VAL SA 205 13.53 18.11 -44.65
C VAL SA 205 13.97 16.96 -45.55
N THR SA 206 15.03 16.27 -45.14
CA THR SA 206 15.59 15.15 -45.89
C THR SA 206 15.62 13.91 -45.01
N SER SA 207 16.13 12.81 -45.58
CA SER SA 207 16.28 11.59 -44.82
C SER SA 207 17.37 11.67 -43.77
N ARG SA 208 18.25 12.67 -43.86
CA ARG SA 208 19.33 12.87 -42.90
C ARG SA 208 18.98 13.86 -41.81
N THR SA 209 17.81 14.50 -41.89
CA THR SA 209 17.38 15.41 -40.84
C THR SA 209 17.10 14.62 -39.56
N PRO SA 210 17.64 15.06 -38.42
CA PRO SA 210 17.36 14.34 -37.16
C PRO SA 210 15.88 14.38 -36.82
N VAL SA 211 15.43 13.33 -36.14
CA VAL SA 211 14.01 13.17 -35.82
C VAL SA 211 13.52 14.34 -34.97
N ARG SA 212 14.32 14.76 -33.98
CA ARG SA 212 13.95 15.90 -33.17
C ARG SA 212 13.87 17.18 -33.99
N ALA SA 213 14.83 17.38 -34.91
CA ALA SA 213 14.79 18.53 -35.78
C ALA SA 213 13.57 18.49 -36.70
N ARG SA 214 13.23 17.30 -37.21
CA ARG SA 214 12.05 17.17 -38.05
C ARG SA 214 10.78 17.53 -37.27
N GLU SA 215 10.67 17.04 -36.04
CA GLU SA 215 9.52 17.38 -35.21
C GLU SA 215 9.44 18.88 -34.96
N ALA SA 216 10.58 19.51 -34.62
CA ALA SA 216 10.58 20.93 -34.36
C ALA SA 216 10.18 21.72 -35.61
N HIS SA 217 10.70 21.34 -36.77
CA HIS SA 217 10.38 22.04 -38.00
C HIS SA 217 8.90 21.89 -38.35
N ILE SA 218 8.34 20.69 -38.17
CA ILE SA 218 6.93 20.51 -38.49
C ILE SA 218 6.05 21.30 -37.52
N GLN SA 219 6.41 21.32 -36.24
CA GLN SA 219 5.66 22.14 -35.28
C GLN SA 219 5.74 23.62 -35.63
N MET SA 220 6.92 24.09 -36.04
CA MET SA 220 7.07 25.50 -36.43
C MET SA 220 6.22 25.81 -37.65
N LYS SA 221 6.21 24.92 -38.63
CA LYS SA 221 5.38 25.13 -39.83
C LYS SA 221 3.90 25.17 -39.47
N ALA SA 222 3.46 24.26 -38.61
CA ALA SA 222 2.05 24.24 -38.19
C ALA SA 222 1.69 25.51 -37.44
N ALA SA 223 2.58 25.98 -36.55
CA ALA SA 223 2.31 27.21 -35.82
C ALA SA 223 2.28 28.42 -36.74
N ALA SA 224 3.17 28.46 -37.73
CA ALA SA 224 3.21 29.61 -38.63
C ALA SA 224 2.03 29.65 -39.57
N LEU SA 225 1.63 28.50 -40.11
CA LEU SA 225 0.52 28.49 -41.07
C LEU SA 225 -0.83 28.69 -40.39
N LYS SA 226 -0.98 28.19 -39.16
CA LYS SA 226 -2.22 28.32 -38.38
C LYS SA 226 -3.34 27.66 -39.17
N SER SA 227 -4.47 28.33 -39.38
CA SER SA 227 -5.60 27.78 -40.13
C SER SA 227 -5.89 28.61 -41.37
N ALA SA 228 -4.82 29.02 -42.07
CA ALA SA 228 -4.99 29.83 -43.26
C ALA SA 228 -5.62 29.02 -44.38
N GLN SA 229 -6.67 29.56 -44.98
CA GLN SA 229 -7.38 28.91 -46.08
C GLN SA 229 -7.18 29.71 -47.35
N SER SA 230 -6.81 28.98 -48.39
CA SER SA 230 -6.57 29.59 -49.67
C SER SA 230 -7.80 29.89 -50.45
N ARG SA 231 -7.84 31.07 -51.01
CA ARG SA 231 -8.93 31.48 -51.89
C ARG SA 231 -8.43 31.43 -53.33
N LEU SA 232 -9.14 30.70 -54.26
CA LEU SA 232 -8.73 30.54 -55.66
C LEU SA 232 -8.93 31.82 -56.47
N PHE SA 233 -9.83 32.69 -56.04
CA PHE SA 233 -10.19 33.87 -56.83
C PHE SA 233 -10.21 35.10 -55.95
N GLY SA 234 -9.92 36.25 -56.57
CA GLY SA 234 -10.17 37.54 -55.98
C GLY SA 234 -11.44 38.15 -56.56
N LEU SA 235 -11.55 39.47 -56.42
CA LEU SA 235 -12.66 40.17 -57.04
C LEU SA 235 -12.52 40.13 -58.55
N ASP SA 236 -13.61 39.77 -59.24
CA ASP SA 236 -13.57 39.66 -60.69
C ASP SA 236 -13.35 41.02 -61.34
N GLY SA 237 -12.50 41.04 -62.37
CA GLY SA 237 -12.13 42.27 -63.02
C GLY SA 237 -13.18 42.84 -63.95
N GLY SA 238 -14.21 42.06 -64.29
CA GLY SA 238 -15.32 42.61 -65.06
C GLY SA 238 -16.17 43.50 -64.18
N ILE SA 239 -16.11 44.80 -64.40
CA ILE SA 239 -16.75 45.74 -63.49
C ILE SA 239 -18.18 46.06 -63.91
N SER SA 240 -18.40 46.31 -65.20
CA SER SA 240 -19.71 46.71 -65.67
C SER SA 240 -20.72 45.59 -65.45
N THR SA 241 -21.85 45.93 -64.82
CA THR SA 241 -22.95 45.00 -64.63
C THR SA 241 -24.21 45.40 -65.39
N GLN SA 242 -24.37 46.69 -65.70
CA GLN SA 242 -25.53 47.16 -66.45
C GLN SA 242 -25.35 46.92 -67.94
N GLU SA 243 -26.38 47.20 -68.71
CA GLU SA 243 -26.35 47.11 -70.16
C GLU SA 243 -26.23 48.50 -70.75
N GLU SA 244 -25.49 48.61 -71.85
CA GLU SA 244 -25.29 49.90 -72.48
C GLU SA 244 -26.60 50.44 -73.03
N ASN SA 245 -26.83 51.74 -72.84
CA ASN SA 245 -28.02 52.41 -73.35
C ASN SA 245 -27.79 52.81 -74.79
N THR SA 246 -28.45 52.12 -75.72
CA THR SA 246 -28.32 52.40 -77.14
C THR SA 246 -29.44 53.26 -77.69
N GLU SA 247 -30.36 53.70 -76.83
CA GLU SA 247 -31.53 54.43 -77.30
C GLU SA 247 -31.17 55.84 -77.76
N ARG SA 248 -31.82 56.28 -78.83
CA ARG SA 248 -31.64 57.61 -79.36
C ARG SA 248 -32.24 58.66 -78.42
N HIS SA 249 -31.94 59.92 -78.71
CA HIS SA 249 -32.50 61.03 -77.95
C HIS SA 249 -32.63 62.21 -78.89
N THR SA 250 -33.86 62.59 -79.20
CA THR SA 250 -34.13 63.68 -80.14
C THR SA 250 -34.83 64.83 -79.41
N THR SA 251 -34.90 65.98 -80.10
CA THR SA 251 -35.57 67.15 -79.54
C THR SA 251 -37.08 66.99 -79.49
N GLU SA 252 -37.63 65.96 -80.12
CA GLU SA 252 -39.06 65.68 -80.03
C GLU SA 252 -39.42 64.94 -78.75
N ASP SA 253 -38.45 64.41 -78.03
CA ASP SA 253 -38.74 63.66 -76.81
C ASP SA 253 -39.31 64.58 -75.74
N VAL SA 254 -40.34 64.09 -75.04
CA VAL SA 254 -40.94 64.87 -73.97
C VAL SA 254 -39.98 65.05 -72.81
N SER SA 255 -39.07 64.09 -72.62
CA SER SA 255 -38.10 64.14 -71.53
C SER SA 255 -36.90 63.32 -71.96
N PRO SA 256 -35.76 63.47 -71.24
CA PRO SA 256 -34.59 62.65 -71.59
C PRO SA 256 -34.80 61.16 -71.43
N SER SA 257 -35.82 60.72 -70.70
CA SER SA 257 -36.04 59.30 -70.47
C SER SA 257 -37.31 58.76 -71.13
N MET SA 258 -38.19 59.62 -71.62
CA MET SA 258 -39.44 59.18 -72.24
C MET SA 258 -39.56 59.84 -73.62
N HIS SA 259 -39.82 59.02 -74.64
CA HIS SA 259 -40.03 59.57 -75.98
C HIS SA 259 -41.34 60.33 -76.07
N THR SA 260 -42.42 59.72 -75.58
CA THR SA 260 -43.75 60.34 -75.62
C THR SA 260 -44.51 59.92 -74.38
N LEU SA 261 -45.78 60.35 -74.32
CA LEU SA 261 -46.73 60.01 -73.27
C LEU SA 261 -48.01 59.46 -73.88
N LEU SA 262 -47.84 58.48 -74.78
CA LEU SA 262 -48.91 58.11 -75.71
C LEU SA 262 -50.20 57.71 -74.99
N GLY SA 263 -50.15 56.76 -74.09
CA GLY SA 263 -51.40 56.32 -73.51
C GLY SA 263 -51.99 57.21 -72.44
N VAL SA 264 -51.35 58.32 -72.15
CA VAL SA 264 -51.80 59.18 -71.08
C VAL SA 264 -53.07 59.94 -71.39
N LYS SA 265 -54.01 59.88 -70.46
CA LYS SA 265 -55.26 60.63 -70.60
C LYS SA 265 -55.26 61.77 -69.58
N ASN SA 266 -55.59 62.98 -70.01
CA ASN SA 266 -55.62 64.14 -69.14
C ASN SA 266 -56.75 64.03 -68.09
N MET SA 267 -57.90 63.43 -68.43
CA MET SA 267 -59.00 63.26 -67.48
C MET SA 267 -59.66 61.90 -67.65
#